data_6QM7
#
_entry.id   6QM7
#
_cell.length_a   1.000
_cell.length_b   1.000
_cell.length_c   1.000
_cell.angle_alpha   90.00
_cell.angle_beta   90.00
_cell.angle_gamma   90.00
#
_symmetry.space_group_name_H-M   'P 1'
#
loop_
_entity.id
_entity.type
_entity.pdbx_description
1 polymer 'Proteasome alpha1 chain'
2 polymer 'Proteasome alpha2 chain'
3 polymer 'Proteasome alpha3 chain'
4 polymer 'Proteasome alpha4 chain'
5 polymer 'Proteasome alpha5 chain'
6 polymer 'Proteasome alpha6 chain'
7 polymer 'Proteasome alpha7 chain'
8 polymer 'Proteasome beta1 chain'
9 polymer 'Proteasome beta2 chain'
10 polymer 'Proteasome beta3 chain'
11 polymer 'Proteasome beta4 chain'
12 polymer 'Proteasome beta5 chain'
13 polymer 'Proteasome beta6 chain'
14 polymer 'Proteasome beta7 chain'
15 non-polymer ~{N}-[4-fluoranyl-3-(3-morpholin-4-ylimidazo[1,2-a]pyrimidin-7-yl)phenyl]pyrrolidine-1-carboxamide
16 water water
#
loop_
_entity_poly.entity_id
_entity_poly.type
_entity_poly.pdbx_seq_one_letter_code
_entity_poly.pdbx_strand_id
1 'polypeptide(L)'
;MNRAGFDKYITVFSPEGSLYQVEYAFKAVTYPGLLTVAIRCKDAVLVVTQHLIPDRLMRPDSVTALYEVTPNIGCCMTGR
APDGRALVQRAREEASDYQYRYGVEIPIAVLAKRMGDKAQVRTQQAGLRPMGVVSTFIGMDQSDQDGSLKPQIYTVDPAG
WTGGHIACAAGKKQVEAMAFLEKRQKSTELDALTQKEAAMIALAALQSAIGTAVKAKEVEVGRCTAANPAFQRVPNSEVE
EWLTAVAEAD
;
A,O
2 'polypeptide(L)'
;MSEAFYGLTTFSPSGKLIQIEYATTAAGKGTTALGVKATDGVVIAAKKKAPSTLVDASSIQKVFVLDEHVGCTYSGMGPD
CRVLIDSARKNCQQYKLMYNEPIPISQLVRKISAIYQEFTQSGGVRPFGCSLLVAGVDANGYHLYQVDPSGTFWAWKATA
IGTGSPDAKAFLEKRYTVDMELEDAVHTALLTLKEGFDGQMTSENTQVGRVVENRFEILSVDQLRDYLDQI
;
B,P
3 'polypeptide(L)'
;MSHRYDSRTTTFSPEGRLYQVEYAVEAIQQAGTVIGVCTKDGVVLAGEKMVPHPLFDSESMQDKNTSGEKMYKIAEHIGC
SVAGVTSDAYALLNYARLSALRHQYTFQEPMAIEDLCRILCDEKQLYTQYGGVRPYGVSFLLVGWDRYYGYQLYSTEPSG
DYSAWSAYAIGQNDQVAHALLKKDWHESMTLEDGMLLALRVLGKTMDTAKIDLDRVEVAVMRKVPASNIDQLLDPFKHHP
KTTPRFQILTRSELKPHAERADQAREAEEKAEAERQRQQEQALES
;
C,Q
4 'polypeptide(L)'
;MSYDRAITVFSPDGHLFQVEYAQEAVKKGLAAVGVLGSDSVVIAVEKKSAVKLQDSRTIRKIYKVDANIYLAFAGLSADA
RVLINKAQLECQRFSLNYEDTMDVDMLVRYVAGVQQKSTQSGGSRPFGVATVIGGFNEDGKPHLWKTDPSGMCSAWRAVA
IGRHDQTVIEYMEKSYKDGMSRDECVHFAIKSLLEVVESGSRNIELLVLQYKEARYLTEEELQKFVVEVEKEREEEAAAK
KKRQAEQE
;
D,R
5 'polypeptide(L)'
;MLLPRLFSFPVCWSRALSLVCVYHVSLSFPSNSRRLCATPLLPLPCLCKLPAGHSPRKRCLFSFLSCFLDLTYFCIISFL
HSVSCHLCFPLRRTRARHPIMFTSKSEYDRGVNTFSPEGRIFQIEYAVEAIKLGSTSLGIRTPEGVVLAAEKRVPSTLVV
PSSMSKIMEVDSHIAAVMSGMVADARILVEHARVESQNHRFTYNEPMSVESCTLATCDLSIQFGESGGRRKLMSRPFGVS
LLIAGVDEKGPQLWQTDPSGTHTRYDAQAIGGGAEAAQSVFTERYHRNMTLEEGETLAVDILKQVMEDQLSPENIEVAVV
RADDGKLHMYTPTEIKAIMSRMPE
;
E,S
6 'polypeptide(L)'
;MQSRKGEGWRDTGTDSLPPFSFCCSPAFSSPLAFGGEGADGCAYILTHVCRYACIAALTLHSEGAERHMRVCVCVRRCAY
NEMVLHQVVAFASLAPALHPLSPLPLPCMATTHACCGLRVRSFSLKKSEKKNQQRRLQAPDLSQKTRTRTQKEKQTLQIY
LRCVMFKNEYDSDITTWSPTGRLFQIEYANEAVNNGSATVGVKGKNFVVLAALKRSPVAELSSYQEKVFEIDEHVGMSIS
GLVADGRVLARYLRTECMNYRYMYSNGMPMNQMADMIGEKHQRHIQCSGKRPFGVGLLLAGYDRQGPHLYQTVPSGDVYD
YKATAMGVRSQASRTYLERHFEHFSDCTLDELVTHALKALASATSEGIELNVKNTTIAIVGKDTPFTIFEEESARKYLDG
FKMRPEDRVAVAEEDEEMLHEQPLDVEE
;
F,T
7 'polypeptide(L)'
;MAGTGSGHDQSTDVFSAEGRVFQVEYAGKAVDNSSTAVAACCKDGVVVAVEKVHTSRMLEKGSNNRIHAVDRQAGICICG
LLPDGRAIVSRARQEAENSRDIFATPIRGSVLANRVGEFMHAYTTHFAYRPFGCSAIIASYADDGPQLFVSDPSGTVAGY
YGVALGKAKTVAKSELEKLDFSSLTCDEAVGKLASILHEVHDKQKDKLYEVEVAWVCDKSDRKFVHVPADMVPAETSH
;
G,U
8 'polypeptide(L)'
;MLQRPDHTLLQEPAYPKDIAQKLTENGPAQAGKQLFQPDPAVIDPQLSKAVSLGTTILAVSYNGGVVLAADSRTSSGTYV
VNRASNKLTKLTKKIYCCRSGSAADTQALAERVSNYLGSYQTDIGAGVNVATAANLFQKMCYMNRWNISAGIIVAGYDPI
NGGSVYSIPSGGSCVKLDYALGGSGSIFLYSFFDANYKPGMSKSECVAFCQRAVAHAYSRDGSSGGLIRTITLDADEPED
QTIPWNRSPYCMEKDPKYVTQATQNQPFSSSAKITGNRMSSTG
;
H,V
9 'polypeptide(L)'
;MPGFNFENVQRNLNLEGEGYSAPRTLKTGTTIVGVVYRDGVVLGADTRATEGSIVADKRCRKIHYMAPNIMCCGAGTSAD
TEAVTNMVSSHLALHRLETGKQSRVLEALTLLKRHLYRYQGHVSAALVLGGVDVEGPFLATIAPHGSTDRLPFVTMGSGS
IAAMAQLEAAYKDNMTCEEAKELVASAIRKGIFNDPYSGTQVDVCVITKDKTELTIGYDKPNERMYPRQEVLLPPGTTPV
LKEEIRQLVDIVDA
;
I,W
10 'polypeptide(L)'
;MSIMAYSGGSVMAMAGKECFVIISDNRLGEQLKTISTEVPKLHVVNDSIVYGLTGLRTDQQTFANKVQFRTEMYKLREER
DITGKAFAAMITSMLYEARFGPWFVEPVIGSIDKSTGEVYLCATDLIGAPCEPEDYVCAGTAAESLHGMCEALWRPGMSP
EELFEIAAQAMLSACDRDSLSGYGAVAMIVTKDKVTTRLIKGRKD
;
J,X
11 'polypeptide(L)'
;MAETAIAFRCKDYVMVAAAGLNAFYYIKITDAEDKITQLDTHQLVACTGENGPRVNFTEYIKCNLALNRMRQHGRHSSCE
STANFMRNCLASAIRSREGAYQVNCLFAGYDTPVSEDDDGVVGPQLFYMDYLGTLQAVPYGCHGYGACFVTALLDRLWRP
DLSQQEGLELMQKCCDEVKRRVIISNSYFFVKAVTKNGVEVITAVH
;
K,Y
12 'polypeptide(L)'
;MFADFEAVTSSNFTLDDCPRVGPFTYHNMDEDTLEEPLSLCSYRRAPQQTDERSPASCDAVTADPLDSSRYLHGENRCWT
LKVSCPVPRAIPKLDMKKGTTTLAFRFNGGIIVAVDSRASTGQYIASQTVMKVLEINDYLLGTLAGGAADCQYWERVLGM
ECRLWELRNGSRITVAAASKILANITYAYRNHGLSMGTMVAGWDQFGPSLYYVDDKGSRVKQDLFSVGSGSIYAYGVLDT
GYRKDLSVEDACDLARRSIFHATYRDGASGGIVTVYHVHEKGWTKISRDDQTKLYHRYFPSQ
;
L,Z
13 'polypeptide(L)'
;MASSSPPLLPFSSFVVAVVAIHLSFRVFCVGAQSLCKCCSCVPACALPLCFSSSPSVSAEDVALALFAHPKVLTHRPTAR
YSPILSLLHYAVMIEDHAEYGHNYYPQKLASSTLTLPQQGAKQQQWSPYQDNGGTTAAIAGKDFVILAGDTRLNGDFCLH
SRHDQSKIFQLTPYTYMASNGMQADRLQLQQMLKYRVKWYKYNNGGKVPSTKAIAQLMSTMLYHRRFFPYYTFNMVVGLD
EEGHGVCYSYDAVGSTEPFLYGTRGSAASFVEPLLDCLINRQHMTSQAPPEMTKEETLAMLKNAFTGAAERDIYTGDSVS
FFIITKDGVQQESFELRKD
;
M,a
14 'polypeptide(L)'
;MASGGSVIAIKYKGGVLMAADTLLSYGSLAKWPNIPRIRLLGSHSAVCATGSYADFQMMAKQVEDNIERQKMYHNVDELS
PSEVFSYLHRSIYQKRCDFDPCLCQMVFIGVRDGETFLAGVDDVGTRWEDDCIATGYGAYIALPLLRQALEKNPDGLSRG
EAMRILTDCLRVLFYRECRAINKFQVADAASDGVRISEPFDVETHWEYEGYCFEKTAIIR
;
N,b
#
loop_
_chem_comp.id
_chem_comp.type
_chem_comp.name
_chem_comp.formula
J6E non-polymer ~{N}-[4-fluoranyl-3-(3-morpholin-4-ylimidazo[1,2-a]pyrimidin-7-yl)phenyl]pyrrolidine-1-carboxamide 'C21 H23 F N6 O2'
#
# COMPACT_ATOMS: atom_id res chain seq x y z
N PHE A 6 -38.32 -61.23 -16.90
CA PHE A 6 -37.49 -60.44 -15.92
C PHE A 6 -36.07 -60.26 -16.44
N ASP A 7 -35.46 -61.36 -16.92
CA ASP A 7 -34.14 -61.39 -17.62
C ASP A 7 -34.21 -60.53 -18.90
N LYS A 8 -35.41 -60.44 -19.51
CA LYS A 8 -35.61 -60.06 -20.93
C LYS A 8 -35.86 -58.55 -21.08
N TYR A 9 -36.18 -57.86 -19.99
CA TYR A 9 -36.68 -56.46 -19.98
C TYR A 9 -35.65 -55.50 -19.37
N ILE A 10 -34.83 -55.96 -18.42
CA ILE A 10 -33.64 -55.20 -17.92
C ILE A 10 -32.40 -55.85 -18.52
N THR A 11 -31.25 -55.20 -18.26
CA THR A 11 -29.92 -55.61 -18.75
C THR A 11 -29.29 -56.45 -17.64
N VAL A 12 -29.73 -57.71 -17.55
CA VAL A 12 -29.14 -58.74 -16.65
C VAL A 12 -28.97 -60.03 -17.46
N PHE A 13 -28.03 -60.85 -17.01
CA PHE A 13 -27.76 -62.17 -17.63
C PHE A 13 -28.98 -63.05 -17.45
N SER A 14 -29.26 -63.83 -18.49
CA SER A 14 -30.17 -65.00 -18.47
C SER A 14 -29.41 -66.17 -17.85
N PRO A 15 -30.09 -67.28 -17.49
CA PRO A 15 -29.39 -68.48 -17.03
C PRO A 15 -28.31 -69.05 -17.96
N GLU A 16 -28.42 -68.77 -19.26
CA GLU A 16 -27.48 -69.24 -20.33
C GLU A 16 -26.53 -68.08 -20.68
N GLY A 17 -26.32 -67.14 -19.75
CA GLY A 17 -25.20 -66.18 -19.76
C GLY A 17 -25.34 -65.10 -20.81
N SER A 18 -26.54 -64.90 -21.36
CA SER A 18 -26.82 -64.00 -22.51
C SER A 18 -27.59 -62.76 -22.02
N LEU A 19 -27.40 -61.62 -22.68
CA LEU A 19 -28.14 -60.37 -22.42
C LEU A 19 -29.26 -60.24 -23.47
N TYR A 20 -30.50 -60.59 -23.12
CA TYR A 20 -31.62 -60.65 -24.09
C TYR A 20 -31.81 -59.28 -24.74
N GLN A 21 -31.71 -58.19 -24.00
CA GLN A 21 -32.01 -56.85 -24.53
C GLN A 21 -31.02 -56.48 -25.64
N VAL A 22 -29.77 -56.97 -25.53
CA VAL A 22 -28.72 -56.81 -26.57
C VAL A 22 -29.08 -57.67 -27.79
N GLU A 23 -29.43 -58.94 -27.59
CA GLU A 23 -29.89 -59.87 -28.66
C GLU A 23 -31.04 -59.24 -29.44
N TYR A 24 -31.88 -58.46 -28.77
CA TYR A 24 -33.09 -57.82 -29.32
C TYR A 24 -32.73 -56.52 -30.06
N ALA A 25 -31.77 -55.75 -29.56
CA ALA A 25 -31.25 -54.56 -30.28
C ALA A 25 -30.63 -54.98 -31.62
N PHE A 26 -30.10 -56.20 -31.73
CA PHE A 26 -29.59 -56.76 -33.00
C PHE A 26 -30.74 -57.02 -33.95
N LYS A 27 -31.92 -57.25 -33.39
CA LYS A 27 -33.14 -57.53 -34.18
C LYS A 27 -33.64 -56.21 -34.73
N ALA A 28 -33.47 -55.11 -33.99
CA ALA A 28 -33.80 -53.72 -34.40
C ALA A 28 -33.01 -53.31 -35.63
N VAL A 29 -31.78 -53.81 -35.77
CA VAL A 29 -30.84 -53.51 -36.90
C VAL A 29 -31.46 -54.02 -38.21
N THR A 30 -32.14 -55.17 -38.13
CA THR A 30 -32.71 -55.91 -39.27
C THR A 30 -34.12 -55.39 -39.57
N TYR A 31 -34.88 -55.01 -38.54
CA TYR A 31 -36.34 -54.69 -38.61
C TYR A 31 -36.67 -53.73 -39.75
N PRO A 32 -35.95 -52.59 -39.94
CA PRO A 32 -36.25 -51.67 -41.03
C PRO A 32 -36.07 -52.22 -42.46
N GLY A 33 -35.48 -53.40 -42.63
CA GLY A 33 -35.43 -54.09 -43.93
C GLY A 33 -34.46 -53.45 -44.92
N LEU A 34 -33.55 -52.59 -44.44
CA LEU A 34 -32.49 -51.95 -45.25
C LEU A 34 -31.19 -52.72 -45.02
N LEU A 35 -30.42 -52.92 -46.09
CA LEU A 35 -29.07 -53.53 -46.06
C LEU A 35 -28.01 -52.48 -46.42
N THR A 36 -26.89 -52.47 -45.71
CA THR A 36 -25.66 -51.71 -46.08
C THR A 36 -24.55 -52.72 -46.34
N VAL A 37 -23.63 -52.36 -47.23
CA VAL A 37 -22.40 -53.12 -47.53
C VAL A 37 -21.27 -52.12 -47.60
N ALA A 38 -20.25 -52.29 -46.77
CA ALA A 38 -18.97 -51.58 -46.86
C ALA A 38 -17.96 -52.53 -47.50
N ILE A 39 -16.96 -51.95 -48.15
CA ILE A 39 -15.84 -52.70 -48.76
C ILE A 39 -14.65 -51.77 -48.89
N ARG A 40 -13.51 -52.35 -48.63
CA ARG A 40 -12.20 -51.73 -48.51
C ARG A 40 -11.46 -52.24 -49.73
N CYS A 41 -10.87 -51.36 -50.52
CA CYS A 41 -10.06 -51.75 -51.70
C CYS A 41 -8.62 -51.34 -51.40
N LYS A 42 -7.77 -51.26 -52.42
CA LYS A 42 -6.31 -50.98 -52.27
C LYS A 42 -6.14 -49.57 -51.70
N ASP A 43 -6.92 -48.60 -52.21
CA ASP A 43 -6.68 -47.15 -52.01
C ASP A 43 -7.98 -46.44 -51.60
N ALA A 44 -9.04 -47.17 -51.23
CA ALA A 44 -10.34 -46.55 -50.89
C ALA A 44 -11.23 -47.47 -50.09
N VAL A 45 -12.16 -46.87 -49.35
CA VAL A 45 -13.31 -47.55 -48.70
C VAL A 45 -14.56 -47.03 -49.37
N LEU A 46 -15.49 -47.94 -49.62
CA LEU A 46 -16.88 -47.62 -50.01
C LEU A 46 -17.79 -48.06 -48.88
N VAL A 47 -18.94 -47.42 -48.76
CA VAL A 47 -20.10 -47.95 -47.99
C VAL A 47 -21.33 -47.65 -48.83
N VAL A 48 -22.11 -48.69 -49.12
CA VAL A 48 -23.31 -48.66 -50.00
C VAL A 48 -24.52 -48.93 -49.12
N THR A 49 -25.46 -47.99 -49.02
CA THR A 49 -26.70 -48.17 -48.21
C THR A 49 -27.93 -48.11 -49.10
N GLN A 50 -28.76 -49.16 -49.06
CA GLN A 50 -30.14 -49.12 -49.57
C GLN A 50 -30.80 -47.84 -49.05
N HIS A 51 -31.39 -47.05 -49.95
CA HIS A 51 -31.91 -45.68 -49.73
C HIS A 51 -33.32 -45.63 -50.30
N LEU A 52 -34.22 -46.45 -49.73
CA LEU A 52 -35.60 -46.66 -50.25
C LEU A 52 -36.52 -45.59 -49.70
N ILE A 53 -37.14 -44.79 -50.58
CA ILE A 53 -38.23 -43.83 -50.23
C ILE A 53 -39.48 -44.27 -51.00
N PRO A 54 -40.39 -45.04 -50.36
CA PRO A 54 -41.62 -45.46 -51.02
C PRO A 54 -42.51 -44.26 -51.39
N ASP A 55 -42.76 -43.36 -50.41
CA ASP A 55 -43.44 -42.05 -50.57
C ASP A 55 -42.81 -41.28 -51.74
N ARG A 56 -43.60 -40.93 -52.75
CA ARG A 56 -43.18 -40.01 -53.83
C ARG A 56 -43.07 -38.59 -53.26
N LEU A 57 -43.80 -38.31 -52.17
CA LEU A 57 -43.87 -37.00 -51.48
C LEU A 57 -42.71 -36.78 -50.50
N MET A 58 -41.93 -37.82 -50.18
CA MET A 58 -40.75 -37.69 -49.30
C MET A 58 -39.62 -37.10 -50.14
N ARG A 59 -38.92 -36.12 -49.60
CA ARG A 59 -37.77 -35.45 -50.25
C ARG A 59 -36.57 -36.39 -50.13
N PRO A 60 -36.14 -37.08 -51.23
CA PRO A 60 -35.02 -38.03 -51.16
C PRO A 60 -33.75 -37.53 -50.46
N ASP A 61 -33.30 -36.33 -50.82
CA ASP A 61 -32.12 -35.60 -50.28
C ASP A 61 -32.03 -35.69 -48.75
N SER A 62 -33.16 -35.74 -48.05
CA SER A 62 -33.30 -35.55 -46.58
C SER A 62 -33.00 -36.84 -45.79
N VAL A 63 -33.57 -37.97 -46.22
CA VAL A 63 -33.39 -39.29 -45.55
C VAL A 63 -32.03 -39.86 -45.97
N THR A 64 -31.06 -39.84 -45.06
CA THR A 64 -29.69 -40.37 -45.24
C THR A 64 -29.42 -41.39 -44.13
N ALA A 65 -28.86 -42.54 -44.50
CA ALA A 65 -28.20 -43.47 -43.57
C ALA A 65 -26.75 -43.01 -43.33
N LEU A 66 -26.10 -42.35 -44.31
CA LEU A 66 -24.67 -41.95 -44.22
C LEU A 66 -24.53 -40.57 -43.62
N TYR A 67 -23.73 -40.44 -42.58
CA TYR A 67 -23.40 -39.16 -41.92
C TYR A 67 -21.89 -38.98 -41.97
N GLU A 68 -21.44 -37.73 -42.02
CA GLU A 68 -20.04 -37.34 -41.79
C GLU A 68 -19.86 -37.22 -40.28
N VAL A 69 -18.92 -37.93 -39.68
CA VAL A 69 -18.59 -37.82 -38.23
C VAL A 69 -17.53 -36.73 -38.08
N THR A 70 -16.48 -36.81 -38.88
CA THR A 70 -15.47 -35.76 -39.10
C THR A 70 -15.20 -35.69 -40.59
N PRO A 71 -14.55 -34.62 -41.10
CA PRO A 71 -14.17 -34.58 -42.52
C PRO A 71 -13.61 -35.91 -43.06
N ASN A 72 -12.79 -36.61 -42.25
CA ASN A 72 -12.01 -37.81 -42.65
C ASN A 72 -12.62 -39.13 -42.17
N ILE A 73 -13.70 -39.10 -41.38
CA ILE A 73 -14.44 -40.32 -40.95
C ILE A 73 -15.91 -40.17 -41.33
N GLY A 74 -16.35 -41.00 -42.26
CA GLY A 74 -17.76 -41.19 -42.58
C GLY A 74 -18.33 -42.31 -41.78
N CYS A 75 -19.65 -42.34 -41.70
CA CYS A 75 -20.40 -43.33 -40.92
C CYS A 75 -21.58 -43.80 -41.76
N CYS A 76 -22.07 -45.00 -41.50
CA CYS A 76 -23.32 -45.52 -42.08
C CYS A 76 -24.06 -46.33 -41.01
N MET A 77 -25.23 -45.86 -40.62
CA MET A 77 -26.01 -46.41 -39.50
C MET A 77 -27.10 -47.31 -40.05
N THR A 78 -27.21 -48.52 -39.55
CA THR A 78 -28.20 -49.52 -39.99
C THR A 78 -29.01 -49.93 -38.77
N GLY A 79 -30.33 -49.74 -38.82
CA GLY A 79 -31.23 -50.02 -37.68
C GLY A 79 -32.17 -48.86 -37.45
N ARG A 80 -32.58 -48.63 -36.20
CA ARG A 80 -33.48 -47.49 -35.88
C ARG A 80 -32.78 -46.20 -36.33
N ALA A 81 -33.28 -45.60 -37.41
CA ALA A 81 -32.73 -44.35 -37.98
C ALA A 81 -32.45 -43.37 -36.85
N PRO A 82 -33.42 -43.07 -35.95
CA PRO A 82 -33.22 -42.07 -34.90
C PRO A 82 -32.18 -42.48 -33.84
N ASP A 83 -32.03 -43.79 -33.61
CA ASP A 83 -30.96 -44.33 -32.73
C ASP A 83 -29.63 -44.11 -33.46
N GLY A 84 -29.60 -44.38 -34.76
CA GLY A 84 -28.42 -44.11 -35.60
C GLY A 84 -28.01 -42.66 -35.49
N ARG A 85 -28.97 -41.78 -35.76
CA ARG A 85 -28.82 -40.30 -35.67
C ARG A 85 -28.20 -39.93 -34.31
N ALA A 86 -28.64 -40.58 -33.24
CA ALA A 86 -28.19 -40.34 -31.85
C ALA A 86 -26.74 -40.73 -31.67
N LEU A 87 -26.32 -41.86 -32.24
CA LEU A 87 -24.94 -42.38 -32.14
C LEU A 87 -23.96 -41.49 -32.91
N VAL A 88 -24.41 -40.99 -34.06
CA VAL A 88 -23.63 -40.03 -34.86
C VAL A 88 -23.37 -38.81 -34.00
N GLN A 89 -24.40 -38.29 -33.33
CA GLN A 89 -24.21 -37.11 -32.45
C GLN A 89 -23.18 -37.43 -31.37
N ARG A 90 -23.20 -38.63 -30.79
CA ARG A 90 -22.22 -39.08 -29.76
C ARG A 90 -20.83 -39.15 -30.40
N ALA A 91 -20.73 -39.72 -31.61
CA ALA A 91 -19.46 -39.90 -32.36
C ALA A 91 -18.84 -38.56 -32.68
N ARG A 92 -19.67 -37.62 -33.13
CA ARG A 92 -19.25 -36.22 -33.43
C ARG A 92 -18.76 -35.55 -32.14
N GLU A 93 -19.53 -35.67 -31.06
CA GLU A 93 -19.15 -35.19 -29.71
C GLU A 93 -17.76 -35.77 -29.39
N GLU A 94 -17.62 -37.09 -29.50
CA GLU A 94 -16.42 -37.87 -29.11
C GLU A 94 -15.21 -37.42 -29.92
N ALA A 95 -15.42 -37.11 -31.21
CA ALA A 95 -14.40 -36.70 -32.20
C ALA A 95 -13.97 -35.25 -31.97
N SER A 96 -14.94 -34.36 -31.79
CA SER A 96 -14.73 -32.94 -31.44
C SER A 96 -13.88 -32.87 -30.17
N ASP A 97 -14.32 -33.61 -29.15
CA ASP A 97 -13.72 -33.67 -27.79
C ASP A 97 -12.28 -34.16 -27.89
N TYR A 98 -12.04 -35.15 -28.74
CA TYR A 98 -10.71 -35.77 -28.94
C TYR A 98 -9.79 -34.74 -29.61
N GLN A 99 -10.26 -34.10 -30.68
CA GLN A 99 -9.50 -33.07 -31.45
C GLN A 99 -9.13 -31.94 -30.50
N TYR A 100 -9.99 -31.61 -29.55
CA TYR A 100 -9.71 -30.51 -28.60
C TYR A 100 -8.67 -30.96 -27.59
N ARG A 101 -8.81 -32.19 -27.08
CA ARG A 101 -7.96 -32.73 -26.00
C ARG A 101 -6.55 -32.99 -26.56
N TYR A 102 -6.42 -33.52 -27.78
CA TYR A 102 -5.14 -34.01 -28.36
C TYR A 102 -4.67 -33.21 -29.57
N GLY A 103 -5.51 -32.36 -30.16
CA GLY A 103 -5.12 -31.47 -31.26
C GLY A 103 -4.90 -32.19 -32.57
N VAL A 104 -5.42 -33.41 -32.70
CA VAL A 104 -5.38 -34.19 -33.97
C VAL A 104 -6.75 -34.82 -34.17
N GLU A 105 -7.11 -35.12 -35.42
CA GLU A 105 -8.35 -35.84 -35.77
C GLU A 105 -8.34 -37.20 -35.08
N ILE A 106 -9.47 -37.59 -34.51
CA ILE A 106 -9.64 -38.94 -33.89
C ILE A 106 -9.41 -39.99 -34.96
N PRO A 107 -8.45 -40.93 -34.75
CA PRO A 107 -8.30 -42.09 -35.61
C PRO A 107 -9.58 -42.92 -35.62
N ILE A 108 -9.96 -43.46 -36.78
CA ILE A 108 -11.22 -44.23 -36.93
C ILE A 108 -11.26 -45.40 -35.94
N ALA A 109 -10.17 -46.11 -35.74
CA ALA A 109 -10.09 -47.29 -34.85
C ALA A 109 -10.33 -46.87 -33.38
N VAL A 110 -9.90 -45.67 -33.00
CA VAL A 110 -10.15 -45.11 -31.63
C VAL A 110 -11.62 -44.73 -31.53
N LEU A 111 -12.12 -43.94 -32.47
CA LEU A 111 -13.54 -43.50 -32.50
C LEU A 111 -14.41 -44.74 -32.33
N ALA A 112 -14.19 -45.75 -33.16
CA ALA A 112 -14.99 -47.00 -33.18
C ALA A 112 -14.97 -47.63 -31.79
N LYS A 113 -13.79 -47.75 -31.20
CA LYS A 113 -13.57 -48.36 -29.88
C LYS A 113 -14.29 -47.54 -28.80
N ARG A 114 -14.22 -46.20 -28.84
CA ARG A 114 -14.94 -45.30 -27.88
C ARG A 114 -16.46 -45.49 -28.04
N MET A 115 -16.94 -45.73 -29.25
CA MET A 115 -18.39 -45.92 -29.51
C MET A 115 -18.83 -47.28 -28.99
N GLY A 116 -17.99 -48.30 -29.11
CA GLY A 116 -18.16 -49.61 -28.46
C GLY A 116 -18.24 -49.47 -26.95
N ASP A 117 -17.41 -48.63 -26.35
CA ASP A 117 -17.44 -48.36 -24.89
C ASP A 117 -18.80 -47.80 -24.49
N LYS A 118 -19.32 -46.85 -25.26
CA LYS A 118 -20.61 -46.17 -25.02
C LYS A 118 -21.72 -47.20 -25.13
N ALA A 119 -21.67 -48.06 -26.14
CA ALA A 119 -22.69 -49.11 -26.32
C ALA A 119 -22.66 -50.05 -25.11
N GLN A 120 -21.47 -50.53 -24.72
CA GLN A 120 -21.30 -51.52 -23.63
C GLN A 120 -21.95 -50.96 -22.36
N VAL A 121 -21.70 -49.68 -22.05
CA VAL A 121 -22.28 -48.99 -20.86
C VAL A 121 -23.79 -49.28 -20.81
N ARG A 122 -24.51 -49.10 -21.92
CA ARG A 122 -25.98 -49.27 -21.98
C ARG A 122 -26.38 -50.74 -21.88
N THR A 123 -25.45 -51.68 -22.03
CA THR A 123 -25.69 -53.12 -21.79
C THR A 123 -25.43 -53.46 -20.32
N GLN A 124 -24.73 -52.62 -19.55
CA GLN A 124 -24.36 -52.95 -18.15
C GLN A 124 -25.18 -52.12 -17.15
N GLN A 125 -25.55 -50.87 -17.47
CA GLN A 125 -26.43 -50.02 -16.64
C GLN A 125 -27.88 -50.26 -17.03
N ALA A 126 -28.74 -50.57 -16.07
CA ALA A 126 -30.19 -50.79 -16.30
C ALA A 126 -30.80 -49.45 -16.69
N GLY A 127 -31.85 -49.51 -17.52
CA GLY A 127 -32.79 -48.41 -17.77
C GLY A 127 -32.46 -47.59 -19.00
N LEU A 128 -31.22 -47.69 -19.49
CA LEU A 128 -30.80 -47.15 -20.79
C LEU A 128 -31.07 -48.24 -21.84
N ARG A 129 -31.78 -47.87 -22.90
CA ARG A 129 -32.04 -48.77 -24.06
C ARG A 129 -30.76 -48.84 -24.87
N PRO A 130 -30.29 -50.02 -25.32
CA PRO A 130 -29.28 -50.07 -26.38
C PRO A 130 -29.75 -49.31 -27.63
N MET A 131 -28.86 -48.59 -28.28
CA MET A 131 -29.13 -48.02 -29.62
C MET A 131 -29.17 -49.18 -30.61
N GLY A 132 -30.34 -49.42 -31.18
CA GLY A 132 -30.62 -50.62 -32.00
C GLY A 132 -30.10 -50.43 -33.39
N VAL A 133 -28.78 -50.32 -33.53
CA VAL A 133 -28.15 -49.81 -34.77
C VAL A 133 -26.74 -50.37 -34.88
N VAL A 134 -26.34 -50.81 -36.07
CA VAL A 134 -24.92 -51.18 -36.33
C VAL A 134 -24.26 -49.98 -37.00
N SER A 135 -23.36 -49.31 -36.29
CA SER A 135 -22.54 -48.20 -36.82
C SER A 135 -21.44 -48.81 -37.67
N THR A 136 -21.25 -48.31 -38.89
CA THR A 136 -20.16 -48.72 -39.82
C THR A 136 -19.35 -47.45 -40.15
N PHE A 137 -18.29 -47.20 -39.40
CA PHE A 137 -17.36 -46.08 -39.65
C PHE A 137 -16.49 -46.50 -40.82
N ILE A 138 -16.20 -45.59 -41.74
CA ILE A 138 -15.20 -45.80 -42.83
C ILE A 138 -14.32 -44.56 -42.89
N GLY A 139 -13.11 -44.75 -43.32
CA GLY A 139 -12.12 -43.66 -43.33
C GLY A 139 -10.74 -44.20 -43.59
N MET A 140 -9.88 -43.32 -44.04
CA MET A 140 -8.43 -43.58 -44.14
C MET A 140 -7.86 -43.54 -42.73
N ASP A 141 -6.76 -44.26 -42.52
CA ASP A 141 -5.95 -44.25 -41.28
C ASP A 141 -4.47 -44.16 -41.68
N GLN A 142 -3.73 -43.17 -41.16
CA GLN A 142 -2.30 -42.97 -41.49
C GLN A 142 -1.47 -44.06 -40.79
N SER A 143 -0.80 -44.91 -41.58
CA SER A 143 0.24 -45.86 -41.14
C SER A 143 1.44 -45.07 -40.61
N ASP A 144 1.89 -45.37 -39.38
CA ASP A 144 2.98 -44.62 -38.70
C ASP A 144 4.35 -45.09 -39.25
N GLN A 145 4.41 -46.21 -39.97
CA GLN A 145 5.66 -46.81 -40.53
C GLN A 145 6.19 -45.96 -41.71
N ASP A 146 5.34 -45.59 -42.67
CA ASP A 146 5.76 -44.85 -43.90
C ASP A 146 4.93 -43.57 -44.15
N GLY A 147 3.78 -43.38 -43.47
CA GLY A 147 2.93 -42.17 -43.61
C GLY A 147 1.81 -42.36 -44.62
N SER A 148 1.82 -43.48 -45.34
CA SER A 148 0.78 -43.89 -46.32
C SER A 148 -0.56 -44.01 -45.59
N LEU A 149 -1.61 -43.44 -46.18
CA LEU A 149 -3.01 -43.65 -45.74
C LEU A 149 -3.43 -45.04 -46.18
N LYS A 150 -4.20 -45.77 -45.35
CA LYS A 150 -4.82 -47.04 -45.78
C LYS A 150 -6.28 -47.03 -45.36
N PRO A 151 -7.18 -47.60 -46.19
CA PRO A 151 -8.60 -47.63 -45.89
C PRO A 151 -8.99 -48.59 -44.74
N GLN A 152 -9.99 -48.16 -43.97
CA GLN A 152 -10.48 -48.87 -42.77
C GLN A 152 -12.01 -48.84 -42.77
N ILE A 153 -12.62 -49.94 -42.36
CA ILE A 153 -14.04 -50.06 -41.96
C ILE A 153 -14.04 -50.56 -40.54
N TYR A 154 -14.66 -49.84 -39.61
CA TYR A 154 -14.89 -50.31 -38.23
C TYR A 154 -16.39 -50.33 -37.99
N THR A 155 -16.97 -51.52 -37.74
CA THR A 155 -18.35 -51.67 -37.23
C THR A 155 -18.33 -51.62 -35.70
N VAL A 156 -19.41 -51.10 -35.14
CA VAL A 156 -19.78 -51.16 -33.70
C VAL A 156 -21.20 -51.69 -33.68
N ASP A 157 -21.49 -52.70 -32.86
CA ASP A 157 -22.86 -53.26 -32.77
C ASP A 157 -23.44 -52.86 -31.42
N PRO A 158 -24.75 -53.09 -31.18
CA PRO A 158 -25.36 -52.74 -29.89
C PRO A 158 -24.72 -53.34 -28.63
N ALA A 159 -24.06 -54.49 -28.75
CA ALA A 159 -23.37 -55.19 -27.64
C ALA A 159 -22.17 -54.38 -27.15
N GLY A 160 -21.64 -53.50 -28.01
CA GLY A 160 -20.39 -52.76 -27.82
C GLY A 160 -19.24 -53.37 -28.62
N TRP A 161 -19.49 -54.51 -29.30
CA TRP A 161 -18.44 -55.27 -30.01
C TRP A 161 -18.00 -54.45 -31.23
N THR A 162 -16.74 -54.07 -31.23
CA THR A 162 -16.08 -53.24 -32.27
C THR A 162 -15.17 -54.17 -33.07
N GLY A 163 -15.13 -54.01 -34.39
CA GLY A 163 -14.28 -54.82 -35.28
C GLY A 163 -13.92 -54.05 -36.54
N GLY A 164 -12.67 -54.17 -36.99
CA GLY A 164 -12.23 -53.79 -38.34
C GLY A 164 -12.67 -54.84 -39.34
N HIS A 165 -12.93 -54.44 -40.58
CA HIS A 165 -13.45 -55.34 -41.64
C HIS A 165 -12.74 -55.05 -42.96
N ILE A 166 -12.66 -56.10 -43.79
CA ILE A 166 -12.26 -55.98 -45.22
C ILE A 166 -13.53 -55.65 -45.99
N ALA A 167 -14.59 -56.40 -45.76
CA ALA A 167 -15.97 -56.07 -46.21
C ALA A 167 -16.92 -56.44 -45.09
N CYS A 168 -18.05 -55.77 -45.01
CA CYS A 168 -19.11 -56.12 -44.04
C CYS A 168 -20.46 -55.73 -44.60
N ALA A 169 -21.48 -56.43 -44.16
CA ALA A 169 -22.90 -56.12 -44.42
C ALA A 169 -23.59 -56.04 -43.07
N ALA A 170 -24.56 -55.15 -42.96
CA ALA A 170 -25.45 -55.01 -41.80
C ALA A 170 -26.86 -54.76 -42.32
N GLY A 171 -27.87 -55.38 -41.73
CA GLY A 171 -29.27 -55.13 -42.08
C GLY A 171 -29.95 -56.36 -42.64
N LYS A 172 -31.00 -56.15 -43.43
CA LYS A 172 -32.08 -57.14 -43.70
C LYS A 172 -31.50 -58.52 -44.03
N LYS A 173 -30.71 -58.61 -45.09
CA LYS A 173 -30.23 -59.90 -45.64
C LYS A 173 -28.69 -59.92 -45.56
N GLN A 174 -28.13 -59.52 -44.41
CA GLN A 174 -26.67 -59.38 -44.17
C GLN A 174 -25.99 -60.75 -44.26
N VAL A 175 -26.64 -61.81 -43.81
CA VAL A 175 -26.11 -63.21 -43.84
C VAL A 175 -25.92 -63.64 -45.30
N GLU A 176 -26.83 -63.25 -46.20
CA GLU A 176 -26.76 -63.58 -47.65
C GLU A 176 -25.71 -62.69 -48.34
N ALA A 177 -25.59 -61.42 -47.96
CA ALA A 177 -24.64 -60.45 -48.55
C ALA A 177 -23.21 -60.81 -48.14
N MET A 178 -23.01 -61.27 -46.90
CA MET A 178 -21.69 -61.77 -46.42
C MET A 178 -21.32 -63.03 -47.22
N ALA A 179 -22.22 -64.00 -47.30
CA ALA A 179 -22.04 -65.27 -48.07
C ALA A 179 -21.54 -64.96 -49.48
N PHE A 180 -22.05 -63.90 -50.10
CA PHE A 180 -21.66 -63.45 -51.46
C PHE A 180 -20.24 -62.88 -51.44
N LEU A 181 -19.94 -61.98 -50.52
CA LEU A 181 -18.61 -61.34 -50.35
C LEU A 181 -17.55 -62.37 -49.93
N GLU A 182 -17.93 -63.38 -49.14
CA GLU A 182 -17.03 -64.48 -48.69
C GLU A 182 -16.68 -65.38 -49.88
N LYS A 183 -17.66 -65.66 -50.74
CA LYS A 183 -17.50 -66.47 -51.99
C LYS A 183 -16.60 -65.70 -52.97
N ARG A 184 -16.70 -64.37 -52.98
CA ARG A 184 -15.94 -63.48 -53.89
C ARG A 184 -14.54 -63.20 -53.33
N GLN A 185 -14.28 -63.53 -52.05
CA GLN A 185 -12.96 -63.34 -51.39
C GLN A 185 -12.03 -64.53 -51.66
N LYS A 186 -12.56 -65.69 -52.05
CA LYS A 186 -11.75 -66.90 -52.40
C LYS A 186 -11.12 -66.70 -53.79
N SER A 187 -11.86 -66.07 -54.71
CA SER A 187 -11.43 -65.78 -56.11
C SER A 187 -10.32 -64.72 -56.10
N THR A 188 -10.62 -63.52 -55.61
CA THR A 188 -9.78 -62.30 -55.68
C THR A 188 -9.10 -62.08 -54.31
N GLU A 189 -8.13 -61.16 -54.24
CA GLU A 189 -7.44 -60.76 -52.98
C GLU A 189 -8.35 -59.88 -52.14
N LEU A 190 -9.02 -58.90 -52.78
CA LEU A 190 -10.07 -57.98 -52.23
C LEU A 190 -9.43 -56.71 -51.64
N ASP A 191 -8.15 -56.76 -51.25
CA ASP A 191 -7.34 -55.60 -50.83
C ASP A 191 -6.39 -55.15 -51.95
N ALA A 192 -6.33 -55.91 -53.06
CA ALA A 192 -5.54 -55.59 -54.28
C ALA A 192 -6.46 -55.04 -55.38
N LEU A 193 -7.73 -54.79 -55.04
CA LEU A 193 -8.79 -54.39 -56.01
C LEU A 193 -8.75 -52.88 -56.22
N THR A 194 -9.19 -52.43 -57.40
CA THR A 194 -9.41 -51.01 -57.74
C THR A 194 -10.76 -50.60 -57.16
N GLN A 195 -10.92 -49.31 -56.89
CA GLN A 195 -12.18 -48.74 -56.35
C GLN A 195 -13.37 -49.21 -57.21
N LYS A 196 -13.21 -49.20 -58.53
CA LYS A 196 -14.24 -49.61 -59.51
C LYS A 196 -14.62 -51.09 -59.25
N GLU A 197 -13.62 -51.98 -59.22
CA GLU A 197 -13.83 -53.44 -59.05
C GLU A 197 -14.53 -53.72 -57.72
N ALA A 198 -14.07 -53.08 -56.63
CA ALA A 198 -14.59 -53.22 -55.24
C ALA A 198 -16.03 -52.72 -55.15
N ALA A 199 -16.32 -51.57 -55.74
CA ALA A 199 -17.66 -50.97 -55.86
C ALA A 199 -18.63 -51.96 -56.51
N MET A 200 -18.20 -52.63 -57.58
CA MET A 200 -19.03 -53.60 -58.33
C MET A 200 -19.36 -54.78 -57.41
N ILE A 201 -18.38 -55.26 -56.64
CA ILE A 201 -18.54 -56.38 -55.69
C ILE A 201 -19.57 -55.99 -54.62
N ALA A 202 -19.40 -54.81 -54.02
CA ALA A 202 -20.30 -54.25 -52.97
C ALA A 202 -21.72 -54.17 -53.53
N LEU A 203 -21.88 -53.50 -54.67
CA LEU A 203 -23.21 -53.29 -55.32
C LEU A 203 -23.79 -54.64 -55.74
N ALA A 204 -22.96 -55.59 -56.18
CA ALA A 204 -23.42 -56.94 -56.58
C ALA A 204 -23.92 -57.70 -55.35
N ALA A 205 -23.30 -57.49 -54.18
CA ALA A 205 -23.69 -58.14 -52.89
C ALA A 205 -25.05 -57.60 -52.46
N LEU A 206 -25.17 -56.27 -52.42
CA LEU A 206 -26.46 -55.53 -52.35
C LEU A 206 -27.47 -56.26 -53.24
N GLN A 207 -27.19 -56.34 -54.55
CA GLN A 207 -28.14 -56.86 -55.59
C GLN A 207 -28.48 -58.33 -55.32
N SER A 208 -27.49 -59.15 -54.98
CA SER A 208 -27.66 -60.60 -54.67
C SER A 208 -28.59 -60.76 -53.46
N ALA A 209 -28.28 -60.04 -52.37
CA ALA A 209 -28.89 -60.20 -51.04
C ALA A 209 -30.36 -59.77 -51.04
N ILE A 210 -30.67 -58.59 -51.58
CA ILE A 210 -32.07 -58.06 -51.65
C ILE A 210 -32.84 -58.81 -52.74
N GLY A 211 -32.14 -59.45 -53.69
CA GLY A 211 -32.69 -60.38 -54.69
C GLY A 211 -33.27 -59.66 -55.90
N THR A 212 -32.89 -58.40 -56.11
CA THR A 212 -33.41 -57.48 -57.16
C THR A 212 -32.26 -56.58 -57.65
N ALA A 213 -32.28 -56.19 -58.93
CA ALA A 213 -31.39 -55.15 -59.50
C ALA A 213 -31.74 -53.82 -58.84
N VAL A 214 -30.73 -53.04 -58.44
CA VAL A 214 -30.91 -51.71 -57.80
C VAL A 214 -30.75 -50.63 -58.87
N LYS A 215 -31.47 -49.52 -58.72
CA LYS A 215 -31.23 -48.24 -59.42
C LYS A 215 -30.17 -47.45 -58.64
N ALA A 216 -29.51 -46.48 -59.28
CA ALA A 216 -28.53 -45.57 -58.63
C ALA A 216 -29.23 -44.68 -57.60
N LYS A 217 -30.54 -44.45 -57.77
CA LYS A 217 -31.41 -43.63 -56.88
C LYS A 217 -31.68 -44.39 -55.57
N GLU A 218 -31.85 -45.71 -55.64
CA GLU A 218 -32.25 -46.60 -54.51
C GLU A 218 -31.04 -47.01 -53.66
N VAL A 219 -29.84 -46.44 -53.90
CA VAL A 219 -28.64 -46.58 -53.01
C VAL A 219 -27.96 -45.21 -52.86
N GLU A 220 -27.37 -44.97 -51.69
CA GLU A 220 -26.45 -43.84 -51.42
C GLU A 220 -25.12 -44.46 -51.04
N VAL A 221 -24.04 -43.94 -51.61
CA VAL A 221 -22.68 -44.54 -51.56
C VAL A 221 -21.72 -43.51 -50.97
N GLY A 222 -21.09 -43.84 -49.85
CA GLY A 222 -20.03 -43.03 -49.22
C GLY A 222 -18.68 -43.55 -49.66
N ARG A 223 -17.64 -42.76 -49.45
CA ARG A 223 -16.32 -42.99 -50.09
C ARG A 223 -15.24 -42.21 -49.34
N CYS A 224 -14.13 -42.87 -49.03
CA CYS A 224 -12.84 -42.25 -48.65
C CYS A 224 -11.76 -42.90 -49.49
N THR A 225 -10.89 -42.11 -50.11
CA THR A 225 -9.76 -42.59 -50.95
C THR A 225 -8.45 -42.10 -50.35
N ALA A 226 -7.32 -42.71 -50.72
CA ALA A 226 -5.96 -42.25 -50.35
C ALA A 226 -5.74 -40.84 -50.90
N ALA A 227 -6.11 -40.65 -52.18
CA ALA A 227 -6.04 -39.37 -52.94
C ALA A 227 -6.87 -38.28 -52.24
N ASN A 228 -8.15 -38.56 -52.00
CA ASN A 228 -9.13 -37.66 -51.34
C ASN A 228 -9.64 -38.32 -50.06
N PRO A 229 -8.93 -38.18 -48.92
CA PRO A 229 -9.26 -38.90 -47.69
C PRO A 229 -10.57 -38.49 -47.01
N ALA A 230 -11.10 -37.30 -47.35
CA ALA A 230 -12.40 -36.78 -46.87
C ALA A 230 -13.52 -37.75 -47.28
N PHE A 231 -14.47 -37.96 -46.38
CA PHE A 231 -15.70 -38.76 -46.62
C PHE A 231 -16.59 -37.99 -47.59
N GLN A 232 -16.75 -38.49 -48.81
CA GLN A 232 -17.62 -37.89 -49.86
C GLN A 232 -18.80 -38.82 -50.09
N ARG A 233 -19.97 -38.24 -50.39
CA ARG A 233 -21.11 -38.94 -51.04
C ARG A 233 -20.75 -39.11 -52.51
N VAL A 234 -20.78 -40.33 -53.04
CA VAL A 234 -20.52 -40.61 -54.48
C VAL A 234 -21.71 -40.12 -55.28
N PRO A 235 -21.55 -39.29 -56.33
CA PRO A 235 -22.69 -38.77 -57.10
C PRO A 235 -23.39 -39.90 -57.87
N ASN A 236 -24.71 -39.78 -58.08
CA ASN A 236 -25.57 -40.81 -58.72
C ASN A 236 -25.01 -41.21 -60.10
N SER A 237 -24.38 -40.27 -60.83
CA SER A 237 -23.74 -40.49 -62.16
C SER A 237 -22.71 -41.62 -62.07
N GLU A 238 -21.80 -41.53 -61.09
CA GLU A 238 -20.65 -42.45 -60.90
C GLU A 238 -21.16 -43.84 -60.46
N VAL A 239 -22.24 -43.88 -59.68
CA VAL A 239 -22.89 -45.14 -59.20
C VAL A 239 -23.61 -45.80 -60.39
N GLU A 240 -24.25 -45.00 -61.25
CA GLU A 240 -24.94 -45.48 -62.48
C GLU A 240 -23.95 -46.26 -63.36
N GLU A 241 -22.73 -45.73 -63.55
CA GLU A 241 -21.62 -46.37 -64.31
C GLU A 241 -21.26 -47.73 -63.70
N TRP A 242 -21.29 -47.85 -62.37
CA TRP A 242 -20.92 -49.09 -61.63
C TRP A 242 -22.02 -50.14 -61.77
N LEU A 243 -23.28 -49.73 -61.81
CA LEU A 243 -24.44 -50.66 -61.89
C LEU A 243 -24.58 -51.20 -63.33
N THR A 244 -24.23 -50.39 -64.34
CA THR A 244 -24.13 -50.82 -65.76
C THR A 244 -22.95 -51.81 -65.89
N ALA A 245 -21.83 -51.51 -65.23
CA ALA A 245 -20.60 -52.34 -65.19
C ALA A 245 -20.87 -53.68 -64.49
N VAL A 246 -21.78 -53.72 -63.51
CA VAL A 246 -22.20 -54.95 -62.76
C VAL A 246 -23.13 -55.80 -63.64
N ALA A 247 -24.18 -55.18 -64.22
CA ALA A 247 -25.24 -55.85 -65.01
C ALA A 247 -24.68 -56.44 -66.32
N GLU A 248 -23.55 -55.92 -66.82
CA GLU A 248 -22.81 -56.45 -67.99
C GLU A 248 -22.06 -57.74 -67.58
N ALA A 249 -21.10 -57.64 -66.66
CA ALA A 249 -20.29 -58.75 -66.12
C ALA A 249 -20.97 -59.36 -64.88
N GLU B 3 -29.82 -43.77 -13.53
CA GLU B 3 -30.99 -43.30 -12.71
C GLU B 3 -31.69 -44.50 -12.03
N ALA B 4 -31.38 -45.74 -12.43
CA ALA B 4 -31.67 -46.96 -11.63
C ALA B 4 -30.55 -47.16 -10.61
N PHE B 5 -30.87 -47.15 -9.32
CA PHE B 5 -29.88 -47.28 -8.21
C PHE B 5 -30.14 -48.51 -7.36
N TYR B 6 -31.19 -49.28 -7.67
CA TYR B 6 -31.47 -50.57 -6.98
C TYR B 6 -30.54 -51.65 -7.54
N GLY B 7 -30.09 -52.55 -6.68
CA GLY B 7 -29.15 -53.64 -7.03
C GLY B 7 -29.83 -54.72 -7.86
N LEU B 8 -29.12 -55.18 -8.89
CA LEU B 8 -29.56 -56.22 -9.87
C LEU B 8 -29.06 -57.59 -9.40
N THR B 9 -27.94 -57.62 -8.66
CA THR B 9 -27.35 -58.82 -8.03
C THR B 9 -27.85 -58.88 -6.59
N THR B 10 -28.59 -59.93 -6.25
CA THR B 10 -29.13 -60.19 -4.89
C THR B 10 -28.90 -61.66 -4.53
N PHE B 11 -28.98 -61.98 -3.25
CA PHE B 11 -28.89 -63.37 -2.76
C PHE B 11 -30.20 -64.12 -3.02
N SER B 12 -30.08 -65.37 -3.47
CA SER B 12 -31.17 -66.37 -3.52
C SER B 12 -31.38 -66.94 -2.12
N PRO B 13 -32.52 -67.60 -1.84
CA PRO B 13 -32.71 -68.33 -0.58
C PRO B 13 -31.62 -69.36 -0.21
N SER B 14 -30.93 -69.94 -1.19
CA SER B 14 -29.84 -70.94 -1.02
C SER B 14 -28.51 -70.27 -0.66
N GLY B 15 -28.43 -68.94 -0.79
CA GLY B 15 -27.22 -68.16 -0.46
C GLY B 15 -26.42 -67.72 -1.68
N LYS B 16 -26.65 -68.33 -2.84
CA LYS B 16 -25.85 -68.03 -4.07
C LYS B 16 -26.29 -66.68 -4.63
N LEU B 17 -25.35 -65.97 -5.27
CA LEU B 17 -25.59 -64.71 -6.02
C LEU B 17 -25.82 -65.07 -7.49
N ILE B 18 -27.08 -65.33 -7.83
CA ILE B 18 -27.52 -65.94 -9.12
C ILE B 18 -26.95 -65.14 -10.30
N GLN B 19 -26.87 -63.82 -10.20
CA GLN B 19 -26.47 -62.96 -11.35
C GLN B 19 -24.96 -63.10 -11.60
N ILE B 20 -24.17 -63.48 -10.59
CA ILE B 20 -22.70 -63.74 -10.69
C ILE B 20 -22.49 -65.17 -11.21
N GLU B 21 -23.38 -66.11 -10.89
CA GLU B 21 -23.33 -67.47 -11.47
C GLU B 21 -23.59 -67.39 -12.98
N TYR B 22 -24.53 -66.55 -13.38
CA TYR B 22 -24.94 -66.38 -14.80
C TYR B 22 -23.86 -65.60 -15.56
N ALA B 23 -23.22 -64.62 -14.92
CA ALA B 23 -22.08 -63.88 -15.51
C ALA B 23 -20.89 -64.84 -15.68
N THR B 24 -20.72 -65.80 -14.78
CA THR B 24 -19.62 -66.80 -14.85
C THR B 24 -19.93 -67.77 -16.00
N THR B 25 -21.20 -68.04 -16.29
CA THR B 25 -21.63 -68.81 -17.48
C THR B 25 -21.26 -68.02 -18.74
N ALA B 26 -21.46 -66.71 -18.73
CA ALA B 26 -21.14 -65.78 -19.84
C ALA B 26 -19.66 -65.83 -20.16
N ALA B 27 -18.82 -65.87 -19.11
CA ALA B 27 -17.35 -65.87 -19.19
C ALA B 27 -16.85 -67.24 -19.69
N GLY B 28 -17.54 -68.32 -19.36
CA GLY B 28 -17.22 -69.69 -19.85
C GLY B 28 -17.50 -69.87 -21.33
N LYS B 29 -18.29 -68.98 -21.95
CA LYS B 29 -18.88 -69.16 -23.30
C LYS B 29 -17.97 -68.57 -24.38
N GLY B 30 -17.04 -67.67 -24.02
CA GLY B 30 -16.07 -67.13 -24.99
C GLY B 30 -15.15 -68.20 -25.54
N THR B 31 -14.36 -67.87 -26.57
CA THR B 31 -13.29 -68.73 -27.12
C THR B 31 -12.24 -69.01 -26.05
N THR B 32 -11.55 -70.14 -26.20
CA THR B 32 -10.49 -70.63 -25.28
C THR B 32 -9.33 -69.63 -25.28
N ALA B 33 -8.93 -69.21 -24.08
CA ALA B 33 -7.67 -68.51 -23.80
C ALA B 33 -6.98 -69.29 -22.71
N LEU B 34 -5.66 -69.17 -22.59
CA LEU B 34 -4.90 -69.95 -21.58
C LEU B 34 -3.52 -69.33 -21.35
N GLY B 35 -2.97 -69.66 -20.19
CA GLY B 35 -1.70 -69.13 -19.69
C GLY B 35 -0.85 -70.25 -19.15
N VAL B 36 0.46 -70.12 -19.27
CA VAL B 36 1.45 -71.08 -18.71
C VAL B 36 2.62 -70.28 -18.14
N LYS B 37 2.72 -70.30 -16.81
CA LYS B 37 3.86 -69.71 -16.06
C LYS B 37 5.06 -70.65 -16.22
N ALA B 38 6.22 -70.08 -16.49
CA ALA B 38 7.51 -70.78 -16.63
C ALA B 38 8.45 -70.26 -15.55
N THR B 39 9.66 -70.81 -15.49
CA THR B 39 10.72 -70.37 -14.55
C THR B 39 11.12 -68.93 -14.92
N ASP B 40 11.15 -68.62 -16.22
CA ASP B 40 11.85 -67.46 -16.80
C ASP B 40 10.86 -66.59 -17.59
N GLY B 41 9.56 -66.73 -17.34
CA GLY B 41 8.51 -65.97 -18.04
C GLY B 41 7.16 -66.63 -17.95
N VAL B 42 6.18 -66.07 -18.63
CA VAL B 42 4.82 -66.66 -18.78
C VAL B 42 4.33 -66.33 -20.18
N VAL B 43 3.52 -67.21 -20.74
CA VAL B 43 2.88 -67.08 -22.09
C VAL B 43 1.38 -67.15 -21.88
N ILE B 44 0.64 -66.24 -22.50
CA ILE B 44 -0.85 -66.30 -22.59
C ILE B 44 -1.22 -66.32 -24.07
N ALA B 45 -2.03 -67.29 -24.44
CA ALA B 45 -2.47 -67.56 -25.83
C ALA B 45 -3.99 -67.63 -25.85
N ALA B 46 -4.61 -66.92 -26.79
CA ALA B 46 -6.06 -66.99 -27.04
C ALA B 46 -6.28 -67.27 -28.52
N LYS B 47 -7.31 -68.04 -28.85
CA LYS B 47 -7.78 -68.18 -30.25
C LYS B 47 -8.76 -67.04 -30.52
N LYS B 48 -8.47 -66.26 -31.57
CA LYS B 48 -9.33 -65.17 -32.10
C LYS B 48 -10.01 -65.66 -33.38
N LYS B 49 -10.84 -66.72 -33.23
CA LYS B 49 -11.76 -67.21 -34.28
C LYS B 49 -12.66 -66.04 -34.69
N ALA B 50 -12.50 -65.55 -35.92
CA ALA B 50 -13.28 -64.42 -36.50
C ALA B 50 -14.59 -64.97 -37.07
N PRO B 51 -15.73 -64.25 -36.92
CA PRO B 51 -17.01 -64.69 -37.49
C PRO B 51 -16.89 -65.17 -38.94
N SER B 52 -16.25 -64.35 -39.79
CA SER B 52 -15.99 -64.61 -41.24
C SER B 52 -14.54 -64.26 -41.58
N THR B 53 -14.10 -64.64 -42.78
CA THR B 53 -12.77 -64.33 -43.37
C THR B 53 -12.69 -62.84 -43.76
N LEU B 54 -13.83 -62.15 -43.76
CA LEU B 54 -13.96 -60.72 -44.16
C LEU B 54 -13.58 -59.78 -43.02
N VAL B 55 -13.42 -60.29 -41.81
CA VAL B 55 -12.96 -59.48 -40.66
C VAL B 55 -11.45 -59.29 -40.80
N ASP B 56 -10.99 -58.04 -40.70
CA ASP B 56 -9.55 -57.71 -40.60
C ASP B 56 -9.02 -58.34 -39.31
N ALA B 57 -8.45 -59.55 -39.41
CA ALA B 57 -7.96 -60.35 -38.27
C ALA B 57 -7.09 -59.49 -37.35
N SER B 58 -6.25 -58.61 -37.92
CA SER B 58 -5.32 -57.72 -37.17
C SER B 58 -6.09 -56.74 -36.27
N SER B 59 -7.33 -56.42 -36.61
CA SER B 59 -8.22 -55.50 -35.85
C SER B 59 -8.80 -56.20 -34.62
N ILE B 60 -8.92 -57.53 -34.65
CA ILE B 60 -9.33 -58.33 -33.47
C ILE B 60 -8.13 -58.36 -32.53
N GLN B 61 -8.40 -58.19 -31.24
CA GLN B 61 -7.40 -58.10 -30.17
C GLN B 61 -7.94 -58.98 -29.05
N LYS B 62 -7.32 -60.13 -28.83
CA LYS B 62 -7.74 -61.08 -27.77
C LYS B 62 -6.75 -61.03 -26.62
N VAL B 63 -5.53 -60.58 -26.89
CA VAL B 63 -4.44 -60.38 -25.90
C VAL B 63 -4.12 -58.89 -25.87
N PHE B 64 -3.96 -58.35 -24.67
CA PHE B 64 -3.78 -56.89 -24.45
C PHE B 64 -2.55 -56.65 -23.59
N VAL B 65 -1.81 -55.60 -23.94
CA VAL B 65 -0.85 -54.92 -23.05
C VAL B 65 -1.64 -54.08 -22.05
N LEU B 66 -1.33 -54.20 -20.77
CA LEU B 66 -1.88 -53.32 -19.70
C LEU B 66 -0.81 -52.31 -19.31
N ASP B 67 0.45 -52.72 -19.32
CA ASP B 67 1.63 -51.83 -19.23
C ASP B 67 2.85 -52.58 -19.78
N GLU B 68 4.02 -51.98 -19.75
CA GLU B 68 5.28 -52.56 -20.30
C GLU B 68 5.46 -54.01 -19.81
N HIS B 69 5.06 -54.29 -18.57
CA HIS B 69 5.47 -55.48 -17.78
C HIS B 69 4.33 -56.46 -17.51
N VAL B 70 3.11 -56.13 -17.93
CA VAL B 70 1.90 -56.96 -17.66
C VAL B 70 0.94 -56.79 -18.82
N GLY B 71 0.29 -57.90 -19.15
CA GLY B 71 -0.72 -57.94 -20.19
C GLY B 71 -1.70 -59.05 -19.86
N CYS B 72 -2.87 -59.00 -20.46
CA CYS B 72 -3.95 -59.95 -20.16
C CYS B 72 -4.47 -60.54 -21.46
N THR B 73 -5.21 -61.63 -21.33
CA THR B 73 -6.18 -62.10 -22.34
C THR B 73 -7.50 -62.24 -21.59
N TYR B 74 -8.56 -62.65 -22.26
CA TYR B 74 -9.89 -62.75 -21.63
C TYR B 74 -10.71 -63.84 -22.31
N SER B 75 -11.82 -64.17 -21.68
CA SER B 75 -12.90 -65.01 -22.23
C SER B 75 -14.24 -64.35 -21.90
N GLY B 76 -15.24 -64.57 -22.75
CA GLY B 76 -16.61 -64.09 -22.54
C GLY B 76 -16.82 -62.80 -23.28
N MET B 77 -17.51 -61.85 -22.65
CA MET B 77 -17.99 -60.63 -23.33
C MET B 77 -16.82 -59.68 -23.57
N GLY B 78 -16.30 -59.70 -24.80
CA GLY B 78 -15.25 -58.78 -25.27
C GLY B 78 -15.47 -57.36 -24.76
N PRO B 79 -16.65 -56.76 -25.03
CA PRO B 79 -16.90 -55.35 -24.69
C PRO B 79 -16.82 -55.03 -23.18
N ASP B 80 -17.20 -55.99 -22.34
CA ASP B 80 -17.05 -55.93 -20.87
C ASP B 80 -15.55 -55.87 -20.52
N CYS B 81 -14.78 -56.79 -21.07
CA CYS B 81 -13.31 -56.83 -20.86
C CYS B 81 -12.67 -55.49 -21.21
N ARG B 82 -13.12 -54.88 -22.29
CA ARG B 82 -12.53 -53.60 -22.75
C ARG B 82 -12.66 -52.59 -21.60
N VAL B 83 -13.71 -52.70 -20.77
CA VAL B 83 -13.90 -51.83 -19.57
C VAL B 83 -12.81 -52.12 -18.53
N LEU B 84 -12.63 -53.39 -18.17
CA LEU B 84 -11.63 -53.86 -17.17
C LEU B 84 -10.22 -53.52 -17.66
N ILE B 85 -9.93 -53.81 -18.92
CA ILE B 85 -8.59 -53.53 -19.53
C ILE B 85 -8.33 -52.01 -19.54
N ASP B 86 -9.33 -51.18 -19.83
CA ASP B 86 -9.13 -49.72 -19.87
C ASP B 86 -8.84 -49.23 -18.45
N SER B 87 -9.60 -49.74 -17.48
CA SER B 87 -9.42 -49.45 -16.03
C SER B 87 -8.07 -49.98 -15.54
N ALA B 88 -7.71 -51.22 -15.89
CA ALA B 88 -6.42 -51.86 -15.50
C ALA B 88 -5.25 -51.04 -16.01
N ARG B 89 -5.33 -50.60 -17.26
CA ARG B 89 -4.32 -49.72 -17.91
C ARG B 89 -4.18 -48.40 -17.14
N LYS B 90 -5.30 -47.84 -16.70
CA LYS B 90 -5.35 -46.58 -15.90
C LYS B 90 -4.64 -46.83 -14.59
N ASN B 91 -4.92 -47.96 -13.93
CA ASN B 91 -4.32 -48.34 -12.62
C ASN B 91 -2.80 -48.51 -12.75
N CYS B 92 -2.32 -49.13 -13.82
CA CYS B 92 -0.87 -49.35 -14.04
C CYS B 92 -0.16 -47.99 -14.10
N GLN B 93 -0.80 -47.04 -14.79
CA GLN B 93 -0.25 -45.68 -15.02
C GLN B 93 -0.38 -44.86 -13.74
N GLN B 94 -1.51 -44.93 -13.04
CA GLN B 94 -1.71 -44.23 -11.75
C GLN B 94 -0.64 -44.64 -10.75
N TYR B 95 -0.37 -45.94 -10.71
CA TYR B 95 0.65 -46.56 -9.84
C TYR B 95 2.03 -46.03 -10.22
N LYS B 96 2.37 -45.95 -11.51
CA LYS B 96 3.69 -45.44 -11.99
C LYS B 96 3.85 -43.98 -11.58
N LEU B 97 2.83 -43.16 -11.81
CA LEU B 97 2.82 -41.74 -11.42
C LEU B 97 3.09 -41.60 -9.92
N MET B 98 2.48 -42.43 -9.09
CA MET B 98 2.68 -42.33 -7.62
C MET B 98 4.06 -42.85 -7.28
N TYR B 99 4.36 -44.11 -7.57
CA TYR B 99 5.53 -44.82 -6.99
C TYR B 99 6.71 -44.92 -7.96
N ASN B 100 6.57 -44.45 -9.21
CA ASN B 100 7.70 -44.40 -10.17
C ASN B 100 8.30 -45.80 -10.26
N GLU B 101 7.43 -46.78 -10.49
CA GLU B 101 7.67 -48.23 -10.32
C GLU B 101 6.55 -48.96 -11.03
N PRO B 102 6.82 -50.09 -11.73
CA PRO B 102 5.73 -50.88 -12.32
C PRO B 102 4.81 -51.44 -11.23
N ILE B 103 3.50 -51.42 -11.47
CA ILE B 103 2.51 -51.99 -10.51
C ILE B 103 2.82 -53.48 -10.38
N PRO B 104 2.96 -54.02 -9.17
CA PRO B 104 3.03 -55.47 -8.97
C PRO B 104 1.76 -56.13 -9.49
N ILE B 105 1.83 -57.38 -9.91
CA ILE B 105 0.68 -58.00 -10.61
C ILE B 105 -0.39 -58.25 -9.55
N SER B 106 0.04 -58.77 -8.40
CA SER B 106 -0.67 -58.80 -7.10
C SER B 106 -1.62 -57.61 -6.97
N GLN B 107 -1.07 -56.40 -7.01
CA GLN B 107 -1.81 -55.15 -6.72
C GLN B 107 -2.74 -54.82 -7.88
N LEU B 108 -2.32 -55.07 -9.11
CA LEU B 108 -3.13 -54.81 -10.32
C LEU B 108 -4.35 -55.71 -10.28
N VAL B 109 -4.12 -57.00 -10.07
CA VAL B 109 -5.20 -58.03 -10.04
C VAL B 109 -6.21 -57.67 -8.96
N ARG B 110 -5.75 -57.25 -7.79
CA ARG B 110 -6.62 -56.83 -6.66
C ARG B 110 -7.46 -55.63 -7.08
N LYS B 111 -6.90 -54.70 -7.85
CA LYS B 111 -7.61 -53.48 -8.33
C LYS B 111 -8.66 -53.86 -9.38
N ILE B 112 -8.38 -54.88 -10.20
CA ILE B 112 -9.33 -55.45 -11.19
C ILE B 112 -10.45 -56.16 -10.44
N SER B 113 -10.07 -57.00 -9.48
CA SER B 113 -10.99 -57.76 -8.60
C SER B 113 -12.01 -56.80 -8.00
N ALA B 114 -11.53 -55.66 -7.49
CA ALA B 114 -12.35 -54.65 -6.78
C ALA B 114 -13.46 -54.14 -7.70
N ILE B 115 -13.15 -53.96 -8.98
CA ILE B 115 -14.08 -53.42 -10.01
C ILE B 115 -15.09 -54.51 -10.35
N TYR B 116 -14.64 -55.73 -10.61
CA TYR B 116 -15.55 -56.89 -10.73
C TYR B 116 -16.55 -56.86 -9.59
N GLN B 117 -16.11 -56.65 -8.35
CA GLN B 117 -16.96 -56.75 -7.14
C GLN B 117 -17.92 -55.56 -7.14
N GLU B 118 -17.45 -54.34 -7.38
CA GLU B 118 -18.33 -53.15 -7.49
C GLU B 118 -19.58 -53.55 -8.29
N PHE B 119 -19.39 -54.13 -9.46
CA PHE B 119 -20.48 -54.46 -10.40
C PHE B 119 -21.32 -55.66 -9.94
N THR B 120 -20.88 -56.42 -8.92
CA THR B 120 -21.68 -57.46 -8.25
C THR B 120 -22.53 -56.88 -7.10
N GLN B 121 -22.37 -55.60 -6.75
CA GLN B 121 -23.03 -55.01 -5.56
C GLN B 121 -23.67 -53.66 -5.88
N SER B 122 -22.93 -52.74 -6.48
CA SER B 122 -23.39 -51.38 -6.85
C SER B 122 -24.73 -51.46 -7.58
N GLY B 123 -25.52 -50.41 -7.41
CA GLY B 123 -26.90 -50.33 -7.93
C GLY B 123 -26.94 -50.11 -9.42
N GLY B 124 -27.88 -50.81 -10.05
CA GLY B 124 -28.30 -50.56 -11.44
C GLY B 124 -27.28 -51.03 -12.44
N VAL B 125 -26.35 -51.89 -12.02
CA VAL B 125 -25.39 -52.53 -12.95
C VAL B 125 -25.41 -54.04 -12.73
N ARG B 126 -25.31 -54.78 -13.83
CA ARG B 126 -25.03 -56.24 -13.79
C ARG B 126 -23.52 -56.45 -13.68
N PRO B 127 -23.08 -57.67 -13.26
CA PRO B 127 -21.66 -57.99 -13.26
C PRO B 127 -21.04 -58.10 -14.66
N PHE B 128 -19.71 -58.14 -14.71
CA PHE B 128 -18.96 -58.35 -15.97
C PHE B 128 -19.10 -59.82 -16.35
N GLY B 129 -19.31 -60.08 -17.64
CA GLY B 129 -19.46 -61.44 -18.18
C GLY B 129 -18.18 -61.89 -18.81
N CYS B 130 -17.06 -61.75 -18.12
CA CYS B 130 -15.74 -62.08 -18.70
C CYS B 130 -14.72 -62.43 -17.62
N SER B 131 -14.01 -63.53 -17.81
CA SER B 131 -12.81 -63.88 -17.03
C SER B 131 -11.61 -63.18 -17.70
N LEU B 132 -10.69 -62.67 -16.90
CA LEU B 132 -9.35 -62.24 -17.34
C LEU B 132 -8.33 -63.32 -17.00
N LEU B 133 -7.35 -63.53 -17.88
CA LEU B 133 -6.01 -64.05 -17.54
C LEU B 133 -5.04 -62.88 -17.53
N VAL B 134 -4.44 -62.54 -16.41
CA VAL B 134 -3.44 -61.44 -16.30
C VAL B 134 -2.08 -62.08 -16.11
N ALA B 135 -1.10 -61.68 -16.89
CA ALA B 135 0.26 -62.26 -16.85
C ALA B 135 1.24 -61.11 -16.85
N GLY B 136 2.09 -61.02 -15.84
CA GLY B 136 3.12 -59.98 -15.80
C GLY B 136 4.32 -60.41 -15.00
N VAL B 137 5.17 -59.45 -14.71
CA VAL B 137 6.46 -59.67 -14.02
C VAL B 137 6.74 -58.45 -13.14
N ASP B 138 7.03 -58.71 -11.88
CA ASP B 138 7.28 -57.68 -10.84
C ASP B 138 8.53 -58.10 -10.07
N ALA B 139 8.77 -57.50 -8.91
CA ALA B 139 9.91 -57.85 -8.02
C ALA B 139 9.77 -59.31 -7.55
N ASN B 140 8.53 -59.77 -7.37
CA ASN B 140 8.20 -61.11 -6.82
C ASN B 140 8.34 -62.21 -7.89
N GLY B 141 8.63 -61.87 -9.14
CA GLY B 141 8.87 -62.83 -10.23
C GLY B 141 7.78 -62.79 -11.29
N TYR B 142 7.50 -63.94 -11.91
CA TYR B 142 6.49 -64.09 -12.99
C TYR B 142 5.19 -64.55 -12.36
N HIS B 143 4.08 -64.09 -12.91
CA HIS B 143 2.72 -64.28 -12.34
C HIS B 143 1.72 -64.52 -13.45
N LEU B 144 0.79 -65.41 -13.17
CA LEU B 144 -0.38 -65.67 -14.02
C LEU B 144 -1.58 -65.73 -13.09
N TYR B 145 -2.50 -64.79 -13.22
CA TYR B 145 -3.75 -64.74 -12.43
C TYR B 145 -4.92 -64.96 -13.37
N GLN B 146 -5.96 -65.61 -12.88
CA GLN B 146 -7.32 -65.60 -13.45
C GLN B 146 -8.20 -64.77 -12.53
N VAL B 147 -8.80 -63.69 -13.02
CA VAL B 147 -9.89 -62.97 -12.31
C VAL B 147 -11.21 -63.43 -12.91
N ASP B 148 -12.26 -63.53 -12.10
CA ASP B 148 -13.61 -64.02 -12.52
C ASP B 148 -14.66 -62.96 -12.28
N PRO B 149 -15.85 -63.07 -12.93
CA PRO B 149 -16.97 -62.16 -12.69
C PRO B 149 -17.28 -61.83 -11.22
N SER B 150 -17.08 -62.81 -10.33
CA SER B 150 -17.26 -62.72 -8.86
C SER B 150 -16.36 -61.63 -8.27
N GLY B 151 -15.19 -61.41 -8.86
CA GLY B 151 -14.08 -60.61 -8.30
C GLY B 151 -13.00 -61.52 -7.80
N THR B 152 -13.29 -62.82 -7.70
CA THR B 152 -12.36 -63.83 -7.15
C THR B 152 -11.19 -63.93 -8.12
N PHE B 153 -9.98 -64.02 -7.60
CA PHE B 153 -8.76 -64.23 -8.42
C PHE B 153 -7.93 -65.34 -7.81
N TRP B 154 -7.28 -66.09 -8.67
CA TRP B 154 -6.37 -67.20 -8.33
C TRP B 154 -5.06 -66.94 -9.05
N ALA B 155 -3.93 -67.09 -8.38
CA ALA B 155 -2.63 -67.29 -9.06
C ALA B 155 -2.60 -68.74 -9.55
N TRP B 156 -2.27 -68.93 -10.82
CA TRP B 156 -2.11 -70.25 -11.46
C TRP B 156 -0.69 -70.43 -11.99
N LYS B 157 -0.27 -71.69 -12.10
CA LYS B 157 0.97 -72.12 -12.79
C LYS B 157 0.65 -72.24 -14.27
N ALA B 158 -0.51 -72.83 -14.57
CA ALA B 158 -1.13 -72.81 -15.91
C ALA B 158 -2.63 -72.92 -15.74
N THR B 159 -3.39 -72.26 -16.59
CA THR B 159 -4.86 -72.41 -16.59
C THR B 159 -5.41 -72.01 -17.96
N ALA B 160 -6.70 -72.21 -18.11
CA ALA B 160 -7.46 -71.86 -19.33
C ALA B 160 -8.85 -71.42 -18.90
N ILE B 161 -9.42 -70.52 -19.70
CA ILE B 161 -10.77 -69.94 -19.54
C ILE B 161 -11.42 -70.04 -20.91
N GLY B 162 -12.74 -69.89 -20.99
CA GLY B 162 -13.49 -70.03 -22.25
C GLY B 162 -13.89 -71.46 -22.50
N THR B 163 -14.23 -71.78 -23.76
CA THR B 163 -15.15 -72.90 -24.11
C THR B 163 -14.51 -74.24 -23.73
N GLY B 164 -13.32 -74.53 -24.27
CA GLY B 164 -12.67 -75.84 -24.11
C GLY B 164 -11.82 -75.92 -22.85
N SER B 165 -12.12 -75.11 -21.82
CA SER B 165 -11.21 -74.89 -20.66
C SER B 165 -11.14 -76.09 -19.72
N PRO B 166 -12.19 -76.92 -19.53
CA PRO B 166 -12.05 -78.15 -18.74
C PRO B 166 -11.09 -79.18 -19.39
N ASP B 167 -11.11 -79.29 -20.72
CA ASP B 167 -10.26 -80.23 -21.50
C ASP B 167 -8.84 -79.67 -21.62
N ALA B 168 -8.73 -78.34 -21.74
CA ALA B 168 -7.45 -77.61 -21.89
C ALA B 168 -6.72 -77.57 -20.55
N LYS B 169 -7.44 -77.56 -19.42
CA LYS B 169 -6.86 -77.60 -18.06
C LYS B 169 -6.34 -79.02 -17.79
N ALA B 170 -7.17 -80.03 -18.09
CA ALA B 170 -6.83 -81.47 -18.02
C ALA B 170 -5.53 -81.71 -18.80
N PHE B 171 -5.47 -81.24 -20.06
CA PHE B 171 -4.31 -81.39 -20.97
C PHE B 171 -3.08 -80.69 -20.39
N LEU B 172 -3.23 -79.49 -19.83
CA LEU B 172 -2.12 -78.70 -19.22
C LEU B 172 -1.60 -79.40 -17.96
N GLU B 173 -2.46 -80.08 -17.19
CA GLU B 173 -2.08 -80.76 -15.93
C GLU B 173 -1.05 -81.86 -16.22
N LYS B 174 -1.28 -82.66 -17.28
CA LYS B 174 -0.35 -83.75 -17.71
C LYS B 174 0.96 -83.12 -18.17
N ARG B 175 0.87 -82.15 -19.07
CA ARG B 175 1.98 -81.57 -19.87
C ARG B 175 2.88 -80.67 -19.00
N TYR B 176 2.30 -79.95 -18.04
CA TYR B 176 3.02 -78.94 -17.21
C TYR B 176 4.01 -79.62 -16.28
N THR B 177 5.20 -79.02 -16.15
CA THR B 177 6.25 -79.33 -15.15
C THR B 177 6.79 -78.01 -14.59
N VAL B 178 7.40 -78.03 -13.41
CA VAL B 178 7.98 -76.83 -12.73
C VAL B 178 9.24 -76.38 -13.50
N ASP B 179 10.02 -77.34 -14.04
CA ASP B 179 11.23 -77.08 -14.86
C ASP B 179 10.88 -76.22 -16.09
N MET B 180 9.70 -76.44 -16.68
CA MET B 180 9.21 -75.82 -17.95
C MET B 180 9.75 -74.40 -18.11
N GLU B 181 10.55 -74.17 -19.16
CA GLU B 181 11.12 -72.85 -19.56
C GLU B 181 10.22 -72.23 -20.64
N LEU B 182 10.46 -70.96 -20.97
CA LEU B 182 9.51 -70.10 -21.73
C LEU B 182 9.27 -70.67 -23.12
N GLU B 183 10.34 -71.06 -23.83
CA GLU B 183 10.27 -71.59 -25.22
C GLU B 183 9.51 -72.93 -25.22
N ASP B 184 9.64 -73.71 -24.15
CA ASP B 184 8.93 -75.00 -23.94
C ASP B 184 7.47 -74.73 -23.54
N ALA B 185 7.20 -73.65 -22.81
CA ALA B 185 5.86 -73.23 -22.31
C ALA B 185 5.00 -72.73 -23.47
N VAL B 186 5.59 -71.94 -24.37
CA VAL B 186 4.92 -71.38 -25.59
C VAL B 186 4.52 -72.55 -26.48
N HIS B 187 5.41 -73.53 -26.66
CA HIS B 187 5.12 -74.81 -27.35
C HIS B 187 3.88 -75.44 -26.70
N THR B 188 3.86 -75.57 -25.37
CA THR B 188 2.83 -76.29 -24.58
C THR B 188 1.49 -75.55 -24.66
N ALA B 189 1.53 -74.22 -24.56
CA ALA B 189 0.36 -73.32 -24.66
C ALA B 189 -0.34 -73.55 -26.00
N LEU B 190 0.44 -73.50 -27.09
CA LEU B 190 -0.07 -73.61 -28.47
C LEU B 190 -0.57 -75.03 -28.74
N LEU B 191 0.09 -76.05 -28.18
CA LEU B 191 -0.35 -77.46 -28.30
C LEU B 191 -1.71 -77.65 -27.65
N THR B 192 -1.98 -76.93 -26.55
CA THR B 192 -3.24 -76.99 -25.76
C THR B 192 -4.39 -76.37 -26.57
N LEU B 193 -4.14 -75.21 -27.19
CA LEU B 193 -5.09 -74.53 -28.11
C LEU B 193 -5.44 -75.49 -29.24
N LYS B 194 -4.41 -76.12 -29.84
CA LYS B 194 -4.50 -77.02 -31.02
C LYS B 194 -5.42 -78.21 -30.74
N GLU B 195 -5.46 -78.72 -29.50
CA GLU B 195 -6.33 -79.85 -29.08
C GLU B 195 -7.80 -79.48 -29.29
N GLY B 196 -8.25 -78.38 -28.68
CA GLY B 196 -9.63 -77.87 -28.77
C GLY B 196 -9.96 -77.30 -30.14
N PHE B 197 -8.94 -76.91 -30.92
CA PHE B 197 -9.08 -76.20 -32.23
C PHE B 197 -9.76 -77.10 -33.25
N ASP B 198 -10.60 -76.49 -34.09
CA ASP B 198 -11.17 -77.08 -35.34
C ASP B 198 -10.69 -76.22 -36.52
N GLY B 199 -10.01 -76.85 -37.49
CA GLY B 199 -9.23 -76.16 -38.54
C GLY B 199 -7.80 -75.90 -38.07
N GLN B 200 -6.91 -75.62 -39.03
CA GLN B 200 -5.48 -75.32 -38.77
C GLN B 200 -5.39 -74.01 -37.96
N MET B 201 -4.36 -73.90 -37.10
CA MET B 201 -3.96 -72.65 -36.42
C MET B 201 -3.06 -71.83 -37.36
N THR B 202 -3.13 -70.51 -37.26
CA THR B 202 -2.30 -69.54 -38.03
C THR B 202 -2.00 -68.34 -37.13
N SER B 203 -1.15 -67.43 -37.61
CA SER B 203 -0.82 -66.14 -36.95
C SER B 203 -2.03 -65.18 -36.98
N GLU B 204 -3.00 -65.43 -37.87
CA GLU B 204 -4.27 -64.66 -38.00
C GLU B 204 -5.33 -65.22 -37.05
N ASN B 205 -5.21 -66.50 -36.69
CA ASN B 205 -6.25 -67.31 -36.01
C ASN B 205 -6.08 -67.24 -34.49
N THR B 206 -4.83 -67.14 -34.01
CA THR B 206 -4.44 -67.08 -32.58
C THR B 206 -3.55 -65.87 -32.32
N GLN B 207 -3.70 -65.28 -31.16
CA GLN B 207 -2.78 -64.25 -30.61
C GLN B 207 -2.05 -64.88 -29.43
N VAL B 208 -0.80 -64.49 -29.21
CA VAL B 208 0.04 -64.99 -28.09
C VAL B 208 0.78 -63.82 -27.48
N GLY B 209 0.46 -63.48 -26.24
CA GLY B 209 1.31 -62.64 -25.38
C GLY B 209 2.35 -63.50 -24.74
N ARG B 210 3.49 -62.92 -24.39
CA ARG B 210 4.44 -63.57 -23.46
C ARG B 210 5.13 -62.50 -22.61
N VAL B 211 5.30 -62.82 -21.34
CA VAL B 211 6.13 -62.07 -20.37
C VAL B 211 7.49 -62.73 -20.40
N VAL B 212 8.53 -61.96 -20.73
CA VAL B 212 9.92 -62.46 -20.81
C VAL B 212 10.83 -61.35 -20.26
N GLU B 213 11.93 -61.74 -19.62
CA GLU B 213 12.84 -60.79 -18.95
C GLU B 213 11.95 -59.93 -18.04
N ASN B 214 11.85 -58.63 -18.31
CA ASN B 214 11.14 -57.68 -17.40
C ASN B 214 10.03 -56.98 -18.19
N ARG B 215 9.59 -57.56 -19.30
CA ARG B 215 8.57 -56.95 -20.18
C ARG B 215 7.53 -57.99 -20.57
N PHE B 216 6.31 -57.52 -20.83
CA PHE B 216 5.26 -58.23 -21.59
C PHE B 216 5.35 -57.75 -23.03
N GLU B 217 5.09 -58.64 -23.98
CA GLU B 217 4.96 -58.30 -25.42
C GLU B 217 3.96 -59.25 -26.06
N ILE B 218 3.32 -58.80 -27.12
CA ILE B 218 2.46 -59.63 -28.01
C ILE B 218 3.33 -60.10 -29.16
N LEU B 219 3.40 -61.40 -29.38
CA LEU B 219 4.18 -61.97 -30.51
C LEU B 219 3.63 -61.40 -31.80
N SER B 220 4.51 -60.83 -32.63
CA SER B 220 4.22 -60.45 -34.04
C SER B 220 3.87 -61.74 -34.81
N VAL B 221 3.18 -61.61 -35.94
CA VAL B 221 2.77 -62.77 -36.78
C VAL B 221 4.01 -63.53 -37.27
N ASP B 222 5.16 -62.85 -37.45
CA ASP B 222 6.45 -63.49 -37.83
C ASP B 222 6.95 -64.38 -36.69
N GLN B 223 6.96 -63.86 -35.46
CA GLN B 223 7.37 -64.59 -34.22
C GLN B 223 6.42 -65.76 -33.95
N LEU B 224 5.11 -65.58 -34.16
CA LEU B 224 4.08 -66.63 -33.95
C LEU B 224 4.23 -67.74 -35.01
N ARG B 225 4.57 -67.39 -36.26
CA ARG B 225 4.78 -68.38 -37.35
C ARG B 225 5.97 -69.29 -37.01
N ASP B 226 7.05 -68.75 -36.44
CA ASP B 226 8.25 -69.52 -36.00
C ASP B 226 7.83 -70.64 -35.02
N TYR B 227 6.92 -70.34 -34.09
CA TYR B 227 6.39 -71.29 -33.07
C TYR B 227 5.36 -72.25 -33.67
N LEU B 228 4.52 -71.77 -34.60
CA LEU B 228 3.45 -72.60 -35.24
C LEU B 228 4.04 -73.62 -36.21
N ASP B 229 5.25 -73.38 -36.73
CA ASP B 229 5.97 -74.32 -37.63
C ASP B 229 6.42 -75.56 -36.85
N GLN B 230 6.69 -75.43 -35.55
CA GLN B 230 7.29 -76.47 -34.68
C GLN B 230 6.21 -77.42 -34.12
N ILE B 231 4.97 -76.96 -33.92
CA ILE B 231 3.84 -77.76 -33.36
C ILE B 231 3.07 -78.44 -34.50
N SER C 2 -38.59 -49.48 -14.51
CA SER C 2 -37.37 -49.89 -13.74
C SER C 2 -37.74 -50.14 -12.27
N HIS C 3 -38.66 -49.38 -11.66
CA HIS C 3 -39.13 -49.64 -10.27
C HIS C 3 -39.74 -51.05 -10.19
N ARG C 4 -40.31 -51.54 -11.30
CA ARG C 4 -40.96 -52.87 -11.43
C ARG C 4 -39.98 -53.99 -11.06
N TYR C 5 -38.70 -53.82 -11.40
CA TYR C 5 -37.64 -54.86 -11.32
C TYR C 5 -36.76 -54.66 -10.08
N ASP C 6 -37.15 -53.78 -9.16
CA ASP C 6 -36.49 -53.59 -7.85
C ASP C 6 -36.80 -54.83 -7.00
N SER C 7 -35.74 -55.45 -6.47
CA SER C 7 -35.75 -56.64 -5.58
C SER C 7 -36.17 -56.24 -4.15
N ARG C 8 -36.01 -54.96 -3.80
CA ARG C 8 -36.34 -54.37 -2.48
C ARG C 8 -35.53 -55.13 -1.41
N THR C 9 -34.21 -54.93 -1.45
CA THR C 9 -33.23 -55.63 -0.59
C THR C 9 -33.41 -55.15 0.85
N THR C 10 -33.46 -53.83 1.04
CA THR C 10 -33.47 -53.13 2.36
C THR C 10 -34.92 -52.89 2.78
N THR C 11 -35.72 -53.95 2.82
CA THR C 11 -37.11 -53.94 3.32
C THR C 11 -37.27 -55.07 4.32
N PHE C 12 -38.14 -54.86 5.29
CA PHE C 12 -38.65 -55.95 6.15
C PHE C 12 -39.62 -56.78 5.33
N SER C 13 -39.74 -58.05 5.73
CA SER C 13 -40.77 -59.02 5.32
C SER C 13 -41.83 -59.04 6.40
N PRO C 14 -42.98 -59.72 6.22
CA PRO C 14 -44.07 -59.67 7.19
C PRO C 14 -43.73 -60.19 8.60
N GLU C 15 -42.69 -61.01 8.74
CA GLU C 15 -42.26 -61.61 10.03
C GLU C 15 -41.22 -60.70 10.70
N GLY C 16 -40.87 -59.58 10.06
CA GLY C 16 -39.96 -58.55 10.60
C GLY C 16 -38.50 -58.90 10.36
N ARG C 17 -38.22 -59.65 9.30
CA ARG C 17 -36.86 -60.17 8.96
C ARG C 17 -36.43 -59.58 7.63
N LEU C 18 -35.13 -59.38 7.49
CA LEU C 18 -34.45 -58.87 6.29
C LEU C 18 -33.98 -60.08 5.49
N TYR C 19 -34.74 -60.49 4.48
CA TYR C 19 -34.50 -61.74 3.72
C TYR C 19 -33.10 -61.72 3.13
N GLN C 20 -32.64 -60.56 2.64
CA GLN C 20 -31.34 -60.47 1.93
C GLN C 20 -30.22 -60.79 2.92
N VAL C 21 -30.40 -60.49 4.20
CA VAL C 21 -29.40 -60.83 5.25
C VAL C 21 -29.50 -62.32 5.59
N GLU C 22 -30.69 -62.83 5.84
CA GLU C 22 -30.95 -64.27 6.13
C GLU C 22 -30.29 -65.15 5.07
N TYR C 23 -30.38 -64.73 3.81
CA TYR C 23 -29.85 -65.45 2.63
C TYR C 23 -28.33 -65.27 2.56
N ALA C 24 -27.80 -64.07 2.84
CA ALA C 24 -26.34 -63.84 2.92
C ALA C 24 -25.72 -64.75 4.00
N VAL C 25 -26.40 -64.94 5.12
CA VAL C 25 -25.96 -65.86 6.20
C VAL C 25 -25.87 -67.26 5.61
N GLU C 26 -26.85 -67.65 4.79
CA GLU C 26 -26.94 -69.00 4.20
C GLU C 26 -25.78 -69.17 3.19
N ALA C 27 -25.26 -68.07 2.64
CA ALA C 27 -24.05 -68.05 1.76
C ALA C 27 -22.77 -68.30 2.55
N ILE C 28 -22.75 -67.93 3.84
CA ILE C 28 -21.58 -68.05 4.74
C ILE C 28 -21.51 -69.47 5.30
N GLN C 29 -22.65 -70.12 5.53
CA GLN C 29 -22.69 -71.56 5.91
C GLN C 29 -22.27 -72.46 4.74
N GLN C 30 -22.15 -71.94 3.52
CA GLN C 30 -21.59 -72.69 2.35
C GLN C 30 -20.07 -72.56 2.31
N ALA C 31 -19.51 -71.52 2.94
CA ALA C 31 -18.08 -71.16 2.86
C ALA C 31 -17.22 -72.11 3.68
N GLY C 32 -15.90 -71.96 3.57
CA GLY C 32 -14.92 -72.77 4.28
C GLY C 32 -14.96 -72.47 5.76
N THR C 33 -14.96 -73.52 6.59
CA THR C 33 -14.97 -73.45 8.08
C THR C 33 -13.74 -72.67 8.58
N VAL C 34 -13.94 -71.75 9.51
CA VAL C 34 -12.85 -71.07 10.26
C VAL C 34 -13.15 -71.21 11.74
N ILE C 35 -12.15 -71.63 12.52
CA ILE C 35 -12.22 -71.78 14.00
C ILE C 35 -11.33 -70.71 14.63
N GLY C 36 -11.88 -69.96 15.56
CA GLY C 36 -11.16 -69.02 16.43
C GLY C 36 -11.11 -69.58 17.84
N VAL C 37 -9.93 -69.59 18.45
CA VAL C 37 -9.74 -69.94 19.87
C VAL C 37 -8.88 -68.85 20.50
N CYS C 38 -9.48 -68.12 21.44
CA CYS C 38 -8.89 -67.03 22.23
C CYS C 38 -8.36 -67.64 23.54
N THR C 39 -7.05 -67.54 23.76
CA THR C 39 -6.36 -68.04 24.97
C THR C 39 -5.84 -66.82 25.75
N LYS C 40 -5.03 -67.05 26.78
CA LYS C 40 -4.34 -65.98 27.54
C LYS C 40 -3.01 -65.65 26.86
N ASP C 41 -2.43 -66.60 26.13
CA ASP C 41 -1.13 -66.45 25.43
C ASP C 41 -1.34 -65.83 24.04
N GLY C 42 -2.52 -66.01 23.43
CA GLY C 42 -2.80 -65.48 22.08
C GLY C 42 -4.14 -65.94 21.54
N VAL C 43 -4.47 -65.52 20.32
CA VAL C 43 -5.65 -66.03 19.58
C VAL C 43 -5.16 -66.94 18.45
N VAL C 44 -5.97 -67.92 18.10
CA VAL C 44 -5.69 -68.90 17.02
C VAL C 44 -6.84 -68.83 16.04
N LEU C 45 -6.53 -68.64 14.77
CA LEU C 45 -7.48 -68.88 13.66
C LEU C 45 -6.99 -70.11 12.90
N ALA C 46 -7.87 -71.08 12.67
CA ALA C 46 -7.62 -72.26 11.82
C ALA C 46 -8.76 -72.37 10.82
N GLY C 47 -8.44 -72.31 9.53
CA GLY C 47 -9.41 -72.21 8.43
C GLY C 47 -9.24 -73.33 7.42
N GLU C 48 -10.32 -73.66 6.72
CA GLU C 48 -10.39 -74.73 5.70
C GLU C 48 -10.16 -74.08 4.34
N LYS C 49 -8.94 -74.20 3.80
CA LYS C 49 -8.61 -73.79 2.42
C LYS C 49 -9.36 -74.68 1.42
N MET C 50 -9.60 -74.14 0.22
CA MET C 50 -10.16 -74.90 -0.93
C MET C 50 -9.14 -75.98 -1.32
N VAL C 51 -9.63 -77.19 -1.61
CA VAL C 51 -8.81 -78.37 -2.03
C VAL C 51 -7.80 -77.91 -3.08
N PRO C 52 -6.47 -78.07 -2.86
CA PRO C 52 -5.47 -77.46 -3.73
C PRO C 52 -5.29 -78.25 -5.05
N HIS C 53 -5.73 -77.66 -6.16
CA HIS C 53 -5.43 -78.10 -7.55
C HIS C 53 -3.93 -78.05 -7.75
N PRO C 54 -3.28 -79.02 -8.45
CA PRO C 54 -1.81 -79.04 -8.55
C PRO C 54 -1.20 -77.86 -9.32
N LEU C 55 -2.02 -77.14 -10.10
CA LEU C 55 -1.61 -75.97 -10.92
C LEU C 55 -1.78 -74.66 -10.15
N PHE C 56 -2.43 -74.65 -8.97
CA PHE C 56 -2.45 -73.47 -8.07
C PHE C 56 -1.01 -73.05 -7.82
N ASP C 57 -0.74 -71.77 -7.99
CA ASP C 57 0.58 -71.15 -7.73
C ASP C 57 0.48 -70.25 -6.50
N SER C 58 1.59 -70.08 -5.78
CA SER C 58 1.73 -69.02 -4.75
C SER C 58 1.96 -67.71 -5.50
N GLU C 59 1.31 -66.64 -5.05
CA GLU C 59 1.76 -65.25 -5.31
C GLU C 59 3.01 -65.08 -4.45
N SER C 60 4.19 -64.99 -5.04
CA SER C 60 5.47 -65.04 -4.29
C SER C 60 5.66 -63.73 -3.51
N MET C 61 4.73 -63.47 -2.58
CA MET C 61 4.68 -62.24 -1.75
C MET C 61 5.88 -62.22 -0.82
N GLN C 62 6.51 -61.05 -0.66
CA GLN C 62 7.76 -60.85 0.11
C GLN C 62 7.46 -61.13 1.59
N ASP C 63 6.38 -60.53 2.12
CA ASP C 63 5.88 -60.71 3.51
C ASP C 63 4.81 -61.80 3.52
N LYS C 64 5.05 -62.86 4.31
CA LYS C 64 4.27 -64.12 4.31
C LYS C 64 3.12 -64.02 5.32
N ASN C 65 3.19 -63.07 6.26
CA ASN C 65 2.31 -63.02 7.46
C ASN C 65 1.18 -61.99 7.31
N THR C 66 0.97 -61.36 6.14
CA THR C 66 -0.09 -60.32 6.02
C THR C 66 -1.32 -60.95 5.36
N SER C 67 -1.17 -61.84 4.37
CA SER C 67 -2.34 -62.55 3.76
C SER C 67 -2.02 -64.01 3.47
N GLY C 68 -3.05 -64.83 3.56
CA GLY C 68 -3.10 -66.19 3.00
C GLY C 68 -4.40 -66.37 2.26
N GLU C 69 -4.84 -67.61 2.05
CA GLU C 69 -6.16 -67.90 1.43
C GLU C 69 -7.29 -67.47 2.37
N LYS C 70 -7.10 -67.67 3.67
CA LYS C 70 -8.18 -67.65 4.69
C LYS C 70 -7.94 -66.54 5.74
N MET C 71 -6.70 -66.13 5.97
CA MET C 71 -6.29 -65.21 7.06
C MET C 71 -5.74 -63.91 6.47
N TYR C 72 -6.16 -62.77 7.00
CA TYR C 72 -5.72 -61.42 6.56
C TYR C 72 -5.32 -60.60 7.77
N LYS C 73 -4.18 -59.92 7.68
CA LYS C 73 -3.76 -58.90 8.67
C LYS C 73 -4.52 -57.62 8.34
N ILE C 74 -5.17 -57.02 9.34
CA ILE C 74 -5.90 -55.71 9.23
C ILE C 74 -4.97 -54.59 9.70
N ALA C 75 -4.18 -54.87 10.73
CA ALA C 75 -3.10 -54.00 11.24
C ALA C 75 -2.21 -54.85 12.13
N GLU C 76 -1.07 -54.31 12.59
CA GLU C 76 -0.04 -55.08 13.33
C GLU C 76 -0.72 -55.93 14.41
N HIS C 77 -1.68 -55.34 15.12
CA HIS C 77 -2.38 -55.92 16.29
C HIS C 77 -3.77 -56.47 15.96
N ILE C 78 -4.19 -56.55 14.70
CA ILE C 78 -5.52 -57.07 14.31
C ILE C 78 -5.37 -57.96 13.08
N GLY C 79 -5.87 -59.18 13.18
CA GLY C 79 -6.02 -60.10 12.04
C GLY C 79 -7.45 -60.48 11.86
N CYS C 80 -7.76 -61.25 10.84
CA CYS C 80 -9.12 -61.78 10.64
C CYS C 80 -9.09 -62.95 9.69
N SER C 81 -10.13 -63.76 9.76
CA SER C 81 -10.51 -64.76 8.74
C SER C 81 -11.94 -64.44 8.32
N VAL C 82 -12.26 -64.74 7.06
CA VAL C 82 -13.56 -64.42 6.46
C VAL C 82 -14.17 -65.72 5.98
N ALA C 83 -15.49 -65.83 6.12
CA ALA C 83 -16.32 -66.84 5.46
C ALA C 83 -17.33 -66.09 4.61
N GLY C 84 -17.50 -66.51 3.36
CA GLY C 84 -18.56 -66.05 2.45
C GLY C 84 -17.96 -65.55 1.15
N VAL C 85 -18.59 -64.54 0.56
CA VAL C 85 -18.21 -63.96 -0.75
C VAL C 85 -16.81 -63.34 -0.58
N THR C 86 -15.77 -64.02 -1.07
CA THR C 86 -14.34 -63.60 -0.88
C THR C 86 -14.16 -62.17 -1.41
N SER C 87 -14.81 -61.81 -2.50
CA SER C 87 -14.68 -60.48 -3.15
C SER C 87 -15.25 -59.39 -2.23
N ASP C 88 -16.36 -59.68 -1.54
CA ASP C 88 -16.95 -58.76 -0.52
C ASP C 88 -15.96 -58.61 0.63
N ALA C 89 -15.46 -59.75 1.14
CA ALA C 89 -14.43 -59.82 2.19
C ALA C 89 -13.30 -58.85 1.87
N TYR C 90 -12.74 -58.90 0.67
CA TYR C 90 -11.59 -58.06 0.23
C TYR C 90 -11.98 -56.58 0.31
N ALA C 91 -13.20 -56.25 -0.11
CA ALA C 91 -13.74 -54.87 -0.11
C ALA C 91 -13.76 -54.33 1.32
N LEU C 92 -14.27 -55.14 2.24
CA LEU C 92 -14.43 -54.81 3.67
C LEU C 92 -13.09 -54.87 4.38
N LEU C 93 -12.25 -55.85 4.03
CA LEU C 93 -10.88 -55.94 4.59
C LEU C 93 -10.18 -54.62 4.30
N ASN C 94 -10.17 -54.15 3.06
CA ASN C 94 -9.52 -52.85 2.71
C ASN C 94 -10.13 -51.73 3.55
N TYR C 95 -11.45 -51.74 3.77
CA TYR C 95 -12.15 -50.71 4.59
C TYR C 95 -11.68 -50.79 6.05
N ALA C 96 -11.54 -52.00 6.59
CA ALA C 96 -11.00 -52.26 7.95
C ALA C 96 -9.58 -51.73 8.06
N ARG C 97 -8.73 -52.04 7.09
CA ARG C 97 -7.29 -51.65 7.10
C ARG C 97 -7.24 -50.13 7.15
N LEU C 98 -8.02 -49.46 6.31
CA LEU C 98 -8.08 -47.98 6.26
C LEU C 98 -8.58 -47.46 7.61
N SER C 99 -9.62 -48.05 8.16
CA SER C 99 -10.24 -47.56 9.43
C SER C 99 -9.23 -47.68 10.57
N ALA C 100 -8.53 -48.81 10.67
CA ALA C 100 -7.50 -49.06 11.69
C ALA C 100 -6.39 -48.02 11.56
N LEU C 101 -5.99 -47.67 10.33
CA LEU C 101 -4.90 -46.71 10.09
C LEU C 101 -5.43 -45.28 10.26
N ARG C 102 -6.68 -45.00 9.92
CA ARG C 102 -7.28 -43.66 10.12
C ARG C 102 -7.32 -43.38 11.62
N HIS C 103 -7.61 -44.39 12.43
CA HIS C 103 -7.55 -44.28 13.91
C HIS C 103 -6.12 -43.99 14.34
N GLN C 104 -5.16 -44.77 13.87
CA GLN C 104 -3.74 -44.58 14.20
C GLN C 104 -3.28 -43.20 13.73
N TYR C 105 -3.79 -42.71 12.60
CA TYR C 105 -3.45 -41.35 12.11
C TYR C 105 -3.86 -40.37 13.19
N THR C 106 -5.13 -40.43 13.60
CA THR C 106 -5.74 -39.42 14.50
C THR C 106 -5.10 -39.52 15.89
N PHE C 107 -5.11 -40.70 16.50
CA PHE C 107 -4.76 -40.90 17.92
C PHE C 107 -3.32 -41.36 18.11
N GLN C 108 -2.60 -41.76 17.07
CA GLN C 108 -1.20 -42.25 17.15
C GLN C 108 -1.13 -43.36 18.21
N GLU C 109 -2.15 -44.21 18.23
CA GLU C 109 -2.19 -45.44 19.06
C GLU C 109 -2.96 -46.49 18.27
N PRO C 110 -2.74 -47.80 18.52
CA PRO C 110 -3.52 -48.84 17.86
C PRO C 110 -5.00 -48.78 18.26
N MET C 111 -5.87 -48.90 17.27
CA MET C 111 -7.33 -49.00 17.42
C MET C 111 -7.66 -50.20 18.30
N ALA C 112 -8.56 -50.03 19.26
CA ALA C 112 -9.11 -51.16 20.03
C ALA C 112 -9.83 -52.11 19.07
N ILE C 113 -9.82 -53.39 19.38
CA ILE C 113 -10.39 -54.41 18.47
C ILE C 113 -11.89 -54.15 18.35
N GLU C 114 -12.57 -53.98 19.48
CA GLU C 114 -14.05 -53.79 19.51
C GLU C 114 -14.41 -52.58 18.65
N ASP C 115 -13.58 -51.53 18.66
CA ASP C 115 -13.78 -50.28 17.89
C ASP C 115 -13.76 -50.57 16.39
N LEU C 116 -12.82 -51.39 15.93
CA LEU C 116 -12.70 -51.77 14.51
C LEU C 116 -13.89 -52.65 14.17
N CYS C 117 -14.08 -53.70 14.94
CA CYS C 117 -15.24 -54.62 14.79
C CYS C 117 -16.53 -53.81 14.63
N ARG C 118 -16.71 -52.79 15.47
CA ARG C 118 -17.88 -51.88 15.48
C ARG C 118 -17.94 -51.06 14.20
N ILE C 119 -16.80 -50.58 13.69
CA ILE C 119 -16.72 -49.72 12.47
C ILE C 119 -17.03 -50.57 11.23
N LEU C 120 -16.40 -51.74 11.16
CA LEU C 120 -16.56 -52.76 10.09
C LEU C 120 -18.01 -53.22 10.04
N CYS C 121 -18.67 -53.30 11.18
CA CYS C 121 -20.06 -53.81 11.32
C CYS C 121 -21.10 -52.69 11.15
N ASP C 122 -20.72 -51.44 11.41
CA ASP C 122 -21.54 -50.25 11.07
C ASP C 122 -21.67 -50.15 9.55
N GLU C 123 -20.63 -50.52 8.82
CA GLU C 123 -20.54 -50.50 7.34
C GLU C 123 -21.42 -51.60 6.75
N LYS C 124 -21.40 -52.79 7.34
CA LYS C 124 -22.29 -53.91 6.94
C LYS C 124 -23.75 -53.56 7.24
N GLN C 125 -24.02 -52.87 8.34
CA GLN C 125 -25.41 -52.56 8.78
C GLN C 125 -26.05 -51.66 7.72
N LEU C 126 -25.34 -50.60 7.32
CA LEU C 126 -25.77 -49.60 6.30
C LEU C 126 -26.46 -50.32 5.13
N TYR C 127 -25.87 -51.39 4.63
CA TYR C 127 -26.29 -52.07 3.37
C TYR C 127 -27.55 -52.92 3.62
N THR C 128 -27.99 -53.07 4.87
CA THR C 128 -29.25 -53.75 5.25
C THR C 128 -30.37 -52.74 5.51
N GLN C 129 -30.10 -51.44 5.41
CA GLN C 129 -31.08 -50.37 5.74
C GLN C 129 -31.21 -49.36 4.59
N TYR C 130 -30.10 -48.82 4.07
CA TYR C 130 -30.05 -47.82 2.98
C TYR C 130 -29.59 -48.49 1.69
N GLY C 131 -29.96 -47.91 0.55
CA GLY C 131 -29.17 -47.98 -0.71
C GLY C 131 -29.67 -49.01 -1.72
N GLY C 132 -30.64 -49.85 -1.34
CA GLY C 132 -31.34 -50.78 -2.25
C GLY C 132 -30.43 -51.76 -2.96
N VAL C 133 -29.28 -52.08 -2.37
CA VAL C 133 -28.30 -53.07 -2.90
C VAL C 133 -28.22 -54.22 -1.89
N ARG C 134 -27.68 -55.36 -2.31
CA ARG C 134 -27.51 -56.54 -1.43
C ARG C 134 -26.60 -56.16 -0.28
N PRO C 135 -26.73 -56.82 0.89
CA PRO C 135 -25.69 -56.75 1.93
C PRO C 135 -24.37 -57.44 1.55
N TYR C 136 -23.31 -57.17 2.30
CA TYR C 136 -22.03 -57.91 2.25
C TYR C 136 -22.30 -59.33 2.73
N GLY C 137 -22.00 -60.33 1.91
CA GLY C 137 -22.26 -61.76 2.19
C GLY C 137 -21.06 -62.40 2.83
N VAL C 138 -20.54 -61.78 3.88
CA VAL C 138 -19.26 -62.16 4.53
C VAL C 138 -19.45 -62.01 6.02
N SER C 139 -19.00 -63.02 6.77
CA SER C 139 -18.79 -62.97 8.24
C SER C 139 -17.28 -62.96 8.50
N PHE C 140 -16.83 -62.12 9.43
CA PHE C 140 -15.43 -62.08 9.90
C PHE C 140 -15.31 -62.84 11.23
N LEU C 141 -14.14 -63.45 11.45
CA LEU C 141 -13.53 -63.61 12.80
C LEU C 141 -12.43 -62.57 12.90
N LEU C 142 -12.65 -61.50 13.65
CA LEU C 142 -11.58 -60.54 14.03
C LEU C 142 -10.87 -61.12 15.24
N VAL C 143 -9.56 -61.13 15.18
CA VAL C 143 -8.71 -61.38 16.37
C VAL C 143 -7.84 -60.15 16.51
N GLY C 144 -7.12 -60.07 17.62
CA GLY C 144 -6.29 -58.90 17.90
C GLY C 144 -6.00 -58.80 19.37
N TRP C 145 -5.14 -57.85 19.70
CA TRP C 145 -4.76 -57.54 21.08
C TRP C 145 -4.77 -56.03 21.23
N ASP C 146 -5.38 -55.54 22.30
CA ASP C 146 -5.30 -54.11 22.72
C ASP C 146 -5.03 -54.09 24.22
N ARG C 147 -4.65 -52.93 24.74
CA ARG C 147 -4.30 -52.76 26.18
C ARG C 147 -5.58 -52.81 27.02
N TYR C 148 -6.75 -52.64 26.41
CA TYR C 148 -8.03 -52.54 27.15
C TYR C 148 -8.44 -53.93 27.62
N TYR C 149 -8.70 -54.86 26.71
CA TYR C 149 -9.30 -56.18 27.03
C TYR C 149 -8.35 -57.34 26.71
N GLY C 150 -7.14 -57.03 26.23
CA GLY C 150 -6.13 -58.03 25.88
C GLY C 150 -6.48 -58.77 24.60
N TYR C 151 -6.26 -60.08 24.57
CA TYR C 151 -6.57 -60.96 23.42
C TYR C 151 -8.08 -61.07 23.29
N GLN C 152 -8.56 -60.84 22.07
CA GLN C 152 -9.99 -60.76 21.76
C GLN C 152 -10.24 -61.48 20.44
N LEU C 153 -11.42 -62.10 20.36
CA LEU C 153 -11.94 -62.80 19.17
C LEU C 153 -13.38 -62.33 18.99
N TYR C 154 -13.69 -61.75 17.83
CA TYR C 154 -15.03 -61.25 17.49
C TYR C 154 -15.52 -62.00 16.26
N SER C 155 -16.75 -62.48 16.32
CA SER C 155 -17.53 -62.85 15.11
C SER C 155 -18.26 -61.59 14.66
N THR C 156 -18.58 -61.55 13.39
CA THR C 156 -19.12 -60.38 12.67
C THR C 156 -20.12 -61.00 11.70
N GLU C 157 -21.33 -60.47 11.63
CA GLU C 157 -22.45 -61.12 10.88
C GLU C 157 -22.87 -60.17 9.77
N PRO C 158 -23.41 -60.63 8.62
CA PRO C 158 -23.80 -59.74 7.53
C PRO C 158 -24.83 -58.64 7.90
N SER C 159 -25.68 -58.94 8.89
CA SER C 159 -26.66 -58.02 9.53
C SER C 159 -25.96 -56.75 9.99
N GLY C 160 -24.71 -56.88 10.44
CA GLY C 160 -23.99 -55.85 11.17
C GLY C 160 -23.75 -56.25 12.61
N ASP C 161 -24.55 -57.15 13.21
CA ASP C 161 -24.34 -57.50 14.64
C ASP C 161 -23.03 -58.28 14.74
N TYR C 162 -22.28 -58.01 15.81
CA TYR C 162 -21.03 -58.72 16.19
C TYR C 162 -21.15 -59.15 17.65
N SER C 163 -20.27 -60.06 18.06
CA SER C 163 -20.24 -60.64 19.41
C SER C 163 -18.81 -61.01 19.74
N ALA C 164 -18.41 -60.86 21.00
CA ALA C 164 -17.11 -61.32 21.51
C ALA C 164 -17.26 -62.80 21.86
N TRP C 165 -16.21 -63.57 21.60
CA TRP C 165 -16.19 -65.03 21.87
C TRP C 165 -14.85 -65.40 22.49
N SER C 166 -14.87 -66.43 23.33
CA SER C 166 -13.68 -67.11 23.87
C SER C 166 -13.17 -68.05 22.78
N ALA C 167 -14.07 -68.84 22.20
CA ALA C 167 -13.82 -69.63 20.97
C ALA C 167 -15.06 -69.58 20.10
N TYR C 168 -14.91 -69.69 18.79
CA TYR C 168 -16.06 -69.62 17.84
C TYR C 168 -15.67 -70.22 16.51
N ALA C 169 -16.66 -70.35 15.63
CA ALA C 169 -16.51 -70.94 14.29
C ALA C 169 -17.52 -70.29 13.34
N ILE C 170 -17.08 -70.02 12.12
CA ILE C 170 -17.97 -69.57 11.01
C ILE C 170 -17.74 -70.54 9.86
N GLY C 171 -18.55 -70.45 8.81
CA GLY C 171 -18.46 -71.37 7.66
C GLY C 171 -19.26 -72.65 7.84
N GLN C 172 -18.71 -73.75 7.33
CA GLN C 172 -19.47 -74.88 6.73
C GLN C 172 -20.22 -75.65 7.82
N ASN C 173 -19.55 -75.95 8.94
CA ASN C 173 -20.13 -76.79 10.01
C ASN C 173 -20.05 -76.01 11.33
N ASP C 174 -20.43 -74.72 11.27
CA ASP C 174 -20.33 -73.76 12.41
C ASP C 174 -20.97 -74.38 13.67
N GLN C 175 -22.10 -75.07 13.52
CA GLN C 175 -22.90 -75.62 14.66
C GLN C 175 -22.17 -76.81 15.29
N VAL C 176 -21.63 -77.70 14.45
CA VAL C 176 -20.88 -78.92 14.89
C VAL C 176 -19.60 -78.47 15.62
N ALA C 177 -18.96 -77.41 15.14
CA ALA C 177 -17.74 -76.80 15.73
C ALA C 177 -18.08 -76.21 17.11
N HIS C 178 -19.13 -75.39 17.21
CA HIS C 178 -19.59 -74.73 18.47
C HIS C 178 -19.79 -75.77 19.58
N ALA C 179 -20.32 -76.95 19.26
CA ALA C 179 -20.51 -78.10 20.19
C ALA C 179 -19.15 -78.58 20.69
N LEU C 180 -18.19 -78.75 19.79
CA LEU C 180 -16.85 -79.35 20.06
C LEU C 180 -15.92 -78.32 20.72
N LEU C 181 -16.22 -77.03 20.60
CA LEU C 181 -15.50 -75.94 21.32
C LEU C 181 -16.09 -75.80 22.73
N LYS C 182 -17.42 -75.85 22.88
CA LYS C 182 -18.14 -75.76 24.18
C LYS C 182 -17.57 -76.78 25.16
N LYS C 183 -17.33 -78.00 24.67
CA LYS C 183 -16.86 -79.16 25.48
C LYS C 183 -15.42 -78.90 25.97
N ASP C 184 -14.50 -78.49 25.08
CA ASP C 184 -13.03 -78.64 25.27
C ASP C 184 -12.31 -77.31 25.49
N TRP C 185 -13.00 -76.17 25.44
CA TRP C 185 -12.39 -74.84 25.72
C TRP C 185 -12.47 -74.52 27.22
N HIS C 186 -11.35 -74.17 27.84
CA HIS C 186 -11.29 -73.70 29.26
C HIS C 186 -10.49 -72.40 29.36
N GLU C 187 -10.70 -71.65 30.44
CA GLU C 187 -10.27 -70.25 30.65
C GLU C 187 -8.74 -70.17 30.73
N SER C 188 -8.09 -71.21 31.24
CA SER C 188 -6.63 -71.30 31.51
C SER C 188 -5.99 -72.25 30.50
N MET C 189 -5.60 -71.71 29.34
CA MET C 189 -5.21 -72.46 28.12
C MET C 189 -3.96 -71.81 27.53
N THR C 190 -2.89 -72.59 27.31
CA THR C 190 -1.68 -72.11 26.61
C THR C 190 -2.01 -72.00 25.12
N LEU C 191 -1.21 -71.25 24.37
CA LEU C 191 -1.36 -71.06 22.91
C LEU C 191 -1.27 -72.42 22.23
N GLU C 192 -0.28 -73.23 22.61
CA GLU C 192 -0.07 -74.62 22.13
C GLU C 192 -1.35 -75.46 22.32
N ASP C 193 -2.03 -75.25 23.45
CA ASP C 193 -3.24 -76.00 23.89
C ASP C 193 -4.47 -75.50 23.10
N GLY C 194 -4.49 -74.21 22.72
CA GLY C 194 -5.55 -73.59 21.90
C GLY C 194 -5.38 -73.86 20.42
N MET C 195 -4.13 -73.85 19.95
CA MET C 195 -3.70 -74.34 18.60
C MET C 195 -4.21 -75.76 18.40
N LEU C 196 -3.97 -76.62 19.39
CA LEU C 196 -4.40 -78.04 19.41
C LEU C 196 -5.92 -78.10 19.28
N LEU C 197 -6.66 -77.35 20.12
CA LEU C 197 -8.15 -77.35 20.13
C LEU C 197 -8.67 -76.99 18.73
N ALA C 198 -8.28 -75.81 18.23
CA ALA C 198 -8.65 -75.26 16.90
C ALA C 198 -8.50 -76.34 15.83
N LEU C 199 -7.35 -77.03 15.80
CA LEU C 199 -7.01 -78.04 14.77
C LEU C 199 -7.79 -79.34 14.97
N ARG C 200 -8.09 -79.73 16.21
CA ARG C 200 -8.91 -80.94 16.50
C ARG C 200 -10.35 -80.68 16.07
N VAL C 201 -10.88 -79.49 16.35
CA VAL C 201 -12.27 -79.08 15.97
C VAL C 201 -12.31 -78.86 14.45
N LEU C 202 -11.28 -78.26 13.86
CA LEU C 202 -11.19 -78.10 12.38
C LEU C 202 -11.20 -79.49 11.75
N GLY C 203 -10.28 -80.36 12.21
CA GLY C 203 -10.14 -81.76 11.75
C GLY C 203 -11.46 -82.50 11.81
N LYS C 204 -12.24 -82.33 12.88
CA LYS C 204 -13.47 -83.12 13.14
C LYS C 204 -14.64 -82.58 12.30
N THR C 205 -14.71 -81.27 12.05
CA THR C 205 -15.78 -80.63 11.23
C THR C 205 -15.68 -81.03 9.76
N MET C 206 -14.47 -81.12 9.21
CA MET C 206 -14.23 -81.49 7.78
C MET C 206 -13.89 -82.98 7.64
N ASP C 207 -14.09 -83.76 8.72
CA ASP C 207 -14.32 -85.23 8.72
C ASP C 207 -13.09 -85.97 8.15
N THR C 208 -11.89 -85.54 8.54
CA THR C 208 -10.59 -86.14 8.12
C THR C 208 -10.03 -86.96 9.29
N ALA C 209 -9.43 -88.11 9.00
CA ALA C 209 -8.75 -88.99 9.97
C ALA C 209 -7.58 -88.23 10.62
N LYS C 210 -6.66 -87.73 9.80
CA LYS C 210 -5.56 -86.79 10.16
C LYS C 210 -5.90 -85.39 9.64
N ILE C 211 -5.28 -84.35 10.23
CA ILE C 211 -5.42 -82.94 9.76
C ILE C 211 -4.60 -82.82 8.45
N ASP C 212 -5.29 -82.47 7.36
CA ASP C 212 -4.70 -82.38 5.98
C ASP C 212 -4.03 -81.01 5.82
N LEU C 213 -2.72 -80.96 6.08
CA LEU C 213 -1.86 -79.74 6.02
C LEU C 213 -2.14 -78.90 4.77
N ASP C 214 -2.44 -79.55 3.65
CA ASP C 214 -2.70 -78.90 2.33
C ASP C 214 -4.01 -78.10 2.38
N ARG C 215 -4.99 -78.50 3.20
CA ARG C 215 -6.35 -77.93 3.22
C ARG C 215 -6.56 -77.00 4.42
N VAL C 216 -5.61 -76.88 5.36
CA VAL C 216 -5.77 -75.97 6.55
C VAL C 216 -4.69 -74.90 6.54
N GLU C 217 -5.10 -73.68 6.85
CA GLU C 217 -4.25 -72.52 7.17
C GLU C 217 -4.46 -72.24 8.64
N VAL C 218 -3.43 -71.76 9.33
CA VAL C 218 -3.52 -71.31 10.73
C VAL C 218 -2.83 -69.97 10.84
N ALA C 219 -3.48 -69.02 11.49
CA ALA C 219 -2.88 -67.75 11.93
C ALA C 219 -2.93 -67.68 13.45
N VAL C 220 -1.99 -66.94 14.01
CA VAL C 220 -1.84 -66.76 15.47
C VAL C 220 -1.58 -65.27 15.75
N MET C 221 -2.54 -64.63 16.39
CA MET C 221 -2.36 -63.32 17.07
C MET C 221 -1.72 -63.62 18.43
N ARG C 222 -0.52 -63.10 18.66
CA ARG C 222 0.20 -63.23 19.95
C ARG C 222 1.16 -62.06 20.12
N LYS C 223 1.55 -61.79 21.35
CA LYS C 223 2.55 -60.76 21.72
C LYS C 223 3.93 -61.43 21.69
N VAL C 224 4.90 -60.75 21.10
CA VAL C 224 6.32 -61.17 21.01
C VAL C 224 7.17 -60.03 21.56
N PRO C 225 8.43 -60.28 21.99
CA PRO C 225 9.34 -59.20 22.32
C PRO C 225 9.52 -58.20 21.16
N ALA C 226 9.43 -56.90 21.46
CA ALA C 226 9.61 -55.79 20.49
C ALA C 226 11.11 -55.48 20.36
N SER C 227 11.62 -55.44 19.12
CA SER C 227 13.06 -55.38 18.77
C SER C 227 13.44 -53.97 18.29
N ASN C 228 12.79 -53.48 17.22
CA ASN C 228 13.07 -52.16 16.59
C ASN C 228 12.42 -51.05 17.44
N ILE C 229 13.06 -50.72 18.56
CA ILE C 229 12.60 -49.68 19.53
C ILE C 229 12.83 -48.31 18.86
N ASP C 230 14.09 -48.01 18.52
CA ASP C 230 14.60 -46.71 17.96
C ASP C 230 14.30 -45.59 18.97
N GLN C 231 14.70 -45.80 20.23
CA GLN C 231 14.37 -44.93 21.39
C GLN C 231 14.98 -43.53 21.22
N LEU C 232 16.15 -43.41 20.60
CA LEU C 232 16.86 -42.12 20.46
C LEU C 232 16.15 -41.19 19.46
N LEU C 233 15.26 -41.72 18.61
CA LEU C 233 14.54 -40.91 17.58
C LEU C 233 13.34 -40.19 18.19
N ASP C 234 12.70 -40.77 19.21
CA ASP C 234 11.68 -40.09 20.05
C ASP C 234 11.96 -40.46 21.51
N PRO C 235 12.80 -39.67 22.23
CA PRO C 235 13.16 -39.95 23.61
C PRO C 235 12.00 -40.12 24.61
N PHE C 236 10.89 -39.43 24.37
CA PHE C 236 9.73 -39.36 25.29
C PHE C 236 8.69 -40.44 24.95
N LYS C 237 8.83 -41.11 23.81
CA LYS C 237 7.87 -42.17 23.38
C LYS C 237 8.16 -43.43 24.20
N HIS C 238 7.12 -43.97 24.85
CA HIS C 238 7.17 -45.27 25.58
C HIS C 238 6.90 -46.39 24.58
N HIS C 239 7.87 -47.29 24.41
CA HIS C 239 7.76 -48.52 23.60
C HIS C 239 7.52 -49.67 24.57
N PRO C 240 6.38 -50.38 24.47
CA PRO C 240 6.15 -51.59 25.26
C PRO C 240 7.19 -52.69 24.96
N LYS C 241 7.48 -53.51 25.98
CA LYS C 241 8.46 -54.62 25.90
C LYS C 241 7.95 -55.61 24.84
N THR C 242 6.69 -56.02 24.96
CA THR C 242 6.01 -56.99 24.07
C THR C 242 5.04 -56.21 23.17
N THR C 243 5.11 -56.46 21.87
CA THR C 243 4.19 -55.89 20.84
C THR C 243 3.43 -57.06 20.21
N PRO C 244 2.13 -56.90 19.89
CA PRO C 244 1.38 -57.94 19.20
C PRO C 244 1.91 -58.17 17.78
N ARG C 245 1.94 -59.43 17.34
CA ARG C 245 2.36 -59.82 15.97
C ARG C 245 1.40 -60.91 15.47
N PHE C 246 0.65 -60.58 14.42
CA PHE C 246 -0.13 -61.54 13.60
C PHE C 246 0.85 -62.38 12.78
N GLN C 247 0.74 -63.70 12.85
CA GLN C 247 1.61 -64.63 12.09
C GLN C 247 0.72 -65.68 11.44
N ILE C 248 0.95 -65.99 10.17
CA ILE C 248 0.28 -67.09 9.43
C ILE C 248 1.28 -68.21 9.34
N LEU C 249 0.99 -69.35 9.98
CA LEU C 249 1.93 -70.49 10.05
C LEU C 249 2.16 -71.01 8.63
N THR C 250 3.43 -71.30 8.31
CA THR C 250 3.89 -72.03 7.11
C THR C 250 3.40 -73.49 7.22
N ARG C 251 3.71 -74.31 6.22
CA ARG C 251 3.43 -75.76 6.24
C ARG C 251 4.32 -76.43 7.31
N SER C 252 5.61 -76.06 7.34
CA SER C 252 6.65 -76.59 8.28
C SER C 252 6.36 -76.16 9.73
N GLU C 253 5.83 -74.95 9.92
CA GLU C 253 5.55 -74.33 11.25
C GLU C 253 4.29 -74.97 11.85
N LEU C 254 3.37 -75.43 10.99
CA LEU C 254 2.06 -76.04 11.33
C LEU C 254 2.18 -77.55 11.57
N LYS C 255 3.16 -78.22 10.93
CA LYS C 255 3.29 -79.71 10.88
C LYS C 255 3.38 -80.31 12.28
N PRO C 256 4.24 -79.82 13.22
CA PRO C 256 4.25 -80.36 14.58
C PRO C 256 2.94 -80.19 15.34
N HIS C 257 2.27 -79.03 15.19
CA HIS C 257 0.97 -78.69 15.80
C HIS C 257 -0.14 -79.58 15.22
N ALA C 258 -0.01 -79.95 13.94
CA ALA C 258 -0.96 -80.82 13.19
C ALA C 258 -0.75 -82.29 13.56
N GLU C 259 0.51 -82.71 13.74
CA GLU C 259 0.88 -84.08 14.18
C GLU C 259 0.44 -84.32 15.62
N ARG C 260 0.36 -83.27 16.43
CA ARG C 260 -0.06 -83.35 17.85
C ARG C 260 -1.60 -83.46 17.93
N ALA C 261 -2.33 -82.88 16.97
CA ALA C 261 -3.81 -82.95 16.87
C ALA C 261 -4.23 -84.28 16.23
N ASP C 262 -3.35 -84.86 15.40
CA ASP C 262 -3.45 -86.24 14.87
C ASP C 262 -3.36 -87.23 16.04
N GLN C 263 -2.30 -87.13 16.86
CA GLN C 263 -2.01 -88.03 18.01
C GLN C 263 -3.10 -87.94 19.09
N ALA C 264 -3.70 -86.75 19.28
CA ALA C 264 -4.78 -86.50 20.26
C ALA C 264 -6.11 -87.11 19.76
N ARG C 265 -6.40 -87.04 18.46
CA ARG C 265 -7.54 -87.74 17.80
C ARG C 265 -7.33 -89.26 17.93
N GLU C 266 -6.09 -89.74 17.74
CA GLU C 266 -5.70 -91.18 17.78
C GLU C 266 -5.94 -91.73 19.20
N ALA C 267 -5.47 -91.00 20.22
CA ALA C 267 -5.59 -91.35 21.67
C ALA C 267 -7.06 -91.30 22.12
N GLU C 268 -7.87 -90.39 21.56
CA GLU C 268 -9.33 -90.26 21.84
C GLU C 268 -10.10 -91.41 21.16
N GLU C 269 -9.59 -91.96 20.05
CA GLU C 269 -10.19 -93.11 19.31
C GLU C 269 -9.83 -94.43 20.00
N LYS C 270 -8.72 -94.48 20.75
CA LYS C 270 -8.32 -95.62 21.63
C LYS C 270 -9.18 -95.63 22.91
N ALA C 271 -9.66 -94.45 23.34
CA ALA C 271 -10.60 -94.29 24.47
C ALA C 271 -12.01 -94.75 24.06
N GLU C 272 -12.45 -94.42 22.84
CA GLU C 272 -13.75 -94.85 22.23
C GLU C 272 -13.79 -96.37 22.02
N ALA C 273 -12.62 -97.01 21.83
CA ALA C 273 -12.46 -98.48 21.72
C ALA C 273 -12.61 -99.14 23.10
N GLU C 274 -12.20 -98.46 24.18
CA GLU C 274 -12.20 -98.96 25.59
C GLU C 274 -13.56 -98.70 26.28
N ARG C 275 -14.29 -97.66 25.85
CA ARG C 275 -15.69 -97.36 26.30
C ARG C 275 -16.64 -98.47 25.84
N GLN C 276 -16.46 -98.96 24.61
CA GLN C 276 -17.25 -100.08 23.99
C GLN C 276 -16.95 -101.40 24.72
N ARG C 277 -15.67 -101.67 25.04
CA ARG C 277 -15.21 -102.87 25.81
C ARG C 277 -15.92 -102.91 27.17
N SER D 2 -28.80 -40.80 -5.48
CA SER D 2 -28.84 -42.02 -4.63
C SER D 2 -30.21 -42.70 -4.76
N TYR D 3 -30.33 -43.91 -4.21
CA TYR D 3 -31.57 -44.72 -4.18
C TYR D 3 -32.51 -44.14 -3.14
N ASP D 4 -33.56 -43.45 -3.61
CA ASP D 4 -34.61 -42.84 -2.77
C ASP D 4 -35.97 -43.37 -3.21
N ARG D 5 -36.08 -44.67 -3.49
CA ARG D 5 -37.40 -45.33 -3.71
C ARG D 5 -38.16 -45.24 -2.38
N ALA D 6 -39.49 -45.14 -2.44
CA ALA D 6 -40.39 -45.13 -1.26
C ALA D 6 -40.55 -46.56 -0.75
N ILE D 7 -40.08 -46.83 0.47
CA ILE D 7 -40.08 -48.19 1.10
C ILE D 7 -41.24 -48.28 2.10
N THR D 8 -41.40 -47.28 2.97
CA THR D 8 -42.49 -47.18 3.95
C THR D 8 -43.65 -46.43 3.29
N VAL D 9 -44.74 -47.12 2.97
CA VAL D 9 -45.90 -46.57 2.21
C VAL D 9 -47.19 -47.11 2.82
N PHE D 10 -48.27 -46.35 2.68
CA PHE D 10 -49.59 -46.73 3.22
C PHE D 10 -50.17 -47.82 2.33
N SER D 11 -50.88 -48.74 2.97
CA SER D 11 -51.65 -49.84 2.36
C SER D 11 -53.13 -49.50 2.46
N PRO D 12 -54.00 -50.09 1.61
CA PRO D 12 -55.45 -49.85 1.66
C PRO D 12 -56.14 -49.64 3.02
N ASP D 13 -55.72 -50.34 4.07
CA ASP D 13 -56.37 -50.26 5.42
C ASP D 13 -55.79 -49.12 6.27
N GLY D 14 -54.85 -48.34 5.72
CA GLY D 14 -54.22 -47.19 6.41
C GLY D 14 -52.96 -47.59 7.16
N HIS D 15 -52.56 -48.86 7.06
CA HIS D 15 -51.38 -49.42 7.77
C HIS D 15 -50.10 -49.04 7.01
N LEU D 16 -49.05 -48.66 7.73
CA LEU D 16 -47.65 -48.65 7.22
C LEU D 16 -47.05 -50.03 7.47
N PHE D 17 -47.11 -50.92 6.48
CA PHE D 17 -46.66 -52.32 6.65
C PHE D 17 -45.21 -52.35 7.10
N GLN D 18 -44.36 -51.49 6.56
CA GLN D 18 -42.91 -51.55 6.84
C GLN D 18 -42.63 -51.21 8.31
N VAL D 19 -43.49 -50.40 8.94
CA VAL D 19 -43.40 -50.06 10.39
C VAL D 19 -44.01 -51.20 11.21
N GLU D 20 -45.11 -51.80 10.75
CA GLU D 20 -45.74 -52.95 11.45
C GLU D 20 -44.74 -54.12 11.51
N TYR D 21 -43.94 -54.28 10.48
CA TYR D 21 -42.93 -55.36 10.33
C TYR D 21 -41.70 -55.07 11.19
N ALA D 22 -41.27 -53.82 11.24
CA ALA D 22 -40.21 -53.35 12.17
C ALA D 22 -40.64 -53.65 13.62
N GLN D 23 -41.94 -53.60 13.91
CA GLN D 23 -42.50 -53.90 15.25
C GLN D 23 -42.57 -55.41 15.44
N GLU D 24 -42.79 -56.18 14.37
CA GLU D 24 -42.68 -57.66 14.40
C GLU D 24 -41.25 -58.06 14.75
N ALA D 25 -40.25 -57.26 14.33
CA ALA D 25 -38.81 -57.51 14.61
C ALA D 25 -38.53 -57.30 16.09
N VAL D 26 -39.25 -56.36 16.71
CA VAL D 26 -39.09 -55.94 18.13
C VAL D 26 -39.76 -57.00 19.01
N LYS D 27 -40.95 -57.49 18.65
CA LYS D 27 -41.63 -58.59 19.39
C LYS D 27 -40.73 -59.83 19.46
N LYS D 28 -39.94 -60.10 18.42
CA LYS D 28 -38.99 -61.25 18.39
C LYS D 28 -37.79 -60.96 19.30
N GLY D 29 -37.44 -59.68 19.48
CA GLY D 29 -36.31 -59.20 20.30
C GLY D 29 -36.41 -59.58 21.76
N LEU D 30 -35.28 -59.65 22.45
CA LEU D 30 -35.17 -60.02 23.88
C LEU D 30 -35.92 -58.99 24.72
N ALA D 31 -36.68 -59.44 25.73
CA ALA D 31 -37.46 -58.58 26.65
C ALA D 31 -36.53 -57.66 27.43
N ALA D 32 -36.89 -56.38 27.49
CA ALA D 32 -36.30 -55.38 28.41
C ALA D 32 -37.46 -54.77 29.21
N VAL D 33 -37.13 -54.23 30.38
CA VAL D 33 -38.11 -53.74 31.38
C VAL D 33 -37.54 -52.48 32.05
N GLY D 34 -38.41 -51.49 32.27
CA GLY D 34 -38.09 -50.26 33.00
C GLY D 34 -39.04 -50.08 34.16
N VAL D 35 -38.53 -49.64 35.30
CA VAL D 35 -39.34 -49.40 36.53
C VAL D 35 -38.83 -48.12 37.18
N LEU D 36 -39.72 -47.12 37.23
CA LEU D 36 -39.49 -45.79 37.84
C LEU D 36 -39.88 -45.88 39.32
N GLY D 37 -38.96 -45.49 40.21
CA GLY D 37 -39.20 -45.38 41.66
C GLY D 37 -39.17 -43.93 42.12
N SER D 38 -39.21 -43.73 43.44
CA SER D 38 -39.14 -42.40 44.10
C SER D 38 -37.83 -41.71 43.71
N ASP D 39 -36.71 -42.43 43.88
CA ASP D 39 -35.32 -41.88 43.76
C ASP D 39 -34.47 -42.71 42.77
N SER D 40 -35.08 -43.70 42.10
CA SER D 40 -34.37 -44.71 41.26
C SER D 40 -35.12 -44.95 39.95
N VAL D 41 -34.38 -45.20 38.86
CA VAL D 41 -34.88 -45.89 37.64
C VAL D 41 -34.13 -47.20 37.53
N VAL D 42 -34.85 -48.30 37.32
CA VAL D 42 -34.25 -49.64 37.12
C VAL D 42 -34.57 -50.08 35.70
N ILE D 43 -33.56 -50.45 34.93
CA ILE D 43 -33.70 -51.08 33.59
C ILE D 43 -33.15 -52.50 33.70
N ALA D 44 -33.97 -53.50 33.41
CA ALA D 44 -33.65 -54.93 33.44
C ALA D 44 -33.86 -55.50 32.04
N VAL D 45 -32.89 -56.25 31.53
CA VAL D 45 -32.97 -56.85 30.17
C VAL D 45 -32.72 -58.34 30.32
N GLU D 46 -33.22 -59.16 29.40
CA GLU D 46 -32.85 -60.58 29.33
C GLU D 46 -31.68 -60.69 28.36
N LYS D 47 -30.73 -61.58 28.66
CA LYS D 47 -29.62 -61.97 27.76
C LYS D 47 -30.01 -63.28 27.08
N LYS D 48 -29.41 -63.57 25.92
CA LYS D 48 -29.68 -64.77 25.07
C LYS D 48 -29.40 -66.07 25.86
N SER D 49 -28.60 -65.99 26.93
CA SER D 49 -28.34 -67.02 27.99
C SER D 49 -26.86 -67.45 27.92
N ALA D 50 -26.26 -67.76 29.08
CA ALA D 50 -24.81 -67.97 29.29
C ALA D 50 -24.31 -69.17 28.46
N VAL D 51 -23.89 -68.92 27.22
CA VAL D 51 -23.16 -69.89 26.34
C VAL D 51 -21.70 -69.90 26.82
N LYS D 52 -21.09 -71.08 26.98
CA LYS D 52 -19.72 -71.25 27.55
C LYS D 52 -18.69 -70.45 26.74
N LEU D 53 -18.99 -70.15 25.48
CA LEU D 53 -18.05 -69.60 24.47
C LEU D 53 -18.00 -68.07 24.50
N GLN D 54 -19.12 -67.38 24.80
CA GLN D 54 -19.15 -65.89 24.79
C GLN D 54 -18.17 -65.40 25.85
N ASP D 55 -17.37 -64.38 25.51
CA ASP D 55 -16.20 -63.91 26.31
C ASP D 55 -16.66 -63.68 27.75
N SER D 56 -15.94 -64.27 28.71
CA SER D 56 -16.17 -64.14 30.18
C SER D 56 -16.19 -62.65 30.56
N ARG D 57 -15.33 -61.84 29.93
CA ARG D 57 -15.28 -60.35 30.05
C ARG D 57 -16.69 -59.79 29.82
N THR D 58 -17.13 -58.89 30.70
CA THR D 58 -18.55 -58.47 30.87
C THR D 58 -18.91 -57.47 29.76
N ILE D 59 -19.89 -57.84 28.91
CA ILE D 59 -20.55 -56.98 27.90
C ILE D 59 -21.94 -56.62 28.43
N ARG D 60 -22.25 -55.32 28.48
CA ARG D 60 -23.50 -54.78 29.08
C ARG D 60 -24.52 -54.61 27.94
N LYS D 61 -25.74 -55.14 28.12
CA LYS D 61 -26.83 -55.09 27.11
C LYS D 61 -27.72 -53.87 27.38
N ILE D 62 -27.39 -53.09 28.41
CA ILE D 62 -28.01 -51.76 28.69
C ILE D 62 -26.94 -50.70 28.42
N TYR D 63 -27.15 -49.92 27.38
CA TYR D 63 -26.14 -49.04 26.75
C TYR D 63 -26.23 -47.69 27.42
N LYS D 64 -25.10 -47.02 27.54
CA LYS D 64 -24.98 -45.70 28.17
C LYS D 64 -24.96 -44.68 27.05
N VAL D 65 -25.95 -43.78 27.00
CA VAL D 65 -26.07 -42.71 25.97
C VAL D 65 -25.27 -41.49 26.43
N ASP D 66 -25.41 -41.14 27.71
CA ASP D 66 -24.61 -40.07 28.37
C ASP D 66 -24.56 -40.40 29.86
N ALA D 67 -23.76 -39.68 30.65
CA ALA D 67 -23.61 -39.93 32.11
C ALA D 67 -25.00 -40.14 32.75
N ASN D 68 -25.94 -39.23 32.47
CA ASN D 68 -27.31 -39.24 33.05
C ASN D 68 -28.17 -40.37 32.42
N ILE D 69 -27.99 -40.72 31.13
CA ILE D 69 -29.03 -41.45 30.33
C ILE D 69 -28.52 -42.83 29.89
N TYR D 70 -29.28 -43.87 30.19
CA TYR D 70 -29.02 -45.27 29.79
C TYR D 70 -30.19 -45.78 28.98
N LEU D 71 -29.94 -46.62 27.97
CA LEU D 71 -31.05 -47.26 27.24
C LEU D 71 -30.80 -48.75 27.00
N ALA D 72 -31.83 -49.54 27.29
CA ALA D 72 -32.04 -50.91 26.79
C ALA D 72 -32.80 -50.80 25.48
N PHE D 73 -32.65 -51.77 24.59
CA PHE D 73 -33.47 -51.86 23.35
C PHE D 73 -33.97 -53.30 23.20
N ALA D 74 -34.91 -53.45 22.28
CA ALA D 74 -35.44 -54.73 21.78
C ALA D 74 -35.51 -54.63 20.26
N GLY D 75 -35.12 -55.69 19.56
CA GLY D 75 -35.22 -55.78 18.09
C GLY D 75 -33.90 -56.16 17.47
N LEU D 76 -33.47 -55.43 16.44
CA LEU D 76 -32.23 -55.73 15.68
C LEU D 76 -31.04 -55.05 16.36
N SER D 77 -30.16 -55.87 16.95
CA SER D 77 -28.90 -55.47 17.62
C SER D 77 -28.13 -54.42 16.78
N ALA D 78 -28.04 -54.66 15.48
CA ALA D 78 -27.27 -53.86 14.50
C ALA D 78 -27.88 -52.46 14.39
N ASP D 79 -29.19 -52.40 14.16
CA ASP D 79 -29.97 -51.15 14.04
C ASP D 79 -29.88 -50.37 15.35
N ALA D 80 -30.03 -51.06 16.48
CA ALA D 80 -30.01 -50.44 17.82
C ALA D 80 -28.66 -49.77 18.06
N ARG D 81 -27.57 -50.45 17.71
CA ARG D 81 -26.19 -49.91 17.84
C ARG D 81 -26.10 -48.57 17.09
N VAL D 82 -26.79 -48.45 15.96
CA VAL D 82 -26.73 -47.24 15.10
C VAL D 82 -27.53 -46.11 15.74
N LEU D 83 -28.72 -46.41 16.28
CA LEU D 83 -29.53 -45.44 17.08
C LEU D 83 -28.74 -44.95 18.29
N ILE D 84 -28.17 -45.89 19.06
CA ILE D 84 -27.43 -45.57 20.31
C ILE D 84 -26.24 -44.68 19.95
N ASN D 85 -25.49 -45.02 18.91
CA ASN D 85 -24.35 -44.18 18.45
C ASN D 85 -24.87 -42.80 18.04
N LYS D 86 -26.09 -42.73 17.48
CA LYS D 86 -26.77 -41.48 17.05
C LYS D 86 -27.13 -40.64 18.28
N ALA D 87 -27.80 -41.27 19.25
CA ALA D 87 -28.17 -40.72 20.57
C ALA D 87 -26.91 -40.22 21.29
N GLN D 88 -25.89 -41.06 21.36
CA GLN D 88 -24.61 -40.74 22.03
C GLN D 88 -24.02 -39.48 21.43
N LEU D 89 -24.08 -39.36 20.11
CA LEU D 89 -23.55 -38.18 19.38
C LEU D 89 -24.43 -36.98 19.68
N GLU D 90 -25.74 -37.15 19.74
CA GLU D 90 -26.73 -36.05 19.90
C GLU D 90 -26.56 -35.43 21.29
N CYS D 91 -26.41 -36.25 22.32
CA CYS D 91 -26.15 -35.78 23.69
C CYS D 91 -24.87 -34.93 23.76
N GLN D 92 -23.86 -35.30 23.00
CA GLN D 92 -22.56 -34.58 22.97
C GLN D 92 -22.71 -33.35 22.07
N ARG D 93 -23.43 -33.44 20.95
CA ARG D 93 -23.75 -32.28 20.07
C ARG D 93 -24.53 -31.23 20.87
N PHE D 94 -25.33 -31.68 21.83
CA PHE D 94 -26.20 -30.83 22.66
C PHE D 94 -25.37 -30.13 23.76
N SER D 95 -24.47 -30.85 24.44
CA SER D 95 -23.53 -30.26 25.43
C SER D 95 -22.62 -29.22 24.74
N LEU D 96 -22.22 -29.46 23.50
CA LEU D 96 -21.43 -28.49 22.70
C LEU D 96 -22.22 -27.22 22.44
N ASN D 97 -23.50 -27.33 22.07
CA ASN D 97 -24.30 -26.19 21.56
C ASN D 97 -24.98 -25.45 22.71
N TYR D 98 -25.20 -26.10 23.84
CA TYR D 98 -25.78 -25.53 25.07
C TYR D 98 -25.04 -26.14 26.25
N GLU D 99 -24.33 -25.37 27.06
CA GLU D 99 -23.40 -25.93 28.07
C GLU D 99 -24.05 -27.15 28.76
N ASP D 100 -25.33 -27.01 29.12
CA ASP D 100 -26.17 -28.00 29.87
C ASP D 100 -26.06 -29.41 29.28
N THR D 101 -26.18 -30.43 30.14
CA THR D 101 -26.40 -31.83 29.71
C THR D 101 -27.84 -31.94 29.24
N MET D 102 -28.08 -32.75 28.20
CA MET D 102 -29.42 -32.83 27.59
C MET D 102 -30.28 -33.70 28.50
N ASP D 103 -31.50 -33.23 28.77
CA ASP D 103 -32.50 -33.95 29.61
C ASP D 103 -32.87 -35.26 28.90
N VAL D 104 -33.41 -36.21 29.65
CA VAL D 104 -33.80 -37.54 29.13
C VAL D 104 -34.90 -37.34 28.08
N ASP D 105 -35.97 -36.66 28.47
CA ASP D 105 -37.13 -36.33 27.61
C ASP D 105 -36.64 -35.69 26.29
N MET D 106 -35.63 -34.82 26.33
CA MET D 106 -35.07 -34.16 25.11
C MET D 106 -34.46 -35.23 24.19
N LEU D 107 -33.58 -36.05 24.74
CA LEU D 107 -32.93 -37.15 24.00
C LEU D 107 -33.98 -38.13 23.46
N VAL D 108 -34.93 -38.53 24.28
CA VAL D 108 -35.96 -39.51 23.83
C VAL D 108 -36.62 -38.98 22.57
N ARG D 109 -37.09 -37.74 22.59
CA ARG D 109 -37.73 -37.05 21.43
C ARG D 109 -36.76 -37.08 20.25
N TYR D 110 -35.46 -36.88 20.47
CA TYR D 110 -34.46 -36.89 19.36
C TYR D 110 -34.42 -38.28 18.71
N VAL D 111 -34.20 -39.30 19.53
CA VAL D 111 -34.16 -40.74 19.14
C VAL D 111 -35.47 -41.14 18.46
N ALA D 112 -36.62 -40.72 19.00
CA ALA D 112 -37.95 -40.97 18.41
C ALA D 112 -38.12 -40.23 17.08
N GLY D 113 -37.53 -39.05 16.95
CA GLY D 113 -37.53 -38.29 15.69
C GLY D 113 -36.76 -39.04 14.62
N VAL D 114 -35.62 -39.62 15.00
CA VAL D 114 -34.70 -40.38 14.11
C VAL D 114 -35.43 -41.62 13.64
N GLN D 115 -36.14 -42.27 14.55
CA GLN D 115 -36.95 -43.47 14.25
C GLN D 115 -38.11 -43.08 13.33
N GLN D 116 -38.74 -41.93 13.51
CA GLN D 116 -39.82 -41.44 12.62
C GLN D 116 -39.24 -41.20 11.23
N LYS D 117 -38.13 -40.45 11.13
CA LYS D 117 -37.46 -40.12 9.84
C LYS D 117 -37.25 -41.40 9.03
N SER D 118 -36.89 -42.51 9.67
CA SER D 118 -36.65 -43.81 9.01
C SER D 118 -37.96 -44.39 8.45
N THR D 119 -39.13 -44.02 8.98
CA THR D 119 -40.44 -44.47 8.46
C THR D 119 -40.95 -43.54 7.34
N GLN D 120 -40.22 -42.48 6.99
CA GLN D 120 -40.66 -41.51 5.96
C GLN D 120 -39.52 -41.14 4.98
N SER D 121 -38.28 -41.49 5.30
CA SER D 121 -37.12 -41.36 4.37
C SER D 121 -37.29 -42.37 3.24
N GLY D 122 -37.32 -41.86 2.00
CA GLY D 122 -37.16 -42.68 0.80
C GLY D 122 -35.77 -43.28 0.78
N GLY D 123 -35.67 -44.59 0.57
CA GLY D 123 -34.40 -45.32 0.40
C GLY D 123 -34.07 -46.20 1.59
N SER D 124 -34.79 -46.02 2.69
CA SER D 124 -34.50 -46.66 4.00
C SER D 124 -35.74 -47.41 4.47
N ARG D 125 -35.51 -48.57 5.09
CA ARG D 125 -36.53 -49.22 5.94
C ARG D 125 -36.48 -48.53 7.30
N PRO D 126 -37.55 -48.68 8.12
CA PRO D 126 -37.49 -48.26 9.51
C PRO D 126 -36.38 -49.00 10.29
N PHE D 127 -35.96 -48.38 11.40
CA PHE D 127 -35.20 -49.06 12.47
C PHE D 127 -36.14 -50.10 13.11
N GLY D 128 -35.70 -51.35 13.15
CA GLY D 128 -36.43 -52.48 13.77
C GLY D 128 -36.15 -52.55 15.26
N VAL D 129 -36.40 -51.44 15.96
CA VAL D 129 -35.88 -51.20 17.34
C VAL D 129 -36.96 -50.49 18.15
N ALA D 130 -37.34 -51.07 19.28
CA ALA D 130 -37.96 -50.34 20.40
C ALA D 130 -36.87 -50.11 21.43
N THR D 131 -37.03 -49.07 22.22
CA THR D 131 -35.99 -48.51 23.12
C THR D 131 -36.65 -48.27 24.48
N VAL D 132 -35.94 -48.53 25.57
CA VAL D 132 -36.33 -48.04 26.92
C VAL D 132 -35.20 -47.15 27.41
N ILE D 133 -35.46 -45.87 27.58
CA ILE D 133 -34.46 -44.85 27.96
C ILE D 133 -34.84 -44.36 29.35
N GLY D 134 -33.99 -44.63 30.33
CA GLY D 134 -34.12 -44.09 31.69
C GLY D 134 -33.06 -43.04 31.94
N GLY D 135 -33.22 -42.27 33.02
CA GLY D 135 -32.19 -41.33 33.45
C GLY D 135 -32.76 -40.27 34.36
N PHE D 136 -31.91 -39.35 34.77
CA PHE D 136 -32.23 -38.24 35.67
C PHE D 136 -31.84 -36.94 34.97
N ASN D 137 -32.77 -36.00 34.86
CA ASN D 137 -32.44 -34.62 34.45
C ASN D 137 -31.46 -34.05 35.49
N GLU D 138 -30.69 -33.03 35.10
CA GLU D 138 -29.73 -32.31 35.99
C GLU D 138 -30.45 -31.83 37.25
N ASP D 139 -31.74 -31.47 37.16
CA ASP D 139 -32.56 -30.98 38.31
C ASP D 139 -32.71 -32.06 39.38
N GLY D 140 -32.84 -33.35 39.00
CA GLY D 140 -32.93 -34.49 39.94
C GLY D 140 -34.14 -35.38 39.71
N LYS D 141 -35.03 -35.01 38.79
CA LYS D 141 -36.28 -35.76 38.48
C LYS D 141 -35.92 -37.01 37.68
N PRO D 142 -36.45 -38.21 38.04
CA PRO D 142 -36.24 -39.41 37.25
C PRO D 142 -37.24 -39.54 36.10
N HIS D 143 -36.78 -40.07 34.97
CA HIS D 143 -37.56 -40.22 33.71
C HIS D 143 -37.38 -41.64 33.16
N LEU D 144 -38.47 -42.26 32.75
CA LEU D 144 -38.47 -43.55 32.04
C LEU D 144 -39.36 -43.41 30.81
N TRP D 145 -38.79 -43.68 29.64
CA TRP D 145 -39.43 -43.49 28.33
C TRP D 145 -39.27 -44.75 27.51
N LYS D 146 -40.18 -44.92 26.57
CA LYS D 146 -40.17 -46.01 25.59
C LYS D 146 -40.32 -45.36 24.24
N THR D 147 -39.55 -45.84 23.26
CA THR D 147 -39.58 -45.39 21.86
C THR D 147 -39.87 -46.63 21.04
N ASP D 148 -40.89 -46.62 20.19
CA ASP D 148 -41.22 -47.76 19.29
C ASP D 148 -40.78 -47.39 17.88
N PRO D 149 -40.71 -48.36 16.94
CA PRO D 149 -40.22 -48.10 15.59
C PRO D 149 -40.95 -47.03 14.76
N SER D 150 -42.24 -46.80 15.03
CA SER D 150 -43.06 -45.71 14.44
C SER D 150 -42.42 -44.34 14.71
N GLY D 151 -41.65 -44.23 15.79
CA GLY D 151 -41.01 -42.97 16.21
C GLY D 151 -41.87 -42.25 17.23
N MET D 152 -42.90 -42.94 17.73
CA MET D 152 -43.79 -42.41 18.76
C MET D 152 -43.19 -42.83 20.10
N CYS D 153 -43.07 -41.88 21.03
CA CYS D 153 -42.42 -42.07 22.34
C CYS D 153 -43.36 -41.63 23.44
N SER D 154 -43.44 -42.41 24.52
CA SER D 154 -44.29 -42.12 25.70
C SER D 154 -43.46 -42.37 26.95
N ALA D 155 -43.64 -41.54 27.98
CA ALA D 155 -43.05 -41.75 29.32
C ALA D 155 -43.95 -42.72 30.07
N TRP D 156 -43.33 -43.57 30.89
CA TRP D 156 -44.03 -44.61 31.68
C TRP D 156 -43.57 -44.55 33.14
N ARG D 157 -44.37 -45.17 34.01
CA ARG D 157 -44.03 -45.44 35.42
C ARG D 157 -43.33 -46.80 35.46
N ALA D 158 -43.77 -47.74 34.63
CA ALA D 158 -43.05 -48.98 34.34
C ALA D 158 -43.42 -49.43 32.93
N VAL D 159 -42.51 -50.09 32.24
CA VAL D 159 -42.68 -50.39 30.81
C VAL D 159 -41.90 -51.65 30.48
N ALA D 160 -42.33 -52.34 29.44
CA ALA D 160 -41.62 -53.48 28.84
C ALA D 160 -41.60 -53.33 27.33
N ILE D 161 -40.53 -53.81 26.71
CA ILE D 161 -40.39 -53.93 25.24
C ILE D 161 -39.93 -55.36 24.98
N GLY D 162 -39.92 -55.74 23.71
CA GLY D 162 -39.46 -57.07 23.27
C GLY D 162 -40.56 -58.12 23.42
N ARG D 163 -40.15 -59.39 23.58
CA ARG D 163 -41.06 -60.56 23.52
C ARG D 163 -41.98 -60.46 24.74
N HIS D 164 -43.27 -60.70 24.49
CA HIS D 164 -44.35 -60.73 25.51
C HIS D 164 -44.35 -59.41 26.31
N ASP D 165 -44.05 -58.28 25.65
CA ASP D 165 -44.14 -56.91 26.22
C ASP D 165 -45.53 -56.72 26.84
N GLN D 166 -46.58 -57.14 26.13
CA GLN D 166 -47.99 -56.86 26.52
C GLN D 166 -48.37 -57.74 27.70
N THR D 167 -47.81 -58.95 27.80
CA THR D 167 -47.98 -59.87 28.97
C THR D 167 -47.34 -59.21 30.21
N VAL D 168 -46.13 -58.66 30.07
CA VAL D 168 -45.34 -58.03 31.15
C VAL D 168 -46.05 -56.75 31.60
N ILE D 169 -46.55 -55.94 30.65
CA ILE D 169 -47.22 -54.64 30.95
C ILE D 169 -48.54 -54.94 31.68
N GLU D 170 -49.36 -55.86 31.16
CA GLU D 170 -50.64 -56.27 31.80
C GLU D 170 -50.35 -56.81 33.22
N TYR D 171 -49.28 -57.57 33.40
CA TYR D 171 -48.82 -58.04 34.74
C TYR D 171 -48.39 -56.85 35.61
N MET D 172 -47.56 -55.96 35.09
CA MET D 172 -46.97 -54.80 35.85
C MET D 172 -48.08 -53.90 36.39
N GLU D 173 -49.06 -53.52 35.57
CA GLU D 173 -50.06 -52.48 35.92
C GLU D 173 -51.03 -53.00 37.01
N LYS D 174 -51.08 -54.31 37.22
CA LYS D 174 -51.81 -54.94 38.35
C LYS D 174 -51.08 -54.68 39.68
N SER D 175 -49.75 -54.83 39.70
CA SER D 175 -48.92 -54.86 40.94
C SER D 175 -48.13 -53.57 41.17
N TYR D 176 -47.97 -52.68 40.17
CA TYR D 176 -47.08 -51.50 40.27
C TYR D 176 -47.65 -50.50 41.30
N LYS D 177 -46.77 -50.03 42.20
CA LYS D 177 -47.07 -49.00 43.23
C LYS D 177 -46.16 -47.79 42.99
N ASP D 178 -46.69 -46.59 43.22
CA ASP D 178 -46.09 -45.31 42.76
C ASP D 178 -44.74 -45.12 43.46
N GLY D 179 -44.74 -44.75 44.75
CA GLY D 179 -43.50 -44.55 45.54
C GLY D 179 -42.87 -45.89 45.87
N MET D 180 -41.65 -46.12 45.38
CA MET D 180 -40.91 -47.40 45.52
C MET D 180 -39.45 -47.10 45.89
N SER D 181 -38.89 -47.92 46.78
CA SER D 181 -37.48 -47.89 47.22
C SER D 181 -36.59 -48.52 46.15
N ARG D 182 -35.34 -48.08 46.05
CA ARG D 182 -34.28 -48.67 45.19
C ARG D 182 -34.40 -50.21 45.18
N ASP D 183 -34.57 -50.82 46.36
CA ASP D 183 -34.67 -52.30 46.53
C ASP D 183 -36.00 -52.84 45.99
N GLU D 184 -37.11 -52.12 46.15
CA GLU D 184 -38.47 -52.56 45.71
C GLU D 184 -38.56 -52.51 44.18
N CYS D 185 -38.05 -51.44 43.57
CA CYS D 185 -37.94 -51.28 42.10
C CYS D 185 -37.20 -52.47 41.50
N VAL D 186 -35.98 -52.72 41.98
CA VAL D 186 -35.12 -53.84 41.53
C VAL D 186 -35.90 -55.13 41.67
N HIS D 187 -36.53 -55.34 42.82
CA HIS D 187 -37.39 -56.52 43.11
C HIS D 187 -38.47 -56.61 42.03
N PHE D 188 -39.20 -55.52 41.82
CA PHE D 188 -40.36 -55.41 40.88
C PHE D 188 -39.92 -55.68 39.44
N ALA D 189 -38.83 -55.04 39.00
CA ALA D 189 -38.24 -55.19 37.65
C ALA D 189 -37.95 -56.66 37.35
N ILE D 190 -37.32 -57.36 38.29
CA ILE D 190 -36.93 -58.79 38.15
C ILE D 190 -38.19 -59.63 38.15
N LYS D 191 -39.09 -59.40 39.11
CA LYS D 191 -40.42 -60.09 39.23
C LYS D 191 -41.17 -59.98 37.89
N SER D 192 -41.13 -58.80 37.27
CA SER D 192 -41.82 -58.45 36.01
C SER D 192 -41.16 -59.19 34.83
N LEU D 193 -39.83 -59.11 34.73
CA LEU D 193 -39.03 -59.83 33.70
C LEU D 193 -39.28 -61.33 33.81
N LEU D 194 -39.36 -61.87 35.03
CA LEU D 194 -39.53 -63.32 35.32
C LEU D 194 -40.87 -63.85 34.79
N GLU D 195 -41.85 -62.97 34.53
CA GLU D 195 -43.17 -63.34 33.95
C GLU D 195 -42.99 -64.01 32.58
N VAL D 196 -41.99 -63.58 31.79
CA VAL D 196 -41.79 -63.98 30.36
C VAL D 196 -40.45 -64.71 30.18
N VAL D 197 -39.39 -64.26 30.84
CA VAL D 197 -38.02 -64.82 30.71
C VAL D 197 -38.00 -66.21 31.35
N GLU D 198 -37.03 -67.05 30.96
CA GLU D 198 -36.79 -68.41 31.52
C GLU D 198 -36.51 -68.28 33.02
N SER D 199 -36.98 -69.26 33.81
CA SER D 199 -36.86 -69.33 35.30
C SER D 199 -35.45 -68.91 35.76
N GLY D 200 -34.42 -69.26 34.98
CA GLY D 200 -33.00 -68.92 35.19
C GLY D 200 -32.79 -67.49 35.68
N SER D 201 -31.83 -67.31 36.59
CA SER D 201 -31.34 -66.01 37.12
C SER D 201 -30.24 -65.42 36.23
N ARG D 202 -29.49 -66.28 35.51
CA ARG D 202 -28.26 -65.93 34.74
C ARG D 202 -28.58 -65.03 33.53
N ASN D 203 -29.76 -65.18 32.91
CA ASN D 203 -30.14 -64.42 31.68
C ASN D 203 -30.35 -62.93 32.04
N ILE D 204 -31.12 -62.64 33.10
CA ILE D 204 -31.42 -61.24 33.54
C ILE D 204 -30.10 -60.51 33.83
N GLU D 205 -29.94 -59.31 33.27
CA GLU D 205 -28.88 -58.35 33.65
C GLU D 205 -29.58 -57.02 33.88
N LEU D 206 -29.29 -56.31 34.97
CA LEU D 206 -30.09 -55.12 35.33
C LEU D 206 -29.23 -54.02 35.95
N LEU D 207 -29.57 -52.80 35.57
CA LEU D 207 -28.89 -51.52 35.91
C LEU D 207 -29.83 -50.73 36.79
N VAL D 208 -29.28 -50.09 37.83
CA VAL D 208 -30.03 -49.24 38.79
C VAL D 208 -29.50 -47.82 38.66
N LEU D 209 -30.31 -46.95 38.08
CA LEU D 209 -30.00 -45.49 37.97
C LEU D 209 -30.53 -44.79 39.21
N GLN D 210 -29.67 -44.00 39.87
CA GLN D 210 -30.02 -42.98 40.89
C GLN D 210 -29.31 -41.69 40.46
N TYR D 211 -29.78 -40.54 40.94
CA TYR D 211 -29.23 -39.22 40.56
C TYR D 211 -27.70 -39.30 40.69
N LYS D 212 -26.98 -39.20 39.57
CA LYS D 212 -25.50 -39.16 39.46
C LYS D 212 -24.86 -40.53 39.82
N GLU D 213 -25.62 -41.63 39.87
CA GLU D 213 -25.12 -42.96 40.33
C GLU D 213 -25.79 -44.07 39.50
N ALA D 214 -25.09 -44.55 38.47
CA ALA D 214 -25.48 -45.73 37.67
C ALA D 214 -24.67 -46.92 38.18
N ARG D 215 -25.34 -48.00 38.61
CA ARG D 215 -24.65 -49.24 39.03
C ARG D 215 -25.39 -50.44 38.46
N TYR D 216 -24.67 -51.33 37.79
CA TYR D 216 -25.18 -52.66 37.38
C TYR D 216 -25.11 -53.57 38.59
N LEU D 217 -26.14 -54.37 38.82
CA LEU D 217 -26.11 -55.44 39.84
C LEU D 217 -25.09 -56.48 39.40
N THR D 218 -24.17 -56.84 40.30
CA THR D 218 -23.29 -58.03 40.21
C THR D 218 -24.21 -59.26 40.21
N GLU D 219 -23.76 -60.38 39.63
CA GLU D 219 -24.55 -61.64 39.58
C GLU D 219 -24.68 -62.25 40.98
N GLU D 220 -23.90 -61.76 41.96
CA GLU D 220 -23.99 -62.13 43.40
C GLU D 220 -25.14 -61.34 44.05
N GLU D 221 -25.08 -60.00 43.95
CA GLU D 221 -26.14 -59.03 44.37
C GLU D 221 -27.50 -59.44 43.80
N LEU D 222 -27.52 -59.89 42.54
CA LEU D 222 -28.73 -60.18 41.71
C LEU D 222 -29.40 -61.48 42.19
N GLN D 223 -28.63 -62.56 42.38
CA GLN D 223 -29.15 -63.91 42.72
C GLN D 223 -29.81 -63.91 44.11
N LYS D 224 -29.48 -62.96 44.99
CA LYS D 224 -30.21 -62.71 46.26
C LYS D 224 -31.65 -62.28 45.95
N PHE D 225 -31.80 -61.27 45.09
CA PHE D 225 -33.11 -60.71 44.66
C PHE D 225 -33.94 -61.76 43.93
N VAL D 226 -33.31 -62.56 43.05
CA VAL D 226 -33.98 -63.57 42.18
C VAL D 226 -34.52 -64.72 43.06
N VAL D 227 -33.74 -65.16 44.05
CA VAL D 227 -34.16 -66.19 45.06
C VAL D 227 -35.38 -65.66 45.82
N GLU D 228 -35.28 -64.44 46.37
CA GLU D 228 -36.34 -63.72 47.13
C GLU D 228 -37.61 -63.55 46.26
N VAL D 229 -37.44 -63.36 44.94
CA VAL D 229 -38.56 -63.14 43.98
C VAL D 229 -39.17 -64.49 43.58
N GLU D 230 -38.35 -65.50 43.25
CA GLU D 230 -38.82 -66.84 42.78
C GLU D 230 -39.54 -67.60 43.91
N LYS D 231 -39.20 -67.32 45.18
CA LYS D 231 -39.92 -67.84 46.38
C LYS D 231 -41.27 -67.11 46.53
N GLU D 232 -41.36 -65.85 46.07
CA GLU D 232 -42.60 -65.03 46.05
C GLU D 232 -43.50 -65.43 44.86
N ARG D 233 -42.92 -65.91 43.74
CA ARG D 233 -43.65 -66.44 42.56
C ARG D 233 -44.19 -67.86 42.84
N GLU D 234 -43.56 -68.59 43.77
CA GLU D 234 -44.05 -69.89 44.33
C GLU D 234 -45.26 -69.63 45.26
N GLU D 235 -45.21 -68.54 46.05
CA GLU D 235 -46.30 -68.08 46.96
C GLU D 235 -47.57 -67.75 46.14
N GLU D 236 -47.40 -67.15 44.96
CA GLU D 236 -48.49 -66.70 44.04
C GLU D 236 -49.02 -67.89 43.21
N ALA D 237 -48.19 -68.93 42.99
CA ALA D 237 -48.58 -70.20 42.32
C ALA D 237 -49.46 -71.04 43.26
N ALA D 238 -49.17 -71.04 44.57
CA ALA D 238 -49.92 -71.73 45.64
C ALA D 238 -51.31 -71.10 45.82
N ALA D 239 -51.40 -69.76 45.80
CA ALA D 239 -52.64 -68.96 45.94
C ALA D 239 -53.62 -69.32 44.82
N LYS D 240 -53.14 -69.45 43.57
CA LYS D 240 -53.92 -69.92 42.39
C LYS D 240 -53.68 -71.42 42.21
N GLU E 107 -49.03 -53.01 -1.40
CA GLU E 107 -47.90 -53.46 -2.25
C GLU E 107 -47.08 -52.25 -2.72
N TYR E 108 -46.12 -52.48 -3.61
CA TYR E 108 -45.22 -51.48 -4.25
C TYR E 108 -45.48 -51.39 -5.76
N ASP E 109 -46.51 -52.08 -6.28
CA ASP E 109 -46.81 -52.18 -7.74
C ASP E 109 -47.30 -50.81 -8.23
N ARG E 110 -48.25 -50.19 -7.53
CA ARG E 110 -48.65 -48.77 -7.71
C ARG E 110 -47.60 -47.87 -7.07
N GLY E 111 -47.05 -46.92 -7.84
CA GLY E 111 -46.19 -45.84 -7.33
C GLY E 111 -46.93 -44.98 -6.32
N VAL E 112 -46.18 -44.22 -5.53
CA VAL E 112 -46.68 -43.29 -4.48
C VAL E 112 -47.53 -42.17 -5.12
N ASN E 113 -47.15 -41.71 -6.32
CA ASN E 113 -47.68 -40.49 -6.98
C ASN E 113 -48.76 -40.88 -7.99
N THR E 114 -49.52 -41.94 -7.73
CA THR E 114 -50.45 -42.57 -8.70
C THR E 114 -51.89 -42.18 -8.34
N PHE E 115 -52.65 -41.73 -9.34
CA PHE E 115 -54.11 -41.52 -9.26
C PHE E 115 -54.84 -42.84 -9.39
N SER E 116 -56.01 -42.90 -8.76
CA SER E 116 -57.02 -43.97 -8.94
C SER E 116 -57.89 -43.60 -10.13
N PRO E 117 -58.66 -44.55 -10.71
CA PRO E 117 -59.65 -44.20 -11.72
C PRO E 117 -60.70 -43.13 -11.35
N GLU E 118 -60.96 -42.91 -10.07
CA GLU E 118 -61.98 -41.93 -9.57
C GLU E 118 -61.27 -40.65 -9.13
N GLY E 119 -59.97 -40.50 -9.45
CA GLY E 119 -59.27 -39.21 -9.49
C GLY E 119 -58.62 -38.85 -8.17
N ARG E 120 -58.55 -39.80 -7.25
CA ARG E 120 -57.92 -39.62 -5.91
C ARG E 120 -56.54 -40.25 -5.96
N ILE E 121 -55.55 -39.55 -5.43
CA ILE E 121 -54.19 -40.11 -5.19
C ILE E 121 -54.32 -41.19 -4.11
N PHE E 122 -53.79 -42.38 -4.37
CA PHE E 122 -54.02 -43.58 -3.53
C PHE E 122 -53.42 -43.35 -2.15
N GLN E 123 -52.12 -43.05 -2.08
CA GLN E 123 -51.39 -42.90 -0.80
C GLN E 123 -52.14 -41.91 0.10
N ILE E 124 -52.67 -40.82 -0.45
CA ILE E 124 -53.48 -39.81 0.30
C ILE E 124 -54.75 -40.49 0.79
N GLU E 125 -55.46 -41.18 -0.10
CA GLU E 125 -56.74 -41.85 0.23
C GLU E 125 -56.49 -42.90 1.34
N TYR E 126 -55.31 -43.53 1.36
CA TYR E 126 -54.90 -44.53 2.38
C TYR E 126 -54.36 -43.85 3.65
N ALA E 127 -53.71 -42.69 3.56
CA ALA E 127 -53.27 -41.92 4.76
C ALA E 127 -54.50 -41.43 5.52
N VAL E 128 -55.60 -41.16 4.82
CA VAL E 128 -56.89 -40.72 5.42
C VAL E 128 -57.51 -41.91 6.16
N GLU E 129 -57.32 -43.14 5.67
CA GLU E 129 -57.86 -44.35 6.35
C GLU E 129 -57.08 -44.59 7.63
N ALA E 130 -55.83 -44.11 7.71
CA ALA E 130 -54.94 -44.21 8.89
C ALA E 130 -55.43 -43.32 10.02
N ILE E 131 -56.13 -42.22 9.68
CA ILE E 131 -56.62 -41.22 10.66
C ILE E 131 -57.87 -41.78 11.35
N LYS E 132 -58.78 -42.42 10.60
CA LYS E 132 -60.03 -43.02 11.16
C LYS E 132 -59.70 -44.09 12.21
N LEU E 133 -58.50 -44.67 12.21
CA LEU E 133 -58.01 -45.61 13.26
C LEU E 133 -57.63 -44.81 14.51
N GLY E 134 -57.02 -43.62 14.31
CA GLY E 134 -56.47 -42.76 15.37
C GLY E 134 -57.51 -42.30 16.38
N SER E 135 -57.02 -41.81 17.53
CA SER E 135 -57.82 -41.28 18.66
C SER E 135 -58.66 -40.11 18.17
N THR E 136 -59.86 -39.94 18.71
CA THR E 136 -60.76 -38.82 18.35
C THR E 136 -60.24 -37.51 18.93
N SER E 137 -60.21 -36.47 18.11
CA SER E 137 -59.93 -35.07 18.51
C SER E 137 -61.06 -34.20 17.96
N LEU E 138 -61.26 -33.00 18.51
CA LEU E 138 -62.27 -32.06 17.97
C LEU E 138 -62.00 -30.62 18.42
N GLY E 139 -62.57 -29.70 17.64
CA GLY E 139 -62.52 -28.25 17.82
C GLY E 139 -63.93 -27.68 17.82
N ILE E 140 -64.15 -26.65 18.63
CA ILE E 140 -65.40 -25.84 18.65
C ILE E 140 -64.95 -24.38 18.62
N ARG E 141 -65.15 -23.69 17.51
CA ARG E 141 -64.96 -22.23 17.40
C ARG E 141 -66.23 -21.57 17.95
N THR E 142 -66.08 -20.85 19.05
CA THR E 142 -67.12 -19.99 19.69
C THR E 142 -66.59 -18.56 19.59
N PRO E 143 -67.44 -17.51 19.71
CA PRO E 143 -66.94 -16.13 19.70
C PRO E 143 -66.08 -15.80 20.93
N GLU E 144 -66.35 -16.44 22.07
CA GLU E 144 -65.60 -16.28 23.34
C GLU E 144 -64.20 -16.90 23.21
N GLY E 145 -64.04 -17.89 22.33
CA GLY E 145 -62.76 -18.62 22.12
C GLY E 145 -62.98 -19.93 21.40
N VAL E 146 -61.91 -20.71 21.22
CA VAL E 146 -61.97 -22.00 20.46
C VAL E 146 -61.49 -23.11 21.38
N VAL E 147 -62.22 -24.21 21.44
CA VAL E 147 -61.99 -25.36 22.36
C VAL E 147 -61.42 -26.52 21.54
N LEU E 148 -60.23 -27.02 21.89
CA LEU E 148 -59.69 -28.31 21.38
C LEU E 148 -59.84 -29.36 22.46
N ALA E 149 -60.40 -30.52 22.13
CA ALA E 149 -60.44 -31.71 23.01
C ALA E 149 -59.96 -32.94 22.24
N ALA E 150 -59.52 -33.95 22.98
CA ALA E 150 -58.75 -35.10 22.46
C ALA E 150 -58.85 -36.26 23.46
N GLU E 151 -59.40 -37.39 23.01
CA GLU E 151 -59.21 -38.72 23.64
C GLU E 151 -57.70 -38.98 23.62
N LYS E 152 -57.10 -39.36 24.76
CA LYS E 152 -55.64 -39.66 24.85
C LYS E 152 -55.36 -41.09 24.33
N ARG E 153 -56.29 -42.02 24.59
CA ARG E 153 -56.20 -43.46 24.22
C ARG E 153 -54.86 -44.02 24.70
N VAL E 154 -54.62 -43.96 26.01
CA VAL E 154 -53.35 -44.44 26.63
C VAL E 154 -53.30 -45.96 26.49
N PRO E 155 -52.20 -46.55 25.98
CA PRO E 155 -52.13 -48.00 25.79
C PRO E 155 -52.24 -48.79 27.11
N SER E 156 -51.77 -48.20 28.21
CA SER E 156 -51.79 -48.80 29.57
C SER E 156 -51.98 -47.73 30.65
N THR E 157 -52.33 -48.18 31.85
CA THR E 157 -52.44 -47.38 33.10
C THR E 157 -51.07 -46.78 33.46
N LEU E 158 -49.99 -47.52 33.18
CA LEU E 158 -48.60 -47.16 33.58
C LEU E 158 -48.07 -45.96 32.79
N VAL E 159 -48.68 -45.64 31.65
CA VAL E 159 -48.22 -44.47 30.84
C VAL E 159 -48.49 -43.22 31.67
N VAL E 160 -47.46 -42.40 31.85
CA VAL E 160 -47.57 -40.98 32.29
C VAL E 160 -48.40 -40.25 31.24
N PRO E 161 -49.70 -39.94 31.49
CA PRO E 161 -50.58 -39.48 30.43
C PRO E 161 -50.18 -38.10 29.86
N SER E 162 -49.58 -37.23 30.69
CA SER E 162 -48.99 -35.93 30.28
C SER E 162 -48.04 -36.09 29.09
N SER E 163 -47.30 -37.20 29.00
CA SER E 163 -46.20 -37.44 28.03
C SER E 163 -46.75 -37.56 26.60
N MET E 164 -47.80 -38.35 26.41
CA MET E 164 -48.43 -38.55 25.08
C MET E 164 -49.57 -37.53 24.93
N SER E 165 -49.17 -36.27 24.75
CA SER E 165 -50.05 -35.07 24.67
C SER E 165 -50.57 -34.91 23.24
N LYS E 166 -51.86 -35.08 23.05
CA LYS E 166 -52.52 -34.96 21.73
C LYS E 166 -52.64 -33.48 21.33
N ILE E 167 -52.77 -32.56 22.30
CA ILE E 167 -52.80 -31.09 22.07
C ILE E 167 -51.40 -30.54 22.31
N MET E 168 -50.93 -29.70 21.39
CA MET E 168 -49.56 -29.11 21.43
C MET E 168 -49.65 -27.61 21.21
N GLU E 169 -48.96 -26.84 22.05
CA GLU E 169 -48.79 -25.39 21.88
C GLU E 169 -47.94 -25.21 20.61
N VAL E 170 -48.48 -24.48 19.63
CA VAL E 170 -47.70 -24.02 18.44
C VAL E 170 -47.13 -22.65 18.76
N ASP E 171 -47.95 -21.79 19.37
CA ASP E 171 -47.50 -20.49 19.91
C ASP E 171 -48.48 -20.09 21.03
N SER E 172 -48.22 -18.97 21.70
CA SER E 172 -49.07 -18.43 22.80
C SER E 172 -50.54 -18.58 22.45
N HIS E 173 -50.88 -18.41 21.17
CA HIS E 173 -52.24 -18.13 20.66
C HIS E 173 -52.78 -19.22 19.72
N ILE E 174 -51.97 -20.23 19.38
CA ILE E 174 -52.34 -21.33 18.43
C ILE E 174 -52.00 -22.63 19.13
N ALA E 175 -52.96 -23.55 19.18
CA ALA E 175 -52.78 -24.93 19.64
C ALA E 175 -53.19 -25.86 18.51
N ALA E 176 -52.46 -26.95 18.32
CA ALA E 176 -52.82 -28.02 17.38
C ALA E 176 -53.25 -29.24 18.17
N VAL E 177 -54.36 -29.86 17.80
CA VAL E 177 -54.66 -31.26 18.21
C VAL E 177 -54.52 -32.16 16.98
N MET E 178 -53.88 -33.31 17.17
CA MET E 178 -53.62 -34.31 16.11
C MET E 178 -54.55 -35.50 16.26
N SER E 179 -54.74 -36.24 15.16
CA SER E 179 -55.33 -37.59 15.11
C SER E 179 -54.64 -38.39 14.01
N GLY E 180 -54.44 -39.68 14.26
CA GLY E 180 -53.63 -40.58 13.42
C GLY E 180 -52.24 -40.71 14.01
N MET E 181 -51.22 -40.73 13.15
CA MET E 181 -49.85 -41.12 13.54
C MET E 181 -49.21 -39.97 14.30
N VAL E 182 -49.00 -40.19 15.60
CA VAL E 182 -48.60 -39.12 16.56
C VAL E 182 -47.20 -38.65 16.19
N ALA E 183 -46.27 -39.57 15.98
CA ALA E 183 -44.86 -39.32 15.60
C ALA E 183 -44.80 -38.34 14.42
N ASP E 184 -45.69 -38.52 13.45
CA ASP E 184 -45.79 -37.69 12.22
C ASP E 184 -46.21 -36.28 12.64
N ALA E 185 -47.29 -36.16 13.41
CA ALA E 185 -47.84 -34.88 13.91
C ALA E 185 -46.73 -34.04 14.56
N ARG E 186 -45.83 -34.67 15.31
CA ARG E 186 -44.71 -33.99 16.01
C ARG E 186 -43.86 -33.26 14.96
N ILE E 187 -43.72 -33.82 13.76
CA ILE E 187 -42.95 -33.23 12.62
C ILE E 187 -43.69 -31.98 12.12
N LEU E 188 -44.99 -32.11 11.90
CA LEU E 188 -45.89 -31.03 11.44
C LEU E 188 -45.94 -29.89 12.46
N VAL E 189 -46.12 -30.22 13.73
CA VAL E 189 -46.21 -29.21 14.82
C VAL E 189 -44.84 -28.57 15.03
N GLU E 190 -43.77 -29.36 14.95
CA GLU E 190 -42.40 -28.78 14.98
C GLU E 190 -42.30 -27.71 13.90
N HIS E 191 -42.82 -27.98 12.71
CA HIS E 191 -42.74 -27.05 11.56
C HIS E 191 -43.59 -25.81 11.85
N ALA E 192 -44.84 -26.00 12.30
CA ALA E 192 -45.77 -24.90 12.67
C ALA E 192 -45.07 -23.94 13.64
N ARG E 193 -44.40 -24.48 14.64
CA ARG E 193 -43.66 -23.72 15.68
C ARG E 193 -42.53 -22.91 15.05
N VAL E 194 -41.78 -23.52 14.16
CA VAL E 194 -40.65 -22.84 13.48
C VAL E 194 -41.21 -21.71 12.61
N GLU E 195 -42.32 -21.95 11.92
CA GLU E 195 -42.93 -20.94 11.01
C GLU E 195 -43.57 -19.82 11.84
N SER E 196 -44.30 -20.18 12.89
CA SER E 196 -44.93 -19.23 13.85
C SER E 196 -43.89 -18.26 14.38
N GLN E 197 -42.71 -18.75 14.72
CA GLN E 197 -41.66 -17.97 15.40
C GLN E 197 -40.89 -17.18 14.35
N ASN E 198 -40.69 -17.75 13.17
CA ASN E 198 -40.17 -17.02 11.99
C ASN E 198 -41.10 -15.85 11.66
N HIS E 199 -42.40 -16.02 11.78
CA HIS E 199 -43.38 -14.93 11.52
C HIS E 199 -43.15 -13.83 12.56
N ARG E 200 -43.18 -14.18 13.84
CA ARG E 200 -42.89 -13.24 14.96
C ARG E 200 -41.56 -12.55 14.71
N PHE E 201 -40.52 -13.31 14.41
CA PHE E 201 -39.17 -12.78 14.14
C PHE E 201 -39.25 -11.67 13.10
N THR E 202 -39.91 -11.99 11.98
CA THR E 202 -39.86 -11.19 10.73
C THR E 202 -40.87 -10.04 10.80
N TYR E 203 -42.06 -10.24 11.36
CA TYR E 203 -43.16 -9.24 11.34
C TYR E 203 -43.54 -8.74 12.74
N ASN E 204 -42.81 -9.13 13.78
CA ASN E 204 -43.05 -8.66 15.17
C ASN E 204 -44.51 -8.77 15.52
N GLU E 205 -45.14 -9.87 15.17
CA GLU E 205 -46.57 -10.07 15.47
C GLU E 205 -46.87 -11.54 15.48
N PRO E 206 -47.94 -11.96 16.18
CA PRO E 206 -48.37 -13.34 16.15
C PRO E 206 -48.78 -13.70 14.71
N MET E 207 -48.33 -14.87 14.25
CA MET E 207 -48.78 -15.47 12.98
C MET E 207 -50.30 -15.64 13.04
N SER E 208 -50.98 -15.35 11.94
CA SER E 208 -52.41 -15.65 11.77
C SER E 208 -52.58 -17.18 11.86
N VAL E 209 -53.75 -17.66 12.26
CA VAL E 209 -54.01 -19.13 12.39
C VAL E 209 -53.99 -19.75 10.98
N GLU E 210 -54.64 -19.11 10.03
CA GLU E 210 -54.67 -19.53 8.60
C GLU E 210 -53.23 -19.63 8.05
N SER E 211 -52.38 -18.62 8.27
CA SER E 211 -50.97 -18.58 7.79
C SER E 211 -50.18 -19.76 8.38
N CYS E 212 -50.46 -20.09 9.64
CA CYS E 212 -49.81 -21.19 10.37
C CYS E 212 -50.31 -22.54 9.85
N THR E 213 -51.58 -22.61 9.51
CA THR E 213 -52.17 -23.82 8.86
C THR E 213 -51.50 -24.02 7.51
N LEU E 214 -51.46 -22.96 6.68
CA LEU E 214 -50.87 -22.96 5.31
C LEU E 214 -49.42 -23.43 5.36
N ALA E 215 -48.64 -22.95 6.32
CA ALA E 215 -47.20 -23.30 6.50
C ALA E 215 -47.04 -24.77 6.90
N THR E 216 -47.96 -25.29 7.71
CA THR E 216 -48.02 -26.72 8.14
C THR E 216 -48.36 -27.60 6.93
N CYS E 217 -49.20 -27.10 6.03
CA CYS E 217 -49.64 -27.82 4.81
C CYS E 217 -48.63 -27.69 3.67
N ASP E 218 -47.71 -26.72 3.74
CA ASP E 218 -46.56 -26.59 2.81
C ASP E 218 -45.65 -27.82 2.96
N LEU E 219 -45.51 -28.33 4.18
CA LEU E 219 -44.65 -29.50 4.50
C LEU E 219 -45.32 -30.78 3.98
N SER E 220 -46.65 -30.79 3.90
CA SER E 220 -47.48 -32.00 3.66
C SER E 220 -47.58 -32.28 2.15
N ILE E 221 -47.33 -31.29 1.29
CA ILE E 221 -47.32 -31.49 -0.19
C ILE E 221 -46.06 -32.27 -0.57
N GLN E 222 -44.90 -31.95 0.02
CA GLN E 222 -43.55 -32.38 -0.46
C GLN E 222 -43.30 -33.86 -0.12
N PHE E 223 -43.99 -34.76 -0.83
CA PHE E 223 -43.83 -36.23 -0.71
C PHE E 223 -43.71 -36.86 -2.12
N GLY E 224 -42.72 -37.75 -2.30
CA GLY E 224 -42.43 -38.47 -3.56
C GLY E 224 -41.82 -39.85 -3.29
N LEU E 232 -39.08 -36.05 -1.57
CA LEU E 232 -38.25 -35.79 -0.36
C LEU E 232 -38.64 -36.77 0.75
N MET E 233 -39.93 -36.80 1.10
CA MET E 233 -40.57 -37.77 2.03
C MET E 233 -41.26 -38.86 1.20
N SER E 234 -41.00 -40.13 1.53
CA SER E 234 -41.55 -41.32 0.82
C SER E 234 -43.07 -41.21 0.69
N ARG E 235 -43.77 -40.86 1.77
CA ARG E 235 -45.24 -41.01 1.93
C ARG E 235 -45.83 -39.75 2.53
N PRO E 236 -47.16 -39.55 2.48
CA PRO E 236 -47.79 -38.46 3.22
C PRO E 236 -47.72 -38.71 4.73
N PHE E 237 -47.95 -37.66 5.52
CA PHE E 237 -48.18 -37.78 6.98
C PHE E 237 -49.55 -38.41 7.19
N GLY E 238 -49.62 -39.46 8.01
CA GLY E 238 -50.86 -40.17 8.35
C GLY E 238 -51.62 -39.45 9.44
N VAL E 239 -51.40 -38.15 9.57
CA VAL E 239 -52.00 -37.30 10.63
C VAL E 239 -52.89 -36.24 9.96
N SER E 240 -54.05 -36.03 10.56
CA SER E 240 -54.89 -34.82 10.39
C SER E 240 -54.75 -33.98 11.64
N LEU E 241 -54.61 -32.67 11.47
CA LEU E 241 -54.35 -31.68 12.53
C LEU E 241 -55.57 -30.74 12.60
N LEU E 242 -56.16 -30.53 13.77
CA LEU E 242 -57.03 -29.34 14.01
C LEU E 242 -56.16 -28.26 14.64
N ILE E 243 -56.05 -27.13 13.98
CA ILE E 243 -55.22 -25.98 14.45
C ILE E 243 -56.21 -24.88 14.84
N ALA E 244 -56.24 -24.54 16.11
CA ALA E 244 -57.17 -23.56 16.68
C ALA E 244 -56.34 -22.44 17.29
N GLY E 245 -56.72 -21.21 16.99
CA GLY E 245 -56.03 -20.06 17.58
C GLY E 245 -56.90 -18.84 17.61
N VAL E 246 -56.27 -17.70 17.92
CA VAL E 246 -56.91 -16.37 18.01
C VAL E 246 -55.91 -15.35 17.44
N ASP E 247 -56.37 -14.59 16.46
CA ASP E 247 -55.62 -13.51 15.76
C ASP E 247 -56.59 -12.34 15.60
N GLU E 248 -56.29 -11.37 14.72
CA GLU E 248 -57.18 -10.22 14.42
C GLU E 248 -58.56 -10.71 13.95
N LYS E 249 -58.62 -11.74 13.10
CA LYS E 249 -59.85 -12.32 12.51
C LYS E 249 -60.79 -12.86 13.61
N GLY E 250 -60.28 -13.10 14.81
CA GLY E 250 -61.04 -13.65 15.96
C GLY E 250 -60.52 -15.02 16.34
N PRO E 251 -61.28 -15.82 17.11
CA PRO E 251 -60.98 -17.25 17.24
C PRO E 251 -61.33 -17.99 15.95
N GLN E 252 -60.44 -18.86 15.52
CA GLN E 252 -60.57 -19.67 14.28
C GLN E 252 -60.11 -21.09 14.53
N LEU E 253 -60.70 -22.03 13.79
CA LEU E 253 -60.39 -23.47 13.83
C LEU E 253 -60.18 -23.96 12.40
N TRP E 254 -59.00 -24.50 12.12
CA TRP E 254 -58.62 -25.06 10.80
C TRP E 254 -58.28 -26.53 10.93
N GLN E 255 -58.54 -27.31 9.88
CA GLN E 255 -58.14 -28.73 9.77
C GLN E 255 -57.13 -28.84 8.63
N THR E 256 -55.97 -29.47 8.86
CA THR E 256 -55.08 -29.95 7.78
C THR E 256 -55.40 -31.42 7.52
N ASP E 257 -55.31 -31.83 6.25
CA ASP E 257 -55.42 -33.25 5.81
C ASP E 257 -54.04 -33.73 5.38
N PRO E 258 -53.89 -35.05 5.10
CA PRO E 258 -52.68 -35.58 4.48
C PRO E 258 -52.40 -35.05 3.07
N SER E 259 -53.47 -34.70 2.34
CA SER E 259 -53.48 -34.12 0.97
C SER E 259 -52.66 -32.82 0.93
N GLY E 260 -52.69 -32.03 2.01
CA GLY E 260 -52.15 -30.66 2.06
C GLY E 260 -53.28 -29.63 1.97
N THR E 261 -54.53 -30.08 1.83
CA THR E 261 -55.73 -29.20 1.89
C THR E 261 -55.86 -28.69 3.32
N HIS E 262 -56.30 -27.46 3.48
CA HIS E 262 -56.68 -26.86 4.78
C HIS E 262 -58.07 -26.26 4.65
N THR E 263 -58.91 -26.51 5.64
CA THR E 263 -60.34 -26.15 5.64
C THR E 263 -60.65 -25.48 6.98
N ARG E 264 -61.07 -24.22 6.96
CA ARG E 264 -61.59 -23.55 8.19
C ARG E 264 -62.90 -24.24 8.54
N TYR E 265 -63.11 -24.52 9.82
CA TYR E 265 -64.37 -25.09 10.33
C TYR E 265 -64.86 -24.25 11.49
N ASP E 266 -66.16 -24.34 11.76
CA ASP E 266 -66.79 -23.74 12.96
C ASP E 266 -66.65 -24.78 14.08
N ALA E 267 -66.95 -26.03 13.77
CA ALA E 267 -66.63 -27.19 14.62
C ALA E 267 -66.32 -28.40 13.73
N GLN E 268 -65.37 -29.22 14.16
CA GLN E 268 -64.89 -30.38 13.37
C GLN E 268 -64.35 -31.42 14.34
N ALA E 269 -64.55 -32.69 14.03
CA ALA E 269 -63.94 -33.81 14.75
C ALA E 269 -63.17 -34.65 13.73
N ILE E 270 -62.00 -35.14 14.13
CA ILE E 270 -61.09 -36.01 13.32
C ILE E 270 -60.82 -37.25 14.15
N GLY E 271 -60.43 -38.34 13.50
CA GLY E 271 -60.13 -39.62 14.18
C GLY E 271 -61.31 -40.58 14.15
N GLY E 272 -61.37 -41.45 15.17
CA GLY E 272 -62.22 -42.64 15.24
C GLY E 272 -63.69 -42.29 15.10
N GLY E 273 -64.22 -41.54 16.07
CA GLY E 273 -65.65 -41.19 16.13
C GLY E 273 -65.93 -39.82 15.52
N ALA E 274 -65.08 -39.36 14.60
CA ALA E 274 -65.28 -38.13 13.81
C ALA E 274 -66.66 -38.14 13.14
N GLU E 275 -67.07 -39.28 12.58
CA GLU E 275 -68.36 -39.47 11.84
C GLU E 275 -69.54 -39.36 12.81
N ALA E 276 -69.44 -40.01 13.98
CA ALA E 276 -70.47 -40.00 15.05
C ALA E 276 -70.54 -38.63 15.74
N ALA E 277 -69.44 -37.85 15.74
CA ALA E 277 -69.31 -36.54 16.42
C ALA E 277 -69.85 -35.42 15.53
N GLN E 278 -69.63 -35.48 14.21
CA GLN E 278 -70.26 -34.57 13.20
C GLN E 278 -71.79 -34.61 13.38
N SER E 279 -72.35 -35.80 13.60
CA SER E 279 -73.81 -36.03 13.84
C SER E 279 -74.28 -35.25 15.07
N VAL E 280 -73.48 -35.21 16.14
CA VAL E 280 -73.79 -34.48 17.40
C VAL E 280 -73.65 -32.97 17.16
N PHE E 281 -72.64 -32.51 16.42
CA PHE E 281 -72.42 -31.08 16.11
C PHE E 281 -73.62 -30.52 15.33
N THR E 282 -74.07 -31.24 14.29
CA THR E 282 -75.24 -30.91 13.44
C THR E 282 -76.44 -30.53 14.31
N GLU E 283 -76.63 -31.30 15.38
CA GLU E 283 -77.78 -31.27 16.32
C GLU E 283 -77.60 -30.12 17.32
N ARG E 284 -76.38 -29.92 17.84
CA ARG E 284 -76.10 -29.17 19.10
C ARG E 284 -75.35 -27.85 18.84
N TYR E 285 -74.33 -27.83 17.97
CA TYR E 285 -73.49 -26.63 17.70
C TYR E 285 -74.33 -25.52 17.07
N HIS E 286 -74.26 -24.32 17.66
CA HIS E 286 -74.66 -23.02 17.05
C HIS E 286 -73.46 -22.06 17.15
N ARG E 287 -73.53 -20.93 16.46
CA ARG E 287 -72.39 -20.01 16.25
C ARG E 287 -72.24 -19.03 17.43
N ASN E 288 -73.23 -18.93 18.33
CA ASN E 288 -73.24 -17.98 19.46
C ASN E 288 -73.11 -18.75 20.79
N MET E 289 -72.33 -19.83 20.79
CA MET E 289 -72.01 -20.63 22.00
C MET E 289 -71.12 -19.81 22.93
N THR E 290 -71.27 -20.00 24.24
CA THR E 290 -70.29 -19.59 25.27
C THR E 290 -69.15 -20.61 25.27
N LEU E 291 -67.93 -20.18 25.56
CA LEU E 291 -66.73 -21.03 25.73
C LEU E 291 -67.08 -22.18 26.67
N GLU E 292 -67.80 -21.87 27.76
CA GLU E 292 -68.29 -22.81 28.79
C GLU E 292 -69.14 -23.91 28.13
N GLU E 293 -70.10 -23.56 27.26
CA GLU E 293 -71.00 -24.52 26.53
C GLU E 293 -70.19 -25.33 25.51
N GLY E 294 -69.23 -24.69 24.84
CA GLY E 294 -68.28 -25.32 23.90
C GLY E 294 -67.46 -26.40 24.57
N GLU E 295 -66.87 -26.08 25.74
CA GLU E 295 -66.15 -27.05 26.60
C GLU E 295 -67.08 -28.20 26.98
N THR E 296 -68.28 -27.88 27.48
CA THR E 296 -69.35 -28.84 27.86
C THR E 296 -69.60 -29.77 26.67
N LEU E 297 -69.86 -29.20 25.49
CA LEU E 297 -70.14 -29.96 24.24
C LEU E 297 -68.94 -30.85 23.89
N ALA E 298 -67.75 -30.26 23.77
CA ALA E 298 -66.48 -30.94 23.44
C ALA E 298 -66.35 -32.23 24.25
N VAL E 299 -66.58 -32.16 25.56
CA VAL E 299 -66.46 -33.31 26.50
C VAL E 299 -67.68 -34.23 26.35
N ASP E 300 -68.89 -33.67 26.24
CA ASP E 300 -70.15 -34.44 26.03
C ASP E 300 -69.97 -35.41 24.86
N ILE E 301 -69.40 -34.92 23.75
CA ILE E 301 -69.11 -35.72 22.52
C ILE E 301 -68.07 -36.79 22.85
N LEU E 302 -66.90 -36.39 23.34
CA LEU E 302 -65.79 -37.32 23.68
C LEU E 302 -66.31 -38.47 24.57
N LYS E 303 -67.25 -38.19 25.48
CA LYS E 303 -67.86 -39.20 26.38
C LYS E 303 -68.59 -40.26 25.55
N GLN E 304 -69.52 -39.82 24.70
CA GLN E 304 -70.32 -40.65 23.77
C GLN E 304 -69.40 -41.47 22.87
N VAL E 305 -68.34 -40.85 22.34
CA VAL E 305 -67.55 -41.35 21.17
C VAL E 305 -66.43 -42.28 21.65
N MET E 306 -65.55 -41.81 22.54
CA MET E 306 -64.31 -42.53 22.92
C MET E 306 -64.67 -43.86 23.59
N GLU E 307 -63.81 -44.88 23.39
CA GLU E 307 -64.08 -46.30 23.76
C GLU E 307 -64.03 -46.46 25.29
N ASP E 308 -62.95 -45.98 25.93
CA ASP E 308 -62.74 -46.03 27.40
C ASP E 308 -63.79 -45.13 28.10
N GLN E 309 -64.02 -45.35 29.39
CA GLN E 309 -64.87 -44.47 30.25
C GLN E 309 -64.12 -43.15 30.47
N LEU E 310 -64.83 -42.02 30.34
CA LEU E 310 -64.21 -40.67 30.36
C LEU E 310 -63.81 -40.32 31.79
N SER E 311 -62.53 -39.98 31.97
CA SER E 311 -61.89 -39.54 33.23
C SER E 311 -61.25 -38.18 33.00
N PRO E 312 -60.87 -37.43 34.06
CA PRO E 312 -60.12 -36.20 33.89
C PRO E 312 -58.72 -36.40 33.27
N GLU E 313 -58.13 -37.60 33.44
CA GLU E 313 -56.78 -37.96 32.93
C GLU E 313 -56.87 -38.58 31.53
N ASN E 314 -58.03 -39.13 31.18
CA ASN E 314 -58.29 -39.95 29.96
C ASN E 314 -58.33 -39.04 28.72
N ILE E 315 -58.67 -37.76 28.89
CA ILE E 315 -58.83 -36.75 27.79
C ILE E 315 -57.99 -35.50 28.08
N GLU E 316 -57.70 -34.78 27.01
CA GLU E 316 -56.99 -33.50 27.04
C GLU E 316 -57.99 -32.47 26.52
N VAL E 317 -58.09 -31.32 27.19
CA VAL E 317 -58.88 -30.15 26.72
C VAL E 317 -57.97 -28.94 26.73
N ALA E 318 -58.11 -28.07 25.74
CA ALA E 318 -57.40 -26.78 25.63
C ALA E 318 -58.39 -25.78 25.06
N VAL E 319 -58.19 -24.50 25.37
CA VAL E 319 -58.96 -23.39 24.76
C VAL E 319 -57.98 -22.27 24.48
N VAL E 320 -58.15 -21.61 23.34
CA VAL E 320 -57.59 -20.26 23.14
C VAL E 320 -58.79 -19.33 23.29
N ARG E 321 -58.76 -18.48 24.33
CA ARG E 321 -59.85 -17.53 24.65
C ARG E 321 -59.66 -16.27 23.80
N ALA E 322 -60.75 -15.77 23.20
CA ALA E 322 -60.78 -14.55 22.36
C ALA E 322 -60.32 -13.33 23.16
N ASP E 323 -60.65 -13.25 24.46
CA ASP E 323 -60.49 -12.04 25.31
C ASP E 323 -59.00 -11.70 25.49
N ASP E 324 -58.16 -12.67 25.91
CA ASP E 324 -56.71 -12.49 26.17
C ASP E 324 -55.87 -12.98 24.96
N GLY E 325 -56.45 -13.80 24.07
CA GLY E 325 -55.79 -14.35 22.88
C GLY E 325 -54.77 -15.42 23.24
N LYS E 326 -54.82 -15.94 24.46
CA LYS E 326 -53.81 -16.86 25.05
C LYS E 326 -54.42 -18.28 25.13
N LEU E 327 -53.55 -19.28 25.01
CA LEU E 327 -53.88 -20.72 25.09
C LEU E 327 -53.79 -21.16 26.56
N HIS E 328 -54.80 -21.88 27.04
CA HIS E 328 -54.80 -22.57 28.35
C HIS E 328 -55.05 -24.05 28.09
N MET E 329 -54.10 -24.90 28.49
CA MET E 329 -54.27 -26.37 28.54
C MET E 329 -54.95 -26.68 29.86
N TYR E 330 -56.14 -27.29 29.83
CA TYR E 330 -56.93 -27.59 31.04
C TYR E 330 -56.25 -28.76 31.76
N THR E 331 -55.94 -28.54 33.05
CA THR E 331 -55.43 -29.56 34.00
C THR E 331 -56.54 -30.59 34.25
N PRO E 332 -56.23 -31.80 34.76
CA PRO E 332 -57.28 -32.77 35.09
C PRO E 332 -58.34 -32.21 36.07
N THR E 333 -57.91 -31.45 37.09
CA THR E 333 -58.76 -30.66 38.03
C THR E 333 -59.83 -29.86 37.26
N GLU E 334 -59.37 -29.17 36.22
CA GLU E 334 -60.10 -28.16 35.42
C GLU E 334 -61.08 -28.88 34.48
N ILE E 335 -60.71 -30.07 34.00
CA ILE E 335 -61.56 -30.94 33.13
C ILE E 335 -62.65 -31.59 33.99
N LYS E 336 -62.35 -31.91 35.25
CA LYS E 336 -63.34 -32.45 36.22
C LYS E 336 -64.43 -31.40 36.46
N ALA E 337 -64.05 -30.12 36.53
CA ALA E 337 -64.95 -28.96 36.67
C ALA E 337 -65.95 -28.93 35.49
N ILE E 338 -65.51 -29.29 34.28
CA ILE E 338 -66.37 -29.37 33.07
C ILE E 338 -67.33 -30.57 33.21
N MET E 339 -66.81 -31.75 33.56
CA MET E 339 -67.60 -33.00 33.75
C MET E 339 -68.63 -32.82 34.88
N SER E 340 -68.27 -32.05 35.92
CA SER E 340 -69.11 -31.77 37.12
C SER E 340 -70.40 -31.02 36.72
N ARG E 341 -70.34 -30.10 35.76
CA ARG E 341 -71.49 -29.23 35.35
C ARG E 341 -72.36 -29.95 34.29
N MET E 342 -72.16 -31.25 34.06
CA MET E 342 -72.80 -32.07 32.98
C MET E 342 -73.31 -33.39 33.59
N ASN F 168 -56.17 -53.63 -15.91
CA ASN F 168 -55.46 -52.66 -16.82
C ASN F 168 -54.01 -52.53 -16.37
N GLU F 169 -53.07 -53.01 -17.19
CA GLU F 169 -51.61 -53.05 -16.85
C GLU F 169 -50.94 -51.74 -17.28
N TYR F 170 -51.69 -50.77 -17.82
CA TYR F 170 -51.15 -49.53 -18.43
C TYR F 170 -51.56 -48.26 -17.67
N ASP F 171 -52.30 -48.37 -16.56
CA ASP F 171 -52.94 -47.22 -15.87
C ASP F 171 -52.16 -46.83 -14.60
N SER F 172 -51.06 -47.51 -14.30
CA SER F 172 -50.30 -47.37 -13.01
C SER F 172 -49.36 -46.15 -13.09
N ASP F 173 -48.51 -46.09 -14.13
CA ASP F 173 -47.45 -45.05 -14.29
C ASP F 173 -47.92 -44.00 -15.31
N ILE F 174 -47.44 -42.77 -15.11
CA ILE F 174 -47.65 -41.63 -16.03
C ILE F 174 -46.89 -41.88 -17.33
N THR F 175 -45.73 -42.56 -17.26
CA THR F 175 -44.80 -42.79 -18.38
C THR F 175 -45.29 -43.92 -19.29
N THR F 176 -46.42 -44.54 -19.01
CA THR F 176 -46.88 -45.70 -19.81
C THR F 176 -48.01 -45.28 -20.74
N TRP F 177 -47.73 -45.24 -22.03
CA TRP F 177 -48.75 -45.22 -23.10
C TRP F 177 -49.50 -46.55 -23.05
N SER F 178 -50.82 -46.52 -23.13
CA SER F 178 -51.63 -47.72 -23.44
C SER F 178 -51.34 -48.10 -24.88
N PRO F 179 -51.71 -49.33 -25.32
CA PRO F 179 -51.61 -49.71 -26.73
C PRO F 179 -52.52 -48.93 -27.68
N THR F 180 -53.61 -48.34 -27.17
CA THR F 180 -54.58 -47.53 -27.96
C THR F 180 -54.15 -46.07 -28.00
N GLY F 181 -53.03 -45.72 -27.34
CA GLY F 181 -52.38 -44.41 -27.41
C GLY F 181 -53.02 -43.42 -26.45
N ARG F 182 -53.46 -43.89 -25.29
CA ARG F 182 -54.00 -43.06 -24.19
C ARG F 182 -52.98 -43.05 -23.05
N LEU F 183 -52.93 -41.96 -22.31
CA LEU F 183 -52.18 -41.84 -21.04
C LEU F 183 -53.19 -41.86 -19.89
N PHE F 184 -53.38 -43.01 -19.25
CA PHE F 184 -54.51 -43.21 -18.30
C PHE F 184 -54.34 -42.35 -17.06
N GLN F 185 -53.12 -42.18 -16.55
CA GLN F 185 -52.88 -41.38 -15.32
C GLN F 185 -53.33 -39.93 -15.56
N ILE F 186 -53.34 -39.47 -16.81
CA ILE F 186 -53.87 -38.12 -17.20
C ILE F 186 -55.40 -38.16 -17.24
N GLU F 187 -56.00 -39.20 -17.82
CA GLU F 187 -57.48 -39.38 -17.88
C GLU F 187 -58.03 -39.45 -16.46
N TYR F 188 -57.25 -40.02 -15.54
CA TYR F 188 -57.63 -40.21 -14.12
C TYR F 188 -57.49 -38.89 -13.37
N ALA F 189 -56.39 -38.15 -13.59
CA ALA F 189 -56.19 -36.82 -13.00
C ALA F 189 -57.33 -35.91 -13.47
N ASN F 190 -57.83 -36.09 -14.69
CA ASN F 190 -59.00 -35.33 -15.23
C ASN F 190 -60.25 -35.64 -14.40
N GLU F 191 -60.41 -36.87 -13.92
CA GLU F 191 -61.58 -37.25 -13.10
C GLU F 191 -61.55 -36.48 -11.77
N ALA F 192 -60.36 -36.09 -11.29
CA ALA F 192 -60.21 -35.28 -10.05
C ALA F 192 -60.93 -33.94 -10.24
N VAL F 193 -60.74 -33.31 -11.40
CA VAL F 193 -61.34 -32.02 -11.80
C VAL F 193 -62.86 -32.16 -11.89
N ASN F 194 -63.35 -33.24 -12.51
CA ASN F 194 -64.80 -33.43 -12.78
C ASN F 194 -65.58 -33.74 -11.49
N ASN F 195 -64.89 -34.16 -10.42
CA ASN F 195 -65.48 -34.44 -9.08
C ASN F 195 -65.30 -33.25 -8.14
N GLY F 196 -64.42 -32.29 -8.49
CA GLY F 196 -64.31 -30.97 -7.83
C GLY F 196 -65.63 -30.21 -7.90
N SER F 197 -65.82 -29.26 -6.98
CA SER F 197 -67.05 -28.42 -6.88
C SER F 197 -67.07 -27.45 -8.06
N ALA F 198 -68.27 -27.15 -8.57
CA ALA F 198 -68.48 -26.42 -9.84
C ALA F 198 -67.96 -25.00 -9.70
N THR F 199 -67.20 -24.54 -10.69
CA THR F 199 -66.92 -23.11 -10.95
C THR F 199 -67.31 -22.84 -12.39
N VAL F 200 -67.63 -21.58 -12.68
CA VAL F 200 -68.09 -21.05 -13.99
C VAL F 200 -67.31 -19.76 -14.29
N GLY F 201 -67.01 -19.58 -15.57
CA GLY F 201 -66.36 -18.37 -16.11
C GLY F 201 -67.17 -17.88 -17.28
N VAL F 202 -67.43 -16.58 -17.34
CA VAL F 202 -68.02 -15.93 -18.55
C VAL F 202 -67.21 -14.66 -18.80
N LYS F 203 -66.90 -14.38 -20.06
CA LYS F 203 -66.21 -13.12 -20.41
C LYS F 203 -67.07 -12.32 -21.38
N GLY F 204 -67.18 -11.02 -21.11
CA GLY F 204 -67.88 -10.02 -21.92
C GLY F 204 -66.88 -9.15 -22.64
N LYS F 205 -67.26 -7.93 -23.02
CA LYS F 205 -66.38 -7.05 -23.83
C LYS F 205 -65.17 -6.67 -22.98
N ASN F 206 -65.42 -6.33 -21.71
CA ASN F 206 -64.44 -5.64 -20.84
C ASN F 206 -64.23 -6.39 -19.52
N PHE F 207 -64.95 -7.47 -19.25
CA PHE F 207 -64.95 -8.15 -17.92
C PHE F 207 -64.93 -9.67 -18.08
N VAL F 208 -64.33 -10.33 -17.09
CA VAL F 208 -64.45 -11.78 -16.86
C VAL F 208 -65.03 -11.96 -15.46
N VAL F 209 -65.98 -12.87 -15.33
CA VAL F 209 -66.66 -13.22 -14.06
C VAL F 209 -66.41 -14.71 -13.82
N LEU F 210 -65.68 -15.02 -12.77
CA LEU F 210 -65.65 -16.36 -12.14
C LEU F 210 -66.74 -16.41 -11.07
N ALA F 211 -67.54 -17.47 -11.06
CA ALA F 211 -68.48 -17.82 -9.97
C ALA F 211 -68.21 -19.26 -9.58
N ALA F 212 -67.95 -19.51 -8.30
CA ALA F 212 -67.63 -20.84 -7.74
C ALA F 212 -68.64 -21.19 -6.65
N LEU F 213 -69.16 -22.42 -6.69
CA LEU F 213 -69.84 -23.05 -5.53
C LEU F 213 -68.78 -23.38 -4.48
N LYS F 214 -68.94 -22.81 -3.29
CA LYS F 214 -68.33 -23.32 -2.03
C LYS F 214 -69.20 -24.47 -1.51
N ARG F 215 -68.77 -25.10 -0.42
CA ARG F 215 -69.54 -26.16 0.30
C ARG F 215 -70.62 -25.45 1.13
N SER F 216 -71.87 -25.94 1.07
CA SER F 216 -73.06 -25.32 1.70
C SER F 216 -73.12 -25.71 3.18
N PRO F 217 -73.09 -24.73 4.12
CA PRO F 217 -73.15 -25.02 5.56
C PRO F 217 -74.19 -26.06 5.99
N VAL F 218 -73.73 -27.12 6.66
CA VAL F 218 -74.56 -28.22 7.25
C VAL F 218 -75.12 -27.71 8.58
N ALA F 219 -76.44 -27.44 8.64
CA ALA F 219 -77.17 -26.85 9.79
C ALA F 219 -76.61 -25.44 10.09
N GLU F 220 -76.10 -25.21 11.31
CA GLU F 220 -75.49 -23.93 11.75
C GLU F 220 -73.95 -24.05 11.76
N LEU F 221 -73.39 -24.93 10.92
CA LEU F 221 -71.95 -25.31 10.91
C LEU F 221 -71.34 -24.99 9.54
N SER F 222 -70.37 -24.06 9.49
CA SER F 222 -69.71 -23.56 8.26
C SER F 222 -68.36 -24.26 8.03
N SER F 223 -68.02 -24.46 6.75
CA SER F 223 -66.65 -24.72 6.24
C SER F 223 -66.27 -23.58 5.32
N TYR F 224 -65.00 -23.20 5.28
CA TYR F 224 -64.40 -22.35 4.22
C TYR F 224 -63.20 -23.08 3.66
N GLN F 225 -63.04 -23.03 2.35
CA GLN F 225 -61.84 -23.55 1.63
C GLN F 225 -61.54 -22.58 0.49
N GLU F 226 -60.33 -22.02 0.47
CA GLU F 226 -59.90 -21.04 -0.57
C GLU F 226 -59.83 -21.76 -1.92
N LYS F 227 -60.84 -21.53 -2.77
CA LYS F 227 -60.96 -22.11 -4.13
C LYS F 227 -60.69 -21.04 -5.20
N VAL F 228 -60.88 -19.77 -4.89
CA VAL F 228 -60.60 -18.62 -5.80
C VAL F 228 -59.39 -17.86 -5.25
N PHE F 229 -58.44 -17.53 -6.11
CA PHE F 229 -57.16 -16.89 -5.76
C PHE F 229 -56.92 -15.68 -6.64
N GLU F 230 -56.61 -14.53 -6.04
CA GLU F 230 -55.98 -13.41 -6.75
C GLU F 230 -54.56 -13.88 -7.03
N ILE F 231 -54.07 -13.62 -8.24
CA ILE F 231 -52.70 -14.01 -8.70
C ILE F 231 -51.87 -12.74 -8.93
N ASP F 232 -52.48 -11.70 -9.48
CA ASP F 232 -51.90 -10.35 -9.57
C ASP F 232 -53.07 -9.38 -9.74
N GLU F 233 -52.80 -8.08 -9.72
CA GLU F 233 -53.81 -7.01 -9.96
C GLU F 233 -54.81 -7.48 -11.01
N HIS F 234 -54.29 -8.06 -12.11
CA HIS F 234 -55.01 -8.22 -13.40
C HIS F 234 -55.41 -9.67 -13.67
N VAL F 235 -55.15 -10.61 -12.76
CA VAL F 235 -55.43 -12.05 -12.98
C VAL F 235 -55.92 -12.70 -11.70
N GLY F 236 -56.81 -13.67 -11.84
CA GLY F 236 -57.05 -14.66 -10.80
C GLY F 236 -57.64 -15.94 -11.35
N MET F 237 -57.85 -16.86 -10.43
CA MET F 237 -57.99 -18.30 -10.68
C MET F 237 -59.27 -18.74 -9.98
N SER F 238 -59.92 -19.76 -10.50
CA SER F 238 -60.88 -20.59 -9.75
C SER F 238 -60.47 -22.03 -10.02
N ILE F 239 -60.22 -22.80 -8.98
CA ILE F 239 -59.76 -24.22 -9.11
C ILE F 239 -60.93 -25.16 -8.89
N SER F 240 -60.81 -26.36 -9.45
CA SER F 240 -61.64 -27.56 -9.20
C SER F 240 -60.72 -28.77 -9.14
N GLY F 241 -60.85 -29.59 -8.11
CA GLY F 241 -60.07 -30.83 -7.95
C GLY F 241 -59.22 -30.76 -6.71
N LEU F 242 -58.00 -31.28 -6.79
CA LEU F 242 -57.10 -31.37 -5.62
C LEU F 242 -56.65 -29.94 -5.27
N VAL F 243 -57.25 -29.41 -4.20
CA VAL F 243 -57.05 -28.01 -3.74
C VAL F 243 -55.58 -27.78 -3.39
N ALA F 244 -54.89 -28.83 -2.94
CA ALA F 244 -53.43 -28.83 -2.67
C ALA F 244 -52.66 -28.44 -3.93
N ASP F 245 -53.04 -29.01 -5.09
CA ASP F 245 -52.38 -28.80 -6.41
C ASP F 245 -52.76 -27.42 -6.96
N GLY F 246 -53.99 -26.96 -6.73
CA GLY F 246 -54.43 -25.59 -7.00
C GLY F 246 -53.53 -24.59 -6.30
N ARG F 247 -53.26 -24.81 -5.01
CA ARG F 247 -52.36 -23.97 -4.20
C ARG F 247 -50.95 -23.95 -4.81
N VAL F 248 -50.50 -25.08 -5.35
CA VAL F 248 -49.13 -25.23 -5.93
C VAL F 248 -49.03 -24.38 -7.20
N LEU F 249 -50.08 -24.39 -8.03
CA LEU F 249 -50.19 -23.57 -9.26
C LEU F 249 -50.32 -22.11 -8.87
N ALA F 250 -51.25 -21.80 -7.95
CA ALA F 250 -51.46 -20.45 -7.38
C ALA F 250 -50.10 -19.84 -7.01
N ARG F 251 -49.29 -20.58 -6.25
CA ARG F 251 -47.97 -20.08 -5.81
C ARG F 251 -47.13 -19.84 -7.06
N TYR F 252 -47.08 -20.79 -7.97
CA TYR F 252 -46.22 -20.70 -9.19
C TYR F 252 -46.60 -19.44 -9.96
N LEU F 253 -47.88 -19.32 -10.33
CA LEU F 253 -48.41 -18.20 -11.14
C LEU F 253 -48.16 -16.88 -10.43
N ARG F 254 -48.36 -16.83 -9.12
CA ARG F 254 -48.11 -15.62 -8.29
C ARG F 254 -46.64 -15.25 -8.41
N THR F 255 -45.77 -16.22 -8.22
CA THR F 255 -44.30 -16.06 -8.28
C THR F 255 -43.91 -15.55 -9.68
N GLU F 256 -44.48 -16.15 -10.72
CA GLU F 256 -44.13 -15.81 -12.13
C GLU F 256 -44.72 -14.44 -12.48
N CYS F 257 -45.92 -14.13 -12.01
CA CYS F 257 -46.58 -12.83 -12.26
C CYS F 257 -45.82 -11.70 -11.55
N MET F 258 -45.26 -11.99 -10.39
CA MET F 258 -44.44 -11.03 -9.62
C MET F 258 -43.14 -10.78 -10.39
N ASN F 259 -42.41 -11.85 -10.70
CA ASN F 259 -41.18 -11.80 -11.53
C ASN F 259 -41.41 -10.93 -12.75
N TYR F 260 -42.47 -11.22 -13.50
CA TYR F 260 -42.79 -10.47 -14.74
C TYR F 260 -42.91 -9.00 -14.39
N ARG F 261 -43.81 -8.69 -13.46
CA ARG F 261 -44.09 -7.29 -13.04
C ARG F 261 -42.84 -6.61 -12.48
N TYR F 262 -42.01 -7.34 -11.76
CA TYR F 262 -40.69 -6.83 -11.32
C TYR F 262 -39.89 -6.40 -12.56
N MET F 263 -39.77 -7.30 -13.54
CA MET F 263 -38.93 -7.05 -14.74
C MET F 263 -39.51 -5.90 -15.55
N TYR F 264 -40.79 -5.97 -15.89
CA TYR F 264 -41.39 -5.14 -16.96
C TYR F 264 -42.23 -3.99 -16.40
N SER F 265 -42.53 -3.97 -15.11
CA SER F 265 -43.36 -2.92 -14.47
C SER F 265 -44.76 -2.93 -15.10
N ASN F 266 -45.27 -4.12 -15.41
CA ASN F 266 -46.59 -4.27 -16.08
C ASN F 266 -47.03 -5.73 -15.93
N GLY F 267 -48.32 -6.00 -15.86
CA GLY F 267 -48.83 -7.36 -15.60
C GLY F 267 -48.47 -8.33 -16.70
N MET F 268 -48.08 -9.56 -16.36
CA MET F 268 -47.85 -10.62 -17.36
C MET F 268 -49.07 -10.68 -18.28
N PRO F 269 -48.89 -10.55 -19.61
CA PRO F 269 -49.98 -10.76 -20.56
C PRO F 269 -50.58 -12.14 -20.37
N MET F 270 -51.88 -12.26 -20.59
CA MET F 270 -52.66 -13.48 -20.26
C MET F 270 -52.33 -14.62 -21.22
N ASN F 271 -52.17 -14.34 -22.50
CA ASN F 271 -51.73 -15.35 -23.48
C ASN F 271 -50.41 -15.98 -22.98
N GLN F 272 -49.45 -15.15 -22.55
CA GLN F 272 -48.14 -15.63 -22.04
C GLN F 272 -48.30 -16.49 -20.78
N MET F 273 -49.22 -16.12 -19.90
CA MET F 273 -49.48 -16.83 -18.64
C MET F 273 -50.11 -18.19 -18.93
N ALA F 274 -51.07 -18.24 -19.85
CA ALA F 274 -51.76 -19.47 -20.31
C ALA F 274 -50.73 -20.48 -20.81
N ASP F 275 -49.74 -20.00 -21.54
CA ASP F 275 -48.63 -20.82 -22.09
C ASP F 275 -47.78 -21.36 -20.94
N MET F 276 -47.52 -20.54 -19.92
CA MET F 276 -46.69 -20.93 -18.74
C MET F 276 -47.34 -22.07 -17.97
N ILE F 277 -48.66 -22.04 -17.78
CA ILE F 277 -49.35 -23.08 -16.96
C ILE F 277 -49.32 -24.37 -17.76
N GLY F 278 -49.76 -24.29 -19.01
CA GLY F 278 -49.64 -25.38 -19.99
C GLY F 278 -48.31 -26.08 -19.87
N GLU F 279 -47.23 -25.34 -20.00
CA GLU F 279 -45.82 -25.84 -19.94
C GLU F 279 -45.61 -26.57 -18.61
N LYS F 280 -46.03 -25.95 -17.50
CA LYS F 280 -45.75 -26.43 -16.13
C LYS F 280 -46.50 -27.73 -15.89
N HIS F 281 -47.75 -27.82 -16.31
CA HIS F 281 -48.54 -29.07 -16.32
C HIS F 281 -47.79 -30.16 -17.09
N GLN F 282 -47.26 -29.83 -18.27
CA GLN F 282 -46.60 -30.80 -19.17
C GLN F 282 -45.33 -31.35 -18.50
N ARG F 283 -44.59 -30.55 -17.74
CA ARG F 283 -43.36 -31.05 -17.06
C ARG F 283 -43.73 -32.27 -16.21
N HIS F 284 -44.95 -32.28 -15.66
CA HIS F 284 -45.47 -33.31 -14.71
C HIS F 284 -46.07 -34.53 -15.44
N ILE F 285 -46.40 -34.45 -16.73
CA ILE F 285 -47.05 -35.61 -17.42
C ILE F 285 -46.03 -36.52 -18.15
N GLN F 286 -44.72 -36.35 -18.01
CA GLN F 286 -43.75 -37.11 -18.83
C GLN F 286 -42.70 -37.85 -17.98
N CYS F 287 -42.13 -37.20 -16.96
CA CYS F 287 -41.18 -37.81 -15.99
C CYS F 287 -41.92 -38.82 -15.12
N SER F 288 -41.21 -39.86 -14.66
CA SER F 288 -41.71 -40.94 -13.77
C SER F 288 -41.93 -40.38 -12.37
N GLY F 289 -40.94 -39.64 -11.85
CA GLY F 289 -40.92 -39.07 -10.49
C GLY F 289 -42.16 -38.22 -10.20
N LYS F 290 -42.61 -37.45 -11.18
CA LYS F 290 -43.70 -36.45 -11.06
C LYS F 290 -45.03 -37.13 -11.33
N ARG F 291 -46.13 -36.41 -11.12
CA ARG F 291 -47.51 -36.84 -11.46
C ARG F 291 -48.30 -35.63 -11.98
N PRO F 292 -49.34 -35.84 -12.81
CA PRO F 292 -50.15 -34.74 -13.30
C PRO F 292 -50.86 -34.02 -12.15
N PHE F 293 -51.02 -32.70 -12.26
CA PHE F 293 -51.84 -31.88 -11.32
C PHE F 293 -53.28 -32.37 -11.42
N GLY F 294 -53.90 -32.69 -10.29
CA GLY F 294 -55.29 -33.17 -10.25
C GLY F 294 -56.29 -32.03 -10.18
N VAL F 295 -55.94 -30.87 -10.71
CA VAL F 295 -56.75 -29.63 -10.58
C VAL F 295 -57.00 -29.05 -11.96
N GLY F 296 -58.20 -28.51 -12.17
CA GLY F 296 -58.49 -27.58 -13.27
C GLY F 296 -58.44 -26.15 -12.78
N LEU F 297 -57.89 -25.23 -13.57
CA LEU F 297 -58.01 -23.77 -13.29
C LEU F 297 -58.99 -23.14 -14.27
N LEU F 298 -59.75 -22.14 -13.81
CA LEU F 298 -60.28 -21.04 -14.65
C LEU F 298 -59.44 -19.80 -14.39
N LEU F 299 -58.39 -19.61 -15.17
CA LEU F 299 -57.70 -18.31 -15.24
C LEU F 299 -58.71 -17.31 -15.78
N ALA F 300 -58.78 -16.13 -15.18
CA ALA F 300 -59.52 -14.95 -15.66
C ALA F 300 -58.58 -13.76 -15.51
N GLY F 301 -58.34 -13.01 -16.57
CA GLY F 301 -57.39 -11.90 -16.54
C GLY F 301 -57.78 -10.81 -17.50
N TYR F 302 -57.15 -9.65 -17.36
CA TYR F 302 -57.34 -8.50 -18.26
C TYR F 302 -55.98 -7.90 -18.60
N ASP F 303 -55.72 -7.67 -19.89
CA ASP F 303 -54.49 -6.99 -20.36
C ASP F 303 -54.83 -6.07 -21.53
N ARG F 304 -53.81 -5.55 -22.22
CA ARG F 304 -53.93 -4.73 -23.46
C ARG F 304 -54.91 -5.38 -24.45
N GLN F 305 -54.83 -6.71 -24.63
CA GLN F 305 -55.63 -7.45 -25.63
C GLN F 305 -57.06 -7.66 -25.10
N GLY F 306 -57.38 -7.18 -23.90
CA GLY F 306 -58.73 -7.17 -23.34
C GLY F 306 -58.93 -8.27 -22.30
N PRO F 307 -60.16 -8.76 -22.08
CA PRO F 307 -60.39 -9.84 -21.13
C PRO F 307 -60.11 -11.22 -21.72
N HIS F 308 -59.51 -12.09 -20.89
CA HIS F 308 -59.17 -13.49 -21.22
C HIS F 308 -59.74 -14.40 -20.14
N LEU F 309 -60.34 -15.52 -20.55
CA LEU F 309 -60.78 -16.61 -19.67
C LEU F 309 -60.20 -17.90 -20.24
N TYR F 310 -59.29 -18.52 -19.50
CA TYR F 310 -58.65 -19.80 -19.85
C TYR F 310 -59.18 -20.86 -18.90
N GLN F 311 -59.46 -22.04 -19.40
CA GLN F 311 -59.60 -23.27 -18.58
C GLN F 311 -58.37 -24.13 -18.80
N THR F 312 -57.54 -24.23 -17.78
CA THR F 312 -56.39 -25.16 -17.74
C THR F 312 -56.96 -26.52 -17.32
N VAL F 313 -56.24 -27.59 -17.62
CA VAL F 313 -56.72 -28.99 -17.36
C VAL F 313 -55.47 -29.83 -17.08
N PRO F 314 -55.57 -30.96 -16.35
CA PRO F 314 -54.40 -31.75 -15.95
C PRO F 314 -53.48 -32.21 -17.08
N SER F 315 -54.08 -32.52 -18.24
CA SER F 315 -53.40 -32.97 -19.48
C SER F 315 -52.38 -31.92 -19.96
N GLY F 316 -52.50 -30.67 -19.52
CA GLY F 316 -51.61 -29.54 -19.90
C GLY F 316 -52.24 -28.68 -20.99
N ASP F 317 -53.38 -29.12 -21.52
CA ASP F 317 -54.19 -28.35 -22.49
C ASP F 317 -54.67 -27.07 -21.82
N VAL F 318 -54.76 -25.99 -22.57
CA VAL F 318 -55.22 -24.67 -22.11
C VAL F 318 -56.14 -24.11 -23.18
N TYR F 319 -57.37 -23.83 -22.79
CA TYR F 319 -58.48 -23.50 -23.69
C TYR F 319 -58.84 -22.04 -23.47
N ASP F 320 -58.58 -21.17 -24.46
CA ASP F 320 -59.12 -19.79 -24.49
C ASP F 320 -60.63 -19.92 -24.73
N TYR F 321 -61.43 -19.54 -23.73
CA TYR F 321 -62.90 -19.75 -23.69
C TYR F 321 -63.61 -18.39 -23.69
N LYS F 322 -64.78 -18.33 -24.34
CA LYS F 322 -65.77 -17.22 -24.22
C LYS F 322 -66.52 -17.39 -22.91
N ALA F 323 -66.82 -18.64 -22.56
CA ALA F 323 -67.47 -19.04 -21.30
C ALA F 323 -67.27 -20.54 -21.11
N THR F 324 -67.24 -20.97 -19.85
CA THR F 324 -66.97 -22.38 -19.51
C THR F 324 -67.32 -22.63 -18.05
N ALA F 325 -67.52 -23.89 -17.73
CA ALA F 325 -67.69 -24.41 -16.36
C ALA F 325 -66.82 -25.65 -16.20
N MET F 326 -66.62 -26.05 -14.96
CA MET F 326 -65.61 -27.01 -14.50
C MET F 326 -66.23 -27.67 -13.27
N GLY F 327 -65.98 -28.95 -13.03
CA GLY F 327 -66.40 -29.59 -11.78
C GLY F 327 -67.72 -30.31 -11.94
N VAL F 328 -68.37 -30.60 -10.81
CA VAL F 328 -69.46 -31.61 -10.71
C VAL F 328 -70.75 -30.97 -11.26
N ARG F 329 -71.48 -31.71 -12.09
CA ARG F 329 -72.74 -31.29 -12.77
C ARG F 329 -72.49 -30.04 -13.61
N SER F 330 -71.26 -29.81 -14.06
CA SER F 330 -70.87 -28.63 -14.89
C SER F 330 -71.36 -28.79 -16.33
N GLN F 331 -71.75 -29.99 -16.76
CA GLN F 331 -72.33 -30.20 -18.11
C GLN F 331 -73.68 -29.46 -18.19
N ALA F 332 -74.37 -29.30 -17.06
CA ALA F 332 -75.62 -28.51 -16.92
C ALA F 332 -75.32 -27.01 -17.06
N SER F 333 -74.23 -26.53 -16.45
CA SER F 333 -73.76 -25.12 -16.55
C SER F 333 -73.39 -24.82 -17.99
N ARG F 334 -72.62 -25.71 -18.63
CA ARG F 334 -72.12 -25.52 -20.02
C ARG F 334 -73.32 -25.54 -20.96
N THR F 335 -74.37 -26.30 -20.66
CA THR F 335 -75.63 -26.32 -21.43
C THR F 335 -76.28 -24.93 -21.36
N TYR F 336 -76.41 -24.36 -20.17
CA TYR F 336 -76.99 -23.00 -19.96
C TYR F 336 -76.16 -21.99 -20.74
N LEU F 337 -74.84 -21.99 -20.53
CA LEU F 337 -73.90 -21.04 -21.18
C LEU F 337 -74.00 -21.13 -22.71
N GLU F 338 -74.16 -22.33 -23.27
CA GLU F 338 -74.27 -22.55 -24.75
C GLU F 338 -75.51 -21.82 -25.31
N ARG F 339 -76.58 -21.66 -24.53
CA ARG F 339 -77.81 -20.95 -24.97
C ARG F 339 -77.57 -19.43 -25.07
N HIS F 340 -76.63 -18.88 -24.29
CA HIS F 340 -76.55 -17.41 -24.01
C HIS F 340 -75.18 -16.80 -24.36
N PHE F 341 -74.12 -17.59 -24.58
CA PHE F 341 -72.72 -17.10 -24.60
C PHE F 341 -72.48 -16.11 -25.75
N GLU F 342 -73.25 -16.23 -26.84
CA GLU F 342 -73.15 -15.36 -28.05
C GLU F 342 -73.46 -13.90 -27.70
N HIS F 343 -74.24 -13.65 -26.63
CA HIS F 343 -74.72 -12.30 -26.21
C HIS F 343 -73.84 -11.70 -25.10
N PHE F 344 -72.68 -12.28 -24.77
CA PHE F 344 -71.87 -11.89 -23.59
C PHE F 344 -71.02 -10.65 -23.90
N SER F 345 -70.56 -10.48 -25.14
CA SER F 345 -69.79 -9.29 -25.59
C SER F 345 -70.70 -8.05 -25.59
N ASP F 346 -72.03 -8.22 -25.66
CA ASP F 346 -73.02 -7.12 -25.63
C ASP F 346 -73.44 -6.79 -24.18
N CYS F 347 -73.36 -7.77 -23.26
CA CYS F 347 -73.80 -7.66 -21.85
C CYS F 347 -73.02 -6.57 -21.10
N THR F 348 -73.64 -6.02 -20.04
CA THR F 348 -73.00 -5.20 -19.00
C THR F 348 -72.32 -6.12 -17.99
N LEU F 349 -71.61 -5.55 -17.01
CA LEU F 349 -70.98 -6.30 -15.89
C LEU F 349 -72.06 -7.01 -15.06
N ASP F 350 -73.20 -6.36 -14.80
CA ASP F 350 -74.28 -6.89 -13.92
C ASP F 350 -75.04 -8.03 -14.63
N GLU F 351 -75.14 -7.97 -15.97
CA GLU F 351 -75.78 -9.04 -16.80
C GLU F 351 -74.84 -10.25 -16.90
N LEU F 352 -73.53 -10.02 -17.03
CA LEU F 352 -72.50 -11.09 -17.04
C LEU F 352 -72.62 -11.89 -15.74
N VAL F 353 -72.64 -11.20 -14.60
CA VAL F 353 -72.64 -11.84 -13.25
C VAL F 353 -73.93 -12.64 -13.09
N THR F 354 -75.07 -12.10 -13.52
CA THR F 354 -76.36 -12.83 -13.57
C THR F 354 -76.15 -14.14 -14.34
N HIS F 355 -75.54 -14.07 -15.53
CA HIS F 355 -75.31 -15.23 -16.42
C HIS F 355 -74.38 -16.25 -15.74
N ALA F 356 -73.31 -15.77 -15.13
CA ALA F 356 -72.31 -16.60 -14.42
C ALA F 356 -73.02 -17.39 -13.32
N LEU F 357 -73.90 -16.71 -12.57
CA LEU F 357 -74.63 -17.30 -11.42
C LEU F 357 -75.73 -18.24 -11.91
N LYS F 358 -76.46 -17.82 -12.94
CA LYS F 358 -77.58 -18.61 -13.54
C LYS F 358 -76.99 -19.93 -14.05
N ALA F 359 -75.80 -19.88 -14.64
CA ALA F 359 -75.02 -21.05 -15.11
C ALA F 359 -74.66 -21.91 -13.91
N LEU F 360 -73.98 -21.30 -12.92
CA LEU F 360 -73.53 -21.98 -11.69
C LEU F 360 -74.70 -22.65 -10.99
N ALA F 361 -75.87 -22.02 -10.95
CA ALA F 361 -77.06 -22.52 -10.21
C ALA F 361 -77.68 -23.75 -10.90
N SER F 362 -77.40 -23.96 -12.20
CA SER F 362 -77.75 -25.21 -12.94
C SER F 362 -76.95 -26.40 -12.40
N ALA F 363 -75.76 -26.14 -11.83
CA ALA F 363 -74.79 -27.14 -11.33
C ALA F 363 -75.09 -27.56 -9.88
N THR F 364 -75.98 -26.85 -9.18
CA THR F 364 -76.36 -27.14 -7.77
C THR F 364 -77.21 -28.42 -7.74
N SER F 365 -77.18 -29.13 -6.62
CA SER F 365 -77.84 -30.44 -6.40
C SER F 365 -79.31 -30.23 -6.00
N GLU F 366 -80.24 -30.87 -6.71
CA GLU F 366 -81.67 -31.07 -6.35
C GLU F 366 -82.35 -29.73 -6.07
N GLY F 367 -82.32 -29.26 -4.81
CA GLY F 367 -83.17 -28.17 -4.30
C GLY F 367 -82.39 -26.97 -3.77
N ILE F 368 -81.06 -27.02 -3.68
CA ILE F 368 -80.25 -25.95 -3.01
C ILE F 368 -80.12 -24.78 -4.00
N GLU F 369 -80.21 -23.54 -3.48
CA GLU F 369 -80.16 -22.27 -4.24
C GLU F 369 -78.81 -21.59 -3.98
N LEU F 370 -78.41 -20.69 -4.88
CA LEU F 370 -77.22 -19.82 -4.65
C LEU F 370 -77.58 -18.76 -3.60
N ASN F 371 -76.57 -18.36 -2.82
CA ASN F 371 -76.62 -17.31 -1.79
C ASN F 371 -75.18 -17.02 -1.36
N VAL F 372 -74.95 -15.95 -0.62
CA VAL F 372 -73.58 -15.44 -0.26
C VAL F 372 -72.80 -16.52 0.50
N LYS F 373 -73.48 -17.37 1.28
CA LYS F 373 -72.79 -18.32 2.19
C LYS F 373 -72.28 -19.53 1.38
N ASN F 374 -72.79 -19.79 0.17
CA ASN F 374 -72.40 -20.99 -0.64
C ASN F 374 -71.92 -20.63 -2.06
N THR F 375 -71.61 -19.35 -2.35
CA THR F 375 -71.15 -18.90 -3.69
C THR F 375 -70.15 -17.74 -3.58
N THR F 376 -68.95 -17.96 -4.10
CA THR F 376 -67.94 -16.90 -4.38
C THR F 376 -68.23 -16.34 -5.77
N ILE F 377 -68.00 -15.05 -5.96
CA ILE F 377 -67.94 -14.36 -7.28
C ILE F 377 -66.60 -13.61 -7.32
N ALA F 378 -65.88 -13.70 -8.43
CA ALA F 378 -64.67 -12.89 -8.68
C ALA F 378 -64.78 -12.24 -10.04
N ILE F 379 -64.38 -10.97 -10.12
CA ILE F 379 -64.46 -10.12 -11.33
C ILE F 379 -63.08 -9.56 -11.61
N VAL F 380 -62.78 -9.39 -12.89
CA VAL F 380 -61.57 -8.67 -13.38
C VAL F 380 -61.94 -8.06 -14.72
N GLY F 381 -61.45 -6.86 -15.00
CA GLY F 381 -61.64 -6.24 -16.33
C GLY F 381 -60.97 -4.89 -16.49
N LYS F 382 -61.47 -4.11 -17.45
CA LYS F 382 -61.04 -2.72 -17.73
C LYS F 382 -61.19 -1.90 -16.44
N ASP F 383 -60.07 -1.40 -15.92
CA ASP F 383 -59.96 -0.45 -14.77
C ASP F 383 -60.40 -1.13 -13.46
N THR F 384 -60.76 -2.42 -13.49
CA THR F 384 -61.19 -3.22 -12.31
C THR F 384 -60.13 -4.29 -12.04
N PRO F 385 -59.31 -4.14 -10.98
CA PRO F 385 -58.37 -5.20 -10.60
C PRO F 385 -59.15 -6.42 -10.10
N PHE F 386 -58.54 -7.60 -10.19
CA PHE F 386 -59.16 -8.89 -9.81
C PHE F 386 -59.61 -8.78 -8.36
N THR F 387 -60.92 -8.87 -8.14
CA THR F 387 -61.57 -8.77 -6.81
C THR F 387 -62.39 -10.04 -6.61
N ILE F 388 -62.36 -10.56 -5.38
CA ILE F 388 -63.21 -11.68 -4.90
C ILE F 388 -64.25 -11.07 -3.98
N PHE F 389 -65.53 -11.22 -4.33
CA PHE F 389 -66.68 -10.81 -3.50
C PHE F 389 -67.14 -12.01 -2.69
N GLU F 390 -67.08 -11.89 -1.35
CA GLU F 390 -67.77 -12.78 -0.39
C GLU F 390 -68.53 -11.89 0.63
N GLU F 391 -69.70 -12.35 1.06
CA GLU F 391 -70.52 -11.75 2.16
C GLU F 391 -71.01 -10.37 1.69
N GLU F 392 -70.64 -9.26 2.35
CA GLU F 392 -71.27 -7.93 2.15
C GLU F 392 -71.17 -7.50 0.68
N SER F 393 -70.05 -7.79 0.02
CA SER F 393 -69.74 -7.35 -1.38
C SER F 393 -70.60 -8.13 -2.39
N ALA F 394 -70.75 -9.45 -2.19
CA ALA F 394 -71.47 -10.39 -3.09
C ALA F 394 -72.99 -10.15 -3.05
N ARG F 395 -73.53 -9.72 -1.90
CA ARG F 395 -74.99 -9.55 -1.63
C ARG F 395 -75.65 -8.70 -2.71
N LYS F 396 -74.96 -7.67 -3.21
CA LYS F 396 -75.43 -6.77 -4.30
C LYS F 396 -75.90 -7.59 -5.53
N TYR F 397 -75.30 -8.75 -5.81
CA TYR F 397 -75.60 -9.64 -6.95
C TYR F 397 -76.49 -10.83 -6.55
N LEU F 398 -76.44 -11.26 -5.28
CA LEU F 398 -76.88 -12.60 -4.79
C LEU F 398 -78.14 -12.52 -3.91
N ASP F 399 -78.33 -11.44 -3.13
CA ASP F 399 -79.58 -11.17 -2.35
C ASP F 399 -80.76 -11.16 -3.34
N GLY F 400 -80.68 -10.27 -4.34
CA GLY F 400 -81.66 -10.14 -5.44
C GLY F 400 -81.28 -10.98 -6.64
N PHE F 401 -81.09 -12.29 -6.43
CA PHE F 401 -80.91 -13.33 -7.48
C PHE F 401 -81.82 -14.52 -7.15
N LYS F 402 -82.63 -14.92 -8.12
CA LYS F 402 -83.42 -16.19 -8.13
C LYS F 402 -83.26 -16.84 -9.51
N MET F 403 -83.28 -18.17 -9.58
CA MET F 403 -83.18 -18.97 -10.83
C MET F 403 -84.58 -19.48 -11.20
N ARG F 404 -85.14 -18.97 -12.31
CA ARG F 404 -86.50 -19.32 -12.84
C ARG F 404 -86.35 -19.95 -14.22
N PRO F 405 -87.08 -21.05 -14.56
CA PRO F 405 -86.95 -21.70 -15.86
C PRO F 405 -87.55 -20.88 -17.02
N SER G 6 -46.28 -59.28 -21.21
CA SER G 6 -46.89 -58.11 -20.48
C SER G 6 -45.82 -57.03 -20.20
N GLY G 7 -44.61 -57.42 -19.80
CA GLY G 7 -43.52 -56.52 -19.41
C GLY G 7 -42.74 -55.95 -20.60
N HIS G 8 -42.91 -56.53 -21.80
CA HIS G 8 -42.21 -56.14 -23.05
C HIS G 8 -42.51 -54.69 -23.47
N ASP G 9 -43.66 -54.12 -23.06
CA ASP G 9 -44.23 -52.87 -23.63
C ASP G 9 -44.54 -51.80 -22.58
N GLN G 10 -44.10 -51.96 -21.33
CA GLN G 10 -44.47 -51.04 -20.23
C GLN G 10 -43.61 -49.77 -20.28
N SER G 11 -42.38 -49.85 -20.77
CA SER G 11 -41.48 -48.69 -20.87
C SER G 11 -40.73 -48.70 -22.20
N THR G 12 -40.26 -47.51 -22.57
CA THR G 12 -39.59 -47.22 -23.85
C THR G 12 -38.11 -47.62 -23.77
N ASP G 13 -37.60 -47.97 -22.59
CA ASP G 13 -36.20 -48.43 -22.43
C ASP G 13 -36.05 -49.88 -22.89
N VAL G 14 -37.14 -50.54 -23.27
CA VAL G 14 -37.16 -52.01 -23.53
C VAL G 14 -37.51 -52.28 -24.99
N PHE G 15 -36.60 -52.94 -25.71
CA PHE G 15 -36.92 -53.60 -27.00
C PHE G 15 -37.74 -54.85 -26.71
N SER G 16 -38.67 -55.17 -27.60
CA SER G 16 -39.35 -56.49 -27.71
C SER G 16 -38.40 -57.48 -28.38
N ALA G 17 -38.80 -58.76 -28.47
CA ALA G 17 -38.06 -59.84 -29.16
C ALA G 17 -37.96 -59.53 -30.66
N GLU G 18 -39.00 -58.98 -31.26
CA GLU G 18 -39.05 -58.59 -32.71
C GLU G 18 -38.08 -57.44 -33.02
N GLY G 19 -37.64 -56.71 -32.00
CA GLY G 19 -36.60 -55.69 -32.11
C GLY G 19 -37.16 -54.28 -32.15
N ARG G 20 -38.40 -54.09 -31.69
CA ARG G 20 -39.09 -52.78 -31.75
C ARG G 20 -39.46 -52.33 -30.33
N VAL G 21 -39.82 -51.05 -30.21
CA VAL G 21 -40.00 -50.31 -28.93
C VAL G 21 -41.48 -49.93 -28.80
N PHE G 22 -42.29 -50.84 -28.27
CA PHE G 22 -43.77 -50.73 -28.28
C PHE G 22 -44.28 -49.40 -27.74
N GLN G 23 -43.64 -48.81 -26.74
CA GLN G 23 -44.13 -47.52 -26.14
C GLN G 23 -44.07 -46.40 -27.18
N VAL G 24 -43.06 -46.40 -28.04
CA VAL G 24 -42.92 -45.44 -29.18
C VAL G 24 -43.98 -45.73 -30.25
N GLU G 25 -44.35 -46.99 -30.45
CA GLU G 25 -45.42 -47.37 -31.40
C GLU G 25 -46.77 -46.89 -30.90
N TYR G 26 -46.94 -46.93 -29.59
CA TYR G 26 -48.19 -46.57 -28.87
C TYR G 26 -48.33 -45.04 -28.86
N ALA G 27 -47.24 -44.32 -28.59
CA ALA G 27 -47.18 -42.85 -28.75
C ALA G 27 -47.59 -42.48 -30.17
N GLY G 28 -47.14 -43.25 -31.15
CA GLY G 28 -47.47 -43.01 -32.57
C GLY G 28 -48.95 -43.17 -32.81
N LYS G 29 -49.60 -44.09 -32.09
CA LYS G 29 -51.06 -44.33 -32.18
C LYS G 29 -51.79 -43.05 -31.78
N ALA G 30 -51.26 -42.31 -30.79
CA ALA G 30 -51.83 -41.04 -30.28
C ALA G 30 -51.91 -39.98 -31.38
N VAL G 31 -50.91 -39.94 -32.26
CA VAL G 31 -50.84 -39.03 -33.44
C VAL G 31 -51.85 -39.49 -34.49
N ASP G 32 -51.91 -40.78 -34.79
CA ASP G 32 -52.80 -41.35 -35.83
C ASP G 32 -54.28 -41.23 -35.44
N ASN G 33 -54.60 -40.99 -34.16
CA ASN G 33 -55.98 -40.77 -33.65
C ASN G 33 -56.24 -39.26 -33.48
N SER G 34 -55.23 -38.42 -33.74
CA SER G 34 -55.28 -36.94 -33.55
C SER G 34 -55.88 -36.31 -34.82
N SER G 35 -56.19 -35.02 -34.71
CA SER G 35 -56.72 -34.15 -35.79
C SER G 35 -55.71 -34.13 -36.95
N THR G 36 -56.21 -34.16 -38.19
CA THR G 36 -55.39 -34.23 -39.43
C THR G 36 -54.64 -32.92 -39.65
N ALA G 37 -53.34 -33.03 -39.91
CA ALA G 37 -52.47 -31.92 -40.35
C ALA G 37 -51.93 -32.25 -41.72
N VAL G 38 -51.63 -31.23 -42.51
CA VAL G 38 -51.26 -31.35 -43.94
C VAL G 38 -50.27 -30.23 -44.26
N ALA G 39 -49.25 -30.49 -45.05
CA ALA G 39 -48.24 -29.46 -45.36
C ALA G 39 -47.65 -29.70 -46.74
N ALA G 40 -47.13 -28.63 -47.34
CA ALA G 40 -46.62 -28.56 -48.72
C ALA G 40 -45.41 -27.64 -48.76
N CYS G 41 -44.33 -28.11 -49.36
CA CYS G 41 -43.08 -27.37 -49.63
C CYS G 41 -43.06 -27.04 -51.12
N CYS G 42 -43.12 -25.74 -51.42
CA CYS G 42 -43.16 -25.18 -52.79
C CYS G 42 -41.80 -24.49 -53.04
N LYS G 43 -41.62 -23.90 -54.21
CA LYS G 43 -40.44 -23.05 -54.51
C LYS G 43 -40.56 -21.77 -53.67
N ASP G 44 -41.78 -21.22 -53.57
CA ASP G 44 -42.09 -19.90 -52.96
C ASP G 44 -41.85 -19.95 -51.45
N GLY G 45 -41.91 -21.12 -50.83
CA GLY G 45 -42.03 -21.27 -49.37
C GLY G 45 -42.72 -22.56 -48.98
N VAL G 46 -43.16 -22.66 -47.75
CA VAL G 46 -43.89 -23.86 -47.25
C VAL G 46 -45.16 -23.40 -46.53
N VAL G 47 -46.16 -24.29 -46.55
CA VAL G 47 -47.52 -24.07 -46.01
C VAL G 47 -47.87 -25.25 -45.11
N VAL G 48 -48.43 -24.96 -43.94
CA VAL G 48 -48.96 -25.96 -42.99
C VAL G 48 -50.41 -25.59 -42.74
N ALA G 49 -51.29 -26.58 -42.84
CA ALA G 49 -52.72 -26.47 -42.49
C ALA G 49 -53.01 -27.60 -41.53
N VAL G 50 -53.66 -27.29 -40.42
CA VAL G 50 -54.07 -28.31 -39.42
C VAL G 50 -55.53 -28.08 -39.09
N GLU G 51 -56.31 -29.15 -39.03
CA GLU G 51 -57.70 -29.16 -38.53
C GLU G 51 -57.60 -29.15 -37.01
N LYS G 52 -58.29 -28.24 -36.34
CA LYS G 52 -58.44 -28.25 -34.86
C LYS G 52 -59.86 -28.70 -34.56
N VAL G 53 -60.01 -29.89 -33.98
CA VAL G 53 -61.32 -30.40 -33.49
C VAL G 53 -61.59 -29.72 -32.15
N HIS G 54 -62.60 -28.84 -32.12
CA HIS G 54 -63.07 -28.11 -30.91
C HIS G 54 -64.07 -28.97 -30.16
N THR G 55 -63.81 -29.21 -28.88
CA THR G 55 -64.70 -29.99 -27.98
C THR G 55 -65.98 -29.18 -27.67
N SER G 56 -65.91 -27.84 -27.71
CA SER G 56 -66.95 -26.88 -27.22
C SER G 56 -67.22 -25.77 -28.25
N ARG G 57 -68.47 -25.30 -28.31
CA ARG G 57 -68.94 -24.24 -29.24
C ARG G 57 -68.41 -22.87 -28.80
N MET G 58 -67.92 -22.78 -27.55
CA MET G 58 -67.71 -21.51 -26.81
C MET G 58 -66.22 -21.20 -26.67
N LEU G 59 -65.36 -21.83 -27.45
CA LEU G 59 -63.92 -21.51 -27.50
C LEU G 59 -63.74 -20.21 -28.27
N GLU G 60 -62.73 -19.41 -27.91
CA GLU G 60 -62.27 -18.26 -28.72
C GLU G 60 -61.65 -18.78 -30.02
N LYS G 61 -61.62 -17.94 -31.06
CA LYS G 61 -60.80 -18.16 -32.28
C LYS G 61 -59.33 -18.04 -31.89
N GLY G 62 -58.52 -19.04 -32.24
CA GLY G 62 -57.09 -19.12 -31.90
C GLY G 62 -56.83 -19.88 -30.62
N SER G 63 -57.86 -20.50 -30.04
CA SER G 63 -57.72 -21.43 -28.88
C SER G 63 -57.09 -22.73 -29.37
N ASN G 64 -56.19 -23.30 -28.58
CA ASN G 64 -55.51 -24.59 -28.87
C ASN G 64 -54.85 -24.49 -30.25
N ASN G 65 -54.22 -23.36 -30.56
CA ASN G 65 -53.36 -23.17 -31.75
C ASN G 65 -52.36 -24.32 -31.78
N ARG G 66 -52.36 -25.11 -32.84
CA ARG G 66 -51.46 -26.27 -33.00
C ARG G 66 -50.21 -25.84 -33.77
N ILE G 67 -50.13 -24.58 -34.20
CA ILE G 67 -49.04 -24.06 -35.05
C ILE G 67 -48.36 -22.91 -34.33
N HIS G 68 -47.05 -22.97 -34.18
CA HIS G 68 -46.28 -22.06 -33.32
C HIS G 68 -45.01 -21.64 -34.04
N ALA G 69 -44.72 -20.35 -34.03
CA ALA G 69 -43.45 -19.83 -34.56
C ALA G 69 -42.35 -20.31 -33.62
N VAL G 70 -41.36 -20.98 -34.19
CA VAL G 70 -40.14 -21.46 -33.50
C VAL G 70 -39.09 -20.34 -33.60
N ASP G 71 -39.02 -19.70 -34.76
CA ASP G 71 -38.13 -18.55 -35.03
C ASP G 71 -38.79 -17.70 -36.09
N ARG G 72 -38.17 -16.61 -36.51
CA ARG G 72 -38.68 -15.78 -37.64
C ARG G 72 -39.04 -16.72 -38.80
N GLN G 73 -38.08 -17.56 -39.19
CA GLN G 73 -38.09 -18.32 -40.46
C GLN G 73 -38.74 -19.69 -40.28
N ALA G 74 -39.04 -20.12 -39.06
CA ALA G 74 -39.44 -21.53 -38.82
C ALA G 74 -40.61 -21.63 -37.87
N GLY G 75 -41.47 -22.61 -38.13
CA GLY G 75 -42.64 -22.90 -37.30
C GLY G 75 -42.89 -24.38 -37.22
N ILE G 76 -43.40 -24.82 -36.07
CA ILE G 76 -43.76 -26.23 -35.80
C ILE G 76 -45.29 -26.28 -35.74
N CYS G 77 -45.90 -27.06 -36.60
CA CYS G 77 -47.29 -27.52 -36.44
C CYS G 77 -47.29 -28.88 -35.73
N ILE G 78 -48.06 -29.01 -34.66
CA ILE G 78 -48.13 -30.23 -33.82
C ILE G 78 -49.37 -31.02 -34.21
N CYS G 79 -49.16 -32.20 -34.76
CA CYS G 79 -50.19 -33.24 -34.87
C CYS G 79 -49.96 -34.26 -33.74
N GLY G 80 -50.89 -34.33 -32.77
CA GLY G 80 -50.85 -35.27 -31.64
C GLY G 80 -51.38 -34.68 -30.36
N LEU G 81 -50.82 -35.04 -29.20
CA LEU G 81 -51.09 -34.37 -27.91
C LEU G 81 -50.49 -32.97 -27.95
N LEU G 82 -51.33 -31.96 -27.87
CA LEU G 82 -50.91 -30.55 -28.01
C LEU G 82 -49.90 -30.20 -26.92
N PRO G 83 -50.16 -30.51 -25.63
CA PRO G 83 -49.24 -30.16 -24.54
C PRO G 83 -47.82 -30.70 -24.75
N ASP G 84 -47.71 -31.98 -25.07
CA ASP G 84 -46.43 -32.63 -25.45
C ASP G 84 -45.77 -31.81 -26.56
N GLY G 85 -46.51 -31.57 -27.64
CA GLY G 85 -46.07 -30.76 -28.81
C GLY G 85 -45.49 -29.43 -28.39
N ARG G 86 -46.09 -28.78 -27.39
CA ARG G 86 -45.65 -27.45 -26.93
C ARG G 86 -44.30 -27.57 -26.23
N ALA G 87 -43.95 -28.74 -25.67
CA ALA G 87 -42.63 -28.98 -25.04
C ALA G 87 -41.55 -29.04 -26.12
N ILE G 88 -41.89 -29.63 -27.26
CA ILE G 88 -41.04 -29.68 -28.48
C ILE G 88 -40.88 -28.28 -29.05
N VAL G 89 -42.00 -27.57 -29.25
CA VAL G 89 -41.98 -26.15 -29.70
C VAL G 89 -41.05 -25.38 -28.78
N SER G 90 -41.19 -25.55 -27.47
CA SER G 90 -40.35 -24.82 -26.49
C SER G 90 -38.88 -25.19 -26.71
N ARG G 91 -38.58 -26.46 -26.99
CA ARG G 91 -37.19 -26.89 -27.25
C ARG G 91 -36.75 -26.34 -28.61
N ALA G 92 -37.51 -26.57 -29.67
CA ALA G 92 -37.22 -26.05 -31.02
C ALA G 92 -36.86 -24.56 -30.93
N ARG G 93 -37.57 -23.82 -30.10
CA ARG G 93 -37.32 -22.39 -29.82
C ARG G 93 -35.96 -22.23 -29.19
N GLN G 94 -35.70 -22.98 -28.12
CA GLN G 94 -34.41 -22.96 -27.37
C GLN G 94 -33.25 -23.21 -28.35
N GLU G 95 -33.44 -24.06 -29.36
CA GLU G 95 -32.42 -24.40 -30.38
C GLU G 95 -32.28 -23.25 -31.38
N ALA G 96 -33.41 -22.72 -31.84
CA ALA G 96 -33.47 -21.59 -32.77
C ALA G 96 -32.77 -20.38 -32.18
N GLU G 97 -32.91 -20.17 -30.87
CA GLU G 97 -32.33 -18.99 -30.19
C GLU G 97 -30.88 -19.28 -29.82
N ASN G 98 -30.49 -20.52 -29.60
CA ASN G 98 -29.04 -20.87 -29.48
C ASN G 98 -28.34 -20.61 -30.80
N SER G 99 -28.98 -20.89 -31.94
CA SER G 99 -28.36 -20.66 -33.27
C SER G 99 -28.06 -19.16 -33.43
N ARG G 100 -28.98 -18.29 -33.01
CA ARG G 100 -28.82 -16.82 -33.14
C ARG G 100 -27.88 -16.29 -32.04
N ASP G 101 -28.05 -16.77 -30.81
CA ASP G 101 -27.23 -16.31 -29.67
C ASP G 101 -25.78 -16.70 -29.92
N ILE G 102 -25.51 -17.97 -30.21
CA ILE G 102 -24.14 -18.55 -30.20
C ILE G 102 -23.48 -18.42 -31.59
N PHE G 103 -24.18 -18.79 -32.66
CA PHE G 103 -23.62 -18.90 -34.03
C PHE G 103 -24.07 -17.75 -34.94
N ALA G 104 -24.86 -16.79 -34.44
CA ALA G 104 -25.25 -15.54 -35.14
C ALA G 104 -25.94 -15.83 -36.47
N THR G 105 -26.69 -16.92 -36.57
CA THR G 105 -27.34 -17.36 -37.81
C THR G 105 -28.73 -17.86 -37.47
N PRO G 106 -29.71 -17.60 -38.37
CA PRO G 106 -30.96 -18.34 -38.33
C PRO G 106 -30.63 -19.83 -38.45
N ILE G 107 -31.21 -20.64 -37.55
CA ILE G 107 -31.06 -22.12 -37.60
C ILE G 107 -31.61 -22.58 -38.94
N ARG G 108 -30.87 -23.44 -39.64
CA ARG G 108 -31.31 -24.06 -40.91
C ARG G 108 -32.44 -25.05 -40.60
N GLY G 109 -33.34 -25.25 -41.55
CA GLY G 109 -34.47 -26.19 -41.40
C GLY G 109 -33.98 -27.59 -41.09
N SER G 110 -33.06 -28.11 -41.90
CA SER G 110 -32.47 -29.47 -41.75
C SER G 110 -31.87 -29.61 -40.34
N VAL G 111 -31.23 -28.56 -39.83
CA VAL G 111 -30.59 -28.55 -38.49
C VAL G 111 -31.68 -28.57 -37.43
N LEU G 112 -32.61 -27.62 -37.51
CA LEU G 112 -33.75 -27.48 -36.56
C LEU G 112 -34.49 -28.80 -36.45
N ALA G 113 -34.75 -29.45 -37.59
CA ALA G 113 -35.49 -30.72 -37.66
C ALA G 113 -34.72 -31.81 -36.90
N ASN G 114 -33.44 -31.97 -37.22
CA ASN G 114 -32.56 -32.98 -36.58
C ASN G 114 -32.50 -32.74 -35.08
N ARG G 115 -32.47 -31.47 -34.67
CA ARG G 115 -32.45 -31.03 -33.25
C ARG G 115 -33.76 -31.43 -32.56
N VAL G 116 -34.89 -31.24 -33.23
CA VAL G 116 -36.24 -31.67 -32.77
C VAL G 116 -36.31 -33.19 -32.70
N GLY G 117 -35.81 -33.89 -33.71
CA GLY G 117 -35.74 -35.37 -33.75
C GLY G 117 -34.87 -35.94 -32.65
N GLU G 118 -33.72 -35.33 -32.39
CA GLU G 118 -32.77 -35.78 -31.34
C GLU G 118 -33.48 -35.71 -29.98
N PHE G 119 -34.17 -34.61 -29.74
CA PHE G 119 -34.94 -34.34 -28.50
C PHE G 119 -36.03 -35.38 -28.33
N MET G 120 -36.86 -35.56 -29.34
CA MET G 120 -38.01 -36.50 -29.29
C MET G 120 -37.51 -37.93 -29.08
N HIS G 121 -36.35 -38.25 -29.66
CA HIS G 121 -35.69 -39.56 -29.56
C HIS G 121 -35.18 -39.78 -28.14
N ALA G 122 -34.46 -38.81 -27.58
CA ALA G 122 -33.97 -38.85 -26.18
C ALA G 122 -35.03 -39.50 -25.27
N TYR G 123 -36.31 -39.12 -25.45
CA TYR G 123 -37.45 -39.55 -24.61
C TYR G 123 -37.89 -40.97 -24.97
N THR G 124 -37.22 -41.65 -25.91
CA THR G 124 -37.51 -43.05 -26.29
C THR G 124 -36.48 -44.04 -25.73
N THR G 125 -35.46 -43.57 -25.02
CA THR G 125 -34.25 -44.34 -24.67
C THR G 125 -34.21 -44.72 -23.18
N HIS G 126 -34.93 -43.97 -22.36
CA HIS G 126 -34.79 -43.97 -20.88
C HIS G 126 -36.10 -44.43 -20.25
N PHE G 127 -36.02 -45.24 -19.21
CA PHE G 127 -37.18 -45.85 -18.49
C PHE G 127 -38.02 -44.76 -17.82
N ALA G 128 -37.36 -43.69 -17.38
CA ALA G 128 -37.94 -42.64 -16.51
C ALA G 128 -38.91 -41.76 -17.30
N TYR G 129 -38.74 -41.65 -18.61
CA TYR G 129 -39.51 -40.73 -19.47
C TYR G 129 -40.37 -41.59 -20.38
N ARG G 130 -41.36 -40.98 -21.02
CA ARG G 130 -42.16 -41.64 -22.08
C ARG G 130 -41.95 -40.89 -23.38
N PRO G 131 -42.11 -41.57 -24.53
CA PRO G 131 -42.08 -40.89 -25.82
C PRO G 131 -43.15 -39.80 -25.92
N PHE G 132 -42.86 -38.76 -26.70
CA PHE G 132 -43.83 -37.68 -27.03
C PHE G 132 -45.00 -38.24 -27.80
N GLY G 133 -46.17 -37.66 -27.58
CA GLY G 133 -47.44 -38.12 -28.17
C GLY G 133 -47.82 -37.31 -29.38
N CYS G 134 -46.84 -36.68 -30.03
CA CYS G 134 -47.06 -35.79 -31.20
C CYS G 134 -45.97 -35.96 -32.24
N SER G 135 -46.36 -35.89 -33.52
CA SER G 135 -45.44 -35.63 -34.66
C SER G 135 -45.34 -34.12 -34.84
N ALA G 136 -44.14 -33.56 -34.75
CA ALA G 136 -43.88 -32.15 -35.11
C ALA G 136 -43.72 -32.07 -36.63
N ILE G 137 -44.38 -31.10 -37.27
CA ILE G 137 -44.15 -30.69 -38.69
C ILE G 137 -43.37 -29.38 -38.64
N ILE G 138 -42.07 -29.43 -38.91
CA ILE G 138 -41.18 -28.24 -38.95
C ILE G 138 -41.22 -27.69 -40.38
N ALA G 139 -41.76 -26.49 -40.54
CA ALA G 139 -41.69 -25.68 -41.76
C ALA G 139 -40.66 -24.59 -41.54
N SER G 140 -39.70 -24.44 -42.42
CA SER G 140 -38.67 -23.38 -42.32
C SER G 140 -38.34 -22.81 -43.70
N TYR G 141 -37.84 -21.59 -43.71
CA TYR G 141 -37.33 -20.91 -44.91
C TYR G 141 -36.15 -20.05 -44.48
N ALA G 142 -35.14 -20.75 -43.97
CA ALA G 142 -33.79 -20.23 -43.70
C ALA G 142 -32.93 -20.38 -44.96
N ASP G 143 -31.61 -20.26 -44.83
CA ASP G 143 -30.66 -20.15 -45.97
C ASP G 143 -30.60 -21.46 -46.77
N ASP G 144 -31.06 -22.58 -46.21
CA ASP G 144 -31.20 -23.87 -46.95
C ASP G 144 -32.48 -23.93 -47.77
N GLY G 145 -33.18 -22.80 -47.97
CA GLY G 145 -34.42 -22.71 -48.78
C GLY G 145 -35.65 -23.19 -48.03
N PRO G 146 -36.82 -23.27 -48.69
CA PRO G 146 -38.03 -23.79 -48.06
C PRO G 146 -37.86 -25.29 -47.79
N GLN G 147 -38.03 -25.69 -46.53
CA GLN G 147 -37.88 -27.08 -46.03
C GLN G 147 -39.09 -27.44 -45.18
N LEU G 148 -39.63 -28.62 -45.40
CA LEU G 148 -40.71 -29.23 -44.60
C LEU G 148 -40.18 -30.55 -44.07
N PHE G 149 -40.15 -30.71 -42.75
CA PHE G 149 -39.72 -31.93 -42.04
C PHE G 149 -40.81 -32.40 -41.10
N VAL G 150 -40.82 -33.68 -40.79
CA VAL G 150 -41.71 -34.29 -39.76
C VAL G 150 -40.88 -35.16 -38.83
N SER G 151 -40.66 -34.69 -37.61
CA SER G 151 -40.20 -35.52 -36.47
C SER G 151 -41.42 -36.25 -35.90
N ASP G 152 -41.37 -37.58 -35.82
CA ASP G 152 -42.43 -38.44 -35.21
C ASP G 152 -42.00 -38.83 -33.80
N PRO G 153 -42.88 -39.48 -32.99
CA PRO G 153 -42.54 -39.81 -31.59
C PRO G 153 -41.21 -40.53 -31.36
N SER G 154 -40.81 -41.36 -32.33
CA SER G 154 -39.55 -42.16 -32.34
C SER G 154 -38.33 -41.26 -32.39
N GLY G 155 -38.50 -40.03 -32.90
CA GLY G 155 -37.40 -39.09 -33.22
C GLY G 155 -37.02 -39.16 -34.69
N THR G 156 -37.65 -40.04 -35.48
CA THR G 156 -37.34 -40.22 -36.92
C THR G 156 -37.74 -38.94 -37.66
N VAL G 157 -36.76 -38.21 -38.16
CA VAL G 157 -36.95 -37.00 -39.01
C VAL G 157 -36.96 -37.46 -40.47
N ALA G 158 -37.83 -36.87 -41.29
CA ALA G 158 -37.77 -37.02 -42.76
C ALA G 158 -38.23 -35.72 -43.40
N GLY G 159 -37.53 -35.29 -44.45
CA GLY G 159 -37.95 -34.16 -45.29
C GLY G 159 -39.07 -34.58 -46.22
N TYR G 160 -40.01 -33.69 -46.49
CA TYR G 160 -41.14 -33.95 -47.39
C TYR G 160 -41.28 -32.80 -48.36
N TYR G 161 -41.82 -33.10 -49.55
CA TYR G 161 -42.49 -32.13 -50.43
C TYR G 161 -43.87 -31.86 -49.83
N GLY G 162 -44.60 -32.93 -49.51
CA GLY G 162 -45.94 -32.85 -48.94
C GLY G 162 -46.17 -33.93 -47.92
N VAL G 163 -47.03 -33.70 -46.93
CA VAL G 163 -47.12 -34.61 -45.77
C VAL G 163 -48.45 -34.41 -45.06
N ALA G 164 -49.11 -35.52 -44.76
CA ALA G 164 -50.37 -35.64 -44.01
C ALA G 164 -50.10 -36.45 -42.74
N LEU G 165 -50.67 -36.01 -41.62
CA LEU G 165 -50.58 -36.69 -40.30
C LEU G 165 -51.99 -36.71 -39.71
N GLY G 166 -52.31 -37.66 -38.83
CA GLY G 166 -53.62 -37.71 -38.16
C GLY G 166 -54.55 -38.77 -38.71
N LYS G 167 -55.83 -38.69 -38.39
CA LYS G 167 -56.79 -39.82 -38.56
C LYS G 167 -57.19 -39.92 -40.03
N ALA G 168 -57.02 -38.85 -40.81
CA ALA G 168 -57.27 -38.83 -42.26
C ALA G 168 -55.94 -38.80 -43.05
N LYS G 169 -54.84 -39.21 -42.41
CA LYS G 169 -53.48 -39.31 -43.01
C LYS G 169 -53.55 -39.96 -44.39
N THR G 170 -54.19 -41.13 -44.49
CA THR G 170 -54.27 -41.97 -45.72
C THR G 170 -54.97 -41.20 -46.84
N VAL G 171 -56.16 -40.64 -46.57
CA VAL G 171 -57.03 -39.99 -47.60
C VAL G 171 -56.45 -38.64 -47.99
N ALA G 172 -55.96 -37.86 -47.01
CA ALA G 172 -55.31 -36.55 -47.21
C ALA G 172 -54.06 -36.72 -48.08
N LYS G 173 -53.39 -37.87 -47.99
CA LYS G 173 -52.17 -38.16 -48.79
C LYS G 173 -52.56 -38.40 -50.25
N SER G 174 -53.62 -39.17 -50.50
CA SER G 174 -54.22 -39.39 -51.85
C SER G 174 -54.42 -38.05 -52.56
N GLU G 175 -54.88 -37.02 -51.83
CA GLU G 175 -55.19 -35.67 -52.36
C GLU G 175 -53.91 -34.84 -52.54
N LEU G 176 -52.91 -35.02 -51.68
CA LEU G 176 -51.58 -34.35 -51.80
C LEU G 176 -50.82 -34.89 -53.01
N GLU G 177 -51.07 -36.14 -53.40
CA GLU G 177 -50.40 -36.81 -54.56
C GLU G 177 -50.97 -36.25 -55.88
N LYS G 178 -52.19 -35.70 -55.87
CA LYS G 178 -52.82 -35.04 -57.04
C LYS G 178 -52.11 -33.72 -57.36
N LEU G 179 -51.52 -33.04 -56.37
CA LEU G 179 -50.78 -31.76 -56.57
C LEU G 179 -49.46 -32.07 -57.28
N ASP G 180 -49.03 -31.17 -58.17
CA ASP G 180 -47.65 -31.12 -58.73
C ASP G 180 -46.85 -30.15 -57.86
N PHE G 181 -45.73 -30.59 -57.28
CA PHE G 181 -44.96 -29.85 -56.24
C PHE G 181 -43.90 -28.93 -56.87
N SER G 182 -43.40 -29.28 -58.05
CA SER G 182 -42.50 -28.41 -58.86
C SER G 182 -43.25 -27.12 -59.24
N SER G 183 -44.53 -27.24 -59.59
CA SER G 183 -45.38 -26.15 -60.16
C SER G 183 -45.97 -25.26 -59.07
N LEU G 184 -46.62 -25.81 -58.02
CA LEU G 184 -47.58 -25.02 -57.19
C LEU G 184 -46.84 -23.95 -56.37
N THR G 185 -47.54 -22.84 -56.14
CA THR G 185 -47.10 -21.67 -55.34
C THR G 185 -47.69 -21.82 -53.94
N CYS G 186 -47.23 -21.00 -52.99
CA CYS G 186 -47.75 -20.98 -51.59
C CYS G 186 -49.20 -20.48 -51.58
N ASP G 187 -49.58 -19.61 -52.51
CA ASP G 187 -50.92 -18.96 -52.56
C ASP G 187 -51.95 -19.99 -53.01
N GLU G 188 -51.60 -20.85 -53.98
CA GLU G 188 -52.43 -22.02 -54.38
C GLU G 188 -52.56 -22.96 -53.18
N ALA G 189 -51.43 -23.37 -52.60
CA ALA G 189 -51.32 -24.42 -51.56
C ALA G 189 -52.24 -24.12 -50.39
N VAL G 190 -52.21 -22.89 -49.86
CA VAL G 190 -53.13 -22.43 -48.77
C VAL G 190 -54.56 -22.87 -49.12
N GLY G 191 -54.98 -22.63 -50.37
CA GLY G 191 -56.30 -23.03 -50.89
C GLY G 191 -56.49 -24.53 -50.90
N LYS G 192 -55.54 -25.28 -51.46
CA LYS G 192 -55.66 -26.73 -51.78
C LYS G 192 -55.51 -27.54 -50.47
N LEU G 193 -54.56 -27.16 -49.62
CA LEU G 193 -54.31 -27.81 -48.30
C LEU G 193 -55.53 -27.64 -47.38
N ALA G 194 -56.10 -26.44 -47.33
CA ALA G 194 -57.33 -26.17 -46.55
C ALA G 194 -58.49 -26.98 -47.14
N SER G 195 -58.67 -26.92 -48.46
CA SER G 195 -59.69 -27.67 -49.24
C SER G 195 -59.62 -29.17 -48.91
N ILE G 196 -58.40 -29.73 -48.90
CA ILE G 196 -58.11 -31.16 -48.54
C ILE G 196 -58.62 -31.43 -47.13
N LEU G 197 -58.32 -30.57 -46.16
CA LEU G 197 -58.68 -30.77 -44.74
C LEU G 197 -60.21 -30.72 -44.58
N HIS G 198 -60.88 -29.84 -45.31
CA HIS G 198 -62.37 -29.72 -45.35
C HIS G 198 -62.97 -31.00 -45.97
N GLU G 199 -62.33 -31.55 -47.01
CA GLU G 199 -62.79 -32.77 -47.73
C GLU G 199 -62.69 -34.01 -46.80
N VAL G 200 -61.54 -34.22 -46.15
CA VAL G 200 -61.21 -35.48 -45.41
C VAL G 200 -61.88 -35.51 -44.03
N HIS G 201 -62.38 -34.37 -43.55
CA HIS G 201 -62.97 -34.19 -42.19
C HIS G 201 -64.27 -35.01 -42.07
N ASP G 202 -64.47 -35.66 -40.92
CA ASP G 202 -65.73 -36.37 -40.54
C ASP G 202 -66.73 -35.33 -40.01
N LYS G 203 -67.85 -35.15 -40.71
CA LYS G 203 -68.85 -34.08 -40.45
C LYS G 203 -69.74 -34.49 -39.26
N GLN G 204 -70.03 -35.80 -39.15
CA GLN G 204 -70.96 -36.38 -38.15
C GLN G 204 -70.24 -36.62 -36.81
N LYS G 205 -68.94 -36.92 -36.83
CA LYS G 205 -68.13 -37.27 -35.62
C LYS G 205 -67.66 -35.99 -34.90
N ASP G 206 -67.04 -35.05 -35.64
CA ASP G 206 -66.38 -33.82 -35.10
C ASP G 206 -67.07 -32.57 -35.67
N LYS G 207 -68.25 -32.21 -35.17
CA LYS G 207 -69.12 -31.12 -35.71
C LYS G 207 -68.37 -29.78 -35.70
N LEU G 208 -67.76 -29.43 -34.55
CA LEU G 208 -67.11 -28.12 -34.32
C LEU G 208 -65.62 -28.25 -34.65
N TYR G 209 -65.12 -27.45 -35.59
CA TYR G 209 -63.71 -27.47 -36.06
C TYR G 209 -63.41 -26.20 -36.87
N GLU G 210 -62.14 -25.82 -36.92
CA GLU G 210 -61.62 -24.81 -37.88
C GLU G 210 -60.30 -25.32 -38.46
N VAL G 211 -59.88 -24.72 -39.57
CA VAL G 211 -58.62 -25.05 -40.28
C VAL G 211 -57.65 -23.89 -40.10
N GLU G 212 -56.77 -24.03 -39.12
CA GLU G 212 -55.61 -23.14 -38.86
C GLU G 212 -54.58 -23.38 -39.95
N VAL G 213 -54.29 -22.37 -40.77
CA VAL G 213 -53.22 -22.40 -41.81
C VAL G 213 -52.12 -21.41 -41.41
N ALA G 214 -50.87 -21.81 -41.62
CA ALA G 214 -49.68 -20.95 -41.50
C ALA G 214 -48.80 -21.17 -42.72
N TRP G 215 -47.90 -20.23 -43.00
CA TRP G 215 -46.89 -20.40 -44.05
C TRP G 215 -45.61 -19.65 -43.70
N VAL G 216 -44.61 -19.87 -44.51
CA VAL G 216 -43.35 -19.10 -44.51
C VAL G 216 -42.87 -19.13 -45.95
N CYS G 217 -43.00 -18.00 -46.61
CA CYS G 217 -42.81 -17.86 -48.07
C CYS G 217 -42.15 -16.52 -48.39
N ASP G 218 -41.86 -16.30 -49.67
CA ASP G 218 -41.31 -15.01 -50.18
C ASP G 218 -42.34 -13.91 -49.89
N LYS G 219 -43.63 -14.21 -50.12
CA LYS G 219 -44.78 -13.30 -49.87
C LYS G 219 -44.73 -12.74 -48.44
N SER G 220 -44.50 -13.59 -47.44
CA SER G 220 -44.58 -13.24 -45.99
C SER G 220 -43.25 -12.69 -45.47
N ASP G 221 -42.26 -12.48 -46.36
CA ASP G 221 -40.88 -11.97 -46.08
C ASP G 221 -40.06 -13.09 -45.43
N ARG G 222 -40.27 -14.34 -45.85
CA ARG G 222 -39.64 -15.53 -45.22
C ARG G 222 -39.83 -15.43 -43.71
N LYS G 223 -41.03 -15.05 -43.28
CA LYS G 223 -41.43 -14.94 -41.86
C LYS G 223 -42.58 -15.91 -41.64
N PHE G 224 -42.48 -16.76 -40.63
CA PHE G 224 -43.46 -17.85 -40.38
C PHE G 224 -44.64 -17.27 -39.61
N VAL G 225 -45.79 -17.18 -40.27
CA VAL G 225 -46.99 -16.48 -39.73
C VAL G 225 -48.22 -17.33 -40.04
N HIS G 226 -49.29 -17.13 -39.29
CA HIS G 226 -50.65 -17.59 -39.70
C HIS G 226 -51.04 -16.83 -40.96
N VAL G 227 -51.67 -17.49 -41.91
CA VAL G 227 -52.20 -16.81 -43.12
C VAL G 227 -53.48 -16.10 -42.71
N PRO G 228 -53.75 -14.88 -43.24
CA PRO G 228 -55.03 -14.19 -42.99
C PRO G 228 -56.27 -15.04 -43.29
N ALA G 229 -57.40 -14.73 -42.64
CA ALA G 229 -58.67 -15.51 -42.68
C ALA G 229 -59.31 -15.51 -44.08
N ASP G 230 -58.97 -14.54 -44.95
CA ASP G 230 -59.56 -14.39 -46.31
C ASP G 230 -59.05 -15.48 -47.26
N MET G 231 -57.77 -15.86 -47.18
CA MET G 231 -57.14 -16.91 -48.05
C MET G 231 -57.67 -18.32 -47.68
N VAL G 232 -58.07 -18.54 -46.42
CA VAL G 232 -58.15 -19.90 -45.77
C VAL G 232 -59.12 -20.81 -46.53
N PRO G 233 -60.37 -20.40 -46.89
CA PRO G 233 -61.29 -21.28 -47.61
C PRO G 233 -60.75 -21.72 -48.99
N THR H 55 3.32 -6.41 -31.63
CA THR H 55 2.43 -7.19 -32.55
C THR H 55 1.70 -6.22 -33.46
N THR H 56 1.68 -6.49 -34.75
CA THR H 56 0.92 -5.74 -35.78
C THR H 56 0.11 -6.75 -36.55
N ILE H 57 -1.21 -6.63 -36.50
CA ILE H 57 -2.13 -7.49 -37.28
C ILE H 57 -3.10 -6.57 -37.98
N LEU H 58 -3.42 -6.85 -39.23
CA LEU H 58 -4.49 -6.14 -39.95
C LEU H 58 -5.14 -7.08 -40.94
N ALA H 59 -6.35 -6.72 -41.33
CA ALA H 59 -7.17 -7.46 -42.29
C ALA H 59 -7.92 -6.42 -43.10
N VAL H 60 -7.72 -6.38 -44.41
CA VAL H 60 -8.51 -5.47 -45.28
C VAL H 60 -9.36 -6.36 -46.17
N SER H 61 -10.49 -5.81 -46.59
CA SER H 61 -11.42 -6.40 -47.58
C SER H 61 -11.03 -5.86 -48.95
N TYR H 62 -10.92 -6.75 -49.94
CA TYR H 62 -11.06 -6.45 -51.38
C TYR H 62 -12.43 -6.97 -51.81
N ASN H 63 -12.71 -7.02 -53.12
CA ASN H 63 -14.07 -7.35 -53.62
C ASN H 63 -14.43 -8.79 -53.23
N GLY H 64 -13.71 -9.77 -53.78
CA GLY H 64 -14.01 -11.20 -53.58
C GLY H 64 -13.90 -11.64 -52.13
N GLY H 65 -12.99 -11.06 -51.35
CA GLY H 65 -12.55 -11.65 -50.08
C GLY H 65 -11.75 -10.68 -49.22
N VAL H 66 -10.74 -11.18 -48.53
CA VAL H 66 -9.97 -10.44 -47.50
C VAL H 66 -8.50 -10.83 -47.57
N VAL H 67 -7.65 -9.94 -47.10
CA VAL H 67 -6.22 -10.20 -46.80
C VAL H 67 -6.03 -9.98 -45.31
N LEU H 68 -5.61 -11.00 -44.58
CA LEU H 68 -5.05 -10.85 -43.22
C LEU H 68 -3.56 -10.66 -43.43
N ALA H 69 -2.93 -9.86 -42.58
CA ALA H 69 -1.48 -9.62 -42.59
C ALA H 69 -1.02 -9.47 -41.15
N ALA H 70 0.21 -9.85 -40.87
CA ALA H 70 0.73 -9.84 -39.50
C ALA H 70 2.24 -9.84 -39.57
N ASP H 71 2.85 -9.23 -38.56
CA ASP H 71 4.30 -9.38 -38.30
C ASP H 71 4.51 -10.81 -37.77
N SER H 72 5.67 -11.08 -37.19
CA SER H 72 6.03 -12.45 -36.80
C SER H 72 6.77 -12.46 -35.48
N ARG H 73 6.70 -11.40 -34.70
CA ARG H 73 7.54 -11.30 -33.50
C ARG H 73 6.65 -11.48 -32.28
N THR H 74 6.92 -12.47 -31.42
CA THR H 74 6.46 -12.43 -30.02
C THR H 74 7.66 -11.96 -29.21
N SER H 75 7.42 -11.02 -28.30
CA SER H 75 8.46 -10.43 -27.44
C SER H 75 8.03 -10.57 -25.99
N SER H 76 8.91 -11.10 -25.13
CA SER H 76 8.85 -10.97 -23.66
C SER H 76 9.41 -9.59 -23.29
N GLY H 77 8.61 -8.55 -23.53
CA GLY H 77 9.00 -7.13 -23.35
C GLY H 77 10.00 -6.70 -24.41
N THR H 78 11.29 -6.87 -24.12
CA THR H 78 12.41 -6.26 -24.88
C THR H 78 13.33 -7.31 -25.52
N TYR H 79 13.02 -8.60 -25.38
CA TYR H 79 13.74 -9.73 -26.02
C TYR H 79 12.74 -10.47 -26.88
N VAL H 80 13.15 -10.87 -28.09
CA VAL H 80 12.26 -11.53 -29.07
C VAL H 80 12.33 -13.02 -28.82
N VAL H 81 11.29 -13.54 -28.18
CA VAL H 81 11.17 -14.98 -27.80
C VAL H 81 11.04 -15.79 -29.08
N ASN H 82 10.14 -15.36 -29.96
CA ASN H 82 9.93 -15.97 -31.29
C ASN H 82 10.01 -14.84 -32.31
N ARG H 83 10.76 -15.12 -33.35
CA ARG H 83 11.13 -14.25 -34.48
C ARG H 83 10.25 -14.58 -35.69
N ALA H 84 9.55 -15.72 -35.65
CA ALA H 84 8.80 -16.28 -36.79
C ALA H 84 7.48 -16.91 -36.33
N SER H 85 6.74 -16.21 -35.48
CA SER H 85 5.38 -16.63 -35.07
C SER H 85 4.44 -16.51 -36.27
N ASN H 86 3.37 -17.30 -36.25
CA ASN H 86 2.27 -17.23 -37.24
C ASN H 86 1.02 -16.82 -36.47
N LYS H 87 0.78 -15.51 -36.44
CA LYS H 87 -0.38 -14.87 -35.77
C LYS H 87 -1.62 -14.98 -36.66
N LEU H 88 -1.47 -15.39 -37.91
CA LEU H 88 -2.63 -15.73 -38.78
C LEU H 88 -3.05 -17.17 -38.51
N THR H 89 -4.11 -17.35 -37.74
CA THR H 89 -4.51 -18.66 -37.19
C THR H 89 -5.80 -19.11 -37.85
N LYS H 90 -5.75 -20.24 -38.55
CA LYS H 90 -6.89 -20.90 -39.23
C LYS H 90 -7.99 -21.16 -38.21
N LEU H 91 -9.24 -20.86 -38.55
CA LEU H 91 -10.41 -21.32 -37.76
C LEU H 91 -11.16 -22.35 -38.58
N THR H 92 -11.48 -22.01 -39.83
CA THR H 92 -12.00 -22.91 -40.88
C THR H 92 -11.16 -22.72 -42.15
N LYS H 93 -11.47 -23.48 -43.19
CA LYS H 93 -10.77 -23.44 -44.52
C LYS H 93 -10.51 -21.98 -44.90
N LYS H 94 -11.54 -21.13 -44.83
CA LYS H 94 -11.54 -19.73 -45.36
C LYS H 94 -11.94 -18.71 -44.28
N ILE H 95 -11.75 -19.01 -43.00
CA ILE H 95 -11.94 -18.02 -41.90
C ILE H 95 -10.72 -18.11 -41.01
N TYR H 96 -9.89 -17.09 -41.01
CA TYR H 96 -8.71 -17.01 -40.14
C TYR H 96 -9.00 -15.95 -39.08
N CYS H 97 -8.23 -15.96 -38.00
CA CYS H 97 -8.13 -14.81 -37.07
C CYS H 97 -6.69 -14.33 -37.05
N CYS H 98 -6.49 -13.06 -36.73
CA CYS H 98 -5.17 -12.50 -36.38
C CYS H 98 -5.16 -12.27 -34.88
N ARG H 99 -4.11 -12.73 -34.23
CA ARG H 99 -4.00 -12.80 -32.75
C ARG H 99 -3.02 -11.74 -32.28
N SER H 100 -3.50 -10.84 -31.46
CA SER H 100 -2.68 -9.86 -30.71
C SER H 100 -2.92 -10.10 -29.22
N GLY H 101 -1.98 -9.69 -28.38
CA GLY H 101 -2.02 -9.90 -26.92
C GLY H 101 -1.44 -11.23 -26.56
N SER H 102 -1.62 -11.64 -25.31
CA SER H 102 -1.14 -12.93 -24.74
C SER H 102 -1.26 -14.03 -25.79
N ALA H 103 -0.12 -14.56 -26.22
CA ALA H 103 -0.04 -15.67 -27.19
C ALA H 103 -0.80 -16.87 -26.63
N ALA H 104 -0.57 -17.18 -25.35
CA ALA H 104 -1.27 -18.23 -24.60
C ALA H 104 -2.80 -18.09 -24.76
N ASP H 105 -3.32 -16.89 -24.54
CA ASP H 105 -4.77 -16.60 -24.46
C ASP H 105 -5.40 -16.70 -25.84
N THR H 106 -4.76 -16.14 -26.86
CA THR H 106 -5.30 -16.11 -28.24
C THR H 106 -5.20 -17.51 -28.87
N GLN H 107 -4.11 -18.24 -28.62
CA GLN H 107 -3.93 -19.62 -29.12
C GLN H 107 -5.04 -20.50 -28.55
N ALA H 108 -5.31 -20.33 -27.25
CA ALA H 108 -6.32 -21.10 -26.49
C ALA H 108 -7.70 -20.82 -27.04
N LEU H 109 -8.03 -19.55 -27.27
CA LEU H 109 -9.30 -19.13 -27.88
C LEU H 109 -9.37 -19.61 -29.32
N ALA H 110 -8.34 -19.38 -30.11
CA ALA H 110 -8.33 -19.75 -31.55
C ALA H 110 -8.55 -21.26 -31.68
N GLU H 111 -8.00 -22.07 -30.77
CA GLU H 111 -8.11 -23.54 -30.82
C GLU H 111 -9.51 -23.96 -30.37
N ARG H 112 -10.05 -23.27 -29.37
CA ARG H 112 -11.42 -23.55 -28.84
C ARG H 112 -12.41 -23.23 -29.95
N VAL H 113 -12.30 -22.04 -30.54
CA VAL H 113 -13.27 -21.53 -31.55
C VAL H 113 -13.13 -22.36 -32.81
N SER H 114 -11.92 -22.75 -33.21
CA SER H 114 -11.68 -23.58 -34.41
C SER H 114 -12.41 -24.90 -34.25
N ASN H 115 -12.36 -25.46 -33.04
CA ASN H 115 -12.95 -26.77 -32.69
C ASN H 115 -14.48 -26.67 -32.71
N TYR H 116 -15.06 -25.59 -32.17
CA TYR H 116 -16.51 -25.33 -32.21
C TYR H 116 -16.97 -25.19 -33.66
N LEU H 117 -16.24 -24.42 -34.45
CA LEU H 117 -16.56 -24.17 -35.88
C LEU H 117 -16.51 -25.47 -36.67
N GLY H 118 -15.57 -26.36 -36.36
CA GLY H 118 -15.42 -27.65 -37.06
C GLY H 118 -16.59 -28.58 -36.77
N SER H 119 -16.98 -28.68 -35.49
CA SER H 119 -18.16 -29.41 -34.99
C SER H 119 -19.41 -28.85 -35.67
N TYR H 120 -19.55 -27.53 -35.70
CA TYR H 120 -20.71 -26.79 -36.25
C TYR H 120 -20.83 -27.15 -37.72
N GLN H 121 -19.71 -27.07 -38.44
CA GLN H 121 -19.65 -27.25 -39.90
C GLN H 121 -20.03 -28.68 -40.25
N THR H 122 -19.65 -29.63 -39.41
CA THR H 122 -19.93 -31.07 -39.57
C THR H 122 -21.43 -31.31 -39.43
N ASP H 123 -22.08 -30.63 -38.49
CA ASP H 123 -23.45 -30.96 -38.04
C ASP H 123 -24.49 -30.19 -38.87
N ILE H 124 -24.17 -28.99 -39.36
CA ILE H 124 -25.09 -28.24 -40.27
C ILE H 124 -24.89 -28.77 -41.69
N GLY H 125 -23.77 -29.44 -41.96
CA GLY H 125 -23.43 -29.98 -43.29
C GLY H 125 -23.42 -28.88 -44.34
N ALA H 126 -22.75 -27.76 -44.04
CA ALA H 126 -22.59 -26.57 -44.92
C ALA H 126 -21.39 -25.76 -44.45
N GLY H 127 -20.96 -24.79 -45.26
CA GLY H 127 -19.89 -23.86 -44.90
C GLY H 127 -20.29 -22.98 -43.74
N VAL H 128 -19.30 -22.54 -42.97
CA VAL H 128 -19.48 -21.62 -41.82
C VAL H 128 -19.36 -20.21 -42.36
N ASN H 129 -20.24 -19.31 -41.89
CA ASN H 129 -20.23 -17.85 -42.19
C ASN H 129 -19.20 -17.20 -41.29
N VAL H 130 -18.54 -16.15 -41.76
CA VAL H 130 -17.50 -15.41 -40.97
C VAL H 130 -18.19 -14.83 -39.73
N ALA H 131 -19.42 -14.33 -39.90
CA ALA H 131 -20.25 -13.78 -38.81
C ALA H 131 -20.30 -14.76 -37.63
N THR H 132 -20.46 -16.05 -37.94
CA THR H 132 -20.53 -17.16 -36.95
C THR H 132 -19.20 -17.21 -36.18
N ALA H 133 -18.09 -17.25 -36.90
CA ALA H 133 -16.75 -17.31 -36.30
C ALA H 133 -16.54 -16.08 -35.43
N ALA H 134 -16.92 -14.91 -35.93
CA ALA H 134 -16.74 -13.63 -35.21
C ALA H 134 -17.56 -13.67 -33.92
N ASN H 135 -18.80 -14.13 -34.02
CA ASN H 135 -19.76 -14.12 -32.89
C ASN H 135 -19.29 -15.11 -31.81
N LEU H 136 -18.82 -16.29 -32.18
CA LEU H 136 -18.21 -17.26 -31.24
C LEU H 136 -17.02 -16.66 -30.53
N PHE H 137 -16.13 -16.06 -31.30
CA PHE H 137 -14.89 -15.44 -30.79
C PHE H 137 -15.22 -14.27 -29.86
N GLN H 138 -16.26 -13.50 -30.18
CA GLN H 138 -16.74 -12.40 -29.33
C GLN H 138 -17.21 -12.95 -28.00
N LYS H 139 -18.08 -13.96 -28.01
CA LYS H 139 -18.63 -14.57 -26.78
C LYS H 139 -17.48 -14.96 -25.85
N MET H 140 -16.42 -15.57 -26.38
CA MET H 140 -15.31 -16.13 -25.57
C MET H 140 -14.45 -14.98 -25.05
N CYS H 141 -14.12 -14.05 -25.95
CA CYS H 141 -13.31 -12.84 -25.64
C CYS H 141 -14.05 -11.93 -24.67
N TYR H 142 -15.39 -11.98 -24.62
CA TYR H 142 -16.24 -11.17 -23.71
C TYR H 142 -16.35 -11.90 -22.37
N MET H 143 -16.79 -13.16 -22.37
CA MET H 143 -16.92 -14.01 -21.16
C MET H 143 -15.68 -13.82 -20.28
N ASN H 144 -14.48 -13.86 -20.88
CA ASN H 144 -13.18 -13.89 -20.18
C ASN H 144 -12.47 -12.54 -20.27
N ARG H 145 -13.18 -11.43 -20.48
CA ARG H 145 -12.51 -10.13 -20.82
C ARG H 145 -11.56 -9.68 -19.71
N TRP H 146 -11.78 -10.10 -18.46
CA TRP H 146 -10.96 -9.72 -17.27
C TRP H 146 -9.74 -10.64 -17.11
N ASN H 147 -9.89 -11.90 -17.55
CA ASN H 147 -8.90 -12.99 -17.35
C ASN H 147 -7.86 -12.98 -18.47
N ILE H 148 -8.25 -12.59 -19.69
CA ILE H 148 -7.39 -12.66 -20.92
C ILE H 148 -7.03 -11.25 -21.39
N SER H 149 -5.91 -11.17 -22.12
CA SER H 149 -5.48 -10.01 -22.93
C SER H 149 -5.42 -10.50 -24.38
N ALA H 150 -6.38 -10.08 -25.22
CA ALA H 150 -6.66 -10.72 -26.52
C ALA H 150 -7.40 -9.74 -27.44
N GLY H 151 -6.62 -9.06 -28.27
CA GLY H 151 -7.10 -8.30 -29.44
C GLY H 151 -7.11 -9.19 -30.67
N ILE H 152 -8.30 -9.58 -31.11
CA ILE H 152 -8.52 -10.53 -32.24
C ILE H 152 -9.04 -9.74 -33.42
N ILE H 153 -8.71 -10.19 -34.63
CA ILE H 153 -9.41 -9.81 -35.89
C ILE H 153 -9.83 -11.08 -36.56
N VAL H 154 -11.11 -11.41 -36.58
CA VAL H 154 -11.65 -12.56 -37.36
C VAL H 154 -11.90 -12.03 -38.76
N ALA H 155 -11.40 -12.71 -39.78
CA ALA H 155 -11.63 -12.29 -41.16
C ALA H 155 -11.71 -13.52 -42.04
N GLY H 156 -12.50 -13.46 -43.09
CA GLY H 156 -12.65 -14.64 -43.94
C GLY H 156 -13.59 -14.43 -45.08
N TYR H 157 -13.84 -15.50 -45.80
CA TYR H 157 -14.77 -15.55 -46.92
C TYR H 157 -15.87 -16.54 -46.55
N ASP H 158 -17.10 -16.20 -46.92
CA ASP H 158 -18.22 -17.15 -46.99
C ASP H 158 -19.01 -16.75 -48.23
N PRO H 159 -19.62 -17.71 -48.96
CA PRO H 159 -20.32 -17.40 -50.20
C PRO H 159 -21.56 -16.50 -50.03
N ILE H 160 -22.12 -16.41 -48.82
CA ILE H 160 -23.33 -15.58 -48.51
C ILE H 160 -22.89 -14.11 -48.54
N ASN H 161 -21.93 -13.75 -47.68
CA ASN H 161 -21.54 -12.34 -47.38
C ASN H 161 -20.21 -11.96 -48.02
N GLY H 162 -19.59 -12.86 -48.79
CA GLY H 162 -18.25 -12.68 -49.35
C GLY H 162 -17.19 -12.46 -48.27
N GLY H 163 -16.23 -11.59 -48.53
CA GLY H 163 -15.16 -11.25 -47.60
C GLY H 163 -15.68 -10.37 -46.50
N SER H 164 -15.35 -10.70 -45.25
CA SER H 164 -15.81 -9.98 -44.05
C SER H 164 -14.65 -9.85 -43.08
N VAL H 165 -14.58 -8.74 -42.39
CA VAL H 165 -13.55 -8.47 -41.35
C VAL H 165 -14.28 -8.10 -40.07
N TYR H 166 -13.88 -8.64 -38.94
CA TYR H 166 -14.46 -8.30 -37.62
C TYR H 166 -13.30 -8.00 -36.70
N SER H 167 -13.24 -6.81 -36.15
CA SER H 167 -12.32 -6.53 -35.03
C SER H 167 -13.04 -6.95 -33.76
N ILE H 168 -12.43 -7.81 -32.96
CA ILE H 168 -12.87 -8.08 -31.57
C ILE H 168 -11.77 -7.60 -30.65
N PRO H 169 -11.76 -6.31 -30.24
CA PRO H 169 -10.68 -5.78 -29.40
C PRO H 169 -10.83 -6.27 -27.96
N SER H 170 -10.07 -5.68 -27.04
CA SER H 170 -9.87 -6.19 -25.66
C SER H 170 -11.19 -6.25 -24.88
N GLY H 171 -12.14 -5.34 -25.13
CA GLY H 171 -13.40 -5.32 -24.37
C GLY H 171 -14.29 -6.53 -24.66
N GLY H 172 -14.16 -7.12 -25.85
CA GLY H 172 -15.13 -8.10 -26.39
C GLY H 172 -16.22 -7.42 -27.21
N SER H 173 -15.97 -6.21 -27.69
CA SER H 173 -16.77 -5.59 -28.78
C SER H 173 -16.53 -6.45 -30.01
N CYS H 174 -17.49 -6.53 -30.92
CA CYS H 174 -17.31 -7.12 -32.26
C CYS H 174 -17.84 -6.12 -33.27
N VAL H 175 -16.94 -5.48 -34.00
CA VAL H 175 -17.28 -4.48 -35.03
C VAL H 175 -16.96 -5.06 -36.40
N LYS H 176 -17.93 -5.07 -37.30
CA LYS H 176 -17.75 -5.48 -38.72
C LYS H 176 -17.24 -4.26 -39.48
N LEU H 177 -16.14 -4.42 -40.20
CA LEU H 177 -15.38 -3.30 -40.77
C LEU H 177 -14.94 -3.64 -42.18
N ASP H 178 -14.50 -2.64 -42.93
CA ASP H 178 -13.91 -2.80 -44.27
C ASP H 178 -12.48 -3.25 -44.06
N TYR H 179 -11.82 -2.69 -43.05
CA TYR H 179 -10.45 -3.10 -42.64
C TYR H 179 -10.32 -2.97 -41.13
N ALA H 180 -9.47 -3.78 -40.53
CA ALA H 180 -9.25 -3.76 -39.08
C ALA H 180 -7.76 -3.75 -38.82
N LEU H 181 -7.37 -3.04 -37.79
CA LEU H 181 -5.98 -2.96 -37.30
C LEU H 181 -5.97 -3.57 -35.90
N GLY H 182 -4.86 -4.17 -35.50
CA GLY H 182 -4.73 -4.73 -34.14
C GLY H 182 -3.29 -4.74 -33.69
N GLY H 183 -3.09 -4.83 -32.38
CA GLY H 183 -1.77 -4.99 -31.76
C GLY H 183 -1.11 -3.65 -31.51
N SER H 184 -0.06 -3.69 -30.69
CA SER H 184 0.88 -2.57 -30.40
C SER H 184 1.16 -1.72 -31.65
N GLY H 185 1.35 -2.37 -32.80
CA GLY H 185 1.72 -1.70 -34.06
C GLY H 185 0.53 -1.05 -34.75
N SER H 186 -0.70 -1.38 -34.35
CA SER H 186 -1.93 -0.82 -34.97
C SER H 186 -1.87 0.71 -34.94
N ILE H 187 -1.41 1.26 -33.83
CA ILE H 187 -1.46 2.73 -33.55
C ILE H 187 -0.68 3.48 -34.64
N PHE H 188 0.34 2.88 -35.24
CA PHE H 188 1.15 3.49 -36.31
C PHE H 188 0.36 3.56 -37.62
N LEU H 189 -0.54 2.61 -37.83
CA LEU H 189 -1.19 2.41 -39.14
C LEU H 189 -2.45 3.28 -39.31
N TYR H 190 -3.13 3.68 -38.25
CA TYR H 190 -4.43 4.41 -38.39
C TYR H 190 -4.26 5.61 -39.32
N SER H 191 -3.15 6.32 -39.17
CA SER H 191 -2.83 7.53 -39.96
C SER H 191 -2.35 7.11 -41.36
N PHE H 192 -1.66 5.98 -41.45
CA PHE H 192 -1.19 5.38 -42.72
C PHE H 192 -2.39 5.01 -43.60
N PHE H 193 -3.40 4.39 -43.01
CA PHE H 193 -4.64 3.97 -43.71
C PHE H 193 -5.44 5.20 -44.10
N ASP H 194 -5.71 6.08 -43.14
CA ASP H 194 -6.42 7.36 -43.37
C ASP H 194 -5.87 8.04 -44.63
N ALA H 195 -4.54 8.03 -44.80
CA ALA H 195 -3.84 8.78 -45.87
C ALA H 195 -3.75 7.96 -47.16
N ASN H 196 -3.35 6.69 -47.08
CA ASN H 196 -2.89 5.89 -48.24
C ASN H 196 -3.90 4.81 -48.62
N TYR H 197 -4.71 4.31 -47.68
CA TYR H 197 -5.71 3.26 -47.99
C TYR H 197 -6.84 3.85 -48.83
N LYS H 198 -7.11 3.18 -49.93
CA LYS H 198 -8.24 3.44 -50.85
C LYS H 198 -9.01 2.13 -50.96
N PRO H 199 -10.29 2.06 -50.57
CA PRO H 199 -11.05 0.82 -50.73
C PRO H 199 -11.34 0.54 -52.22
N GLY H 200 -11.82 -0.68 -52.50
CA GLY H 200 -12.01 -1.21 -53.87
C GLY H 200 -10.69 -1.49 -54.55
N MET H 201 -9.70 -1.99 -53.80
CA MET H 201 -8.40 -2.48 -54.32
C MET H 201 -8.64 -3.87 -54.94
N SER H 202 -7.79 -4.22 -55.91
CA SER H 202 -7.56 -5.60 -56.42
C SER H 202 -7.11 -6.50 -55.27
N LYS H 203 -7.21 -7.82 -55.43
CA LYS H 203 -6.59 -8.82 -54.51
C LYS H 203 -5.08 -8.54 -54.37
N SER H 204 -4.37 -8.35 -55.49
CA SER H 204 -2.89 -8.14 -55.57
C SER H 204 -2.50 -6.84 -54.86
N GLU H 205 -3.23 -5.76 -55.13
CA GLU H 205 -2.97 -4.42 -54.56
C GLU H 205 -3.14 -4.47 -53.04
N CYS H 206 -4.18 -5.16 -52.56
CA CYS H 206 -4.49 -5.33 -51.11
C CYS H 206 -3.35 -6.05 -50.40
N VAL H 207 -2.83 -7.10 -51.03
CA VAL H 207 -1.70 -7.88 -50.47
C VAL H 207 -0.46 -6.97 -50.42
N ALA H 208 -0.14 -6.28 -51.51
CA ALA H 208 1.00 -5.33 -51.58
C ALA H 208 0.82 -4.25 -50.51
N PHE H 209 -0.39 -3.73 -50.37
CA PHE H 209 -0.73 -2.63 -49.43
C PHE H 209 -0.62 -3.14 -47.99
N CYS H 210 -1.31 -4.23 -47.66
CA CYS H 210 -1.23 -4.94 -46.35
C CYS H 210 0.22 -5.21 -45.96
N GLN H 211 1.07 -5.65 -46.89
CA GLN H 211 2.51 -5.90 -46.59
C GLN H 211 3.20 -4.56 -46.31
N ARG H 212 2.98 -3.56 -47.16
CA ARG H 212 3.53 -2.20 -46.99
C ARG H 212 3.08 -1.64 -45.64
N ALA H 213 1.82 -1.88 -45.25
CA ALA H 213 1.27 -1.44 -43.96
C ALA H 213 2.08 -2.09 -42.86
N VAL H 214 2.02 -3.41 -42.76
CA VAL H 214 2.68 -4.18 -41.67
C VAL H 214 4.13 -3.72 -41.55
N ALA H 215 4.81 -3.50 -42.67
CA ALA H 215 6.22 -3.05 -42.71
C ALA H 215 6.36 -1.67 -42.07
N HIS H 216 5.41 -0.78 -42.29
CA HIS H 216 5.45 0.60 -41.75
C HIS H 216 5.26 0.56 -40.24
N ALA H 217 4.43 -0.35 -39.76
CA ALA H 217 4.16 -0.54 -38.33
C ALA H 217 5.41 -1.09 -37.66
N TYR H 218 6.01 -2.13 -38.24
CA TYR H 218 7.05 -2.91 -37.54
C TYR H 218 8.39 -2.19 -37.65
N SER H 219 8.46 -1.16 -38.49
CA SER H 219 9.62 -0.24 -38.62
C SER H 219 9.70 0.67 -37.40
N ARG H 220 8.55 1.04 -36.84
CA ARG H 220 8.42 1.99 -35.72
C ARG H 220 8.10 1.25 -34.41
N ASP H 221 7.25 0.24 -34.43
CA ASP H 221 6.96 -0.57 -33.22
C ASP H 221 8.17 -1.47 -32.93
N GLY H 222 8.77 -1.31 -31.76
CA GLY H 222 9.76 -2.26 -31.21
C GLY H 222 9.16 -3.63 -30.98
N SER H 223 7.90 -3.68 -30.57
CA SER H 223 7.22 -4.93 -30.16
C SER H 223 6.83 -5.75 -31.40
N SER H 224 6.90 -5.16 -32.60
CA SER H 224 6.60 -5.82 -33.89
C SER H 224 7.88 -5.94 -34.70
N GLY H 225 7.91 -6.90 -35.61
CA GLY H 225 9.08 -7.14 -36.47
C GLY H 225 9.01 -8.49 -37.15
N GLY H 226 10.09 -8.83 -37.85
CA GLY H 226 10.31 -10.15 -38.46
C GLY H 226 9.70 -10.26 -39.85
N LEU H 227 9.06 -11.38 -40.08
CA LEU H 227 8.40 -11.71 -41.35
C LEU H 227 7.06 -11.01 -41.38
N ILE H 228 6.60 -10.69 -42.57
CA ILE H 228 5.22 -10.27 -42.84
C ILE H 228 4.52 -11.49 -43.42
N ARG H 229 3.62 -12.09 -42.67
CA ARG H 229 2.73 -13.16 -43.18
C ARG H 229 1.44 -12.52 -43.67
N THR H 230 1.02 -12.85 -44.87
CA THR H 230 -0.33 -12.50 -45.39
C THR H 230 -1.08 -13.80 -45.65
N ILE H 231 -2.38 -13.71 -45.79
CA ILE H 231 -3.20 -14.80 -46.38
C ILE H 231 -4.45 -14.18 -46.99
N THR H 232 -4.68 -14.45 -48.27
CA THR H 232 -5.89 -14.01 -49.00
C THR H 232 -6.94 -15.10 -48.85
N LEU H 233 -8.12 -14.75 -48.38
CA LEU H 233 -9.27 -15.68 -48.26
C LEU H 233 -10.35 -15.16 -49.17
N ASP H 234 -10.74 -15.97 -50.16
CA ASP H 234 -11.76 -15.63 -51.19
C ASP H 234 -12.32 -16.95 -51.71
N ALA H 235 -13.13 -16.92 -52.77
CA ALA H 235 -13.74 -18.13 -53.38
C ALA H 235 -12.66 -19.14 -53.78
N ASP H 236 -11.43 -18.70 -54.06
CA ASP H 236 -10.30 -19.55 -54.52
C ASP H 236 -9.54 -20.14 -53.32
N GLU H 237 -8.61 -21.06 -53.58
CA GLU H 237 -7.81 -21.76 -52.53
C GLU H 237 -6.96 -20.69 -51.83
N PRO H 238 -6.91 -20.67 -50.47
CA PRO H 238 -6.15 -19.65 -49.74
C PRO H 238 -4.68 -19.54 -50.14
N GLU H 239 -4.22 -18.32 -50.42
CA GLU H 239 -2.81 -18.01 -50.78
C GLU H 239 -2.14 -17.36 -49.57
N ASP H 240 -1.43 -18.15 -48.76
CA ASP H 240 -0.48 -17.64 -47.74
C ASP H 240 0.80 -17.19 -48.47
N GLN H 241 1.46 -16.17 -47.96
CA GLN H 241 2.84 -15.82 -48.37
C GLN H 241 3.52 -15.11 -47.21
N THR H 242 4.85 -15.26 -47.15
CA THR H 242 5.73 -14.82 -46.03
C THR H 242 6.88 -13.98 -46.63
N ILE H 243 6.82 -12.68 -46.43
CA ILE H 243 7.87 -11.72 -46.84
C ILE H 243 8.92 -11.73 -45.76
N PRO H 244 10.18 -12.13 -46.04
CA PRO H 244 11.26 -12.02 -45.06
C PRO H 244 11.68 -10.56 -44.90
N TRP H 245 12.23 -10.20 -43.74
CA TRP H 245 12.58 -8.81 -43.38
C TRP H 245 13.56 -8.21 -44.39
N ASN H 246 14.48 -9.01 -44.92
CA ASN H 246 15.52 -8.58 -45.89
C ASN H 246 14.89 -8.24 -47.26
N ARG H 247 13.61 -8.53 -47.48
CA ARG H 247 12.87 -8.15 -48.71
C ARG H 247 11.60 -7.35 -48.35
N SER H 248 11.53 -6.76 -47.16
CA SER H 248 10.32 -6.00 -46.74
C SER H 248 10.14 -4.79 -47.63
N PRO H 249 8.88 -4.40 -47.91
CA PRO H 249 8.61 -3.31 -48.84
C PRO H 249 9.07 -1.96 -48.29
N TYR H 250 9.16 -1.83 -46.97
CA TYR H 250 9.69 -0.64 -46.30
C TYR H 250 10.46 -1.05 -45.04
N CYS H 251 11.60 -0.42 -44.83
CA CYS H 251 12.23 -0.31 -43.49
C CYS H 251 12.99 1.02 -43.41
N MET H 252 13.11 1.58 -42.22
CA MET H 252 13.78 2.87 -41.98
C MET H 252 15.27 2.77 -42.38
N GLU H 253 15.87 1.61 -42.16
CA GLU H 253 17.30 1.33 -42.39
C GLU H 253 17.67 1.57 -43.85
N LYS H 254 16.75 1.30 -44.78
CA LYS H 254 16.97 1.36 -46.25
C LYS H 254 16.36 2.63 -46.85
N ASP H 255 15.46 3.32 -46.13
CA ASP H 255 14.79 4.59 -46.55
C ASP H 255 15.83 5.71 -46.65
N PRO H 256 16.05 6.34 -47.83
CA PRO H 256 17.11 7.35 -47.99
C PRO H 256 16.95 8.61 -47.13
N LYS H 257 15.71 8.96 -46.78
CA LYS H 257 15.31 9.96 -45.75
C LYS H 257 16.19 9.89 -44.51
N TYR H 258 16.54 8.69 -44.04
CA TYR H 258 17.21 8.44 -42.74
C TYR H 258 18.63 7.92 -42.92
N VAL H 259 19.34 8.34 -43.96
CA VAL H 259 20.75 7.93 -44.20
C VAL H 259 21.68 8.92 -43.48
N THR H 260 21.55 10.20 -43.82
CA THR H 260 22.28 11.31 -43.15
C THR H 260 21.98 11.25 -41.65
N GLN H 261 23.03 11.12 -40.83
CA GLN H 261 22.90 11.00 -39.36
C GLN H 261 22.61 12.37 -38.78
N ALA H 262 21.80 12.39 -37.72
CA ALA H 262 21.66 13.55 -36.81
C ALA H 262 23.04 14.06 -36.46
N THR H 263 23.23 15.38 -36.47
CA THR H 263 24.50 16.02 -36.13
C THR H 263 24.54 16.23 -34.62
N GLN H 264 24.77 15.14 -33.89
CA GLN H 264 24.71 15.10 -32.42
C GLN H 264 26.09 15.27 -31.83
N ASN H 265 27.13 14.81 -32.51
CA ASN H 265 28.46 14.60 -31.89
C ASN H 265 29.24 15.91 -32.03
N GLN H 266 29.69 16.26 -33.23
CA GLN H 266 30.11 17.65 -33.57
C GLN H 266 31.49 17.96 -33.00
N PRO H 267 32.49 18.22 -33.86
CA PRO H 267 33.84 18.44 -33.40
C PRO H 267 33.90 19.78 -32.67
N PHE H 268 34.85 19.88 -31.75
CA PHE H 268 35.17 21.11 -31.01
C PHE H 268 35.73 22.12 -32.01
N SER H 269 34.97 23.20 -32.25
CA SER H 269 35.23 24.16 -33.35
C SER H 269 35.29 25.58 -32.78
N SER H 270 35.77 26.50 -33.60
CA SER H 270 35.94 27.93 -33.29
C SER H 270 34.77 28.70 -33.87
N SER H 271 33.71 28.00 -34.28
CA SER H 271 32.54 28.51 -35.01
C SER H 271 31.27 27.84 -34.48
N ALA H 272 30.14 28.52 -34.58
CA ALA H 272 28.81 27.99 -34.22
C ALA H 272 28.21 27.27 -35.43
N LYS H 273 28.88 27.32 -36.58
CA LYS H 273 28.48 26.58 -37.80
C LYS H 273 28.53 25.08 -37.53
N ILE H 274 27.37 24.42 -37.49
CA ILE H 274 27.24 22.94 -37.47
C ILE H 274 27.68 22.42 -38.84
N THR H 275 28.74 21.60 -38.85
CA THR H 275 29.33 20.94 -40.04
C THR H 275 28.76 19.52 -40.16
N GLY H 276 29.26 18.59 -39.33
CA GLY H 276 28.81 17.18 -39.30
C GLY H 276 29.20 16.53 -38.00
N ASN H 277 29.04 15.21 -37.90
CA ASN H 277 29.54 14.45 -36.73
C ASN H 277 31.06 14.28 -36.86
N ARG H 278 31.74 14.32 -35.71
CA ARG H 278 33.16 13.94 -35.58
C ARG H 278 33.25 12.43 -35.68
N MET H 279 33.97 11.92 -36.68
CA MET H 279 34.01 10.48 -37.02
C MET H 279 35.44 9.94 -37.08
N SER H 280 36.41 10.71 -36.59
CA SER H 280 37.86 10.42 -36.61
C SER H 280 38.52 11.28 -35.53
N SER H 281 39.41 10.71 -34.73
CA SER H 281 40.03 11.42 -33.59
C SER H 281 41.02 12.46 -34.13
N THR H 282 41.64 12.16 -35.27
CA THR H 282 42.57 13.04 -36.04
C THR H 282 41.83 14.29 -36.58
N GLY H 283 40.52 14.21 -36.83
CA GLY H 283 39.66 15.31 -37.32
C GLY H 283 38.36 15.45 -36.53
N THR I 30 18.89 -22.91 -15.34
CA THR I 30 18.66 -23.90 -16.40
C THR I 30 18.86 -23.25 -17.76
N THR I 31 19.53 -23.97 -18.68
CA THR I 31 19.48 -23.70 -20.13
C THR I 31 19.13 -25.02 -20.78
N ILE I 32 18.07 -25.04 -21.57
CA ILE I 32 17.69 -26.21 -22.39
C ILE I 32 17.51 -25.72 -23.82
N VAL I 33 17.80 -26.59 -24.77
CA VAL I 33 18.00 -26.21 -26.19
C VAL I 33 17.46 -27.33 -27.05
N GLY I 34 16.88 -26.99 -28.18
CA GLY I 34 16.44 -27.95 -29.19
C GLY I 34 16.80 -27.44 -30.57
N VAL I 35 17.31 -28.30 -31.44
CA VAL I 35 17.44 -27.98 -32.88
C VAL I 35 16.82 -29.13 -33.65
N VAL I 36 16.16 -28.79 -34.75
CA VAL I 36 15.77 -29.76 -35.80
C VAL I 36 16.99 -29.91 -36.70
N TYR I 37 17.41 -31.14 -36.97
CA TYR I 37 18.44 -31.47 -37.99
C TYR I 37 17.72 -32.25 -39.08
N ARG I 38 18.43 -32.83 -40.06
CA ARG I 38 17.78 -33.39 -41.28
C ARG I 38 16.95 -34.62 -40.90
N ASP I 39 17.47 -35.49 -40.03
CA ASP I 39 16.91 -36.82 -39.73
C ASP I 39 16.03 -36.78 -38.47
N GLY I 40 16.16 -35.75 -37.64
CA GLY I 40 15.38 -35.69 -36.38
C GLY I 40 15.62 -34.42 -35.58
N VAL I 41 15.57 -34.55 -34.26
CA VAL I 41 15.69 -33.43 -33.27
C VAL I 41 16.84 -33.77 -32.33
N VAL I 42 17.64 -32.77 -31.98
CA VAL I 42 18.61 -32.88 -30.86
C VAL I 42 18.13 -31.97 -29.75
N LEU I 43 17.84 -32.53 -28.58
CA LEU I 43 17.62 -31.74 -27.36
C LEU I 43 18.93 -31.69 -26.58
N GLY I 44 19.03 -30.67 -25.74
CA GLY I 44 20.21 -30.41 -24.92
C GLY I 44 19.80 -29.73 -23.64
N ALA I 45 20.56 -29.96 -22.58
CA ALA I 45 20.31 -29.36 -21.27
C ALA I 45 21.64 -29.29 -20.53
N ASP I 46 21.77 -28.29 -19.66
CA ASP I 46 22.78 -28.27 -18.57
C ASP I 46 22.34 -29.30 -17.55
N THR I 47 22.96 -29.33 -16.37
CA THR I 47 22.67 -30.33 -15.32
C THR I 47 22.51 -29.71 -13.93
N ARG I 48 22.81 -28.43 -13.77
CA ARG I 48 22.87 -27.82 -12.42
C ARG I 48 21.44 -27.55 -11.95
N ALA I 49 21.04 -28.21 -10.86
CA ALA I 49 19.89 -27.82 -10.02
C ALA I 49 20.37 -26.87 -8.92
N THR I 50 19.58 -25.85 -8.59
CA THR I 50 19.92 -24.82 -7.57
C THR I 50 18.75 -24.66 -6.59
N GLU I 51 19.05 -24.68 -5.28
CA GLU I 51 18.20 -24.13 -4.19
C GLU I 51 18.70 -22.70 -3.91
N GLY I 52 18.07 -21.70 -4.55
CA GLY I 52 18.43 -20.28 -4.40
C GLY I 52 19.75 -19.99 -5.09
N SER I 53 20.79 -19.62 -4.33
CA SER I 53 22.15 -19.28 -4.81
C SER I 53 23.10 -20.46 -4.65
N ILE I 54 22.57 -21.66 -4.44
CA ILE I 54 23.38 -22.85 -4.02
C ILE I 54 23.08 -24.01 -4.95
N VAL I 55 24.12 -24.71 -5.39
CA VAL I 55 24.00 -25.92 -6.23
C VAL I 55 23.64 -27.10 -5.31
N ALA I 56 22.41 -27.60 -5.44
CA ALA I 56 21.88 -28.78 -4.73
C ALA I 56 22.43 -30.05 -5.39
N ASP I 57 22.40 -30.08 -6.73
CA ASP I 57 22.82 -31.24 -7.55
C ASP I 57 23.58 -30.72 -8.76
N LYS I 58 24.82 -31.18 -8.93
CA LYS I 58 25.70 -30.79 -10.05
C LYS I 58 25.21 -31.52 -11.31
N ARG I 59 24.92 -32.81 -11.21
CA ARG I 59 24.53 -33.70 -12.34
C ARG I 59 23.07 -34.14 -12.19
N CYS I 60 22.12 -33.23 -12.33
CA CYS I 60 20.67 -33.57 -12.38
C CYS I 60 20.23 -33.63 -13.84
N ARG I 61 19.29 -34.52 -14.18
CA ARG I 61 18.86 -34.79 -15.57
C ARG I 61 17.60 -33.98 -15.87
N LYS I 62 17.71 -33.05 -16.81
CA LYS I 62 16.64 -32.09 -17.21
C LYS I 62 15.99 -32.52 -18.53
N ILE I 63 16.49 -33.57 -19.18
CA ILE I 63 15.88 -34.14 -20.41
C ILE I 63 15.03 -35.33 -19.99
N HIS I 64 13.70 -35.18 -20.06
CA HIS I 64 12.72 -36.15 -19.53
C HIS I 64 12.15 -36.97 -20.67
N TYR I 65 12.06 -38.28 -20.49
CA TYR I 65 11.28 -39.19 -21.37
C TYR I 65 9.82 -38.76 -21.33
N MET I 66 9.25 -38.53 -22.51
CA MET I 66 7.81 -38.28 -22.73
C MET I 66 7.22 -39.53 -23.39
N ALA I 67 7.86 -40.01 -24.44
CA ALA I 67 7.45 -41.25 -25.16
C ALA I 67 8.66 -41.86 -25.87
N PRO I 68 8.56 -43.06 -26.46
CA PRO I 68 9.69 -43.65 -27.19
C PRO I 68 10.32 -42.69 -28.21
N ASN I 69 9.49 -41.86 -28.87
CA ASN I 69 9.88 -40.96 -29.97
C ASN I 69 9.76 -39.48 -29.58
N ILE I 70 9.65 -39.15 -28.29
CA ILE I 70 9.40 -37.76 -27.79
C ILE I 70 10.14 -37.60 -26.48
N MET I 71 10.96 -36.56 -26.38
CA MET I 71 11.69 -36.18 -25.14
C MET I 71 11.34 -34.74 -24.84
N CYS I 72 11.56 -34.31 -23.61
CA CYS I 72 11.03 -33.01 -23.15
C CYS I 72 11.92 -32.38 -22.10
N CYS I 73 12.85 -31.51 -22.50
CA CYS I 73 13.67 -30.73 -21.56
C CYS I 73 12.76 -29.78 -20.78
N GLY I 74 13.07 -29.57 -19.50
CA GLY I 74 12.26 -28.72 -18.61
C GLY I 74 13.09 -27.67 -17.91
N ALA I 75 12.55 -26.45 -17.88
CA ALA I 75 13.05 -25.32 -17.09
C ALA I 75 11.90 -24.83 -16.22
N GLY I 76 12.05 -23.67 -15.58
CA GLY I 76 11.08 -23.18 -14.57
C GLY I 76 11.09 -24.05 -13.33
N THR I 77 9.96 -24.06 -12.61
CA THR I 77 9.79 -24.73 -11.30
C THR I 77 9.96 -26.23 -11.50
N SER I 78 11.01 -26.83 -10.92
CA SER I 78 11.40 -28.24 -11.17
C SER I 78 10.22 -29.17 -10.85
N ALA I 79 9.54 -28.91 -9.74
CA ALA I 79 8.35 -29.65 -9.26
C ALA I 79 7.31 -29.74 -10.36
N ASP I 80 7.04 -28.61 -11.01
CA ASP I 80 5.96 -28.43 -12.01
C ASP I 80 6.37 -29.12 -13.31
N THR I 81 7.59 -28.84 -13.76
CA THR I 81 8.21 -29.50 -14.92
C THR I 81 8.15 -31.01 -14.72
N GLU I 82 8.54 -31.51 -13.54
CA GLU I 82 8.51 -32.95 -13.23
C GLU I 82 7.08 -33.47 -13.35
N ALA I 83 6.15 -32.80 -12.69
CA ALA I 83 4.74 -33.23 -12.51
C ALA I 83 4.04 -33.28 -13.87
N VAL I 84 4.14 -32.20 -14.63
CA VAL I 84 3.45 -31.97 -15.94
C VAL I 84 3.99 -32.98 -16.95
N THR I 85 5.30 -33.10 -17.01
CA THR I 85 6.02 -34.02 -17.92
C THR I 85 5.63 -35.46 -17.59
N ASN I 86 5.64 -35.86 -16.31
CA ASN I 86 5.27 -37.24 -15.91
C ASN I 86 3.80 -37.50 -16.25
N MET I 87 2.93 -36.52 -15.93
CA MET I 87 1.46 -36.60 -16.13
C MET I 87 1.18 -36.90 -17.60
N VAL I 88 1.81 -36.15 -18.49
CA VAL I 88 1.53 -36.22 -19.95
C VAL I 88 2.14 -37.51 -20.48
N SER I 89 3.41 -37.78 -20.19
CA SER I 89 4.11 -39.03 -20.61
C SER I 89 3.20 -40.23 -20.31
N SER I 90 2.54 -40.19 -19.14
CA SER I 90 1.64 -41.26 -18.66
C SER I 90 0.41 -41.31 -19.55
N HIS I 91 -0.24 -40.17 -19.77
CA HIS I 91 -1.43 -40.04 -20.64
C HIS I 91 -1.07 -40.54 -22.05
N LEU I 92 0.04 -40.10 -22.60
CA LEU I 92 0.50 -40.55 -23.94
C LEU I 92 0.64 -42.06 -23.96
N ALA I 93 1.20 -42.67 -22.92
CA ALA I 93 1.49 -44.11 -22.81
C ALA I 93 0.19 -44.92 -22.79
N LEU I 94 -0.80 -44.38 -22.09
CA LEU I 94 -2.16 -44.94 -21.92
C LEU I 94 -2.91 -44.85 -23.25
N HIS I 95 -2.72 -43.71 -23.94
CA HIS I 95 -3.34 -43.36 -25.25
C HIS I 95 -2.72 -44.20 -26.37
N ARG I 96 -1.48 -44.60 -26.18
CA ARG I 96 -0.69 -45.41 -27.14
C ARG I 96 -1.20 -46.85 -27.15
N LEU I 97 -1.77 -47.32 -26.03
CA LEU I 97 -2.40 -48.65 -25.91
C LEU I 97 -3.80 -48.63 -26.52
N GLU I 98 -4.47 -47.48 -26.46
CA GLU I 98 -5.81 -47.28 -27.03
C GLU I 98 -5.72 -47.23 -28.57
N THR I 99 -4.75 -46.47 -29.09
CA THR I 99 -4.56 -46.20 -30.55
C THR I 99 -3.80 -47.36 -31.21
N GLY I 100 -2.88 -48.00 -30.49
CA GLY I 100 -1.90 -48.95 -31.06
C GLY I 100 -0.94 -48.27 -32.01
N LYS I 101 -0.61 -47.00 -31.73
CA LYS I 101 0.00 -46.05 -32.69
C LYS I 101 1.06 -45.21 -31.97
N GLN I 102 2.21 -44.97 -32.59
CA GLN I 102 3.31 -44.18 -31.96
C GLN I 102 2.74 -42.78 -31.64
N SER I 103 3.03 -42.24 -30.46
CA SER I 103 2.47 -40.95 -30.01
C SER I 103 3.02 -39.87 -30.91
N ARG I 104 2.14 -38.98 -31.37
CA ARG I 104 2.50 -37.79 -32.20
C ARG I 104 2.94 -36.68 -31.26
N VAL I 105 3.88 -35.88 -31.71
CA VAL I 105 4.46 -34.79 -30.88
C VAL I 105 3.38 -33.73 -30.70
N LEU I 106 2.46 -33.60 -31.65
CA LEU I 106 1.34 -32.63 -31.54
C LEU I 106 0.41 -33.04 -30.39
N GLU I 107 0.14 -34.33 -30.20
CA GLU I 107 -0.69 -34.85 -29.08
C GLU I 107 -0.01 -34.46 -27.77
N ALA I 108 1.29 -34.70 -27.65
CA ALA I 108 2.08 -34.33 -26.45
C ALA I 108 1.97 -32.82 -26.27
N LEU I 109 2.20 -32.06 -27.33
CA LEU I 109 2.23 -30.57 -27.28
C LEU I 109 0.88 -30.05 -26.80
N THR I 110 -0.19 -30.62 -27.32
CA THR I 110 -1.58 -30.15 -27.04
C THR I 110 -1.93 -30.47 -25.59
N LEU I 111 -1.47 -31.60 -25.05
CA LEU I 111 -1.78 -31.99 -23.65
C LEU I 111 -1.08 -31.05 -22.69
N LEU I 112 0.17 -30.69 -22.95
CA LEU I 112 0.97 -29.78 -22.11
C LEU I 112 0.37 -28.38 -22.18
N LYS I 113 0.15 -27.85 -23.39
CA LYS I 113 -0.52 -26.54 -23.62
C LYS I 113 -1.77 -26.42 -22.79
N ARG I 114 -2.68 -27.39 -22.92
CA ARG I 114 -4.03 -27.33 -22.32
C ARG I 114 -3.89 -27.35 -20.81
N HIS I 115 -3.00 -28.20 -20.31
CA HIS I 115 -2.73 -28.32 -18.86
C HIS I 115 -2.18 -26.99 -18.36
N LEU I 116 -1.07 -26.55 -18.93
CA LEU I 116 -0.39 -25.32 -18.47
C LEU I 116 -1.32 -24.12 -18.60
N TYR I 117 -2.10 -24.03 -19.68
CA TYR I 117 -3.05 -22.90 -19.89
C TYR I 117 -4.10 -22.88 -18.78
N ARG I 118 -4.67 -24.04 -18.44
CA ARG I 118 -5.67 -24.19 -17.37
C ARG I 118 -5.20 -23.50 -16.09
N TYR I 119 -3.91 -23.62 -15.75
CA TYR I 119 -3.35 -23.16 -14.45
C TYR I 119 -2.74 -21.76 -14.55
N GLN I 120 -2.96 -21.05 -15.66
CA GLN I 120 -2.69 -19.59 -15.81
C GLN I 120 -1.24 -19.26 -15.44
N GLY I 121 -0.30 -20.18 -15.67
CA GLY I 121 1.14 -19.96 -15.39
C GLY I 121 1.53 -20.27 -13.95
N HIS I 122 0.60 -20.68 -13.09
CA HIS I 122 0.88 -21.01 -11.67
C HIS I 122 1.63 -22.35 -11.62
N VAL I 123 1.34 -23.25 -12.57
CA VAL I 123 2.23 -24.39 -12.92
C VAL I 123 3.27 -23.84 -13.85
N SER I 124 4.44 -23.47 -13.31
CA SER I 124 5.46 -22.65 -13.99
C SER I 124 6.50 -23.56 -14.66
N ALA I 125 6.03 -24.52 -15.45
CA ALA I 125 6.86 -25.42 -16.27
C ALA I 125 7.07 -24.77 -17.65
N ALA I 126 8.31 -24.49 -18.01
CA ALA I 126 8.75 -24.11 -19.37
C ALA I 126 9.35 -25.35 -20.01
N LEU I 127 8.93 -25.70 -21.21
CA LEU I 127 9.26 -27.01 -21.82
C LEU I 127 9.80 -26.83 -23.22
N VAL I 128 10.75 -27.67 -23.59
CA VAL I 128 11.21 -27.84 -24.99
C VAL I 128 10.88 -29.27 -25.35
N LEU I 129 9.80 -29.43 -26.09
CA LEU I 129 9.30 -30.73 -26.56
C LEU I 129 9.91 -30.99 -27.93
N GLY I 130 10.74 -32.01 -28.02
CA GLY I 130 11.28 -32.52 -29.29
C GLY I 130 10.78 -33.92 -29.53
N GLY I 131 10.51 -34.27 -30.77
CA GLY I 131 10.29 -35.68 -31.11
C GLY I 131 10.24 -35.88 -32.59
N VAL I 132 10.00 -37.11 -32.99
CA VAL I 132 9.90 -37.48 -34.43
C VAL I 132 8.76 -38.48 -34.57
N ASP I 133 7.65 -38.00 -35.09
CA ASP I 133 6.48 -38.81 -35.46
C ASP I 133 6.58 -39.07 -36.96
N VAL I 134 5.51 -39.58 -37.56
CA VAL I 134 5.41 -39.88 -39.01
C VAL I 134 5.42 -38.59 -39.84
N GLU I 135 4.87 -37.49 -39.30
CA GLU I 135 4.90 -36.14 -39.94
C GLU I 135 6.32 -35.57 -39.97
N GLY I 136 7.27 -36.18 -39.26
CA GLY I 136 8.71 -35.84 -39.30
C GLY I 136 9.18 -35.20 -38.00
N PRO I 137 10.34 -34.51 -38.00
CA PRO I 137 10.83 -33.84 -36.79
C PRO I 137 9.86 -32.77 -36.34
N PHE I 138 9.65 -32.66 -35.04
CA PHE I 138 8.76 -31.66 -34.41
C PHE I 138 9.43 -31.18 -33.14
N LEU I 139 9.85 -29.94 -33.13
CA LEU I 139 10.45 -29.28 -31.95
C LEU I 139 9.58 -28.09 -31.59
N ALA I 140 9.26 -27.92 -30.33
CA ALA I 140 8.38 -26.82 -29.87
C ALA I 140 8.76 -26.44 -28.44
N THR I 141 8.53 -25.19 -28.09
CA THR I 141 8.52 -24.72 -26.69
C THR I 141 7.08 -24.74 -26.20
N ILE I 142 6.87 -24.99 -24.92
CA ILE I 142 5.62 -24.62 -24.23
C ILE I 142 6.03 -23.66 -23.11
N ALA I 143 5.57 -22.42 -23.18
CA ALA I 143 5.72 -21.42 -22.12
C ALA I 143 4.82 -21.80 -20.95
N PRO I 144 5.12 -21.37 -19.72
CA PRO I 144 4.30 -21.67 -18.54
C PRO I 144 2.81 -21.32 -18.64
N HIS I 145 2.48 -20.25 -19.36
CA HIS I 145 1.09 -19.79 -19.59
C HIS I 145 0.40 -20.63 -20.65
N GLY I 146 1.12 -21.51 -21.34
CA GLY I 146 0.52 -22.49 -22.27
C GLY I 146 0.52 -22.00 -23.71
N SER I 147 1.38 -21.03 -24.00
CA SER I 147 1.77 -20.61 -25.36
C SER I 147 2.60 -21.75 -25.95
N THR I 148 2.51 -21.97 -27.26
CA THR I 148 3.49 -22.77 -28.02
C THR I 148 4.07 -21.99 -29.17
N ASP I 149 5.31 -22.33 -29.49
CA ASP I 149 6.01 -21.93 -30.73
C ASP I 149 6.64 -23.21 -31.26
N ARG I 150 6.22 -23.67 -32.43
CA ARG I 150 6.84 -24.80 -33.17
C ARG I 150 7.90 -24.22 -34.10
N LEU I 151 9.18 -24.42 -33.79
CA LEU I 151 10.31 -23.77 -34.48
C LEU I 151 11.42 -24.77 -34.78
N PRO I 152 12.33 -24.44 -35.71
CA PRO I 152 13.47 -25.29 -36.01
C PRO I 152 14.61 -25.25 -34.99
N PHE I 153 14.68 -24.25 -34.12
CA PHE I 153 15.63 -24.22 -32.99
C PHE I 153 15.04 -23.35 -31.88
N VAL I 154 15.10 -23.83 -30.65
CA VAL I 154 14.45 -23.17 -29.48
C VAL I 154 15.37 -23.23 -28.27
N THR I 155 15.14 -22.37 -27.30
CA THR I 155 15.82 -22.36 -26.00
C THR I 155 14.83 -21.96 -24.91
N MET I 156 15.02 -22.45 -23.71
CA MET I 156 14.21 -22.04 -22.55
C MET I 156 15.15 -21.99 -21.34
N GLY I 157 14.65 -21.42 -20.24
CA GLY I 157 15.37 -21.33 -18.97
C GLY I 157 16.18 -20.05 -18.88
N SER I 158 16.86 -19.87 -17.75
CA SER I 158 17.68 -18.68 -17.42
C SER I 158 18.71 -18.42 -18.52
N GLY I 159 19.35 -19.49 -19.02
CA GLY I 159 20.43 -19.40 -20.02
C GLY I 159 19.90 -19.44 -21.43
N SER I 160 18.61 -19.20 -21.64
CA SER I 160 17.95 -19.29 -22.96
C SER I 160 18.59 -18.29 -23.91
N ILE I 161 18.79 -17.07 -23.44
CA ILE I 161 19.18 -15.92 -24.29
C ILE I 161 20.60 -16.14 -24.80
N ALA I 162 21.51 -16.52 -23.91
CA ALA I 162 22.92 -16.85 -24.23
C ALA I 162 22.95 -17.99 -25.25
N ALA I 163 22.25 -19.08 -24.94
CA ALA I 163 22.18 -20.29 -25.79
C ALA I 163 21.63 -19.93 -27.17
N MET I 164 20.53 -19.17 -27.20
CA MET I 164 19.86 -18.76 -28.44
C MET I 164 20.83 -17.95 -29.30
N ALA I 165 21.69 -17.14 -28.70
CA ALA I 165 22.66 -16.35 -29.46
C ALA I 165 23.52 -17.29 -30.29
N GLN I 166 24.05 -18.36 -29.69
CA GLN I 166 24.85 -19.37 -30.40
C GLN I 166 24.01 -20.03 -31.50
N LEU I 167 22.75 -20.33 -31.23
CA LEU I 167 21.85 -21.01 -32.19
C LEU I 167 21.57 -20.11 -33.40
N GLU I 168 21.18 -18.85 -33.17
CA GLU I 168 20.96 -17.84 -34.23
C GLU I 168 22.23 -17.64 -35.07
N ALA I 169 23.41 -17.73 -34.45
CA ALA I 169 24.71 -17.46 -35.10
C ALA I 169 25.17 -18.65 -35.95
N ALA I 170 24.79 -19.88 -35.62
CA ALA I 170 25.40 -21.11 -36.18
C ALA I 170 24.40 -22.12 -36.72
N TYR I 171 23.09 -21.95 -36.49
CA TYR I 171 22.07 -22.87 -37.05
C TYR I 171 22.03 -22.72 -38.57
N LYS I 172 21.98 -23.84 -39.28
CA LYS I 172 21.59 -23.87 -40.71
C LYS I 172 20.60 -25.04 -40.87
N ASP I 173 19.81 -25.02 -41.94
CA ASP I 173 18.86 -26.12 -42.24
C ASP I 173 19.65 -27.35 -42.68
N ASN I 174 19.10 -28.54 -42.43
CA ASN I 174 19.60 -29.85 -42.90
C ASN I 174 21.03 -30.06 -42.37
N MET I 175 21.22 -29.80 -41.08
CA MET I 175 22.47 -30.12 -40.35
C MET I 175 22.52 -31.63 -40.25
N THR I 176 23.72 -32.22 -40.34
CA THR I 176 23.99 -33.63 -39.96
C THR I 176 23.70 -33.76 -38.47
N CYS I 177 23.55 -34.99 -37.98
CA CYS I 177 23.39 -35.31 -36.54
C CYS I 177 24.58 -34.73 -35.76
N GLU I 178 25.78 -34.80 -36.32
CA GLU I 178 27.04 -34.38 -35.65
C GLU I 178 27.08 -32.85 -35.54
N GLU I 179 26.88 -32.14 -36.66
CA GLU I 179 26.74 -30.66 -36.71
C GLU I 179 25.77 -30.18 -35.63
N ALA I 180 24.62 -30.87 -35.51
CA ALA I 180 23.46 -30.50 -34.66
C ALA I 180 23.78 -30.76 -33.19
N LYS I 181 24.39 -31.89 -32.85
CA LYS I 181 24.81 -32.21 -31.46
C LYS I 181 25.87 -31.21 -31.03
N GLU I 182 26.85 -30.94 -31.89
CA GLU I 182 27.97 -30.01 -31.58
C GLU I 182 27.39 -28.61 -31.32
N LEU I 183 26.44 -28.19 -32.16
CA LEU I 183 25.77 -26.87 -32.07
C LEU I 183 25.03 -26.78 -30.74
N VAL I 184 24.20 -27.76 -30.45
CA VAL I 184 23.41 -27.85 -29.20
C VAL I 184 24.36 -27.77 -28.01
N ALA I 185 25.41 -28.59 -27.97
CA ALA I 185 26.41 -28.52 -26.88
C ALA I 185 27.03 -27.12 -26.80
N SER I 186 27.41 -26.50 -27.93
CA SER I 186 27.94 -25.12 -27.98
C SER I 186 26.93 -24.16 -27.35
N ALA I 187 25.65 -24.31 -27.69
CA ALA I 187 24.57 -23.45 -27.19
C ALA I 187 24.44 -23.62 -25.68
N ILE I 188 24.40 -24.86 -25.21
CA ILE I 188 24.28 -25.16 -23.75
C ILE I 188 25.50 -24.55 -23.06
N ARG I 189 26.70 -24.79 -23.59
CA ARG I 189 27.93 -24.23 -23.00
C ARG I 189 27.78 -22.72 -22.78
N LYS I 190 27.15 -21.99 -23.70
CA LYS I 190 26.91 -20.53 -23.53
C LYS I 190 26.15 -20.29 -22.22
N GLY I 191 25.08 -21.06 -21.99
CA GLY I 191 24.33 -20.97 -20.73
C GLY I 191 25.25 -21.33 -19.56
N ILE I 192 25.88 -22.50 -19.62
CA ILE I 192 26.75 -23.02 -18.53
C ILE I 192 27.65 -21.89 -18.03
N PHE I 193 28.42 -21.29 -18.93
CA PHE I 193 29.54 -20.38 -18.61
C PHE I 193 29.07 -18.95 -18.33
N ASN I 194 27.96 -18.50 -18.93
CA ASN I 194 27.54 -17.08 -18.91
C ASN I 194 26.32 -16.89 -18.01
N ASP I 195 25.59 -17.97 -17.68
CA ASP I 195 24.45 -17.97 -16.74
C ASP I 195 24.88 -18.65 -15.44
N PRO I 196 24.59 -18.03 -14.27
CA PRO I 196 24.89 -18.67 -12.98
C PRO I 196 23.97 -19.85 -12.62
N TYR I 197 22.72 -19.85 -13.07
CA TYR I 197 21.75 -20.94 -12.77
C TYR I 197 22.02 -22.17 -13.63
N SER I 198 22.73 -22.03 -14.74
CA SER I 198 23.14 -23.16 -15.63
C SER I 198 24.58 -23.54 -15.31
N GLY I 199 24.90 -24.83 -15.41
CA GLY I 199 26.26 -25.29 -15.11
C GLY I 199 26.50 -26.77 -15.35
N THR I 200 27.78 -27.14 -15.21
CA THR I 200 28.32 -28.50 -15.00
C THR I 200 28.60 -29.15 -16.36
N GLN I 201 27.61 -29.80 -16.95
CA GLN I 201 27.86 -30.59 -18.18
C GLN I 201 26.67 -30.41 -19.12
N VAL I 202 26.88 -30.78 -20.38
CA VAL I 202 25.81 -30.81 -21.40
C VAL I 202 25.31 -32.24 -21.51
N ASP I 203 24.03 -32.47 -21.17
CA ASP I 203 23.28 -33.67 -21.58
C ASP I 203 22.67 -33.35 -22.93
N VAL I 204 22.85 -34.25 -23.89
CA VAL I 204 22.30 -34.15 -25.27
C VAL I 204 21.35 -35.33 -25.48
N CYS I 205 20.36 -35.17 -26.32
CA CYS I 205 19.43 -36.27 -26.69
C CYS I 205 19.08 -36.18 -28.16
N VAL I 206 19.29 -37.25 -28.92
CA VAL I 206 19.10 -37.29 -30.39
C VAL I 206 17.89 -38.17 -30.68
N ILE I 207 16.73 -37.55 -30.88
CA ILE I 207 15.51 -38.27 -31.30
C ILE I 207 15.53 -38.32 -32.81
N THR I 208 15.65 -39.52 -33.36
CA THR I 208 15.57 -39.80 -34.80
C THR I 208 14.29 -40.62 -35.00
N LYS I 209 13.87 -40.79 -36.24
CA LYS I 209 12.62 -41.50 -36.65
C LYS I 209 12.54 -42.85 -35.92
N ASP I 210 13.65 -43.59 -35.87
CA ASP I 210 13.72 -45.00 -35.40
C ASP I 210 13.97 -45.07 -33.88
N LYS I 211 14.90 -44.27 -33.34
CA LYS I 211 15.45 -44.41 -31.97
C LYS I 211 15.79 -43.07 -31.31
N THR I 212 15.98 -43.10 -29.99
CA THR I 212 16.24 -41.94 -29.12
C THR I 212 17.49 -42.22 -28.28
N GLU I 213 18.61 -41.58 -28.60
CA GLU I 213 19.93 -41.76 -27.92
C GLU I 213 20.14 -40.59 -26.97
N LEU I 214 20.02 -40.84 -25.66
CA LEU I 214 20.28 -39.86 -24.59
C LEU I 214 21.72 -40.01 -24.11
N THR I 215 22.60 -39.10 -24.54
CA THR I 215 24.00 -39.00 -24.09
C THR I 215 24.08 -38.04 -22.90
N ILE I 216 24.37 -38.58 -21.72
CA ILE I 216 24.65 -37.81 -20.47
C ILE I 216 26.15 -37.48 -20.44
N GLY I 217 26.48 -36.22 -20.15
CA GLY I 217 27.85 -35.72 -20.23
C GLY I 217 28.42 -35.91 -21.61
N TYR I 218 27.66 -35.51 -22.64
CA TYR I 218 28.16 -35.44 -24.03
C TYR I 218 29.38 -34.52 -24.04
N ASP I 219 29.30 -33.38 -23.35
CA ASP I 219 30.43 -32.46 -23.08
C ASP I 219 30.50 -32.22 -21.56
N LYS I 220 31.69 -32.38 -20.96
CA LYS I 220 31.99 -32.08 -19.53
C LYS I 220 33.10 -31.03 -19.48
N PRO I 221 32.80 -29.73 -19.70
CA PRO I 221 33.83 -28.70 -19.74
C PRO I 221 34.44 -28.34 -18.38
N ASN I 222 33.75 -28.71 -17.29
CA ASN I 222 34.03 -28.29 -15.90
C ASN I 222 34.39 -29.52 -15.06
N GLU I 223 35.51 -30.17 -15.36
CA GLU I 223 35.96 -31.41 -14.67
C GLU I 223 36.46 -30.99 -13.27
N ARG I 224 37.65 -31.40 -12.86
CA ARG I 224 38.17 -31.08 -11.49
C ARG I 224 39.43 -30.20 -11.59
N MET I 225 39.29 -28.94 -11.14
CA MET I 225 40.41 -28.02 -10.80
C MET I 225 40.76 -28.26 -9.33
N TYR I 226 41.99 -28.72 -9.05
CA TYR I 226 42.53 -29.02 -7.69
C TYR I 226 41.91 -30.33 -7.17
N PRO I 227 42.68 -31.45 -7.07
CA PRO I 227 42.13 -32.71 -6.56
C PRO I 227 41.77 -32.57 -5.07
N ARG I 228 40.58 -33.04 -4.70
CA ARG I 228 39.95 -32.91 -3.35
C ARG I 228 40.95 -33.35 -2.26
N GLN I 229 41.31 -32.43 -1.36
CA GLN I 229 42.19 -32.69 -0.18
C GLN I 229 41.40 -33.47 0.87
N GLU I 230 41.67 -34.78 0.98
CA GLU I 230 40.98 -35.71 1.91
C GLU I 230 41.37 -35.36 3.35
N VAL I 231 40.51 -34.59 4.04
CA VAL I 231 40.58 -34.30 5.50
C VAL I 231 40.21 -35.60 6.24
N LEU I 232 41.15 -36.14 7.03
CA LEU I 232 41.00 -37.46 7.71
C LEU I 232 40.54 -37.25 9.16
N LEU I 233 39.34 -37.74 9.46
CA LEU I 233 38.68 -37.74 10.79
C LEU I 233 38.53 -39.20 11.24
N PRO I 234 39.50 -39.76 12.00
CA PRO I 234 39.47 -41.18 12.36
C PRO I 234 38.31 -41.51 13.30
N PRO I 235 37.69 -42.70 13.20
CA PRO I 235 36.59 -43.09 14.10
C PRO I 235 36.83 -42.78 15.59
N GLY I 236 35.80 -42.27 16.27
CA GLY I 236 35.87 -41.79 17.66
C GLY I 236 36.36 -40.34 17.77
N THR I 237 36.49 -39.66 16.63
CA THR I 237 36.81 -38.21 16.53
C THR I 237 35.65 -37.42 17.15
N THR I 238 34.43 -37.69 16.69
CA THR I 238 33.18 -37.02 17.15
C THR I 238 32.71 -37.69 18.44
N PRO I 239 32.56 -36.94 19.56
CA PRO I 239 32.10 -37.51 20.83
C PRO I 239 30.61 -37.89 20.82
N VAL I 240 30.33 -39.11 21.29
CA VAL I 240 29.01 -39.80 21.18
C VAL I 240 28.52 -40.12 22.59
N LEU I 241 27.33 -39.62 22.94
CA LEU I 241 26.70 -39.80 24.27
C LEU I 241 26.10 -41.21 24.35
N LYS I 242 25.26 -41.58 23.37
CA LYS I 242 24.56 -42.89 23.33
C LYS I 242 24.67 -43.50 21.94
N GLU I 243 24.48 -44.81 21.86
CA GLU I 243 24.64 -45.62 20.62
C GLU I 243 23.72 -46.85 20.74
N GLU I 244 22.77 -46.99 19.84
CA GLU I 244 21.92 -48.21 19.69
C GLU I 244 22.26 -48.86 18.34
N ILE I 245 22.90 -50.03 18.39
CA ILE I 245 23.14 -50.88 17.19
C ILE I 245 21.97 -51.86 17.09
N ARG I 246 21.45 -52.06 15.87
CA ARG I 246 20.41 -53.07 15.56
C ARG I 246 20.89 -53.87 14.33
N GLN I 247 21.04 -55.20 14.49
CA GLN I 247 21.44 -56.14 13.41
C GLN I 247 20.18 -56.59 12.66
N LEU I 248 20.33 -56.98 11.38
CA LEU I 248 19.23 -57.42 10.48
C LEU I 248 19.56 -58.81 9.91
N SER J 2 10.11 -16.09 8.23
CA SER J 2 9.87 -17.26 7.34
C SER J 2 9.11 -18.34 8.10
N ILE J 3 8.12 -18.97 7.48
CA ILE J 3 7.33 -20.09 8.06
C ILE J 3 8.23 -21.34 8.13
N MET J 4 9.17 -21.50 7.21
CA MET J 4 10.06 -22.69 7.14
C MET J 4 11.10 -22.66 8.27
N ALA J 5 11.56 -21.47 8.65
CA ALA J 5 12.63 -21.28 9.65
C ALA J 5 12.06 -21.17 11.07
N TYR J 6 10.73 -21.16 11.23
CA TYR J 6 10.04 -20.88 12.50
C TYR J 6 10.44 -21.92 13.55
N SER J 7 10.25 -23.19 13.23
CA SER J 7 10.43 -24.31 14.19
C SER J 7 11.91 -24.63 14.32
N GLY J 8 12.72 -24.22 13.36
CA GLY J 8 14.15 -24.56 13.32
C GLY J 8 14.35 -26.04 13.01
N GLY J 9 15.60 -26.46 13.14
CA GLY J 9 16.00 -27.85 12.82
C GLY J 9 16.54 -27.95 11.41
N SER J 10 17.67 -28.64 11.26
CA SER J 10 18.29 -29.02 9.97
C SER J 10 18.47 -30.54 9.94
N VAL J 11 18.41 -31.11 8.75
CA VAL J 11 18.61 -32.56 8.49
C VAL J 11 19.58 -32.68 7.32
N MET J 12 20.39 -33.72 7.34
CA MET J 12 21.36 -33.99 6.27
C MET J 12 21.49 -35.50 6.13
N ALA J 13 21.62 -35.98 4.90
CA ALA J 13 21.89 -37.39 4.56
C ALA J 13 23.10 -37.43 3.62
N MET J 14 23.76 -38.56 3.57
CA MET J 14 25.12 -38.70 3.01
C MET J 14 25.34 -40.14 2.58
N ALA J 15 25.77 -40.33 1.35
CA ALA J 15 25.97 -41.66 0.73
C ALA J 15 27.41 -42.07 0.94
N GLY J 16 27.61 -43.27 1.48
CA GLY J 16 28.92 -43.95 1.44
C GLY J 16 28.87 -45.15 0.53
N LYS J 17 29.84 -46.06 0.69
CA LYS J 17 29.88 -47.35 -0.02
C LYS J 17 28.96 -48.28 0.73
N GLU J 18 27.84 -48.67 0.11
CA GLU J 18 26.90 -49.69 0.61
C GLU J 18 26.41 -49.27 1.99
N CYS J 19 26.19 -47.97 2.18
CA CYS J 19 25.72 -47.37 3.46
C CYS J 19 25.35 -45.90 3.25
N PHE J 20 24.48 -45.38 4.10
CA PHE J 20 24.24 -43.94 4.21
C PHE J 20 24.11 -43.54 5.68
N VAL J 21 24.38 -42.27 5.94
CA VAL J 21 24.22 -41.62 7.27
C VAL J 21 23.19 -40.53 7.06
N ILE J 22 22.16 -40.52 7.90
CA ILE J 22 21.20 -39.41 7.98
C ILE J 22 21.29 -38.88 9.39
N ILE J 23 21.33 -37.56 9.55
CA ILE J 23 21.62 -36.91 10.85
C ILE J 23 20.74 -35.67 10.97
N SER J 24 19.95 -35.58 12.02
CA SER J 24 19.18 -34.36 12.37
C SER J 24 19.79 -33.74 13.61
N ASP J 25 19.67 -32.44 13.73
CA ASP J 25 19.86 -31.74 15.02
C ASP J 25 18.68 -32.12 15.93
N ASN J 26 18.63 -31.54 17.11
CA ASN J 26 17.66 -31.92 18.17
C ASN J 26 16.78 -30.73 18.60
N ARG J 27 17.01 -29.53 18.10
CA ARG J 27 16.30 -28.34 18.62
C ARG J 27 14.89 -28.27 18.04
N LEU J 28 13.92 -27.92 18.86
CA LEU J 28 12.59 -27.46 18.41
C LEU J 28 12.37 -26.05 18.98
N GLY J 29 11.99 -25.10 18.14
CA GLY J 29 11.84 -23.70 18.56
C GLY J 29 10.54 -23.08 18.09
N GLU J 30 10.30 -21.85 18.52
CA GLU J 30 9.38 -20.88 17.89
C GLU J 30 10.22 -19.62 17.70
N GLN J 31 10.68 -19.40 16.47
CA GLN J 31 11.70 -18.37 16.16
C GLN J 31 12.86 -18.67 17.10
N LEU J 32 13.16 -17.76 18.03
CA LEU J 32 14.39 -17.78 18.84
C LEU J 32 14.16 -18.48 20.18
N LYS J 33 12.94 -18.56 20.69
CA LYS J 33 12.69 -19.33 21.93
C LYS J 33 12.74 -20.82 21.58
N THR J 34 13.51 -21.56 22.37
CA THR J 34 13.77 -23.02 22.24
C THR J 34 12.81 -23.72 23.18
N ILE J 35 11.91 -24.54 22.64
CA ILE J 35 10.90 -25.30 23.43
C ILE J 35 11.54 -26.58 23.95
N SER J 36 12.25 -27.31 23.09
CA SER J 36 12.87 -28.60 23.47
C SER J 36 14.21 -28.74 22.78
N THR J 37 15.08 -29.55 23.39
CA THR J 37 16.46 -29.86 22.94
C THR J 37 16.56 -31.35 22.67
N GLU J 38 15.43 -32.05 22.62
CA GLU J 38 15.34 -33.52 22.48
C GLU J 38 14.22 -33.83 21.48
N VAL J 39 14.30 -33.22 20.30
CA VAL J 39 13.32 -33.40 19.18
C VAL J 39 14.11 -33.69 17.94
N PRO J 40 14.61 -34.93 17.74
CA PRO J 40 15.25 -35.28 16.48
C PRO J 40 14.17 -35.31 15.41
N LYS J 41 14.56 -35.10 14.16
CA LYS J 41 13.62 -34.94 13.03
C LYS J 41 13.64 -36.16 12.10
N LEU J 42 14.22 -37.29 12.52
CA LEU J 42 14.33 -38.52 11.70
C LEU J 42 13.16 -39.44 11.99
N HIS J 43 12.74 -40.18 10.97
CA HIS J 43 11.63 -41.15 10.96
C HIS J 43 12.08 -42.40 10.20
N VAL J 44 11.80 -43.57 10.75
CA VAL J 44 12.25 -44.86 10.14
C VAL J 44 11.03 -45.52 9.48
N VAL J 45 11.03 -45.53 8.14
CA VAL J 45 9.95 -46.16 7.35
C VAL J 45 10.12 -47.66 7.48
N ASN J 46 11.34 -48.15 7.22
CA ASN J 46 11.68 -49.58 7.33
C ASN J 46 13.19 -49.70 7.52
N ASP J 47 13.70 -50.93 7.62
CA ASP J 47 15.14 -51.28 7.70
C ASP J 47 15.98 -50.35 6.81
N SER J 48 15.52 -50.19 5.58
CA SER J 48 16.30 -49.67 4.42
C SER J 48 16.08 -48.17 4.20
N ILE J 49 14.96 -47.59 4.65
CA ILE J 49 14.64 -46.14 4.43
C ILE J 49 14.55 -45.41 5.78
N VAL J 50 15.23 -44.27 5.85
CA VAL J 50 15.08 -43.28 6.95
C VAL J 50 14.89 -41.91 6.30
N TYR J 51 13.93 -41.12 6.76
CA TYR J 51 13.74 -39.76 6.24
C TYR J 51 13.74 -38.78 7.40
N GLY J 52 14.11 -37.54 7.12
CA GLY J 52 13.95 -36.42 8.04
C GLY J 52 12.99 -35.46 7.44
N LEU J 53 12.29 -34.70 8.27
CA LEU J 53 11.47 -33.57 7.80
C LEU J 53 11.96 -32.32 8.50
N THR J 54 12.30 -31.31 7.73
CA THR J 54 12.55 -29.95 8.26
C THR J 54 11.26 -29.18 8.03
N GLY J 55 11.26 -27.90 8.35
CA GLY J 55 10.14 -27.01 8.07
C GLY J 55 9.29 -26.85 9.29
N LEU J 56 8.08 -26.34 9.10
CA LEU J 56 7.18 -25.93 10.20
C LEU J 56 6.80 -27.19 10.98
N ARG J 57 6.97 -27.18 12.30
CA ARG J 57 6.95 -28.42 13.11
C ARG J 57 5.59 -29.11 12.99
N THR J 58 4.50 -28.34 13.06
CA THR J 58 3.13 -28.80 12.75
C THR J 58 3.13 -29.69 11.51
N ASP J 59 3.73 -29.22 10.42
CA ASP J 59 3.65 -29.86 9.10
C ASP J 59 4.60 -31.06 9.10
N GLN J 60 5.75 -30.96 9.74
CA GLN J 60 6.61 -32.14 9.94
C GLN J 60 5.76 -33.22 10.62
N GLN J 61 4.98 -32.87 11.63
CA GLN J 61 4.21 -33.86 12.41
C GLN J 61 3.02 -34.37 11.61
N THR J 62 2.28 -33.47 10.96
CA THR J 62 1.11 -33.84 10.13
C THR J 62 1.62 -34.66 8.95
N PHE J 63 2.56 -34.13 8.18
CA PHE J 63 3.12 -34.82 7.00
C PHE J 63 3.67 -36.19 7.41
N ALA J 64 4.44 -36.27 8.50
CA ALA J 64 5.03 -37.55 8.98
C ALA J 64 3.93 -38.56 9.26
N ASN J 65 2.80 -38.10 9.84
CA ASN J 65 1.65 -38.98 10.14
C ASN J 65 1.06 -39.48 8.81
N LYS J 66 0.85 -38.57 7.87
CA LYS J 66 0.26 -38.86 6.54
C LYS J 66 1.13 -39.90 5.86
N VAL J 67 2.44 -39.77 5.97
CA VAL J 67 3.42 -40.71 5.35
C VAL J 67 3.31 -42.05 6.06
N GLN J 68 3.25 -42.04 7.39
CA GLN J 68 3.18 -43.27 8.21
C GLN J 68 1.91 -44.04 7.86
N PHE J 69 0.83 -43.33 7.55
CA PHE J 69 -0.44 -43.91 7.05
C PHE J 69 -0.18 -44.60 5.71
N ARG J 70 0.42 -43.85 4.79
CA ARG J 70 0.63 -44.31 3.39
C ARG J 70 1.59 -45.51 3.36
N THR J 71 2.67 -45.48 4.14
CA THR J 71 3.70 -46.53 4.17
C THR J 71 3.18 -47.78 4.87
N GLU J 72 2.30 -47.65 5.87
CA GLU J 72 1.69 -48.82 6.55
C GLU J 72 0.60 -49.43 5.65
N MET J 73 -0.18 -48.62 4.93
CA MET J 73 -1.22 -49.10 3.99
C MET J 73 -0.52 -49.89 2.88
N TYR J 74 0.58 -49.35 2.36
CA TYR J 74 1.41 -49.96 1.31
C TYR J 74 1.81 -51.36 1.77
N LYS J 75 2.35 -51.43 2.98
CA LYS J 75 2.92 -52.65 3.59
C LYS J 75 1.83 -53.72 3.68
N LEU J 76 0.57 -53.33 3.89
CA LEU J 76 -0.57 -54.27 4.01
C LEU J 76 -0.99 -54.71 2.62
N ARG J 77 -1.34 -53.75 1.76
CA ARG J 77 -1.79 -53.99 0.37
C ARG J 77 -0.68 -54.77 -0.36
N GLU J 78 0.50 -54.17 -0.48
CA GLU J 78 1.61 -54.67 -1.34
C GLU J 78 2.28 -55.90 -0.75
N GLU J 79 2.15 -56.13 0.56
CA GLU J 79 2.75 -57.30 1.25
C GLU J 79 4.27 -57.25 1.09
N ARG J 80 4.85 -56.05 1.15
CA ARG J 80 6.33 -55.84 1.11
C ARG J 80 6.65 -54.46 1.65
N ASP J 81 7.91 -54.26 2.03
CA ASP J 81 8.42 -52.94 2.46
C ASP J 81 8.48 -52.09 1.20
N ILE J 82 8.07 -50.84 1.32
CA ILE J 82 8.29 -49.84 0.25
C ILE J 82 9.80 -49.62 0.10
N THR J 83 10.27 -49.41 -1.14
CA THR J 83 11.69 -49.12 -1.49
C THR J 83 11.92 -47.61 -1.46
N GLY J 84 13.19 -47.19 -1.35
CA GLY J 84 13.58 -45.77 -1.31
C GLY J 84 12.98 -45.01 -2.47
N LYS J 85 13.13 -45.54 -3.68
CA LYS J 85 12.70 -44.84 -4.93
C LYS J 85 11.20 -44.60 -4.87
N ALA J 86 10.43 -45.65 -4.62
CA ALA J 86 8.95 -45.63 -4.54
C ALA J 86 8.51 -44.70 -3.41
N PHE J 87 9.15 -44.81 -2.26
CA PHE J 87 8.92 -43.94 -1.09
C PHE J 87 9.15 -42.47 -1.47
N ALA J 88 10.25 -42.15 -2.17
CA ALA J 88 10.53 -40.76 -2.59
C ALA J 88 9.52 -40.29 -3.62
N ALA J 89 9.20 -41.12 -4.60
CA ALA J 89 8.16 -40.83 -5.62
C ALA J 89 6.84 -40.56 -4.91
N MET J 90 6.48 -41.42 -3.95
CA MET J 90 5.23 -41.30 -3.16
C MET J 90 5.19 -39.96 -2.47
N ILE J 91 6.32 -39.57 -1.87
CA ILE J 91 6.45 -38.30 -1.11
C ILE J 91 6.35 -37.10 -2.06
N THR J 92 6.93 -37.13 -3.25
CA THR J 92 6.79 -35.98 -4.19
C THR J 92 5.31 -35.88 -4.57
N SER J 93 4.66 -37.02 -4.80
CA SER J 93 3.23 -37.07 -5.19
C SER J 93 2.42 -36.34 -4.11
N MET J 94 2.69 -36.65 -2.84
CA MET J 94 1.96 -36.10 -1.67
C MET J 94 2.22 -34.60 -1.55
N LEU J 95 3.44 -34.15 -1.81
CA LEU J 95 3.79 -32.72 -1.63
C LEU J 95 3.17 -31.91 -2.78
N TYR J 96 3.23 -32.44 -4.00
CA TYR J 96 2.67 -31.78 -5.20
C TYR J 96 1.15 -31.82 -5.21
N GLU J 97 0.51 -32.77 -4.51
CA GLU J 97 -0.95 -32.76 -4.25
C GLU J 97 -1.33 -31.43 -3.61
N ALA J 98 -0.39 -30.77 -2.95
CA ALA J 98 -0.61 -29.50 -2.22
C ALA J 98 0.16 -28.33 -2.87
N ARG J 99 0.40 -28.36 -4.18
CA ARG J 99 1.17 -27.31 -4.90
C ARG J 99 0.71 -25.90 -4.51
N PHE J 100 -0.60 -25.70 -4.52
CA PHE J 100 -1.27 -24.42 -4.21
C PHE J 100 -1.86 -24.57 -2.81
N GLY J 101 -1.09 -24.13 -1.80
CA GLY J 101 -1.31 -24.43 -0.37
C GLY J 101 -0.43 -25.59 0.10
N PRO J 102 0.92 -25.44 0.08
CA PRO J 102 1.83 -26.54 0.35
C PRO J 102 2.03 -26.86 1.83
N TRP J 103 2.54 -28.05 2.11
CA TRP J 103 3.10 -28.46 3.42
C TRP J 103 4.43 -27.75 3.55
N PHE J 104 4.65 -27.02 4.64
CA PHE J 104 5.94 -26.38 4.96
C PHE J 104 6.85 -27.45 5.56
N VAL J 105 7.29 -28.37 4.72
CA VAL J 105 8.27 -29.42 5.06
C VAL J 105 9.21 -29.58 3.89
N GLU J 106 10.44 -29.96 4.17
CA GLU J 106 11.48 -30.25 3.16
C GLU J 106 12.06 -31.59 3.54
N PRO J 107 11.53 -32.70 3.00
CA PRO J 107 11.95 -34.02 3.44
C PRO J 107 13.33 -34.34 2.88
N VAL J 108 14.14 -35.00 3.70
CA VAL J 108 15.44 -35.58 3.29
C VAL J 108 15.28 -37.08 3.44
N ILE J 109 15.40 -37.85 2.38
CA ILE J 109 15.20 -39.33 2.40
C ILE J 109 16.54 -39.97 2.12
N GLY J 110 17.03 -40.77 3.05
CA GLY J 110 18.09 -41.74 2.82
C GLY J 110 17.47 -43.10 2.64
N SER J 111 17.98 -43.88 1.69
CA SER J 111 17.56 -45.28 1.47
C SER J 111 18.74 -46.10 1.00
N ILE J 112 18.60 -47.42 1.09
CA ILE J 112 19.60 -48.39 0.58
C ILE J 112 18.85 -49.63 0.09
N ASP J 113 19.13 -50.08 -1.13
CA ASP J 113 18.64 -51.37 -1.66
C ASP J 113 19.36 -52.47 -0.88
N LYS J 114 18.59 -53.39 -0.27
CA LYS J 114 19.10 -54.42 0.67
C LYS J 114 20.01 -55.41 -0.09
N SER J 115 19.69 -55.71 -1.35
CA SER J 115 20.42 -56.65 -2.24
C SER J 115 21.64 -55.96 -2.87
N THR J 116 21.40 -55.00 -3.76
CA THR J 116 22.40 -54.31 -4.62
C THR J 116 23.40 -53.54 -3.75
N GLY J 117 22.94 -52.98 -2.63
CA GLY J 117 23.73 -52.10 -1.75
C GLY J 117 23.84 -50.69 -2.30
N GLU J 118 23.10 -50.35 -3.35
CA GLU J 118 23.19 -49.01 -4.00
C GLU J 118 22.31 -48.07 -3.16
N VAL J 119 22.87 -46.90 -2.85
CA VAL J 119 22.28 -45.90 -1.93
C VAL J 119 21.46 -44.92 -2.76
N TYR J 120 20.29 -44.54 -2.27
CA TYR J 120 19.46 -43.49 -2.89
C TYR J 120 19.21 -42.41 -1.84
N LEU J 121 19.72 -41.21 -2.07
CA LEU J 121 19.30 -39.98 -1.36
C LEU J 121 18.31 -39.22 -2.23
N CYS J 122 17.34 -38.58 -1.59
CA CYS J 122 16.42 -37.63 -2.23
C CYS J 122 16.03 -36.58 -1.21
N ALA J 123 16.54 -35.37 -1.36
CA ALA J 123 15.95 -34.17 -0.73
C ALA J 123 14.82 -33.75 -1.65
N THR J 124 13.84 -33.05 -1.10
CA THR J 124 12.69 -32.51 -1.85
C THR J 124 12.46 -31.10 -1.31
N ASP J 125 12.04 -30.17 -2.16
CA ASP J 125 11.45 -28.87 -1.76
C ASP J 125 10.01 -29.11 -1.31
N LEU J 126 9.31 -28.07 -0.87
CA LEU J 126 7.98 -28.22 -0.22
C LEU J 126 6.90 -28.62 -1.24
N ILE J 127 7.12 -28.41 -2.54
CA ILE J 127 6.14 -28.81 -3.59
C ILE J 127 6.65 -30.03 -4.36
N GLY J 128 7.56 -30.81 -3.80
CA GLY J 128 7.83 -32.16 -4.31
C GLY J 128 9.01 -32.28 -5.26
N ALA J 129 9.61 -31.17 -5.71
CA ALA J 129 10.74 -31.21 -6.67
C ALA J 129 11.86 -32.08 -6.12
N PRO J 130 12.06 -33.32 -6.63
CA PRO J 130 13.10 -34.19 -6.09
C PRO J 130 14.49 -33.73 -6.54
N CYS J 131 15.46 -33.81 -5.64
CA CYS J 131 16.91 -33.56 -5.86
C CYS J 131 17.63 -34.83 -5.42
N GLU J 132 18.20 -35.60 -6.35
CA GLU J 132 18.64 -37.00 -6.12
C GLU J 132 20.12 -37.15 -6.44
N PRO J 133 21.02 -36.50 -5.66
CA PRO J 133 22.46 -36.55 -5.94
C PRO J 133 23.18 -37.78 -5.39
N GLU J 134 24.35 -38.06 -5.96
CA GLU J 134 25.27 -39.18 -5.63
C GLU J 134 25.84 -39.03 -4.20
N ASP J 135 25.99 -37.79 -3.70
CA ASP J 135 26.85 -37.48 -2.53
C ASP J 135 26.04 -37.33 -1.25
N TYR J 136 25.30 -36.24 -1.13
CA TYR J 136 24.66 -35.82 0.12
C TYR J 136 23.49 -34.91 -0.23
N VAL J 137 22.54 -34.83 0.68
CA VAL J 137 21.40 -33.87 0.61
C VAL J 137 21.25 -33.27 1.99
N CYS J 138 20.67 -32.10 2.10
CA CYS J 138 20.37 -31.48 3.41
C CYS J 138 19.21 -30.52 3.25
N ALA J 139 18.65 -30.10 4.37
CA ALA J 139 17.52 -29.17 4.40
C ALA J 139 17.50 -28.51 5.77
N GLY J 140 16.73 -27.45 5.91
CA GLY J 140 16.50 -26.79 7.20
C GLY J 140 17.37 -25.57 7.35
N THR J 141 17.40 -25.03 8.56
CA THR J 141 17.85 -23.65 8.82
C THR J 141 19.36 -23.53 8.53
N ALA J 142 20.10 -24.61 8.72
CA ALA J 142 21.57 -24.68 8.64
C ALA J 142 22.02 -25.23 7.28
N ALA J 143 21.12 -25.27 6.28
CA ALA J 143 21.34 -25.93 4.98
C ALA J 143 22.44 -25.23 4.18
N GLU J 144 22.47 -23.89 4.17
CA GLU J 144 23.54 -23.12 3.49
C GLU J 144 24.90 -23.53 4.09
N SER J 145 24.99 -23.66 5.41
CA SER J 145 26.24 -24.00 6.14
C SER J 145 26.56 -25.49 6.03
N LEU J 146 25.57 -26.34 5.80
CA LEU J 146 25.75 -27.81 5.69
C LEU J 146 26.36 -28.13 4.33
N HIS J 147 25.78 -27.58 3.27
CA HIS J 147 26.29 -27.65 1.88
C HIS J 147 27.80 -27.35 1.84
N GLY J 148 28.26 -26.38 2.62
CA GLY J 148 29.68 -26.01 2.67
C GLY J 148 30.52 -27.09 3.31
N MET J 149 30.08 -27.57 4.46
CA MET J 149 30.75 -28.62 5.26
C MET J 149 30.76 -29.93 4.47
N CYS J 150 29.61 -30.32 3.93
CA CYS J 150 29.41 -31.62 3.26
C CYS J 150 30.22 -31.64 1.95
N GLU J 151 30.29 -30.51 1.23
CA GLU J 151 31.07 -30.36 -0.03
C GLU J 151 32.55 -30.62 0.25
N ALA J 152 33.02 -30.11 1.40
CA ALA J 152 34.44 -30.08 1.79
C ALA J 152 34.90 -31.45 2.29
N LEU J 153 34.11 -32.06 3.18
CA LEU J 153 34.51 -33.28 3.94
C LEU J 153 34.15 -34.55 3.16
N TRP J 154 33.14 -34.52 2.29
CA TRP J 154 32.56 -35.74 1.68
C TRP J 154 33.44 -36.22 0.53
N ARG J 155 33.80 -37.49 0.52
CA ARG J 155 34.42 -38.21 -0.62
C ARG J 155 33.47 -39.30 -1.09
N PRO J 156 33.65 -39.84 -2.32
CA PRO J 156 32.84 -40.96 -2.80
C PRO J 156 32.72 -42.17 -1.85
N GLY J 157 33.71 -43.06 -1.82
CA GLY J 157 33.48 -44.46 -1.43
C GLY J 157 33.72 -44.71 0.04
N MET J 158 33.07 -43.94 0.92
CA MET J 158 33.41 -43.90 2.36
C MET J 158 32.78 -45.09 3.08
N SER J 159 33.50 -45.68 4.04
CA SER J 159 32.98 -46.72 4.96
C SER J 159 31.93 -46.10 5.87
N PRO J 160 31.03 -46.87 6.51
CA PRO J 160 30.07 -46.28 7.43
C PRO J 160 30.71 -45.41 8.52
N GLU J 161 31.75 -45.91 9.18
CA GLU J 161 32.40 -45.24 10.35
C GLU J 161 33.01 -43.90 9.92
N GLU J 162 33.79 -43.88 8.84
CA GLU J 162 34.34 -42.64 8.24
C GLU J 162 33.20 -41.67 7.95
N LEU J 163 32.14 -42.17 7.31
CA LEU J 163 31.00 -41.36 6.79
C LEU J 163 30.32 -40.68 7.96
N PHE J 164 30.08 -41.42 9.04
CA PHE J 164 29.47 -40.92 10.30
C PHE J 164 30.26 -39.70 10.80
N GLU J 165 31.58 -39.83 10.87
CA GLU J 165 32.47 -38.80 11.43
C GLU J 165 32.30 -37.50 10.64
N ILE J 166 32.35 -37.56 9.32
CA ILE J 166 32.31 -36.32 8.50
C ILE J 166 30.89 -35.74 8.52
N ALA J 167 29.85 -36.57 8.66
CA ALA J 167 28.44 -36.13 8.73
C ALA J 167 28.20 -35.47 10.08
N ALA J 168 28.71 -36.06 11.17
CA ALA J 168 28.61 -35.49 12.53
C ALA J 168 29.32 -34.13 12.55
N GLN J 169 30.57 -34.08 12.07
CA GLN J 169 31.40 -32.85 12.02
C GLN J 169 30.73 -31.80 11.15
N ALA J 170 30.08 -32.21 10.06
CA ALA J 170 29.30 -31.32 9.19
C ALA J 170 28.11 -30.79 9.98
N MET J 171 27.29 -31.69 10.50
CA MET J 171 26.03 -31.27 11.16
C MET J 171 26.38 -30.34 12.32
N LEU J 172 27.35 -30.71 13.16
CA LEU J 172 27.73 -29.91 14.35
C LEU J 172 28.30 -28.57 13.93
N SER J 173 29.25 -28.53 13.01
CA SER J 173 29.92 -27.28 12.59
C SER J 173 28.91 -26.32 11.98
N ALA J 174 27.98 -26.84 11.18
CA ALA J 174 26.93 -26.07 10.47
C ALA J 174 25.90 -25.55 11.47
N CYS J 175 25.57 -26.36 12.46
CA CYS J 175 24.61 -26.01 13.53
C CYS J 175 25.22 -24.97 14.48
N ASP J 176 26.54 -24.92 14.62
CA ASP J 176 27.23 -23.93 15.49
C ASP J 176 27.18 -22.54 14.86
N ARG J 177 26.88 -22.47 13.56
CA ARG J 177 26.71 -21.20 12.83
C ARG J 177 25.23 -20.92 12.57
N ASP J 178 24.31 -21.64 13.21
CA ASP J 178 22.85 -21.44 13.04
C ASP J 178 22.19 -21.31 14.41
N SER J 179 21.46 -20.22 14.61
CA SER J 179 20.71 -19.90 15.84
C SER J 179 19.61 -20.95 16.05
N LEU J 180 19.02 -21.43 14.95
CA LEU J 180 17.74 -22.18 14.93
C LEU J 180 17.97 -23.69 14.88
N SER J 181 19.20 -24.19 14.93
CA SER J 181 19.50 -25.65 14.92
C SER J 181 20.67 -25.94 15.85
N GLY J 182 20.63 -27.10 16.51
CA GLY J 182 21.68 -27.56 17.42
C GLY J 182 21.16 -28.43 18.55
N TYR J 183 21.77 -28.29 19.72
CA TYR J 183 21.63 -29.19 20.89
C TYR J 183 22.01 -30.59 20.42
N GLY J 184 23.17 -30.66 19.78
CA GLY J 184 23.78 -31.90 19.32
C GLY J 184 23.04 -32.42 18.11
N ALA J 185 22.95 -33.73 17.97
CA ALA J 185 22.38 -34.35 16.78
C ALA J 185 22.11 -35.81 17.05
N VAL J 186 21.04 -36.35 16.48
CA VAL J 186 20.86 -37.82 16.35
C VAL J 186 21.23 -38.16 14.91
N ALA J 187 22.17 -39.08 14.73
CA ALA J 187 22.58 -39.62 13.43
C ALA J 187 22.10 -41.06 13.38
N MET J 188 21.95 -41.56 12.17
CA MET J 188 21.52 -42.94 11.92
C MET J 188 22.33 -43.49 10.76
N ILE J 189 23.17 -44.50 11.03
CA ILE J 189 24.10 -45.12 10.04
C ILE J 189 23.42 -46.39 9.53
N VAL J 190 22.87 -46.34 8.33
CA VAL J 190 22.13 -47.48 7.73
C VAL J 190 23.09 -48.19 6.78
N THR J 191 23.20 -49.52 6.93
CA THR J 191 24.01 -50.45 6.11
C THR J 191 23.05 -51.55 5.64
N LYS J 192 23.50 -52.49 4.80
CA LYS J 192 22.68 -53.67 4.44
C LYS J 192 22.49 -54.52 5.71
N ASP J 193 23.58 -54.70 6.47
CA ASP J 193 23.69 -55.63 7.61
C ASP J 193 23.00 -55.04 8.84
N LYS J 194 23.31 -53.79 9.21
CA LYS J 194 22.87 -53.21 10.50
C LYS J 194 22.57 -51.71 10.40
N VAL J 195 21.79 -51.23 11.37
CA VAL J 195 21.39 -49.81 11.56
C VAL J 195 21.90 -49.34 12.92
N THR J 196 22.98 -48.57 12.93
CA THR J 196 23.47 -47.88 14.14
C THR J 196 22.69 -46.56 14.26
N THR J 197 22.33 -46.18 15.49
CA THR J 197 21.78 -44.84 15.83
C THR J 197 22.69 -44.24 16.89
N ARG J 198 23.08 -42.98 16.75
CA ARG J 198 24.01 -42.31 17.68
C ARG J 198 23.49 -40.92 18.02
N LEU J 199 23.32 -40.67 19.31
CA LEU J 199 23.16 -39.31 19.87
C LEU J 199 24.55 -38.67 19.99
N ILE J 200 24.75 -37.52 19.38
CA ILE J 200 26.06 -36.83 19.26
C ILE J 200 26.06 -35.64 20.22
N LYS J 201 27.08 -35.54 21.06
CA LYS J 201 27.27 -34.42 22.01
C LYS J 201 27.61 -33.19 21.17
N GLY J 202 26.79 -32.14 21.29
CA GLY J 202 27.05 -30.81 20.72
C GLY J 202 26.86 -29.72 21.75
N ARG J 203 26.88 -28.47 21.30
CA ARG J 203 26.75 -27.28 22.16
C ARG J 203 25.35 -27.21 22.79
N LYS J 204 25.18 -26.30 23.74
CA LYS J 204 23.92 -26.08 24.50
C LYS J 204 23.46 -24.63 24.35
N ASP J 205 23.33 -24.14 23.12
CA ASP J 205 23.61 -22.73 22.73
C ASP J 205 22.49 -22.15 21.85
N MET K 1 -0.91 -14.75 24.73
CA MET K 1 0.37 -14.14 25.18
C MET K 1 0.15 -13.37 26.50
N ALA K 2 -0.93 -12.59 26.57
CA ALA K 2 -1.37 -11.86 27.80
C ALA K 2 -1.48 -12.85 28.96
N GLU K 3 -2.15 -13.97 28.72
CA GLU K 3 -2.49 -15.00 29.76
C GLU K 3 -1.39 -16.05 29.73
N THR K 4 -0.56 -16.11 30.77
CA THR K 4 0.56 -17.07 30.92
C THR K 4 0.03 -18.38 31.52
N ALA K 5 0.33 -19.50 30.88
CA ALA K 5 0.09 -20.86 31.39
C ALA K 5 1.44 -21.54 31.61
N ILE K 6 1.57 -22.23 32.74
CA ILE K 6 2.81 -22.90 33.21
C ILE K 6 2.43 -24.33 33.55
N ALA K 7 3.27 -25.30 33.22
CA ALA K 7 3.08 -26.69 33.66
C ALA K 7 4.42 -27.33 33.85
N PHE K 8 4.51 -28.24 34.79
CA PHE K 8 5.69 -29.12 34.92
C PHE K 8 5.23 -30.45 35.50
N ARG K 9 6.07 -31.44 35.28
CA ARG K 9 5.78 -32.87 35.44
C ARG K 9 6.86 -33.43 36.33
N CYS K 10 6.49 -34.12 37.40
CA CYS K 10 7.48 -34.78 38.30
C CYS K 10 7.15 -36.26 38.36
N LYS K 11 7.76 -36.99 39.29
CA LYS K 11 7.66 -38.46 39.35
C LYS K 11 6.18 -38.87 39.41
N ASP K 12 5.35 -38.14 40.17
CA ASP K 12 4.01 -38.66 40.60
C ASP K 12 2.94 -37.56 40.58
N TYR K 13 3.07 -36.58 39.69
CA TYR K 13 2.04 -35.53 39.42
C TYR K 13 2.51 -34.66 38.26
N VAL K 14 1.54 -34.10 37.53
CA VAL K 14 1.74 -32.91 36.67
C VAL K 14 1.03 -31.77 37.36
N MET K 15 1.70 -30.63 37.46
CA MET K 15 1.15 -29.38 38.01
C MET K 15 0.91 -28.43 36.84
N VAL K 16 -0.26 -27.80 36.79
CA VAL K 16 -0.61 -26.84 35.71
C VAL K 16 -1.11 -25.56 36.38
N ALA K 17 -0.53 -24.41 36.04
CA ALA K 17 -1.06 -23.09 36.41
C ALA K 17 -1.46 -22.33 35.15
N ALA K 18 -2.52 -21.53 35.23
CA ALA K 18 -2.91 -20.61 34.14
C ALA K 18 -3.51 -19.33 34.70
N ALA K 19 -3.09 -18.20 34.15
CA ALA K 19 -3.50 -16.85 34.56
C ALA K 19 -5.02 -16.76 34.44
N GLY K 20 -5.66 -16.14 35.43
CA GLY K 20 -7.11 -15.91 35.45
C GLY K 20 -7.54 -14.85 34.46
N LEU K 21 -6.65 -13.96 34.05
CA LEU K 21 -6.98 -12.73 33.29
C LEU K 21 -7.81 -13.06 32.05
N ASN K 22 -9.04 -12.55 31.99
CA ASN K 22 -9.79 -12.28 30.75
C ASN K 22 -9.80 -10.77 30.58
N ALA K 23 -9.52 -10.28 29.39
CA ALA K 23 -9.29 -8.85 29.10
C ALA K 23 -10.07 -8.46 27.86
N PHE K 24 -10.44 -7.19 27.77
CA PHE K 24 -11.05 -6.58 26.57
C PHE K 24 -10.27 -5.31 26.28
N TYR K 25 -9.45 -5.32 25.24
CA TYR K 25 -8.41 -4.29 24.99
C TYR K 25 -7.60 -4.20 26.29
N TYR K 26 -7.70 -3.09 27.03
CA TYR K 26 -6.90 -2.83 28.24
C TYR K 26 -7.73 -3.01 29.52
N ILE K 27 -8.97 -3.45 29.44
CA ILE K 27 -9.91 -3.53 30.58
C ILE K 27 -9.92 -4.98 31.09
N LYS K 28 -9.50 -5.23 32.32
CA LYS K 28 -9.64 -6.56 32.95
C LYS K 28 -11.13 -6.79 33.16
N ILE K 29 -11.70 -7.70 32.39
CA ILE K 29 -13.10 -8.14 32.55
C ILE K 29 -13.18 -8.91 33.86
N THR K 30 -12.16 -9.70 34.13
CA THR K 30 -12.03 -10.50 35.37
C THR K 30 -10.58 -10.93 35.53
N ASP K 31 -10.16 -11.10 36.77
CA ASP K 31 -8.82 -11.63 37.11
C ASP K 31 -8.93 -13.14 37.41
N ALA K 32 -10.12 -13.73 37.29
CA ALA K 32 -10.44 -15.09 37.81
C ALA K 32 -11.37 -15.85 36.85
N GLU K 33 -10.90 -16.09 35.63
CA GLU K 33 -11.46 -17.03 34.63
C GLU K 33 -10.58 -18.28 34.58
N ASP K 34 -11.16 -19.46 34.80
CA ASP K 34 -10.45 -20.76 34.86
C ASP K 34 -10.13 -21.23 33.44
N LYS K 35 -8.86 -21.18 33.05
CA LYS K 35 -8.38 -21.56 31.70
C LYS K 35 -8.06 -23.05 31.65
N ILE K 36 -8.00 -23.71 32.82
CA ILE K 36 -7.57 -25.14 32.94
C ILE K 36 -8.79 -26.04 32.94
N THR K 37 -9.11 -26.64 31.79
CA THR K 37 -10.35 -27.45 31.63
C THR K 37 -9.97 -28.92 31.79
N GLN K 38 -10.68 -29.60 32.69
CA GLN K 38 -10.57 -31.06 32.91
C GLN K 38 -11.27 -31.75 31.74
N LEU K 39 -10.54 -32.57 30.98
CA LEU K 39 -11.04 -33.28 29.76
C LEU K 39 -11.54 -34.67 30.13
N ASP K 40 -10.86 -35.32 31.06
CA ASP K 40 -11.24 -36.62 31.66
C ASP K 40 -10.82 -36.59 33.13
N THR K 41 -11.04 -37.66 33.88
CA THR K 41 -10.75 -37.73 35.33
C THR K 41 -9.27 -37.47 35.60
N HIS K 42 -8.38 -37.86 34.69
CA HIS K 42 -6.91 -37.80 34.84
C HIS K 42 -6.28 -37.00 33.71
N GLN K 43 -7.01 -36.04 33.13
CA GLN K 43 -6.52 -35.27 31.96
C GLN K 43 -7.05 -33.85 32.06
N LEU K 44 -6.17 -32.87 31.84
CA LEU K 44 -6.61 -31.47 31.78
C LEU K 44 -5.70 -30.66 30.86
N VAL K 45 -6.17 -29.48 30.47
CA VAL K 45 -5.52 -28.65 29.44
C VAL K 45 -5.58 -27.18 29.87
N ALA K 46 -4.49 -26.62 30.38
CA ALA K 46 -4.28 -25.16 30.43
C ALA K 46 -4.21 -24.68 29.00
N CYS K 47 -5.29 -24.10 28.53
CA CYS K 47 -5.46 -23.56 27.17
C CYS K 47 -5.50 -22.03 27.31
N THR K 48 -4.68 -21.30 26.55
CA THR K 48 -4.59 -19.83 26.62
C THR K 48 -4.76 -19.21 25.23
N GLY K 49 -5.91 -18.59 25.04
CA GLY K 49 -6.13 -17.52 24.06
C GLY K 49 -7.35 -16.72 24.47
N GLU K 50 -7.88 -15.92 23.55
CA GLU K 50 -9.20 -15.25 23.71
C GLU K 50 -10.21 -16.33 24.12
N ASN K 51 -11.25 -15.94 24.87
CA ASN K 51 -12.26 -16.86 25.48
C ASN K 51 -12.96 -17.66 24.38
N GLY K 52 -13.23 -17.04 23.23
CA GLY K 52 -14.07 -17.63 22.17
C GLY K 52 -13.45 -18.92 21.63
N PRO K 53 -12.23 -18.85 21.09
CA PRO K 53 -11.50 -20.03 20.64
C PRO K 53 -11.14 -21.00 21.76
N ARG K 54 -10.70 -20.49 22.89
CA ARG K 54 -10.25 -21.34 24.02
C ARG K 54 -11.36 -22.28 24.44
N VAL K 55 -12.58 -21.77 24.52
CA VAL K 55 -13.76 -22.53 24.98
C VAL K 55 -14.21 -23.43 23.84
N ASN K 56 -14.41 -22.88 22.65
CA ASN K 56 -14.93 -23.67 21.50
C ASN K 56 -14.00 -24.85 21.23
N PHE K 57 -12.70 -24.65 21.37
CA PHE K 57 -11.68 -25.71 21.18
C PHE K 57 -11.82 -26.72 22.30
N THR K 58 -11.68 -26.28 23.54
CA THR K 58 -11.58 -27.18 24.72
C THR K 58 -12.86 -27.99 24.85
N GLU K 59 -14.02 -27.37 24.62
CA GLU K 59 -15.33 -28.03 24.73
C GLU K 59 -15.42 -29.09 23.63
N TYR K 60 -15.03 -28.75 22.41
CA TYR K 60 -15.00 -29.70 21.26
C TYR K 60 -14.14 -30.92 21.62
N ILE K 61 -12.95 -30.72 22.17
CA ILE K 61 -12.07 -31.85 22.60
C ILE K 61 -12.83 -32.64 23.67
N LYS K 62 -13.35 -31.96 24.69
CA LYS K 62 -13.97 -32.57 25.89
C LYS K 62 -15.16 -33.45 25.47
N CYS K 63 -15.97 -32.94 24.53
CA CYS K 63 -17.20 -33.60 24.04
C CYS K 63 -16.82 -34.78 23.15
N ASN K 64 -15.85 -34.64 22.26
CA ASN K 64 -15.37 -35.76 21.43
C ASN K 64 -14.73 -36.82 22.33
N LEU K 65 -13.97 -36.44 23.36
CA LEU K 65 -13.40 -37.43 24.30
C LEU K 65 -14.52 -38.18 25.01
N ALA K 66 -15.55 -37.48 25.45
CA ALA K 66 -16.69 -38.05 26.20
C ALA K 66 -17.46 -38.96 25.27
N LEU K 67 -17.68 -38.52 24.03
CA LEU K 67 -18.36 -39.31 22.97
C LEU K 67 -17.58 -40.60 22.75
N ASN K 68 -16.25 -40.48 22.60
CA ASN K 68 -15.35 -41.64 22.37
C ASN K 68 -15.40 -42.58 23.57
N ARG K 69 -15.66 -42.11 24.78
CA ARG K 69 -15.83 -43.01 25.95
C ARG K 69 -17.18 -43.74 25.86
N MET K 70 -18.24 -43.02 25.47
CA MET K 70 -19.62 -43.56 25.36
C MET K 70 -19.64 -44.72 24.37
N ARG K 71 -18.96 -44.55 23.24
CA ARG K 71 -18.87 -45.53 22.12
C ARG K 71 -17.85 -46.63 22.45
N GLN K 72 -16.87 -46.35 23.31
CA GLN K 72 -15.83 -47.31 23.74
C GLN K 72 -16.18 -47.84 25.14
N HIS K 73 -17.47 -47.97 25.46
CA HIS K 73 -17.99 -48.62 26.71
C HIS K 73 -17.15 -48.23 27.93
N GLY K 74 -16.89 -46.92 28.08
CA GLY K 74 -16.29 -46.30 29.28
C GLY K 74 -14.80 -46.52 29.38
N ARG K 75 -14.11 -46.76 28.26
CA ARG K 75 -12.63 -46.91 28.19
C ARG K 75 -11.99 -45.52 28.17
N HIS K 76 -11.13 -45.25 29.14
CA HIS K 76 -10.45 -43.94 29.30
C HIS K 76 -9.22 -43.93 28.41
N SER K 77 -9.23 -43.11 27.37
CA SER K 77 -8.12 -42.97 26.39
C SER K 77 -6.87 -42.41 27.09
N SER K 78 -5.71 -42.88 26.65
CA SER K 78 -4.35 -42.46 27.10
C SER K 78 -4.16 -40.98 26.80
N CYS K 79 -3.13 -40.38 27.36
CA CYS K 79 -2.80 -38.95 27.19
C CYS K 79 -2.18 -38.74 25.81
N GLU K 80 -1.25 -39.60 25.38
CA GLU K 80 -0.69 -39.55 24.00
C GLU K 80 -1.86 -39.45 23.02
N SER K 81 -2.85 -40.32 23.17
CA SER K 81 -4.04 -40.39 22.30
C SER K 81 -4.75 -39.03 22.26
N THR K 82 -5.01 -38.38 23.41
CA THR K 82 -5.84 -37.15 23.40
C THR K 82 -4.96 -36.00 22.98
N ALA K 83 -3.68 -36.02 23.33
CA ALA K 83 -2.70 -35.01 22.87
C ALA K 83 -2.67 -35.02 21.35
N ASN K 84 -2.63 -36.21 20.75
CA ASN K 84 -2.56 -36.38 19.28
C ASN K 84 -3.91 -36.00 18.70
N PHE K 85 -5.00 -36.44 19.30
CA PHE K 85 -6.35 -36.04 18.88
C PHE K 85 -6.45 -34.52 18.84
N MET K 86 -5.94 -33.84 19.88
CA MET K 86 -6.00 -32.36 20.04
C MET K 86 -5.14 -31.72 18.98
N ARG K 87 -3.90 -32.21 18.77
CA ARG K 87 -2.94 -31.56 17.82
C ARG K 87 -3.48 -31.72 16.39
N ASN K 88 -4.12 -32.84 16.10
CA ASN K 88 -4.64 -33.13 14.74
C ASN K 88 -5.78 -32.13 14.53
N CYS K 89 -6.54 -31.85 15.58
CA CYS K 89 -7.69 -30.91 15.54
C CYS K 89 -7.20 -29.48 15.29
N LEU K 90 -6.14 -29.06 15.99
CA LEU K 90 -5.47 -27.75 15.83
C LEU K 90 -4.84 -27.62 14.45
N ALA K 91 -4.23 -28.69 13.98
CA ALA K 91 -3.46 -28.72 12.72
C ALA K 91 -4.42 -28.71 11.54
N SER K 92 -5.50 -29.49 11.64
CA SER K 92 -6.59 -29.49 10.62
C SER K 92 -7.04 -28.05 10.40
N ALA K 93 -7.24 -27.33 11.50
CA ALA K 93 -7.84 -25.98 11.53
C ALA K 93 -6.99 -24.95 10.82
N ILE K 94 -5.67 -25.06 10.79
CA ILE K 94 -4.78 -24.00 10.21
C ILE K 94 -4.88 -24.00 8.68
N ARG K 95 -5.43 -25.06 8.07
CA ARG K 95 -5.69 -25.15 6.62
C ARG K 95 -7.20 -25.14 6.34
N SER K 96 -8.02 -24.72 7.29
CA SER K 96 -9.49 -24.60 7.12
C SER K 96 -9.86 -23.15 6.80
N ARG K 97 -11.02 -22.95 6.17
CA ARG K 97 -11.67 -21.64 5.91
C ARG K 97 -11.80 -20.83 7.21
N GLU K 98 -12.23 -21.49 8.30
CA GLU K 98 -12.40 -20.91 9.67
C GLU K 98 -11.14 -20.15 10.09
N GLY K 99 -9.97 -20.70 9.75
CA GLY K 99 -8.64 -20.29 10.21
C GLY K 99 -8.20 -21.16 11.37
N ALA K 100 -6.98 -20.95 11.88
CA ALA K 100 -6.42 -21.60 13.09
C ALA K 100 -7.31 -21.29 14.29
N TYR K 101 -7.33 -22.18 15.27
CA TYR K 101 -7.76 -21.90 16.66
C TYR K 101 -6.61 -21.16 17.32
N GLN K 102 -6.75 -19.87 17.64
CA GLN K 102 -5.63 -19.12 18.27
C GLN K 102 -5.63 -19.47 19.76
N VAL K 103 -5.15 -20.66 20.09
CA VAL K 103 -5.06 -21.18 21.49
C VAL K 103 -3.76 -21.96 21.61
N ASN K 104 -3.02 -21.70 22.69
CA ASN K 104 -1.81 -22.45 23.05
C ASN K 104 -2.16 -23.32 24.27
N CYS K 105 -1.89 -24.61 24.20
CA CYS K 105 -2.27 -25.62 25.21
C CYS K 105 -1.03 -26.18 25.91
N LEU K 106 -1.15 -26.46 27.20
CA LEU K 106 -0.31 -27.43 27.95
C LEU K 106 -1.25 -28.53 28.38
N PHE K 107 -1.12 -29.70 27.79
CA PHE K 107 -2.03 -30.82 28.00
C PHE K 107 -1.33 -31.77 28.97
N ALA K 108 -1.86 -31.84 30.18
CA ALA K 108 -1.31 -32.64 31.29
C ALA K 108 -2.23 -33.82 31.55
N GLY K 109 -1.66 -34.92 32.00
CA GLY K 109 -2.43 -36.13 32.28
C GLY K 109 -1.63 -37.09 33.14
N TYR K 110 -2.33 -38.00 33.80
CA TYR K 110 -1.74 -39.16 34.48
C TYR K 110 -2.33 -40.39 33.83
N ASP K 111 -1.48 -41.17 33.17
CA ASP K 111 -1.86 -42.47 32.58
C ASP K 111 -1.79 -43.51 33.71
N THR K 112 -2.94 -44.10 34.05
CA THR K 112 -3.05 -45.27 34.97
C THR K 112 -3.21 -46.52 34.11
N PRO K 113 -2.81 -47.72 34.60
CA PRO K 113 -3.12 -48.97 33.91
C PRO K 113 -4.64 -49.15 33.83
N VAL K 114 -5.15 -49.28 32.60
CA VAL K 114 -6.60 -49.25 32.24
C VAL K 114 -7.19 -50.66 32.34
N SER K 115 -6.33 -51.66 32.59
CA SER K 115 -6.70 -53.09 32.85
C SER K 115 -5.49 -53.85 33.40
N GLU K 116 -5.62 -55.18 33.54
CA GLU K 116 -4.52 -56.12 33.89
C GLU K 116 -3.50 -56.15 32.75
N ASP K 117 -3.98 -56.04 31.50
CA ASP K 117 -3.22 -56.29 30.24
C ASP K 117 -2.44 -55.05 29.79
N ASP K 118 -2.68 -53.87 30.41
CA ASP K 118 -2.08 -52.58 29.97
C ASP K 118 -0.57 -52.62 30.22
N ASP K 119 0.20 -52.57 29.13
CA ASP K 119 1.69 -52.58 29.11
C ASP K 119 2.19 -51.14 28.90
N GLY K 120 1.27 -50.16 28.82
CA GLY K 120 1.54 -48.79 28.36
C GLY K 120 2.21 -47.94 29.42
N VAL K 121 2.44 -46.67 29.09
CA VAL K 121 3.00 -45.64 30.03
C VAL K 121 2.13 -45.61 31.28
N VAL K 122 2.75 -45.79 32.43
CA VAL K 122 2.18 -45.39 33.75
C VAL K 122 2.82 -44.07 34.12
N GLY K 123 2.01 -43.15 34.64
CA GLY K 123 2.50 -41.93 35.32
C GLY K 123 2.15 -40.67 34.56
N PRO K 124 2.72 -39.54 35.01
CA PRO K 124 2.28 -38.23 34.55
C PRO K 124 2.89 -37.89 33.19
N GLN K 125 2.09 -37.26 32.35
CA GLN K 125 2.42 -36.90 30.96
C GLN K 125 2.12 -35.41 30.80
N LEU K 126 2.98 -34.71 30.07
CA LEU K 126 2.80 -33.28 29.79
C LEU K 126 3.18 -33.04 28.34
N PHE K 127 2.33 -32.32 27.61
CA PHE K 127 2.47 -32.06 26.17
C PHE K 127 2.29 -30.57 25.93
N TYR K 128 3.35 -29.93 25.46
CA TYR K 128 3.30 -28.55 24.95
C TYR K 128 2.61 -28.59 23.60
N MET K 129 1.66 -27.69 23.32
CA MET K 129 1.02 -27.60 21.98
C MET K 129 0.88 -26.14 21.58
N ASP K 130 1.46 -25.78 20.44
CA ASP K 130 1.28 -24.46 19.79
C ASP K 130 -0.11 -24.46 19.17
N TYR K 131 -0.61 -23.30 18.81
CA TYR K 131 -1.91 -23.07 18.12
C TYR K 131 -1.90 -23.74 16.75
N LEU K 132 -0.71 -23.81 16.15
CA LEU K 132 -0.48 -24.40 14.81
C LEU K 132 -0.72 -25.90 14.83
N GLY K 133 -0.53 -26.56 15.97
CA GLY K 133 -0.69 -28.02 16.10
C GLY K 133 0.62 -28.72 16.41
N THR K 134 1.68 -27.95 16.66
CA THR K 134 2.97 -28.44 17.18
C THR K 134 2.70 -29.19 18.49
N LEU K 135 2.87 -30.49 18.54
CA LEU K 135 2.83 -31.29 19.80
C LEU K 135 4.25 -31.66 20.20
N GLN K 136 4.61 -31.49 21.46
CA GLN K 136 5.92 -31.95 21.98
C GLN K 136 5.76 -32.39 23.43
N ALA K 137 6.16 -33.61 23.75
CA ALA K 137 6.28 -34.03 25.15
C ALA K 137 7.37 -33.15 25.77
N VAL K 138 7.12 -32.66 26.97
CA VAL K 138 8.11 -31.83 27.73
C VAL K 138 8.00 -32.18 29.20
N PRO K 139 9.08 -32.00 29.98
CA PRO K 139 9.02 -32.12 31.43
C PRO K 139 8.33 -30.90 32.05
N TYR K 140 8.36 -29.78 31.35
CA TYR K 140 7.72 -28.51 31.74
C TYR K 140 7.70 -27.59 30.55
N GLY K 141 6.86 -26.59 30.62
CA GLY K 141 6.63 -25.70 29.46
C GLY K 141 5.56 -24.71 29.77
N CYS K 142 5.56 -23.63 28.98
CA CYS K 142 4.77 -22.43 29.29
C CYS K 142 4.38 -21.76 28.00
N HIS K 143 3.19 -21.20 27.98
CA HIS K 143 2.74 -20.26 26.95
C HIS K 143 2.58 -18.93 27.63
N GLY K 144 2.61 -17.86 26.86
CA GLY K 144 2.37 -16.52 27.38
C GLY K 144 3.62 -15.68 27.38
N TYR K 145 3.46 -14.41 27.70
CA TYR K 145 4.56 -13.43 27.86
C TYR K 145 5.50 -13.92 28.96
N GLY K 146 4.93 -14.54 30.00
CA GLY K 146 5.68 -15.04 31.18
C GLY K 146 6.38 -16.36 30.92
N ALA K 147 6.19 -16.93 29.74
CA ALA K 147 6.66 -18.29 29.38
C ALA K 147 8.16 -18.39 29.58
N CYS K 148 8.89 -17.49 28.95
CA CYS K 148 10.38 -17.54 28.86
C CYS K 148 10.97 -17.29 30.26
N PHE K 149 10.35 -16.43 31.06
CA PHE K 149 10.75 -16.18 32.47
C PHE K 149 10.68 -17.49 33.22
N VAL K 150 9.51 -18.12 33.19
CA VAL K 150 9.23 -19.33 34.00
C VAL K 150 10.03 -20.51 33.46
N THR K 151 10.14 -20.64 32.14
CA THR K 151 10.90 -21.73 31.48
C THR K 151 12.34 -21.71 31.97
N ALA K 152 12.99 -20.54 32.02
CA ALA K 152 14.37 -20.38 32.55
C ALA K 152 14.41 -20.77 34.04
N LEU K 153 13.51 -20.22 34.83
CA LEU K 153 13.39 -20.49 36.30
C LEU K 153 13.25 -22.00 36.53
N LEU K 154 12.50 -22.69 35.68
CA LEU K 154 12.25 -24.16 35.82
C LEU K 154 13.48 -24.94 35.37
N ASP K 155 14.11 -24.57 34.25
CA ASP K 155 15.44 -25.08 33.82
C ASP K 155 16.39 -25.10 35.02
N ARG K 156 16.34 -24.07 35.86
CA ARG K 156 17.22 -23.86 37.05
C ARG K 156 16.77 -24.77 38.19
N LEU K 157 15.48 -24.77 38.55
CA LEU K 157 14.98 -25.27 39.85
C LEU K 157 14.20 -26.58 39.71
N TRP K 158 13.69 -26.90 38.54
CA TRP K 158 12.91 -28.15 38.33
C TRP K 158 13.84 -29.36 38.45
N ARG K 159 13.47 -30.33 39.28
CA ARG K 159 14.06 -31.68 39.30
C ARG K 159 12.92 -32.64 38.95
N PRO K 160 13.20 -33.79 38.32
CA PRO K 160 12.14 -34.77 38.06
C PRO K 160 11.50 -35.39 39.31
N ASP K 161 12.07 -35.19 40.50
CA ASP K 161 11.79 -36.00 41.72
C ASP K 161 11.18 -35.14 42.83
N LEU K 162 10.66 -33.93 42.55
CA LEU K 162 10.16 -33.03 43.62
C LEU K 162 8.91 -33.64 44.25
N SER K 163 8.68 -33.36 45.54
CA SER K 163 7.43 -33.67 46.27
C SER K 163 6.30 -32.83 45.68
N GLN K 164 5.06 -33.19 46.00
CA GLN K 164 3.85 -32.36 45.73
C GLN K 164 4.10 -30.99 46.39
N GLN K 165 4.72 -30.98 47.59
CA GLN K 165 4.97 -29.76 48.39
C GLN K 165 6.04 -28.88 47.73
N GLU K 166 7.20 -29.43 47.39
CA GLU K 166 8.30 -28.72 46.67
C GLU K 166 7.78 -28.18 45.33
N GLY K 167 6.81 -28.86 44.72
CA GLY K 167 6.10 -28.43 43.50
C GLY K 167 5.24 -27.20 43.75
N LEU K 168 4.43 -27.17 44.83
CA LEU K 168 3.64 -25.98 45.23
C LEU K 168 4.58 -24.78 45.37
N GLU K 169 5.65 -24.94 46.16
CA GLU K 169 6.69 -23.89 46.36
C GLU K 169 7.19 -23.43 44.99
N LEU K 170 7.53 -24.36 44.11
CA LEU K 170 8.12 -24.07 42.78
C LEU K 170 7.10 -23.36 41.88
N MET K 171 5.85 -23.82 41.90
CA MET K 171 4.76 -23.23 41.08
C MET K 171 4.49 -21.80 41.57
N GLN K 172 4.62 -21.55 42.87
CA GLN K 172 4.46 -20.20 43.47
C GLN K 172 5.57 -19.29 42.94
N LYS K 173 6.82 -19.75 42.94
CA LYS K 173 7.98 -18.98 42.42
C LYS K 173 7.73 -18.61 40.96
N CYS K 174 7.19 -19.54 40.19
CA CYS K 174 6.92 -19.39 38.73
C CYS K 174 5.85 -18.31 38.56
N CYS K 175 4.69 -18.49 39.19
CA CYS K 175 3.58 -17.51 39.20
C CYS K 175 4.12 -16.14 39.64
N ASP K 176 4.81 -16.07 40.77
CA ASP K 176 5.38 -14.82 41.34
C ASP K 176 6.30 -14.15 40.31
N GLU K 177 7.10 -14.92 39.58
CA GLU K 177 8.05 -14.38 38.57
C GLU K 177 7.28 -13.81 37.38
N VAL K 178 6.12 -14.33 37.04
CA VAL K 178 5.27 -13.74 35.97
C VAL K 178 4.77 -12.38 36.45
N LYS K 179 4.27 -12.30 37.69
CA LYS K 179 3.66 -11.08 38.28
C LYS K 179 4.73 -9.98 38.37
N ARG K 180 5.93 -10.35 38.82
CA ARG K 180 7.11 -9.46 38.98
C ARG K 180 7.51 -8.81 37.65
N ARG K 181 7.40 -9.53 36.54
CA ARG K 181 8.17 -9.21 35.32
C ARG K 181 7.31 -8.91 34.09
N VAL K 182 6.15 -9.55 33.95
CA VAL K 182 5.26 -9.29 32.78
C VAL K 182 4.40 -8.06 33.11
N ILE K 183 4.22 -7.15 32.14
CA ILE K 183 3.47 -5.89 32.39
C ILE K 183 1.99 -6.22 32.42
N ILE K 184 1.55 -7.21 31.66
CA ILE K 184 0.15 -7.69 31.71
C ILE K 184 -0.08 -8.29 33.09
N SER K 185 -1.04 -7.74 33.84
CA SER K 185 -1.40 -8.14 35.22
C SER K 185 -2.01 -9.55 35.20
N ASN K 186 -1.19 -10.54 35.54
CA ASN K 186 -1.59 -11.96 35.79
C ASN K 186 -1.56 -12.15 37.29
N SER K 187 -2.51 -11.53 37.99
CA SER K 187 -2.47 -11.36 39.46
C SER K 187 -2.99 -12.61 40.15
N TYR K 188 -3.80 -13.41 39.46
CA TYR K 188 -4.38 -14.67 39.99
C TYR K 188 -4.15 -15.79 38.98
N PHE K 189 -3.59 -16.89 39.47
CA PHE K 189 -3.34 -18.14 38.71
C PHE K 189 -4.20 -19.24 39.29
N PHE K 190 -5.04 -19.85 38.46
CA PHE K 190 -5.64 -21.18 38.76
C PHE K 190 -4.53 -22.21 38.66
N VAL K 191 -4.35 -23.01 39.71
CA VAL K 191 -3.35 -24.10 39.73
C VAL K 191 -4.11 -25.38 39.96
N LYS K 192 -3.89 -26.37 39.10
CA LYS K 192 -4.44 -27.73 39.23
C LYS K 192 -3.27 -28.70 39.14
N ALA K 193 -3.48 -29.92 39.61
CA ALA K 193 -2.47 -30.99 39.50
C ALA K 193 -3.18 -32.29 39.15
N VAL K 194 -2.51 -33.15 38.40
CA VAL K 194 -3.02 -34.50 38.06
C VAL K 194 -2.11 -35.48 38.77
N THR K 195 -2.68 -36.35 39.59
CA THR K 195 -1.96 -37.40 40.35
C THR K 195 -2.56 -38.73 39.92
N LYS K 196 -2.12 -39.84 40.49
CA LYS K 196 -2.81 -41.15 40.31
C LYS K 196 -4.30 -40.98 40.64
N ASN K 197 -4.65 -40.16 41.64
CA ASN K 197 -5.99 -40.08 42.25
C ASN K 197 -6.94 -39.26 41.37
N GLY K 198 -6.40 -38.35 40.57
CA GLY K 198 -7.15 -37.56 39.57
C GLY K 198 -6.72 -36.11 39.58
N VAL K 199 -7.56 -35.23 39.05
CA VAL K 199 -7.32 -33.76 39.13
C VAL K 199 -7.64 -33.30 40.55
N GLU K 200 -6.76 -32.51 41.16
CA GLU K 200 -7.02 -31.76 42.40
C GLU K 200 -6.73 -30.29 42.14
N VAL K 201 -7.59 -29.42 42.66
CA VAL K 201 -7.51 -27.94 42.49
C VAL K 201 -6.70 -27.40 43.66
N ILE K 202 -5.46 -26.97 43.37
CA ILE K 202 -4.52 -26.35 44.35
C ILE K 202 -4.94 -24.90 44.54
N THR K 203 -5.29 -24.54 45.78
CA THR K 203 -5.80 -23.20 46.18
C THR K 203 -4.66 -22.41 46.85
N ALA K 204 -3.77 -23.10 47.57
CA ALA K 204 -2.57 -22.55 48.24
C ALA K 204 -1.81 -21.62 47.29
N VAL K 205 -1.39 -22.15 46.14
CA VAL K 205 -0.65 -21.40 45.09
C VAL K 205 -1.67 -20.61 44.27
N HIS K 206 -1.39 -19.33 44.01
CA HIS K 206 -2.16 -18.46 43.08
C HIS K 206 -1.30 -17.26 42.63
N THR L 100 -22.22 3.99 23.88
CA THR L 100 -23.00 3.05 24.72
C THR L 100 -22.32 2.89 26.08
N THR L 101 -23.14 2.80 27.11
CA THR L 101 -22.77 2.25 28.42
C THR L 101 -23.93 1.39 28.89
N THR L 102 -23.57 0.29 29.52
CA THR L 102 -24.43 -0.88 29.72
C THR L 102 -23.74 -1.68 30.80
N LEU L 103 -24.33 -1.83 31.99
CA LEU L 103 -23.70 -2.64 33.06
C LEU L 103 -24.73 -3.56 33.65
N ALA L 104 -24.28 -4.70 34.12
CA ALA L 104 -25.09 -5.65 34.90
C ALA L 104 -24.24 -6.17 36.03
N PHE L 105 -24.85 -6.50 37.16
CA PHE L 105 -24.13 -7.20 38.23
C PHE L 105 -25.10 -8.03 39.05
N ARG L 106 -24.57 -9.18 39.47
CA ARG L 106 -25.18 -10.11 40.42
C ARG L 106 -24.93 -9.55 41.81
N PHE L 107 -25.92 -9.70 42.69
CA PHE L 107 -25.85 -9.41 44.14
C PHE L 107 -26.83 -10.35 44.83
N ASN L 108 -26.99 -10.25 46.15
CA ASN L 108 -27.80 -11.21 46.94
C ASN L 108 -29.28 -11.11 46.53
N GLY L 109 -29.73 -9.93 46.11
CA GLY L 109 -31.12 -9.68 45.66
C GLY L 109 -31.39 -10.13 44.23
N GLY L 110 -30.35 -10.53 43.48
CA GLY L 110 -30.46 -11.04 42.10
C GLY L 110 -29.52 -10.32 41.16
N ILE L 111 -30.03 -9.84 40.03
CA ILE L 111 -29.20 -9.12 39.04
C ILE L 111 -29.83 -7.76 38.78
N ILE L 112 -29.03 -6.70 38.84
CA ILE L 112 -29.36 -5.36 38.28
C ILE L 112 -28.75 -5.31 36.89
N VAL L 113 -29.49 -4.77 35.94
CA VAL L 113 -29.05 -4.42 34.56
C VAL L 113 -29.38 -2.95 34.39
N ALA L 114 -28.43 -2.14 33.99
CA ALA L 114 -28.67 -0.70 33.76
C ALA L 114 -28.01 -0.34 32.44
N VAL L 115 -28.59 0.59 31.72
CA VAL L 115 -28.14 0.99 30.36
C VAL L 115 -28.42 2.46 30.16
N ASP L 116 -27.64 3.09 29.29
CA ASP L 116 -27.94 4.42 28.69
C ASP L 116 -28.89 4.19 27.51
N SER L 117 -29.02 5.18 26.63
CA SER L 117 -30.08 5.23 25.59
C SER L 117 -29.55 5.77 24.26
N ARG L 118 -28.28 6.13 24.16
CA ARG L 118 -27.77 6.91 23.01
C ARG L 118 -27.18 5.96 21.98
N ALA L 119 -27.60 6.10 20.72
CA ALA L 119 -26.90 5.55 19.53
C ALA L 119 -26.13 6.68 18.88
N SER L 120 -24.80 6.60 18.86
CA SER L 120 -23.90 7.65 18.31
C SER L 120 -22.94 7.01 17.32
N THR L 121 -22.96 7.48 16.07
CA THR L 121 -21.96 7.17 15.01
C THR L 121 -20.74 8.08 15.25
N GLY L 122 -20.11 7.95 16.43
CA GLY L 122 -18.90 8.67 16.88
C GLY L 122 -19.13 10.15 17.14
N GLN L 123 -19.63 10.88 16.13
CA GLN L 123 -19.84 12.35 16.14
C GLN L 123 -21.32 12.67 16.29
N TYR L 124 -22.16 12.27 15.34
CA TYR L 124 -23.58 12.67 15.26
C TYR L 124 -24.45 11.70 16.07
N ILE L 125 -25.28 12.22 16.98
CA ILE L 125 -26.17 11.39 17.84
C ILE L 125 -27.40 11.01 17.03
N ALA L 126 -27.44 9.76 16.58
CA ALA L 126 -28.51 9.15 15.77
C ALA L 126 -29.83 9.19 16.54
N SER L 127 -29.76 8.82 17.81
CA SER L 127 -30.92 8.62 18.71
C SER L 127 -30.48 8.82 20.14
N GLN L 128 -31.38 9.33 20.97
CA GLN L 128 -31.15 9.50 22.43
C GLN L 128 -32.15 8.61 23.18
N THR L 129 -32.78 7.66 22.47
CA THR L 129 -33.98 6.92 22.92
C THR L 129 -33.94 5.45 22.48
N VAL L 130 -32.75 4.90 22.28
CA VAL L 130 -32.55 3.46 21.92
C VAL L 130 -32.81 2.62 23.16
N MET L 131 -33.68 1.63 23.06
CA MET L 131 -33.85 0.62 24.13
C MET L 131 -32.70 -0.39 23.99
N LYS L 132 -31.81 -0.43 24.98
CA LYS L 132 -30.54 -1.22 24.97
C LYS L 132 -30.64 -2.43 25.88
N VAL L 133 -31.80 -2.65 26.49
CA VAL L 133 -32.14 -3.92 27.19
C VAL L 133 -33.24 -4.57 26.38
N LEU L 134 -32.93 -5.67 25.71
CA LEU L 134 -33.94 -6.52 25.05
C LEU L 134 -34.47 -7.49 26.10
N GLU L 135 -35.78 -7.69 26.11
CA GLU L 135 -36.50 -8.55 27.09
C GLU L 135 -36.81 -9.85 26.36
N ILE L 136 -35.82 -10.74 26.38
CA ILE L 136 -35.76 -11.98 25.56
C ILE L 136 -36.98 -12.84 25.88
N ASN L 137 -37.13 -13.25 27.14
CA ASN L 137 -38.40 -13.85 27.65
C ASN L 137 -38.77 -13.09 28.93
N ASP L 138 -39.60 -13.66 29.80
CA ASP L 138 -40.04 -13.04 31.08
C ASP L 138 -38.95 -13.14 32.15
N TYR L 139 -37.95 -14.02 31.97
CA TYR L 139 -36.92 -14.34 32.98
C TYR L 139 -35.50 -14.07 32.46
N LEU L 140 -35.37 -13.52 31.24
CA LEU L 140 -34.08 -13.32 30.53
C LEU L 140 -34.01 -11.91 29.96
N LEU L 141 -32.88 -11.24 30.14
CA LEU L 141 -32.61 -9.91 29.56
C LEU L 141 -31.30 -9.99 28.77
N GLY L 142 -31.32 -9.47 27.55
CA GLY L 142 -30.12 -9.11 26.77
C GLY L 142 -29.81 -7.65 26.99
N THR L 143 -28.56 -7.26 26.82
CA THR L 143 -28.15 -5.84 26.62
C THR L 143 -27.53 -5.73 25.25
N LEU L 144 -27.80 -4.64 24.54
CA LEU L 144 -27.16 -4.34 23.24
C LEU L 144 -26.05 -3.32 23.50
N ALA L 145 -24.85 -3.62 23.03
CA ALA L 145 -23.76 -2.64 22.82
C ALA L 145 -23.08 -2.93 21.49
N GLY L 146 -22.27 -2.01 21.00
CA GLY L 146 -21.71 -2.05 19.65
C GLY L 146 -22.78 -1.81 18.60
N GLY L 147 -22.63 -2.48 17.45
CA GLY L 147 -23.56 -2.42 16.30
C GLY L 147 -24.97 -2.68 16.74
N ALA L 148 -25.82 -1.63 16.75
CA ALA L 148 -27.19 -1.68 17.29
C ALA L 148 -28.00 -2.70 16.49
N ALA L 149 -27.78 -2.75 15.16
CA ALA L 149 -28.39 -3.69 14.21
C ALA L 149 -27.98 -5.12 14.57
N ASP L 150 -26.67 -5.35 14.67
CA ASP L 150 -26.09 -6.69 14.92
C ASP L 150 -26.68 -7.25 16.22
N CYS L 151 -26.68 -6.46 17.29
CA CYS L 151 -27.20 -6.89 18.60
C CYS L 151 -28.71 -7.11 18.51
N GLN L 152 -29.43 -6.13 17.99
CA GLN L 152 -30.91 -6.20 17.87
C GLN L 152 -31.28 -7.45 17.09
N TYR L 153 -30.59 -7.73 15.98
CA TYR L 153 -30.91 -8.87 15.10
C TYR L 153 -30.64 -10.18 15.85
N TRP L 154 -29.44 -10.34 16.39
CA TRP L 154 -28.98 -11.62 16.97
C TRP L 154 -29.60 -11.88 18.33
N GLU L 155 -29.91 -10.84 19.12
CA GLU L 155 -30.70 -11.01 20.36
C GLU L 155 -32.14 -11.39 20.03
N ARG L 156 -32.66 -10.96 18.88
CA ARG L 156 -34.04 -11.28 18.46
C ARG L 156 -34.07 -12.75 18.04
N VAL L 157 -33.03 -13.21 17.35
CA VAL L 157 -32.80 -14.64 16.99
C VAL L 157 -32.70 -15.42 18.29
N LEU L 158 -31.83 -15.00 19.21
CA LEU L 158 -31.66 -15.69 20.52
C LEU L 158 -33.04 -15.85 21.17
N GLY L 159 -33.85 -14.79 21.16
CA GLY L 159 -35.20 -14.76 21.74
C GLY L 159 -36.12 -15.78 21.09
N MET L 160 -35.92 -16.00 19.79
CA MET L 160 -36.67 -17.01 18.99
C MET L 160 -36.22 -18.42 19.37
N GLU L 161 -34.91 -18.66 19.46
CA GLU L 161 -34.35 -19.97 19.89
C GLU L 161 -34.80 -20.29 21.32
N CYS L 162 -34.86 -19.28 22.20
CA CYS L 162 -35.28 -19.42 23.61
C CYS L 162 -36.76 -19.78 23.67
N ARG L 163 -37.55 -19.24 22.75
CA ARG L 163 -39.01 -19.49 22.73
C ARG L 163 -39.27 -20.87 22.13
N LEU L 164 -38.56 -21.22 21.07
CA LEU L 164 -38.65 -22.55 20.43
C LEU L 164 -38.23 -23.61 21.45
N TRP L 165 -37.16 -23.35 22.20
CA TRP L 165 -36.74 -24.23 23.32
C TRP L 165 -37.91 -24.49 24.27
N GLU L 166 -38.62 -23.44 24.67
CA GLU L 166 -39.73 -23.50 25.65
C GLU L 166 -40.90 -24.30 25.06
N LEU L 167 -41.10 -24.24 23.74
CA LEU L 167 -42.22 -24.95 23.04
C LEU L 167 -41.88 -26.44 22.94
N ARG L 168 -40.67 -26.74 22.44
CA ARG L 168 -40.16 -28.13 22.21
C ARG L 168 -40.09 -28.90 23.53
N ASN L 169 -39.38 -28.34 24.52
CA ASN L 169 -38.95 -29.00 25.77
C ASN L 169 -39.96 -28.72 26.90
N GLY L 170 -40.93 -27.84 26.70
CA GLY L 170 -41.99 -27.50 27.68
C GLY L 170 -41.45 -26.93 28.99
N SER L 171 -40.22 -26.42 29.00
CA SER L 171 -39.56 -25.76 30.16
C SER L 171 -38.78 -24.55 29.65
N ARG L 172 -38.66 -23.50 30.45
CA ARG L 172 -37.85 -22.33 30.06
C ARG L 172 -36.39 -22.76 29.91
N ILE L 173 -35.74 -22.21 28.89
CA ILE L 173 -34.27 -22.38 28.64
C ILE L 173 -33.53 -21.85 29.85
N THR L 174 -32.36 -22.39 30.12
CA THR L 174 -31.42 -21.87 31.15
C THR L 174 -30.69 -20.65 30.60
N VAL L 175 -30.17 -19.82 31.49
CA VAL L 175 -29.31 -18.68 31.08
C VAL L 175 -28.06 -19.26 30.43
N ALA L 176 -27.47 -20.31 31.01
CA ALA L 176 -26.25 -20.94 30.46
C ALA L 176 -26.47 -21.21 28.97
N ALA L 177 -27.56 -21.92 28.66
CA ALA L 177 -27.89 -22.39 27.29
C ALA L 177 -28.17 -21.18 26.39
N ALA L 178 -28.89 -20.19 26.89
CA ALA L 178 -29.27 -18.96 26.14
C ALA L 178 -27.99 -18.19 25.82
N SER L 179 -27.10 -18.01 26.79
CA SER L 179 -25.81 -17.33 26.58
C SER L 179 -24.99 -18.13 25.56
N LYS L 180 -24.97 -19.46 25.66
CA LYS L 180 -24.27 -20.33 24.70
C LYS L 180 -24.83 -20.15 23.29
N ILE L 181 -26.14 -20.27 23.10
CA ILE L 181 -26.79 -20.06 21.77
C ILE L 181 -26.22 -18.79 21.13
N LEU L 182 -26.08 -17.72 21.89
CA LEU L 182 -25.65 -16.41 21.36
C LEU L 182 -24.15 -16.43 21.13
N ALA L 183 -23.38 -17.08 22.00
CA ALA L 183 -21.92 -17.22 21.88
C ALA L 183 -21.56 -18.09 20.68
N ASN L 184 -22.46 -19.03 20.31
CA ASN L 184 -22.26 -19.95 19.17
C ASN L 184 -22.48 -19.21 17.87
N ILE L 185 -23.50 -18.35 17.83
CA ILE L 185 -23.77 -17.40 16.72
C ILE L 185 -22.53 -16.51 16.53
N THR L 186 -22.14 -15.77 17.56
CA THR L 186 -21.08 -14.76 17.42
C THR L 186 -19.77 -15.45 17.07
N TYR L 187 -19.55 -16.70 17.49
CA TYR L 187 -18.34 -17.48 17.13
C TYR L 187 -18.42 -17.93 15.66
N ALA L 188 -19.58 -18.42 15.21
CA ALA L 188 -19.79 -18.75 13.79
C ALA L 188 -19.45 -17.52 12.92
N TYR L 189 -19.78 -16.32 13.36
CA TYR L 189 -19.65 -15.06 12.59
C TYR L 189 -18.43 -14.27 13.08
N ARG L 190 -17.39 -14.96 13.57
CA ARG L 190 -16.31 -14.30 14.36
C ARG L 190 -15.42 -13.47 13.43
N ASN L 191 -15.34 -13.85 12.14
CA ASN L 191 -14.55 -13.13 11.11
C ASN L 191 -15.51 -12.75 9.97
N HIS L 192 -16.67 -12.21 10.37
CA HIS L 192 -17.69 -11.56 9.49
C HIS L 192 -17.93 -10.14 10.00
N GLY L 193 -17.01 -9.61 10.81
CA GLY L 193 -17.03 -8.23 11.34
C GLY L 193 -18.34 -7.86 12.02
N LEU L 194 -18.93 -8.77 12.82
CA LEU L 194 -19.97 -8.39 13.81
C LEU L 194 -19.33 -7.43 14.81
N SER L 195 -20.10 -6.47 15.29
CA SER L 195 -19.74 -5.59 16.43
C SER L 195 -20.88 -5.71 17.43
N MET L 196 -20.66 -6.44 18.53
CA MET L 196 -21.75 -6.67 19.51
C MET L 196 -21.19 -7.24 20.81
N GLY L 197 -21.13 -6.39 21.81
CA GLY L 197 -20.93 -6.74 23.23
C GLY L 197 -22.26 -6.81 23.92
N THR L 198 -22.51 -7.90 24.60
CA THR L 198 -23.86 -8.29 25.04
C THR L 198 -23.75 -8.84 26.45
N MET L 199 -24.79 -8.70 27.25
CA MET L 199 -24.89 -9.45 28.51
C MET L 199 -26.23 -10.14 28.51
N VAL L 200 -26.21 -11.44 28.78
CA VAL L 200 -27.41 -12.26 29.01
C VAL L 200 -27.51 -12.41 30.52
N ALA L 201 -28.57 -11.90 31.11
CA ALA L 201 -28.84 -11.96 32.55
C ALA L 201 -30.22 -12.57 32.72
N GLY L 202 -30.32 -13.55 33.60
CA GLY L 202 -31.59 -14.27 33.84
C GLY L 202 -31.62 -14.91 35.19
N TRP L 203 -32.74 -15.54 35.49
CA TRP L 203 -32.92 -16.41 36.64
C TRP L 203 -33.57 -17.70 36.13
N ASP L 204 -32.84 -18.81 36.22
CA ASP L 204 -33.29 -20.16 35.78
C ASP L 204 -33.48 -21.00 37.04
N GLN L 205 -33.60 -22.31 36.88
CA GLN L 205 -33.68 -23.31 38.00
C GLN L 205 -32.49 -23.13 38.96
N PHE L 206 -31.32 -22.73 38.45
CA PHE L 206 -30.03 -22.71 39.18
C PHE L 206 -29.71 -21.29 39.66
N GLY L 207 -30.74 -20.49 39.91
CA GLY L 207 -30.57 -19.13 40.46
C GLY L 207 -30.12 -18.11 39.42
N PRO L 208 -29.71 -16.90 39.84
CA PRO L 208 -29.36 -15.83 38.91
C PRO L 208 -28.05 -16.14 38.22
N SER L 209 -27.96 -15.85 36.92
CA SER L 209 -26.75 -16.04 36.11
C SER L 209 -26.59 -14.83 35.21
N LEU L 210 -25.37 -14.34 35.08
CA LEU L 210 -25.05 -13.21 34.20
C LEU L 210 -23.90 -13.64 33.31
N TYR L 211 -24.00 -13.49 32.00
CA TYR L 211 -22.91 -13.82 31.06
C TYR L 211 -22.68 -12.64 30.12
N TYR L 212 -21.42 -12.32 29.88
CA TYR L 212 -20.99 -11.40 28.80
C TYR L 212 -20.79 -12.25 27.55
N VAL L 213 -21.23 -11.78 26.39
CA VAL L 213 -21.02 -12.48 25.09
C VAL L 213 -20.57 -11.46 24.04
N ASP L 214 -19.40 -11.68 23.49
CA ASP L 214 -18.66 -10.79 22.56
C ASP L 214 -19.06 -11.12 21.13
N ASP L 215 -18.57 -10.34 20.18
CA ASP L 215 -18.70 -10.54 18.72
C ASP L 215 -17.77 -11.66 18.24
N LYS L 216 -16.76 -12.00 19.05
CA LYS L 216 -15.73 -13.03 18.74
C LYS L 216 -16.08 -14.38 19.35
N GLY L 217 -17.27 -14.50 19.97
CA GLY L 217 -17.77 -15.77 20.52
C GLY L 217 -17.35 -15.97 21.95
N SER L 218 -16.73 -14.97 22.56
CA SER L 218 -16.39 -14.98 24.01
C SER L 218 -17.70 -15.16 24.77
N ARG L 219 -17.67 -15.90 25.86
CA ARG L 219 -18.84 -16.07 26.74
C ARG L 219 -18.31 -16.24 28.14
N VAL L 220 -18.32 -15.15 28.88
CA VAL L 220 -17.69 -15.02 30.22
C VAL L 220 -18.81 -14.96 31.26
N LYS L 221 -18.70 -15.77 32.30
CA LYS L 221 -19.68 -15.79 33.41
C LYS L 221 -19.00 -15.19 34.64
N GLN L 222 -19.35 -13.96 34.98
CA GLN L 222 -18.84 -13.29 36.22
C GLN L 222 -20.03 -12.63 36.90
N ASP L 223 -19.77 -12.03 38.07
CA ASP L 223 -20.80 -11.42 38.94
C ASP L 223 -21.02 -9.95 38.54
N LEU L 224 -20.21 -9.39 37.64
CA LEU L 224 -20.24 -7.94 37.36
C LEU L 224 -19.62 -7.65 36.01
N PHE L 225 -20.29 -6.88 35.18
CA PHE L 225 -19.76 -6.39 33.90
C PHE L 225 -20.22 -4.98 33.66
N SER L 226 -19.50 -4.28 32.79
CA SER L 226 -19.99 -3.10 32.07
C SER L 226 -19.43 -3.21 30.68
N VAL L 227 -20.19 -2.78 29.69
CA VAL L 227 -19.90 -3.05 28.26
C VAL L 227 -20.23 -1.78 27.51
N GLY L 228 -19.41 -1.43 26.52
CA GLY L 228 -19.59 -0.22 25.71
C GLY L 228 -18.53 0.80 26.02
N SER L 229 -18.47 1.82 25.18
CA SER L 229 -17.47 2.92 25.19
C SER L 229 -17.37 3.55 26.58
N GLY L 230 -18.50 3.59 27.31
CA GLY L 230 -18.57 4.18 28.65
C GLY L 230 -18.40 3.16 29.76
N SER L 231 -17.98 1.93 29.44
CA SER L 231 -17.73 0.89 30.48
C SER L 231 -16.60 1.41 31.37
N ILE L 232 -15.52 1.83 30.72
CA ILE L 232 -14.32 2.40 31.40
C ILE L 232 -14.74 3.40 32.48
N TYR L 233 -15.86 4.09 32.31
CA TYR L 233 -16.37 5.09 33.29
C TYR L 233 -17.25 4.41 34.31
N ALA L 234 -18.25 3.67 33.86
CA ALA L 234 -19.19 2.92 34.73
C ALA L 234 -18.41 2.09 35.72
N TYR L 235 -17.40 1.35 35.28
CA TYR L 235 -16.61 0.43 36.12
C TYR L 235 -16.00 1.17 37.32
N GLY L 236 -15.45 2.36 37.11
CA GLY L 236 -14.84 3.16 38.18
C GLY L 236 -15.79 3.37 39.35
N VAL L 237 -17.04 3.73 39.06
CA VAL L 237 -18.08 3.98 40.09
C VAL L 237 -18.57 2.65 40.63
N LEU L 238 -18.80 1.71 39.72
CA LEU L 238 -19.46 0.41 39.97
C LEU L 238 -18.60 -0.46 40.87
N ASP L 239 -17.30 -0.56 40.59
CA ASP L 239 -16.34 -1.39 41.35
C ASP L 239 -16.11 -0.87 42.77
N THR L 240 -16.23 0.44 42.94
CA THR L 240 -15.94 1.13 44.21
C THR L 240 -17.15 1.00 45.14
N GLY L 241 -18.36 0.98 44.59
CA GLY L 241 -19.61 0.93 45.35
C GLY L 241 -20.19 -0.47 45.43
N TYR L 242 -19.62 -1.45 44.71
CA TYR L 242 -20.20 -2.81 44.59
C TYR L 242 -19.85 -3.63 45.85
N ARG L 243 -20.88 -4.18 46.46
CA ARG L 243 -20.81 -5.27 47.46
C ARG L 243 -21.85 -6.29 47.02
N LYS L 244 -21.80 -7.52 47.54
CA LYS L 244 -22.82 -8.57 47.27
C LYS L 244 -24.07 -8.23 48.10
N ASP L 245 -23.90 -7.61 49.27
CA ASP L 245 -24.92 -7.51 50.35
C ASP L 245 -25.80 -6.28 50.18
N LEU L 246 -25.59 -5.49 49.12
CA LEU L 246 -26.46 -4.34 48.72
C LEU L 246 -27.93 -4.73 48.83
N SER L 247 -28.79 -3.82 49.28
CA SER L 247 -30.26 -3.93 49.13
C SER L 247 -30.61 -3.72 47.64
N VAL L 248 -31.83 -4.05 47.23
CA VAL L 248 -32.27 -3.85 45.81
C VAL L 248 -32.25 -2.34 45.52
N GLU L 249 -32.77 -1.52 46.44
CA GLU L 249 -32.74 -0.04 46.39
C GLU L 249 -31.31 0.43 46.10
N ASP L 250 -30.35 0.05 46.96
CA ASP L 250 -28.94 0.51 46.93
C ASP L 250 -28.21 -0.04 45.71
N ALA L 251 -28.62 -1.22 45.22
CA ALA L 251 -28.02 -1.87 44.02
C ALA L 251 -28.48 -1.13 42.77
N CYS L 252 -29.74 -0.75 42.69
CA CYS L 252 -30.24 0.12 41.60
C CYS L 252 -29.56 1.49 41.66
N ASP L 253 -29.52 2.10 42.85
CA ASP L 253 -28.80 3.38 43.06
C ASP L 253 -27.39 3.26 42.45
N LEU L 254 -26.62 2.26 42.86
CA LEU L 254 -25.24 2.06 42.39
C LEU L 254 -25.21 1.98 40.86
N ALA L 255 -26.01 1.08 40.28
CA ALA L 255 -26.15 0.91 38.82
C ALA L 255 -26.48 2.25 38.16
N ARG L 256 -27.56 2.88 38.59
CA ARG L 256 -28.06 4.15 38.01
C ARG L 256 -26.93 5.19 38.07
N ARG L 257 -26.28 5.35 39.21
CA ARG L 257 -25.13 6.30 39.36
C ARG L 257 -24.03 5.90 38.40
N SER L 258 -23.66 4.62 38.33
CA SER L 258 -22.59 4.10 37.46
C SER L 258 -22.90 4.43 35.99
N ILE L 259 -24.12 4.22 35.53
CA ILE L 259 -24.49 4.60 34.15
C ILE L 259 -24.39 6.11 34.06
N PHE L 260 -25.01 6.83 35.00
CA PHE L 260 -25.00 8.30 34.99
C PHE L 260 -23.58 8.84 34.78
N HIS L 261 -22.61 8.31 35.51
CA HIS L 261 -21.20 8.79 35.49
C HIS L 261 -20.53 8.48 34.16
N ALA L 262 -21.00 7.45 33.46
CA ALA L 262 -20.56 7.15 32.08
C ALA L 262 -21.21 8.12 31.11
N THR L 263 -22.48 8.43 31.30
CA THR L 263 -23.20 9.35 30.39
C THR L 263 -22.58 10.74 30.52
N TYR L 264 -22.13 11.12 31.70
CA TYR L 264 -21.57 12.46 31.96
C TYR L 264 -20.22 12.63 31.23
N ARG L 265 -19.48 11.55 30.99
CA ARG L 265 -18.07 11.62 30.56
C ARG L 265 -17.89 11.04 29.16
N ASP L 266 -18.51 9.91 28.84
CA ASP L 266 -18.48 9.32 27.48
C ASP L 266 -19.36 10.15 26.56
N GLY L 267 -18.78 10.53 25.41
CA GLY L 267 -19.47 11.27 24.34
C GLY L 267 -20.47 10.36 23.63
N ALA L 268 -20.19 9.06 23.58
CA ALA L 268 -20.99 8.09 22.84
C ALA L 268 -22.12 7.56 23.71
N SER L 269 -22.20 8.02 24.95
CA SER L 269 -23.12 7.46 25.98
C SER L 269 -23.96 8.60 26.53
N GLY L 270 -25.25 8.36 26.75
CA GLY L 270 -26.13 9.42 27.23
C GLY L 270 -27.59 9.05 27.15
N GLY L 271 -28.43 10.01 27.49
CA GLY L 271 -29.88 9.95 27.30
C GLY L 271 -30.57 9.51 28.57
N ILE L 272 -31.28 8.40 28.50
CA ILE L 272 -32.13 7.89 29.59
C ILE L 272 -31.43 6.68 30.21
N VAL L 273 -31.25 6.73 31.53
CA VAL L 273 -30.63 5.66 32.35
C VAL L 273 -31.74 4.74 32.85
N THR L 274 -31.95 3.65 32.11
CA THR L 274 -32.91 2.59 32.44
C THR L 274 -32.22 1.54 33.30
N VAL L 275 -32.92 1.09 34.33
CA VAL L 275 -32.46 0.07 35.31
C VAL L 275 -33.51 -1.03 35.39
N TYR L 276 -33.07 -2.28 35.34
CA TYR L 276 -33.90 -3.49 35.53
C TYR L 276 -33.38 -4.27 36.72
N HIS L 277 -34.23 -5.11 37.28
CA HIS L 277 -33.88 -6.04 38.36
C HIS L 277 -34.36 -7.43 37.93
N VAL L 278 -33.45 -8.40 37.85
CA VAL L 278 -33.82 -9.82 37.61
C VAL L 278 -33.84 -10.51 38.98
N HIS L 279 -34.95 -11.15 39.32
CA HIS L 279 -35.20 -11.83 40.62
C HIS L 279 -35.86 -13.20 40.31
N GLU L 280 -36.21 -13.99 41.33
CA GLU L 280 -36.74 -15.35 41.10
C GLU L 280 -38.05 -15.28 40.28
N LYS L 281 -38.83 -14.20 40.42
CA LYS L 281 -40.18 -14.05 39.78
C LYS L 281 -40.05 -13.51 38.35
N GLY L 282 -38.84 -13.16 37.90
CA GLY L 282 -38.55 -12.70 36.53
C GLY L 282 -37.68 -11.45 36.53
N TRP L 283 -38.05 -10.44 35.74
CA TRP L 283 -37.44 -9.09 35.83
C TRP L 283 -38.55 -8.06 35.96
N THR L 284 -38.22 -6.95 36.59
CA THR L 284 -39.05 -5.72 36.65
C THR L 284 -38.18 -4.57 36.16
N LYS L 285 -38.75 -3.72 35.30
CA LYS L 285 -38.14 -2.42 34.92
C LYS L 285 -38.29 -1.47 36.12
N ILE L 286 -37.21 -1.25 36.86
CA ILE L 286 -37.18 -0.51 38.15
C ILE L 286 -37.50 0.95 37.89
N SER L 287 -36.69 1.58 37.04
CA SER L 287 -36.68 3.05 36.83
C SER L 287 -36.25 3.36 35.40
N ARG L 288 -36.71 4.51 34.91
CA ARG L 288 -36.33 5.07 33.60
C ARG L 288 -36.18 6.57 33.82
N ASP L 289 -34.94 7.04 33.97
CA ASP L 289 -34.63 8.43 34.40
C ASP L 289 -33.71 9.08 33.38
N ASP L 290 -34.04 10.29 32.95
CA ASP L 290 -33.16 11.13 32.09
C ASP L 290 -31.89 11.52 32.85
N GLN L 291 -30.73 11.46 32.20
CA GLN L 291 -29.42 11.53 32.87
C GLN L 291 -29.08 12.98 33.21
N THR L 292 -29.78 13.95 32.64
CA THR L 292 -29.66 15.38 33.02
C THR L 292 -30.48 15.63 34.29
N LYS L 293 -31.62 14.96 34.46
CA LYS L 293 -32.41 15.02 35.72
C LYS L 293 -31.59 14.39 36.84
N LEU L 294 -30.90 13.28 36.53
CA LEU L 294 -30.02 12.55 37.48
C LEU L 294 -28.86 13.45 37.90
N TYR L 295 -28.30 14.26 37.01
CA TYR L 295 -27.23 15.21 37.40
C TYR L 295 -27.73 16.12 38.53
N HIS L 296 -28.94 16.67 38.40
CA HIS L 296 -29.51 17.64 39.36
C HIS L 296 -30.02 16.93 40.62
N ARG L 297 -30.21 15.62 40.57
CA ARG L 297 -30.53 14.75 41.74
C ARG L 297 -29.25 14.52 42.55
N TYR L 298 -28.17 14.14 41.87
CA TYR L 298 -26.91 13.65 42.47
C TYR L 298 -26.00 14.80 42.87
N PHE L 299 -26.11 15.95 42.17
CA PHE L 299 -25.32 17.19 42.42
C PHE L 299 -26.30 18.36 42.51
N PRO L 300 -27.04 18.51 43.62
CA PRO L 300 -28.11 19.50 43.74
C PRO L 300 -27.76 20.99 43.56
N SER L 301 -26.53 21.41 43.90
CA SER L 301 -26.10 22.84 43.89
C SER L 301 -26.32 23.48 42.51
N TRP M 126 -14.47 1.39 -10.30
CA TRP M 126 -15.96 1.32 -10.39
C TRP M 126 -16.53 0.92 -9.03
N SER M 127 -17.26 1.82 -8.37
CA SER M 127 -18.02 1.53 -7.13
C SER M 127 -19.39 1.04 -7.54
N PRO M 128 -19.93 0.00 -6.87
CA PRO M 128 -21.32 -0.40 -7.08
C PRO M 128 -22.29 0.61 -6.45
N TYR M 129 -21.78 1.50 -5.58
CA TYR M 129 -22.55 2.50 -4.81
C TYR M 129 -22.39 3.89 -5.42
N GLN M 130 -23.46 4.68 -5.36
CA GLN M 130 -23.56 6.10 -5.78
C GLN M 130 -24.56 6.75 -4.84
N ASP M 131 -24.22 7.86 -4.18
CA ASP M 131 -25.22 8.63 -3.38
C ASP M 131 -25.94 9.60 -4.33
N ASN M 132 -27.26 9.46 -4.42
CA ASN M 132 -28.10 10.26 -5.35
C ASN M 132 -28.77 11.39 -4.57
N GLY M 133 -28.25 11.69 -3.38
CA GLY M 133 -28.66 12.83 -2.54
C GLY M 133 -30.13 12.80 -2.17
N GLY M 134 -30.62 13.96 -1.72
CA GLY M 134 -32.01 14.21 -1.32
C GLY M 134 -32.24 13.92 0.16
N THR M 135 -33.28 14.53 0.71
CA THR M 135 -33.69 14.40 2.13
C THR M 135 -35.11 13.83 2.16
N THR M 136 -35.42 12.99 3.15
CA THR M 136 -36.81 12.68 3.55
C THR M 136 -37.00 13.16 4.98
N ALA M 137 -38.23 13.50 5.34
CA ALA M 137 -38.61 13.78 6.75
C ALA M 137 -40.05 13.33 6.97
N ALA M 138 -40.35 12.82 8.16
CA ALA M 138 -41.73 12.51 8.56
C ALA M 138 -42.01 13.15 9.92
N ILE M 139 -43.27 13.47 10.16
CA ILE M 139 -43.76 13.91 11.49
C ILE M 139 -45.11 13.25 11.71
N ALA M 140 -45.18 12.46 12.77
CA ALA M 140 -46.41 11.81 13.26
C ALA M 140 -47.17 12.80 14.14
N GLY M 141 -48.48 12.91 13.94
CA GLY M 141 -49.42 13.43 14.93
C GLY M 141 -50.27 12.30 15.48
N LYS M 142 -51.40 12.62 16.13
CA LYS M 142 -52.20 11.64 16.91
C LYS M 142 -53.09 10.80 15.99
N ASP M 143 -53.33 11.27 14.76
CA ASP M 143 -54.33 10.68 13.82
C ASP M 143 -53.70 10.54 12.42
N PHE M 144 -52.42 10.87 12.24
CA PHE M 144 -51.80 11.04 10.90
C PHE M 144 -50.27 11.00 10.95
N VAL M 145 -49.65 10.75 9.80
CA VAL M 145 -48.23 11.11 9.53
C VAL M 145 -48.18 11.99 8.30
N ILE M 146 -47.43 13.09 8.35
CA ILE M 146 -46.95 13.78 7.13
C ILE M 146 -45.57 13.22 6.83
N LEU M 147 -45.41 12.65 5.65
CA LEU M 147 -44.14 12.14 5.10
C LEU M 147 -43.77 12.99 3.89
N ALA M 148 -42.53 13.44 3.83
CA ALA M 148 -42.06 14.39 2.80
C ALA M 148 -40.72 13.93 2.27
N GLY M 149 -40.48 14.09 0.98
CA GLY M 149 -39.15 13.82 0.41
C GLY M 149 -38.94 14.64 -0.82
N ASP M 150 -37.82 15.36 -0.86
CA ASP M 150 -37.46 16.22 -2.00
C ASP M 150 -37.36 15.35 -3.25
N THR M 151 -37.39 15.98 -4.41
CA THR M 151 -37.60 15.30 -5.70
C THR M 151 -36.35 15.37 -6.57
N ARG M 152 -35.28 15.98 -6.12
CA ARG M 152 -34.08 16.08 -6.98
C ARG M 152 -33.31 14.77 -6.84
N LEU M 153 -32.94 14.20 -7.98
CA LEU M 153 -32.07 13.00 -8.08
C LEU M 153 -30.76 13.48 -8.67
N ASN M 154 -29.71 13.58 -7.87
CA ASN M 154 -28.44 14.13 -8.39
C ASN M 154 -27.53 12.94 -8.67
N GLY M 155 -26.80 12.99 -9.80
CA GLY M 155 -25.72 12.08 -10.16
C GLY M 155 -24.38 12.61 -9.67
N ASP M 156 -23.29 12.24 -10.36
CA ASP M 156 -21.90 12.65 -10.00
C ASP M 156 -21.63 14.04 -10.58
N PHE M 157 -21.64 15.06 -9.72
CA PHE M 157 -21.27 16.47 -10.01
C PHE M 157 -22.32 17.16 -10.89
N CYS M 158 -23.30 16.44 -11.45
CA CYS M 158 -24.47 17.00 -12.19
C CYS M 158 -25.76 16.65 -11.45
N LEU M 159 -26.91 16.97 -12.05
CA LEU M 159 -28.23 16.49 -11.56
C LEU M 159 -28.99 15.85 -12.72
N HIS M 160 -29.60 14.70 -12.46
CA HIS M 160 -30.28 13.83 -13.45
C HIS M 160 -31.70 14.30 -13.68
N SER M 161 -32.42 14.62 -12.60
CA SER M 161 -33.87 14.92 -12.64
C SER M 161 -34.22 15.82 -11.46
N ARG M 162 -35.21 16.69 -11.66
CA ARG M 162 -35.82 17.52 -10.59
C ARG M 162 -37.13 16.89 -10.15
N HIS M 163 -37.60 15.85 -10.85
CA HIS M 163 -38.98 15.30 -10.74
C HIS M 163 -38.91 13.83 -10.37
N ASP M 164 -37.88 13.39 -9.64
CA ASP M 164 -37.74 11.98 -9.19
C ASP M 164 -38.69 11.76 -8.00
N GLN M 165 -39.68 10.87 -8.16
CA GLN M 165 -40.69 10.55 -7.13
C GLN M 165 -40.35 9.22 -6.43
N SER M 166 -39.22 8.62 -6.78
CA SER M 166 -38.75 7.29 -6.30
C SER M 166 -38.48 7.30 -4.78
N LYS M 167 -38.41 8.46 -4.15
CA LYS M 167 -37.89 8.60 -2.76
C LYS M 167 -38.92 8.02 -1.78
N ILE M 168 -40.20 8.30 -2.01
CA ILE M 168 -41.36 7.81 -1.21
C ILE M 168 -42.09 6.75 -2.02
N PHE M 169 -42.49 5.65 -1.38
CA PHE M 169 -43.09 4.46 -2.01
C PHE M 169 -44.18 3.90 -1.11
N GLN M 170 -45.42 3.84 -1.59
CA GLN M 170 -46.56 3.26 -0.85
C GLN M 170 -46.36 1.74 -0.79
N LEU M 171 -46.40 1.16 0.42
CA LEU M 171 -46.44 -0.31 0.64
C LEU M 171 -47.88 -0.76 0.87
N THR M 172 -48.61 -0.04 1.72
CA THR M 172 -50.04 -0.25 2.03
C THR M 172 -50.73 1.10 2.13
N PRO M 173 -52.08 1.16 2.05
CA PRO M 173 -52.80 2.42 2.25
C PRO M 173 -52.30 3.22 3.45
N TYR M 174 -51.94 2.54 4.54
CA TYR M 174 -51.61 3.15 5.85
C TYR M 174 -50.09 3.28 6.03
N THR M 175 -49.28 2.63 5.21
CA THR M 175 -47.82 2.51 5.43
C THR M 175 -47.03 2.85 4.17
N TYR M 176 -46.09 3.78 4.31
CA TYR M 176 -45.21 4.27 3.23
C TYR M 176 -43.76 4.03 3.65
N MET M 177 -42.87 3.81 2.69
CA MET M 177 -41.42 3.84 2.98
C MET M 177 -40.82 5.00 2.23
N ALA M 178 -40.04 5.81 2.94
CA ALA M 178 -39.17 6.85 2.38
C ALA M 178 -37.78 6.24 2.40
N SER M 179 -36.90 6.68 1.53
CA SER M 179 -35.64 5.95 1.27
C SER M 179 -34.64 6.91 0.60
N ASN M 180 -33.49 7.12 1.23
CA ASN M 180 -32.47 8.06 0.73
C ASN M 180 -31.25 7.26 0.26
N GLY M 181 -30.09 7.90 0.19
CA GLY M 181 -28.87 7.33 -0.39
C GLY M 181 -29.07 7.03 -1.86
N MET M 182 -28.63 5.85 -2.28
CA MET M 182 -28.54 5.39 -3.68
C MET M 182 -29.92 5.09 -4.21
N GLN M 183 -30.29 5.65 -5.36
CA GLN M 183 -31.63 5.46 -5.95
C GLN M 183 -31.81 3.99 -6.33
N ALA M 184 -30.85 3.41 -7.04
CA ALA M 184 -30.98 2.07 -7.66
C ALA M 184 -31.31 1.04 -6.59
N ASP M 185 -30.79 1.23 -5.38
CA ASP M 185 -30.97 0.32 -4.22
C ASP M 185 -32.32 0.59 -3.57
N ARG M 186 -32.67 1.86 -3.42
CA ARG M 186 -34.03 2.28 -3.01
C ARG M 186 -35.04 1.60 -3.92
N LEU M 187 -34.81 1.60 -5.24
CA LEU M 187 -35.75 1.01 -6.24
C LEU M 187 -35.81 -0.50 -6.09
N GLN M 188 -34.69 -1.15 -5.79
CA GLN M 188 -34.70 -2.63 -5.60
C GLN M 188 -35.45 -2.91 -4.30
N LEU M 189 -34.97 -2.33 -3.21
CA LEU M 189 -35.54 -2.53 -1.87
C LEU M 189 -37.04 -2.31 -1.92
N GLN M 190 -37.50 -1.29 -2.63
CA GLN M 190 -38.93 -0.95 -2.76
C GLN M 190 -39.66 -2.18 -3.31
N GLN M 191 -39.13 -2.77 -4.38
CA GLN M 191 -39.78 -3.91 -5.09
C GLN M 191 -39.71 -5.16 -4.21
N MET M 192 -38.59 -5.36 -3.53
CA MET M 192 -38.38 -6.50 -2.62
C MET M 192 -39.41 -6.46 -1.51
N LEU M 193 -39.74 -5.27 -1.01
CA LEU M 193 -40.74 -5.09 0.06
C LEU M 193 -42.14 -5.23 -0.52
N LYS M 194 -42.40 -4.62 -1.68
CA LYS M 194 -43.70 -4.71 -2.36
C LYS M 194 -44.09 -6.18 -2.53
N TYR M 195 -43.13 -7.07 -2.78
CA TYR M 195 -43.41 -8.51 -3.07
C TYR M 195 -43.49 -9.28 -1.75
N ARG M 196 -42.73 -8.92 -0.73
CA ARG M 196 -42.91 -9.52 0.61
C ARG M 196 -44.30 -9.14 1.14
N VAL M 197 -44.73 -7.92 0.87
CA VAL M 197 -46.06 -7.42 1.34
C VAL M 197 -47.16 -8.11 0.56
N LYS M 198 -46.94 -8.37 -0.72
CA LYS M 198 -47.92 -9.07 -1.60
C LYS M 198 -48.09 -10.49 -1.10
N TRP M 199 -46.99 -11.17 -0.78
CA TRP M 199 -46.97 -12.55 -0.24
C TRP M 199 -47.73 -12.60 1.08
N TYR M 200 -47.48 -11.63 1.95
CA TYR M 200 -48.17 -11.52 3.25
C TYR M 200 -49.68 -11.44 2.99
N LYS M 201 -50.14 -10.67 2.01
CA LYS M 201 -51.59 -10.54 1.71
C LYS M 201 -52.16 -11.93 1.39
N TYR M 202 -51.44 -12.73 0.62
CA TYR M 202 -51.88 -14.06 0.13
C TYR M 202 -51.88 -15.06 1.29
N ASN M 203 -50.77 -15.14 2.02
CA ASN M 203 -50.57 -16.08 3.14
C ASN M 203 -51.46 -15.71 4.34
N ASN M 204 -51.83 -14.44 4.52
CA ASN M 204 -52.66 -13.97 5.67
C ASN M 204 -54.04 -13.55 5.16
N GLY M 205 -54.59 -14.30 4.20
CA GLY M 205 -55.96 -14.19 3.69
C GLY M 205 -56.43 -12.76 3.49
N GLY M 206 -55.79 -12.02 2.58
CA GLY M 206 -56.21 -10.67 2.16
C GLY M 206 -55.71 -9.56 3.07
N LYS M 207 -55.48 -9.86 4.36
CA LYS M 207 -55.06 -8.89 5.41
C LYS M 207 -53.73 -8.26 5.00
N VAL M 208 -53.69 -6.93 5.02
CA VAL M 208 -52.49 -6.11 4.69
C VAL M 208 -51.69 -6.00 5.98
N PRO M 209 -50.34 -6.04 5.93
CA PRO M 209 -49.55 -5.99 7.15
C PRO M 209 -49.58 -4.58 7.76
N SER M 210 -49.63 -4.54 9.10
CA SER M 210 -49.53 -3.31 9.92
C SER M 210 -48.24 -2.56 9.56
N THR M 211 -48.16 -1.30 9.97
CA THR M 211 -46.96 -0.47 9.81
C THR M 211 -45.85 -1.11 10.64
N LYS M 212 -46.22 -1.66 11.79
CA LYS M 212 -45.29 -2.26 12.77
C LYS M 212 -44.64 -3.50 12.16
N ALA M 213 -45.43 -4.30 11.46
CA ALA M 213 -44.99 -5.53 10.77
C ALA M 213 -44.02 -5.19 9.65
N ILE M 214 -44.33 -4.15 8.90
CA ILE M 214 -43.52 -3.69 7.75
C ILE M 214 -42.21 -3.10 8.26
N ALA M 215 -42.26 -2.49 9.43
CA ALA M 215 -41.07 -1.91 10.07
C ALA M 215 -40.14 -3.05 10.50
N GLN M 216 -40.67 -4.16 10.99
CA GLN M 216 -39.79 -5.29 11.42
C GLN M 216 -39.28 -5.95 10.16
N LEU M 217 -40.14 -6.08 9.16
CA LEU M 217 -39.77 -6.69 7.86
C LEU M 217 -38.61 -5.91 7.26
N MET M 218 -38.67 -4.59 7.31
CA MET M 218 -37.64 -3.69 6.75
C MET M 218 -36.32 -3.89 7.53
N SER M 219 -36.36 -3.96 8.86
CA SER M 219 -35.18 -4.26 9.72
C SER M 219 -34.53 -5.56 9.24
N THR M 220 -35.38 -6.57 9.04
CA THR M 220 -34.98 -7.96 8.78
C THR M 220 -34.38 -8.04 7.38
N MET M 221 -35.00 -7.39 6.40
CA MET M 221 -34.57 -7.44 4.98
C MET M 221 -33.25 -6.69 4.80
N LEU M 222 -33.12 -5.54 5.45
CA LEU M 222 -31.87 -4.74 5.46
C LEU M 222 -30.75 -5.56 6.08
N TYR M 223 -31.01 -6.28 7.17
CA TYR M 223 -29.95 -7.03 7.87
C TYR M 223 -29.53 -8.23 7.03
N HIS M 224 -30.46 -8.88 6.34
CA HIS M 224 -30.14 -10.06 5.50
C HIS M 224 -29.16 -9.67 4.40
N ARG M 225 -29.00 -8.37 4.14
CA ARG M 225 -28.08 -7.86 3.10
C ARG M 225 -26.85 -7.23 3.76
N ARG M 226 -26.53 -7.51 5.02
CA ARG M 226 -25.50 -6.72 5.74
C ARG M 226 -24.07 -7.03 5.26
N PHE M 227 -23.88 -7.98 4.32
CA PHE M 227 -22.56 -8.33 3.74
C PHE M 227 -22.41 -7.76 2.32
N PHE M 228 -23.48 -7.23 1.72
CA PHE M 228 -23.43 -6.25 0.60
C PHE M 228 -24.64 -5.31 0.75
N PRO M 229 -24.62 -4.41 1.75
CA PRO M 229 -25.84 -3.71 2.18
C PRO M 229 -26.43 -2.78 1.12
N TYR M 230 -27.76 -2.60 1.18
CA TYR M 230 -28.47 -1.59 0.35
C TYR M 230 -27.99 -0.23 0.83
N TYR M 231 -27.43 0.60 -0.04
CA TYR M 231 -26.99 1.97 0.32
C TYR M 231 -28.25 2.83 0.30
N THR M 232 -29.05 2.71 1.34
CA THR M 232 -30.42 3.24 1.38
C THR M 232 -30.76 3.47 2.86
N PHE M 233 -30.96 4.72 3.24
CA PHE M 233 -31.33 5.16 4.61
C PHE M 233 -32.83 5.32 4.64
N ASN M 234 -33.51 4.28 5.08
CA ASN M 234 -34.97 4.16 4.94
C ASN M 234 -35.65 4.74 6.17
N MET M 235 -36.87 5.22 5.97
CA MET M 235 -37.88 5.35 7.02
C MET M 235 -39.04 4.48 6.60
N VAL M 236 -39.71 3.85 7.55
CA VAL M 236 -41.09 3.34 7.35
C VAL M 236 -41.98 4.21 8.21
N VAL M 237 -43.06 4.68 7.61
CA VAL M 237 -43.94 5.72 8.18
C VAL M 237 -45.36 5.27 7.94
N GLY M 238 -46.22 5.35 8.94
CA GLY M 238 -47.65 5.06 8.78
C GLY M 238 -48.40 5.16 10.07
N LEU M 239 -49.65 4.71 10.05
CA LEU M 239 -50.49 4.61 11.27
C LEU M 239 -50.16 3.29 11.96
N ASP M 240 -50.20 3.29 13.30
CA ASP M 240 -50.03 2.06 14.13
C ASP M 240 -51.42 1.43 14.36
N GLU M 241 -51.49 0.44 15.27
CA GLU M 241 -52.71 -0.31 15.65
C GLU M 241 -53.82 0.65 16.10
N GLU M 242 -53.46 1.65 16.91
CA GLU M 242 -54.40 2.58 17.60
C GLU M 242 -54.70 3.82 16.75
N GLY M 243 -54.23 3.88 15.49
CA GLY M 243 -54.47 5.00 14.56
C GLY M 243 -53.44 6.11 14.66
N HIS M 244 -52.67 6.15 15.76
CA HIS M 244 -51.60 7.14 16.03
C HIS M 244 -50.52 6.96 14.96
N GLY M 245 -49.98 8.05 14.43
CA GLY M 245 -48.92 8.02 13.41
C GLY M 245 -47.62 7.51 14.01
N VAL M 246 -46.68 7.07 13.19
CA VAL M 246 -45.36 6.60 13.70
C VAL M 246 -44.36 6.58 12.55
N CYS M 247 -43.09 6.84 12.86
CA CYS M 247 -41.97 6.82 11.91
C CYS M 247 -40.89 5.92 12.49
N TYR M 248 -40.56 4.87 11.77
CA TYR M 248 -39.36 4.04 12.00
C TYR M 248 -38.29 4.56 11.06
N SER M 249 -37.25 5.23 11.56
CA SER M 249 -36.03 5.57 10.78
C SER M 249 -35.09 4.39 10.89
N TYR M 250 -34.35 4.07 9.84
CA TYR M 250 -33.37 2.95 9.84
C TYR M 250 -31.96 3.48 9.59
N ASP M 251 -30.97 2.68 9.98
CA ASP M 251 -29.57 2.80 9.51
C ASP M 251 -29.47 1.92 8.25
N ALA M 252 -28.23 1.70 7.78
CA ALA M 252 -27.93 0.95 6.54
C ALA M 252 -28.45 -0.48 6.64
N VAL M 253 -28.43 -1.04 7.88
CA VAL M 253 -28.52 -2.49 8.19
C VAL M 253 -29.69 -2.78 9.15
N GLY M 254 -30.60 -1.83 9.36
CA GLY M 254 -31.96 -2.14 9.84
C GLY M 254 -32.21 -1.77 11.28
N SER M 255 -31.22 -1.26 12.02
CA SER M 255 -31.46 -0.76 13.39
C SER M 255 -32.49 0.36 13.29
N THR M 256 -33.56 0.25 14.06
CA THR M 256 -34.67 1.21 14.04
C THR M 256 -35.26 1.35 15.44
N GLU M 257 -36.13 2.34 15.60
CA GLU M 257 -37.03 2.45 16.74
C GLU M 257 -38.25 3.22 16.26
N PRO M 258 -39.43 2.98 16.84
CA PRO M 258 -40.58 3.84 16.58
C PRO M 258 -40.26 5.22 17.18
N PHE M 259 -40.56 6.27 16.43
CA PHE M 259 -40.46 7.67 16.90
C PHE M 259 -41.62 8.46 16.30
N LEU M 260 -41.81 9.70 16.75
CA LEU M 260 -42.94 10.57 16.33
C LEU M 260 -42.49 11.51 15.23
N TYR M 261 -41.22 11.46 14.85
CA TYR M 261 -40.68 12.15 13.66
C TYR M 261 -39.41 11.44 13.24
N GLY M 262 -38.88 11.86 12.11
CA GLY M 262 -37.69 11.23 11.55
C GLY M 262 -37.24 11.98 10.34
N THR M 263 -35.97 11.81 10.03
CA THR M 263 -35.31 12.44 8.88
C THR M 263 -34.17 11.54 8.46
N ARG M 264 -34.05 11.33 7.17
CA ARG M 264 -32.90 10.63 6.60
C ARG M 264 -32.49 11.40 5.35
N GLY M 265 -31.21 11.34 4.99
CA GLY M 265 -30.70 11.89 3.74
C GLY M 265 -29.76 13.05 3.99
N SER M 266 -29.33 13.68 2.91
CA SER M 266 -28.23 14.68 2.88
C SER M 266 -28.44 15.78 3.92
N ALA M 267 -29.67 16.25 4.10
CA ALA M 267 -30.02 17.38 4.99
C ALA M 267 -30.67 16.87 6.29
N ALA M 268 -30.48 15.60 6.65
CA ALA M 268 -31.07 15.02 7.87
C ALA M 268 -30.46 15.68 9.10
N SER M 269 -29.16 15.95 9.05
CA SER M 269 -28.36 16.59 10.12
C SER M 269 -28.81 18.03 10.36
N PHE M 270 -29.48 18.69 9.41
CA PHE M 270 -30.07 20.05 9.56
C PHE M 270 -31.47 19.97 10.16
N VAL M 271 -32.24 19.02 9.64
CA VAL M 271 -33.69 18.95 9.87
C VAL M 271 -33.95 18.30 11.22
N GLU M 272 -33.17 17.29 11.61
CA GLU M 272 -33.40 16.48 12.84
C GLU M 272 -33.25 17.36 14.07
N PRO M 273 -32.20 18.19 14.22
CA PRO M 273 -32.12 19.14 15.33
C PRO M 273 -33.27 20.14 15.40
N LEU M 274 -33.73 20.62 14.25
CA LEU M 274 -34.85 21.58 14.16
C LEU M 274 -36.13 20.90 14.62
N LEU M 275 -36.34 19.64 14.24
CA LEU M 275 -37.56 18.89 14.62
C LEU M 275 -37.50 18.60 16.12
N ASP M 276 -36.35 18.17 16.64
CA ASP M 276 -36.09 18.04 18.10
C ASP M 276 -36.49 19.32 18.81
N CYS M 277 -36.01 20.47 18.34
CA CYS M 277 -36.23 21.80 18.96
C CYS M 277 -37.73 22.11 19.01
N LEU M 278 -38.43 21.99 17.88
CA LEU M 278 -39.80 22.54 17.68
C LEU M 278 -40.87 21.55 18.18
N ILE M 279 -40.54 20.29 18.36
CA ILE M 279 -41.51 19.24 18.78
C ILE M 279 -41.28 18.91 20.27
N ASN M 280 -40.04 18.59 20.65
CA ASN M 280 -39.70 18.13 22.02
C ASN M 280 -39.49 19.32 22.95
N ARG M 281 -39.03 20.47 22.43
CA ARG M 281 -38.95 21.76 23.16
C ARG M 281 -38.14 21.60 24.45
N GLN M 282 -37.17 20.69 24.52
CA GLN M 282 -36.62 20.24 25.83
C GLN M 282 -35.83 21.38 26.49
N HIS M 283 -35.34 22.36 25.73
CA HIS M 283 -34.60 23.54 26.27
C HIS M 283 -35.48 24.79 26.26
N MET M 284 -36.78 24.64 26.55
CA MET M 284 -37.76 25.75 26.55
C MET M 284 -38.57 25.72 27.85
N THR M 285 -38.60 26.86 28.54
CA THR M 285 -39.29 27.10 29.83
C THR M 285 -40.78 27.36 29.55
N SER M 286 -41.11 27.90 28.37
CA SER M 286 -42.49 28.12 27.86
C SER M 286 -43.33 26.84 27.97
N GLN M 287 -44.65 26.98 28.16
CA GLN M 287 -45.63 25.85 28.17
C GLN M 287 -45.76 25.30 26.76
N ALA M 288 -45.67 23.97 26.60
CA ALA M 288 -45.72 23.25 25.29
C ALA M 288 -46.99 23.64 24.53
N PRO M 289 -46.90 24.09 23.25
CA PRO M 289 -48.10 24.38 22.44
C PRO M 289 -49.03 23.17 22.31
N PRO M 290 -50.33 23.38 21.98
CA PRO M 290 -51.39 22.41 22.29
C PRO M 290 -51.12 20.94 21.91
N GLU M 291 -50.76 20.66 20.66
CA GLU M 291 -50.75 19.29 20.07
C GLU M 291 -50.01 19.26 18.72
N MET M 292 -50.33 20.23 17.84
CA MET M 292 -49.84 20.43 16.45
C MET M 292 -50.76 19.63 15.52
N THR M 293 -51.64 20.35 14.82
CA THR M 293 -52.59 19.82 13.84
C THR M 293 -51.82 19.36 12.60
N LYS M 294 -52.55 18.73 11.67
CA LYS M 294 -52.08 18.26 10.35
C LYS M 294 -51.47 19.41 9.55
N GLU M 295 -52.06 20.62 9.64
CA GLU M 295 -51.72 21.79 8.79
C GLU M 295 -50.51 22.49 9.40
N GLU M 296 -50.45 22.57 10.73
CA GLU M 296 -49.28 23.09 11.48
C GLU M 296 -48.07 22.18 11.23
N THR M 297 -48.29 20.86 11.25
CA THR M 297 -47.23 19.83 11.08
C THR M 297 -46.70 19.91 9.66
N LEU M 298 -47.60 20.02 8.68
CA LEU M 298 -47.27 20.21 7.24
C LEU M 298 -46.44 21.48 7.07
N ALA M 299 -46.91 22.59 7.63
CA ALA M 299 -46.25 23.92 7.61
C ALA M 299 -44.84 23.81 8.21
N MET M 300 -44.68 23.06 9.29
CA MET M 300 -43.39 22.89 10.00
C MET M 300 -42.40 22.20 9.06
N LEU M 301 -42.88 21.23 8.29
CA LEU M 301 -42.06 20.46 7.31
C LEU M 301 -41.76 21.30 6.07
N LYS M 302 -42.75 22.05 5.57
CA LYS M 302 -42.56 23.01 4.46
C LYS M 302 -41.42 23.97 4.82
N ASN M 303 -41.42 24.45 6.06
CA ASN M 303 -40.38 25.38 6.59
C ASN M 303 -39.05 24.63 6.67
N ALA M 304 -39.03 23.44 7.25
CA ALA M 304 -37.80 22.63 7.49
C ALA M 304 -37.11 22.34 6.14
N PHE M 305 -37.89 21.98 5.12
CA PHE M 305 -37.37 21.65 3.76
C PHE M 305 -36.85 22.92 3.09
N THR M 306 -37.62 24.00 3.14
CA THR M 306 -37.20 25.33 2.62
C THR M 306 -35.81 25.66 3.18
N GLY M 307 -35.57 25.44 4.46
CA GLY M 307 -34.26 25.67 5.09
C GLY M 307 -33.19 24.74 4.55
N ALA M 308 -33.47 23.44 4.51
CA ALA M 308 -32.55 22.40 3.99
C ALA M 308 -32.17 22.72 2.55
N ALA M 309 -33.16 23.06 1.71
CA ALA M 309 -32.99 23.40 0.28
C ALA M 309 -32.02 24.56 0.11
N GLU M 310 -32.12 25.55 1.00
CA GLU M 310 -31.29 26.79 1.00
C GLU M 310 -29.83 26.45 1.28
N ARG M 311 -29.56 25.49 2.18
CA ARG M 311 -28.22 25.27 2.77
C ARG M 311 -27.58 23.96 2.31
N ASP M 312 -28.36 22.90 2.09
CA ASP M 312 -27.86 21.61 1.54
C ASP M 312 -27.85 21.74 0.02
N ILE M 313 -26.74 21.39 -0.61
CA ILE M 313 -26.55 21.59 -2.06
C ILE M 313 -27.21 20.43 -2.81
N TYR M 314 -27.54 19.34 -2.14
CA TYR M 314 -28.10 18.10 -2.74
C TYR M 314 -29.60 17.95 -2.46
N THR M 315 -30.21 18.86 -1.70
CA THR M 315 -31.67 18.92 -1.48
C THR M 315 -32.19 20.10 -2.27
N GLY M 316 -33.35 19.95 -2.91
CA GLY M 316 -33.96 21.04 -3.69
C GLY M 316 -35.06 20.57 -4.62
N ASP M 317 -35.56 21.53 -5.39
CA ASP M 317 -36.45 21.41 -6.57
C ASP M 317 -37.89 21.40 -6.10
N SER M 318 -38.39 20.28 -5.61
CA SER M 318 -39.73 20.24 -4.96
C SER M 318 -39.69 19.26 -3.80
N VAL M 319 -40.69 19.33 -2.94
CA VAL M 319 -40.95 18.32 -1.89
C VAL M 319 -42.31 17.72 -2.22
N SER M 320 -42.39 16.41 -2.32
CA SER M 320 -43.67 15.67 -2.33
C SER M 320 -44.05 15.43 -0.87
N PHE M 321 -45.17 15.98 -0.42
CA PHE M 321 -45.78 15.69 0.90
C PHE M 321 -46.85 14.65 0.70
N PHE M 322 -46.86 13.64 1.55
CA PHE M 322 -47.92 12.63 1.69
C PHE M 322 -48.47 12.77 3.10
N ILE M 323 -49.78 12.91 3.24
CA ILE M 323 -50.43 13.13 4.56
C ILE M 323 -51.29 11.91 4.82
N ILE M 324 -50.68 10.86 5.35
CA ILE M 324 -51.35 9.56 5.64
C ILE M 324 -52.32 9.78 6.79
N THR M 325 -53.58 9.40 6.61
CA THR M 325 -54.65 9.43 7.65
C THR M 325 -55.45 8.13 7.55
N LYS M 326 -56.29 7.87 8.55
CA LYS M 326 -57.28 6.76 8.54
C LYS M 326 -58.04 6.79 7.20
N ASP M 327 -58.50 7.98 6.80
CA ASP M 327 -59.40 8.24 5.64
C ASP M 327 -58.70 7.81 4.35
N GLY M 328 -57.48 8.28 4.14
CA GLY M 328 -56.67 8.01 2.95
C GLY M 328 -55.49 8.96 2.85
N VAL M 329 -54.54 8.65 1.96
CA VAL M 329 -53.34 9.50 1.74
C VAL M 329 -53.73 10.68 0.84
N GLN M 330 -53.49 11.89 1.32
CA GLN M 330 -53.70 13.16 0.60
C GLN M 330 -52.31 13.71 0.31
N GLN M 331 -51.95 13.88 -0.96
CA GLN M 331 -50.57 14.23 -1.34
C GLN M 331 -50.57 15.57 -2.08
N GLU M 332 -49.64 16.45 -1.73
CA GLU M 332 -49.45 17.76 -2.39
C GLU M 332 -47.95 18.08 -2.54
N SER M 333 -47.57 18.51 -3.74
CA SER M 333 -46.22 19.01 -4.08
C SER M 333 -46.02 20.41 -3.48
N PHE M 334 -44.79 20.87 -3.41
CA PHE M 334 -44.41 22.19 -2.83
C PHE M 334 -43.02 22.57 -3.33
N GLU M 335 -42.89 23.77 -3.91
CA GLU M 335 -41.67 24.18 -4.66
C GLU M 335 -40.59 24.64 -3.69
N LEU M 336 -39.34 24.25 -3.97
CA LEU M 336 -38.11 24.69 -3.28
C LEU M 336 -37.28 25.52 -4.25
N ARG M 337 -36.19 26.12 -3.76
CA ARG M 337 -35.11 26.72 -4.58
C ARG M 337 -34.72 25.73 -5.67
N LYS M 338 -34.83 26.15 -6.93
CA LYS M 338 -34.59 25.28 -8.12
C LYS M 338 -33.08 25.07 -8.27
N ASP M 339 -32.25 25.97 -7.73
CA ASP M 339 -30.77 25.91 -7.83
C ASP M 339 -30.23 24.88 -6.82
N ALA N 2 -13.25 -0.30 -26.26
CA ALA N 2 -14.07 0.53 -27.26
C ALA N 2 -15.26 1.21 -26.56
N SER N 3 -15.29 2.55 -26.60
CA SER N 3 -16.20 3.41 -25.81
C SER N 3 -17.02 4.30 -26.73
N GLY N 4 -18.33 4.37 -26.48
CA GLY N 4 -19.21 5.42 -26.98
C GLY N 4 -19.02 6.71 -26.22
N GLY N 5 -19.09 7.83 -26.95
CA GLY N 5 -19.12 9.18 -26.35
C GLY N 5 -20.49 9.51 -25.80
N SER N 6 -20.85 10.79 -25.85
CA SER N 6 -22.06 11.35 -25.23
C SER N 6 -23.27 11.01 -26.10
N VAL N 7 -24.41 10.86 -25.44
CA VAL N 7 -25.76 10.75 -26.05
C VAL N 7 -26.59 11.87 -25.47
N ILE N 8 -27.42 12.53 -26.27
CA ILE N 8 -28.35 13.58 -25.79
C ILE N 8 -29.69 13.30 -26.41
N ALA N 9 -30.76 13.53 -25.67
CA ALA N 9 -32.13 13.25 -26.11
C ALA N 9 -33.03 14.33 -25.55
N ILE N 10 -34.10 14.66 -26.27
CA ILE N 10 -35.08 15.67 -25.81
C ILE N 10 -36.44 15.31 -26.37
N LYS N 11 -37.47 15.38 -25.54
CA LYS N 11 -38.87 15.27 -25.97
C LYS N 11 -39.27 16.53 -26.72
N TYR N 12 -40.03 16.37 -27.78
CA TYR N 12 -40.72 17.46 -28.52
C TYR N 12 -42.20 17.13 -28.57
N LYS N 13 -43.03 18.05 -29.06
CA LYS N 13 -44.49 17.82 -29.25
C LYS N 13 -44.63 16.67 -30.26
N GLY N 14 -44.91 15.48 -29.76
CA GLY N 14 -45.24 14.30 -30.58
C GLY N 14 -44.02 13.48 -30.90
N GLY N 15 -43.07 13.38 -29.95
CA GLY N 15 -41.94 12.45 -30.06
C GLY N 15 -40.75 12.80 -29.21
N VAL N 16 -39.65 12.10 -29.48
CA VAL N 16 -38.35 12.22 -28.78
C VAL N 16 -37.26 12.17 -29.83
N LEU N 17 -36.32 13.08 -29.79
CA LEU N 17 -35.08 13.00 -30.56
C LEU N 17 -33.97 12.52 -29.63
N MET N 18 -33.15 11.59 -30.10
CA MET N 18 -31.90 11.16 -29.46
C MET N 18 -30.80 11.37 -30.52
N ALA N 19 -29.64 11.87 -30.11
CA ALA N 19 -28.50 12.10 -31.01
C ALA N 19 -27.23 11.56 -30.38
N ALA N 20 -26.31 11.11 -31.23
CA ALA N 20 -25.03 10.53 -30.81
C ALA N 20 -24.02 10.67 -31.95
N ASP N 21 -22.77 11.00 -31.64
CA ASP N 21 -21.62 10.86 -32.58
C ASP N 21 -21.57 9.42 -33.05
N THR N 22 -21.05 9.20 -34.25
CA THR N 22 -20.91 7.86 -34.84
C THR N 22 -19.47 7.44 -34.64
N LEU N 23 -19.00 7.46 -33.40
CA LEU N 23 -17.58 7.20 -33.11
C LEU N 23 -17.47 6.32 -31.89
N LEU N 24 -16.70 5.25 -32.04
CA LEU N 24 -16.17 4.44 -30.92
C LEU N 24 -14.71 4.82 -30.78
N SER N 25 -14.31 5.23 -29.58
CA SER N 25 -12.90 5.50 -29.24
C SER N 25 -12.35 4.28 -28.49
N TYR N 26 -11.05 4.10 -28.51
CA TYR N 26 -10.31 3.06 -27.77
C TYR N 26 -9.27 3.82 -26.95
N GLY N 27 -9.72 4.36 -25.84
CA GLY N 27 -8.93 5.32 -25.05
C GLY N 27 -8.98 6.66 -25.74
N SER N 28 -7.83 7.31 -25.90
CA SER N 28 -7.65 8.59 -26.63
C SER N 28 -7.99 8.38 -28.10
N LEU N 29 -7.51 7.28 -28.67
CA LEU N 29 -7.63 6.91 -30.10
C LEU N 29 -9.09 6.94 -30.55
N ALA N 30 -9.36 7.59 -31.68
CA ALA N 30 -10.66 7.55 -32.38
C ALA N 30 -10.59 6.43 -33.40
N LYS N 31 -11.03 5.24 -33.01
CA LYS N 31 -10.77 3.98 -33.73
C LYS N 31 -11.68 3.89 -34.94
N TRP N 32 -12.98 4.10 -34.73
CA TRP N 32 -14.04 3.88 -35.73
C TRP N 32 -14.98 5.07 -35.75
N PRO N 33 -14.97 5.86 -36.83
CA PRO N 33 -15.87 7.01 -36.95
C PRO N 33 -17.14 6.72 -37.76
N ASN N 34 -17.48 5.44 -37.94
CA ASN N 34 -18.61 5.04 -38.79
C ASN N 34 -19.44 3.96 -38.09
N ILE N 35 -19.69 4.15 -36.80
CA ILE N 35 -20.40 3.14 -35.95
C ILE N 35 -21.80 3.66 -35.69
N PRO N 36 -22.83 2.88 -36.02
CA PRO N 36 -24.22 3.25 -35.73
C PRO N 36 -24.50 2.94 -34.25
N ARG N 37 -24.36 3.95 -33.40
CA ARG N 37 -24.38 3.80 -31.93
C ARG N 37 -25.82 3.69 -31.44
N ILE N 38 -26.75 4.38 -32.10
CA ILE N 38 -28.20 4.28 -31.80
C ILE N 38 -28.69 2.96 -32.37
N ARG N 39 -29.37 2.20 -31.53
CA ARG N 39 -29.98 0.91 -31.91
C ARG N 39 -31.47 0.95 -31.64
N LEU N 40 -32.25 0.46 -32.59
CA LEU N 40 -33.69 0.24 -32.46
C LEU N 40 -33.93 -1.03 -31.66
N LEU N 41 -34.88 -0.96 -30.72
CA LEU N 41 -35.35 -2.09 -29.88
C LEU N 41 -36.83 -2.32 -30.20
N GLY N 42 -37.13 -3.41 -30.88
CA GLY N 42 -38.50 -3.69 -31.35
C GLY N 42 -39.05 -2.51 -32.11
N SER N 43 -40.35 -2.27 -32.03
CA SER N 43 -41.10 -1.43 -33.00
C SER N 43 -41.15 0.02 -32.54
N HIS N 44 -40.92 0.33 -31.27
CA HIS N 44 -41.33 1.62 -30.65
C HIS N 44 -40.16 2.38 -30.08
N SER N 45 -39.05 1.70 -29.81
CA SER N 45 -38.01 2.17 -28.87
C SER N 45 -36.66 2.17 -29.59
N ALA N 46 -35.79 3.06 -29.17
CA ALA N 46 -34.37 3.06 -29.56
C ALA N 46 -33.56 3.20 -28.28
N VAL N 47 -32.28 2.86 -28.33
CA VAL N 47 -31.39 3.00 -27.15
C VAL N 47 -30.00 3.39 -27.65
N CYS N 48 -29.30 4.21 -26.89
CA CYS N 48 -27.90 4.54 -27.21
C CYS N 48 -27.16 4.66 -25.90
N ALA N 49 -25.89 4.24 -25.89
CA ALA N 49 -25.09 4.13 -24.66
C ALA N 49 -23.78 4.88 -24.82
N THR N 50 -23.45 5.61 -23.79
CA THR N 50 -22.08 6.06 -23.47
C THR N 50 -21.40 4.93 -22.71
N GLY N 51 -20.12 4.64 -22.98
CA GLY N 51 -19.32 3.69 -22.19
C GLY N 51 -19.00 2.45 -23.01
N SER N 52 -18.75 1.30 -22.36
CA SER N 52 -18.28 0.09 -23.09
C SER N 52 -19.29 -0.25 -24.18
N TYR N 53 -18.84 -0.18 -25.42
CA TYR N 53 -19.60 -0.65 -26.59
C TYR N 53 -19.89 -2.14 -26.40
N ALA N 54 -18.95 -2.90 -25.84
CA ALA N 54 -19.07 -4.36 -25.68
C ALA N 54 -20.22 -4.66 -24.72
N ASP N 55 -20.31 -3.91 -23.63
CA ASP N 55 -21.36 -4.12 -22.62
C ASP N 55 -22.68 -3.68 -23.22
N PHE N 56 -22.68 -2.58 -23.95
CA PHE N 56 -23.87 -2.13 -24.72
C PHE N 56 -24.27 -3.18 -25.75
N GLN N 57 -23.31 -3.77 -26.47
CA GLN N 57 -23.59 -4.72 -27.57
C GLN N 57 -24.29 -5.93 -26.99
N MET N 58 -23.83 -6.37 -25.81
CA MET N 58 -24.36 -7.55 -25.11
C MET N 58 -25.74 -7.24 -24.56
N MET N 59 -25.87 -6.15 -23.81
CA MET N 59 -27.16 -5.73 -23.22
C MET N 59 -28.17 -5.50 -24.34
N ALA N 60 -27.84 -4.70 -25.34
CA ALA N 60 -28.75 -4.37 -26.45
C ALA N 60 -29.25 -5.64 -27.12
N LYS N 61 -28.39 -6.66 -27.20
CA LYS N 61 -28.68 -7.99 -27.81
C LYS N 61 -29.71 -8.71 -26.93
N GLN N 62 -29.39 -8.86 -25.65
CA GLN N 62 -30.23 -9.48 -24.58
C GLN N 62 -31.63 -8.88 -24.59
N VAL N 63 -31.72 -7.55 -24.60
CA VAL N 63 -33.01 -6.79 -24.61
C VAL N 63 -33.75 -7.08 -25.91
N GLU N 64 -33.11 -6.89 -27.06
CA GLU N 64 -33.78 -6.96 -28.38
C GLU N 64 -34.30 -8.37 -28.64
N ASP N 65 -33.61 -9.39 -28.13
CA ASP N 65 -34.08 -10.80 -28.17
C ASP N 65 -35.34 -10.94 -27.32
N ASN N 66 -35.24 -10.57 -26.04
CA ASN N 66 -36.35 -10.61 -25.07
C ASN N 66 -37.62 -10.05 -25.71
N ILE N 67 -37.53 -8.90 -26.36
CA ILE N 67 -38.68 -8.20 -27.01
C ILE N 67 -39.22 -9.08 -28.14
N GLU N 68 -38.37 -9.55 -29.05
CA GLU N 68 -38.81 -10.28 -30.28
C GLU N 68 -39.36 -11.64 -29.90
N ARG N 69 -38.66 -12.33 -29.01
CA ARG N 69 -39.05 -13.67 -28.48
C ARG N 69 -40.47 -13.60 -27.90
N GLN N 70 -40.68 -12.77 -26.88
CA GLN N 70 -41.99 -12.65 -26.19
C GLN N 70 -43.10 -12.46 -27.23
N LYS N 71 -42.89 -11.58 -28.20
CA LYS N 71 -43.90 -11.17 -29.23
C LYS N 71 -44.24 -12.36 -30.12
N MET N 72 -43.22 -13.17 -30.44
CA MET N 72 -43.25 -14.23 -31.47
C MET N 72 -43.71 -15.55 -30.86
N TYR N 73 -43.33 -15.82 -29.61
CA TYR N 73 -43.65 -17.08 -28.90
C TYR N 73 -45.12 -17.06 -28.49
N HIS N 74 -45.53 -16.06 -27.72
CA HIS N 74 -46.90 -15.88 -27.20
C HIS N 74 -47.58 -14.81 -28.07
N ASN N 75 -48.84 -15.02 -28.47
CA ASN N 75 -49.55 -14.05 -29.36
C ASN N 75 -50.03 -12.91 -28.46
N VAL N 76 -49.05 -12.10 -28.01
CA VAL N 76 -49.23 -10.94 -27.09
C VAL N 76 -48.78 -9.68 -27.82
N ASP N 77 -49.21 -8.53 -27.31
CA ASP N 77 -48.76 -7.19 -27.76
C ASP N 77 -47.29 -7.04 -27.34
N GLU N 78 -46.50 -6.50 -28.24
CA GLU N 78 -45.08 -6.15 -28.04
C GLU N 78 -44.94 -5.35 -26.74
N LEU N 79 -43.82 -5.50 -26.04
CA LEU N 79 -43.50 -4.66 -24.85
C LEU N 79 -43.52 -3.18 -25.23
N SER N 80 -44.16 -2.36 -24.40
CA SER N 80 -44.07 -0.88 -24.40
C SER N 80 -42.63 -0.43 -24.19
N PRO N 81 -42.27 0.78 -24.66
CA PRO N 81 -41.05 1.44 -24.26
C PRO N 81 -40.80 1.33 -22.75
N SER N 82 -41.76 1.75 -21.92
CA SER N 82 -41.64 1.72 -20.43
C SER N 82 -41.20 0.32 -20.00
N GLU N 83 -41.82 -0.71 -20.56
CA GLU N 83 -41.61 -2.12 -20.14
C GLU N 83 -40.23 -2.60 -20.62
N VAL N 84 -39.86 -2.26 -21.85
CA VAL N 84 -38.52 -2.57 -22.42
C VAL N 84 -37.47 -1.88 -21.56
N PHE N 85 -37.70 -0.63 -21.22
CA PHE N 85 -36.78 0.14 -20.36
C PHE N 85 -36.73 -0.47 -18.97
N SER N 86 -37.87 -0.89 -18.42
CA SER N 86 -37.94 -1.56 -17.11
C SER N 86 -37.03 -2.79 -17.16
N TYR N 87 -37.13 -3.56 -18.24
CA TYR N 87 -36.31 -4.79 -18.42
C TYR N 87 -34.83 -4.43 -18.49
N LEU N 88 -34.51 -3.37 -19.22
CA LEU N 88 -33.12 -2.92 -19.40
C LEU N 88 -32.55 -2.50 -18.05
N HIS N 89 -33.34 -1.75 -17.29
CA HIS N 89 -32.94 -1.25 -15.95
C HIS N 89 -32.67 -2.42 -15.00
N ARG N 90 -33.60 -3.35 -14.88
CA ARG N 90 -33.48 -4.51 -13.96
C ARG N 90 -32.27 -5.31 -14.38
N SER N 91 -32.09 -5.52 -15.68
CA SER N 91 -30.97 -6.30 -16.26
C SER N 91 -29.66 -5.67 -15.82
N ILE N 92 -29.55 -4.35 -15.94
CA ILE N 92 -28.30 -3.58 -15.65
C ILE N 92 -28.03 -3.62 -14.15
N TYR N 93 -29.08 -3.47 -13.35
CA TYR N 93 -28.94 -3.52 -11.87
C TYR N 93 -28.52 -4.92 -11.44
N GLN N 94 -29.09 -5.96 -12.05
CA GLN N 94 -28.70 -7.35 -11.72
C GLN N 94 -27.21 -7.51 -11.96
N LYS N 95 -26.70 -6.95 -13.06
CA LYS N 95 -25.26 -7.02 -13.42
C LYS N 95 -24.43 -6.28 -12.37
N ARG N 96 -24.90 -5.20 -11.76
CA ARG N 96 -24.07 -4.46 -10.77
C ARG N 96 -24.11 -5.19 -9.43
N CYS N 97 -25.13 -6.00 -9.21
CA CYS N 97 -25.30 -6.84 -8.00
C CYS N 97 -24.43 -8.09 -8.11
N ASP N 98 -24.03 -8.47 -9.33
CA ASP N 98 -23.13 -9.61 -9.63
C ASP N 98 -21.68 -9.12 -9.70
N PHE N 99 -21.44 -7.83 -9.50
CA PHE N 99 -20.11 -7.16 -9.66
C PHE N 99 -19.54 -7.43 -11.05
N ASP N 100 -20.43 -7.64 -12.03
CA ASP N 100 -20.12 -7.76 -13.48
C ASP N 100 -20.89 -6.67 -14.21
N PRO N 101 -20.69 -5.38 -13.89
CA PRO N 101 -21.57 -4.33 -14.37
C PRO N 101 -21.59 -4.17 -15.90
N CYS N 102 -22.74 -3.71 -16.42
CA CYS N 102 -22.90 -3.16 -17.78
C CYS N 102 -22.38 -1.74 -17.72
N LEU N 103 -21.09 -1.57 -18.00
CA LEU N 103 -20.30 -0.36 -17.64
C LEU N 103 -20.61 0.77 -18.63
N CYS N 104 -21.89 1.05 -18.84
CA CYS N 104 -22.35 2.11 -19.76
C CYS N 104 -23.66 2.73 -19.29
N GLN N 105 -23.82 4.00 -19.61
CA GLN N 105 -24.99 4.85 -19.29
C GLN N 105 -25.86 4.91 -20.54
N MET N 106 -26.94 4.14 -20.59
CA MET N 106 -27.88 4.14 -21.73
C MET N 106 -28.81 5.36 -21.62
N VAL N 107 -29.22 5.88 -22.78
CA VAL N 107 -30.40 6.76 -22.97
C VAL N 107 -31.39 5.97 -23.78
N PHE N 108 -32.65 6.04 -23.47
CA PHE N 108 -33.67 5.14 -24.04
C PHE N 108 -34.87 5.97 -24.43
N ILE N 109 -35.28 5.91 -25.70
CA ILE N 109 -36.47 6.67 -26.18
C ILE N 109 -37.46 5.65 -26.69
N GLY N 110 -38.73 6.03 -26.68
CA GLY N 110 -39.78 5.22 -27.29
C GLY N 110 -41.06 5.99 -27.44
N VAL N 111 -41.92 5.53 -28.32
CA VAL N 111 -43.29 6.07 -28.46
C VAL N 111 -44.19 4.91 -28.87
N ARG N 112 -45.19 4.60 -28.05
CA ARG N 112 -46.22 3.57 -28.33
C ARG N 112 -47.35 4.24 -29.13
N ASP N 113 -48.12 5.13 -28.49
CA ASP N 113 -49.28 5.80 -29.14
C ASP N 113 -48.99 7.31 -29.15
N GLY N 114 -49.70 8.10 -28.34
CA GLY N 114 -49.23 9.42 -27.90
C GLY N 114 -48.08 9.25 -26.94
N GLU N 115 -48.21 8.30 -26.01
CA GLU N 115 -47.25 8.05 -24.90
C GLU N 115 -45.82 8.06 -25.44
N THR N 116 -45.06 9.05 -25.00
CA THR N 116 -43.67 9.39 -25.43
C THR N 116 -42.79 9.13 -24.23
N PHE N 117 -41.87 8.18 -24.35
CA PHE N 117 -40.99 7.73 -23.24
C PHE N 117 -39.56 8.16 -23.53
N LEU N 118 -38.88 8.69 -22.53
CA LEU N 118 -37.46 9.09 -22.59
C LEU N 118 -36.86 8.86 -21.23
N ALA N 119 -35.75 8.15 -21.13
CA ALA N 119 -35.19 7.78 -19.83
C ALA N 119 -33.71 7.45 -19.95
N GLY N 120 -33.02 7.55 -18.83
CA GLY N 120 -31.59 7.24 -18.72
C GLY N 120 -31.40 6.16 -17.69
N VAL N 121 -30.36 5.36 -17.84
CA VAL N 121 -29.99 4.32 -16.84
C VAL N 121 -28.47 4.27 -16.76
N ASP N 122 -27.92 4.36 -15.55
CA ASP N 122 -26.47 4.27 -15.23
C ASP N 122 -26.02 2.82 -15.09
N ASP N 123 -24.70 2.62 -15.13
CA ASP N 123 -23.94 1.38 -14.80
C ASP N 123 -24.49 0.70 -13.56
N VAL N 124 -24.90 1.46 -12.53
CA VAL N 124 -25.34 0.94 -11.20
C VAL N 124 -26.86 0.78 -11.11
N GLY N 125 -27.60 1.09 -12.15
CA GLY N 125 -29.07 0.88 -12.20
C GLY N 125 -29.82 2.08 -11.67
N THR N 126 -29.17 3.24 -11.59
CA THR N 126 -29.86 4.53 -11.44
C THR N 126 -30.72 4.71 -12.68
N ARG N 127 -31.99 5.10 -12.55
CA ARG N 127 -32.85 5.34 -13.73
C ARG N 127 -33.64 6.61 -13.50
N TRP N 128 -33.90 7.36 -14.55
CA TRP N 128 -34.65 8.63 -14.45
C TRP N 128 -35.33 8.93 -15.77
N GLU N 129 -36.60 9.26 -15.74
CA GLU N 129 -37.33 9.80 -16.90
C GLU N 129 -37.21 11.32 -16.81
N ASP N 130 -37.19 12.00 -17.94
CA ASP N 130 -37.17 13.48 -17.99
C ASP N 130 -37.55 13.93 -19.39
N ASP N 131 -37.77 15.22 -19.58
CA ASP N 131 -38.10 15.80 -20.91
C ASP N 131 -36.81 15.96 -21.72
N CYS N 132 -35.65 15.89 -21.07
CA CYS N 132 -34.34 15.78 -21.76
C CYS N 132 -33.35 14.98 -20.92
N ILE N 133 -32.62 14.09 -21.58
CA ILE N 133 -31.65 13.16 -20.95
C ILE N 133 -30.35 13.37 -21.68
N ALA N 134 -29.24 13.25 -20.98
CA ALA N 134 -27.93 13.10 -21.63
C ALA N 134 -27.05 12.20 -20.79
N THR N 135 -26.11 11.56 -21.44
CA THR N 135 -25.07 10.73 -20.79
C THR N 135 -23.72 11.16 -21.32
N GLY N 136 -22.67 10.85 -20.59
CA GLY N 136 -21.30 11.26 -20.92
C GLY N 136 -21.15 12.73 -20.64
N TYR N 137 -20.35 13.41 -21.45
CA TYR N 137 -20.20 14.88 -21.41
C TYR N 137 -21.50 15.56 -21.84
N GLY N 138 -22.44 14.86 -22.46
CA GLY N 138 -23.76 15.44 -22.76
C GLY N 138 -24.42 15.96 -21.49
N ALA N 139 -24.21 15.25 -20.38
CA ALA N 139 -24.79 15.55 -19.07
C ALA N 139 -24.27 16.89 -18.56
N TYR N 140 -22.99 17.18 -18.82
CA TYR N 140 -22.27 18.34 -18.26
C TYR N 140 -22.40 19.53 -19.20
N ILE N 141 -22.52 19.27 -20.49
CA ILE N 141 -22.42 20.31 -21.56
C ILE N 141 -23.81 20.54 -22.12
N ALA N 142 -24.41 19.49 -22.66
CA ALA N 142 -25.64 19.58 -23.48
C ALA N 142 -26.82 19.80 -22.55
N LEU N 143 -26.88 19.10 -21.42
CA LEU N 143 -28.10 19.14 -20.57
C LEU N 143 -28.46 20.59 -20.22
N PRO N 144 -27.55 21.37 -19.58
CA PRO N 144 -27.83 22.77 -19.31
C PRO N 144 -28.59 23.49 -20.42
N LEU N 145 -28.16 23.30 -21.67
CA LEU N 145 -28.73 23.97 -22.86
C LEU N 145 -30.11 23.41 -23.18
N LEU N 146 -30.25 22.09 -23.16
CA LEU N 146 -31.53 21.42 -23.47
C LEU N 146 -32.56 21.83 -22.44
N ARG N 147 -32.18 21.82 -21.17
CA ARG N 147 -33.06 22.18 -20.04
C ARG N 147 -33.53 23.62 -20.19
N GLN N 148 -32.63 24.52 -20.57
CA GLN N 148 -32.93 25.95 -20.82
C GLN N 148 -33.95 26.03 -21.95
N ALA N 149 -33.83 25.20 -23.00
CA ALA N 149 -34.75 25.23 -24.16
C ALA N 149 -36.14 24.75 -23.74
N LEU N 150 -36.23 23.86 -22.75
CA LEU N 150 -37.52 23.33 -22.22
C LEU N 150 -38.15 24.34 -21.25
N GLU N 151 -37.34 25.03 -20.45
CA GLU N 151 -37.77 26.09 -19.50
C GLU N 151 -38.35 27.27 -20.29
N LYS N 152 -37.77 27.60 -21.45
CA LYS N 152 -38.18 28.74 -22.32
C LYS N 152 -39.47 28.41 -23.08
N ASN N 153 -39.65 27.13 -23.44
CA ASN N 153 -40.80 26.61 -24.23
C ASN N 153 -41.56 25.61 -23.35
N PRO N 154 -42.24 26.06 -22.27
CA PRO N 154 -42.77 25.15 -21.25
C PRO N 154 -43.98 24.33 -21.73
N ASP N 155 -44.73 24.87 -22.70
CA ASP N 155 -45.84 24.20 -23.44
C ASP N 155 -45.30 22.94 -24.14
N GLY N 156 -44.05 22.99 -24.62
CA GLY N 156 -43.36 21.90 -25.36
C GLY N 156 -42.65 22.43 -26.59
N LEU N 157 -41.61 21.76 -27.05
CA LEU N 157 -40.84 22.15 -28.26
C LEU N 157 -41.53 21.58 -29.48
N SER N 158 -41.44 22.27 -30.62
CA SER N 158 -41.75 21.72 -31.96
C SER N 158 -40.58 20.82 -32.36
N ARG N 159 -40.76 19.96 -33.37
CA ARG N 159 -39.65 19.09 -33.87
C ARG N 159 -38.49 19.99 -34.30
N GLY N 160 -38.78 21.09 -35.01
CA GLY N 160 -37.78 22.04 -35.54
C GLY N 160 -36.95 22.66 -34.43
N GLU N 161 -37.62 23.19 -33.40
CA GLU N 161 -36.97 23.84 -32.22
C GLU N 161 -36.13 22.79 -31.49
N ALA N 162 -36.65 21.56 -31.37
CA ALA N 162 -36.01 20.43 -30.65
C ALA N 162 -34.78 19.98 -31.43
N MET N 163 -34.85 20.02 -32.76
CA MET N 163 -33.73 19.68 -33.66
C MET N 163 -32.69 20.80 -33.62
N ARG N 164 -33.12 22.07 -33.71
CA ARG N 164 -32.22 23.24 -33.61
C ARG N 164 -31.42 23.15 -32.31
N ILE N 165 -32.06 22.83 -31.19
CA ILE N 165 -31.35 22.82 -29.88
C ILE N 165 -30.43 21.58 -29.80
N LEU N 166 -30.87 20.40 -30.26
CA LEU N 166 -29.98 19.19 -30.34
C LEU N 166 -28.72 19.54 -31.12
N THR N 167 -28.89 20.01 -32.35
CA THR N 167 -27.80 20.45 -33.26
C THR N 167 -26.86 21.42 -32.55
N ASP N 168 -27.37 22.39 -31.79
CA ASP N 168 -26.54 23.39 -31.06
C ASP N 168 -25.78 22.70 -29.93
N CYS N 169 -26.36 21.68 -29.31
CA CYS N 169 -25.72 20.86 -28.26
C CYS N 169 -24.63 19.98 -28.86
N LEU N 170 -24.87 19.41 -30.04
CA LEU N 170 -23.89 18.55 -30.76
C LEU N 170 -22.69 19.41 -31.13
N ARG N 171 -22.94 20.61 -31.66
CA ARG N 171 -21.88 21.59 -31.99
C ARG N 171 -20.98 21.78 -30.79
N VAL N 172 -21.55 21.99 -29.61
CA VAL N 172 -20.76 22.30 -28.39
C VAL N 172 -20.03 21.04 -27.96
N LEU N 173 -20.69 19.88 -28.02
CA LEU N 173 -20.05 18.57 -27.68
C LEU N 173 -18.83 18.38 -28.58
N PHE N 174 -18.98 18.73 -29.85
CA PHE N 174 -17.87 18.60 -30.81
C PHE N 174 -16.72 19.50 -30.39
N TYR N 175 -17.00 20.73 -29.96
CA TYR N 175 -15.96 21.71 -29.53
C TYR N 175 -15.26 21.26 -28.25
N ARG N 176 -15.98 20.61 -27.33
CA ARG N 176 -15.55 20.52 -25.90
C ARG N 176 -15.35 19.09 -25.40
N GLU N 177 -16.10 18.11 -25.89
CA GLU N 177 -15.79 16.68 -25.66
C GLU N 177 -14.58 16.38 -26.54
N CYS N 178 -13.49 15.88 -25.97
CA CYS N 178 -12.26 15.46 -26.69
C CYS N 178 -12.58 14.31 -27.65
N ARG N 179 -13.12 13.22 -27.10
CA ARG N 179 -13.37 11.96 -27.85
C ARG N 179 -14.72 12.07 -28.57
N ALA N 180 -14.77 12.95 -29.54
CA ALA N 180 -15.94 13.19 -30.40
C ALA N 180 -15.48 13.37 -31.85
N ILE N 181 -16.41 13.17 -32.76
CA ILE N 181 -16.28 13.56 -34.18
C ILE N 181 -17.49 14.43 -34.48
N ASN N 182 -17.39 15.18 -35.58
CA ASN N 182 -18.47 15.99 -36.16
C ASN N 182 -19.17 15.08 -37.18
N LYS N 183 -19.72 13.97 -36.70
CA LYS N 183 -20.66 13.15 -37.48
C LYS N 183 -21.62 12.52 -36.48
N PHE N 184 -22.90 12.81 -36.65
CA PHE N 184 -23.96 12.44 -35.69
C PHE N 184 -25.05 11.67 -36.42
N GLN N 185 -25.88 10.99 -35.65
CA GLN N 185 -27.16 10.45 -36.12
C GLN N 185 -28.16 10.87 -35.08
N VAL N 186 -29.39 11.13 -35.54
CA VAL N 186 -30.53 11.47 -34.68
C VAL N 186 -31.58 10.41 -34.90
N ALA N 187 -31.91 9.66 -33.85
CA ALA N 187 -33.12 8.84 -33.73
C ALA N 187 -34.28 9.80 -33.50
N ASP N 188 -35.39 9.59 -34.19
CA ASP N 188 -36.64 10.34 -33.96
C ASP N 188 -37.76 9.33 -33.72
N ALA N 189 -38.15 9.13 -32.47
CA ALA N 189 -39.34 8.35 -32.07
C ALA N 189 -40.56 9.26 -32.18
N ALA N 190 -41.43 9.02 -33.16
CA ALA N 190 -42.78 9.62 -33.28
C ALA N 190 -43.80 8.48 -33.25
N SER N 191 -45.07 8.71 -33.63
CA SER N 191 -46.18 7.71 -33.54
C SER N 191 -45.86 6.47 -34.37
N ASP N 192 -45.58 6.68 -35.67
CA ASP N 192 -45.21 5.67 -36.71
C ASP N 192 -44.14 4.70 -36.19
N GLY N 193 -43.19 5.21 -35.40
CA GLY N 193 -42.06 4.46 -34.80
C GLY N 193 -40.80 5.29 -34.83
N VAL N 194 -39.66 4.65 -34.65
CA VAL N 194 -38.33 5.33 -34.60
C VAL N 194 -37.71 5.29 -36.00
N ARG N 195 -37.26 6.44 -36.51
CA ARG N 195 -36.34 6.56 -37.65
C ARG N 195 -35.00 7.02 -37.11
N ILE N 196 -33.93 6.53 -37.71
CA ILE N 196 -32.54 7.03 -37.48
C ILE N 196 -32.11 7.76 -38.74
N SER N 197 -31.66 8.99 -38.57
CA SER N 197 -31.20 9.90 -39.64
C SER N 197 -29.96 9.29 -40.29
N GLU N 198 -29.78 9.52 -41.59
CA GLU N 198 -28.44 9.37 -42.23
C GLU N 198 -27.48 10.25 -41.44
N PRO N 199 -26.19 9.86 -41.27
CA PRO N 199 -25.26 10.66 -40.49
C PRO N 199 -25.09 12.07 -41.05
N PHE N 200 -25.00 13.07 -40.19
CA PHE N 200 -24.78 14.48 -40.60
C PHE N 200 -23.65 15.09 -39.78
N ASP N 201 -23.10 16.20 -40.27
CA ASP N 201 -22.17 17.09 -39.53
C ASP N 201 -22.93 18.37 -39.15
N VAL N 202 -22.32 19.19 -38.32
CA VAL N 202 -22.85 20.52 -37.89
C VAL N 202 -21.82 21.57 -38.28
N GLU N 203 -22.27 22.73 -38.75
CA GLU N 203 -21.37 23.88 -39.07
C GLU N 203 -20.65 24.27 -37.77
N THR N 204 -19.37 24.58 -37.84
CA THR N 204 -18.53 24.88 -36.66
C THR N 204 -17.77 26.19 -36.89
N HIS N 205 -17.86 27.13 -35.97
CA HIS N 205 -17.17 28.43 -36.04
C HIS N 205 -15.83 28.30 -35.32
N TRP N 206 -14.75 28.67 -36.02
CA TRP N 206 -13.34 28.58 -35.56
C TRP N 206 -12.60 29.90 -35.76
N GLU N 207 -13.24 30.90 -36.37
CA GLU N 207 -12.58 32.13 -36.88
C GLU N 207 -13.08 33.32 -36.07
N TYR N 208 -13.12 33.19 -34.74
CA TYR N 208 -13.23 34.33 -33.80
C TYR N 208 -11.92 35.11 -33.89
N GLU N 209 -11.97 36.44 -33.84
CA GLU N 209 -10.74 37.30 -33.88
C GLU N 209 -9.85 36.98 -32.68
N GLY N 210 -10.41 36.43 -31.60
CA GLY N 210 -9.68 36.11 -30.37
C GLY N 210 -8.96 34.77 -30.39
N TYR N 211 -9.12 34.00 -31.47
CA TYR N 211 -8.46 32.70 -31.72
C TYR N 211 -7.28 32.88 -32.68
N CYS N 212 -7.08 34.10 -33.17
CA CYS N 212 -5.96 34.43 -34.09
C CYS N 212 -4.62 34.14 -33.41
N PHE N 213 -3.60 33.87 -34.21
CA PHE N 213 -2.23 33.47 -33.77
C PHE N 213 -1.65 34.52 -32.83
N GLU N 214 -1.83 35.80 -33.16
CA GLU N 214 -1.19 36.95 -32.47
C GLU N 214 -1.74 37.08 -31.04
N LYS N 215 -3.06 36.97 -30.85
CA LYS N 215 -3.71 37.12 -29.52
C LYS N 215 -3.34 35.95 -28.62
N THR N 216 -3.55 34.71 -29.10
CA THR N 216 -3.40 33.46 -28.34
C THR N 216 -1.92 33.13 -28.05
N ALA N 217 -1.00 33.83 -28.68
CA ALA N 217 0.46 33.70 -28.44
C ALA N 217 0.77 33.91 -26.95
N ILE N 218 1.65 33.09 -26.40
CA ILE N 218 2.13 33.18 -24.99
C ILE N 218 3.14 34.33 -24.89
N ILE N 219 3.90 34.60 -25.96
CA ILE N 219 5.05 35.55 -26.00
C ILE N 219 4.97 36.37 -27.30
N PHE O 6 38.52 63.16 5.58
CA PHE O 6 37.68 62.10 6.23
C PHE O 6 36.27 62.11 5.63
N ASP O 7 35.68 63.31 5.51
CA ASP O 7 34.39 63.57 4.79
C ASP O 7 34.51 63.19 3.32
N LYS O 8 35.72 63.28 2.75
CA LYS O 8 35.99 63.40 1.29
C LYS O 8 36.26 62.04 0.67
N TYR O 9 36.51 61.01 1.49
CA TYR O 9 37.02 59.68 1.05
C TYR O 9 35.98 58.58 1.28
N ILE O 10 35.12 58.72 2.30
CA ILE O 10 33.91 57.86 2.46
C ILE O 10 32.67 58.67 2.05
N THR O 11 31.54 57.99 2.06
CA THR O 11 30.23 58.54 1.67
C THR O 11 29.54 58.95 2.98
N VAL O 12 29.95 60.10 3.49
CA VAL O 12 29.34 60.77 4.67
C VAL O 12 29.17 62.24 4.34
N PHE O 13 28.21 62.88 4.99
CA PHE O 13 27.94 64.32 4.86
C PHE O 13 29.16 65.09 5.35
N SER O 14 29.48 66.15 4.62
CA SER O 14 30.39 67.24 5.04
C SER O 14 29.61 68.14 5.99
N PRO O 15 30.26 69.06 6.72
CA PRO O 15 29.52 70.02 7.55
C PRO O 15 28.48 70.86 6.80
N GLU O 16 28.67 71.08 5.49
CA GLU O 16 27.75 71.89 4.62
C GLU O 16 26.80 70.93 3.89
N GLY O 17 26.58 69.73 4.42
CA GLY O 17 25.49 68.81 4.04
C GLY O 17 25.66 68.19 2.67
N SER O 18 26.89 68.12 2.16
CA SER O 18 27.22 67.64 0.79
C SER O 18 27.98 66.32 0.87
N LEU O 19 27.86 65.47 -0.15
CA LEU O 19 28.59 64.19 -0.26
C LEU O 19 29.72 64.38 -1.26
N TYR O 20 30.95 64.59 -0.78
CA TYR O 20 32.08 64.99 -1.65
C TYR O 20 32.32 63.91 -2.71
N GLN O 21 32.21 62.64 -2.37
CA GLN O 21 32.50 61.53 -3.32
C GLN O 21 31.53 61.57 -4.50
N VAL O 22 30.30 61.99 -4.29
CA VAL O 22 29.29 62.23 -5.36
C VAL O 22 29.71 63.44 -6.20
N GLU O 23 30.04 64.57 -5.57
CA GLU O 23 30.50 65.81 -6.26
C GLU O 23 31.71 65.48 -7.16
N TYR O 24 32.52 64.52 -6.74
CA TYR O 24 33.74 64.09 -7.45
C TYR O 24 33.39 63.12 -8.58
N ALA O 25 32.40 62.24 -8.40
CA ALA O 25 31.96 61.34 -9.49
C ALA O 25 31.38 62.18 -10.64
N PHE O 26 30.84 63.37 -10.36
CA PHE O 26 30.36 64.30 -11.41
C PHE O 26 31.55 64.85 -12.19
N LYS O 27 32.70 64.92 -11.53
CA LYS O 27 33.95 65.42 -12.14
C LYS O 27 34.48 64.34 -13.08
N ALA O 28 34.24 63.07 -12.77
CA ALA O 28 34.63 61.89 -13.58
C ALA O 28 33.90 61.89 -14.91
N VAL O 29 32.69 62.45 -14.93
CA VAL O 29 31.82 62.54 -16.14
C VAL O 29 32.48 63.45 -17.17
N THR O 30 33.10 64.51 -16.69
CA THR O 30 33.72 65.58 -17.50
C THR O 30 35.16 65.20 -17.89
N TYR O 31 35.89 64.52 -17.01
CA TYR O 31 37.33 64.19 -17.13
C TYR O 31 37.69 63.65 -18.51
N PRO O 32 36.97 62.65 -19.10
CA PRO O 32 37.31 62.11 -20.41
C PRO O 32 37.21 63.11 -21.58
N GLY O 33 36.56 64.25 -21.39
CA GLY O 33 36.56 65.34 -22.38
C GLY O 33 35.62 65.09 -23.56
N LEU O 34 34.71 64.12 -23.42
CA LEU O 34 33.68 63.80 -24.45
C LEU O 34 32.36 64.40 -24.00
N LEU O 35 31.60 64.93 -24.96
CA LEU O 35 30.28 65.55 -24.75
C LEU O 35 29.23 64.74 -25.51
N THR O 36 28.09 64.47 -24.85
CA THR O 36 26.89 63.87 -25.49
C THR O 36 25.78 64.90 -25.45
N VAL O 37 24.91 64.88 -26.44
CA VAL O 37 23.69 65.71 -26.53
C VAL O 37 22.56 64.78 -26.98
N ALA O 38 21.52 64.68 -26.17
CA ALA O 38 20.24 64.04 -26.57
C ALA O 38 19.26 65.15 -26.87
N ILE O 39 18.33 64.87 -27.77
CA ILE O 39 17.20 65.76 -28.09
C ILE O 39 16.01 64.92 -28.53
N ARG O 40 14.85 65.41 -28.18
CA ARG O 40 13.54 64.76 -28.28
C ARG O 40 12.78 65.64 -29.25
N CYS O 41 12.26 65.09 -30.34
CA CYS O 41 11.49 65.86 -31.34
C CYS O 41 10.03 65.40 -31.23
N LYS O 42 9.22 65.65 -32.26
CA LYS O 42 7.77 65.36 -32.26
C LYS O 42 7.56 63.84 -32.25
N ASP O 43 8.38 63.09 -32.99
CA ASP O 43 8.17 61.64 -33.26
C ASP O 43 9.46 60.83 -33.04
N ALA O 44 10.50 61.40 -32.43
CA ALA O 44 11.80 60.71 -32.27
C ALA O 44 12.64 61.26 -31.12
N VAL O 45 13.57 60.44 -30.65
CA VAL O 45 14.68 60.83 -29.76
C VAL O 45 15.97 60.57 -30.52
N LEU O 46 16.90 61.52 -30.43
CA LEU O 46 18.29 61.38 -30.88
C LEU O 46 19.21 61.46 -29.67
N VAL O 47 20.33 60.78 -29.73
CA VAL O 47 21.45 61.00 -28.78
C VAL O 47 22.71 61.00 -29.62
N VAL O 48 23.50 62.07 -29.51
CA VAL O 48 24.73 62.32 -30.31
C VAL O 48 25.88 62.23 -29.32
N THR O 49 26.83 61.34 -29.53
CA THR O 49 28.04 61.25 -28.67
C THR O 49 29.28 61.52 -29.51
N GLN O 50 30.10 62.43 -29.05
CA GLN O 50 31.51 62.55 -29.50
C GLN O 50 32.14 61.16 -29.41
N HIS O 51 32.78 60.73 -30.50
CA HIS O 51 33.32 59.36 -30.73
C HIS O 51 34.76 59.49 -31.22
N LEU O 52 35.63 60.06 -30.39
CA LEU O 52 37.03 60.43 -30.77
C LEU O 52 37.94 59.22 -30.58
N ILE O 53 38.60 58.78 -31.65
CA ILE O 53 39.68 57.76 -31.62
C ILE O 53 40.96 58.42 -32.15
N PRO O 54 41.84 58.93 -31.26
CA PRO O 54 43.10 59.54 -31.69
C PRO O 54 44.02 58.52 -32.40
N ASP O 55 44.24 57.35 -31.78
CA ASP O 55 44.92 56.15 -32.35
C ASP O 55 44.32 55.83 -33.73
N ARG O 56 45.14 55.79 -34.77
CA ARG O 56 44.76 55.28 -36.11
C ARG O 56 44.65 53.75 -36.04
N LEU O 57 45.33 53.12 -35.07
CA LEU O 57 45.39 51.65 -34.83
C LEU O 57 44.20 51.14 -34.01
N MET O 58 43.43 52.01 -33.38
CA MET O 58 42.19 51.63 -32.65
C MET O 58 41.10 51.36 -33.68
N ARG O 59 40.36 50.27 -33.51
CA ARG O 59 39.27 49.84 -34.41
C ARG O 59 38.04 50.67 -34.03
N PRO O 60 37.65 51.70 -34.84
CA PRO O 60 36.55 52.61 -34.49
C PRO O 60 35.25 51.92 -34.03
N ASP O 61 34.81 50.91 -34.79
CA ASP O 61 33.61 50.06 -34.57
C ASP O 61 33.46 49.62 -33.09
N SER O 62 34.57 49.41 -32.38
CA SER O 62 34.68 48.75 -31.06
C SER O 62 34.34 49.70 -29.90
N VAL O 63 34.89 50.91 -29.90
CA VAL O 63 34.67 51.92 -28.85
C VAL O 63 33.34 52.60 -29.13
N THR O 64 32.34 52.34 -28.27
CA THR O 64 30.96 52.90 -28.33
C THR O 64 30.61 53.48 -26.97
N ALA O 65 30.11 54.71 -26.94
CA ALA O 65 29.42 55.29 -25.79
C ALA O 65 27.97 54.78 -25.78
N LEU O 66 27.36 54.50 -26.94
CA LEU O 66 25.94 54.08 -27.05
C LEU O 66 25.85 52.56 -26.91
N TYR O 67 24.93 52.12 -26.06
CA TYR O 67 24.59 50.70 -25.84
C TYR O 67 23.09 50.54 -26.00
N GLU O 68 22.64 49.38 -26.46
CA GLU O 68 21.23 48.95 -26.40
C GLU O 68 21.02 48.35 -25.01
N VAL O 69 20.03 48.82 -24.27
CA VAL O 69 19.65 48.24 -22.95
C VAL O 69 18.61 47.17 -23.20
N THR O 70 17.59 47.51 -23.97
CA THR O 70 16.58 46.60 -24.55
C THR O 70 16.31 47.03 -25.98
N PRO O 71 15.73 46.17 -26.83
CA PRO O 71 15.43 46.58 -28.20
C PRO O 71 14.87 48.03 -28.30
N ASN O 72 14.01 48.42 -27.34
CA ASN O 72 13.24 49.68 -27.36
C ASN O 72 13.84 50.77 -26.45
N ILE O 73 14.89 50.48 -25.66
CA ILE O 73 15.60 51.49 -24.82
C ILE O 73 17.07 51.48 -25.18
N GLY O 74 17.55 52.59 -25.67
CA GLY O 74 18.98 52.81 -25.89
C GLY O 74 19.54 53.65 -24.80
N CYS O 75 20.84 53.62 -24.66
CA CYS O 75 21.55 54.28 -23.57
C CYS O 75 22.77 54.98 -24.15
N CYS O 76 23.19 56.06 -23.52
CA CYS O 76 24.46 56.72 -23.84
C CYS O 76 25.13 57.10 -22.54
N MET O 77 26.33 56.58 -22.30
CA MET O 77 27.07 56.69 -21.04
C MET O 77 28.19 57.70 -21.24
N THR O 78 28.29 58.68 -20.34
CA THR O 78 29.28 59.77 -20.41
C THR O 78 30.06 59.79 -19.11
N GLY O 79 31.38 59.59 -19.16
CA GLY O 79 32.24 59.50 -17.96
C GLY O 79 33.17 58.31 -18.08
N ARG O 80 33.54 57.68 -16.96
CA ARG O 80 34.43 56.50 -17.02
C ARG O 80 33.71 55.46 -17.91
N ALA O 81 34.23 55.24 -19.11
CA ALA O 81 33.76 54.22 -20.05
C ALA O 81 33.42 52.93 -19.31
N PRO O 82 34.37 52.34 -18.54
CA PRO O 82 34.13 51.06 -17.90
C PRO O 82 33.06 51.09 -16.81
N ASP O 83 32.89 52.23 -16.14
CA ASP O 83 31.78 52.47 -15.19
C ASP O 83 30.47 52.52 -16.00
N GLY O 84 30.50 53.19 -17.15
CA GLY O 84 29.35 53.23 -18.07
C GLY O 84 28.96 51.83 -18.46
N ARG O 85 29.91 51.08 -19.00
CA ARG O 85 29.73 49.65 -19.38
C ARG O 85 29.09 48.88 -18.22
N ALA O 86 29.52 49.13 -16.99
CA ALA O 86 29.05 48.44 -15.77
C ALA O 86 27.59 48.74 -15.51
N LEU O 87 27.17 50.00 -15.66
CA LEU O 87 25.76 50.44 -15.45
C LEU O 87 24.88 49.88 -16.54
N VAL O 88 25.40 49.75 -17.75
CA VAL O 88 24.61 49.16 -18.85
C VAL O 88 24.25 47.73 -18.44
N GLN O 89 25.24 46.99 -17.96
CA GLN O 89 25.05 45.58 -17.53
C GLN O 89 24.01 45.55 -16.42
N ARG O 90 24.00 46.52 -15.51
CA ARG O 90 23.00 46.61 -14.41
C ARG O 90 21.64 46.90 -15.04
N ALA O 91 21.57 47.83 -15.99
CA ALA O 91 20.33 48.23 -16.65
C ALA O 91 19.73 47.05 -17.40
N ARG O 92 20.58 46.28 -18.06
CA ARG O 92 20.19 45.11 -18.88
C ARG O 92 19.66 44.03 -17.98
N GLU O 93 20.39 43.76 -16.88
CA GLU O 93 19.94 42.89 -15.76
C GLU O 93 18.55 43.35 -15.31
N GLU O 94 18.42 44.62 -14.92
CA GLU O 94 17.19 45.25 -14.39
C GLU O 94 16.04 45.11 -15.37
N ALA O 95 16.30 45.30 -16.68
CA ALA O 95 15.30 45.21 -17.75
C ALA O 95 14.86 43.76 -17.97
N SER O 96 15.84 42.86 -18.10
CA SER O 96 15.63 41.39 -18.25
C SER O 96 14.74 40.90 -17.12
N ASP O 97 15.13 41.24 -15.89
CA ASP O 97 14.49 40.86 -14.62
C ASP O 97 13.04 41.37 -14.61
N TYR O 98 12.82 42.56 -15.14
CA TYR O 98 11.49 43.23 -15.15
C TYR O 98 10.60 42.48 -16.15
N GLN O 99 11.08 42.31 -17.38
CA GLN O 99 10.40 41.57 -18.46
C GLN O 99 9.98 40.20 -17.92
N TYR O 100 10.83 39.53 -17.14
CA TYR O 100 10.51 38.19 -16.59
C TYR O 100 9.43 38.31 -15.52
N ARG O 101 9.56 39.28 -14.62
CA ARG O 101 8.66 39.43 -13.45
C ARG O 101 7.26 39.85 -13.91
N TYR O 102 7.15 40.74 -14.90
CA TYR O 102 5.89 41.41 -15.30
C TYR O 102 5.47 41.07 -16.72
N GLY O 103 6.30 40.44 -17.53
CA GLY O 103 5.91 39.98 -18.87
C GLY O 103 5.76 41.09 -19.89
N VAL O 104 6.34 42.27 -19.62
CA VAL O 104 6.35 43.44 -20.57
C VAL O 104 7.72 44.11 -20.50
N GLU O 105 8.14 44.77 -21.58
CA GLU O 105 9.39 45.58 -21.63
C GLU O 105 9.34 46.65 -20.54
N ILE O 106 10.46 46.85 -19.84
CA ILE O 106 10.59 47.90 -18.79
C ILE O 106 10.37 49.26 -19.43
N PRO O 107 9.43 50.08 -18.92
CA PRO O 107 9.28 51.46 -19.37
C PRO O 107 10.55 52.26 -19.06
N ILE O 108 10.97 53.09 -19.99
CA ILE O 108 12.24 53.86 -19.86
C ILE O 108 12.24 54.66 -18.55
N ALA O 109 11.11 55.22 -18.12
CA ALA O 109 11.06 56.07 -16.92
C ALA O 109 11.24 55.21 -15.66
N VAL O 110 10.77 53.96 -15.67
CA VAL O 110 11.00 52.97 -14.57
C VAL O 110 12.47 52.55 -14.56
N LEU O 111 12.99 52.08 -15.68
CA LEU O 111 14.42 51.72 -15.80
C LEU O 111 15.29 52.83 -15.22
N ALA O 112 15.11 54.07 -15.69
CA ALA O 112 15.88 55.25 -15.24
C ALA O 112 15.82 55.34 -13.73
N LYS O 113 14.61 55.32 -13.18
CA LYS O 113 14.33 55.42 -11.73
C LYS O 113 15.06 54.29 -10.99
N ARG O 114 14.98 53.05 -11.49
CA ARG O 114 15.64 51.86 -10.88
C ARG O 114 17.15 52.02 -10.91
N MET O 115 17.70 52.67 -11.93
CA MET O 115 19.15 52.94 -12.05
C MET O 115 19.55 54.06 -11.10
N GLY O 116 18.67 55.03 -10.89
CA GLY O 116 18.82 56.06 -9.85
C GLY O 116 18.88 55.46 -8.47
N ASP O 117 18.06 54.45 -8.19
CA ASP O 117 18.01 53.75 -6.89
C ASP O 117 19.34 53.04 -6.67
N LYS O 118 19.88 52.44 -7.72
CA LYS O 118 21.18 51.72 -7.71
C LYS O 118 22.29 52.72 -7.38
N ALA O 119 22.30 53.86 -8.04
CA ALA O 119 23.30 54.91 -7.82
C ALA O 119 23.19 55.40 -6.37
N GLN O 120 21.96 55.66 -5.90
CA GLN O 120 21.74 56.21 -4.54
C GLN O 120 22.35 55.28 -3.52
N VAL O 121 22.14 53.98 -3.67
CA VAL O 121 22.70 52.96 -2.73
C VAL O 121 24.20 53.21 -2.56
N ARG O 122 24.95 53.40 -3.65
CA ARG O 122 26.41 53.58 -3.59
C ARG O 122 26.77 54.93 -2.94
N THR O 123 25.83 55.87 -2.81
CA THR O 123 26.09 57.16 -2.14
C THR O 123 25.81 57.02 -0.65
N GLN O 124 25.09 56.00 -0.20
CA GLN O 124 24.67 55.85 1.22
C GLN O 124 25.48 54.73 1.89
N GLN O 125 25.88 53.67 1.17
CA GLN O 125 26.74 52.58 1.69
C GLN O 125 28.20 52.94 1.46
N ALA O 126 29.02 52.93 2.51
CA ALA O 126 30.47 53.17 2.41
C ALA O 126 31.12 52.01 1.64
N GLY O 127 32.19 52.34 0.90
CA GLY O 127 33.14 51.37 0.34
C GLY O 127 32.84 51.02 -1.10
N LEU O 128 31.62 51.30 -1.56
CA LEU O 128 31.24 51.21 -2.99
C LEU O 128 31.55 52.57 -3.61
N ARG O 129 32.32 52.57 -4.70
CA ARG O 129 32.60 53.80 -5.48
C ARG O 129 31.35 54.14 -6.28
N PRO O 130 30.90 55.40 -6.35
CA PRO O 130 29.93 55.79 -7.36
C PRO O 130 30.42 55.48 -8.78
N MET O 131 29.51 55.07 -9.66
CA MET O 131 29.85 54.95 -11.10
C MET O 131 29.89 56.37 -11.65
N GLY O 132 31.08 56.82 -12.01
CA GLY O 132 31.38 58.20 -12.43
C GLY O 132 30.92 58.41 -13.85
N VAL O 133 29.62 58.37 -14.05
CA VAL O 133 29.04 58.34 -15.40
C VAL O 133 27.62 58.90 -15.36
N VAL O 134 27.26 59.71 -16.34
CA VAL O 134 25.86 60.18 -16.50
C VAL O 134 25.21 59.29 -17.56
N SER O 135 24.29 58.42 -17.14
CA SER O 135 23.54 57.52 -18.04
C SER O 135 22.45 58.37 -18.69
N THR O 136 22.32 58.32 -20.00
CA THR O 136 21.24 58.99 -20.78
C THR O 136 20.46 57.92 -21.54
N PHE O 137 19.37 57.43 -20.95
CA PHE O 137 18.44 56.48 -21.58
C PHE O 137 17.59 57.27 -22.57
N ILE O 138 17.37 56.72 -23.75
CA ILE O 138 16.38 57.27 -24.71
C ILE O 138 15.53 56.12 -25.19
N GLY O 139 14.31 56.43 -25.59
CA GLY O 139 13.32 55.44 -26.01
C GLY O 139 11.96 56.07 -26.14
N MET O 140 11.09 55.38 -26.87
CA MET O 140 9.64 55.67 -26.93
C MET O 140 9.01 55.14 -25.66
N ASP O 141 7.90 55.76 -25.27
CA ASP O 141 7.04 55.34 -24.12
C ASP O 141 5.58 55.40 -24.56
N GLN O 142 4.85 54.30 -24.42
CA GLN O 142 3.43 54.22 -24.83
C GLN O 142 2.57 55.05 -23.87
N SER O 143 1.93 56.10 -24.39
CA SER O 143 0.87 56.87 -23.69
C SER O 143 -0.32 55.94 -23.48
N ASP O 144 -0.80 55.81 -22.24
CA ASP O 144 -1.93 54.91 -21.87
C ASP O 144 -3.28 55.53 -22.27
N GLN O 145 -3.32 56.82 -22.59
CA GLN O 145 -4.57 57.57 -22.97
C GLN O 145 -5.04 57.17 -24.37
N ASP O 146 -4.14 57.13 -25.37
CA ASP O 146 -4.50 56.86 -26.80
C ASP O 146 -3.66 55.73 -27.42
N GLY O 147 -2.53 55.33 -26.82
CA GLY O 147 -1.66 54.24 -27.30
C GLY O 147 -0.51 54.74 -28.14
N SER O 148 -0.53 56.02 -28.53
CA SER O 148 0.57 56.71 -29.25
C SER O 148 1.87 56.56 -28.46
N LEU O 149 2.96 56.21 -29.14
CA LEU O 149 4.34 56.27 -28.61
C LEU O 149 4.76 57.73 -28.56
N LYS O 150 5.46 58.15 -27.51
CA LYS O 150 6.09 59.49 -27.47
C LYS O 150 7.53 59.33 -26.99
N PRO O 151 8.45 60.14 -27.56
CA PRO O 151 9.87 60.03 -27.28
C PRO O 151 10.27 60.55 -25.90
N GLN O 152 11.21 59.87 -25.25
CA GLN O 152 11.65 60.13 -23.87
C GLN O 152 13.17 60.11 -23.80
N ILE O 153 13.76 61.08 -23.10
CA ILE O 153 15.16 61.06 -22.60
C ILE O 153 15.08 61.03 -21.08
N TYR O 154 15.74 60.07 -20.44
CA TYR O 154 15.92 60.06 -18.97
C TYR O 154 17.40 59.97 -18.67
N THR O 155 17.95 60.97 -17.99
CA THR O 155 19.32 60.93 -17.42
C THR O 155 19.26 60.41 -16.00
N VAL O 156 20.29 59.68 -15.62
CA VAL O 156 20.62 59.27 -14.23
C VAL O 156 22.04 59.72 -13.99
N ASP O 157 22.27 60.46 -12.92
CA ASP O 157 23.63 60.95 -12.58
C ASP O 157 24.16 60.12 -11.41
N PRO O 158 25.46 60.25 -11.06
CA PRO O 158 26.03 59.52 -9.93
C PRO O 158 25.38 59.69 -8.54
N ALA O 159 24.71 60.82 -8.30
CA ALA O 159 23.98 61.11 -7.03
C ALA O 159 22.78 60.17 -6.89
N GLY O 160 22.26 59.67 -8.03
CA GLY O 160 21.01 58.90 -8.13
C GLY O 160 19.90 59.75 -8.72
N TRP O 161 20.18 61.03 -9.00
CA TRP O 161 19.12 61.98 -9.45
C TRP O 161 18.73 61.62 -10.87
N THR O 162 17.46 61.28 -11.05
CA THR O 162 16.85 60.81 -12.33
C THR O 162 15.91 61.91 -12.82
N GLY O 163 15.96 62.20 -14.10
CA GLY O 163 15.18 63.30 -14.72
C GLY O 163 14.84 63.00 -16.16
N GLY O 164 13.61 63.29 -16.56
CA GLY O 164 13.22 63.39 -17.98
C GLY O 164 13.72 64.69 -18.54
N HIS O 165 13.96 64.73 -19.85
CA HIS O 165 14.52 65.91 -20.55
C HIS O 165 13.82 66.08 -21.89
N ILE O 166 13.77 67.33 -22.35
CA ILE O 166 13.44 67.70 -23.74
C ILE O 166 14.75 67.63 -24.53
N ALA O 167 15.80 68.28 -24.03
CA ALA O 167 17.18 68.10 -24.52
C ALA O 167 18.11 68.08 -23.32
N CYS O 168 19.23 67.38 -23.43
CA CYS O 168 20.24 67.36 -22.36
C CYS O 168 21.62 67.16 -22.97
N ALA O 169 22.62 67.67 -22.28
CA ALA O 169 24.04 67.45 -22.58
C ALA O 169 24.68 66.91 -21.30
N ALA O 170 25.70 66.10 -21.47
CA ALA O 170 26.54 65.58 -20.38
C ALA O 170 27.95 65.47 -20.92
N GLY O 171 28.95 65.87 -20.13
CA GLY O 171 30.36 65.77 -20.52
C GLY O 171 31.06 67.12 -20.56
N LYS O 172 32.08 67.22 -21.40
CA LYS O 172 33.19 68.20 -21.27
C LYS O 172 32.63 69.61 -21.12
N LYS O 173 31.87 70.04 -22.12
CA LYS O 173 31.39 71.43 -22.27
C LYS O 173 29.87 71.43 -22.22
N GLN O 174 29.30 70.69 -21.25
CA GLN O 174 27.83 70.46 -21.12
C GLN O 174 27.13 71.79 -20.81
N VAL O 175 27.77 72.65 -20.02
CA VAL O 175 27.23 73.98 -19.60
C VAL O 175 27.06 74.84 -20.85
N GLU O 176 28.00 74.76 -21.79
CA GLU O 176 28.01 75.57 -23.04
C GLU O 176 27.01 74.96 -24.04
N ALA O 177 26.86 73.64 -24.08
CA ALA O 177 25.92 72.93 -24.98
C ALA O 177 24.48 73.17 -24.54
N MET O 178 24.22 73.17 -23.24
CA MET O 178 22.89 73.50 -22.67
C MET O 178 22.55 74.94 -23.03
N ALA O 179 23.45 75.88 -22.73
CA ALA O 179 23.31 77.33 -23.05
C ALA O 179 22.79 77.50 -24.49
N PHE O 180 23.35 76.74 -25.43
CA PHE O 180 23.01 76.76 -26.87
C PHE O 180 21.58 76.23 -27.08
N LEU O 181 21.28 75.05 -26.54
CA LEU O 181 19.93 74.40 -26.62
C LEU O 181 18.86 75.25 -25.94
N GLU O 182 19.19 75.93 -24.82
CA GLU O 182 18.27 76.82 -24.06
C GLU O 182 17.96 78.06 -24.89
N LYS O 183 18.95 78.61 -25.60
CA LYS O 183 18.84 79.78 -26.50
C LYS O 183 17.98 79.38 -27.71
N ARG O 184 18.09 78.13 -28.15
CA ARG O 184 17.36 77.60 -29.34
C ARG O 184 15.94 77.17 -28.94
N GLN O 185 15.64 77.06 -27.65
CA GLN O 185 14.30 76.68 -27.11
C GLN O 185 13.38 77.90 -27.02
N LYS O 186 13.93 79.12 -26.96
CA LYS O 186 13.13 80.38 -26.93
C LYS O 186 12.57 80.67 -28.32
N SER O 187 13.32 80.34 -29.38
CA SER O 187 12.95 80.52 -30.80
C SER O 187 11.83 79.54 -31.17
N THR O 188 12.13 78.24 -31.10
CA THR O 188 11.29 77.12 -31.61
C THR O 188 10.59 76.43 -30.43
N GLU O 189 9.62 75.56 -30.70
CA GLU O 189 8.87 74.79 -29.66
C GLU O 189 9.77 73.66 -29.12
N LEU O 190 10.47 72.95 -30.02
CA LEU O 190 11.50 71.90 -29.77
C LEU O 190 10.84 70.52 -29.67
N ASP O 191 9.55 70.44 -29.32
CA ASP O 191 8.72 69.21 -29.33
C ASP O 191 7.83 69.16 -30.58
N ALA O 192 7.80 70.24 -31.37
CA ALA O 192 7.05 70.35 -32.65
C ALA O 192 8.00 70.19 -33.83
N LEU O 193 9.27 69.84 -33.56
CA LEU O 193 10.35 69.78 -34.57
C LEU O 193 10.32 68.42 -35.29
N THR O 194 10.80 68.40 -36.53
CA THR O 194 11.05 67.16 -37.31
C THR O 194 12.40 66.58 -36.86
N GLN O 195 12.57 65.27 -37.00
CA GLN O 195 13.81 64.55 -36.65
C GLN O 195 15.02 65.26 -37.28
N LYS O 196 14.91 65.70 -38.53
CA LYS O 196 15.99 66.40 -39.27
C LYS O 196 16.34 67.70 -38.53
N GLU O 197 15.34 68.54 -38.27
CA GLU O 197 15.50 69.86 -37.60
C GLU O 197 16.15 69.68 -36.23
N ALA O 198 15.68 68.69 -35.45
CA ALA O 198 16.13 68.35 -34.08
C ALA O 198 17.58 67.84 -34.09
N ALA O 199 17.89 66.97 -35.03
CA ALA O 199 19.26 66.44 -35.26
C ALA O 199 20.24 67.58 -35.51
N MET O 200 19.84 68.57 -36.32
CA MET O 200 20.68 69.74 -36.68
C MET O 200 20.97 70.53 -35.40
N ILE O 201 19.96 70.77 -34.58
CA ILE O 201 20.10 71.50 -33.29
C ILE O 201 21.08 70.75 -32.39
N ALA O 202 20.89 69.44 -32.23
CA ALA O 202 21.74 68.59 -31.39
C ALA O 202 23.18 68.66 -31.88
N LEU O 203 23.40 68.43 -33.19
CA LEU O 203 24.75 68.44 -33.81
C LEU O 203 25.34 69.84 -33.74
N ALA O 204 24.53 70.88 -33.89
CA ALA O 204 24.98 72.28 -33.80
C ALA O 204 25.40 72.62 -32.37
N ALA O 205 24.77 72.00 -31.35
CA ALA O 205 25.11 72.20 -29.92
C ALA O 205 26.45 71.55 -29.62
N LEU O 206 26.61 70.30 -30.05
CA LEU O 206 27.90 69.57 -30.13
C LEU O 206 28.94 70.52 -30.72
N GLN O 207 28.72 71.05 -31.94
CA GLN O 207 29.69 71.87 -32.70
C GLN O 207 30.03 73.15 -31.93
N SER O 208 29.01 73.84 -31.40
CA SER O 208 29.16 75.11 -30.62
C SER O 208 30.03 74.85 -29.38
N ALA O 209 29.70 73.81 -28.62
CA ALA O 209 30.26 73.52 -27.28
C ALA O 209 31.74 73.12 -27.38
N ILE O 210 32.07 72.17 -28.27
CA ILE O 210 33.47 71.68 -28.45
C ILE O 210 34.28 72.75 -29.21
N GLY O 211 33.61 73.66 -29.93
CA GLY O 211 34.19 74.87 -30.53
C GLY O 211 34.79 74.60 -31.91
N THR O 212 34.41 73.49 -32.54
CA THR O 212 34.99 72.97 -33.82
C THR O 212 33.88 72.27 -34.61
N ALA O 213 33.94 72.33 -35.96
CA ALA O 213 33.08 71.53 -36.85
C ALA O 213 33.42 70.05 -36.65
N VAL O 214 32.40 69.19 -36.57
CA VAL O 214 32.55 67.72 -36.40
C VAL O 214 32.41 67.04 -37.76
N LYS O 215 33.16 65.95 -37.97
CA LYS O 215 32.96 64.97 -39.07
C LYS O 215 31.89 63.96 -38.63
N ALA O 216 31.25 63.27 -39.57
CA ALA O 216 30.26 62.21 -39.30
C ALA O 216 30.94 61.02 -38.59
N LYS O 217 32.25 60.86 -38.77
CA LYS O 217 33.07 59.78 -38.17
C LYS O 217 33.29 60.04 -36.67
N GLU O 218 33.44 61.32 -36.30
CA GLU O 218 33.79 61.77 -34.92
C GLU O 218 32.54 61.87 -34.03
N VAL O 219 31.36 61.43 -34.50
CA VAL O 219 30.12 61.29 -33.66
C VAL O 219 29.44 59.96 -33.98
N GLU O 220 28.84 59.36 -32.96
CA GLU O 220 27.93 58.20 -33.11
C GLU O 220 26.57 58.65 -32.62
N VAL O 221 25.52 58.34 -33.39
CA VAL O 221 24.15 58.90 -33.18
C VAL O 221 23.15 57.75 -32.98
N GLY O 222 22.53 57.70 -31.82
CA GLY O 222 21.44 56.77 -31.50
C GLY O 222 20.11 57.40 -31.81
N ARG O 223 19.05 56.59 -31.87
CA ARG O 223 17.76 57.02 -32.47
C ARG O 223 16.66 56.05 -32.05
N CYS O 224 15.51 56.57 -31.64
CA CYS O 224 14.24 55.83 -31.51
C CYS O 224 13.15 56.70 -32.12
N THR O 225 12.33 56.18 -33.03
CA THR O 225 11.24 56.94 -33.67
C THR O 225 9.89 56.28 -33.34
N ALA O 226 8.78 57.00 -33.50
CA ALA O 226 7.42 56.46 -33.33
C ALA O 226 7.21 55.32 -34.34
N ALA O 227 7.62 55.54 -35.59
CA ALA O 227 7.57 54.58 -36.72
C ALA O 227 8.38 53.32 -36.39
N ASN O 228 9.66 53.51 -36.03
CA ASN O 228 10.64 52.43 -35.71
C ASN O 228 11.12 52.62 -34.27
N PRO O 229 10.36 52.14 -33.25
CA PRO O 229 10.65 52.44 -31.85
C PRO O 229 11.94 51.80 -31.30
N ALA O 230 12.49 50.80 -32.01
CA ALA O 230 13.76 50.11 -31.68
C ALA O 230 14.91 51.13 -31.68
N PHE O 231 15.82 51.01 -30.72
CA PHE O 231 17.03 51.86 -30.65
C PHE O 231 18.01 51.47 -31.77
N GLN O 232 18.16 52.35 -32.76
CA GLN O 232 19.06 52.15 -33.92
C GLN O 232 20.25 53.10 -33.78
N ARG O 233 21.43 52.64 -34.17
CA ARG O 233 22.59 53.50 -34.52
C ARG O 233 22.26 54.12 -35.88
N VAL O 234 22.31 55.45 -35.99
CA VAL O 234 22.10 56.16 -37.28
C VAL O 234 23.36 55.93 -38.12
N PRO O 235 23.24 55.51 -39.41
CA PRO O 235 24.41 55.29 -40.27
C PRO O 235 25.13 56.60 -40.61
N ASN O 236 26.45 56.55 -40.80
CA ASN O 236 27.32 57.74 -41.06
C ASN O 236 26.78 58.57 -42.23
N SER O 237 26.20 57.95 -43.26
CA SER O 237 25.59 58.61 -44.44
C SER O 237 24.54 59.66 -44.04
N GLU O 238 23.61 59.25 -43.16
CA GLU O 238 22.45 60.06 -42.71
C GLU O 238 22.94 61.21 -41.82
N VAL O 239 24.00 60.98 -41.04
CA VAL O 239 24.64 62.00 -40.17
C VAL O 239 25.39 63.01 -41.05
N GLU O 240 26.03 62.54 -42.12
CA GLU O 240 26.77 63.40 -43.10
C GLU O 240 25.81 64.44 -43.69
N GLU O 241 24.59 64.02 -44.06
CA GLU O 241 23.51 64.89 -44.62
C GLU O 241 23.10 65.96 -43.61
N TRP O 242 23.08 65.62 -42.31
CA TRP O 242 22.69 66.55 -41.22
C TRP O 242 23.80 67.59 -40.97
N LEU O 243 25.06 67.20 -41.10
CA LEU O 243 26.21 68.10 -40.84
C LEU O 243 26.40 69.08 -42.01
N THR O 244 26.09 68.66 -43.24
CA THR O 244 26.05 69.54 -44.44
C THR O 244 24.86 70.51 -44.28
N ALA O 245 23.72 70.02 -43.78
CA ALA O 245 22.49 70.81 -43.51
C ALA O 245 22.73 71.84 -42.40
N VAL O 246 23.61 71.54 -41.44
CA VAL O 246 23.99 72.45 -40.31
C VAL O 246 24.95 73.53 -40.83
N ALA O 247 26.02 73.14 -41.53
CA ALA O 247 27.10 74.02 -42.03
C ALA O 247 26.56 75.02 -43.07
N GLU O 248 25.47 74.70 -43.76
CA GLU O 248 24.76 75.60 -44.72
C GLU O 248 24.00 76.68 -43.93
N ALA O 249 23.02 76.27 -43.12
CA ALA O 249 22.18 77.17 -42.28
C ALA O 249 22.80 77.33 -40.89
N GLU P 3 30.00 45.61 2.66
CA GLU P 3 31.13 44.87 3.34
C GLU P 3 31.79 45.76 4.42
N ALA P 4 31.51 47.08 4.43
CA ALA P 4 31.76 47.97 5.59
C ALA P 4 30.60 47.81 6.58
N PHE P 5 30.88 47.41 7.81
CA PHE P 5 29.86 47.16 8.85
C PHE P 5 30.07 48.04 10.08
N TYR P 6 31.13 48.86 10.10
CA TYR P 6 31.37 49.84 11.19
C TYR P 6 30.45 51.04 10.99
N GLY P 7 29.94 51.60 12.08
CA GLY P 7 29.02 52.75 12.08
C GLY P 7 29.72 54.03 11.66
N LEU P 8 29.06 54.81 10.81
CA LEU P 8 29.53 56.13 10.26
C LEU P 8 29.04 57.25 11.18
N THR P 9 27.87 57.07 11.79
CA THR P 9 27.26 58.00 12.78
C THR P 9 27.71 57.59 14.18
N THR P 10 28.47 58.46 14.84
CA THR P 10 28.97 58.26 16.23
C THR P 10 28.72 59.52 17.03
N PHE P 11 28.73 59.40 18.36
CA PHE P 11 28.61 60.55 19.29
C PHE P 11 29.92 61.33 19.33
N SER P 12 29.80 62.66 19.31
CA SER P 12 30.89 63.62 19.64
C SER P 12 31.03 63.70 21.14
N PRO P 13 32.17 64.20 21.68
CA PRO P 13 32.30 64.49 23.11
C PRO P 13 31.19 65.35 23.73
N SER P 14 30.55 66.23 22.96
CA SER P 14 29.45 67.13 23.42
C SER P 14 28.13 66.36 23.52
N GLY P 15 28.06 65.17 22.91
CA GLY P 15 26.88 64.28 22.93
C GLY P 15 26.09 64.34 21.65
N LYS P 16 26.36 65.28 20.76
CA LYS P 16 25.61 65.41 19.47
C LYS P 16 26.08 64.32 18.51
N LEU P 17 25.16 63.83 17.68
CA LEU P 17 25.42 62.92 16.54
C LEU P 17 25.68 63.80 15.32
N ILE P 18 26.95 64.09 15.07
CA ILE P 18 27.42 65.10 14.08
C ILE P 18 26.90 64.75 12.70
N GLN P 19 26.85 63.48 12.33
CA GLN P 19 26.49 63.06 10.96
C GLN P 19 24.98 63.26 10.74
N ILE P 20 24.18 63.25 11.80
CA ILE P 20 22.71 63.56 11.75
C ILE P 20 22.49 65.07 11.71
N GLU P 21 23.35 65.86 12.33
CA GLU P 21 23.30 67.35 12.24
C GLU P 21 23.61 67.76 10.80
N TYR P 22 24.57 67.09 10.18
CA TYR P 22 25.05 67.39 8.80
C TYR P 22 24.00 66.93 7.79
N ALA P 23 23.34 65.80 8.04
CA ALA P 23 22.25 65.31 7.17
C ALA P 23 21.07 66.28 7.27
N THR P 24 20.82 66.84 8.45
CA THR P 24 19.72 67.82 8.67
C THR P 24 20.06 69.12 7.93
N THR P 25 21.34 69.43 7.78
CA THR P 25 21.81 70.54 6.93
C THR P 25 21.49 70.24 5.47
N ALA P 26 21.75 69.01 5.02
CA ALA P 26 21.45 68.51 3.66
C ALA P 26 19.96 68.66 3.37
N ALA P 27 19.10 68.41 4.37
CA ALA P 27 17.63 68.43 4.24
C ALA P 27 17.13 69.88 4.19
N GLY P 28 17.82 70.80 4.85
CA GLY P 28 17.46 72.23 4.81
C GLY P 28 17.78 72.87 3.47
N LYS P 29 18.62 72.23 2.65
CA LYS P 29 19.27 72.84 1.45
C LYS P 29 18.40 72.64 0.21
N GLY P 30 17.44 71.71 0.25
CA GLY P 30 16.47 71.49 -0.84
C GLY P 30 15.57 72.69 -1.04
N THR P 31 14.85 72.73 -2.17
CA THR P 31 13.81 73.74 -2.45
C THR P 31 12.70 73.66 -1.40
N THR P 32 12.02 74.78 -1.17
CA THR P 32 10.93 74.94 -0.18
C THR P 32 9.79 74.00 -0.55
N ALA P 33 9.34 73.21 0.42
CA ALA P 33 8.07 72.46 0.42
C ALA P 33 7.33 72.83 1.70
N LEU P 34 6.01 72.73 1.69
CA LEU P 34 5.22 73.12 2.89
C LEU P 34 3.84 72.49 2.87
N GLY P 35 3.24 72.45 4.05
CA GLY P 35 1.97 71.76 4.30
C GLY P 35 1.10 72.62 5.18
N VAL P 36 -0.20 72.53 4.96
CA VAL P 36 -1.22 73.26 5.75
C VAL P 36 -2.39 72.32 5.97
N LYS P 37 -2.57 71.89 7.22
CA LYS P 37 -3.74 71.13 7.70
C LYS P 37 -4.91 72.10 7.78
N ALA P 38 -6.06 71.65 7.32
CA ALA P 38 -7.35 72.37 7.43
C ALA P 38 -8.33 71.50 8.21
N THR P 39 -9.53 72.02 8.44
CA THR P 39 -10.63 71.30 9.13
C THR P 39 -11.04 70.08 8.30
N ASP P 40 -10.99 70.20 6.97
CA ASP P 40 -11.65 69.28 6.01
C ASP P 40 -10.62 68.75 4.99
N GLY P 41 -9.33 68.76 5.35
CA GLY P 41 -8.28 68.29 4.44
C GLY P 41 -6.92 68.85 4.78
N VAL P 42 -5.92 68.57 3.96
CA VAL P 42 -4.56 69.15 4.08
C VAL P 42 -4.01 69.32 2.67
N VAL P 43 -3.19 70.35 2.49
CA VAL P 43 -2.49 70.67 1.22
C VAL P 43 -0.98 70.67 1.48
N ILE P 44 -0.22 69.96 0.66
CA ILE P 44 1.27 70.03 0.66
C ILE P 44 1.69 70.53 -0.71
N ALA P 45 2.54 71.54 -0.75
CA ALA P 45 2.98 72.23 -1.97
C ALA P 45 4.49 72.29 -1.93
N ALA P 46 5.15 71.91 -3.01
CA ALA P 46 6.61 72.10 -3.18
C ALA P 46 6.85 72.86 -4.48
N LYS P 47 7.88 73.70 -4.51
CA LYS P 47 8.37 74.29 -5.76
C LYS P 47 9.38 73.31 -6.36
N LYS P 48 9.17 72.96 -7.64
CA LYS P 48 10.04 72.07 -8.44
C LYS P 48 10.78 72.93 -9.47
N LYS P 49 11.55 73.91 -8.98
CA LYS P 49 12.52 74.71 -9.77
C LYS P 49 13.45 73.73 -10.51
N ALA P 50 13.32 73.66 -11.83
CA ALA P 50 14.13 72.78 -12.71
C ALA P 50 15.46 73.48 -13.04
N PRO P 51 16.60 72.74 -13.08
CA PRO P 51 17.89 73.34 -13.43
C PRO P 51 17.81 74.26 -14.65
N SER P 52 17.22 73.77 -15.75
CA SER P 52 17.02 74.48 -17.04
C SER P 52 15.59 74.27 -17.54
N THR P 53 15.21 75.03 -18.57
CA THR P 53 13.89 74.96 -19.26
C THR P 53 13.83 73.70 -20.13
N LEU P 54 14.96 73.03 -20.33
CA LEU P 54 15.10 71.80 -21.16
C LEU P 54 14.69 70.55 -20.38
N VAL P 55 14.50 70.63 -19.08
CA VAL P 55 14.00 69.48 -18.27
C VAL P 55 12.50 69.37 -18.51
N ASP P 56 12.03 68.16 -18.82
CA ASP P 56 10.58 67.84 -18.91
C ASP P 56 10.01 67.99 -17.51
N ALA P 57 9.41 69.15 -17.22
CA ALA P 57 8.88 69.52 -15.89
C ALA P 57 8.00 68.39 -15.35
N SER P 58 7.17 67.77 -16.19
CA SER P 58 6.24 66.68 -15.80
C SER P 58 7.00 65.46 -15.26
N SER P 59 8.25 65.24 -15.67
CA SER P 59 9.11 64.11 -15.20
C SER P 59 9.67 64.38 -13.80
N ILE P 60 9.73 65.66 -13.38
CA ILE P 60 10.09 66.04 -11.99
C ILE P 60 8.86 65.78 -11.13
N GLN P 61 9.10 65.23 -9.94
CA GLN P 61 8.05 64.78 -9.01
C GLN P 61 8.54 65.20 -7.63
N LYS P 62 7.93 66.24 -7.07
CA LYS P 62 8.32 66.80 -5.76
C LYS P 62 7.29 66.38 -4.72
N VAL P 63 6.07 66.07 -5.15
CA VAL P 63 4.96 65.54 -4.32
C VAL P 63 4.67 64.12 -4.81
N PHE P 64 4.51 63.20 -3.88
CA PHE P 64 4.29 61.76 -4.17
C PHE P 64 3.04 61.25 -3.48
N VAL P 65 2.34 60.36 -4.18
CA VAL P 65 1.34 59.47 -3.57
C VAL P 65 2.09 58.33 -2.89
N LEU P 66 1.76 58.03 -1.63
CA LEU P 66 2.24 56.83 -0.90
C LEU P 66 1.14 55.75 -0.94
N ASP P 67 -0.12 56.18 -0.84
CA ASP P 67 -1.30 55.32 -1.07
C ASP P 67 -2.50 56.22 -1.36
N GLU P 68 -3.67 55.64 -1.59
CA GLU P 68 -4.88 56.38 -1.98
C GLU P 68 -5.08 57.59 -1.05
N HIS P 69 -4.77 57.42 0.24
CA HIS P 69 -5.22 58.27 1.36
C HIS P 69 -4.07 59.09 1.97
N VAL P 70 -2.85 58.92 1.50
CA VAL P 70 -1.66 59.59 2.08
C VAL P 70 -0.65 59.86 0.97
N GLY P 71 -0.01 61.00 1.05
CA GLY P 71 1.02 61.43 0.10
C GLY P 71 2.01 62.28 0.84
N CYS P 72 3.17 62.49 0.24
CA CYS P 72 4.25 63.23 0.87
C CYS P 72 4.84 64.22 -0.13
N THR P 73 5.57 65.19 0.39
CA THR P 73 6.59 65.96 -0.36
C THR P 73 7.86 65.82 0.46
N TYR P 74 8.93 66.47 0.02
CA TYR P 74 10.25 66.33 0.65
C TYR P 74 11.11 67.54 0.34
N SER P 75 12.18 67.66 1.10
CA SER P 75 13.26 68.65 0.91
C SER P 75 14.58 67.90 1.06
N GLY P 76 15.60 68.33 0.34
CA GLY P 76 16.97 67.81 0.48
C GLY P 76 17.27 66.87 -0.66
N MET P 77 17.94 65.77 -0.35
CA MET P 77 18.45 64.85 -1.38
C MET P 77 17.27 64.05 -1.96
N GLY P 78 16.85 64.44 -3.17
CA GLY P 78 15.81 63.74 -3.92
C GLY P 78 16.01 62.24 -3.87
N PRO P 79 17.18 61.74 -4.33
CA PRO P 79 17.42 60.31 -4.47
C PRO P 79 17.26 59.53 -3.16
N ASP P 80 17.65 60.13 -2.03
CA ASP P 80 17.45 59.59 -0.67
C ASP P 80 15.95 59.44 -0.40
N CYS P 81 15.17 60.48 -0.64
CA CYS P 81 13.70 60.45 -0.46
C CYS P 81 13.09 59.32 -1.25
N ARG P 82 13.56 59.10 -2.47
CA ARG P 82 12.99 58.05 -3.33
C ARG P 82 13.07 56.72 -2.56
N VAL P 83 14.11 56.52 -1.74
CA VAL P 83 14.28 55.31 -0.89
C VAL P 83 13.17 55.25 0.16
N LEU P 84 12.95 56.35 0.88
CA LEU P 84 11.91 56.45 1.95
C LEU P 84 10.52 56.29 1.34
N ILE P 85 10.26 56.99 0.24
CA ILE P 85 8.96 56.95 -0.47
C ILE P 85 8.69 55.53 -0.97
N ASP P 86 9.68 54.84 -1.52
CA ASP P 86 9.49 53.46 -2.05
C ASP P 86 9.16 52.54 -0.88
N SER P 87 9.83 52.74 0.26
CA SER P 87 9.62 51.93 1.50
C SER P 87 8.26 52.27 2.11
N ALA P 88 7.92 53.54 2.21
CA ALA P 88 6.62 54.01 2.73
C ALA P 88 5.49 53.43 1.89
N ARG P 89 5.67 53.38 0.56
CA ARG P 89 4.65 52.82 -0.35
C ARG P 89 4.47 51.33 -0.05
N LYS P 90 5.59 50.62 0.13
CA LYS P 90 5.61 49.18 0.51
C LYS P 90 4.82 49.01 1.81
N ASN P 91 5.06 49.87 2.80
CA ASN P 91 4.44 49.81 4.15
C ASN P 91 2.93 50.02 4.07
N CYS P 92 2.45 50.94 3.25
CA CYS P 92 1.01 51.20 3.08
C CYS P 92 0.33 49.95 2.50
N GLN P 93 0.98 49.31 1.54
CA GLN P 93 0.49 48.08 0.88
C GLN P 93 0.58 46.90 1.84
N GLN P 94 1.68 46.73 2.56
CA GLN P 94 1.85 45.63 3.55
C GLN P 94 0.75 45.71 4.60
N TYR P 95 0.48 46.92 5.06
CA TYR P 95 -0.57 47.20 6.06
C TYR P 95 -1.93 46.84 5.48
N LYS P 96 -2.24 47.20 4.23
CA LYS P 96 -3.54 46.88 3.59
C LYS P 96 -3.69 45.37 3.49
N LEU P 97 -2.65 44.69 3.04
CA LEU P 97 -2.67 43.21 2.92
C LEU P 97 -3.02 42.60 4.27
N MET P 98 -2.39 43.06 5.34
CA MET P 98 -2.66 42.50 6.68
C MET P 98 -4.09 42.85 7.10
N TYR P 99 -4.41 44.14 7.20
CA TYR P 99 -5.58 44.63 7.97
C TYR P 99 -6.70 45.06 7.04
N ASN P 100 -6.55 44.97 5.72
CA ASN P 100 -7.62 45.29 4.74
C ASN P 100 -8.20 46.66 5.11
N GLU P 101 -7.31 47.64 5.32
CA GLU P 101 -7.57 48.97 5.92
C GLU P 101 -6.45 49.91 5.50
N PRO P 102 -6.70 51.21 5.22
CA PRO P 102 -5.61 52.14 4.97
C PRO P 102 -4.72 52.31 6.20
N ILE P 103 -3.40 52.35 6.01
CA ILE P 103 -2.46 52.56 7.14
C ILE P 103 -2.75 53.93 7.73
N PRO P 104 -2.93 54.04 9.06
CA PRO P 104 -3.03 55.34 9.71
C PRO P 104 -1.75 56.13 9.46
N ILE P 105 -1.84 57.46 9.44
CA ILE P 105 -0.65 58.27 9.08
C ILE P 105 0.33 58.14 10.22
N SER P 106 -0.17 58.22 11.44
CA SER P 106 0.50 57.85 12.71
C SER P 106 1.48 56.68 12.50
N GLN P 107 0.98 55.57 11.95
CA GLN P 107 1.72 54.29 11.89
C GLN P 107 2.67 54.32 10.71
N LEU P 108 2.29 54.99 9.63
CA LEU P 108 3.15 55.15 8.42
C LEU P 108 4.36 55.97 8.81
N VAL P 109 4.13 57.10 9.45
CA VAL P 109 5.19 58.08 9.85
C VAL P 109 6.16 57.39 10.79
N ARG P 110 5.65 56.61 11.72
CA ARG P 110 6.46 55.82 12.68
C ARG P 110 7.35 54.82 11.93
N LYS P 111 6.82 54.19 10.87
CA LYS P 111 7.56 53.20 10.06
C LYS P 111 8.64 53.89 9.22
N ILE P 112 8.40 55.11 8.77
CA ILE P 112 9.41 55.94 8.03
C ILE P 112 10.47 56.38 9.04
N SER P 113 10.04 56.88 10.19
CA SER P 113 10.91 57.30 11.31
C SER P 113 11.92 56.19 11.61
N ALA P 114 11.45 54.95 11.71
CA ALA P 114 12.25 53.76 12.04
C ALA P 114 13.38 53.58 11.02
N ILE P 115 13.10 53.88 9.75
CA ILE P 115 14.08 53.69 8.65
C ILE P 115 15.11 54.81 8.72
N TYR P 116 14.68 56.05 8.87
CA TYR P 116 15.61 57.14 9.20
C TYR P 116 16.53 56.68 10.32
N GLN P 117 16.00 56.11 11.39
CA GLN P 117 16.80 55.77 12.59
C GLN P 117 17.76 54.64 12.22
N GLU P 118 17.35 53.59 11.51
CA GLU P 118 18.28 52.51 11.08
C GLU P 118 19.55 53.15 10.51
N PHE P 119 19.38 54.13 9.63
CA PHE P 119 20.51 54.73 8.86
C PHE P 119 21.29 55.71 9.75
N THR P 120 20.82 56.05 10.95
CA THR P 120 21.61 56.81 11.94
C THR P 120 22.45 55.90 12.84
N GLN P 121 22.29 54.58 12.75
CA GLN P 121 22.92 53.63 13.70
C GLN P 121 23.53 52.45 12.97
N SER P 122 22.81 51.81 12.05
CA SER P 122 23.29 50.62 11.29
C SER P 122 24.64 50.91 10.64
N GLY P 123 25.42 49.85 10.46
CA GLY P 123 26.82 49.92 10.04
C GLY P 123 26.95 50.20 8.54
N GLY P 124 27.95 50.99 8.20
CA GLY P 124 28.38 51.24 6.82
C GLY P 124 27.42 52.12 6.05
N VAL P 125 26.46 52.77 6.69
CA VAL P 125 25.53 53.69 6.00
C VAL P 125 25.49 55.03 6.71
N ARG P 126 25.43 56.10 5.91
CA ARG P 126 25.14 57.47 6.40
C ARG P 126 23.64 57.68 6.51
N PRO P 127 23.19 58.68 7.30
CA PRO P 127 21.78 59.02 7.38
C PRO P 127 21.20 59.54 6.06
N PHE P 128 19.87 59.59 5.98
CA PHE P 128 19.16 60.21 4.85
C PHE P 128 19.29 61.72 4.97
N GLY P 129 19.59 62.39 3.86
CA GLY P 129 19.71 63.85 3.80
C GLY P 129 18.42 64.46 3.28
N CYS P 130 17.29 64.11 3.86
CA CYS P 130 15.99 64.63 3.39
C CYS P 130 14.97 64.62 4.52
N SER P 131 14.22 65.71 4.65
CA SER P 131 13.00 65.80 5.48
C SER P 131 11.84 65.41 4.59
N LEU P 132 10.89 64.66 5.14
CA LEU P 132 9.57 64.43 4.51
C LEU P 132 8.56 65.36 5.16
N LEU P 133 7.60 65.84 4.38
CA LEU P 133 6.23 66.19 4.84
C LEU P 133 5.33 65.07 4.39
N VAL P 134 4.68 64.38 5.31
CA VAL P 134 3.67 63.34 5.03
C VAL P 134 2.31 63.93 5.37
N ALA P 135 1.35 63.87 4.46
CA ALA P 135 -0.03 64.35 4.67
C ALA P 135 -1.02 63.26 4.26
N GLY P 136 -1.93 62.92 5.14
CA GLY P 136 -2.94 61.93 4.80
C GLY P 136 -4.14 62.02 5.68
N VAL P 137 -5.01 61.02 5.55
CA VAL P 137 -6.31 60.97 6.26
C VAL P 137 -6.59 59.52 6.64
N ASP P 138 -6.97 59.35 7.90
CA ASP P 138 -7.23 58.04 8.54
C ASP P 138 -8.51 58.21 9.35
N ALA P 139 -8.78 57.28 10.27
CA ALA P 139 -9.95 57.34 11.17
C ALA P 139 -9.84 58.55 12.12
N ASN P 140 -8.62 58.93 12.48
CA ASN P 140 -8.33 60.01 13.46
C ASN P 140 -8.39 61.39 12.80
N GLY P 141 -8.65 61.46 11.48
CA GLY P 141 -8.87 62.72 10.76
C GLY P 141 -7.72 63.06 9.82
N TYR P 142 -7.44 64.34 9.62
CA TYR P 142 -6.42 64.86 8.68
C TYR P 142 -5.13 65.06 9.46
N HIS P 143 -4.01 64.79 8.82
CA HIS P 143 -2.67 64.77 9.46
C HIS P 143 -1.63 65.38 8.55
N LEU P 144 -0.72 66.10 9.14
CA LEU P 144 0.49 66.61 8.46
C LEU P 144 1.65 66.36 9.39
N TYR P 145 2.57 65.47 9.01
CA TYR P 145 3.78 65.19 9.79
C TYR P 145 5.01 65.66 9.02
N GLN P 146 6.00 66.16 9.72
CA GLN P 146 7.37 66.32 9.21
C GLN P 146 8.19 65.22 9.86
N VAL P 147 8.89 64.42 9.07
CA VAL P 147 9.94 63.48 9.54
C VAL P 147 11.26 64.11 9.14
N ASP P 148 12.30 63.91 9.94
CA ASP P 148 13.66 64.50 9.74
C ASP P 148 14.71 63.39 9.65
N PRO P 149 15.91 63.72 9.15
CA PRO P 149 17.02 62.77 9.09
C PRO P 149 17.32 62.00 10.38
N SER P 150 17.09 62.63 11.54
CA SER P 150 17.22 62.04 12.91
C SER P 150 16.32 60.81 13.05
N GLY P 151 15.14 60.80 12.40
CA GLY P 151 14.03 59.86 12.64
C GLY P 151 12.90 60.56 13.37
N THR P 152 13.20 61.72 13.97
CA THR P 152 12.22 62.51 14.76
C THR P 152 11.09 62.93 13.84
N PHE P 153 9.86 62.88 14.31
CA PHE P 153 8.68 63.36 13.55
C PHE P 153 7.81 64.18 14.47
N TRP P 154 7.16 65.16 13.89
CA TRP P 154 6.26 66.12 14.55
C TRP P 154 4.97 66.11 13.74
N ALA P 155 3.82 66.07 14.40
CA ALA P 155 2.55 66.47 13.75
C ALA P 155 2.52 67.99 13.79
N TRP P 156 2.23 68.61 12.65
CA TRP P 156 2.10 70.07 12.47
C TRP P 156 0.70 70.42 12.00
N LYS P 157 0.28 71.64 12.29
CA LYS P 157 -0.93 72.29 11.72
C LYS P 157 -0.53 72.86 10.37
N ALA P 158 0.62 73.52 10.33
CA ALA P 158 1.27 73.96 9.09
C ALA P 158 2.76 74.03 9.34
N THR P 159 3.57 73.70 8.35
CA THR P 159 5.03 73.84 8.44
C THR P 159 5.60 73.97 7.04
N ALA P 160 6.90 74.21 6.99
CA ALA P 160 7.69 74.22 5.76
C ALA P 160 9.06 73.60 6.06
N ILE P 161 9.63 73.01 5.04
CA ILE P 161 10.98 72.42 5.03
C ILE P 161 11.66 72.97 3.79
N GLY P 162 12.99 72.84 3.69
CA GLY P 162 13.76 73.40 2.56
C GLY P 162 14.15 74.83 2.82
N THR P 163 14.56 75.55 1.76
CA THR P 163 15.53 76.67 1.84
C THR P 163 14.92 77.83 2.60
N GLY P 164 13.74 78.31 2.17
CA GLY P 164 13.11 79.49 2.78
C GLY P 164 12.20 79.15 3.94
N SER P 165 12.44 78.03 4.64
CA SER P 165 11.49 77.44 5.62
C SER P 165 11.36 78.27 6.89
N PRO P 166 12.41 78.95 7.41
CA PRO P 166 12.23 79.86 8.55
C PRO P 166 11.32 81.06 8.27
N ASP P 167 11.35 81.60 7.04
CA ASP P 167 10.52 82.75 6.58
C ASP P 167 9.12 82.27 6.23
N ALA P 168 9.02 81.07 5.65
CA ALA P 168 7.75 80.43 5.22
C ALA P 168 6.99 79.89 6.43
N LYS P 169 7.67 79.56 7.53
CA LYS P 169 7.03 79.17 8.82
C LYS P 169 6.49 80.43 9.49
N ALA P 170 7.32 81.48 9.58
CA ALA P 170 6.97 82.80 10.13
C ALA P 170 5.71 83.30 9.43
N PHE P 171 5.68 83.27 8.08
CA PHE P 171 4.55 83.71 7.22
C PHE P 171 3.29 82.88 7.49
N LEU P 172 3.44 81.55 7.62
CA LEU P 172 2.31 80.62 7.91
C LEU P 172 1.75 80.88 9.31
N GLU P 173 2.58 81.24 10.29
CA GLU P 173 2.14 81.46 11.70
C GLU P 173 1.13 82.61 11.75
N LYS P 174 1.37 83.70 11.00
CA LYS P 174 0.47 84.88 10.90
C LYS P 174 -0.82 84.47 10.19
N ARG P 175 -0.69 83.88 8.99
CA ARG P 175 -1.82 83.60 8.06
C ARG P 175 -2.71 82.46 8.58
N TYR P 176 -2.15 81.47 9.30
CA TYR P 176 -2.87 80.23 9.72
C TYR P 176 -3.91 80.55 10.80
N THR P 177 -5.09 79.94 10.67
CA THR P 177 -6.18 79.91 11.69
C THR P 177 -6.75 78.49 11.74
N VAL P 178 -7.37 78.12 12.86
CA VAL P 178 -7.98 76.76 13.08
C VAL P 178 -9.20 76.61 12.16
N ASP P 179 -9.96 77.68 11.93
CA ASP P 179 -11.14 77.73 11.04
C ASP P 179 -10.76 77.32 9.61
N MET P 180 -9.56 77.72 9.16
CA MET P 180 -9.02 77.55 7.77
C MET P 180 -9.56 76.27 7.13
N GLU P 181 -10.33 76.41 6.04
CA GLU P 181 -10.88 75.31 5.21
C GLU P 181 -9.95 75.05 4.02
N LEU P 182 -10.19 73.97 3.28
CA LEU P 182 -9.21 73.40 2.31
C LEU P 182 -8.91 74.42 1.20
N GLU P 183 -9.95 75.01 0.60
CA GLU P 183 -9.81 75.97 -0.52
C GLU P 183 -9.07 77.23 -0.04
N ASP P 184 -9.21 77.58 1.24
CA ASP P 184 -8.52 78.75 1.88
C ASP P 184 -7.07 78.37 2.24
N ALA P 185 -6.83 77.10 2.60
CA ALA P 185 -5.49 76.54 2.96
C ALA P 185 -4.60 76.43 1.71
N VAL P 186 -5.17 76.00 0.58
CA VAL P 186 -4.46 75.85 -0.72
C VAL P 186 -4.02 77.24 -1.19
N HIS P 187 -4.91 78.22 -1.06
CA HIS P 187 -4.62 79.66 -1.30
C HIS P 187 -3.40 80.03 -0.44
N THR P 188 -3.47 79.77 0.87
CA THR P 188 -2.44 80.15 1.89
C THR P 188 -1.10 79.47 1.59
N ALA P 189 -1.12 78.17 1.29
CA ALA P 189 0.06 77.36 0.92
C ALA P 189 0.81 78.01 -0.25
N LEU P 190 0.10 78.30 -1.33
CA LEU P 190 0.65 78.86 -2.58
C LEU P 190 1.12 80.30 -2.34
N LEU P 191 0.45 81.06 -1.47
CA LEU P 191 0.89 82.45 -1.12
C LEU P 191 2.23 82.40 -0.40
N THR P 192 2.45 81.36 0.41
CA THR P 192 3.67 81.14 1.21
C THR P 192 4.85 80.81 0.28
N LEU P 193 4.62 79.93 -0.69
CA LEU P 193 5.61 79.59 -1.75
C LEU P 193 5.98 80.88 -2.49
N LYS P 194 4.98 81.68 -2.86
CA LYS P 194 5.11 82.92 -3.68
C LYS P 194 6.02 83.95 -3.00
N GLU P 195 6.03 84.00 -1.66
CA GLU P 195 6.87 84.94 -0.86
C GLU P 195 8.35 84.65 -1.12
N GLY P 196 8.78 83.40 -0.90
CA GLY P 196 10.17 82.95 -1.11
C GLY P 196 10.55 82.84 -2.58
N PHE P 197 9.55 82.73 -3.48
CA PHE P 197 9.74 82.49 -4.93
C PHE P 197 10.47 83.68 -5.58
N ASP P 198 11.33 83.38 -6.56
CA ASP P 198 11.93 84.34 -7.51
C ASP P 198 11.47 83.93 -8.92
N GLY P 199 10.82 84.86 -9.63
CA GLY P 199 10.09 84.58 -10.89
C GLY P 199 8.66 84.19 -10.59
N GLN P 200 7.80 84.22 -11.62
CA GLN P 200 6.37 83.85 -11.53
C GLN P 200 6.27 82.35 -11.18
N MET P 201 5.22 81.98 -10.45
CA MET P 201 4.78 80.58 -10.23
C MET P 201 3.91 80.12 -11.41
N THR P 202 4.00 78.84 -11.76
CA THR P 202 3.21 78.18 -12.83
C THR P 202 2.90 76.75 -12.40
N SER P 203 2.04 76.07 -13.16
CA SER P 203 1.68 74.64 -12.98
C SER P 203 2.90 73.74 -13.30
N GLU P 204 3.90 74.27 -14.02
CA GLU P 204 5.18 73.57 -14.36
C GLU P 204 6.20 73.77 -13.24
N ASN P 205 6.05 74.86 -12.48
CA ASN P 205 7.07 75.39 -11.54
C ASN P 205 6.85 74.83 -10.13
N THR P 206 5.58 74.60 -9.75
CA THR P 206 5.14 74.07 -8.44
C THR P 206 4.28 72.84 -8.64
N GLN P 207 4.36 71.91 -7.69
CA GLN P 207 3.45 70.77 -7.56
C GLN P 207 2.67 70.98 -6.28
N VAL P 208 1.43 70.47 -6.21
CA VAL P 208 0.54 70.63 -5.02
C VAL P 208 -0.23 69.33 -4.83
N GLY P 209 0.08 68.61 -3.77
CA GLY P 209 -0.78 67.52 -3.27
C GLY P 209 -1.83 68.10 -2.39
N ARG P 210 -3.01 67.47 -2.32
CA ARG P 210 -4.00 67.79 -1.28
C ARG P 210 -4.72 66.51 -0.86
N VAL P 211 -4.93 66.40 0.44
CA VAL P 211 -5.77 65.37 1.09
C VAL P 211 -7.14 66.00 1.21
N VAL P 212 -8.16 65.38 0.63
CA VAL P 212 -9.56 65.88 0.65
C VAL P 212 -10.49 64.68 0.75
N GLU P 213 -11.63 64.84 1.42
CA GLU P 213 -12.55 63.73 1.74
C GLU P 213 -11.69 62.60 2.34
N ASN P 214 -11.57 61.45 1.67
CA ASN P 214 -10.88 60.26 2.24
C ASN P 214 -9.71 59.86 1.35
N ARG P 215 -9.19 60.78 0.54
CA ARG P 215 -8.18 60.48 -0.50
C ARG P 215 -7.13 61.59 -0.53
N PHE P 216 -5.92 61.22 -0.91
CA PHE P 216 -4.85 62.15 -1.33
C PHE P 216 -4.82 62.16 -2.85
N GLU P 217 -4.66 63.32 -3.45
CA GLU P 217 -4.46 63.45 -4.91
C GLU P 217 -3.44 64.56 -5.16
N ILE P 218 -2.72 64.47 -6.28
CA ILE P 218 -1.84 65.55 -6.79
C ILE P 218 -2.70 66.36 -7.74
N LEU P 219 -2.79 67.67 -7.53
CA LEU P 219 -3.52 68.57 -8.46
C LEU P 219 -2.91 68.42 -9.85
N SER P 220 -3.75 68.19 -10.87
CA SER P 220 -3.39 68.32 -12.30
C SER P 220 -3.01 69.78 -12.58
N VAL P 221 -2.28 70.04 -13.67
CA VAL P 221 -1.86 71.42 -14.06
C VAL P 221 -3.10 72.30 -14.31
N ASP P 222 -4.23 71.72 -14.75
CA ASP P 222 -5.51 72.45 -14.95
C ASP P 222 -6.06 72.91 -13.59
N GLN P 223 -6.10 72.01 -12.59
CA GLN P 223 -6.57 72.29 -11.21
C GLN P 223 -5.66 73.33 -10.54
N LEU P 224 -4.34 73.20 -10.73
CA LEU P 224 -3.31 74.13 -10.15
C LEU P 224 -3.44 75.52 -10.81
N ARG P 225 -3.74 75.60 -12.11
CA ARG P 225 -3.91 76.89 -12.84
C ARG P 225 -5.11 77.66 -12.26
N ASP P 226 -6.22 76.98 -11.95
CA ASP P 226 -7.42 77.58 -11.30
C ASP P 226 -7.01 78.30 -10.00
N TYR P 227 -6.12 77.71 -9.20
CA TYR P 227 -5.66 78.25 -7.88
C TYR P 227 -4.60 79.35 -8.08
N LEU P 228 -3.73 79.22 -9.08
CA LEU P 228 -2.64 80.19 -9.36
C LEU P 228 -3.19 81.48 -9.99
N ASP P 229 -4.39 81.43 -10.60
CA ASP P 229 -5.10 82.61 -11.18
C ASP P 229 -5.58 83.53 -10.05
N GLN P 230 -5.90 82.97 -8.87
CA GLN P 230 -6.53 83.68 -7.73
C GLN P 230 -5.49 84.37 -6.83
N ILE P 231 -4.25 83.85 -6.75
CA ILE P 231 -3.15 84.44 -5.92
C ILE P 231 -2.35 85.46 -6.73
N SER Q 2 38.76 51.24 3.94
CA SER Q 2 37.52 51.40 4.77
C SER Q 2 37.85 51.15 6.24
N HIS Q 3 38.76 50.23 6.60
CA HIS Q 3 39.18 50.01 8.01
C HIS Q 3 39.77 51.31 8.58
N ARG Q 4 40.37 52.15 7.71
CA ARG Q 4 41.03 53.45 8.05
C ARG Q 4 40.03 54.40 8.72
N TYR Q 5 38.76 54.34 8.30
CA TYR Q 5 37.67 55.28 8.69
C TYR Q 5 36.75 54.67 9.75
N ASP Q 6 37.15 53.55 10.37
CA ASP Q 6 36.44 52.95 11.52
C ASP Q 6 36.69 53.82 12.76
N SER Q 7 35.62 54.21 13.43
CA SER Q 7 35.59 55.07 14.64
C SER Q 7 35.93 54.23 15.88
N ARG Q 8 35.75 52.90 15.79
CA ARG Q 8 36.06 51.90 16.85
C ARG Q 8 35.22 52.26 18.08
N THR Q 9 33.90 52.17 17.92
CA THR Q 9 32.88 52.55 18.93
C THR Q 9 33.02 51.62 20.13
N THR Q 10 33.07 50.31 19.86
CA THR Q 10 33.07 49.21 20.88
C THR Q 10 34.51 48.83 21.23
N THR Q 11 35.30 49.80 21.68
CA THR Q 11 36.68 49.58 22.21
C THR Q 11 36.84 50.33 23.52
N PHE Q 12 37.69 49.82 24.38
CA PHE Q 12 38.15 50.55 25.59
C PHE Q 12 39.09 51.65 25.14
N SER Q 13 39.14 52.72 25.93
CA SER Q 13 40.20 53.75 25.89
C SER Q 13 41.24 53.38 26.95
N PRO Q 14 42.40 54.07 27.00
CA PRO Q 14 43.45 53.72 27.96
C PRO Q 14 43.07 53.75 29.45
N GLU Q 15 42.02 54.49 29.81
CA GLU Q 15 41.56 54.62 31.21
C GLU Q 15 40.52 53.54 31.52
N GLY Q 16 40.16 52.71 30.55
CA GLY Q 16 39.24 51.57 30.72
C GLY Q 16 37.79 51.99 30.58
N ARG Q 17 37.54 53.02 29.76
CA ARG Q 17 36.19 53.62 29.57
C ARG Q 17 35.79 53.52 28.10
N LEU Q 18 34.48 53.39 27.87
CA LEU Q 18 33.88 53.32 26.52
C LEU Q 18 33.42 54.74 26.15
N TYR Q 19 34.23 55.45 25.37
CA TYR Q 19 33.98 56.88 25.05
C TYR Q 19 32.59 57.06 24.44
N GLN Q 20 32.18 56.16 23.54
CA GLN Q 20 30.91 56.30 22.81
C GLN Q 20 29.75 56.29 23.82
N VAL Q 21 29.88 55.55 24.93
CA VAL Q 21 28.86 55.50 26.03
C VAL Q 21 28.93 56.80 26.85
N GLU Q 22 30.11 57.22 27.26
CA GLU Q 22 30.32 58.46 28.04
C GLU Q 22 29.67 59.64 27.30
N TYR Q 23 29.79 59.64 25.97
CA TYR Q 23 29.35 60.76 25.11
C TYR Q 23 27.85 60.66 24.92
N ALA Q 24 27.32 59.45 24.79
CA ALA Q 24 25.87 59.18 24.72
C ALA Q 24 25.20 59.66 26.02
N VAL Q 25 25.85 59.47 27.16
CA VAL Q 25 25.38 60.00 28.48
C VAL Q 25 25.30 61.53 28.40
N GLU Q 26 26.29 62.15 27.78
CA GLU Q 26 26.38 63.62 27.66
C GLU Q 26 25.24 64.10 26.75
N ALA Q 27 24.73 63.24 25.86
CA ALA Q 27 23.59 63.51 24.94
C ALA Q 27 22.27 63.43 25.69
N ILE Q 28 22.22 62.70 26.81
CA ILE Q 28 21.02 62.52 27.66
C ILE Q 28 20.92 63.70 28.62
N GLN Q 29 22.05 64.23 29.09
CA GLN Q 29 22.06 65.45 29.94
C GLN Q 29 21.65 66.68 29.13
N GLN Q 30 21.58 66.60 27.79
CA GLN Q 30 21.08 67.71 26.94
C GLN Q 30 19.55 67.61 26.82
N ALA Q 31 18.99 66.43 27.08
CA ALA Q 31 17.57 66.12 26.81
C ALA Q 31 16.67 66.69 27.91
N GLY Q 32 15.35 66.65 27.66
CA GLY Q 32 14.32 67.18 28.57
C GLY Q 32 14.34 66.42 29.88
N THR Q 33 14.28 67.15 31.00
CA THR Q 33 14.24 66.59 32.38
C THR Q 33 13.02 65.70 32.54
N VAL Q 34 13.20 64.52 33.13
CA VAL Q 34 12.09 63.62 33.57
C VAL Q 34 12.34 63.26 35.02
N ILE Q 35 11.31 63.38 35.85
CA ILE Q 35 11.32 63.05 37.30
C ILE Q 35 10.43 61.84 37.50
N GLY Q 36 10.95 60.85 38.21
CA GLY Q 36 10.20 59.68 38.69
C GLY Q 36 10.09 59.74 40.19
N VAL Q 37 8.88 59.54 40.73
CA VAL Q 37 8.64 59.42 42.19
C VAL Q 37 7.78 58.19 42.39
N CYS Q 38 8.34 57.20 43.08
CA CYS Q 38 7.72 55.90 43.43
C CYS Q 38 7.14 56.03 44.84
N THR Q 39 5.82 55.85 44.97
CA THR Q 39 5.09 55.94 46.25
C THR Q 39 4.53 54.55 46.56
N LYS Q 40 3.69 54.44 47.59
CA LYS Q 40 2.97 53.19 47.94
C LYS Q 40 1.67 53.11 47.14
N ASP Q 41 1.13 54.25 46.71
CA ASP Q 41 -0.13 54.35 45.94
C ASP Q 41 0.14 54.23 44.44
N GLY Q 42 1.32 54.61 43.97
CA GLY Q 42 1.68 54.51 42.54
C GLY Q 42 3.02 55.14 42.24
N VAL Q 43 3.43 55.12 40.98
CA VAL Q 43 4.63 55.84 40.49
C VAL Q 43 4.16 57.07 39.72
N VAL Q 44 4.95 58.13 39.76
CA VAL Q 44 4.69 59.39 38.99
C VAL Q 44 5.91 59.68 38.11
N LEU Q 45 5.68 59.84 36.82
CA LEU Q 45 6.63 60.47 35.89
C LEU Q 45 6.13 61.88 35.59
N ALA Q 46 6.99 62.88 35.79
CA ALA Q 46 6.77 64.26 35.30
C ALA Q 46 7.96 64.64 34.42
N GLY Q 47 7.69 65.07 33.19
CA GLY Q 47 8.70 65.34 32.17
C GLY Q 47 8.57 66.73 31.60
N GLU Q 48 9.65 67.26 31.05
CA GLU Q 48 9.73 68.60 30.42
C GLU Q 48 9.56 68.40 28.92
N LYS Q 49 8.39 68.77 28.40
CA LYS Q 49 8.09 68.83 26.95
C LYS Q 49 8.88 69.96 26.31
N MET Q 50 9.15 69.85 25.00
CA MET Q 50 9.73 70.95 24.17
C MET Q 50 8.72 72.10 24.13
N VAL Q 51 9.20 73.33 24.31
CA VAL Q 51 8.39 74.59 24.27
C VAL Q 51 7.44 74.51 23.09
N PRO Q 52 6.10 74.58 23.31
CA PRO Q 52 5.14 74.31 22.23
C PRO Q 52 5.00 75.49 21.25
N HIS Q 53 5.44 75.28 20.01
CA HIS Q 53 5.20 76.16 18.84
C HIS Q 53 3.69 76.20 18.57
N PRO Q 54 3.07 77.36 18.22
CA PRO Q 54 1.62 77.42 18.06
C PRO Q 54 1.05 76.58 16.91
N LEU Q 55 1.91 76.14 15.99
CA LEU Q 55 1.53 75.30 14.83
C LEU Q 55 1.71 73.81 15.14
N PHE Q 56 2.30 73.43 16.27
CA PHE Q 56 2.29 72.01 16.72
C PHE Q 56 0.85 71.55 16.77
N ASP Q 57 0.59 70.39 16.18
CA ASP Q 57 -0.73 69.73 16.19
C ASP Q 57 -0.65 68.48 17.07
N SER Q 58 -1.77 68.09 17.66
CA SER Q 58 -1.94 66.74 18.25
C SER Q 58 -2.14 65.77 17.09
N GLU Q 59 -1.50 64.60 17.18
CA GLU Q 59 -1.97 63.40 16.47
C GLU Q 59 -3.24 62.97 17.21
N SER Q 60 -4.41 63.08 16.59
CA SER Q 60 -5.72 62.87 17.28
C SER Q 60 -5.90 61.38 17.57
N MET Q 61 -5.00 60.79 18.37
CA MET Q 61 -4.98 59.36 18.73
C MET Q 61 -6.22 59.04 19.57
N GLN Q 62 -6.84 57.89 19.31
CA GLN Q 62 -8.10 57.43 19.94
C GLN Q 62 -7.85 57.19 21.44
N ASP Q 63 -6.78 56.47 21.78
CA ASP Q 63 -6.34 56.17 23.17
C ASP Q 63 -5.29 57.19 23.58
N LYS Q 64 -5.58 57.94 24.65
CA LYS Q 64 -4.81 59.11 25.12
C LYS Q 64 -3.70 58.69 26.07
N ASN Q 65 -3.78 57.47 26.61
CA ASN Q 65 -2.95 57.01 27.76
C ASN Q 65 -1.80 56.11 27.31
N THR Q 66 -1.59 55.87 26.01
CA THR Q 66 -0.50 54.94 25.58
C THR Q 66 0.74 55.75 25.22
N SER Q 67 0.63 56.94 24.60
CA SER Q 67 1.82 57.78 24.28
C SER Q 67 1.52 59.25 24.48
N GLY Q 68 2.55 60.00 24.88
CA GLY Q 68 2.62 61.46 24.82
C GLY Q 68 3.94 61.88 24.19
N GLU Q 69 4.38 63.11 24.42
CA GLU Q 69 5.71 63.58 23.97
C GLU Q 69 6.81 62.84 24.73
N LYS Q 70 6.61 62.66 26.03
CA LYS Q 70 7.67 62.27 27.01
C LYS Q 70 7.40 60.87 27.61
N MET Q 71 6.14 60.42 27.69
CA MET Q 71 5.69 59.19 28.39
C MET Q 71 5.19 58.17 27.38
N TYR Q 72 5.55 56.91 27.52
CA TYR Q 72 5.13 55.80 26.64
C TYR Q 72 4.70 54.62 27.50
N LYS Q 73 3.56 54.04 27.20
CA LYS Q 73 3.14 52.74 27.77
C LYS Q 73 3.96 51.66 27.08
N ILE Q 74 4.56 50.75 27.84
CA ILE Q 74 5.27 49.55 27.32
C ILE Q 74 4.32 48.34 27.36
N ALA Q 75 3.49 48.27 28.39
CA ALA Q 75 2.44 47.25 28.58
C ALA Q 75 1.46 47.77 29.61
N GLU Q 76 0.35 47.06 29.86
CA GLU Q 76 -0.74 47.57 30.75
C GLU Q 76 -0.14 47.98 32.09
N HIS Q 77 0.93 47.28 32.53
CA HIS Q 77 1.53 47.42 33.88
C HIS Q 77 2.91 48.06 33.85
N ILE Q 78 3.38 48.55 32.70
CA ILE Q 78 4.76 49.11 32.55
C ILE Q 78 4.68 50.35 31.68
N GLY Q 79 5.15 51.47 32.19
CA GLY Q 79 5.26 52.70 31.39
C GLY Q 79 6.69 53.14 31.41
N CYS Q 80 6.99 54.21 30.70
CA CYS Q 80 8.35 54.76 30.70
C CYS Q 80 8.35 56.20 30.21
N SER Q 81 9.39 56.92 30.61
CA SER Q 81 9.84 58.18 29.98
C SER Q 81 11.26 57.97 29.50
N VAL Q 82 11.63 58.71 28.46
CA VAL Q 82 12.97 58.63 27.84
C VAL Q 82 13.57 60.02 27.86
N ALA Q 83 14.88 60.07 28.05
CA ALA Q 83 15.72 61.24 27.80
C ALA Q 83 16.79 60.79 26.80
N GLY Q 84 16.94 61.55 25.72
CA GLY Q 84 18.04 61.38 24.75
C GLY Q 84 17.51 61.39 23.34
N VAL Q 85 18.17 60.64 22.46
CA VAL Q 85 17.85 60.52 21.02
C VAL Q 85 16.44 59.91 20.92
N THR Q 86 15.41 60.71 20.66
CA THR Q 86 13.99 60.25 20.63
C THR Q 86 13.84 59.08 19.66
N SER Q 87 14.54 59.11 18.52
CA SER Q 87 14.42 58.06 17.48
C SER Q 87 14.99 56.73 17.98
N ASP Q 88 16.04 56.77 18.81
CA ASP Q 88 16.60 55.56 19.47
C ASP Q 88 15.59 55.04 20.49
N ALA Q 89 15.06 55.94 21.31
CA ALA Q 89 14.00 55.66 22.30
C ALA Q 89 12.88 54.87 21.64
N TYR Q 90 12.40 55.32 20.49
CA TYR Q 90 11.25 54.69 19.77
C TYR Q 90 11.62 53.27 19.37
N ALA Q 91 12.86 53.06 18.92
CA ALA Q 91 13.40 51.75 18.48
C ALA Q 91 13.35 50.78 19.66
N LEU Q 92 13.79 51.25 20.82
CA LEU Q 92 13.95 50.47 22.06
C LEU Q 92 12.61 50.30 22.73
N LEU Q 93 11.77 51.32 22.66
CA LEU Q 93 10.37 51.23 23.16
C LEU Q 93 9.68 50.07 22.44
N ASN Q 94 9.75 50.03 21.11
CA ASN Q 94 9.12 48.94 20.34
C ASN Q 94 9.70 47.60 20.80
N TYR Q 95 10.99 47.54 21.08
CA TYR Q 95 11.67 46.29 21.51
C TYR Q 95 11.11 45.85 22.86
N ALA Q 96 10.95 46.80 23.77
CA ALA Q 96 10.39 46.61 25.13
C ALA Q 96 8.97 46.08 24.99
N ARG Q 97 8.16 46.73 24.15
CA ARG Q 97 6.74 46.37 23.98
C ARG Q 97 6.72 44.91 23.55
N LEU Q 98 7.47 44.56 22.52
CA LEU Q 98 7.56 43.16 22.03
C LEU Q 98 8.02 42.23 23.15
N SER Q 99 9.04 42.59 23.94
CA SER Q 99 9.61 41.69 24.96
C SER Q 99 8.58 41.42 26.04
N ALA Q 100 7.89 42.46 26.49
CA ALA Q 100 6.82 42.34 27.52
C ALA Q 100 5.69 41.46 26.99
N LEU Q 101 5.37 41.54 25.70
CA LEU Q 101 4.30 40.73 25.08
C LEU Q 101 4.79 39.32 24.79
N ARG Q 102 6.06 39.17 24.41
CA ARG Q 102 6.68 37.84 24.19
C ARG Q 102 6.65 37.09 25.52
N HIS Q 103 6.90 37.78 26.63
CA HIS Q 103 6.81 37.18 27.98
C HIS Q 103 5.36 36.77 28.25
N GLN Q 104 4.41 37.67 28.03
CA GLN Q 104 2.97 37.37 28.20
C GLN Q 104 2.52 36.23 27.29
N TYR Q 105 3.10 36.10 26.10
CA TYR Q 105 2.79 34.99 25.19
C TYR Q 105 3.16 33.69 25.88
N THR Q 106 4.41 33.60 26.31
CA THR Q 106 5.00 32.38 26.89
C THR Q 106 4.31 32.03 28.21
N PHE Q 107 4.29 32.95 29.17
CA PHE Q 107 3.90 32.67 30.57
C PHE Q 107 2.45 33.04 30.84
N GLN Q 108 1.77 33.78 29.96
CA GLN Q 108 0.37 34.23 30.15
C GLN Q 108 0.26 34.94 31.50
N GLU Q 109 1.28 35.69 31.87
CA GLU Q 109 1.27 36.59 33.04
C GLU Q 109 2.07 37.84 32.67
N PRO Q 110 1.81 38.99 33.32
CA PRO Q 110 2.61 40.19 33.06
C PRO Q 110 4.07 40.03 33.48
N MET Q 111 4.96 40.51 32.61
CA MET Q 111 6.43 40.50 32.82
C MET Q 111 6.74 41.35 34.05
N ALA Q 112 7.66 40.87 34.89
CA ALA Q 112 8.14 41.64 36.05
C ALA Q 112 8.84 42.87 35.50
N ILE Q 113 8.80 43.98 36.23
CA ILE Q 113 9.44 45.22 35.74
C ILE Q 113 10.93 45.01 35.63
N GLU Q 114 11.57 44.45 36.66
CA GLU Q 114 13.04 44.26 36.66
C GLU Q 114 13.44 43.39 35.46
N ASP Q 115 12.61 42.41 35.08
CA ASP Q 115 12.88 41.50 33.94
C ASP Q 115 12.90 42.28 32.64
N LEU Q 116 11.95 43.20 32.47
CA LEU Q 116 11.87 44.02 31.24
C LEU Q 116 13.07 44.95 31.19
N CYS Q 117 13.27 45.70 32.27
CA CYS Q 117 14.43 46.59 32.48
C CYS Q 117 15.73 45.86 32.11
N ARG Q 118 15.86 44.61 32.56
CA ARG Q 118 17.04 43.74 32.31
C ARG Q 118 17.13 43.39 30.82
N ILE Q 119 16.03 43.09 30.17
CA ILE Q 119 16.00 42.72 28.71
C ILE Q 119 16.33 43.95 27.86
N LEU Q 120 15.68 45.07 28.15
CA LEU Q 120 15.89 46.40 27.51
C LEU Q 120 17.34 46.85 27.69
N CYS Q 121 17.97 46.53 28.81
CA CYS Q 121 19.35 46.96 29.14
C CYS Q 121 20.39 45.98 28.59
N ASP Q 122 20.02 44.72 28.39
CA ASP Q 122 20.87 43.69 27.74
C ASP Q 122 21.07 44.10 26.29
N GLU Q 123 20.03 44.70 25.70
CA GLU Q 123 20.00 45.18 24.29
C GLU Q 123 20.95 46.37 24.15
N LYS Q 124 20.92 47.29 25.09
CA LYS Q 124 21.78 48.48 25.07
C LYS Q 124 23.24 48.06 25.29
N GLN Q 125 23.48 47.09 26.17
CA GLN Q 125 24.85 46.60 26.51
C GLN Q 125 25.49 46.04 25.24
N LEU Q 126 24.77 45.19 24.49
CA LEU Q 126 25.24 44.58 23.22
C LEU Q 126 25.95 45.62 22.35
N TYR Q 127 25.37 46.81 22.22
CA TYR Q 127 25.85 47.83 21.27
C TYR Q 127 27.08 48.54 21.84
N THR Q 128 27.50 48.24 23.07
CA THR Q 128 28.74 48.77 23.69
C THR Q 128 29.84 47.72 23.63
N GLN Q 129 29.56 46.53 23.12
CA GLN Q 129 30.55 45.42 23.09
C GLN Q 129 30.73 44.85 21.68
N TYR Q 130 29.65 44.55 20.97
CA TYR Q 130 29.66 43.97 19.60
C TYR Q 130 29.26 45.05 18.58
N GLY Q 131 29.71 44.89 17.34
CA GLY Q 131 28.95 45.35 16.15
C GLY Q 131 29.42 46.66 15.56
N GLY Q 132 30.40 47.31 16.19
CA GLY Q 132 31.09 48.48 15.62
C GLY Q 132 30.17 49.65 15.28
N VAL Q 133 29.01 49.76 15.91
CA VAL Q 133 28.05 50.88 15.71
C VAL Q 133 27.93 51.63 17.03
N ARG Q 134 27.40 52.85 17.00
CA ARG Q 134 27.21 53.68 18.22
C ARG Q 134 26.25 52.97 19.15
N PRO Q 135 26.30 53.24 20.47
CA PRO Q 135 25.24 52.83 21.38
C PRO Q 135 23.93 53.61 21.21
N TYR Q 136 22.86 53.10 21.79
CA TYR Q 136 21.58 53.83 21.95
C TYR Q 136 21.81 55.00 22.91
N GLY Q 137 21.57 56.22 22.43
CA GLY Q 137 21.80 57.46 23.22
C GLY Q 137 20.56 57.84 23.98
N VAL Q 138 20.01 56.90 24.74
CA VAL Q 138 18.71 57.04 25.44
C VAL Q 138 18.84 56.42 26.82
N SER Q 139 18.32 57.10 27.82
CA SER Q 139 18.13 56.61 29.20
C SER Q 139 16.64 56.51 29.43
N PHE Q 140 16.16 55.44 30.05
CA PHE Q 140 14.73 55.24 30.37
C PHE Q 140 14.50 55.47 31.87
N LEU Q 141 13.35 56.04 32.21
CA LEU Q 141 12.67 55.77 33.50
C LEU Q 141 11.58 54.75 33.21
N LEU Q 142 11.77 53.51 33.61
CA LEU Q 142 10.71 52.48 33.61
C LEU Q 142 9.97 52.60 34.92
N VAL Q 143 8.67 52.66 34.84
CA VAL Q 143 7.78 52.53 36.01
C VAL Q 143 6.89 51.33 35.71
N GLY Q 144 6.09 50.92 36.66
CA GLY Q 144 5.38 49.65 36.52
C GLY Q 144 5.06 49.08 37.87
N TRP Q 145 4.14 48.14 37.86
CA TRP Q 145 3.73 47.36 39.05
C TRP Q 145 3.80 45.88 38.67
N ASP Q 146 4.35 45.06 39.56
CA ASP Q 146 4.22 43.58 39.48
C ASP Q 146 3.90 43.06 40.88
N ARG Q 147 3.50 41.79 40.97
CA ARG Q 147 3.10 41.16 42.24
C ARG Q 147 4.35 40.93 43.11
N TYR Q 148 5.55 40.96 42.53
CA TYR Q 148 6.80 40.60 43.23
C TYR Q 148 7.21 41.74 44.16
N TYR Q 149 7.48 42.91 43.61
CA TYR Q 149 8.07 44.06 44.36
C TYR Q 149 7.12 45.25 44.41
N GLY Q 150 5.95 45.15 43.75
CA GLY Q 150 4.93 46.21 43.77
C GLY Q 150 5.29 47.32 42.82
N TYR Q 151 5.09 48.57 43.25
CA TYR Q 151 5.41 49.77 42.44
C TYR Q 151 6.92 49.91 42.37
N GLN Q 152 7.44 50.09 41.16
CA GLN Q 152 8.89 50.12 40.92
C GLN Q 152 9.18 51.24 39.94
N LEU Q 153 10.33 51.87 40.14
CA LEU Q 153 10.93 52.87 39.23
C LEU Q 153 12.36 52.44 38.96
N TYR Q 154 12.73 52.29 37.69
CA TYR Q 154 14.09 51.96 37.24
C TYR Q 154 14.59 53.05 36.34
N SER Q 155 15.84 53.46 36.56
CA SER Q 155 16.64 54.20 35.58
C SER Q 155 17.38 53.17 34.77
N THR Q 156 17.72 53.53 33.56
CA THR Q 156 18.33 52.68 32.53
C THR Q 156 19.35 53.59 31.87
N GLU Q 157 20.57 53.14 31.65
CA GLU Q 157 21.69 54.00 31.19
C GLU Q 157 22.16 53.46 29.84
N PRO Q 158 22.76 54.26 28.93
CA PRO Q 158 23.18 53.76 27.62
C PRO Q 158 24.22 52.62 27.64
N SER Q 159 25.06 52.59 28.68
CA SER Q 159 26.00 51.50 29.04
C SER Q 159 25.31 50.15 29.08
N GLY Q 160 24.03 50.14 29.45
CA GLY Q 160 23.26 48.92 29.78
C GLY Q 160 22.97 48.84 31.28
N ASP Q 161 23.75 49.47 32.16
CA ASP Q 161 23.48 49.33 33.62
C ASP Q 161 22.18 50.06 33.95
N TYR Q 162 21.39 49.45 34.84
CA TYR Q 162 20.12 49.97 35.39
C TYR Q 162 20.18 49.86 36.90
N SER Q 163 19.30 50.60 37.57
CA SER Q 163 19.25 50.75 39.03
C SER Q 163 17.80 50.99 39.42
N ALA Q 164 17.36 50.42 40.55
CA ALA Q 164 16.04 50.69 41.12
C ALA Q 164 16.15 51.96 41.95
N TRP Q 165 15.11 52.78 41.95
CA TRP Q 165 15.06 54.07 42.66
C TRP Q 165 13.71 54.23 43.34
N SER Q 166 13.70 54.91 44.47
CA SER Q 166 12.49 55.41 45.16
C SER Q 166 11.99 56.61 44.39
N ALA Q 167 12.91 57.52 44.06
CA ALA Q 167 12.67 58.67 43.18
C ALA Q 167 13.96 58.92 42.42
N TYR Q 168 13.87 59.51 41.23
CA TYR Q 168 15.04 59.75 40.36
C TYR Q 168 14.67 60.75 39.28
N ALA Q 169 15.68 61.17 38.54
CA ALA Q 169 15.56 62.15 37.45
C ALA Q 169 16.59 61.83 36.38
N ILE Q 170 16.20 61.97 35.12
CA ILE Q 170 17.13 61.94 33.96
C ILE Q 170 16.94 63.21 33.17
N GLY Q 171 17.84 63.48 32.22
CA GLY Q 171 17.79 64.70 31.41
C GLY Q 171 18.57 65.85 32.03
N GLN Q 172 18.02 67.06 31.90
CA GLN Q 172 18.79 68.31 31.72
C GLN Q 172 19.50 68.66 33.04
N ASN Q 173 18.79 68.62 34.16
CA ASN Q 173 19.36 69.07 35.47
C ASN Q 173 19.23 67.90 36.45
N ASP Q 174 19.64 66.71 36.02
CA ASP Q 174 19.47 65.43 36.75
C ASP Q 174 20.07 65.57 38.16
N GLN Q 175 21.20 66.27 38.30
CA GLN Q 175 21.96 66.40 39.58
C GLN Q 175 21.18 67.32 40.54
N VAL Q 176 20.69 68.45 40.03
CA VAL Q 176 19.91 69.45 40.81
C VAL Q 176 18.62 68.79 41.30
N ALA Q 177 17.99 67.95 40.47
CA ALA Q 177 16.75 67.21 40.79
C ALA Q 177 17.02 66.19 41.89
N HIS Q 178 18.07 65.37 41.75
CA HIS Q 178 18.49 64.33 42.74
C HIS Q 178 18.66 64.94 44.13
N ALA Q 179 19.20 66.16 44.23
CA ALA Q 179 19.35 66.92 45.49
C ALA Q 179 17.97 67.22 46.10
N LEU Q 180 17.04 67.69 45.27
CA LEU Q 180 15.69 68.18 45.70
C LEU Q 180 14.73 67.00 45.96
N LEU Q 181 15.02 65.82 45.41
CA LEU Q 181 14.29 64.56 45.71
C LEU Q 181 14.85 63.94 46.99
N LYS Q 182 16.17 63.95 47.18
CA LYS Q 182 16.86 63.44 48.41
C LYS Q 182 16.24 64.08 49.65
N LYS Q 183 16.00 65.38 49.59
CA LYS Q 183 15.52 66.20 50.72
C LYS Q 183 14.07 65.83 51.07
N ASP Q 184 13.19 65.71 50.07
CA ASP Q 184 11.72 65.83 50.25
C ASP Q 184 10.98 64.49 50.00
N TRP Q 185 11.67 63.43 49.61
CA TRP Q 185 11.06 62.08 49.40
C TRP Q 185 11.10 61.30 50.72
N HIS Q 186 9.96 60.75 51.16
CA HIS Q 186 9.85 59.84 52.33
C HIS Q 186 9.02 58.60 51.95
N GLU Q 187 9.23 57.53 52.73
CA GLU Q 187 8.82 56.12 52.42
C GLU Q 187 7.28 56.02 52.42
N SER Q 188 6.62 56.86 53.24
CA SER Q 188 5.16 56.86 53.48
C SER Q 188 4.55 58.10 52.81
N MET Q 189 4.17 57.96 51.54
CA MET Q 189 3.83 59.08 50.62
C MET Q 189 2.58 58.68 49.83
N THR Q 190 1.53 59.51 49.83
CA THR Q 190 0.34 59.29 48.97
C THR Q 190 0.74 59.64 47.53
N LEU Q 191 -0.05 59.20 46.55
CA LEU Q 191 0.17 59.50 45.12
C LEU Q 191 0.11 61.01 44.91
N GLU Q 192 -0.91 61.66 45.50
CA GLU Q 192 -1.11 63.13 45.49
C GLU Q 192 0.16 63.83 45.99
N ASP Q 193 0.81 63.26 47.01
CA ASP Q 193 1.99 63.82 47.72
C ASP Q 193 3.26 63.59 46.87
N GLY Q 194 3.31 62.50 46.10
CA GLY Q 194 4.40 62.20 45.14
C GLY Q 194 4.26 62.96 43.83
N MET Q 195 3.03 63.13 43.33
CA MET Q 195 2.64 64.03 42.21
C MET Q 195 3.13 65.44 42.50
N LEU Q 196 2.87 65.92 43.72
CA LEU Q 196 3.28 67.24 44.23
C LEU Q 196 4.81 67.35 44.18
N LEU Q 197 5.51 66.38 44.76
CA LEU Q 197 7.00 66.36 44.80
C LEU Q 197 7.54 66.46 43.38
N ALA Q 198 7.17 65.51 42.52
CA ALA Q 198 7.63 65.40 41.12
C ALA Q 198 7.50 66.75 40.41
N LEU Q 199 6.37 67.43 40.56
CA LEU Q 199 6.07 68.73 39.89
C LEU Q 199 6.84 69.88 40.53
N ARG Q 200 7.07 69.85 41.86
CA ARG Q 200 7.86 70.89 42.56
C ARG Q 200 9.31 70.80 42.10
N VAL Q 201 9.85 69.58 41.98
CA VAL Q 201 11.25 69.32 41.56
C VAL Q 201 11.38 69.63 40.07
N LEU Q 202 10.38 69.27 39.27
CA LEU Q 202 10.33 69.60 37.81
C LEU Q 202 10.33 71.12 37.68
N GLY Q 203 9.38 71.78 38.36
CA GLY Q 203 9.25 73.25 38.40
C GLY Q 203 10.57 73.93 38.77
N LYS Q 204 11.30 73.39 39.75
CA LYS Q 204 12.53 74.04 40.29
C LYS Q 204 13.73 73.79 39.35
N THR Q 205 13.82 72.64 38.68
CA THR Q 205 14.92 72.30 37.73
C THR Q 205 14.85 73.19 36.48
N MET Q 206 13.65 73.46 35.96
CA MET Q 206 13.47 74.27 34.72
C MET Q 206 13.15 75.73 35.08
N ASP Q 207 13.29 76.11 36.36
CA ASP Q 207 13.53 77.50 36.85
C ASP Q 207 12.31 78.39 36.53
N THR Q 208 11.10 77.86 36.71
CA THR Q 208 9.80 78.55 36.47
C THR Q 208 9.19 78.94 37.82
N ALA Q 209 8.60 80.14 37.90
CA ALA Q 209 7.87 80.66 39.09
C ALA Q 209 6.70 79.73 39.41
N LYS Q 210 5.81 79.54 38.43
CA LYS Q 210 4.71 78.54 38.43
C LYS Q 210 5.06 77.39 37.48
N ILE Q 211 4.46 76.22 37.67
CA ILE Q 211 4.61 75.04 36.76
C ILE Q 211 3.83 75.36 35.47
N ASP Q 212 4.54 75.40 34.34
CA ASP Q 212 4.01 75.77 32.99
C ASP Q 212 3.34 74.55 32.35
N LEU Q 213 2.02 74.42 32.51
CA LEU Q 213 1.18 73.27 32.06
C LEU Q 213 1.51 72.90 30.60
N ASP Q 214 1.85 73.88 29.77
CA ASP Q 214 2.17 73.70 28.32
C ASP Q 214 3.48 72.94 28.15
N ARG Q 215 4.42 73.01 29.11
CA ARG Q 215 5.78 72.45 28.98
C ARG Q 215 5.95 71.17 29.83
N VAL Q 216 4.96 70.76 30.63
CA VAL Q 216 5.09 69.51 31.46
C VAL Q 216 4.03 68.50 31.03
N GLU Q 217 4.45 67.25 30.96
CA GLU Q 217 3.59 66.05 30.84
C GLU Q 217 3.72 65.33 32.17
N VAL Q 218 2.66 64.65 32.59
CA VAL Q 218 2.70 63.76 33.78
C VAL Q 218 2.01 62.45 33.42
N ALA Q 219 2.68 61.35 33.74
CA ALA Q 219 2.11 60.00 33.71
C ALA Q 219 2.09 59.45 35.13
N VAL Q 220 1.14 58.55 35.38
CA VAL Q 220 0.94 57.90 36.69
C VAL Q 220 0.70 56.41 36.45
N MET Q 221 1.63 55.58 36.91
CA MET Q 221 1.41 54.13 37.11
C MET Q 221 0.72 53.96 38.45
N ARG Q 222 -0.49 53.42 38.45
CA ARG Q 222 -1.25 53.10 39.70
C ARG Q 222 -2.19 51.94 39.43
N LYS Q 223 -2.61 51.28 40.51
CA LYS Q 223 -3.62 50.20 40.48
C LYS Q 223 -4.99 50.84 40.61
N VAL Q 224 -5.95 50.39 39.78
CA VAL Q 224 -7.37 50.83 39.79
C VAL Q 224 -8.24 49.58 39.92
N PRO Q 225 -9.52 49.71 40.35
CA PRO Q 225 -10.44 48.57 40.28
C PRO Q 225 -10.55 48.02 38.85
N ALA Q 226 -10.50 46.70 38.71
CA ALA Q 226 -10.63 45.95 37.44
C ALA Q 226 -12.12 45.73 37.16
N SER Q 227 -12.57 46.10 35.96
CA SER Q 227 -14.01 46.16 35.55
C SER Q 227 -14.36 44.99 34.62
N ASN Q 228 -13.68 44.88 33.48
CA ASN Q 228 -13.93 43.84 32.44
C ASN Q 228 -13.30 42.52 32.90
N ILE Q 229 -13.98 41.83 33.81
CA ILE Q 229 -13.54 40.51 34.39
C ILE Q 229 -13.75 39.45 33.30
N ASP Q 230 -15.00 39.30 32.83
CA ASP Q 230 -15.47 38.26 31.87
C ASP Q 230 -15.19 36.87 32.46
N GLN Q 231 -15.64 36.64 33.71
CA GLN Q 231 -15.34 35.43 34.52
C GLN Q 231 -15.94 34.18 33.86
N LEU Q 232 -17.08 34.29 33.17
CA LEU Q 232 -17.78 33.11 32.61
C LEU Q 232 -17.01 32.52 31.43
N LEU Q 233 -16.11 33.29 30.80
CA LEU Q 233 -15.37 32.84 29.59
C LEU Q 233 -14.18 31.97 29.97
N ASP Q 234 -13.56 32.22 31.13
CA ASP Q 234 -12.57 31.29 31.76
C ASP Q 234 -12.91 31.16 33.23
N PRO Q 235 -13.78 30.19 33.63
CA PRO Q 235 -14.20 30.04 35.02
C PRO Q 235 -13.07 29.87 36.06
N PHE Q 236 -11.95 29.27 35.65
CA PHE Q 236 -10.83 28.88 36.53
C PHE Q 236 -9.78 29.98 36.61
N LYS Q 237 -9.88 31.01 35.76
CA LYS Q 237 -8.89 32.12 35.72
C LYS Q 237 -9.23 33.05 36.88
N HIS Q 238 -8.24 33.33 37.74
CA HIS Q 238 -8.32 34.32 38.84
C HIS Q 238 -8.04 35.71 38.26
N HIS Q 239 -9.00 36.62 38.39
CA HIS Q 239 -8.86 38.06 38.03
C HIS Q 239 -8.65 38.84 39.32
N PRO Q 240 -7.50 39.55 39.47
CA PRO Q 240 -7.29 40.43 40.61
C PRO Q 240 -8.31 41.57 40.68
N LYS Q 241 -8.64 42.00 41.90
CA LYS Q 241 -9.63 43.08 42.17
C LYS Q 241 -9.09 44.36 41.54
N THR Q 242 -7.84 44.69 41.84
CA THR Q 242 -7.13 45.88 41.34
C THR Q 242 -6.13 45.43 40.26
N THR Q 243 -6.16 46.10 39.10
CA THR Q 243 -5.22 45.90 37.99
C THR Q 243 -4.45 47.20 37.81
N PRO Q 244 -3.13 47.16 37.50
CA PRO Q 244 -2.36 48.37 37.20
C PRO Q 244 -2.87 49.05 35.93
N ARG Q 245 -2.85 50.38 35.92
CA ARG Q 245 -3.24 51.21 34.74
C ARG Q 245 -2.28 52.39 34.64
N PHE Q 246 -1.52 52.43 33.55
CA PHE Q 246 -0.71 53.60 33.13
C PHE Q 246 -1.66 54.66 32.59
N GLN Q 247 -1.55 55.88 33.09
CA GLN Q 247 -2.40 57.03 32.67
C GLN Q 247 -1.47 58.23 32.45
N ILE Q 248 -1.64 58.92 31.32
CA ILE Q 248 -0.95 60.21 31.02
C ILE Q 248 -1.96 61.31 31.27
N LEU Q 249 -1.70 62.17 32.25
CA LEU Q 249 -2.66 63.21 32.68
C LEU Q 249 -2.85 64.18 31.52
N THR Q 250 -4.11 64.57 31.29
CA THR Q 250 -4.55 65.66 30.37
C THR Q 250 -4.06 67.00 30.95
N ARG Q 251 -4.34 68.10 30.27
CA ARG Q 251 -4.09 69.48 30.78
C ARG Q 251 -5.02 69.73 31.98
N SER Q 252 -6.32 69.40 31.83
CA SER Q 252 -7.39 69.59 32.87
C SER Q 252 -7.14 68.71 34.10
N GLU Q 253 -6.59 67.51 33.91
CA GLU Q 253 -6.35 66.48 34.97
C GLU Q 253 -5.12 66.88 35.79
N LEU Q 254 -4.18 67.61 35.16
CA LEU Q 254 -2.88 68.05 35.73
C LEU Q 254 -3.01 69.40 36.44
N LYS Q 255 -3.95 70.26 36.02
CA LYS Q 255 -4.09 71.68 36.47
C LYS Q 255 -4.26 71.78 37.98
N PRO Q 256 -5.13 70.99 38.67
CA PRO Q 256 -5.21 71.06 40.14
C PRO Q 256 -3.91 70.63 40.86
N HIS Q 257 -3.24 69.58 40.35
CA HIS Q 257 -1.94 69.06 40.86
C HIS Q 257 -0.84 70.10 40.65
N ALA Q 258 -0.94 70.90 39.56
CA ALA Q 258 0.04 71.94 39.16
C ALA Q 258 -0.20 73.23 39.97
N GLU Q 259 -1.46 73.56 40.25
CA GLU Q 259 -1.85 74.72 41.10
C GLU Q 259 -1.46 74.45 42.55
N ARG Q 260 -1.41 73.18 42.97
CA ARG Q 260 -1.03 72.77 44.35
C ARG Q 260 0.50 72.83 44.52
N ALA Q 261 1.27 72.63 43.44
CA ALA Q 261 2.76 72.72 43.43
C ALA Q 261 3.20 74.18 43.28
N ASP Q 262 2.34 75.01 42.66
CA ASP Q 262 2.45 76.49 42.62
C ASP Q 262 2.32 77.03 44.05
N GLN Q 263 1.23 76.66 44.75
CA GLN Q 263 0.90 77.14 46.12
C GLN Q 263 1.96 76.69 47.13
N ALA Q 264 2.55 75.51 46.95
CA ALA Q 264 3.60 74.94 47.84
C ALA Q 264 4.94 75.66 47.61
N ARG Q 265 5.26 76.03 46.36
CA ARG Q 265 6.42 76.91 46.02
C ARG Q 265 6.19 78.30 46.64
N GLU Q 266 4.96 78.82 46.57
CA GLU Q 266 4.56 80.17 47.08
C GLU Q 266 4.75 80.22 48.60
N ALA Q 267 4.25 79.20 49.31
CA ALA Q 267 4.32 79.05 50.79
C ALA Q 267 5.77 78.84 51.25
N GLU Q 268 6.61 78.17 50.44
CA GLU Q 268 8.05 77.95 50.71
C GLU Q 268 8.84 79.24 50.47
N GLU Q 269 8.37 80.13 49.60
CA GLU Q 269 8.98 81.46 49.30
C GLU Q 269 8.60 82.48 50.37
N LYS Q 270 7.46 82.29 51.06
CA LYS Q 270 7.02 83.08 52.25
C LYS Q 270 7.84 82.65 53.48
N ALA Q 271 8.30 81.41 53.53
CA ALA Q 271 9.22 80.87 54.57
C ALA Q 271 10.64 81.43 54.37
N GLU Q 272 11.11 81.53 53.12
CA GLU Q 272 12.43 82.12 52.73
C GLU Q 272 12.46 83.62 53.04
N ALA Q 273 11.31 84.30 53.04
CA ALA Q 273 11.14 85.73 53.41
C ALA Q 273 11.25 85.89 54.94
N GLU Q 274 10.79 84.90 55.72
CA GLU Q 274 10.75 84.91 57.21
C GLU Q 274 12.09 84.42 57.82
N ARG Q 275 12.85 83.57 57.10
CA ARG Q 275 14.23 83.13 57.47
C ARG Q 275 15.18 84.34 57.44
N GLN Q 276 15.04 85.21 56.44
CA GLN Q 276 15.85 86.45 56.25
C GLN Q 276 15.52 87.47 57.37
N ARG Q 277 14.24 87.63 57.71
CA ARG Q 277 13.74 88.49 58.83
C ARG Q 277 14.39 88.05 60.15
N SER R 2 28.75 40.15 9.25
CA SER R 2 28.76 41.03 10.47
C SER R 2 30.13 41.70 10.62
N TYR R 3 30.22 42.63 11.56
CA TYR R 3 31.45 43.40 11.89
C TYR R 3 32.37 42.51 12.72
N ASP R 4 33.44 42.02 12.10
CA ASP R 4 34.48 41.15 12.73
C ASP R 4 35.84 41.79 12.51
N ARG R 5 35.95 43.11 12.66
CA ARG R 5 37.26 43.80 12.74
C ARG R 5 37.97 43.32 14.00
N ALA R 6 39.30 43.19 13.96
CA ALA R 6 40.16 42.78 15.10
C ALA R 6 40.31 43.95 16.06
N ILE R 7 39.79 43.81 17.28
CA ILE R 7 39.77 44.88 18.33
C ILE R 7 40.90 44.59 19.33
N THR R 8 41.02 43.35 19.78
CA THR R 8 42.07 42.94 20.75
C THR R 8 43.25 42.44 19.92
N VAL R 9 44.35 43.20 19.90
CA VAL R 9 45.53 42.94 19.05
C VAL R 9 46.80 43.23 19.84
N PHE R 10 47.88 42.58 19.45
CA PHE R 10 49.18 42.75 20.13
C PHE R 10 49.78 44.07 19.69
N SER R 11 50.45 44.73 20.63
CA SER R 11 51.24 45.95 20.42
C SER R 11 52.72 45.57 20.46
N PRO R 12 53.63 46.40 19.90
CA PRO R 12 55.06 46.12 19.91
C PRO R 12 55.71 45.49 21.16
N ASP R 13 55.24 45.81 22.37
CA ASP R 13 55.85 45.30 23.62
C ASP R 13 55.26 43.94 24.02
N GLY R 14 54.32 43.39 23.23
CA GLY R 14 53.68 42.09 23.49
C GLY R 14 52.39 42.22 24.28
N HIS R 15 51.98 43.45 24.59
CA HIS R 15 50.77 43.76 25.39
C HIS R 15 49.54 43.66 24.49
N LEU R 16 48.45 43.07 25.01
CA LEU R 16 47.08 43.22 24.47
C LEU R 16 46.46 44.46 25.13
N PHE R 17 46.55 45.63 24.51
CA PHE R 17 46.11 46.91 25.12
C PHE R 17 44.64 46.81 25.53
N GLN R 18 43.81 46.14 24.73
CA GLN R 18 42.35 46.13 24.95
C GLN R 18 42.04 45.35 26.23
N VAL R 19 42.88 44.38 26.57
CA VAL R 19 42.75 43.57 27.81
C VAL R 19 43.33 44.36 28.99
N GLU R 20 44.43 45.07 28.78
CA GLU R 20 45.05 45.93 29.83
C GLU R 20 44.08 47.05 30.22
N TYR R 21 43.25 47.51 29.29
CA TYR R 21 42.27 48.60 29.50
C TYR R 21 41.01 48.05 30.14
N ALA R 22 40.58 46.84 29.76
CA ALA R 22 39.50 46.13 30.46
C ALA R 22 39.89 45.92 31.93
N GLN R 23 41.18 45.76 32.25
CA GLN R 23 41.67 45.64 33.66
C GLN R 23 41.69 47.01 34.31
N GLU R 24 41.92 48.07 33.55
CA GLU R 24 41.82 49.46 34.04
C GLU R 24 40.37 49.74 34.48
N ALA R 25 39.40 49.10 33.83
CA ALA R 25 37.96 49.24 34.10
C ALA R 25 37.61 48.52 35.40
N VAL R 26 38.35 47.45 35.70
CA VAL R 26 38.15 46.57 36.89
C VAL R 26 38.78 47.26 38.09
N LYS R 27 39.96 47.85 37.96
CA LYS R 27 40.62 48.65 39.03
C LYS R 27 39.69 49.79 39.48
N LYS R 28 38.94 50.40 38.57
CA LYS R 28 38.00 51.50 38.89
C LYS R 28 36.76 50.94 39.60
N GLY R 29 36.43 49.66 39.35
CA GLY R 29 35.28 48.95 39.91
C GLY R 29 35.33 48.83 41.41
N LEU R 30 34.17 48.65 42.04
CA LEU R 30 34.01 48.55 43.52
C LEU R 30 34.73 47.30 44.01
N ALA R 31 35.45 47.41 45.12
CA ALA R 31 36.19 46.29 45.75
C ALA R 31 35.22 45.17 46.16
N ALA R 32 35.59 43.93 45.82
CA ALA R 32 34.99 42.69 46.35
C ALA R 32 36.13 41.84 46.91
N VAL R 33 35.76 40.88 47.75
CA VAL R 33 36.70 40.10 48.59
C VAL R 33 36.11 38.72 48.83
N GLY R 34 36.94 37.70 48.74
CA GLY R 34 36.58 36.30 49.02
C GLY R 34 37.52 35.73 50.06
N VAL R 35 36.99 34.96 51.01
CA VAL R 35 37.79 34.33 52.09
C VAL R 35 37.26 32.91 52.28
N LEU R 36 38.14 31.95 52.04
CA LEU R 36 37.91 30.50 52.18
C LEU R 36 38.24 30.10 53.62
N GLY R 37 37.33 29.40 54.28
CA GLY R 37 37.53 28.82 55.63
C GLY R 37 37.45 27.31 55.58
N SER R 38 37.46 26.70 56.76
CA SER R 38 37.37 25.22 56.96
C SER R 38 36.07 24.70 56.31
N ASP R 39 34.95 25.34 56.64
CA ASP R 39 33.58 24.89 56.30
C ASP R 39 32.78 26.00 55.62
N SER R 40 33.39 27.16 55.34
CA SER R 40 32.70 28.38 54.85
C SER R 40 33.49 29.03 53.71
N VAL R 41 32.79 29.62 52.74
CA VAL R 41 33.32 30.67 51.84
C VAL R 41 32.56 31.96 52.15
N VAL R 42 33.27 33.06 52.30
CA VAL R 42 32.69 34.40 52.55
C VAL R 42 33.10 35.29 51.39
N ILE R 43 32.12 35.86 50.69
CA ILE R 43 32.31 36.92 49.67
C ILE R 43 31.72 38.19 50.26
N ALA R 44 32.52 39.24 50.36
CA ALA R 44 32.11 40.58 50.82
C ALA R 44 32.40 41.57 49.70
N VAL R 45 31.47 42.48 49.43
CA VAL R 45 31.61 43.50 48.36
C VAL R 45 31.33 44.86 48.98
N GLU R 46 31.86 45.93 48.39
CA GLU R 46 31.48 47.30 48.77
C GLU R 46 30.33 47.70 47.86
N LYS R 47 29.37 48.47 48.40
CA LYS R 47 28.29 49.13 47.64
C LYS R 47 28.70 50.59 47.42
N LYS R 48 28.11 51.25 46.43
CA LYS R 48 28.41 52.66 46.04
C LYS R 48 28.11 53.62 47.20
N SER R 49 27.27 53.21 48.16
CA SER R 49 26.98 53.84 49.49
C SER R 49 25.52 54.31 49.51
N ALA R 50 24.86 54.21 50.68
CA ALA R 50 23.39 54.33 50.88
C ALA R 50 22.92 55.75 50.50
N VAL R 51 22.54 55.93 49.22
CA VAL R 51 21.84 57.14 48.70
C VAL R 51 20.36 56.99 49.10
N LYS R 52 19.74 58.05 49.64
CA LYS R 52 18.35 58.02 50.18
C LYS R 52 17.35 57.55 49.11
N LEU R 53 17.71 57.68 47.83
CA LEU R 53 16.82 57.50 46.66
C LEU R 53 16.79 56.05 46.18
N GLN R 54 17.87 55.29 46.29
CA GLN R 54 17.91 53.89 45.78
C GLN R 54 16.88 53.09 46.60
N ASP R 55 16.10 52.25 45.90
CA ASP R 55 14.92 51.55 46.46
C ASP R 55 15.34 50.86 47.76
N SER R 56 14.58 51.09 48.84
CA SER R 56 14.75 50.47 50.18
C SER R 56 14.78 48.94 50.05
N ARG R 57 13.93 48.38 49.18
CA ARG R 57 13.90 46.94 48.79
C ARG R 57 15.32 46.48 48.44
N THR R 58 15.74 45.34 49.00
CA THR R 58 17.15 44.87 49.04
C THR R 58 17.53 44.30 47.67
N ILE R 59 18.54 44.90 47.03
CA ILE R 59 19.22 44.40 45.80
C ILE R 59 20.58 43.88 46.25
N ARG R 60 20.92 42.65 45.86
CA ARG R 60 22.17 41.96 46.29
C ARG R 60 23.22 42.22 45.19
N LYS R 61 24.42 42.65 45.59
CA LYS R 61 25.57 42.92 44.66
C LYS R 61 26.44 41.67 44.55
N ILE R 62 26.06 40.58 45.25
CA ILE R 62 26.68 39.24 45.10
C ILE R 62 25.65 38.35 44.44
N TYR R 63 25.92 37.94 43.20
CA TYR R 63 24.95 37.32 42.29
C TYR R 63 25.01 35.82 42.49
N LYS R 64 23.89 35.15 42.34
CA LYS R 64 23.79 33.68 42.50
C LYS R 64 23.79 33.08 41.10
N VAL R 65 24.80 32.28 40.79
CA VAL R 65 24.94 31.60 39.47
C VAL R 65 24.14 30.30 39.46
N ASP R 66 24.23 29.53 40.55
CA ASP R 66 23.42 28.31 40.78
C ASP R 66 23.29 28.14 42.30
N ALA R 67 22.49 27.19 42.78
CA ALA R 67 22.29 26.95 44.23
C ALA R 67 23.64 26.95 44.96
N ASN R 68 24.59 26.20 44.41
CA ASN R 68 25.92 25.95 45.03
C ASN R 68 26.82 27.19 44.86
N ILE R 69 26.73 27.93 43.75
CA ILE R 69 27.77 28.90 43.29
C ILE R 69 27.24 30.33 43.31
N TYR R 70 28.00 31.24 43.91
CA TYR R 70 27.72 32.70 43.95
C TYR R 70 28.92 33.43 43.40
N LEU R 71 28.69 34.57 42.74
CA LEU R 71 29.83 35.42 42.32
C LEU R 71 29.57 36.89 42.60
N ALA R 72 30.57 37.56 43.17
CA ALA R 72 30.76 39.02 43.14
C ALA R 72 31.61 39.33 41.93
N PHE R 73 31.44 40.51 41.36
CA PHE R 73 32.33 41.02 40.30
C PHE R 73 32.85 42.43 40.65
N ALA R 74 33.81 42.87 39.85
CA ALA R 74 34.34 44.24 39.81
C ALA R 74 34.48 44.63 38.35
N GLY R 75 34.10 45.86 38.01
CA GLY R 75 34.23 46.39 36.66
C GLY R 75 32.92 46.95 36.19
N LEU R 76 32.55 46.66 34.95
CA LEU R 76 31.36 47.23 34.29
C LEU R 76 30.14 46.38 34.66
N SER R 77 29.24 46.95 35.46
CA SER R 77 27.94 46.36 35.90
C SER R 77 27.25 45.63 34.74
N ALA R 78 27.17 46.30 33.58
CA ALA R 78 26.43 45.85 32.38
C ALA R 78 27.06 44.56 31.84
N ASP R 79 28.38 44.59 31.64
CA ASP R 79 29.19 43.45 31.13
C ASP R 79 29.09 42.29 32.12
N ALA R 80 29.19 42.57 33.41
CA ALA R 80 29.11 41.54 34.47
C ALA R 80 27.74 40.85 34.41
N ARG R 81 26.67 41.62 34.26
CA ARG R 81 25.28 41.07 34.17
C ARG R 81 25.20 40.07 33.01
N VAL R 82 25.93 40.32 31.94
CA VAL R 82 25.91 39.46 30.72
C VAL R 82 26.69 38.16 31.01
N LEU R 83 27.85 38.28 31.66
CA LEU R 83 28.65 37.13 32.12
C LEU R 83 27.84 36.26 33.08
N ILE R 84 27.27 36.88 34.11
CA ILE R 84 26.50 36.18 35.16
C ILE R 84 25.33 35.44 34.48
N ASN R 85 24.57 36.10 33.61
CA ASN R 85 23.48 35.46 32.84
C ASN R 85 24.03 34.28 32.04
N LYS R 86 25.23 34.41 31.47
CA LYS R 86 25.93 33.35 30.69
C LYS R 86 26.32 32.18 31.58
N ALA R 87 26.87 32.46 32.75
CA ALA R 87 27.25 31.48 33.78
C ALA R 87 26.01 30.75 34.29
N GLN R 88 24.97 31.52 34.60
CA GLN R 88 23.65 31.03 35.07
C GLN R 88 23.11 30.01 34.07
N LEU R 89 23.21 30.34 32.79
CA LEU R 89 22.69 29.51 31.69
C LEU R 89 23.56 28.27 31.59
N GLU R 90 24.87 28.41 31.71
CA GLU R 90 25.83 27.29 31.54
C GLU R 90 25.57 26.25 32.63
N CYS R 91 25.34 26.70 33.87
CA CYS R 91 25.07 25.81 35.02
C CYS R 91 23.81 24.97 34.77
N GLN R 92 22.84 25.56 34.11
CA GLN R 92 21.54 24.91 33.81
C GLN R 92 21.72 24.02 32.56
N ARG R 93 22.47 24.48 31.56
CA ARG R 93 22.86 23.67 30.38
C ARG R 93 23.64 22.44 30.87
N PHE R 94 24.35 22.56 31.98
CA PHE R 94 25.21 21.48 32.50
C PHE R 94 24.39 20.46 33.28
N SER R 95 23.45 20.92 34.11
CA SER R 95 22.47 20.03 34.80
C SER R 95 21.60 19.31 33.77
N LEU R 96 21.22 19.97 32.69
CA LEU R 96 20.48 19.32 31.58
C LEU R 96 21.28 18.17 30.98
N ASN R 97 22.56 18.39 30.67
CA ASN R 97 23.37 17.47 29.84
C ASN R 97 24.00 16.38 30.71
N TYR R 98 24.20 16.64 31.99
CA TYR R 98 24.76 15.68 32.97
C TYR R 98 23.97 15.86 34.27
N GLU R 99 23.23 14.87 34.72
CA GLU R 99 22.27 15.07 35.83
C GLU R 99 22.91 16.00 36.89
N ASP R 100 24.20 15.78 37.18
CA ASP R 100 25.02 16.43 38.24
C ASP R 100 24.89 17.95 38.19
N THR R 101 25.00 18.62 39.34
CA THR R 101 25.23 20.08 39.43
C THR R 101 26.68 20.34 39.03
N MET R 102 26.93 21.46 38.37
CA MET R 102 28.29 21.76 37.87
C MET R 102 29.14 22.26 39.03
N ASP R 103 30.35 21.73 39.14
CA ASP R 103 31.31 22.07 40.22
C ASP R 103 31.71 23.52 40.02
N VAL R 104 32.20 24.17 41.06
CA VAL R 104 32.56 25.60 41.00
C VAL R 104 33.69 25.76 39.99
N ASP R 105 34.77 25.00 40.20
CA ASP R 105 35.98 24.98 39.34
C ASP R 105 35.57 24.80 37.88
N MET R 106 34.54 24.00 37.57
CA MET R 106 34.03 23.80 36.19
C MET R 106 33.47 25.10 35.66
N LEU R 107 32.54 25.69 36.40
CA LEU R 107 31.88 26.95 36.00
C LEU R 107 32.93 28.06 35.87
N VAL R 108 33.82 28.20 36.84
CA VAL R 108 34.89 29.22 36.77
C VAL R 108 35.59 29.11 35.41
N ARG R 109 36.01 27.92 35.01
CA ARG R 109 36.73 27.65 33.74
C ARG R 109 35.81 27.99 32.56
N TYR R 110 34.50 27.77 32.68
CA TYR R 110 33.54 28.15 31.60
C TYR R 110 33.54 29.67 31.46
N VAL R 111 33.44 30.38 32.59
CA VAL R 111 33.31 31.86 32.67
C VAL R 111 34.61 32.50 32.20
N ALA R 112 35.73 31.90 32.59
CA ALA R 112 37.08 32.34 32.19
C ALA R 112 37.27 32.10 30.70
N GLY R 113 36.68 31.03 30.17
CA GLY R 113 36.71 30.72 28.73
C GLY R 113 35.98 31.77 27.93
N VAL R 114 34.84 32.22 28.44
CA VAL R 114 33.96 33.25 27.82
C VAL R 114 34.71 34.58 27.81
N GLN R 115 35.38 34.90 28.91
CA GLN R 115 36.19 36.12 29.04
C GLN R 115 37.38 36.05 28.08
N GLN R 116 38.01 34.89 27.91
CA GLN R 116 39.14 34.73 26.96
C GLN R 116 38.62 34.93 25.55
N LYS R 117 37.51 34.28 25.18
CA LYS R 117 36.91 34.37 23.82
C LYS R 117 36.71 35.85 23.47
N SER R 118 36.33 36.68 24.43
CA SER R 118 36.09 38.14 24.23
C SER R 118 37.41 38.86 23.96
N THR R 119 38.56 38.32 24.36
CA THR R 119 39.89 38.90 24.06
C THR R 119 40.43 38.41 22.72
N GLN R 120 39.71 37.55 21.99
CA GLN R 120 40.19 36.97 20.70
C GLN R 120 39.08 36.95 19.65
N SER R 121 37.84 37.23 20.01
CA SER R 121 36.71 37.43 19.06
C SER R 121 36.96 38.73 18.29
N GLY R 122 37.00 38.63 16.96
CA GLY R 122 36.88 39.81 16.09
C GLY R 122 35.49 40.39 16.23
N GLY R 123 35.40 41.70 16.47
CA GLY R 123 34.14 42.45 16.53
C GLY R 123 33.79 42.88 17.93
N SER R 124 34.42 42.30 18.94
CA SER R 124 34.10 42.53 20.37
C SER R 124 35.33 43.08 21.10
N ARG R 125 35.09 44.00 22.03
CA ARG R 125 36.07 44.29 23.11
C ARG R 125 35.98 43.18 24.13
N PRO R 126 37.00 43.02 24.99
CA PRO R 126 36.87 42.15 26.16
C PRO R 126 35.72 42.57 27.08
N PHE R 127 35.26 41.66 27.93
CA PHE R 127 34.47 41.97 29.14
C PHE R 127 35.39 42.74 30.10
N GLY R 128 34.90 43.87 30.60
CA GLY R 128 35.63 44.73 31.54
C GLY R 128 35.32 44.32 32.97
N VAL R 129 35.51 43.04 33.25
CA VAL R 129 34.97 42.36 34.46
C VAL R 129 36.05 41.43 35.02
N ALA R 130 36.37 41.58 36.29
CA ALA R 130 36.94 40.51 37.13
C ALA R 130 35.82 39.98 37.99
N THR R 131 35.96 38.74 38.43
CA THR R 131 34.89 37.93 39.01
C THR R 131 35.50 37.25 40.24
N VAL R 132 34.75 37.12 41.32
CA VAL R 132 35.13 36.21 42.45
C VAL R 132 33.99 35.24 42.61
N ILE R 133 34.24 33.97 42.35
CA ILE R 133 33.23 32.88 42.32
C ILE R 133 33.56 31.95 43.48
N GLY R 134 32.66 31.88 44.45
CA GLY R 134 32.76 30.94 45.57
C GLY R 134 31.67 29.92 45.47
N GLY R 135 31.80 28.82 46.22
CA GLY R 135 30.75 27.79 46.29
C GLY R 135 31.32 26.49 46.79
N PHE R 136 30.46 25.49 46.87
CA PHE R 136 30.79 24.13 47.35
C PHE R 136 30.43 23.13 46.27
N ASN R 137 31.37 22.27 45.90
CA ASN R 137 31.05 21.10 45.04
C ASN R 137 30.09 20.20 45.82
N GLU R 138 29.27 19.43 45.09
CA GLU R 138 28.30 18.45 45.65
C GLU R 138 28.98 17.57 46.70
N ASP R 139 30.27 17.26 46.53
CA ASP R 139 31.07 16.40 47.46
C ASP R 139 31.19 17.07 48.83
N GLY R 140 31.33 18.41 48.91
CA GLY R 140 31.36 19.17 50.17
C GLY R 140 32.57 20.07 50.32
N LYS R 141 33.51 20.02 49.37
CA LYS R 141 34.75 20.83 49.35
C LYS R 141 34.40 22.27 48.99
N PRO R 142 34.90 23.29 49.74
CA PRO R 142 34.70 24.69 49.37
C PRO R 142 35.75 25.18 48.36
N HIS R 143 35.31 26.02 47.42
CA HIS R 143 36.15 26.60 46.33
C HIS R 143 35.96 28.12 46.33
N LEU R 144 37.05 28.85 46.19
CA LEU R 144 37.07 30.30 45.92
C LEU R 144 37.98 30.54 44.73
N TRP R 145 37.45 31.16 43.69
CA TRP R 145 38.18 31.45 42.45
C TRP R 145 38.03 32.92 42.10
N LYS R 146 38.99 33.42 41.33
CA LYS R 146 38.99 34.75 40.72
C LYS R 146 39.14 34.53 39.22
N THR R 147 38.47 35.34 38.42
CA THR R 147 38.57 35.37 36.94
C THR R 147 38.87 36.82 36.58
N ASP R 148 39.94 37.08 35.82
CA ASP R 148 40.29 38.46 35.37
C ASP R 148 39.96 38.59 33.90
N PRO R 149 39.92 39.81 33.33
CA PRO R 149 39.43 40.03 31.96
C PRO R 149 40.16 39.27 30.85
N SER R 150 41.45 38.93 31.06
CA SER R 150 42.28 38.10 30.16
C SER R 150 41.65 36.72 29.97
N GLY R 151 40.81 36.29 30.90
CA GLY R 151 40.15 34.98 30.92
C GLY R 151 40.98 33.98 31.71
N MET R 152 41.97 34.49 32.43
CA MET R 152 42.89 33.65 33.22
C MET R 152 42.26 33.59 34.61
N CYS R 153 42.07 32.38 35.12
CA CYS R 153 41.37 32.12 36.40
C CYS R 153 42.32 31.35 37.31
N SER R 154 42.31 31.69 38.59
CA SER R 154 43.11 31.01 39.63
C SER R 154 42.23 30.80 40.84
N ALA R 155 42.43 29.71 41.57
CA ALA R 155 41.81 29.47 42.89
C ALA R 155 42.67 30.13 43.95
N TRP R 156 42.02 30.68 44.97
CA TRP R 156 42.67 31.41 46.09
C TRP R 156 42.19 30.87 47.43
N ARG R 157 42.96 31.13 48.48
CA ARG R 157 42.55 30.92 49.88
C ARG R 157 41.84 32.19 50.34
N ALA R 158 42.28 33.34 49.87
CA ALA R 158 41.58 34.63 50.03
C ALA R 158 41.94 35.51 48.86
N VAL R 159 41.01 36.32 48.38
CA VAL R 159 41.26 37.10 47.14
C VAL R 159 40.53 38.43 47.25
N ALA R 160 41.03 39.42 46.52
CA ALA R 160 40.31 40.70 46.30
C ALA R 160 40.36 41.06 44.82
N ILE R 161 39.31 41.70 44.35
CA ILE R 161 39.23 42.32 43.01
C ILE R 161 38.80 43.77 43.22
N GLY R 162 38.79 44.55 42.14
CA GLY R 162 38.33 45.94 42.15
C GLY R 162 39.40 46.90 42.65
N ARG R 163 38.98 48.04 43.16
CA ARG R 163 39.88 49.15 43.56
C ARG R 163 40.74 48.66 44.72
N HIS R 164 42.04 48.93 44.60
CA HIS R 164 43.08 48.65 45.62
C HIS R 164 43.10 47.14 45.92
N ASP R 165 42.85 46.32 44.90
CA ASP R 165 42.92 44.83 45.01
C ASP R 165 44.28 44.44 45.60
N GLN R 166 45.35 45.02 45.08
CA GLN R 166 46.74 44.63 45.41
C GLN R 166 47.07 45.06 46.84
N THR R 167 46.51 46.19 47.31
CA THR R 167 46.63 46.66 48.72
C THR R 167 45.94 45.64 49.64
N VAL R 168 44.74 45.17 49.28
CA VAL R 168 43.93 44.22 50.07
C VAL R 168 44.63 42.86 50.10
N ILE R 169 45.12 42.37 48.96
CA ILE R 169 45.82 41.06 48.84
C ILE R 169 47.10 41.09 49.66
N GLU R 170 47.93 42.15 49.52
CA GLU R 170 49.19 42.32 50.29
C GLU R 170 48.85 42.33 51.79
N TYR R 171 47.74 42.97 52.18
CA TYR R 171 47.27 43.02 53.59
C TYR R 171 46.81 41.63 54.04
N MET R 172 46.00 40.95 53.22
CA MET R 172 45.41 39.63 53.53
C MET R 172 46.52 38.61 53.77
N GLU R 173 47.52 38.53 52.89
CA GLU R 173 48.50 37.41 52.91
C GLU R 173 49.42 37.52 54.13
N LYS R 174 49.45 38.68 54.78
CA LYS R 174 50.15 38.90 56.08
C LYS R 174 49.38 38.21 57.22
N SER R 175 48.04 38.35 57.24
CA SER R 175 47.17 37.98 58.40
C SER R 175 46.37 36.69 58.15
N TYR R 176 46.28 36.18 56.93
CA TYR R 176 45.38 35.04 56.59
C TYR R 176 45.91 33.75 57.24
N LYS R 177 45.01 33.03 57.91
CA LYS R 177 45.29 31.72 58.55
C LYS R 177 44.41 30.66 57.89
N ASP R 178 44.94 29.44 57.73
CA ASP R 178 44.38 28.38 56.87
C ASP R 178 43.00 27.97 57.41
N GLY R 179 42.95 27.22 58.52
CA GLY R 179 41.70 26.78 59.15
C GLY R 179 41.04 27.93 59.88
N MET R 180 39.82 28.31 59.45
CA MET R 180 39.06 29.48 59.99
C MET R 180 37.60 29.07 60.19
N SER R 181 37.01 29.57 61.28
CA SER R 181 35.58 29.40 61.63
C SER R 181 34.73 30.36 60.78
N ARG R 182 33.49 29.97 60.47
CA ARG R 182 32.45 30.83 59.82
C ARG R 182 32.55 32.27 60.35
N ASP R 183 32.67 32.45 61.67
CA ASP R 183 32.74 33.79 62.33
C ASP R 183 34.08 34.48 62.02
N GLU R 184 35.20 33.73 61.99
CA GLU R 184 36.57 34.28 61.78
C GLU R 184 36.73 34.75 60.32
N CYS R 185 36.23 33.95 59.37
CA CYS R 185 36.17 34.27 57.92
C CYS R 185 35.42 35.59 57.71
N VAL R 186 34.19 35.68 58.22
CA VAL R 186 33.33 36.89 58.14
C VAL R 186 34.10 38.08 58.72
N HIS R 187 34.72 37.89 59.89
CA HIS R 187 35.57 38.90 60.56
C HIS R 187 36.67 39.33 59.59
N PHE R 188 37.41 38.36 59.05
CA PHE R 188 38.61 38.57 58.21
C PHE R 188 38.24 39.30 56.93
N ALA R 189 37.15 38.85 56.27
CA ALA R 189 36.59 39.44 55.04
C ALA R 189 36.34 40.93 55.23
N ILE R 190 35.66 41.27 56.33
CA ILE R 190 35.26 42.67 56.64
C ILE R 190 36.54 43.46 56.95
N LYS R 191 37.38 42.94 57.84
CA LYS R 191 38.70 43.52 58.22
C LYS R 191 39.49 43.88 56.95
N SER R 192 39.48 42.96 55.98
CA SER R 192 40.22 43.04 54.69
C SER R 192 39.60 44.13 53.80
N LEU R 193 38.29 44.08 53.59
CA LEU R 193 37.52 45.12 52.83
C LEU R 193 37.76 46.49 53.45
N LEU R 194 37.80 46.60 54.79
CA LEU R 194 37.94 47.87 55.54
C LEU R 194 39.28 48.55 55.26
N GLU R 195 40.29 47.81 54.77
CA GLU R 195 41.62 48.34 54.40
C GLU R 195 41.47 49.42 53.32
N VAL R 196 40.51 49.28 52.40
CA VAL R 196 40.36 50.14 51.18
C VAL R 196 39.02 50.87 51.18
N VAL R 197 37.95 50.22 51.62
CA VAL R 197 36.57 50.80 51.65
C VAL R 197 36.53 51.91 52.72
N GLU R 198 35.56 52.83 52.59
CA GLU R 198 35.31 53.93 53.55
C GLU R 198 34.98 53.32 54.92
N SER R 199 35.42 53.98 56.01
CA SER R 199 35.24 53.56 57.43
C SER R 199 33.81 53.03 57.68
N GLY R 200 32.81 53.63 57.01
CA GLY R 200 31.39 53.23 57.06
C GLY R 200 31.16 51.73 57.04
N SER R 201 30.17 51.27 57.80
CA SER R 201 29.68 49.86 57.86
C SER R 201 28.61 49.61 56.78
N ARG R 202 27.90 50.66 56.37
CA ARG R 202 26.69 50.59 55.48
C ARG R 202 27.05 50.14 54.06
N ASN R 203 28.26 50.47 53.57
CA ASN R 203 28.69 50.17 52.17
C ASN R 203 28.91 48.65 52.01
N ILE R 204 29.64 48.02 52.93
CA ILE R 204 29.92 46.54 52.89
C ILE R 204 28.58 45.79 52.87
N GLU R 205 28.45 44.81 51.98
CA GLU R 205 27.38 43.79 51.97
C GLU R 205 28.06 42.44 51.77
N LEU R 206 27.76 41.43 52.60
CA LEU R 206 28.55 40.18 52.57
C LEU R 206 27.67 38.95 52.73
N LEU R 207 28.05 37.91 51.99
CA LEU R 207 27.37 36.61 51.86
C LEU R 207 28.28 35.54 52.44
N VAL R 208 27.70 34.62 53.22
CA VAL R 208 28.43 33.49 53.85
C VAL R 208 27.89 32.20 53.24
N LEU R 209 28.70 31.56 52.42
CA LEU R 209 28.41 30.22 51.85
C LEU R 209 28.91 29.16 52.82
N GLN R 210 28.04 28.20 53.15
CA GLN R 210 28.39 26.90 53.77
C GLN R 210 27.71 25.84 52.91
N TYR R 211 28.16 24.59 53.02
CA TYR R 211 27.63 23.46 52.20
C TYR R 211 26.10 23.51 52.31
N LYS R 212 25.42 23.79 51.18
CA LYS R 212 23.94 23.79 51.02
C LYS R 212 23.27 24.94 51.78
N GLU R 213 24.02 25.96 52.24
CA GLU R 213 23.49 27.07 53.08
C GLU R 213 24.18 28.38 52.67
N ALA R 214 23.51 29.18 51.84
CA ALA R 214 23.91 30.56 51.49
C ALA R 214 23.09 31.54 52.33
N ARG R 215 23.73 32.39 53.11
CA ARG R 215 23.04 33.43 53.91
C ARG R 215 23.80 34.74 53.78
N TYR R 216 23.09 35.82 53.43
CA TYR R 216 23.60 37.21 53.49
C TYR R 216 23.48 37.67 54.93
N LEU R 217 24.51 38.32 55.45
CA LEU R 217 24.42 39.02 56.75
C LEU R 217 23.40 40.15 56.62
N THR R 218 22.45 40.19 57.57
CA THR R 218 21.57 41.36 57.85
C THR R 218 22.47 42.53 58.30
N GLU R 219 22.02 43.77 58.12
CA GLU R 219 22.80 44.98 58.51
C GLU R 219 22.87 45.09 60.05
N GLU R 220 22.08 44.30 60.79
CA GLU R 220 22.13 44.18 62.27
C GLU R 220 23.26 43.20 62.64
N GLU R 221 23.21 41.98 62.08
CA GLU R 221 24.27 40.92 62.20
C GLU R 221 25.64 41.50 61.85
N LEU R 222 25.70 42.34 60.82
CA LEU R 222 26.94 42.87 60.18
C LEU R 222 27.59 43.93 61.06
N GLN R 223 26.82 44.90 61.57
CA GLN R 223 27.33 46.05 62.37
C GLN R 223 27.94 45.59 63.70
N LYS R 224 27.57 44.39 64.19
CA LYS R 224 28.25 43.74 65.35
C LYS R 224 29.70 43.42 64.98
N PHE R 225 29.90 42.76 63.82
CA PHE R 225 31.22 42.36 63.29
C PHE R 225 32.07 43.61 62.97
N VAL R 226 31.46 44.65 62.38
CA VAL R 226 32.18 45.88 61.92
C VAL R 226 32.67 46.67 63.14
N VAL R 227 31.85 46.76 64.19
CA VAL R 227 32.21 47.39 65.51
C VAL R 227 33.41 46.63 66.09
N GLU R 228 33.29 45.30 66.20
CA GLU R 228 34.34 44.37 66.72
C GLU R 228 35.62 44.51 65.89
N VAL R 229 35.51 44.74 64.58
CA VAL R 229 36.66 44.85 63.63
C VAL R 229 37.27 46.26 63.75
N GLU R 230 36.46 47.32 63.73
CA GLU R 230 36.93 48.73 63.73
C GLU R 230 37.61 49.07 65.08
N LYS R 231 37.25 48.38 66.17
CA LYS R 231 37.92 48.48 67.50
C LYS R 231 39.27 47.74 67.44
N GLU R 232 39.38 46.70 66.62
CA GLU R 232 40.64 45.93 66.37
C GLU R 232 41.56 46.69 65.40
N ARG R 233 41.01 47.51 64.49
CA ARG R 233 41.78 48.40 63.56
C ARG R 233 42.30 49.63 64.32
N GLU R 234 41.62 50.03 65.41
CA GLU R 234 42.09 51.07 66.37
C GLU R 234 43.26 50.52 67.20
N GLU R 235 43.21 49.23 67.58
CA GLU R 235 44.27 48.49 68.34
C GLU R 235 45.56 48.44 67.51
N GLU R 236 45.44 48.28 66.19
CA GLU R 236 46.56 48.15 65.21
C GLU R 236 47.12 49.53 64.84
N ALA R 237 46.29 50.60 64.93
CA ALA R 237 46.69 52.01 64.74
C ALA R 237 47.54 52.49 65.93
N ALA R 238 47.21 52.05 67.16
CA ALA R 238 47.92 52.37 68.43
C ALA R 238 49.29 51.68 68.44
N ALA R 239 49.39 50.43 67.98
CA ALA R 239 50.63 49.61 67.88
C ALA R 239 51.66 50.33 66.99
N LYS R 240 51.22 50.85 65.83
CA LYS R 240 52.04 51.68 64.90
C LYS R 240 51.77 53.17 65.23
N GLU S 107 48.71 50.24 17.88
CA GLU S 107 47.61 50.96 17.17
C GLU S 107 46.83 49.96 16.30
N TYR S 108 45.89 50.49 15.51
CA TYR S 108 45.02 49.76 14.54
C TYR S 108 45.34 50.16 13.09
N ASP S 109 46.40 50.97 12.87
CA ASP S 109 46.74 51.55 11.53
C ASP S 109 47.25 50.43 10.62
N ARG S 110 48.18 49.60 11.11
CA ARG S 110 48.58 48.30 10.48
C ARG S 110 47.50 47.26 10.75
N GLY S 111 46.97 46.63 9.70
CA GLY S 111 46.11 45.44 9.81
C GLY S 111 46.83 44.29 10.51
N VAL S 112 46.06 43.31 10.95
CA VAL S 112 46.53 42.07 11.64
C VAL S 112 47.42 41.25 10.71
N ASN S 113 47.09 41.20 9.41
CA ASN S 113 47.65 40.27 8.39
C ASN S 113 48.74 40.98 7.60
N THR S 114 49.47 41.88 8.22
CA THR S 114 50.43 42.80 7.55
C THR S 114 51.86 42.37 7.83
N PHE S 115 52.65 42.17 6.78
CA PHE S 115 54.11 41.94 6.84
C PHE S 115 54.83 43.24 7.16
N SER S 116 55.96 43.11 7.86
CA SER S 116 57.00 44.15 8.06
C SER S 116 57.91 44.17 6.85
N PRO S 117 58.71 45.25 6.64
CA PRO S 117 59.71 45.26 5.58
C PRO S 117 60.74 44.13 5.59
N GLU S 118 60.99 43.48 6.74
CA GLU S 118 62.00 42.39 6.89
C GLU S 118 61.27 41.03 6.83
N GLY S 119 60.00 41.02 6.45
CA GLY S 119 59.26 39.83 5.98
C GLY S 119 58.57 39.07 7.09
N ARG S 120 58.49 39.65 8.28
CA ARG S 120 57.82 39.02 9.46
C ARG S 120 56.44 39.65 9.59
N ILE S 121 55.44 38.83 9.85
CA ILE S 121 54.08 39.31 10.21
C ILE S 121 54.18 39.97 11.58
N PHE S 122 53.78 41.23 11.71
CA PHE S 122 53.89 42.02 12.96
C PHE S 122 53.19 41.32 14.12
N GLN S 123 51.89 41.04 14.02
CA GLN S 123 51.11 40.45 15.13
C GLN S 123 51.83 39.21 15.68
N ILE S 124 52.43 38.39 14.82
CA ILE S 124 53.20 37.17 15.21
C ILE S 124 54.46 37.63 15.96
N GLU S 125 55.18 38.58 15.38
CA GLU S 125 56.44 39.11 15.93
C GLU S 125 56.17 39.73 17.30
N TYR S 126 54.97 40.31 17.51
CA TYR S 126 54.51 40.93 18.79
C TYR S 126 53.93 39.89 19.75
N ALA S 127 53.29 38.84 19.28
CA ALA S 127 52.82 37.72 20.14
C ALA S 127 54.03 37.01 20.75
N VAL S 128 55.15 36.99 20.04
CA VAL S 128 56.41 36.34 20.50
C VAL S 128 57.01 37.20 21.61
N GLU S 129 56.84 38.51 21.54
CA GLU S 129 57.32 39.44 22.61
C GLU S 129 56.49 39.23 23.87
N ALA S 130 55.24 38.78 23.73
CA ALA S 130 54.32 38.46 24.85
C ALA S 130 54.80 37.25 25.64
N ILE S 131 55.45 36.31 24.96
CA ILE S 131 55.94 35.04 25.57
C ILE S 131 57.16 35.36 26.44
N LYS S 132 58.09 36.21 25.97
CA LYS S 132 59.31 36.56 26.74
C LYS S 132 58.96 37.20 28.10
N LEU S 133 57.77 37.80 28.22
CA LEU S 133 57.26 38.33 29.52
C LEU S 133 56.83 37.17 30.42
N GLY S 134 56.27 36.11 29.82
CA GLY S 134 55.70 34.94 30.50
C GLY S 134 56.69 34.18 31.36
N SER S 135 56.16 33.35 32.26
CA SER S 135 56.91 32.45 33.17
C SER S 135 57.83 31.55 32.34
N THR S 136 59.00 31.19 32.85
CA THR S 136 59.92 30.24 32.17
C THR S 136 59.34 28.83 32.25
N SER S 137 59.39 28.10 31.15
CA SER S 137 59.09 26.66 31.06
C SER S 137 60.21 26.00 30.27
N LEU S 138 60.42 24.69 30.45
CA LEU S 138 61.44 23.98 29.65
C LEU S 138 61.19 22.48 29.61
N GLY S 139 61.72 21.85 28.56
CA GLY S 139 61.69 20.42 28.30
C GLY S 139 63.10 19.89 28.10
N ILE S 140 63.33 18.65 28.52
CA ILE S 140 64.58 17.88 28.28
C ILE S 140 64.14 16.52 27.77
N ARG S 141 64.43 16.21 26.51
CA ARG S 141 64.24 14.86 25.94
C ARG S 141 65.49 14.05 26.29
N THR S 142 65.31 13.02 27.10
CA THR S 142 66.32 11.99 27.46
C THR S 142 65.80 10.69 26.84
N PRO S 143 66.63 9.65 26.61
CA PRO S 143 66.12 8.36 26.13
C PRO S 143 65.22 7.68 27.16
N GLU S 144 65.47 7.90 28.46
CA GLU S 144 64.69 7.33 29.59
C GLU S 144 63.30 7.97 29.65
N GLY S 145 63.15 9.18 29.13
CA GLY S 145 61.88 9.93 29.11
C GLY S 145 62.12 11.42 28.90
N VAL S 146 61.06 12.22 28.95
CA VAL S 146 61.12 13.67 28.65
C VAL S 146 60.59 14.42 29.86
N VAL S 147 61.32 15.44 30.30
CA VAL S 147 61.05 16.21 31.56
C VAL S 147 60.53 17.59 31.17
N LEU S 148 59.32 17.95 31.58
CA LEU S 148 58.81 19.34 31.51
C LEU S 148 58.89 19.96 32.90
N ALA S 149 59.40 21.18 32.99
CA ALA S 149 59.41 22.00 34.22
C ALA S 149 58.94 23.40 33.88
N ALA S 150 58.50 24.13 34.90
CA ALA S 150 57.78 25.41 34.75
C ALA S 150 57.82 26.15 36.08
N GLU S 151 58.43 27.33 36.10
CA GLU S 151 58.18 28.40 37.10
C GLU S 151 56.66 28.65 37.11
N LYS S 152 56.01 28.65 38.27
CA LYS S 152 54.54 28.90 38.40
C LYS S 152 54.26 30.41 38.37
N ARG S 153 55.17 31.21 38.95
CA ARG S 153 55.07 32.70 39.06
C ARG S 153 53.70 33.06 39.65
N VAL S 154 53.42 32.56 40.86
CA VAL S 154 52.15 32.83 41.60
C VAL S 154 52.12 34.32 41.98
N PRO S 155 51.03 35.06 41.68
CA PRO S 155 50.98 36.50 41.96
C PRO S 155 51.00 36.81 43.47
N SER S 156 50.54 35.87 44.30
CA SER S 156 50.50 36.00 45.78
C SER S 156 50.64 34.63 46.45
N THR S 157 50.94 34.66 47.75
CA THR S 157 51.02 33.48 48.65
C THR S 157 49.63 32.83 48.77
N LEU S 158 48.58 33.64 48.68
CA LEU S 158 47.17 33.19 48.86
C LEU S 158 46.68 32.32 47.71
N VAL S 159 47.33 32.38 46.55
CA VAL S 159 46.92 31.53 45.40
C VAL S 159 47.16 30.07 45.78
N VAL S 160 46.12 29.24 45.63
CA VAL S 160 46.23 27.76 45.61
C VAL S 160 47.10 27.41 44.39
N PRO S 161 48.38 27.03 44.57
CA PRO S 161 49.31 26.93 43.44
C PRO S 161 48.93 25.80 42.46
N SER S 162 48.29 24.72 42.93
CA SER S 162 47.74 23.63 42.09
C SER S 162 46.83 24.17 40.99
N SER S 163 46.11 25.26 41.25
CA SER S 163 45.03 25.82 40.39
C SER S 163 45.60 26.41 39.10
N MET S 164 46.65 27.21 39.21
CA MET S 164 47.33 27.83 38.05
C MET S 164 48.49 26.90 37.62
N SER S 165 48.09 25.78 36.99
CA SER S 165 48.98 24.68 36.53
C SER S 165 49.52 25.02 35.14
N LYS S 166 50.83 25.20 35.05
CA LYS S 166 51.54 25.50 33.79
C LYS S 166 51.65 24.22 32.94
N ILE S 167 51.81 23.05 33.54
CA ILE S 167 51.85 21.74 32.84
C ILE S 167 50.46 21.13 32.85
N MET S 168 50.00 20.66 31.70
CA MET S 168 48.64 20.12 31.48
C MET S 168 48.75 18.76 30.80
N GLU S 169 48.08 17.75 31.34
CA GLU S 169 47.91 16.44 30.67
C GLU S 169 47.10 16.69 29.41
N VAL S 170 47.67 16.40 28.23
CA VAL S 170 46.93 16.35 26.95
C VAL S 170 46.35 14.95 26.78
N ASP S 171 47.13 13.92 27.08
CA ASP S 171 46.68 12.52 27.16
C ASP S 171 47.62 11.76 28.10
N SER S 172 47.35 10.48 28.33
CA SER S 172 48.14 9.59 29.23
C SER S 172 49.64 9.81 29.02
N HIS S 173 50.03 10.07 27.76
CA HIS S 173 51.40 9.97 27.21
C HIS S 173 51.92 11.31 26.69
N ILE S 174 51.14 12.38 26.71
CA ILE S 174 51.54 13.72 26.21
C ILE S 174 51.18 14.74 27.28
N ALA S 175 52.13 15.55 27.69
CA ALA S 175 51.91 16.74 28.54
C ALA S 175 52.32 17.96 27.75
N ALA S 176 51.64 19.09 27.98
CA ALA S 176 52.04 20.39 27.43
C ALA S 176 52.42 21.30 28.59
N VAL S 177 53.54 21.99 28.49
CA VAL S 177 53.82 23.18 29.34
C VAL S 177 53.71 24.42 28.47
N MET S 178 53.10 25.47 29.03
CA MET S 178 52.85 26.76 28.35
C MET S 178 53.77 27.84 28.91
N SER S 179 54.01 28.86 28.10
CA SER S 179 54.60 30.16 28.51
C SER S 179 53.94 31.27 27.70
N GLY S 180 53.66 32.38 28.36
CA GLY S 180 52.87 33.48 27.79
C GLY S 180 51.48 33.45 28.37
N MET S 181 50.48 33.80 27.56
CA MET S 181 49.12 34.08 28.06
C MET S 181 48.44 32.75 28.38
N VAL S 182 48.19 32.54 29.67
CA VAL S 182 47.77 31.22 30.22
C VAL S 182 46.40 30.88 29.64
N ALA S 183 45.47 31.83 29.69
CA ALA S 183 44.08 31.70 29.20
C ALA S 183 44.07 31.17 27.77
N ASP S 184 44.96 31.66 26.94
CA ASP S 184 45.12 31.27 25.52
C ASP S 184 45.52 29.79 25.46
N ALA S 185 46.60 29.42 26.17
CA ALA S 185 47.13 28.03 26.25
C ALA S 185 45.99 27.05 26.54
N ARG S 186 45.09 27.40 27.45
CA ARG S 186 43.93 26.56 27.84
C ARG S 186 43.13 26.20 26.58
N ILE S 187 43.05 27.11 25.61
CA ILE S 187 42.29 26.93 24.33
C ILE S 187 43.05 25.92 23.47
N LEU S 188 44.36 26.11 23.33
CA LEU S 188 45.27 25.24 22.55
C LEU S 188 45.30 23.86 23.16
N VAL S 189 45.41 23.76 24.48
CA VAL S 189 45.52 22.45 25.18
C VAL S 189 44.15 21.75 25.10
N GLU S 190 43.06 22.48 25.31
CA GLU S 190 41.70 21.95 25.08
C GLU S 190 41.66 21.30 23.70
N HIS S 191 42.21 21.95 22.69
CA HIS S 191 42.17 21.46 21.29
C HIS S 191 43.01 20.19 21.18
N ALA S 192 44.25 20.23 21.65
CA ALA S 192 45.16 19.06 21.70
C ALA S 192 44.43 17.86 22.30
N ARG S 193 43.67 18.06 23.38
CA ARG S 193 42.94 16.99 24.10
C ARG S 193 41.86 16.39 23.21
N VAL S 194 41.11 17.25 22.54
CA VAL S 194 40.02 16.82 21.63
C VAL S 194 40.62 16.07 20.44
N GLU S 195 41.74 16.54 19.90
CA GLU S 195 42.41 15.90 18.74
C GLU S 195 43.07 14.60 19.19
N SER S 196 43.73 14.60 20.34
CA SER S 196 44.34 13.40 20.98
C SER S 196 43.31 12.29 21.13
N GLN S 197 42.10 12.64 21.57
CA GLN S 197 41.02 11.67 21.89
C GLN S 197 40.32 11.28 20.58
N ASN S 198 40.15 12.22 19.65
CA ASN S 198 39.61 11.92 18.30
C ASN S 198 40.54 10.91 17.63
N HIS S 199 41.85 11.04 17.82
CA HIS S 199 42.83 10.05 17.29
C HIS S 199 42.53 8.70 17.92
N ARG S 200 42.53 8.62 19.26
CA ARG S 200 42.26 7.35 19.97
C ARG S 200 40.95 6.75 19.50
N PHE S 201 39.91 7.56 19.40
CA PHE S 201 38.56 7.15 18.91
C PHE S 201 38.68 6.48 17.55
N THR S 202 39.32 7.19 16.60
CA THR S 202 39.36 6.83 15.18
C THR S 202 40.36 5.70 14.93
N TYR S 203 41.54 5.72 15.53
CA TYR S 203 42.64 4.77 15.22
C TYR S 203 42.99 3.84 16.38
N ASN S 204 42.27 3.89 17.50
CA ASN S 204 42.45 2.96 18.64
C ASN S 204 43.90 2.93 19.07
N GLU S 205 44.57 4.07 19.05
CA GLU S 205 45.96 4.13 19.47
C GLU S 205 46.23 5.53 20.01
N PRO S 206 47.29 5.70 20.83
CA PRO S 206 47.68 7.02 21.28
C PRO S 206 48.13 7.81 20.06
N MET S 207 47.71 9.07 20.01
CA MET S 207 48.22 10.06 19.02
C MET S 207 49.73 10.19 19.19
N SER S 208 50.46 10.28 18.09
CA SER S 208 51.91 10.59 18.10
C SER S 208 52.05 12.00 18.65
N VAL S 209 53.18 12.30 19.29
CA VAL S 209 53.44 13.67 19.86
C VAL S 209 53.44 14.68 18.72
N GLU S 210 54.08 14.34 17.60
CA GLU S 210 54.21 15.23 16.42
C GLU S 210 52.82 15.56 15.88
N SER S 211 51.98 14.54 15.70
CA SER S 211 50.60 14.68 15.18
C SER S 211 49.79 15.60 16.11
N CYS S 212 49.97 15.47 17.41
CA CYS S 212 49.29 16.28 18.45
C CYS S 212 49.80 17.72 18.44
N THR S 213 51.08 17.91 18.15
CA THR S 213 51.69 19.26 18.00
C THR S 213 51.12 19.91 16.75
N LEU S 214 51.12 19.20 15.62
CA LEU S 214 50.54 19.65 14.32
C LEU S 214 49.10 20.11 14.50
N ALA S 215 48.30 19.33 15.21
CA ALA S 215 46.86 19.56 15.44
C ALA S 215 46.66 20.82 16.29
N THR S 216 47.53 21.04 17.27
CA THR S 216 47.56 22.26 18.13
C THR S 216 47.92 23.49 17.30
N CYS S 217 48.83 23.35 16.34
CA CYS S 217 49.29 24.44 15.43
C CYS S 217 48.33 24.68 14.26
N ASP S 218 47.42 23.74 13.99
CA ASP S 218 46.28 23.91 13.03
C ASP S 218 45.35 25.00 13.55
N LEU S 219 45.20 25.10 14.88
CA LEU S 219 44.32 26.11 15.53
C LEU S 219 44.99 27.49 15.48
N SER S 220 46.32 27.51 15.42
CA SER S 220 47.15 28.72 15.62
C SER S 220 47.33 29.48 14.30
N ILE S 221 47.07 28.84 13.14
CA ILE S 221 47.11 29.51 11.81
C ILE S 221 45.85 30.39 11.67
N GLN S 222 44.67 29.90 12.09
CA GLN S 222 43.33 30.47 11.74
C GLN S 222 43.07 31.75 12.54
N PHE S 223 43.77 32.85 12.18
CA PHE S 223 43.61 34.21 12.77
C PHE S 223 43.54 35.26 11.65
N GLY S 224 42.57 36.19 11.75
CA GLY S 224 42.33 37.28 10.78
C GLY S 224 41.70 38.49 11.45
N LEU S 232 38.84 34.34 11.75
CA LEU S 232 37.98 33.69 12.79
C LEU S 232 38.36 34.25 14.17
N MET S 233 39.64 34.15 14.55
CA MET S 233 40.24 34.75 15.77
C MET S 233 40.95 36.06 15.39
N SER S 234 40.69 37.14 16.13
CA SER S 234 41.23 38.49 15.87
C SER S 234 42.76 38.44 15.75
N ARG S 235 43.42 37.75 16.67
CA ARG S 235 44.88 37.84 16.91
C ARG S 235 45.45 36.43 17.08
N PRO S 236 46.78 36.25 16.98
CA PRO S 236 47.38 34.97 17.35
C PRO S 236 47.23 34.72 18.86
N PHE S 237 47.47 33.48 19.27
CA PHE S 237 47.66 33.12 20.69
C PHE S 237 49.03 33.64 21.13
N GLY S 238 49.06 34.32 22.27
CA GLY S 238 50.28 34.87 22.87
C GLY S 238 50.97 33.83 23.71
N VAL S 239 50.74 32.56 23.39
CA VAL S 239 51.35 31.40 24.10
C VAL S 239 52.28 30.66 23.14
N SER S 240 53.42 30.21 23.67
CA SER S 240 54.26 29.14 23.11
C SER S 240 54.14 27.95 24.03
N LEU S 241 54.01 26.76 23.44
CA LEU S 241 53.70 25.48 24.13
C LEU S 241 54.93 24.60 23.92
N LEU S 242 55.42 23.92 24.95
CA LEU S 242 56.32 22.75 24.80
C LEU S 242 55.44 21.53 25.02
N ILE S 243 55.34 20.66 24.02
CA ILE S 243 54.52 19.42 24.07
C ILE S 243 55.50 18.28 24.11
N ALA S 244 55.51 17.55 25.22
CA ALA S 244 56.41 16.42 25.48
C ALA S 244 55.57 15.18 25.64
N GLY S 245 55.93 14.12 24.94
CA GLY S 245 55.25 12.83 25.09
C GLY S 245 56.14 11.67 24.73
N VAL S 246 55.52 10.50 24.65
CA VAL S 246 56.17 9.22 24.28
C VAL S 246 55.19 8.48 23.38
N ASP S 247 55.69 8.06 22.22
CA ASP S 247 54.97 7.27 21.20
C ASP S 247 55.95 6.19 20.69
N GLU S 248 55.71 5.62 19.51
CA GLU S 248 56.60 4.59 18.89
C GLU S 248 57.99 5.19 18.65
N LYS S 249 58.07 6.43 18.19
CA LYS S 249 59.35 7.17 17.88
C LYS S 249 60.21 7.33 19.15
N GLY S 250 59.64 7.16 20.34
CA GLY S 250 60.34 7.26 21.63
C GLY S 250 59.82 8.47 22.40
N PRO S 251 60.54 8.95 23.44
CA PRO S 251 60.24 10.26 24.03
C PRO S 251 60.61 11.38 23.06
N GLN S 252 59.73 12.38 22.95
CA GLN S 252 59.85 13.52 22.01
C GLN S 252 59.39 14.81 22.68
N LEU S 253 60.04 15.91 22.34
CA LEU S 253 59.74 17.27 22.84
C LEU S 253 59.56 18.20 21.65
N TRP S 254 58.39 18.80 21.51
CA TRP S 254 58.05 19.75 20.44
C TRP S 254 57.72 21.11 21.04
N GLN S 255 57.99 22.18 20.30
CA GLN S 255 57.60 23.56 20.65
C GLN S 255 56.65 24.09 19.57
N THR S 256 55.47 24.59 19.96
CA THR S 256 54.60 25.39 19.08
C THR S 256 54.89 26.87 19.32
N ASP S 257 54.86 27.67 18.26
CA ASP S 257 54.98 29.15 18.32
C ASP S 257 53.61 29.74 18.03
N PRO S 258 53.45 31.08 18.22
CA PRO S 258 52.26 31.79 17.77
C PRO S 258 52.04 31.74 16.25
N SER S 259 53.14 31.73 15.48
CA SER S 259 53.17 31.57 14.00
C SER S 259 52.34 30.36 13.56
N GLY S 260 52.37 29.28 14.33
CA GLY S 260 51.86 27.94 13.92
C GLY S 260 52.98 27.02 13.48
N THR S 261 54.24 27.49 13.51
CA THR S 261 55.45 26.64 13.31
C THR S 261 55.56 25.70 14.50
N HIS S 262 56.01 24.47 14.24
CA HIS S 262 56.32 23.47 15.29
C HIS S 262 57.70 22.91 15.00
N THR S 263 58.51 22.83 16.05
CA THR S 263 59.94 22.46 16.00
C THR S 263 60.18 21.38 17.05
N ARG S 264 60.64 20.20 16.63
CA ARG S 264 61.12 19.18 17.58
C ARG S 264 62.42 19.69 18.15
N TYR S 265 62.60 19.55 19.45
CA TYR S 265 63.83 19.93 20.18
C TYR S 265 64.29 18.74 21.01
N ASP S 266 65.59 18.72 21.32
CA ASP S 266 66.17 17.76 22.28
C ASP S 266 65.99 18.37 23.67
N ALA S 267 66.29 19.66 23.80
CA ALA S 267 65.95 20.49 24.97
C ALA S 267 65.59 21.89 24.50
N GLN S 268 64.66 22.54 25.19
CA GLN S 268 64.19 23.89 24.84
C GLN S 268 63.64 24.53 26.09
N ALA S 269 63.87 25.83 26.24
CA ALA S 269 63.20 26.69 27.24
C ALA S 269 62.43 27.76 26.48
N ILE S 270 61.27 28.14 27.01
CA ILE S 270 60.41 29.24 26.49
C ILE S 270 60.12 30.16 27.66
N GLY S 271 59.71 31.39 27.38
CA GLY S 271 59.39 32.38 28.44
C GLY S 271 60.56 33.26 28.80
N GLY S 272 60.58 33.74 30.05
CA GLY S 272 61.42 34.84 30.56
C GLY S 272 62.89 34.56 30.34
N GLY S 273 63.41 33.56 31.05
CA GLY S 273 64.84 33.21 31.01
C GLY S 273 65.15 32.11 30.01
N ALA S 274 64.36 32.01 28.93
CA ALA S 274 64.57 31.07 27.80
C ALA S 274 65.98 31.28 27.22
N GLU S 275 66.40 32.54 27.08
CA GLU S 275 67.71 32.95 26.49
C GLU S 275 68.85 32.51 27.41
N ALA S 276 68.71 32.75 28.71
CA ALA S 276 69.68 32.37 29.77
C ALA S 276 69.74 30.85 29.98
N ALA S 277 68.64 30.14 29.68
CA ALA S 277 68.50 28.68 29.87
C ALA S 277 69.10 27.91 28.68
N GLN S 278 68.90 28.41 27.45
CA GLN S 278 69.58 27.87 26.22
C GLN S 278 71.09 27.85 26.44
N SER S 279 71.64 28.88 27.09
CA SER S 279 73.08 29.01 27.44
C SER S 279 73.52 27.85 28.35
N VAL S 280 72.68 27.48 29.32
CA VAL S 280 72.94 26.37 30.28
C VAL S 280 72.83 25.01 29.56
N PHE S 281 71.84 24.82 28.69
CA PHE S 281 71.67 23.57 27.89
C PHE S 281 72.89 23.32 27.00
N THR S 282 73.36 24.36 26.33
CA THR S 282 74.56 24.32 25.45
C THR S 282 75.74 23.68 26.19
N GLU S 283 75.96 24.04 27.47
CA GLU S 283 77.15 23.56 28.24
C GLU S 283 76.84 22.22 28.94
N ARG S 284 75.58 21.92 29.30
CA ARG S 284 75.22 20.80 30.21
C ARG S 284 74.52 19.63 29.49
N TYR S 285 73.52 19.90 28.64
CA TYR S 285 72.69 18.86 27.98
C TYR S 285 73.55 18.02 27.03
N HIS S 286 73.46 16.69 27.18
CA HIS S 286 73.89 15.67 26.18
C HIS S 286 72.72 14.72 25.94
N ARG S 287 72.82 13.89 24.90
CA ARG S 287 71.67 13.11 24.35
C ARG S 287 71.47 11.80 25.14
N ASN S 288 72.43 11.39 25.97
CA ASN S 288 72.40 10.12 26.74
C ASN S 288 72.23 10.41 28.24
N MET S 289 71.43 11.43 28.57
CA MET S 289 71.07 11.79 29.97
C MET S 289 70.15 10.73 30.56
N THR S 290 70.27 10.46 31.85
CA THR S 290 69.27 9.73 32.65
C THR S 290 68.14 10.69 32.98
N LEU S 291 66.90 10.20 33.05
CA LEU S 291 65.70 10.96 33.46
C LEU S 291 66.01 11.74 34.75
N GLU S 292 66.68 11.08 35.69
CA GLU S 292 67.15 11.64 36.99
C GLU S 292 68.03 12.88 36.76
N GLU S 293 69.02 12.82 35.85
CA GLU S 293 69.91 13.96 35.50
C GLU S 293 69.13 15.07 34.79
N GLY S 294 68.18 14.68 33.92
CA GLY S 294 67.25 15.57 33.20
C GLY S 294 66.41 16.40 34.16
N GLU S 295 65.80 15.75 35.15
CA GLU S 295 65.05 16.39 36.26
C GLU S 295 65.96 17.36 37.00
N THR S 296 67.13 16.87 37.42
CA THR S 296 68.19 17.64 38.13
C THR S 296 68.50 18.90 37.33
N LEU S 297 68.77 18.76 36.03
CA LEU S 297 69.11 19.90 35.13
C LEU S 297 67.92 20.85 35.06
N ALA S 298 66.73 20.33 34.73
CA ALA S 298 65.48 21.10 34.57
C ALA S 298 65.30 22.05 35.76
N VAL S 299 65.46 21.53 36.98
CA VAL S 299 65.31 22.30 38.24
C VAL S 299 66.53 23.22 38.45
N ASP S 300 67.76 22.73 38.21
CA ASP S 300 69.02 23.52 38.32
C ASP S 300 68.88 24.82 37.51
N ILE S 301 68.39 24.72 36.27
CA ILE S 301 68.13 25.87 35.37
C ILE S 301 67.08 26.78 36.01
N LEU S 302 65.89 26.24 36.31
CA LEU S 302 64.76 27.01 36.89
C LEU S 302 65.24 27.82 38.11
N LYS S 303 66.16 27.27 38.92
CA LYS S 303 66.74 27.90 40.13
C LYS S 303 67.50 29.18 39.73
N GLN S 304 68.44 29.02 38.79
CA GLN S 304 69.26 30.11 38.20
C GLN S 304 68.35 31.19 37.58
N VAL S 305 67.32 30.78 36.85
CA VAL S 305 66.56 31.65 35.89
C VAL S 305 65.41 32.38 36.60
N MET S 306 64.53 31.64 37.28
CA MET S 306 63.26 32.20 37.83
C MET S 306 63.58 33.23 38.93
N GLU S 307 62.74 34.26 39.04
CA GLU S 307 62.97 35.48 39.86
C GLU S 307 62.87 35.14 41.36
N ASP S 308 61.78 34.48 41.77
CA ASP S 308 61.53 34.03 43.17
C ASP S 308 62.55 32.95 43.56
N GLN S 309 62.74 32.72 44.87
CA GLN S 309 63.56 31.62 45.41
C GLN S 309 62.83 30.30 45.16
N LEU S 310 63.54 29.28 44.69
CA LEU S 310 62.93 28.00 44.23
C LEU S 310 62.48 27.19 45.45
N SER S 311 61.20 26.82 45.46
CA SER S 311 60.52 25.98 46.48
C SER S 311 59.90 24.78 45.78
N PRO S 312 59.51 23.73 46.53
CA PRO S 312 58.74 22.63 45.95
C PRO S 312 57.35 23.02 45.42
N GLU S 313 56.76 24.11 45.92
CA GLU S 313 55.42 24.63 45.53
C GLU S 313 55.55 25.68 44.41
N ASN S 314 56.74 26.29 44.27
CA ASN S 314 57.03 27.46 43.41
C ASN S 314 57.10 27.02 41.94
N ILE S 315 57.47 25.76 41.69
CA ILE S 315 57.67 25.18 40.32
C ILE S 315 56.81 23.93 40.14
N GLU S 316 56.56 23.59 38.89
CA GLU S 316 55.85 22.37 38.47
C GLU S 316 56.84 21.55 37.64
N VAL S 317 56.96 20.27 37.93
CA VAL S 317 57.78 19.31 37.13
C VAL S 317 56.87 18.14 36.74
N ALA S 318 57.05 17.64 35.53
CA ALA S 318 56.37 16.45 35.00
C ALA S 318 57.37 15.70 34.13
N VAL S 319 57.19 14.40 34.02
CA VAL S 319 57.97 13.56 33.07
C VAL S 319 57.00 12.61 32.40
N VAL S 320 57.23 12.35 31.12
CA VAL S 320 56.65 11.16 30.45
C VAL S 320 57.82 10.19 30.32
N ARG S 321 57.75 9.06 31.03
CA ARG S 321 58.83 8.04 31.06
C ARG S 321 58.70 7.18 29.81
N ALA S 322 59.81 6.85 29.16
CA ALA S 322 59.89 6.00 27.95
C ALA S 322 59.40 4.58 28.28
N ASP S 323 59.68 4.09 29.50
CA ASP S 323 59.50 2.67 29.88
C ASP S 323 58.00 2.30 29.90
N ASP S 324 57.16 3.09 30.58
CA ASP S 324 55.69 2.83 30.72
C ASP S 324 54.89 3.71 29.73
N GLY S 325 55.50 4.75 29.16
CA GLY S 325 54.87 5.66 28.19
C GLY S 325 53.86 6.59 28.84
N LYS S 326 53.86 6.67 30.17
CA LYS S 326 52.82 7.34 30.99
C LYS S 326 53.41 8.64 31.55
N LEU S 327 52.56 9.65 31.73
CA LEU S 327 52.90 10.97 32.30
C LEU S 327 52.75 10.92 33.82
N HIS S 328 53.75 11.40 34.56
CA HIS S 328 53.69 11.63 36.03
C HIS S 328 53.92 13.11 36.28
N MET S 329 52.96 13.78 36.93
CA MET S 329 53.12 15.15 37.48
C MET S 329 53.75 15.02 38.87
N TYR S 330 54.95 15.55 39.05
CA TYR S 330 55.69 15.43 40.32
C TYR S 330 55.00 16.32 41.36
N THR S 331 54.62 15.70 42.49
CA THR S 331 54.07 16.37 43.71
C THR S 331 55.17 17.23 44.31
N PRO S 332 54.84 18.23 45.17
CA PRO S 332 55.87 19.01 45.86
C PRO S 332 56.90 18.13 46.61
N THR S 333 56.44 17.08 47.30
CA THR S 333 57.27 16.02 47.96
C THR S 333 58.35 15.51 47.02
N GLU S 334 57.94 15.21 45.78
CA GLU S 334 58.72 14.53 44.71
C GLU S 334 59.73 15.51 44.10
N ILE S 335 59.37 16.80 44.01
CA ILE S 335 60.23 17.92 43.52
C ILE S 335 61.29 18.23 44.60
N LYS S 336 60.93 18.13 45.88
CA LYS S 336 61.89 18.30 47.01
C LYS S 336 62.98 17.22 46.90
N ALA S 337 62.59 16.01 46.52
CA ALA S 337 63.50 14.85 46.30
C ALA S 337 64.53 15.18 45.22
N ILE S 338 64.13 15.95 44.20
CA ILE S 338 65.04 16.44 43.11
C ILE S 338 65.98 17.52 43.67
N MET S 339 65.45 18.52 44.37
CA MET S 339 66.24 19.62 45.00
C MET S 339 67.22 19.07 46.04
N SER S 340 66.84 17.99 46.74
CA SER S 340 67.63 17.32 47.81
C SER S 340 68.94 16.73 47.25
N ARG S 341 68.92 16.20 46.01
CA ARG S 341 70.09 15.52 45.39
C ARG S 341 70.99 16.52 44.65
N MET S 342 70.79 17.83 44.86
CA MET S 342 71.48 18.94 44.13
C MET S 342 71.98 19.98 45.14
N ASN T 168 56.38 55.57 4.59
CA ASN T 168 55.72 54.96 3.40
C ASN T 168 54.24 54.72 3.73
N GLU T 169 53.33 55.43 3.06
CA GLU T 169 51.86 55.36 3.35
C GLU T 169 51.20 54.24 2.52
N TYR T 170 51.98 53.50 1.71
CA TYR T 170 51.47 52.55 0.69
C TYR T 170 51.86 51.10 1.01
N ASP T 171 52.57 50.84 2.12
CA ASP T 171 53.18 49.51 2.41
C ASP T 171 52.35 48.72 3.44
N SER T 172 51.23 49.27 3.92
CA SER T 172 50.44 48.73 5.04
C SER T 172 49.52 47.61 4.55
N ASP T 173 48.70 47.89 3.53
CA ASP T 173 47.66 46.96 3.01
C ASP T 173 48.15 46.30 1.71
N ILE T 174 47.70 45.07 1.48
CA ILE T 174 47.92 44.31 0.22
C ILE T 174 47.17 44.97 -0.95
N THR T 175 46.02 45.57 -0.69
CA THR T 175 45.13 46.18 -1.73
C THR T 175 45.64 47.55 -2.18
N THR T 176 46.76 48.05 -1.65
CA THR T 176 47.26 49.38 -2.01
C THR T 176 48.43 49.25 -2.99
N TRP T 177 48.20 49.65 -4.23
CA TRP T 177 49.27 50.01 -5.19
C TRP T 177 49.99 51.24 -4.65
N SER T 178 51.31 51.27 -4.74
CA SER T 178 52.12 52.51 -4.61
C SER T 178 51.88 53.35 -5.86
N PRO T 179 52.26 54.64 -5.87
CA PRO T 179 52.19 55.47 -7.08
C PRO T 179 53.15 55.04 -8.21
N THR T 180 54.22 54.32 -7.87
CA THR T 180 55.21 53.77 -8.84
C THR T 180 54.78 52.39 -9.35
N GLY T 181 53.62 51.90 -8.93
CA GLY T 181 53.01 50.66 -9.44
C GLY T 181 53.62 49.41 -8.81
N ARG T 182 54.01 49.50 -7.53
CA ARG T 182 54.52 48.35 -6.75
C ARG T 182 53.47 47.99 -5.69
N LEU T 183 53.36 46.70 -5.41
CA LEU T 183 52.62 46.15 -4.25
C LEU T 183 53.64 45.78 -3.18
N PHE T 184 53.80 46.63 -2.17
CA PHE T 184 54.88 46.51 -1.16
C PHE T 184 54.65 45.29 -0.28
N GLN T 185 53.42 45.01 0.13
CA GLN T 185 53.15 43.83 1.00
C GLN T 185 53.64 42.55 0.31
N ILE T 186 53.66 42.52 -1.01
CA ILE T 186 54.20 41.35 -1.79
C ILE T 186 55.72 41.40 -1.78
N GLU T 187 56.34 42.57 -1.95
CA GLU T 187 57.81 42.74 -1.91
C GLU T 187 58.33 42.32 -0.54
N TYR T 188 57.54 42.56 0.51
CA TYR T 188 57.89 42.27 1.92
C TYR T 188 57.69 40.79 2.20
N ALA T 189 56.62 40.19 1.69
CA ALA T 189 56.42 38.73 1.80
C ALA T 189 57.57 38.00 1.10
N ASN T 190 58.12 38.57 0.03
CA ASN T 190 59.30 38.04 -0.69
C ASN T 190 60.51 38.05 0.23
N GLU T 191 60.65 39.04 1.12
CA GLU T 191 61.80 39.11 2.06
C GLU T 191 61.71 37.96 3.06
N ALA T 192 60.52 37.46 3.37
CA ALA T 192 60.36 36.27 4.24
C ALA T 192 61.10 35.08 3.63
N VAL T 193 60.91 34.86 2.32
CA VAL T 193 61.52 33.76 1.53
C VAL T 193 63.04 33.92 1.53
N ASN T 194 63.55 35.14 1.30
CA ASN T 194 65.00 35.41 1.16
C ASN T 194 65.71 35.28 2.52
N ASN T 195 64.99 35.31 3.63
CA ASN T 195 65.56 35.14 5.00
C ASN T 195 65.33 33.71 5.50
N GLY T 196 64.49 32.93 4.82
CA GLY T 196 64.37 31.46 5.02
C GLY T 196 65.68 30.75 4.76
N SER T 197 65.83 29.53 5.30
CA SER T 197 67.06 28.71 5.15
C SER T 197 67.14 28.23 3.70
N ALA T 198 68.36 28.14 3.18
CA ALA T 198 68.65 27.85 1.76
C ALA T 198 68.13 26.46 1.40
N THR T 199 67.39 26.35 0.29
CA THR T 199 67.12 25.07 -0.40
C THR T 199 67.57 25.23 -1.85
N VAL T 200 67.91 24.11 -2.48
CA VAL T 200 68.40 24.04 -3.89
C VAL T 200 67.62 22.98 -4.66
N GLY T 201 67.41 23.23 -5.94
CA GLY T 201 66.76 22.30 -6.87
C GLY T 201 67.60 22.21 -8.12
N VAL T 202 67.87 21.00 -8.59
CA VAL T 202 68.52 20.79 -9.92
C VAL T 202 67.76 19.66 -10.59
N LYS T 203 67.47 19.82 -11.89
CA LYS T 203 66.82 18.75 -12.66
C LYS T 203 67.72 18.32 -13.82
N GLY T 204 67.82 17.00 -13.99
CA GLY T 204 68.52 16.32 -15.08
C GLY T 204 67.53 15.76 -16.07
N LYS T 205 67.94 14.74 -16.82
CA LYS T 205 67.10 14.15 -17.90
C LYS T 205 65.89 13.50 -17.24
N ASN T 206 66.10 12.73 -16.16
CA ASN T 206 65.09 11.81 -15.59
C ASN T 206 64.82 12.10 -14.10
N PHE T 207 65.51 13.05 -13.48
CA PHE T 207 65.46 13.25 -12.00
C PHE T 207 65.45 14.73 -11.65
N VAL T 208 64.82 15.03 -10.53
CA VAL T 208 64.91 16.33 -9.82
C VAL T 208 65.48 16.03 -8.43
N VAL T 209 66.42 16.85 -7.98
CA VAL T 209 67.05 16.75 -6.64
C VAL T 209 66.82 18.05 -5.90
N LEU T 210 66.03 18.00 -4.84
CA LEU T 210 65.94 19.05 -3.81
C LEU T 210 66.98 18.73 -2.74
N ALA T 211 67.75 19.74 -2.33
CA ALA T 211 68.66 19.69 -1.17
C ALA T 211 68.39 20.94 -0.33
N ALA T 212 68.09 20.76 0.94
CA ALA T 212 67.74 21.84 1.89
C ALA T 212 68.73 21.81 3.06
N LEU T 213 69.25 22.98 3.44
CA LEU T 213 69.88 23.18 4.77
C LEU T 213 68.79 23.15 5.84
N LYS T 214 68.92 22.22 6.79
CA LYS T 214 68.27 22.29 8.11
C LYS T 214 69.09 23.21 9.01
N ARG T 215 68.61 23.45 10.23
CA ARG T 215 69.34 24.19 11.28
C ARG T 215 70.39 23.24 11.86
N SER T 216 71.63 23.72 12.03
CA SER T 216 72.82 22.93 12.46
C SER T 216 72.82 22.81 13.98
N PRO T 217 72.77 21.57 14.54
CA PRO T 217 72.78 21.35 15.99
C PRO T 217 73.79 22.20 16.80
N VAL T 218 73.28 22.97 17.76
CA VAL T 218 74.09 23.81 18.70
C VAL T 218 74.63 22.88 19.79
N ALA T 219 75.94 22.61 19.79
CA ALA T 219 76.65 21.68 20.70
C ALA T 219 76.07 20.26 20.51
N GLU T 220 75.53 19.63 21.57
CA GLU T 220 74.92 18.27 21.55
C GLU T 220 73.38 18.40 21.56
N LEU T 221 72.83 19.51 21.04
CA LEU T 221 71.38 19.86 21.10
C LEU T 221 70.84 20.04 19.67
N SER T 222 69.88 19.18 19.28
CA SER T 222 69.28 19.11 17.91
C SER T 222 67.93 19.85 17.86
N SER T 223 67.64 20.45 16.72
CA SER T 223 66.29 20.89 16.27
C SER T 223 65.93 20.10 15.01
N TYR T 224 64.66 19.76 14.84
CA TYR T 224 64.10 19.30 13.55
C TYR T 224 62.89 20.17 13.23
N GLN T 225 62.79 20.60 11.97
CA GLN T 225 61.62 21.34 11.43
C GLN T 225 61.38 20.80 10.02
N GLU T 226 60.17 20.29 9.76
CA GLU T 226 59.79 19.70 8.46
C GLU T 226 59.75 20.82 7.41
N LYS T 227 60.79 20.92 6.59
CA LYS T 227 60.94 21.91 5.49
C LYS T 227 60.68 21.25 4.14
N VAL T 228 60.87 19.91 4.01
CA VAL T 228 60.64 19.13 2.78
C VAL T 228 59.42 18.22 2.98
N PHE T 229 58.53 18.18 2.00
CA PHE T 229 57.21 17.50 2.07
C PHE T 229 56.98 16.65 0.84
N GLU T 230 56.67 15.37 1.03
CA GLU T 230 56.08 14.56 -0.06
C GLU T 230 54.66 15.10 -0.21
N ILE T 231 54.21 15.25 -1.45
CA ILE T 231 52.86 15.79 -1.79
C ILE T 231 52.03 14.71 -2.48
N ASP T 232 52.67 13.90 -3.32
CA ASP T 232 52.11 12.64 -3.86
C ASP T 232 53.29 11.76 -4.28
N GLU T 233 53.02 10.55 -4.73
CA GLU T 233 54.08 9.62 -5.23
C GLU T 233 55.11 10.42 -6.02
N HIS T 234 54.63 11.30 -6.91
CA HIS T 234 55.38 11.86 -8.05
C HIS T 234 55.80 13.33 -7.83
N VAL T 235 55.50 13.92 -6.67
CA VAL T 235 55.78 15.35 -6.39
C VAL T 235 56.24 15.52 -4.95
N GLY T 236 57.13 16.49 -4.75
CA GLY T 236 57.32 17.08 -3.43
C GLY T 236 57.88 18.47 -3.52
N MET T 237 58.15 19.03 -2.36
CA MET T 237 58.21 20.47 -2.08
C MET T 237 59.41 20.68 -1.16
N SER T 238 60.08 21.81 -1.28
CA SER T 238 61.06 22.31 -0.30
C SER T 238 60.68 23.76 -0.07
N ILE T 239 60.37 24.15 1.16
CA ILE T 239 59.88 25.53 1.45
C ILE T 239 61.03 26.37 1.98
N SER T 240 60.94 27.68 1.79
CA SER T 240 61.73 28.72 2.49
C SER T 240 60.77 29.83 2.93
N GLY T 241 60.92 30.30 4.17
CA GLY T 241 60.17 31.43 4.73
C GLY T 241 59.30 30.99 5.88
N LEU T 242 58.07 31.46 5.92
CA LEU T 242 57.11 31.14 7.00
C LEU T 242 56.66 29.68 6.82
N VAL T 243 57.24 28.81 7.64
CA VAL T 243 57.00 27.35 7.61
C VAL T 243 55.51 27.05 7.81
N ALA T 244 54.82 27.88 8.60
CA ALA T 244 53.36 27.81 8.81
C ALA T 244 52.63 27.86 7.47
N ASP T 245 53.03 28.77 6.58
CA ASP T 245 52.42 29.00 5.25
C ASP T 245 52.82 27.86 4.31
N GLY T 246 54.04 27.35 4.45
CA GLY T 246 54.51 26.15 3.75
C GLY T 246 53.55 25.01 3.99
N ARG T 247 53.27 24.73 5.27
CA ARG T 247 52.33 23.70 5.73
C ARG T 247 50.94 23.89 5.11
N VAL T 248 50.50 25.13 4.97
CA VAL T 248 49.16 25.48 4.41
C VAL T 248 49.11 25.11 2.92
N LEU T 249 50.20 25.38 2.18
CA LEU T 249 50.32 25.01 0.75
C LEU T 249 50.49 23.50 0.62
N ALA T 250 51.36 22.91 1.42
CA ALA T 250 51.56 21.45 1.51
C ALA T 250 50.20 20.77 1.66
N ARG T 251 49.36 21.22 2.59
CA ARG T 251 48.02 20.59 2.80
C ARG T 251 47.20 20.79 1.52
N TYR T 252 47.17 22.00 0.96
CA TYR T 252 46.38 22.31 -0.26
C TYR T 252 46.82 21.39 -1.38
N LEU T 253 48.12 21.40 -1.69
CA LEU T 253 48.69 20.59 -2.81
C LEU T 253 48.45 19.10 -2.56
N ARG T 254 48.59 18.63 -1.34
CA ARG T 254 48.31 17.22 -1.00
C ARG T 254 46.84 16.90 -1.28
N THR T 255 45.95 17.77 -0.82
CA THR T 255 44.49 17.64 -1.01
C THR T 255 44.16 17.65 -2.50
N GLU T 256 44.73 18.57 -3.27
CA GLU T 256 44.42 18.71 -4.72
C GLU T 256 45.01 17.53 -5.48
N CYS T 257 46.18 17.04 -5.09
CA CYS T 257 46.83 15.87 -5.75
C CYS T 257 46.02 14.61 -5.48
N MET T 258 45.45 14.48 -4.29
CA MET T 258 44.62 13.31 -3.91
C MET T 258 43.37 13.35 -4.76
N ASN T 259 42.64 14.46 -4.71
CA ASN T 259 41.46 14.72 -5.58
C ASN T 259 41.79 14.32 -7.01
N TYR T 260 42.88 14.84 -7.56
CA TYR T 260 43.24 14.56 -8.96
C TYR T 260 43.38 13.04 -9.11
N ARG T 261 44.22 12.43 -8.29
CA ARG T 261 44.50 10.96 -8.35
C ARG T 261 43.23 10.14 -8.13
N TYR T 262 42.33 10.60 -7.28
CA TYR T 262 41.00 9.97 -7.05
C TYR T 262 40.23 9.96 -8.36
N MET T 263 40.15 11.11 -9.03
CA MET T 263 39.34 11.25 -10.27
C MET T 263 39.97 10.44 -11.40
N TYR T 264 41.26 10.63 -11.66
CA TYR T 264 41.91 10.21 -12.92
C TYR T 264 42.75 8.96 -12.74
N SER T 265 43.02 8.52 -11.52
CA SER T 265 43.83 7.31 -11.21
C SER T 265 45.23 7.51 -11.74
N ASN T 266 45.73 8.74 -11.70
CA ASN T 266 47.10 9.07 -12.19
C ASN T 266 47.54 10.35 -11.49
N GLY T 267 48.84 10.59 -11.35
CA GLY T 267 49.35 11.79 -10.64
C GLY T 267 49.01 13.08 -11.36
N MET T 268 48.64 14.12 -10.61
CA MET T 268 48.38 15.48 -11.18
C MET T 268 49.62 15.86 -11.97
N PRO T 269 49.48 16.17 -13.28
CA PRO T 269 50.60 16.63 -14.09
C PRO T 269 51.18 17.91 -13.47
N MET T 270 52.48 18.08 -13.58
CA MET T 270 53.22 19.12 -12.85
C MET T 270 52.92 20.51 -13.39
N ASN T 271 52.83 20.68 -14.71
CA ASN T 271 52.41 21.96 -15.32
C ASN T 271 51.08 22.37 -14.70
N GLN T 272 50.13 21.45 -14.56
CA GLN T 272 48.78 21.74 -14.00
C GLN T 272 48.87 22.13 -12.52
N MET T 273 49.75 21.48 -11.77
CA MET T 273 49.99 21.73 -10.33
C MET T 273 50.61 23.13 -10.13
N ALA T 274 51.65 23.46 -10.90
CA ALA T 274 52.30 24.79 -10.96
C ALA T 274 51.26 25.90 -11.14
N ASP T 275 50.29 25.68 -12.02
CA ASP T 275 49.23 26.66 -12.32
C ASP T 275 48.33 26.79 -11.09
N MET T 276 48.05 25.69 -10.39
CA MET T 276 47.18 25.68 -9.19
C MET T 276 47.82 26.48 -8.05
N ILE T 277 49.12 26.34 -7.80
CA ILE T 277 49.77 27.08 -6.68
C ILE T 277 49.77 28.56 -7.02
N GLY T 278 50.28 28.91 -8.19
CA GLY T 278 50.18 30.26 -8.77
C GLY T 278 48.82 30.87 -8.48
N GLU T 279 47.74 30.20 -8.88
CA GLU T 279 46.34 30.67 -8.72
C GLU T 279 46.06 30.91 -7.24
N LYS T 280 46.48 29.97 -6.38
CA LYS T 280 46.15 29.98 -4.94
C LYS T 280 46.86 31.14 -4.26
N HIS T 281 48.13 31.37 -4.58
CA HIS T 281 48.90 32.56 -4.16
C HIS T 281 48.15 33.84 -4.57
N GLN T 282 47.66 33.90 -5.79
CA GLN T 282 47.03 35.11 -6.36
C GLN T 282 45.74 35.43 -5.60
N ARG T 283 44.98 34.44 -5.13
CA ARG T 283 43.74 34.71 -4.36
C ARG T 283 44.09 35.56 -3.13
N HIS T 284 45.28 35.36 -2.59
CA HIS T 284 45.77 36.00 -1.34
C HIS T 284 46.35 37.41 -1.60
N ILE T 285 46.73 37.79 -2.82
CA ILE T 285 47.40 39.11 -3.04
C ILE T 285 46.41 40.21 -3.50
N GLN T 286 45.09 40.01 -3.45
CA GLN T 286 44.15 41.02 -4.04
C GLN T 286 43.08 41.44 -3.03
N CYS T 287 42.48 40.49 -2.30
CA CYS T 287 41.50 40.76 -1.21
C CYS T 287 42.20 41.42 -0.02
N SER T 288 41.48 42.26 0.72
CA SER T 288 41.94 42.97 1.94
C SER T 288 42.09 41.97 3.09
N GLY T 289 41.09 41.11 3.26
CA GLY T 289 41.02 40.11 4.35
C GLY T 289 42.24 39.20 4.40
N LYS T 290 42.75 38.81 3.23
CA LYS T 290 43.85 37.82 3.07
C LYS T 290 45.19 38.55 3.11
N ARG T 291 46.29 37.78 3.07
CA ARG T 291 47.68 38.29 2.93
C ARG T 291 48.49 37.32 2.08
N PRO T 292 49.55 37.78 1.40
CA PRO T 292 50.40 36.90 0.61
C PRO T 292 51.07 35.83 1.49
N PHE T 293 51.23 34.63 0.94
CA PHE T 293 52.00 33.53 1.57
C PHE T 293 53.45 33.99 1.70
N GLY T 294 54.00 33.95 2.91
CA GLY T 294 55.38 34.37 3.18
C GLY T 294 56.36 33.25 2.91
N VAL T 295 56.05 32.36 1.97
CA VAL T 295 56.84 31.12 1.75
C VAL T 295 57.15 30.97 0.26
N GLY T 296 58.37 30.58 -0.06
CA GLY T 296 58.73 30.11 -1.41
C GLY T 296 58.70 28.61 -1.42
N LEU T 297 58.22 27.98 -2.50
CA LEU T 297 58.33 26.52 -2.68
C LEU T 297 59.35 26.24 -3.78
N LEU T 298 60.04 25.11 -3.67
CA LEU T 298 60.58 24.37 -4.83
C LEU T 298 59.75 23.09 -4.98
N LEU T 299 58.72 23.17 -5.79
CA LEU T 299 58.05 21.98 -6.35
C LEU T 299 59.07 21.21 -7.16
N ALA T 300 59.14 19.90 -6.98
CA ALA T 300 59.92 18.94 -7.80
C ALA T 300 59.00 17.79 -8.11
N GLY T 301 58.87 17.44 -9.38
CA GLY T 301 57.89 16.41 -9.78
C GLY T 301 58.33 15.66 -11.01
N TYR T 302 57.68 14.52 -11.26
CA TYR T 302 57.88 13.70 -12.47
C TYR T 302 56.53 13.27 -13.02
N ASP T 303 56.33 13.45 -14.32
CA ASP T 303 55.10 13.01 -15.01
C ASP T 303 55.48 12.50 -16.41
N ARG T 304 54.49 12.27 -17.27
CA ARG T 304 54.64 11.92 -18.71
C ARG T 304 55.63 12.86 -19.41
N GLN T 305 55.56 14.17 -19.13
CA GLN T 305 56.41 15.20 -19.80
C GLN T 305 57.83 15.21 -19.20
N GLY T 306 58.12 14.31 -18.25
CA GLY T 306 59.46 14.12 -17.65
C GLY T 306 59.58 14.87 -16.32
N PRO T 307 60.80 15.19 -15.87
CA PRO T 307 60.99 15.87 -14.59
C PRO T 307 60.75 17.38 -14.69
N HIS T 308 60.09 17.93 -13.68
CA HIS T 308 59.80 19.38 -13.54
C HIS T 308 60.31 19.89 -12.20
N LEU T 309 60.97 21.04 -12.23
CA LEU T 309 61.35 21.82 -11.03
C LEU T 309 60.74 23.22 -11.18
N TYR T 310 59.80 23.55 -10.31
CA TYR T 310 59.18 24.89 -10.21
C TYR T 310 59.67 25.56 -8.94
N GLN T 311 59.92 26.86 -9.00
CA GLN T 311 60.05 27.75 -7.83
C GLN T 311 58.82 28.65 -7.79
N THR T 312 57.96 28.43 -6.81
CA THR T 312 56.80 29.29 -6.50
C THR T 312 57.32 30.38 -5.58
N VAL T 313 56.65 31.52 -5.57
CA VAL T 313 57.11 32.75 -4.88
C VAL T 313 55.85 33.48 -4.38
N PRO T 314 55.91 34.29 -3.30
CA PRO T 314 54.71 34.90 -2.72
C PRO T 314 53.84 35.74 -3.65
N SER T 315 54.48 36.40 -4.61
CA SER T 315 53.84 37.23 -5.67
C SER T 315 52.82 36.43 -6.48
N GLY T 316 52.94 35.09 -6.51
CA GLY T 316 52.07 34.17 -7.27
C GLY T 316 52.73 33.73 -8.57
N ASP T 317 53.91 34.28 -8.87
CA ASP T 317 54.74 33.85 -10.02
C ASP T 317 55.21 32.42 -9.77
N VAL T 318 55.33 31.66 -10.85
CA VAL T 318 55.77 30.24 -10.83
C VAL T 318 56.76 30.06 -11.96
N TYR T 319 57.98 29.68 -11.64
CA TYR T 319 59.11 29.67 -12.57
C TYR T 319 59.45 28.22 -12.86
N ASP T 320 59.29 27.76 -14.11
CA ASP T 320 59.81 26.44 -14.55
C ASP T 320 61.33 26.62 -14.68
N TYR T 321 62.09 25.90 -13.85
CA TYR T 321 63.55 26.08 -13.71
C TYR T 321 64.27 24.81 -14.13
N LYS T 322 65.47 24.93 -14.68
CA LYS T 322 66.43 23.82 -14.90
C LYS T 322 67.14 23.56 -13.57
N ALA T 323 67.49 24.64 -12.88
CA ALA T 323 68.06 24.62 -11.52
C ALA T 323 67.74 25.93 -10.83
N THR T 324 67.68 25.93 -9.52
CA THR T 324 67.43 27.15 -8.74
C THR T 324 67.80 26.92 -7.28
N ALA T 325 67.97 28.01 -6.55
CA ALA T 325 68.06 28.01 -5.08
C ALA T 325 67.16 29.12 -4.54
N MET T 326 66.92 29.08 -3.24
CA MET T 326 65.93 29.90 -2.53
C MET T 326 66.52 30.14 -1.16
N GLY T 327 66.20 31.25 -0.50
CA GLY T 327 66.58 31.44 0.90
C GLY T 327 67.91 32.16 1.05
N VAL T 328 68.49 32.08 2.24
CA VAL T 328 69.59 32.97 2.70
C VAL T 328 70.90 32.55 2.02
N ARG T 329 71.67 33.51 1.52
CA ARG T 329 72.95 33.30 0.77
C ARG T 329 72.72 32.41 -0.46
N SER T 330 71.50 32.39 -1.00
CA SER T 330 71.15 31.56 -2.18
C SER T 330 71.68 32.18 -3.47
N GLN T 331 72.09 33.45 -3.46
CA GLN T 331 72.72 34.08 -4.66
C GLN T 331 74.06 33.37 -4.93
N ALA T 332 74.72 32.86 -3.88
CA ALA T 332 75.97 32.07 -3.97
C ALA T 332 75.67 30.72 -4.63
N SER T 333 74.59 30.04 -4.22
CA SER T 333 74.12 28.76 -4.80
C SER T 333 73.80 28.95 -6.27
N ARG T 334 73.03 29.99 -6.61
CA ARG T 334 72.60 30.28 -8.01
C ARG T 334 73.84 30.60 -8.85
N THR T 335 74.87 31.22 -8.27
CA THR T 335 76.16 31.50 -8.97
C THR T 335 76.79 30.16 -9.33
N TYR T 336 76.90 29.22 -8.37
CA TYR T 336 77.48 27.88 -8.62
C TYR T 336 76.68 27.18 -9.71
N LEU T 337 75.36 27.08 -9.54
CA LEU T 337 74.44 26.40 -10.49
C LEU T 337 74.61 26.99 -11.90
N GLU T 338 74.79 28.31 -12.04
CA GLU T 338 74.91 28.99 -13.36
C GLU T 338 76.17 28.50 -14.10
N ARG T 339 77.22 28.09 -13.39
CA ARG T 339 78.48 27.56 -14.00
C ARG T 339 78.25 26.18 -14.61
N HIS T 340 77.31 25.40 -14.09
CA HIS T 340 77.22 23.93 -14.30
C HIS T 340 75.87 23.48 -14.89
N PHE T 341 74.83 24.30 -14.86
CA PHE T 341 73.42 23.86 -15.07
C PHE T 341 73.23 23.30 -16.50
N GLU T 342 74.03 23.77 -17.46
CA GLU T 342 73.94 23.34 -18.88
C GLU T 342 74.23 21.83 -19.01
N HIS T 343 74.98 21.25 -18.07
CA HIS T 343 75.48 19.83 -18.11
C HIS T 343 74.58 18.90 -17.31
N PHE T 344 73.42 19.36 -16.83
CA PHE T 344 72.56 18.61 -15.88
C PHE T 344 71.74 17.55 -16.61
N SER T 345 71.33 17.80 -17.87
CA SER T 345 70.57 16.84 -18.70
C SER T 345 71.45 15.65 -19.10
N ASP T 346 72.79 15.79 -19.04
CA ASP T 346 73.78 14.72 -19.35
C ASP T 346 74.17 13.95 -18.08
N CYS T 347 74.05 14.57 -16.90
CA CYS T 347 74.46 14.01 -15.58
C CYS T 347 73.66 12.75 -15.23
N THR T 348 74.24 11.87 -14.41
CA THR T 348 73.57 10.74 -13.73
C THR T 348 72.83 11.29 -12.50
N LEU T 349 72.13 10.42 -11.77
CA LEU T 349 71.45 10.79 -10.50
C LEU T 349 72.51 11.19 -9.45
N ASP T 350 73.65 10.48 -9.38
CA ASP T 350 74.69 10.69 -8.34
C ASP T 350 75.47 11.99 -8.60
N GLU T 351 75.60 12.40 -9.86
CA GLU T 351 76.26 13.66 -10.27
C GLU T 351 75.34 14.86 -10.04
N LEU T 352 74.03 14.69 -10.28
CA LEU T 352 72.98 15.71 -9.94
C LEU T 352 73.03 16.01 -8.45
N VAL T 353 73.05 14.97 -7.60
CA VAL T 353 72.97 15.14 -6.13
C VAL T 353 74.26 15.80 -5.64
N THR T 354 75.41 15.40 -6.17
CA THR T 354 76.68 16.14 -5.94
C THR T 354 76.44 17.62 -6.24
N HIS T 355 75.90 17.94 -7.42
CA HIS T 355 75.71 19.34 -7.90
C HIS T 355 74.75 20.10 -6.98
N ALA T 356 73.66 19.45 -6.58
CA ALA T 356 72.65 20.01 -5.65
C ALA T 356 73.34 20.40 -4.34
N LEU T 357 74.17 19.51 -3.82
CA LEU T 357 74.88 19.68 -2.51
C LEU T 357 75.98 20.71 -2.67
N LYS T 358 76.73 20.65 -3.76
CA LYS T 358 77.86 21.57 -4.02
C LYS T 358 77.31 23.01 -4.08
N ALA T 359 76.11 23.17 -4.66
CA ALA T 359 75.37 24.45 -4.74
C ALA T 359 74.95 24.86 -3.34
N LEU T 360 74.28 23.96 -2.64
CA LEU T 360 73.77 24.19 -1.27
C LEU T 360 74.92 24.60 -0.35
N ALA T 361 76.08 23.95 -0.47
CA ALA T 361 77.25 24.17 0.41
C ALA T 361 77.86 25.57 0.18
N SER T 362 77.62 26.19 -0.97
CA SER T 362 77.97 27.61 -1.25
C SER T 362 77.17 28.57 -0.37
N ALA T 363 75.97 28.14 0.06
CA ALA T 363 74.97 28.95 0.83
C ALA T 363 75.21 28.85 2.33
N THR T 364 76.09 27.95 2.78
CA THR T 364 76.43 27.75 4.22
C THR T 364 77.25 28.95 4.70
N SER T 365 77.18 29.24 6.00
CA SER T 365 77.84 30.41 6.66
C SER T 365 79.29 30.06 7.01
N GLU T 366 80.24 30.90 6.57
CA GLU T 366 81.65 30.96 7.02
C GLU T 366 82.33 29.58 6.87
N GLY T 367 82.27 28.73 7.91
CA GLY T 367 83.10 27.52 8.05
C GLY T 367 82.33 26.22 8.14
N ILE T 368 80.98 26.26 8.22
CA ILE T 368 80.16 25.03 8.47
C ILE T 368 80.05 24.25 7.14
N GLU T 369 80.15 22.92 7.22
CA GLU T 369 80.14 21.96 6.08
C GLU T 369 78.78 21.25 6.06
N LEU T 370 78.41 20.69 4.91
CA LEU T 370 77.23 19.81 4.79
C LEU T 370 77.54 18.46 5.45
N ASN T 371 76.51 17.84 6.02
CA ASN T 371 76.53 16.51 6.65
C ASN T 371 75.08 16.10 6.89
N VAL T 372 74.85 14.83 7.23
CA VAL T 372 73.48 14.24 7.37
C VAL T 372 72.65 15.00 8.40
N LYS T 373 73.29 15.54 9.44
CA LYS T 373 72.57 16.15 10.60
C LYS T 373 72.08 17.57 10.22
N ASN T 374 72.63 18.20 9.16
CA ASN T 374 72.27 19.60 8.78
C ASN T 374 71.82 19.73 7.31
N THR T 375 71.58 18.62 6.58
CA THR T 375 71.15 18.65 5.15
C THR T 375 70.15 17.53 4.83
N THR T 376 68.94 17.92 4.46
CA THR T 376 67.94 17.04 3.78
C THR T 376 68.30 16.96 2.29
N ILE T 377 68.06 15.81 1.68
CA ILE T 377 68.04 15.58 0.20
C ILE T 377 66.75 14.89 -0.13
N ALA T 378 66.08 15.31 -1.20
CA ALA T 378 64.88 14.64 -1.75
C ALA T 378 65.04 14.49 -3.25
N ILE T 379 64.65 13.33 -3.76
CA ILE T 379 64.78 12.93 -5.18
C ILE T 379 63.40 12.51 -5.66
N VAL T 380 63.14 12.74 -6.95
CA VAL T 380 61.94 12.23 -7.66
C VAL T 380 62.33 12.11 -9.13
N GLY T 381 61.82 11.10 -9.81
CA GLY T 381 62.12 10.92 -11.25
C GLY T 381 61.49 9.68 -11.83
N LYS T 382 62.02 9.27 -12.99
CA LYS T 382 61.60 8.05 -13.74
C LYS T 382 61.73 6.86 -12.79
N ASP T 383 60.58 6.24 -12.47
CA ASP T 383 60.44 4.97 -11.72
C ASP T 383 60.83 5.16 -10.25
N THR T 384 61.21 6.37 -9.84
CA THR T 384 61.56 6.77 -8.45
C THR T 384 60.47 7.68 -7.90
N PRO T 385 59.61 7.20 -6.97
CA PRO T 385 58.67 8.08 -6.29
C PRO T 385 59.44 9.06 -5.39
N PHE T 386 58.83 10.22 -5.09
CA PHE T 386 59.43 11.31 -4.29
C PHE T 386 59.84 10.74 -2.93
N THR T 387 61.14 10.74 -2.66
CA THR T 387 61.73 10.19 -1.42
C THR T 387 62.54 11.30 -0.78
N ILE T 388 62.46 11.39 0.54
CA ILE T 388 63.28 12.29 1.39
C ILE T 388 64.30 11.40 2.08
N PHE T 389 65.58 11.66 1.85
CA PHE T 389 66.71 10.98 2.52
C PHE T 389 67.15 11.84 3.71
N GLU T 390 67.02 11.29 4.93
CA GLU T 390 67.69 11.80 6.16
C GLU T 390 68.40 10.63 6.85
N GLU T 391 69.56 10.92 7.45
CA GLU T 391 70.34 9.98 8.31
C GLU T 391 70.87 8.83 7.43
N GLU T 392 70.48 7.57 7.69
CA GLU T 392 71.12 6.37 7.07
C GLU T 392 71.08 6.46 5.53
N SER T 393 69.97 6.96 4.97
CA SER T 393 69.71 7.02 3.51
C SER T 393 70.59 8.09 2.83
N ALA T 394 70.75 9.25 3.47
CA ALA T 394 71.50 10.43 2.97
C ALA T 394 73.02 10.19 2.98
N ARG T 395 73.52 9.41 3.94
CA ARG T 395 74.97 9.14 4.19
C ARG T 395 75.67 8.65 2.91
N LYS T 396 74.98 7.88 2.06
CA LYS T 396 75.48 7.38 0.75
C LYS T 396 76.00 8.56 -0.11
N TYR T 397 75.39 9.74 -0.01
CA TYR T 397 75.72 10.96 -0.79
C TYR T 397 76.58 11.94 0.03
N LEU T 398 76.47 11.94 1.37
CA LEU T 398 76.91 13.04 2.28
C LEU T 398 78.15 12.65 3.11
N ASP T 399 78.32 11.38 3.48
CA ASP T 399 79.56 10.88 4.18
C ASP T 399 80.76 11.19 3.28
N GLY T 400 80.72 10.68 2.04
CA GLY T 400 81.74 10.91 1.00
C GLY T 400 81.39 12.10 0.13
N PHE T 401 81.19 13.26 0.76
CA PHE T 401 81.04 14.59 0.11
C PHE T 401 81.93 15.61 0.83
N LYS T 402 82.77 16.30 0.07
CA LYS T 402 83.56 17.48 0.50
C LYS T 402 83.44 18.56 -0.59
N MET T 403 83.45 19.84 -0.20
CA MET T 403 83.39 21.01 -1.12
C MET T 403 84.80 21.59 -1.26
N ARG T 404 85.41 21.49 -2.46
CA ARG T 404 86.78 21.98 -2.79
C ARG T 404 86.67 23.03 -3.89
N PRO T 405 87.41 24.17 -3.82
CA PRO T 405 87.31 25.21 -4.84
C PRO T 405 87.95 24.82 -6.18
N SER U 6 46.63 62.68 1.13
CA SER U 6 47.23 61.35 1.45
C SER U 6 46.18 60.23 1.32
N GLY U 7 44.95 60.47 1.78
CA GLY U 7 43.84 59.49 1.81
C GLY U 7 43.12 59.36 0.47
N HIS U 8 43.34 60.30 -0.46
CA HIS U 8 42.67 60.38 -1.78
C HIS U 8 42.99 59.14 -2.65
N ASP U 9 44.11 58.43 -2.42
CA ASP U 9 44.69 57.44 -3.36
C ASP U 9 44.96 56.08 -2.70
N GLN U 10 44.47 55.84 -1.49
CA GLN U 10 44.81 54.62 -0.70
C GLN U 10 44.00 53.43 -1.19
N SER U 11 42.78 53.66 -1.68
CA SER U 11 41.90 52.60 -2.20
C SER U 11 41.18 53.08 -3.47
N THR U 12 40.72 52.09 -4.23
CA THR U 12 40.11 52.28 -5.55
C THR U 12 38.64 52.66 -5.39
N ASP U 13 38.09 52.62 -4.17
CA ASP U 13 36.67 52.97 -3.94
C ASP U 13 36.50 54.48 -3.89
N VAL U 14 37.58 55.23 -4.09
CA VAL U 14 37.62 56.68 -3.78
C VAL U 14 38.00 57.43 -5.06
N PHE U 15 37.10 58.27 -5.55
CA PHE U 15 37.46 59.35 -6.49
C PHE U 15 38.30 60.41 -5.79
N SER U 16 39.25 61.00 -6.52
CA SER U 16 39.95 62.27 -6.15
C SER U 16 39.03 63.43 -6.50
N ALA U 17 39.41 64.65 -6.13
CA ALA U 17 38.68 65.90 -6.46
C ALA U 17 38.65 66.10 -7.99
N GLU U 18 39.71 65.75 -8.72
CA GLU U 18 39.80 65.90 -10.21
C GLU U 18 38.82 64.94 -10.91
N GLY U 19 38.38 63.90 -10.24
CA GLY U 19 37.35 62.95 -10.73
C GLY U 19 37.93 61.62 -11.14
N ARG U 20 39.17 61.32 -10.73
CA ARG U 20 39.88 60.09 -11.17
C ARG U 20 40.22 59.20 -9.97
N VAL U 21 40.61 57.97 -10.27
CA VAL U 21 40.70 56.82 -9.32
C VAL U 21 42.16 56.40 -9.29
N PHE U 22 42.95 57.07 -8.47
CA PHE U 22 44.43 56.97 -8.45
C PHE U 22 44.90 55.52 -8.35
N GLN U 23 44.27 54.67 -7.55
CA GLN U 23 44.74 53.27 -7.43
C GLN U 23 44.71 52.55 -8.78
N VAL U 24 43.74 52.88 -9.65
CA VAL U 24 43.63 52.31 -11.02
C VAL U 24 44.72 52.89 -11.91
N GLU U 25 45.09 54.15 -11.73
CA GLU U 25 46.19 54.80 -12.49
C GLU U 25 47.51 54.14 -12.11
N TYR U 26 47.65 53.81 -10.83
CA TYR U 26 48.87 53.23 -10.22
C TYR U 26 49.01 51.78 -10.67
N ALA U 27 47.91 51.04 -10.75
CA ALA U 27 47.88 49.70 -11.37
C ALA U 27 48.34 49.83 -12.83
N GLY U 28 47.86 50.85 -13.54
CA GLY U 28 48.26 51.15 -14.92
C GLY U 28 49.77 51.29 -15.02
N LYS U 29 50.40 51.89 -14.02
CA LYS U 29 51.86 52.18 -13.99
C LYS U 29 52.61 50.85 -13.98
N ALA U 30 52.04 49.81 -13.35
CA ALA U 30 52.63 48.45 -13.26
C ALA U 30 52.74 47.82 -14.64
N VAL U 31 51.78 48.11 -15.52
CA VAL U 31 51.73 47.59 -16.92
C VAL U 31 52.79 48.36 -17.74
N ASP U 32 52.87 49.67 -17.57
CA ASP U 32 53.78 50.54 -18.34
C ASP U 32 55.24 50.28 -17.96
N ASN U 33 55.51 49.66 -16.81
CA ASN U 33 56.88 49.26 -16.36
C ASN U 33 57.12 47.78 -16.68
N SER U 34 56.13 47.07 -17.22
CA SER U 34 56.20 45.62 -17.55
C SER U 34 56.82 45.45 -18.95
N SER U 35 57.19 44.21 -19.25
CA SER U 35 57.73 43.75 -20.56
C SER U 35 56.75 44.12 -21.66
N THR U 36 57.26 44.54 -22.82
CA THR U 36 56.47 45.01 -23.99
C THR U 36 55.74 43.83 -24.64
N ALA U 37 54.47 44.03 -24.95
CA ALA U 37 53.63 43.12 -25.76
C ALA U 37 53.12 43.92 -26.95
N VAL U 38 52.87 43.23 -28.05
CA VAL U 38 52.55 43.82 -29.37
C VAL U 38 51.61 42.84 -30.07
N ALA U 39 50.63 43.35 -30.81
CA ALA U 39 49.62 42.49 -31.46
C ALA U 39 49.06 43.19 -32.69
N ALA U 40 48.54 42.38 -33.61
CA ALA U 40 48.12 42.79 -34.97
C ALA U 40 46.94 41.92 -35.40
N CYS U 41 45.86 42.58 -35.79
CA CYS U 41 44.63 41.97 -36.31
C CYS U 41 44.64 42.16 -37.82
N CYS U 42 44.69 41.04 -38.54
CA CYS U 42 44.81 40.95 -40.01
C CYS U 42 43.49 40.40 -40.54
N LYS U 43 43.35 40.21 -41.84
CA LYS U 43 42.18 39.50 -42.44
C LYS U 43 42.28 38.02 -42.06
N ASP U 44 43.50 37.48 -42.07
CA ASP U 44 43.80 36.03 -41.93
C ASP U 44 43.53 35.55 -40.51
N GLY U 45 43.52 36.47 -39.54
CA GLY U 45 43.52 36.14 -38.10
C GLY U 45 44.21 37.22 -37.29
N VAL U 46 44.63 36.90 -36.07
CA VAL U 46 45.35 37.85 -35.19
C VAL U 46 46.61 37.18 -34.64
N VAL U 47 47.59 37.99 -34.29
CA VAL U 47 48.94 37.61 -33.81
C VAL U 47 49.26 38.43 -32.57
N VAL U 48 49.81 37.78 -31.55
CA VAL U 48 50.28 38.42 -30.30
C VAL U 48 51.71 37.97 -30.11
N ALA U 49 52.60 38.91 -29.89
CA ALA U 49 54.02 38.68 -29.54
C ALA U 49 54.28 39.41 -28.25
N VAL U 50 54.87 38.74 -27.27
CA VAL U 50 55.22 39.38 -25.98
C VAL U 50 56.68 39.04 -25.68
N GLU U 51 57.46 40.05 -25.30
CA GLU U 51 58.83 39.92 -24.77
C GLU U 51 58.67 39.40 -23.34
N LYS U 52 59.34 38.30 -22.99
CA LYS U 52 59.45 37.83 -21.58
C LYS U 52 60.84 38.17 -21.08
N VAL U 53 60.96 39.08 -20.12
CA VAL U 53 62.24 39.37 -19.45
C VAL U 53 62.46 38.29 -18.39
N HIS U 54 63.44 37.43 -18.63
CA HIS U 54 63.88 36.35 -17.71
C HIS U 54 64.85 36.94 -16.69
N THR U 55 64.59 36.72 -15.40
CA THR U 55 65.45 37.15 -14.27
C THR U 55 66.71 36.28 -14.19
N SER U 56 66.66 35.04 -14.71
CA SER U 56 67.68 33.98 -14.53
C SER U 56 67.99 33.28 -15.85
N ARG U 57 69.24 32.81 -16.00
CA ARG U 57 69.76 32.11 -17.21
C ARG U 57 69.22 30.68 -17.27
N MET U 58 68.70 30.19 -16.13
CA MET U 58 68.46 28.75 -15.86
C MET U 58 66.96 28.42 -15.91
N LEU U 59 66.14 29.31 -16.48
CA LEU U 59 64.69 29.02 -16.66
C LEU U 59 64.55 28.04 -17.83
N GLU U 60 63.53 27.19 -17.77
CA GLU U 60 63.09 26.35 -18.92
C GLU U 60 62.48 27.26 -20.00
N LYS U 61 62.53 26.83 -21.26
CA LYS U 61 61.76 27.45 -22.38
C LYS U 61 60.28 27.21 -22.11
N GLY U 62 59.46 28.27 -22.13
CA GLY U 62 58.02 28.23 -21.83
C GLY U 62 57.71 28.54 -20.38
N SER U 63 58.71 28.93 -19.59
CA SER U 63 58.54 29.44 -18.19
C SER U 63 57.94 30.84 -18.24
N ASN U 64 57.00 31.11 -17.34
CA ASN U 64 56.31 32.42 -17.20
C ASN U 64 55.72 32.79 -18.56
N ASN U 65 55.10 31.82 -19.24
CA ASN U 65 54.29 32.06 -20.46
C ASN U 65 53.31 33.18 -20.12
N ARG U 66 53.35 34.28 -20.88
CA ARG U 66 52.43 35.42 -20.71
C ARG U 66 51.21 35.25 -21.61
N ILE U 67 51.19 34.24 -22.47
CA ILE U 67 50.10 34.03 -23.48
C ILE U 67 49.40 32.70 -23.20
N HIS U 68 48.08 32.73 -23.07
CA HIS U 68 47.28 31.58 -22.58
C HIS U 68 46.03 31.44 -23.41
N ALA U 69 45.73 30.21 -23.83
CA ALA U 69 44.50 29.90 -24.56
C ALA U 69 43.34 30.06 -23.59
N VAL U 70 42.38 30.91 -23.94
CA VAL U 70 41.14 31.13 -23.15
C VAL U 70 40.09 30.12 -23.66
N ASP U 71 40.04 29.93 -24.97
CA ASP U 71 39.19 28.92 -25.63
C ASP U 71 39.92 28.45 -26.88
N ARG U 72 39.36 27.51 -27.64
CA ARG U 72 39.91 27.11 -28.96
C ARG U 72 40.28 28.38 -29.75
N GLN U 73 39.31 29.29 -29.91
CA GLN U 73 39.37 30.43 -30.85
C GLN U 73 40.05 31.63 -30.21
N ALA U 74 40.30 31.65 -28.91
CA ALA U 74 40.69 32.89 -28.22
C ALA U 74 41.81 32.67 -27.22
N GLY U 75 42.63 33.69 -27.08
CA GLY U 75 43.79 33.68 -26.18
C GLY U 75 44.02 35.04 -25.60
N ILE U 76 44.43 35.08 -24.34
CA ILE U 76 44.81 36.32 -23.64
C ILE U 76 46.32 36.32 -23.53
N CYS U 77 46.94 37.40 -23.99
CA CYS U 77 48.34 37.73 -23.67
C CYS U 77 48.33 38.79 -22.57
N ILE U 78 49.06 38.56 -21.49
CA ILE U 78 49.09 39.45 -20.29
C ILE U 78 50.33 40.32 -20.35
N CYS U 79 50.13 41.61 -20.50
CA CYS U 79 51.18 42.63 -20.21
C CYS U 79 50.93 43.20 -18.82
N GLY U 80 51.83 42.94 -17.87
CA GLY U 80 51.72 43.44 -16.47
C GLY U 80 52.17 42.42 -15.45
N LEU U 81 51.60 42.43 -14.25
CA LEU U 81 51.82 41.36 -13.24
C LEU U 81 51.20 40.06 -13.77
N LEU U 82 52.05 39.07 -14.00
CA LEU U 82 51.63 37.79 -14.61
C LEU U 82 50.61 37.09 -13.72
N PRO U 83 50.83 36.96 -12.39
CA PRO U 83 49.87 36.29 -11.52
C PRO U 83 48.45 36.89 -11.60
N ASP U 84 48.33 38.21 -11.47
CA ASP U 84 47.05 38.95 -11.66
C ASP U 84 46.46 38.56 -13.02
N GLY U 85 47.27 38.65 -14.07
CA GLY U 85 46.90 38.26 -15.45
C GLY U 85 46.27 36.89 -15.50
N ARG U 86 46.82 35.95 -14.74
CA ARG U 86 46.35 34.54 -14.76
C ARG U 86 44.97 34.45 -14.11
N ALA U 87 44.61 35.36 -13.21
CA ALA U 87 43.27 35.40 -12.59
C ALA U 87 42.25 35.80 -13.66
N ILE U 88 42.66 36.69 -14.57
CA ILE U 88 41.83 37.20 -15.70
C ILE U 88 41.71 36.09 -16.75
N VAL U 89 42.82 35.46 -17.07
CA VAL U 89 42.85 34.26 -17.95
C VAL U 89 41.86 33.25 -17.37
N SER U 90 41.97 32.94 -16.08
CA SER U 90 41.10 31.94 -15.43
C SER U 90 39.64 32.38 -15.54
N ARG U 91 39.36 33.67 -15.42
CA ARG U 91 37.97 34.17 -15.57
C ARG U 91 37.58 34.09 -17.05
N ALA U 92 38.42 34.57 -17.97
CA ALA U 92 38.11 34.60 -19.41
C ALA U 92 37.76 33.18 -19.85
N ARG U 93 38.44 32.20 -19.28
CA ARG U 93 38.17 30.74 -19.48
C ARG U 93 36.80 30.40 -18.96
N GLN U 94 36.49 30.75 -17.72
CA GLN U 94 35.18 30.52 -17.09
C GLN U 94 34.07 31.06 -18.00
N GLU U 95 34.29 32.21 -18.65
CA GLU U 95 33.26 32.87 -19.49
C GLU U 95 33.16 32.15 -20.83
N ALA U 96 34.31 31.78 -21.39
CA ALA U 96 34.42 31.03 -22.65
C ALA U 96 33.72 29.68 -22.50
N GLU U 97 33.85 29.04 -21.34
CA GLU U 97 33.23 27.72 -21.10
C GLU U 97 31.76 27.88 -20.71
N ASN U 98 31.33 28.99 -20.15
CA ASN U 98 29.90 29.28 -19.96
C ASN U 98 29.24 29.50 -21.32
N SER U 99 29.94 30.08 -22.30
CA SER U 99 29.34 30.30 -23.64
C SER U 99 29.05 28.96 -24.28
N ARG U 100 29.95 28.00 -24.14
CA ARG U 100 29.83 26.65 -24.76
C ARG U 100 28.89 25.79 -23.92
N ASP U 101 28.94 25.88 -22.61
CA ASP U 101 28.11 25.05 -21.71
C ASP U 101 26.65 25.51 -21.81
N ILE U 102 26.42 26.81 -21.72
CA ILE U 102 25.04 27.38 -21.55
C ILE U 102 24.46 27.72 -22.92
N PHE U 103 25.20 28.37 -23.80
CA PHE U 103 24.67 28.93 -25.06
C PHE U 103 25.17 28.15 -26.26
N ALA U 104 25.92 27.05 -26.07
CA ALA U 104 26.37 26.11 -27.13
C ALA U 104 27.13 26.81 -28.25
N THR U 105 27.79 27.93 -27.96
CA THR U 105 28.47 28.76 -28.98
C THR U 105 29.87 29.08 -28.49
N PRO U 106 30.87 29.13 -29.38
CA PRO U 106 32.12 29.80 -29.06
C PRO U 106 31.77 31.23 -28.68
N ILE U 107 32.28 31.68 -27.55
CA ILE U 107 32.15 33.09 -27.12
C ILE U 107 32.77 33.95 -28.23
N ARG U 108 32.07 35.01 -28.61
CA ARG U 108 32.55 36.03 -29.56
C ARG U 108 33.67 36.82 -28.89
N GLY U 109 34.63 37.31 -29.67
CA GLY U 109 35.72 38.16 -29.19
C GLY U 109 35.19 39.40 -28.48
N SER U 110 34.33 40.17 -29.14
CA SER U 110 33.73 41.41 -28.57
C SER U 110 33.09 41.08 -27.22
N VAL U 111 32.45 39.93 -27.10
CA VAL U 111 31.74 39.50 -25.86
C VAL U 111 32.80 39.17 -24.81
N LEU U 112 33.74 38.29 -25.15
CA LEU U 112 34.84 37.83 -24.27
C LEU U 112 35.59 39.04 -23.72
N ALA U 113 35.84 40.04 -24.56
CA ALA U 113 36.56 41.25 -24.17
C ALA U 113 35.73 42.02 -23.14
N ASN U 114 34.46 42.28 -23.44
CA ASN U 114 33.55 43.02 -22.53
C ASN U 114 33.46 42.31 -21.18
N ARG U 115 33.45 40.99 -21.20
CA ARG U 115 33.39 40.12 -20.01
C ARG U 115 34.69 40.26 -19.21
N VAL U 116 35.83 40.28 -19.88
CA VAL U 116 37.16 40.50 -19.26
C VAL U 116 37.22 41.90 -18.64
N GLY U 117 36.77 42.93 -19.37
CA GLY U 117 36.71 44.32 -18.89
C GLY U 117 35.78 44.49 -17.71
N GLU U 118 34.61 43.86 -17.74
CA GLU U 118 33.60 43.94 -16.66
C GLU U 118 34.24 43.42 -15.38
N PHE U 119 34.95 42.29 -15.49
CA PHE U 119 35.66 41.62 -14.38
C PHE U 119 36.74 42.54 -13.84
N MET U 120 37.64 43.00 -14.70
CA MET U 120 38.74 43.90 -14.31
C MET U 120 38.23 45.19 -13.68
N HIS U 121 37.10 45.70 -14.16
CA HIS U 121 36.45 46.93 -13.65
C HIS U 121 35.89 46.69 -12.25
N ALA U 122 35.23 45.56 -12.04
CA ALA U 122 34.64 45.16 -10.74
C ALA U 122 35.64 45.44 -9.62
N TYR U 123 36.93 45.18 -9.87
CA TYR U 123 38.01 45.26 -8.87
C TYR U 123 38.44 46.71 -8.69
N THR U 124 37.84 47.66 -9.41
CA THR U 124 38.16 49.11 -9.31
C THR U 124 37.09 49.87 -8.52
N THR U 125 36.06 49.19 -8.02
CA THR U 125 34.82 49.81 -7.48
C THR U 125 34.69 49.64 -5.96
N HIS U 126 35.48 48.77 -5.36
CA HIS U 126 35.25 48.23 -4.00
C HIS U 126 36.52 48.41 -3.19
N PHE U 127 36.40 48.89 -1.95
CA PHE U 127 37.53 49.19 -1.04
C PHE U 127 38.33 47.93 -0.73
N ALA U 128 37.68 46.77 -0.70
CA ALA U 128 38.24 45.50 -0.19
C ALA U 128 39.21 44.88 -1.20
N TYR U 129 39.13 45.26 -2.47
CA TYR U 129 39.92 44.67 -3.57
C TYR U 129 40.82 45.76 -4.11
N ARG U 130 41.81 45.38 -4.90
CA ARG U 130 42.63 46.35 -5.67
C ARG U 130 42.44 46.10 -7.15
N PRO U 131 42.70 47.11 -8.00
CA PRO U 131 42.75 46.92 -9.45
C PRO U 131 43.77 45.85 -9.84
N PHE U 132 43.53 45.17 -10.96
CA PHE U 132 44.51 44.25 -11.57
C PHE U 132 45.69 45.05 -12.08
N GLY U 133 46.87 44.42 -12.02
CA GLY U 133 48.16 45.04 -12.39
C GLY U 133 48.57 44.67 -13.78
N CYS U 134 47.62 44.27 -14.63
CA CYS U 134 47.89 43.81 -16.02
C CYS U 134 46.83 44.35 -16.97
N SER U 135 47.25 44.67 -18.20
CA SER U 135 46.37 44.81 -19.37
C SER U 135 46.32 43.44 -20.05
N ALA U 136 45.14 42.83 -20.15
CA ALA U 136 44.89 41.66 -21.02
C ALA U 136 44.80 42.11 -22.49
N ILE U 137 45.50 41.42 -23.39
CA ILE U 137 45.31 41.48 -24.86
C ILE U 137 44.49 40.27 -25.29
N ILE U 138 43.21 40.42 -25.57
CA ILE U 138 42.33 39.30 -26.01
C ILE U 138 42.41 39.21 -27.54
N ALA U 139 43.00 38.14 -28.06
CA ALA U 139 42.99 37.77 -29.50
C ALA U 139 41.94 36.67 -29.69
N SER U 140 41.02 36.83 -30.62
CA SER U 140 40.00 35.78 -30.91
C SER U 140 39.70 35.72 -32.40
N TYR U 141 39.25 34.56 -32.85
CA TYR U 141 38.76 34.32 -34.21
C TYR U 141 37.54 33.40 -34.10
N ALA U 142 36.52 33.93 -33.46
CA ALA U 142 35.17 33.33 -33.40
C ALA U 142 34.33 33.91 -34.55
N ASP U 143 33.01 33.74 -34.49
CA ASP U 143 32.09 34.02 -35.63
C ASP U 143 32.09 35.51 -35.99
N ASP U 144 32.51 36.40 -35.08
CA ASP U 144 32.65 37.87 -35.33
C ASP U 144 33.99 38.20 -36.01
N GLY U 145 34.73 37.21 -36.51
CA GLY U 145 35.94 37.42 -37.31
C GLY U 145 37.16 37.56 -36.42
N PRO U 146 38.35 37.82 -36.99
CA PRO U 146 39.53 38.12 -36.19
C PRO U 146 39.33 39.46 -35.46
N GLN U 147 39.46 39.42 -34.14
CA GLN U 147 39.26 40.56 -33.22
C GLN U 147 40.44 40.58 -32.24
N LEU U 148 40.96 41.78 -32.00
CA LEU U 148 42.03 42.06 -31.02
C LEU U 148 41.51 43.17 -30.11
N PHE U 149 41.49 42.90 -28.82
CA PHE U 149 40.98 43.81 -27.77
C PHE U 149 42.03 43.94 -26.69
N VAL U 150 41.93 45.01 -25.92
CA VAL U 150 42.82 45.26 -24.76
C VAL U 150 41.94 45.77 -23.64
N SER U 151 41.71 44.95 -22.62
CA SER U 151 41.22 45.37 -21.29
C SER U 151 42.42 45.85 -20.49
N ASP U 152 42.36 47.06 -19.94
CA ASP U 152 43.41 47.64 -19.06
C ASP U 152 42.94 47.51 -17.62
N PRO U 153 43.76 47.87 -16.61
CA PRO U 153 43.38 47.72 -15.20
C PRO U 153 42.05 48.37 -14.77
N SER U 154 41.71 49.49 -15.42
CA SER U 154 40.47 50.27 -15.23
C SER U 154 39.22 49.47 -15.63
N GLY U 155 39.38 48.48 -16.50
CA GLY U 155 38.27 47.73 -17.11
C GLY U 155 37.95 48.24 -18.52
N THR U 156 38.57 49.34 -18.95
CA THR U 156 38.34 49.96 -20.29
C THR U 156 38.78 48.98 -21.38
N VAL U 157 37.82 48.46 -22.14
CA VAL U 157 38.06 47.61 -23.33
C VAL U 157 38.08 48.52 -24.55
N ALA U 158 38.94 48.21 -25.51
CA ALA U 158 38.95 48.85 -26.84
C ALA U 158 39.46 47.86 -27.87
N GLY U 159 38.83 47.85 -29.04
CA GLY U 159 39.26 47.04 -30.19
C GLY U 159 40.44 47.71 -30.86
N TYR U 160 41.39 46.92 -31.35
CA TYR U 160 42.57 47.46 -32.07
C TYR U 160 42.79 46.67 -33.36
N TYR U 161 43.30 47.37 -34.37
CA TYR U 161 44.00 46.76 -35.53
C TYR U 161 45.36 46.27 -35.02
N GLY U 162 46.10 47.16 -34.37
CA GLY U 162 47.40 46.83 -33.76
C GLY U 162 47.55 47.51 -32.43
N VAL U 163 48.42 46.99 -31.56
CA VAL U 163 48.50 47.50 -30.17
C VAL U 163 49.82 47.08 -29.55
N ALA U 164 50.44 48.01 -28.83
CA ALA U 164 51.67 47.85 -28.02
C ALA U 164 51.35 48.20 -26.57
N LEU U 165 51.85 47.40 -25.64
CA LEU U 165 51.72 47.61 -24.17
C LEU U 165 53.10 47.43 -23.56
N GLY U 166 53.39 48.11 -22.44
CA GLY U 166 54.65 47.92 -21.70
C GLY U 166 55.62 49.06 -21.87
N LYS U 167 56.89 48.84 -21.55
CA LYS U 167 57.85 49.95 -21.31
C LYS U 167 58.31 50.53 -22.64
N ALA U 168 58.15 49.79 -23.74
CA ALA U 168 58.45 50.27 -25.11
C ALA U 168 57.15 50.51 -25.89
N LYS U 169 56.02 50.64 -25.21
CA LYS U 169 54.69 50.96 -25.78
C LYS U 169 54.82 52.03 -26.86
N THR U 170 55.46 53.16 -26.55
CA THR U 170 55.55 54.36 -27.43
C THR U 170 56.30 54.01 -28.72
N VAL U 171 57.46 53.38 -28.61
CA VAL U 171 58.38 53.12 -29.76
C VAL U 171 57.83 51.97 -30.60
N ALA U 172 57.32 50.92 -29.95
CA ALA U 172 56.68 49.75 -30.57
C ALA U 172 55.46 50.19 -31.39
N LYS U 173 54.77 51.26 -30.96
CA LYS U 173 53.58 51.81 -31.65
C LYS U 173 54.04 52.53 -32.92
N SER U 174 55.11 53.33 -32.86
CA SER U 174 55.77 53.98 -34.02
C SER U 174 55.96 52.95 -35.14
N GLU U 175 56.44 51.74 -34.79
CA GLU U 175 56.77 50.64 -35.74
C GLU U 175 55.50 49.91 -36.21
N LEU U 176 54.46 49.83 -35.38
CA LEU U 176 53.16 49.24 -35.76
C LEU U 176 52.44 50.14 -36.77
N GLU U 177 52.68 51.46 -36.73
CA GLU U 177 52.03 52.45 -37.64
C GLU U 177 52.65 52.36 -39.03
N LYS U 178 53.87 51.84 -39.16
CA LYS U 178 54.55 51.60 -40.47
C LYS U 178 53.88 50.42 -41.21
N LEU U 179 53.25 49.49 -40.50
CA LEU U 179 52.51 48.35 -41.12
C LEU U 179 51.21 48.89 -41.72
N ASP U 180 50.83 48.35 -42.90
CA ASP U 180 49.48 48.49 -43.49
C ASP U 180 48.67 47.27 -43.04
N PHE U 181 47.52 47.49 -42.39
CA PHE U 181 46.74 46.44 -41.68
C PHE U 181 45.69 45.82 -42.62
N SER U 182 45.22 46.55 -43.63
CA SER U 182 44.35 46.01 -44.70
C SER U 182 45.11 44.91 -45.47
N SER U 183 46.42 45.12 -45.69
CA SER U 183 47.27 44.27 -46.56
C SER U 183 47.82 43.06 -45.79
N LEU U 184 48.41 43.23 -44.59
CA LEU U 184 49.35 42.21 -44.06
C LEU U 184 48.60 40.93 -43.66
N THR U 185 49.30 39.80 -43.79
CA THR U 185 48.86 38.44 -43.43
C THR U 185 49.41 38.11 -42.05
N CYS U 186 48.92 37.03 -41.43
CA CYS U 186 49.41 36.53 -40.12
C CYS U 186 50.86 36.06 -40.24
N ASP U 187 51.28 35.56 -41.40
CA ASP U 187 52.62 34.95 -41.62
C ASP U 187 53.68 36.07 -41.65
N GLU U 188 53.35 37.21 -42.28
CA GLU U 188 54.18 38.44 -42.24
C GLU U 188 54.25 38.95 -40.80
N ALA U 189 53.09 39.14 -40.16
CA ALA U 189 52.91 39.77 -38.83
C ALA U 189 53.81 39.09 -37.79
N VAL U 190 53.77 37.76 -37.70
CA VAL U 190 54.64 36.97 -36.78
C VAL U 190 56.08 37.46 -36.92
N GLY U 191 56.56 37.63 -38.15
CA GLY U 191 57.88 38.20 -38.47
C GLY U 191 58.03 39.63 -37.96
N LYS U 192 57.10 40.52 -38.32
CA LYS U 192 57.23 41.99 -38.11
C LYS U 192 57.05 42.29 -36.63
N LEU U 193 56.06 41.66 -35.97
CA LEU U 193 55.78 41.84 -34.52
C LEU U 193 56.97 41.38 -33.68
N ALA U 194 57.55 40.24 -34.00
CA ALA U 194 58.74 39.71 -33.30
C ALA U 194 59.92 40.65 -33.55
N SER U 195 60.15 41.02 -34.81
CA SER U 195 61.18 42.00 -35.26
C SER U 195 61.07 43.29 -34.42
N ILE U 196 59.86 43.84 -34.29
CA ILE U 196 59.52 45.06 -33.50
C ILE U 196 59.98 44.89 -32.04
N LEU U 197 59.68 43.75 -31.42
CA LEU U 197 60.02 43.47 -30.01
C LEU U 197 61.54 43.33 -29.85
N HIS U 198 62.23 42.76 -30.84
CA HIS U 198 63.72 42.66 -30.86
C HIS U 198 64.33 44.06 -30.96
N GLU U 199 63.75 44.94 -31.79
CA GLU U 199 64.22 46.32 -32.05
C GLU U 199 64.09 47.18 -30.77
N VAL U 200 62.92 47.18 -30.13
CA VAL U 200 62.54 48.12 -29.02
C VAL U 200 63.18 47.68 -27.69
N HIS U 201 63.64 46.44 -27.60
CA HIS U 201 64.20 45.82 -26.37
C HIS U 201 65.47 46.55 -25.92
N ASP U 202 65.63 46.77 -24.61
CA ASP U 202 66.87 47.30 -23.97
C ASP U 202 67.85 46.15 -23.79
N LYS U 203 69.01 46.20 -24.48
CA LYS U 203 70.00 45.09 -24.54
C LYS U 203 70.85 45.10 -23.26
N GLN U 204 71.10 46.29 -22.71
CA GLN U 204 72.00 46.51 -21.53
C GLN U 204 71.23 46.29 -20.23
N LYS U 205 69.93 46.60 -20.19
CA LYS U 205 69.09 46.53 -18.96
C LYS U 205 68.60 45.09 -18.72
N ASP U 206 68.01 44.46 -19.74
CA ASP U 206 67.34 43.13 -19.68
C ASP U 206 68.05 42.12 -20.60
N LYS U 207 69.22 41.61 -20.19
CA LYS U 207 70.11 40.76 -21.03
C LYS U 207 69.37 39.50 -21.49
N LEU U 208 68.73 38.79 -20.56
CA LEU U 208 68.07 37.49 -20.78
C LEU U 208 66.60 37.73 -21.11
N TYR U 209 66.14 37.30 -22.28
CA TYR U 209 64.75 37.48 -22.76
C TYR U 209 64.48 36.56 -23.96
N GLU U 210 63.21 36.21 -24.17
CA GLU U 210 62.74 35.56 -25.41
C GLU U 210 61.44 36.24 -25.83
N VAL U 211 61.07 36.06 -27.10
CA VAL U 211 59.80 36.59 -27.70
C VAL U 211 58.82 35.44 -27.93
N GLU U 212 57.91 35.27 -26.98
CA GLU U 212 56.76 34.34 -27.09
C GLU U 212 55.76 34.93 -28.08
N VAL U 213 55.52 34.26 -29.20
CA VAL U 213 54.47 34.64 -30.20
C VAL U 213 53.39 33.57 -30.23
N ALA U 214 52.13 34.00 -30.31
CA ALA U 214 50.94 33.16 -30.53
C ALA U 214 50.08 33.79 -31.62
N TRP U 215 49.21 33.00 -32.23
CA TRP U 215 48.24 33.52 -33.21
C TRP U 215 46.96 32.70 -33.19
N VAL U 216 45.96 33.19 -33.89
CA VAL U 216 44.72 32.44 -34.18
C VAL U 216 44.30 32.91 -35.55
N CYS U 217 44.50 32.07 -36.55
CA CYS U 217 44.38 32.44 -37.98
C CYS U 217 43.77 31.30 -38.78
N ASP U 218 43.52 31.54 -40.07
CA ASP U 218 42.97 30.53 -40.99
C ASP U 218 43.98 29.37 -41.04
N LYS U 219 45.25 29.70 -41.16
CA LYS U 219 46.41 28.75 -41.13
C LYS U 219 46.26 27.75 -39.98
N SER U 220 46.03 28.24 -38.76
CA SER U 220 46.05 27.43 -37.51
C SER U 220 44.69 26.75 -37.25
N ASP U 221 43.75 26.83 -38.20
CA ASP U 221 42.36 26.28 -38.15
C ASP U 221 41.54 27.11 -37.18
N ARG U 222 41.76 28.43 -37.15
CA ARG U 222 41.09 29.34 -36.19
C ARG U 222 41.25 28.78 -34.78
N LYS U 223 42.43 28.23 -34.47
CA LYS U 223 42.77 27.70 -33.13
C LYS U 223 43.92 28.53 -32.56
N PHE U 224 43.77 29.00 -31.33
CA PHE U 224 44.73 29.93 -30.69
C PHE U 224 45.89 29.13 -30.11
N VAL U 225 47.06 29.25 -30.73
CA VAL U 225 48.25 28.42 -30.43
C VAL U 225 49.48 29.31 -30.45
N HIS U 226 50.53 28.89 -29.75
CA HIS U 226 51.90 29.43 -29.93
C HIS U 226 52.33 29.09 -31.35
N VAL U 227 52.98 30.03 -32.02
CA VAL U 227 53.55 29.78 -33.37
C VAL U 227 54.82 28.96 -33.16
N PRO U 228 55.13 28.00 -34.05
CA PRO U 228 56.38 27.25 -33.98
C PRO U 228 57.63 28.16 -33.94
N ALA U 229 58.74 27.65 -33.39
CA ALA U 229 60.00 28.39 -33.12
C ALA U 229 60.70 28.84 -34.42
N ASP U 230 60.39 28.21 -35.57
CA ASP U 230 61.03 28.50 -36.89
C ASP U 230 60.54 29.86 -37.45
N MET U 231 59.24 30.20 -37.30
CA MET U 231 58.66 31.48 -37.78
C MET U 231 59.17 32.68 -36.96
N VAL U 232 59.51 32.47 -35.67
CA VAL U 232 59.57 33.54 -34.62
C VAL U 232 60.57 34.64 -34.99
N PRO U 233 61.82 34.35 -35.43
CA PRO U 233 62.76 35.43 -35.81
C PRO U 233 62.27 36.29 -36.98
N THR V 55 -2.20 16.50 -27.78
CA THR V 55 -1.34 17.57 -28.39
C THR V 55 -0.56 16.97 -29.55
N THR V 56 -0.51 17.68 -30.66
CA THR V 56 0.26 17.29 -31.87
C THR V 56 1.14 18.49 -32.24
N ILE V 57 2.44 18.32 -32.18
CA ILE V 57 3.41 19.37 -32.59
C ILE V 57 4.41 18.70 -33.52
N LEU V 58 4.81 19.38 -34.56
CA LEU V 58 5.87 18.94 -35.49
C LEU V 58 6.52 20.15 -36.12
N ALA V 59 7.74 19.94 -36.55
CA ALA V 59 8.58 20.96 -37.18
C ALA V 59 9.34 20.23 -38.26
N VAL V 60 9.20 20.65 -39.51
CA VAL V 60 10.02 20.09 -40.61
C VAL V 60 10.88 21.21 -41.15
N SER V 61 12.04 20.83 -41.67
CA SER V 61 13.00 21.69 -42.38
C SER V 61 12.68 21.64 -43.86
N TYR V 62 12.59 22.81 -44.50
CA TYR V 62 12.76 22.99 -45.96
C TYR V 62 14.14 23.60 -46.17
N ASN V 63 14.46 24.11 -47.35
CA ASN V 63 15.84 24.54 -47.66
C ASN V 63 16.21 25.77 -46.82
N GLY V 64 15.50 26.88 -47.01
CA GLY V 64 15.81 28.16 -46.34
C GLY V 64 15.63 28.13 -44.83
N GLY V 65 14.76 27.25 -44.31
CA GLY V 65 14.19 27.42 -42.97
C GLY V 65 13.37 26.23 -42.51
N VAL V 66 12.29 26.48 -41.78
CA VAL V 66 11.50 25.43 -41.04
C VAL V 66 10.03 25.85 -40.99
N VAL V 67 9.16 24.85 -40.90
CA VAL V 67 7.71 25.00 -40.60
C VAL V 67 7.45 24.34 -39.26
N LEU V 68 6.97 25.09 -38.29
CA LEU V 68 6.40 24.51 -37.05
C LEU V 68 4.91 24.42 -37.29
N ALA V 69 4.28 23.39 -36.75
CA ALA V 69 2.84 23.14 -36.93
C ALA V 69 2.34 22.53 -35.64
N ALA V 70 1.15 22.93 -35.22
CA ALA V 70 0.50 22.40 -34.01
C ALA V 70 -1.01 22.34 -34.20
N ASP V 71 -1.63 21.43 -33.50
CA ASP V 71 -3.07 21.48 -33.19
C ASP V 71 -3.26 22.62 -32.19
N SER V 72 -4.45 22.76 -31.63
CA SER V 72 -4.82 23.96 -30.83
C SER V 72 -5.59 23.56 -29.59
N ARG V 73 -5.59 22.30 -29.22
CA ARG V 73 -6.44 21.81 -28.12
C ARG V 73 -5.57 21.55 -26.90
N THR V 74 -5.89 22.18 -25.77
CA THR V 74 -5.49 21.67 -24.43
C THR V 74 -6.70 20.94 -23.88
N SER V 75 -6.47 19.79 -23.26
CA SER V 75 -7.53 18.95 -22.69
C SER V 75 -7.17 18.58 -21.26
N SER V 76 -8.07 18.84 -20.30
CA SER V 76 -8.08 18.20 -18.96
C SER V 76 -8.66 16.79 -19.12
N GLY V 77 -7.82 15.88 -19.64
CA GLY V 77 -8.21 14.50 -19.96
C GLY V 77 -9.17 14.46 -21.14
N THR V 78 -10.47 14.51 -20.87
CA THR V 78 -11.55 14.17 -21.83
C THR V 78 -12.47 15.36 -22.11
N TYR V 79 -12.19 16.53 -21.55
CA TYR V 79 -12.89 17.82 -21.82
C TYR V 79 -11.84 18.80 -22.35
N VAL V 80 -12.23 19.61 -23.33
CA VAL V 80 -11.33 20.55 -24.05
C VAL V 80 -11.39 21.89 -23.34
N VAL V 81 -10.40 22.14 -22.49
CA VAL V 81 -10.30 23.36 -21.65
C VAL V 81 -10.13 24.55 -22.58
N ASN V 82 -9.23 24.43 -23.54
CA ASN V 82 -8.95 25.46 -24.57
C ASN V 82 -8.95 24.76 -25.92
N ARG V 83 -9.64 25.37 -26.85
CA ARG V 83 -9.98 24.90 -28.21
C ARG V 83 -9.06 25.59 -29.22
N ALA V 84 -8.41 26.67 -28.78
CA ALA V 84 -7.59 27.59 -29.62
C ALA V 84 -6.33 28.00 -28.88
N SER V 85 -5.59 27.06 -28.33
CA SER V 85 -4.25 27.32 -27.77
C SER V 85 -3.27 27.62 -28.90
N ASN V 86 -2.20 28.33 -28.57
CA ASN V 86 -1.07 28.57 -29.48
C ASN V 86 0.14 27.87 -28.86
N LYS V 87 0.37 26.65 -29.29
CA LYS V 87 1.51 25.81 -28.85
C LYS V 87 2.79 26.22 -29.57
N LEU V 88 2.72 27.04 -30.63
CA LEU V 88 3.92 27.61 -31.29
C LEU V 88 4.29 28.89 -30.56
N THR V 89 5.34 28.82 -29.77
CA THR V 89 5.66 29.87 -28.78
C THR V 89 6.97 30.50 -29.18
N LYS V 90 6.93 31.81 -29.46
CA LYS V 90 8.10 32.63 -29.86
C LYS V 90 9.16 32.54 -28.77
N LEU V 91 10.42 32.37 -29.14
CA LEU V 91 11.56 32.54 -28.21
C LEU V 91 12.34 33.77 -28.64
N THR V 92 12.70 33.85 -29.92
CA THR V 92 13.24 35.07 -30.57
C THR V 92 12.44 35.32 -31.84
N LYS V 93 12.79 36.38 -32.58
CA LYS V 93 12.16 36.77 -33.86
C LYS V 93 11.94 35.53 -34.73
N LYS V 94 12.97 34.68 -34.89
CA LYS V 94 12.98 33.56 -35.87
C LYS V 94 13.31 32.22 -35.22
N ILE V 95 13.15 32.09 -33.91
CA ILE V 95 13.27 30.79 -33.20
C ILE V 95 12.00 30.60 -32.38
N TYR V 96 11.16 29.65 -32.76
CA TYR V 96 9.98 29.25 -31.98
C TYR V 96 10.24 27.89 -31.36
N CYS V 97 9.43 27.55 -30.37
CA CYS V 97 9.30 26.19 -29.83
C CYS V 97 7.85 25.73 -30.01
N CYS V 98 7.65 24.43 -30.12
CA CYS V 98 6.32 23.79 -30.01
C CYS V 98 6.28 23.12 -28.65
N ARG V 99 5.19 23.27 -27.94
CA ARG V 99 5.05 22.88 -26.54
C ARG V 99 4.08 21.72 -26.50
N SER V 100 4.54 20.59 -25.97
CA SER V 100 3.67 19.45 -25.60
C SER V 100 3.87 19.18 -24.11
N GLY V 101 2.90 18.50 -23.50
CA GLY V 101 2.88 18.18 -22.07
C GLY V 101 2.28 19.32 -21.29
N SER V 102 2.53 19.34 -19.99
CA SER V 102 2.02 20.36 -19.03
C SER V 102 2.13 21.73 -19.66
N ALA V 103 0.98 22.35 -19.95
CA ALA V 103 0.88 23.75 -20.44
C ALA V 103 1.63 24.65 -19.46
N ALA V 104 1.40 24.47 -18.17
CA ALA V 104 2.05 25.28 -17.11
C ALA V 104 3.55 25.20 -17.29
N ASP V 105 4.09 23.99 -17.44
CA ASP V 105 5.54 23.73 -17.41
C ASP V 105 6.17 24.30 -18.68
N THR V 106 5.57 24.07 -19.84
CA THR V 106 6.15 24.49 -21.14
C THR V 106 6.06 26.00 -21.32
N GLN V 107 4.97 26.61 -20.85
CA GLN V 107 4.79 28.08 -20.87
C GLN V 107 5.86 28.72 -20.02
N ALA V 108 6.06 28.21 -18.81
CA ALA V 108 7.07 28.68 -17.83
C ALA V 108 8.47 28.58 -18.42
N LEU V 109 8.84 27.43 -18.99
CA LEU V 109 10.15 27.21 -19.66
C LEU V 109 10.27 28.14 -20.86
N ALA V 110 9.25 28.22 -21.71
CA ALA V 110 9.30 29.01 -22.94
C ALA V 110 9.53 30.49 -22.58
N GLU V 111 8.91 30.96 -21.52
CA GLU V 111 9.02 32.37 -21.05
C GLU V 111 10.40 32.58 -20.44
N ARG V 112 10.89 31.60 -19.68
CA ARG V 112 12.23 31.65 -19.04
C ARG V 112 13.28 31.71 -20.15
N VAL V 113 13.19 30.80 -21.11
CA VAL V 113 14.18 30.66 -22.21
C VAL V 113 14.12 31.87 -23.11
N SER V 114 12.91 32.37 -23.40
CA SER V 114 12.71 33.54 -24.28
C SER V 114 13.40 34.74 -23.66
N ASN V 115 13.29 34.87 -22.34
CA ASN V 115 13.89 35.96 -21.54
C ASN V 115 15.41 35.85 -21.56
N TYR V 116 15.98 34.64 -21.42
CA TYR V 116 17.46 34.44 -21.45
C TYR V 116 17.98 34.77 -22.85
N LEU V 117 17.33 34.27 -23.89
CA LEU V 117 17.68 34.53 -25.31
C LEU V 117 17.60 36.02 -25.61
N GLY V 118 16.64 36.74 -25.04
CA GLY V 118 16.50 38.19 -25.26
C GLY V 118 17.65 38.96 -24.67
N SER V 119 18.00 38.63 -23.42
CA SER V 119 19.17 39.17 -22.67
C SER V 119 20.44 38.86 -23.45
N TYR V 120 20.58 37.62 -23.90
CA TYR V 120 21.78 37.11 -24.62
C TYR V 120 21.95 37.94 -25.87
N GLN V 121 20.87 38.13 -26.62
CA GLN V 121 20.87 38.77 -27.96
C GLN V 121 21.26 40.24 -27.81
N THR V 122 20.81 40.87 -26.72
CA THR V 122 21.11 42.28 -26.42
C THR V 122 22.60 42.45 -26.15
N ASP V 123 23.21 41.49 -25.45
CA ASP V 123 24.56 41.63 -24.86
C ASP V 123 25.63 41.19 -25.86
N ILE V 124 25.36 40.21 -26.72
CA ILE V 124 26.30 39.82 -27.80
C ILE V 124 26.15 40.80 -28.97
N GLY V 125 25.01 41.50 -29.04
CA GLY V 125 24.66 42.42 -30.13
C GLY V 125 24.75 41.73 -31.47
N ALA V 126 24.11 40.57 -31.59
CA ALA V 126 24.00 39.76 -32.82
C ALA V 126 22.76 38.87 -32.72
N GLY V 127 22.40 38.18 -33.81
CA GLY V 127 21.30 37.21 -33.81
C GLY V 127 21.63 36.00 -32.96
N VAL V 128 20.63 35.37 -32.39
CA VAL V 128 20.77 34.10 -31.63
C VAL V 128 20.72 32.93 -32.63
N ASN V 129 21.60 31.95 -32.45
CA ASN V 129 21.58 30.66 -33.20
C ASN V 129 20.48 29.77 -32.62
N VAL V 130 19.88 28.91 -33.45
CA VAL V 130 18.84 27.96 -33.00
C VAL V 130 19.46 26.97 -32.02
N ALA V 131 20.71 26.58 -32.27
CA ALA V 131 21.49 25.68 -31.38
C ALA V 131 21.50 26.23 -29.96
N THR V 132 21.67 27.55 -29.82
CA THR V 132 21.70 28.25 -28.51
C THR V 132 20.35 28.09 -27.82
N ALA V 133 19.28 28.37 -28.54
CA ALA V 133 17.91 28.24 -28.00
C ALA V 133 17.70 26.81 -27.55
N ALA V 134 18.07 25.83 -28.38
CA ALA V 134 17.84 24.39 -28.11
C ALA V 134 18.64 23.97 -26.88
N ASN V 135 19.88 24.41 -26.80
CA ASN V 135 20.80 24.06 -25.69
C ASN V 135 20.29 24.64 -24.37
N LEU V 136 19.81 25.88 -24.35
CA LEU V 136 19.18 26.47 -23.14
C LEU V 136 17.97 25.66 -22.73
N PHE V 137 17.11 25.36 -23.67
CA PHE V 137 15.84 24.63 -23.44
C PHE V 137 16.14 23.25 -22.90
N GLN V 138 17.18 22.60 -23.43
CA GLN V 138 17.62 21.27 -22.98
C GLN V 138 18.07 21.37 -21.52
N LYS V 139 18.93 22.33 -21.19
CA LYS V 139 19.43 22.49 -19.81
C LYS V 139 18.24 22.54 -18.86
N MET V 140 17.23 23.35 -19.18
CA MET V 140 16.06 23.61 -18.27
C MET V 140 15.19 22.35 -18.19
N CYS V 141 14.92 21.74 -19.34
CA CYS V 141 14.13 20.51 -19.49
C CYS V 141 14.84 19.35 -18.81
N TYR V 142 16.17 19.33 -18.79
CA TYR V 142 16.98 18.26 -18.14
C TYR V 142 17.01 18.52 -16.63
N MET V 143 17.44 19.70 -16.21
CA MET V 143 17.53 20.11 -14.77
C MET V 143 16.26 19.65 -14.05
N ASN V 144 15.09 19.91 -14.64
CA ASN V 144 13.76 19.70 -13.99
C ASN V 144 13.06 18.45 -14.52
N ARG V 145 13.77 17.48 -15.10
CA ARG V 145 13.14 16.38 -15.86
C ARG V 145 12.17 15.56 -14.99
N TRP V 146 12.36 15.54 -13.66
CA TRP V 146 11.49 14.80 -12.71
C TRP V 146 10.28 15.63 -12.29
N ASN V 147 10.43 16.96 -12.27
CA ASN V 147 9.42 17.92 -11.77
C ASN V 147 8.41 18.26 -12.87
N ILE V 148 8.85 18.33 -14.14
CA ILE V 148 8.02 18.80 -15.28
C ILE V 148 7.62 17.63 -16.18
N SER V 149 6.55 17.82 -16.95
CA SER V 149 6.16 17.01 -18.13
C SER V 149 6.18 17.91 -19.37
N ALA V 150 7.25 17.85 -20.16
CA ALA V 150 7.57 18.83 -21.23
C ALA V 150 8.27 18.18 -22.42
N GLY V 151 7.50 17.87 -23.46
CA GLY V 151 7.98 17.53 -24.80
C GLY V 151 8.07 18.79 -25.65
N ILE V 152 9.29 19.27 -25.88
CA ILE V 152 9.58 20.54 -26.61
C ILE V 152 10.16 20.19 -27.98
N ILE V 153 9.85 21.01 -28.97
CA ILE V 153 10.57 21.05 -30.27
C ILE V 153 10.99 22.50 -30.45
N VAL V 154 12.27 22.79 -30.39
CA VAL V 154 12.83 24.13 -30.73
C VAL V 154 13.14 24.08 -32.21
N ALA V 155 12.69 25.06 -32.97
CA ALA V 155 13.00 25.13 -34.40
C ALA V 155 13.06 26.59 -34.80
N GLY V 156 13.82 26.87 -35.82
CA GLY V 156 13.97 28.25 -36.27
C GLY V 156 15.04 28.40 -37.32
N TYR V 157 15.31 29.64 -37.63
CA TYR V 157 16.29 30.05 -38.64
C TYR V 157 17.35 30.90 -37.94
N ASP V 158 18.61 30.63 -38.26
CA ASP V 158 19.73 31.56 -38.02
C ASP V 158 20.52 31.60 -39.32
N PRO V 159 21.12 32.75 -39.67
CA PRO V 159 21.87 32.84 -40.93
C PRO V 159 23.13 31.95 -41.01
N ILE V 160 23.65 31.46 -39.87
CA ILE V 160 24.85 30.57 -39.81
C ILE V 160 24.45 29.19 -40.31
N ASN V 161 23.46 28.57 -39.66
CA ASN V 161 23.05 27.15 -39.88
C ASN V 161 21.73 27.02 -40.64
N GLY V 162 21.16 28.13 -41.13
CA GLY V 162 19.83 28.14 -41.76
C GLY V 162 18.76 27.57 -40.85
N GLY V 163 17.83 26.80 -41.41
CA GLY V 163 16.70 26.20 -40.68
C GLY V 163 17.17 25.03 -39.87
N SER V 164 16.82 24.96 -38.61
CA SER V 164 17.23 23.86 -37.71
C SER V 164 16.03 23.42 -36.90
N VAL V 165 15.93 22.15 -36.58
CA VAL V 165 14.87 21.56 -35.72
C VAL V 165 15.56 20.77 -34.63
N TYR V 166 15.20 20.97 -33.38
CA TYR V 166 15.71 20.17 -32.25
C TYR V 166 14.51 19.58 -31.52
N SER V 167 14.40 18.27 -31.43
CA SER V 167 13.47 17.63 -30.48
C SER V 167 14.14 17.65 -29.12
N ILE V 168 13.50 18.20 -28.09
CA ILE V 168 13.91 18.01 -26.67
C ILE V 168 12.79 17.24 -25.97
N PRO V 169 12.77 15.89 -26.03
CA PRO V 169 11.70 15.11 -25.45
C PRO V 169 11.78 15.08 -23.93
N SER V 170 11.00 14.21 -23.29
CA SER V 170 10.71 14.23 -21.83
C SER V 170 12.00 13.99 -21.02
N GLY V 171 12.94 13.21 -21.51
CA GLY V 171 14.18 12.94 -20.77
C GLY V 171 15.07 14.17 -20.65
N GLY V 172 14.97 15.12 -21.59
CA GLY V 172 15.91 16.24 -21.73
C GLY V 172 17.04 15.88 -22.65
N SER V 173 16.86 14.88 -23.50
CA SER V 173 17.72 14.65 -24.69
C SER V 173 17.50 15.84 -25.61
N CYS V 174 18.50 16.23 -26.39
CA CYS V 174 18.37 17.24 -27.45
C CYS V 174 18.93 16.66 -28.74
N VAL V 175 18.06 16.35 -29.69
CA VAL V 175 18.44 15.73 -30.97
C VAL V 175 18.14 16.72 -32.08
N LYS V 176 19.11 17.01 -32.93
CA LYS V 176 18.97 17.89 -34.11
C LYS V 176 18.52 17.01 -35.27
N LEU V 177 17.44 17.39 -35.94
CA LEU V 177 16.72 16.50 -36.87
C LEU V 177 16.36 17.28 -38.12
N ASP V 178 15.96 16.56 -39.17
CA ASP V 178 15.42 17.17 -40.40
C ASP V 178 13.97 17.56 -40.10
N TYR V 179 13.26 16.68 -39.39
CA TYR V 179 11.90 16.95 -38.87
C TYR V 179 11.74 16.32 -37.50
N ALA V 180 10.86 16.87 -36.69
CA ALA V 180 10.58 16.42 -35.32
C ALA V 180 9.07 16.32 -35.13
N LEU V 181 8.62 15.27 -34.45
CA LEU V 181 7.21 15.08 -34.04
C LEU V 181 7.15 15.18 -32.52
N GLY V 182 6.00 15.54 -31.97
CA GLY V 182 5.86 15.65 -30.51
C GLY V 182 4.41 15.62 -30.10
N GLY V 183 4.15 15.31 -28.84
CA GLY V 183 2.79 15.24 -28.28
C GLY V 183 2.13 13.88 -28.51
N SER V 184 1.11 13.61 -27.71
CA SER V 184 0.16 12.47 -27.85
C SER V 184 -0.03 12.07 -29.31
N GLY V 185 -0.26 13.06 -30.18
CA GLY V 185 -0.59 12.85 -31.61
C GLY V 185 0.62 12.47 -32.44
N SER V 186 1.84 12.63 -31.92
CA SER V 186 3.10 12.31 -32.64
C SER V 186 3.05 10.87 -33.14
N ILE V 187 2.59 9.95 -32.29
CA ILE V 187 2.62 8.47 -32.51
C ILE V 187 1.84 8.10 -33.77
N PHE V 188 0.92 8.94 -34.22
CA PHE V 188 0.14 8.72 -35.46
C PHE V 188 0.98 9.06 -36.68
N LEU V 189 1.86 10.05 -36.54
CA LEU V 189 2.57 10.67 -37.70
C LEU V 189 3.84 9.92 -38.07
N TYR V 190 4.46 9.13 -37.20
CA TYR V 190 5.77 8.48 -37.52
C TYR V 190 5.62 7.68 -38.81
N SER V 191 4.52 6.97 -38.95
CA SER V 191 4.23 6.09 -40.12
C SER V 191 3.78 6.95 -41.30
N PHE V 192 3.09 8.05 -41.03
CA PHE V 192 2.66 9.03 -42.04
C PHE V 192 3.88 9.66 -42.72
N PHE V 193 4.88 10.04 -41.92
CA PHE V 193 6.14 10.67 -42.40
C PHE V 193 6.96 9.61 -43.12
N ASP V 194 7.18 8.46 -42.51
CA ASP V 194 7.91 7.32 -43.13
C ASP V 194 7.43 7.08 -44.55
N ALA V 195 6.11 7.22 -44.79
CA ALA V 195 5.44 6.85 -46.04
C ALA V 195 5.35 8.03 -47.01
N ASN V 196 4.95 9.21 -46.52
CA ASN V 196 4.53 10.36 -47.36
C ASN V 196 5.55 11.51 -47.32
N TYR V 197 6.34 11.65 -46.26
CA TYR V 197 7.35 12.74 -46.17
C TYR V 197 8.50 12.44 -47.12
N LYS V 198 8.83 13.45 -47.91
CA LYS V 198 9.97 13.48 -48.85
C LYS V 198 10.75 14.76 -48.52
N PRO V 199 12.02 14.70 -48.05
CA PRO V 199 12.78 15.91 -47.76
C PRO V 199 13.11 16.69 -49.04
N GLY V 200 13.59 17.92 -48.88
CA GLY V 200 13.84 18.87 -49.98
C GLY V 200 12.55 19.36 -50.59
N MET V 201 11.53 19.60 -49.76
CA MET V 201 10.26 20.26 -50.15
C MET V 201 10.51 21.77 -50.29
N SER V 202 9.70 22.42 -51.12
CA SER V 202 9.48 23.90 -51.15
C SER V 202 8.97 24.36 -49.77
N LYS V 203 9.02 25.67 -49.50
CA LYS V 203 8.37 26.29 -48.32
C LYS V 203 6.87 25.97 -48.33
N SER V 204 6.18 26.19 -49.47
CA SER V 204 4.71 26.01 -49.65
C SER V 204 4.32 24.54 -49.41
N GLU V 205 5.07 23.60 -49.98
CA GLU V 205 4.82 22.15 -49.89
C GLU V 205 4.96 21.71 -48.44
N CYS V 206 5.98 22.21 -47.72
CA CYS V 206 6.23 21.87 -46.28
C CYS V 206 5.06 22.31 -45.42
N VAL V 207 4.53 23.50 -45.71
CA VAL V 207 3.38 24.07 -44.97
C VAL V 207 2.18 23.18 -45.27
N ALA V 208 1.88 22.92 -46.54
CA ALA V 208 0.73 22.06 -46.94
C ALA V 208 0.88 20.69 -46.29
N PHE V 209 2.10 20.14 -46.31
CA PHE V 209 2.40 18.80 -45.75
C PHE V 209 2.27 18.81 -44.23
N CYS V 210 2.84 19.81 -43.55
CA CYS V 210 2.74 19.96 -42.07
C CYS V 210 1.27 20.05 -41.66
N GLN V 211 0.46 20.82 -42.38
CA GLN V 211 -0.99 20.96 -42.08
C GLN V 211 -1.66 19.60 -42.30
N ARG V 212 -1.40 18.94 -43.42
CA ARG V 212 -1.94 17.59 -43.72
C ARG V 212 -1.52 16.62 -42.63
N ALA V 213 -0.29 16.71 -42.13
CA ALA V 213 0.22 15.87 -41.04
C ALA V 213 -0.63 16.15 -39.80
N VAL V 214 -0.56 17.37 -39.29
CA VAL V 214 -1.29 17.73 -38.04
C VAL V 214 -2.73 17.24 -38.15
N ALA V 215 -3.38 17.46 -39.28
CA ALA V 215 -4.79 17.04 -39.50
C ALA V 215 -4.93 15.51 -39.34
N HIS V 216 -3.98 14.75 -39.86
CA HIS V 216 -4.02 13.27 -39.80
C HIS V 216 -3.89 12.82 -38.36
N ALA V 217 -3.09 13.52 -37.57
CA ALA V 217 -2.86 13.19 -36.15
C ALA V 217 -4.07 13.54 -35.32
N TYR V 218 -4.71 14.68 -35.57
CA TYR V 218 -5.78 15.18 -34.69
C TYR V 218 -7.09 14.50 -35.07
N SER V 219 -7.15 13.85 -36.24
CA SER V 219 -8.33 13.07 -36.68
C SER V 219 -8.40 11.78 -35.87
N ARG V 220 -7.27 11.26 -35.39
CA ARG V 220 -7.18 10.00 -34.63
C ARG V 220 -6.95 10.24 -33.14
N ASP V 221 -6.04 11.14 -32.76
CA ASP V 221 -5.76 11.52 -31.35
C ASP V 221 -6.97 12.30 -30.82
N GLY V 222 -7.59 11.82 -29.74
CA GLY V 222 -8.67 12.53 -29.04
C GLY V 222 -8.12 13.75 -28.33
N SER V 223 -6.87 13.66 -27.86
CA SER V 223 -6.18 14.70 -27.06
C SER V 223 -5.70 15.84 -27.96
N SER V 224 -5.74 15.67 -29.29
CA SER V 224 -5.43 16.71 -30.30
C SER V 224 -6.71 17.11 -31.01
N GLY V 225 -6.74 18.34 -31.54
CA GLY V 225 -7.91 18.82 -32.30
C GLY V 225 -7.80 20.30 -32.61
N GLY V 226 -8.89 20.84 -33.15
CA GLY V 226 -9.14 22.28 -33.33
C GLY V 226 -8.41 22.85 -34.54
N LEU V 227 -7.79 24.00 -34.34
CA LEU V 227 -7.10 24.77 -35.39
C LEU V 227 -5.76 24.11 -35.64
N ILE V 228 -5.28 24.16 -36.88
CA ILE V 228 -3.88 23.85 -37.22
C ILE V 228 -3.17 25.18 -37.33
N ARG V 229 -2.29 25.50 -36.39
CA ARG V 229 -1.42 26.69 -36.52
C ARG V 229 -0.11 26.20 -37.12
N THR V 230 0.41 26.92 -38.11
CA THR V 230 1.80 26.79 -38.60
C THR V 230 2.50 28.12 -38.40
N ILE V 231 3.81 28.10 -38.54
CA ILE V 231 4.66 29.30 -38.71
C ILE V 231 5.90 28.86 -39.48
N THR V 232 6.24 29.58 -40.54
CA THR V 232 7.47 29.40 -41.34
C THR V 232 8.49 30.38 -40.80
N LEU V 233 9.68 29.89 -40.46
CA LEU V 233 10.81 30.71 -39.98
C LEU V 233 11.93 30.51 -40.98
N ASP V 234 12.38 31.59 -41.61
CA ASP V 234 13.42 31.59 -42.67
C ASP V 234 14.00 32.99 -42.71
N ALA V 235 14.83 33.31 -43.71
CA ALA V 235 15.45 34.63 -43.89
C ALA V 235 14.38 35.74 -43.98
N ASP V 236 13.15 35.42 -44.41
CA ASP V 236 12.03 36.38 -44.59
C ASP V 236 11.24 36.56 -43.29
N GLU V 237 10.32 37.53 -43.26
CA GLU V 237 9.47 37.84 -42.08
C GLU V 237 8.60 36.61 -41.80
N PRO V 238 8.47 36.13 -40.53
CA PRO V 238 7.72 34.92 -40.24
C PRO V 238 6.24 34.94 -40.67
N GLU V 239 5.81 33.91 -41.40
CA GLU V 239 4.41 33.73 -41.87
C GLU V 239 3.72 32.72 -40.95
N ASP V 240 2.97 33.22 -39.97
CA ASP V 240 2.00 32.42 -39.19
C ASP V 240 0.75 32.27 -40.05
N GLN V 241 0.09 31.11 -39.97
CA GLN V 241 -1.27 30.94 -40.53
C GLN V 241 -2.00 29.91 -39.67
N THR V 242 -3.32 30.02 -39.63
CA THR V 242 -4.23 29.24 -38.75
C THR V 242 -5.33 28.64 -39.62
N ILE V 243 -5.28 27.34 -39.87
CA ILE V 243 -6.34 26.58 -40.59
C ILE V 243 -7.43 26.25 -39.59
N PRO V 244 -8.68 26.70 -39.80
CA PRO V 244 -9.80 26.28 -38.95
C PRO V 244 -10.27 24.87 -39.30
N TRP V 245 -10.79 24.15 -38.31
CA TRP V 245 -11.13 22.72 -38.43
C TRP V 245 -12.10 22.48 -39.59
N ASN V 246 -13.02 23.41 -39.84
CA ASN V 246 -14.02 23.31 -40.94
C ASN V 246 -13.34 23.41 -42.32
N ARG V 247 -12.06 23.80 -42.41
CA ARG V 247 -11.30 23.86 -43.67
C ARG V 247 -10.04 22.97 -43.57
N SER V 248 -10.02 22.00 -42.66
CA SER V 248 -8.81 21.16 -42.45
C SER V 248 -8.57 20.33 -43.71
N PRO V 249 -7.30 20.05 -44.05
CA PRO V 249 -6.97 19.31 -45.26
C PRO V 249 -7.43 17.84 -45.19
N TYR V 250 -7.54 17.31 -43.98
CA TYR V 250 -8.10 15.96 -43.75
C TYR V 250 -8.93 15.96 -42.46
N CYS V 251 -10.02 15.22 -42.48
CA CYS V 251 -10.73 14.69 -41.30
C CYS V 251 -11.48 13.43 -41.72
N MET V 252 -11.67 12.50 -40.79
CA MET V 252 -12.35 11.21 -41.06
C MET V 252 -13.79 11.47 -41.45
N GLU V 253 -14.39 12.53 -40.90
CA GLU V 253 -15.83 12.83 -41.03
C GLU V 253 -16.17 13.10 -42.50
N LYS V 254 -15.21 13.64 -43.26
CA LYS V 254 -15.39 14.08 -44.67
C LYS V 254 -14.72 13.08 -45.64
N ASP V 255 -13.88 12.17 -45.13
CA ASP V 255 -13.17 11.14 -45.93
C ASP V 255 -14.18 10.11 -46.42
N PRO V 256 -14.39 9.93 -47.75
CA PRO V 256 -15.44 9.03 -48.25
C PRO V 256 -15.28 7.55 -47.86
N LYS V 257 -14.05 7.11 -47.60
CA LYS V 257 -13.65 5.83 -46.96
C LYS V 257 -14.56 5.45 -45.78
N TYR V 258 -14.99 6.43 -44.98
CA TYR V 258 -15.70 6.24 -43.69
C TYR V 258 -17.13 6.82 -43.74
N VAL V 259 -17.78 6.80 -44.91
CA VAL V 259 -19.19 7.26 -45.03
C VAL V 259 -20.11 6.09 -44.71
N THR V 260 -19.94 4.97 -45.43
CA THR V 260 -20.70 3.72 -45.20
C THR V 260 -20.48 3.30 -43.74
N GLN V 261 -21.56 3.12 -42.99
CA GLN V 261 -21.50 2.74 -41.56
C GLN V 261 -21.19 1.25 -41.45
N ALA V 262 -20.41 0.88 -40.43
CA ALA V 262 -20.30 -0.50 -39.93
C ALA V 262 -21.71 -1.09 -39.82
N THR V 263 -21.89 -2.33 -40.28
CA THR V 263 -23.18 -3.04 -40.20
C THR V 263 -23.22 -3.74 -38.84
N GLN V 264 -23.49 -2.97 -37.79
CA GLN V 264 -23.47 -3.43 -36.38
C GLN V 264 -24.88 -3.79 -35.93
N ASN V 265 -25.90 -3.11 -36.46
CA ASN V 265 -27.25 -3.11 -35.86
C ASN V 265 -27.99 -4.29 -36.46
N GLN V 266 -28.44 -4.19 -37.71
CA GLN V 266 -28.84 -5.37 -38.51
C GLN V 266 -30.23 -5.82 -38.12
N PRO V 267 -31.22 -5.80 -39.04
CA PRO V 267 -32.57 -6.17 -38.71
C PRO V 267 -32.62 -7.67 -38.45
N PHE V 268 -33.60 -8.08 -37.65
CA PHE V 268 -33.96 -9.49 -37.40
C PHE V 268 -34.46 -10.10 -38.71
N SER V 269 -33.69 -11.04 -39.26
CA SER V 269 -33.90 -11.59 -40.62
C SER V 269 -34.03 -13.10 -40.58
N SER V 270 -34.44 -13.69 -41.70
CA SER V 270 -34.64 -15.14 -41.88
C SER V 270 -33.45 -15.70 -42.66
N SER V 271 -32.35 -14.93 -42.70
CA SER V 271 -31.18 -15.17 -43.56
C SER V 271 -29.93 -14.68 -42.82
N ALA V 272 -28.79 -15.33 -43.03
CA ALA V 272 -27.47 -14.93 -42.49
C ALA V 272 -26.85 -13.86 -43.39
N LYS V 273 -27.49 -13.53 -44.52
CA LYS V 273 -27.07 -12.43 -45.41
C LYS V 273 -27.13 -11.11 -44.64
N ILE V 274 -25.96 -10.49 -44.38
CA ILE V 274 -25.82 -9.11 -43.85
C ILE V 274 -26.26 -8.17 -44.97
N THR V 275 -27.30 -7.35 -44.72
CA THR V 275 -27.86 -6.34 -45.65
C THR V 275 -27.31 -4.95 -45.29
N GLY V 276 -27.83 -4.36 -44.23
CA GLY V 276 -27.37 -3.07 -43.70
C GLY V 276 -27.81 -2.90 -42.25
N ASN V 277 -27.65 -1.70 -41.70
CA ASN V 277 -28.21 -1.36 -40.38
C ASN V 277 -29.72 -1.19 -40.54
N ARG V 278 -30.46 -1.55 -39.51
CA ARG V 278 -31.89 -1.22 -39.31
C ARG V 278 -31.95 0.24 -38.90
N MET V 279 -32.67 1.05 -39.68
CA MET V 279 -32.70 2.53 -39.55
C MET V 279 -34.13 3.07 -39.46
N SER V 280 -35.11 2.18 -39.35
CA SER V 280 -36.55 2.50 -39.23
C SER V 280 -37.22 1.32 -38.52
N SER V 281 -38.12 1.59 -37.60
CA SER V 281 -38.80 0.54 -36.81
C SER V 281 -39.74 -0.26 -37.71
N THR V 282 -40.37 0.41 -38.69
CA THR V 282 -41.26 -0.16 -39.74
C THR V 282 -40.50 -1.16 -40.64
N GLY V 283 -39.17 -1.00 -40.81
CA GLY V 283 -38.30 -1.90 -41.59
C GLY V 283 -37.03 -2.30 -40.83
N THR W 30 -18.43 26.73 -7.61
CA THR W 30 -18.21 28.06 -8.24
C THR W 30 -18.36 27.94 -9.76
N THR W 31 -18.96 28.93 -10.37
CA THR W 31 -18.92 29.15 -11.85
C THR W 31 -18.61 30.63 -12.07
N ILE W 32 -17.49 30.90 -12.73
CA ILE W 32 -17.04 32.26 -13.09
C ILE W 32 -16.76 32.28 -14.57
N VAL W 33 -17.03 33.39 -15.21
CA VAL W 33 -17.21 33.49 -16.68
C VAL W 33 -16.67 34.85 -17.10
N GLY W 34 -16.03 34.91 -18.25
CA GLY W 34 -15.62 36.18 -18.86
C GLY W 34 -15.91 36.13 -20.33
N VAL W 35 -16.40 37.21 -20.91
CA VAL W 35 -16.47 37.38 -22.37
C VAL W 35 -15.82 38.72 -22.69
N VAL W 36 -15.11 38.78 -23.80
CA VAL W 36 -14.71 40.02 -24.50
C VAL W 36 -15.90 40.45 -25.36
N TYR W 37 -16.37 41.68 -25.18
CA TYR W 37 -17.33 42.36 -26.08
C TYR W 37 -16.57 43.47 -26.81
N ARG W 38 -17.25 44.34 -27.56
CA ARG W 38 -16.59 45.27 -28.51
C ARG W 38 -15.77 46.32 -27.74
N ASP W 39 -16.33 46.85 -26.66
CA ASP W 39 -15.77 48.00 -25.91
C ASP W 39 -14.93 47.53 -24.70
N GLY W 40 -15.07 46.27 -24.28
CA GLY W 40 -14.38 45.81 -23.06
C GLY W 40 -14.60 44.36 -22.74
N VAL W 41 -14.59 44.03 -21.45
CA VAL W 41 -14.76 42.67 -20.89
C VAL W 41 -15.95 42.68 -19.94
N VAL W 42 -16.77 41.64 -19.96
CA VAL W 42 -17.75 41.33 -18.90
C VAL W 42 -17.23 40.12 -18.15
N LEU W 43 -17.07 40.23 -16.85
CA LEU W 43 -16.88 39.08 -15.94
C LEU W 43 -18.20 38.78 -15.27
N GLY W 44 -18.34 37.55 -14.82
CA GLY W 44 -19.57 36.98 -14.24
C GLY W 44 -19.21 35.94 -13.21
N ALA W 45 -19.97 35.85 -12.14
CA ALA W 45 -19.75 34.88 -11.08
C ALA W 45 -21.07 34.57 -10.41
N ASP W 46 -21.21 33.32 -9.95
CA ASP W 46 -22.26 32.93 -8.98
C ASP W 46 -21.89 33.60 -7.65
N THR W 47 -22.54 33.21 -6.56
CA THR W 47 -22.28 33.81 -5.22
C THR W 47 -22.19 32.77 -4.10
N ARG W 48 -22.48 31.50 -4.37
CA ARG W 48 -22.56 30.49 -3.31
C ARG W 48 -21.14 30.09 -2.92
N ALA W 49 -20.76 30.35 -1.66
CA ALA W 49 -19.63 29.70 -0.98
C ALA W 49 -20.16 28.45 -0.28
N THR W 50 -19.38 27.36 -0.25
CA THR W 50 -19.76 26.06 0.38
C THR W 50 -18.64 25.56 1.29
N GLU W 51 -18.99 25.16 2.52
CA GLU W 51 -18.17 24.27 3.40
C GLU W 51 -18.65 22.84 3.17
N GLY W 52 -17.99 22.10 2.27
CA GLY W 52 -18.34 20.72 1.92
C GLY W 52 -19.64 20.67 1.12
N SER W 53 -20.70 20.09 1.70
CA SER W 53 -22.04 19.93 1.07
C SER W 53 -22.99 21.03 1.56
N ILE W 54 -22.47 22.06 2.24
CA ILE W 54 -23.31 23.04 2.98
C ILE W 54 -22.98 24.46 2.49
N VAL W 55 -24.01 25.26 2.25
CA VAL W 55 -23.87 26.67 1.83
C VAL W 55 -23.60 27.49 3.09
N ALA W 56 -22.36 27.98 3.21
CA ALA W 56 -21.86 28.83 4.31
C ALA W 56 -22.33 30.27 4.09
N ASP W 57 -22.25 30.75 2.85
CA ASP W 57 -22.67 32.12 2.46
C ASP W 57 -23.39 32.04 1.10
N LYS W 58 -24.64 32.51 1.06
CA LYS W 58 -25.47 32.50 -0.16
C LYS W 58 -24.97 33.59 -1.11
N ARG W 59 -24.66 34.78 -0.57
CA ARG W 59 -24.28 36.00 -1.32
C ARG W 59 -22.83 36.36 -0.99
N CYS W 60 -21.86 35.55 -1.39
CA CYS W 60 -20.43 35.90 -1.28
C CYS W 60 -19.95 36.41 -2.64
N ARG W 61 -18.96 37.32 -2.65
CA ARG W 61 -18.51 38.06 -3.84
C ARG W 61 -17.26 37.36 -4.36
N LYS W 62 -17.32 36.85 -5.58
CA LYS W 62 -16.24 36.07 -6.22
C LYS W 62 -15.55 36.92 -7.30
N ILE W 63 -15.98 38.16 -7.53
CA ILE W 63 -15.35 39.09 -8.50
C ILE W 63 -14.52 40.09 -7.71
N HIS W 64 -13.20 39.93 -7.74
CA HIS W 64 -12.24 40.68 -6.88
C HIS W 64 -11.62 41.82 -7.69
N TYR W 65 -11.53 42.99 -7.08
CA TYR W 65 -10.76 44.14 -7.61
C TYR W 65 -9.30 43.73 -7.69
N MET W 66 -8.69 43.89 -8.86
CA MET W 66 -7.22 43.73 -9.08
C MET W 66 -6.61 45.12 -9.26
N ALA W 67 -7.21 45.92 -10.13
CA ALA W 67 -6.79 47.32 -10.40
C ALA W 67 -8.00 48.11 -10.89
N PRO W 68 -7.90 49.45 -11.04
CA PRO W 68 -9.02 50.24 -11.57
C PRO W 68 -9.63 49.70 -12.87
N ASN W 69 -8.78 49.13 -13.73
CA ASN W 69 -9.13 48.61 -15.08
C ASN W 69 -9.02 47.09 -15.16
N ILE W 70 -8.88 46.37 -14.05
CA ILE W 70 -8.64 44.89 -14.05
C ILE W 70 -9.43 44.29 -12.89
N MET W 71 -10.25 43.29 -13.19
CA MET W 71 -11.00 42.52 -12.18
C MET W 71 -10.56 41.07 -12.30
N CYS W 72 -10.90 40.26 -11.32
CA CYS W 72 -10.39 38.88 -11.28
C CYS W 72 -11.35 37.95 -10.53
N CYS W 73 -12.21 37.24 -11.25
CA CYS W 73 -13.07 36.18 -10.67
C CYS W 73 -12.20 35.02 -10.21
N GLY W 74 -12.56 34.41 -9.08
CA GLY W 74 -11.78 33.32 -8.48
C GLY W 74 -12.62 32.09 -8.22
N ALA W 75 -12.09 30.93 -8.61
CA ALA W 75 -12.60 29.60 -8.27
C ALA W 75 -11.49 28.85 -7.54
N GLY W 76 -11.64 27.55 -7.30
CA GLY W 76 -10.70 26.76 -6.51
C GLY W 76 -10.76 27.14 -5.04
N THR W 77 -9.65 26.92 -4.32
CA THR W 77 -9.53 27.14 -2.85
C THR W 77 -9.72 28.63 -2.56
N SER W 78 -10.78 28.99 -1.85
CA SER W 78 -11.17 30.40 -1.58
C SER W 78 -10.01 31.14 -0.93
N ALA W 79 -9.33 30.50 0.02
CA ALA W 79 -8.19 31.06 0.79
C ALA W 79 -7.10 31.51 -0.18
N ASP W 80 -6.83 30.66 -1.17
CA ASP W 80 -5.72 30.82 -2.15
C ASP W 80 -6.10 31.90 -3.16
N THR W 81 -7.28 31.78 -3.73
CA THR W 81 -7.86 32.81 -4.62
C THR W 81 -7.80 34.17 -3.92
N GLU W 82 -8.19 34.24 -2.64
CA GLU W 82 -8.21 35.52 -1.88
C GLU W 82 -6.79 36.04 -1.77
N ALA W 83 -5.86 35.19 -1.31
CA ALA W 83 -4.46 35.56 -0.98
C ALA W 83 -3.70 35.99 -2.23
N VAL W 84 -3.79 35.21 -3.30
CA VAL W 84 -3.08 35.45 -4.60
C VAL W 84 -3.60 36.71 -5.25
N THR W 85 -4.91 36.89 -5.24
CA THR W 85 -5.59 38.04 -5.88
C THR W 85 -5.25 39.32 -5.09
N ASN W 86 -5.29 39.27 -3.76
CA ASN W 86 -4.92 40.42 -2.89
C ASN W 86 -3.45 40.76 -3.12
N MET W 87 -2.58 39.76 -3.06
CA MET W 87 -1.10 39.90 -3.16
C MET W 87 -0.76 40.66 -4.44
N VAL W 88 -1.35 40.25 -5.54
CA VAL W 88 -1.06 40.81 -6.89
C VAL W 88 -1.64 42.22 -6.94
N SER W 89 -2.92 42.40 -6.63
CA SER W 89 -3.60 43.72 -6.68
C SER W 89 -2.74 44.75 -5.96
N SER W 90 -2.14 44.35 -4.83
CA SER W 90 -1.23 45.18 -4.01
C SER W 90 0.04 45.47 -4.82
N HIS W 91 0.68 44.47 -5.37
CA HIS W 91 1.90 44.62 -6.20
C HIS W 91 1.59 45.52 -7.41
N LEU W 92 0.49 45.30 -8.10
CA LEU W 92 0.07 46.16 -9.23
C LEU W 92 -0.06 47.61 -8.76
N ALA W 93 -0.61 47.83 -7.56
CA ALA W 93 -0.91 49.17 -7.01
C ALA W 93 0.40 49.91 -6.73
N LEU W 94 1.36 49.17 -6.18
CA LEU W 94 2.71 49.64 -5.79
C LEU W 94 3.48 50.00 -7.05
N HIS W 95 3.31 49.18 -8.07
CA HIS W 95 3.96 49.26 -9.41
C HIS W 95 3.35 50.40 -10.19
N ARG W 96 2.11 50.78 -9.87
CA ARG W 96 1.36 51.86 -10.56
C ARG W 96 1.87 53.21 -10.08
N LEU W 97 2.45 53.24 -8.88
CA LEU W 97 3.05 54.46 -8.30
C LEU W 97 4.45 54.65 -8.86
N GLU W 98 5.13 53.53 -9.16
CA GLU W 98 6.49 53.54 -9.73
C GLU W 98 6.42 53.99 -11.19
N THR W 99 5.49 53.42 -11.96
CA THR W 99 5.35 53.67 -13.42
C THR W 99 4.60 54.99 -13.67
N GLY W 100 3.61 55.31 -12.83
CA GLY W 100 2.66 56.41 -13.05
C GLY W 100 1.71 56.12 -14.21
N LYS W 101 1.38 54.84 -14.39
CA LYS W 101 0.87 54.26 -15.65
C LYS W 101 -0.19 53.21 -15.30
N GLN W 102 -1.34 53.22 -15.96
CA GLN W 102 -2.44 52.27 -15.63
C GLN W 102 -1.86 50.87 -15.79
N SER W 103 -2.20 49.95 -14.89
CA SER W 103 -1.65 48.57 -14.89
C SER W 103 -2.17 47.83 -16.12
N ARG W 104 -1.27 47.14 -16.80
CA ARG W 104 -1.59 46.30 -17.98
C ARG W 104 -2.06 44.94 -17.49
N VAL W 105 -2.98 44.34 -18.22
CA VAL W 105 -3.61 43.07 -17.81
C VAL W 105 -2.56 41.96 -17.98
N LEU W 106 -1.58 42.17 -18.88
CA LEU W 106 -0.45 41.23 -19.06
C LEU W 106 0.43 41.22 -17.81
N GLU W 107 0.67 42.39 -17.19
CA GLU W 107 1.46 42.49 -15.93
C GLU W 107 0.73 41.67 -14.86
N ALA W 108 -0.57 41.89 -14.71
CA ALA W 108 -1.39 41.16 -13.73
C ALA W 108 -1.27 39.67 -14.02
N LEU W 109 -1.46 39.29 -15.28
CA LEU W 109 -1.47 37.88 -15.74
C LEU W 109 -0.15 37.22 -15.38
N THR W 110 0.95 37.93 -15.59
CA THR W 110 2.31 37.37 -15.46
C THR W 110 2.63 37.19 -13.99
N LEU W 111 2.17 38.10 -13.13
CA LEU W 111 2.38 38.03 -11.67
C LEU W 111 1.65 36.82 -11.09
N LEU W 112 0.44 36.55 -11.58
CA LEU W 112 -0.40 35.43 -11.11
C LEU W 112 0.21 34.11 -11.57
N LYS W 113 0.49 33.99 -12.88
CA LYS W 113 1.18 32.84 -13.50
C LYS W 113 2.42 32.44 -12.70
N ARG W 114 3.30 33.42 -12.45
CA ARG W 114 4.64 33.14 -11.92
C ARG W 114 4.47 32.67 -10.48
N HIS W 115 3.58 33.31 -9.73
CA HIS W 115 3.24 32.94 -8.34
C HIS W 115 2.67 31.53 -8.35
N LEU W 116 1.58 31.32 -9.06
CA LEU W 116 0.88 30.02 -9.10
C LEU W 116 1.81 28.92 -9.57
N TYR W 117 2.65 29.19 -10.57
CA TYR W 117 3.60 28.19 -11.11
C TYR W 117 4.58 27.78 -10.01
N ARG W 118 5.16 28.76 -9.31
CA ARG W 118 6.15 28.54 -8.23
C ARG W 118 5.64 27.45 -7.28
N TYR W 119 4.35 27.48 -6.92
CA TYR W 119 3.75 26.63 -5.86
C TYR W 119 3.19 25.32 -6.44
N GLN W 120 3.44 25.02 -7.71
CA GLN W 120 3.14 23.71 -8.35
C GLN W 120 1.68 23.32 -8.11
N GLY W 121 0.76 24.29 -8.05
CA GLY W 121 -0.68 24.04 -7.92
C GLY W 121 -1.15 23.79 -6.50
N HIS W 122 -0.25 23.86 -5.52
CA HIS W 122 -0.58 23.71 -4.08
C HIS W 122 -1.34 24.96 -3.64
N VAL W 123 -1.01 26.13 -4.21
CA VAL W 123 -1.89 27.32 -4.20
C VAL W 123 -2.90 27.12 -5.31
N SER W 124 -4.08 26.61 -4.96
CA SER W 124 -5.08 26.07 -5.92
C SER W 124 -6.08 27.16 -6.27
N ALA W 125 -5.59 28.32 -6.70
CA ALA W 125 -6.43 29.43 -7.21
C ALA W 125 -6.58 29.25 -8.71
N ALA W 126 -7.81 29.09 -9.19
CA ALA W 126 -8.18 29.19 -10.62
C ALA W 126 -8.85 30.54 -10.82
N LEU W 127 -8.40 31.31 -11.80
CA LEU W 127 -8.75 32.74 -11.95
C LEU W 127 -9.19 33.03 -13.37
N VAL W 128 -10.09 33.98 -13.49
CA VAL W 128 -10.49 34.62 -14.77
C VAL W 128 -10.15 36.08 -14.64
N LEU W 129 -9.08 36.49 -15.27
CA LEU W 129 -8.56 37.88 -15.23
C LEU W 129 -9.12 38.61 -16.45
N GLY W 130 -10.02 39.55 -16.21
CA GLY W 130 -10.53 40.47 -17.23
C GLY W 130 -9.99 41.85 -16.98
N GLY W 131 -9.64 42.59 -18.01
CA GLY W 131 -9.28 44.01 -17.88
C GLY W 131 -9.23 44.70 -19.22
N VAL W 132 -9.06 46.00 -19.20
CA VAL W 132 -8.94 46.82 -20.43
C VAL W 132 -7.82 47.82 -20.20
N ASP W 133 -6.69 47.54 -20.84
CA ASP W 133 -5.51 48.41 -20.87
C ASP W 133 -5.54 49.12 -22.23
N VAL W 134 -4.45 49.79 -22.58
CA VAL W 134 -4.30 50.57 -23.84
C VAL W 134 -4.25 49.63 -25.04
N GLU W 135 -3.72 48.41 -24.87
CA GLU W 135 -3.71 47.34 -25.90
C GLU W 135 -5.12 46.80 -26.19
N GLY W 136 -6.12 47.14 -25.37
CA GLY W 136 -7.53 46.79 -25.59
C GLY W 136 -8.07 45.81 -24.56
N PRO W 137 -9.23 45.19 -24.79
CA PRO W 137 -9.77 44.18 -23.89
C PRO W 137 -8.84 42.97 -23.79
N PHE W 138 -8.68 42.45 -22.60
CA PHE W 138 -7.79 41.30 -22.32
C PHE W 138 -8.48 40.45 -21.27
N LEU W 139 -8.82 39.24 -21.69
CA LEU W 139 -9.48 38.25 -20.84
C LEU W 139 -8.61 37.01 -20.86
N ALA W 140 -8.35 36.42 -19.71
CA ALA W 140 -7.51 35.21 -19.60
C ALA W 140 -7.93 34.40 -18.38
N THR W 141 -7.71 33.10 -18.45
CA THR W 141 -7.72 32.17 -17.30
C THR W 141 -6.30 32.02 -16.81
N ILE W 142 -6.14 31.83 -15.51
CA ILE W 142 -4.90 31.26 -14.93
C ILE W 142 -5.34 30.00 -14.21
N ALA W 143 -4.85 28.87 -14.69
CA ALA W 143 -5.06 27.55 -14.04
C ALA W 143 -4.20 27.50 -12.79
N PRO W 144 -4.55 26.67 -11.79
CA PRO W 144 -3.79 26.60 -10.53
C PRO W 144 -2.29 26.33 -10.67
N HIS W 145 -1.91 25.54 -11.69
CA HIS W 145 -0.50 25.18 -11.96
C HIS W 145 0.21 26.34 -12.65
N GLY W 146 -0.51 27.39 -13.06
CA GLY W 146 0.03 28.64 -13.61
C GLY W 146 0.13 28.61 -15.12
N SER W 147 -0.72 27.81 -15.76
CA SER W 147 -1.00 27.89 -17.21
C SER W 147 -1.83 29.15 -17.44
N THR W 148 -1.74 29.76 -18.61
CA THR W 148 -2.69 30.80 -19.07
C THR W 148 -3.21 30.46 -20.45
N ASP W 149 -4.46 30.85 -20.67
CA ASP W 149 -5.13 30.86 -21.99
C ASP W 149 -5.76 32.25 -22.09
N ARG W 150 -5.29 33.07 -23.01
CA ARG W 150 -5.87 34.40 -23.34
C ARG W 150 -6.89 34.17 -24.45
N LEU W 151 -8.17 34.28 -24.12
CA LEU W 151 -9.28 33.88 -25.02
C LEU W 151 -10.38 34.92 -24.99
N PRO W 152 -11.26 34.91 -26.00
CA PRO W 152 -12.38 35.85 -26.06
C PRO W 152 -13.54 35.48 -25.14
N PHE W 153 -13.65 34.23 -24.69
CA PHE W 153 -14.61 33.81 -23.64
C PHE W 153 -14.04 32.62 -22.87
N VAL W 154 -14.14 32.68 -21.54
CA VAL W 154 -13.53 31.68 -20.63
C VAL W 154 -14.52 31.35 -19.53
N THR W 155 -14.33 30.20 -18.89
CA THR W 155 -15.06 29.79 -17.67
C THR W 155 -14.11 29.03 -16.76
N MET W 156 -14.31 29.13 -15.48
CA MET W 156 -13.54 28.33 -14.50
C MET W 156 -14.52 27.93 -13.41
N GLY W 157 -14.08 27.02 -12.55
CA GLY W 157 -14.86 26.52 -11.42
C GLY W 157 -15.60 25.26 -11.78
N SER W 158 -16.35 24.75 -10.81
CA SER W 158 -17.15 23.52 -10.87
C SER W 158 -18.17 23.62 -12.00
N GLY W 159 -18.81 24.78 -12.17
CA GLY W 159 -19.85 25.00 -13.20
C GLY W 159 -19.26 25.55 -14.51
N SER W 160 -17.95 25.44 -14.69
CA SER W 160 -17.25 25.91 -15.91
C SER W 160 -17.86 25.28 -17.15
N ILE W 161 -18.11 23.98 -17.12
CA ILE W 161 -18.46 23.20 -18.33
C ILE W 161 -19.88 23.56 -18.76
N ALA W 162 -20.81 23.60 -17.82
CA ALA W 162 -22.20 24.04 -18.05
C ALA W 162 -22.19 25.45 -18.64
N ALA W 163 -21.46 26.37 -18.01
CA ALA W 163 -21.37 27.79 -18.40
C ALA W 163 -20.81 27.87 -19.81
N MET W 164 -19.71 27.17 -20.06
CA MET W 164 -18.98 27.18 -21.36
C MET W 164 -19.91 26.71 -22.46
N ALA W 165 -20.80 25.78 -22.16
CA ALA W 165 -21.77 25.28 -23.17
C ALA W 165 -22.62 26.45 -23.66
N GLN W 166 -23.10 27.28 -22.73
CA GLN W 166 -23.93 28.47 -23.10
C GLN W 166 -23.07 29.42 -23.92
N LEU W 167 -21.83 29.65 -23.50
CA LEU W 167 -20.88 30.58 -24.16
C LEU W 167 -20.61 30.10 -25.60
N GLU W 168 -20.22 28.84 -25.80
CA GLU W 168 -19.92 28.26 -27.15
C GLU W 168 -21.15 28.36 -28.05
N ALA W 169 -22.34 28.26 -27.46
CA ALA W 169 -23.64 28.22 -28.17
C ALA W 169 -24.03 29.63 -28.64
N ALA W 170 -23.67 30.67 -27.89
CA ALA W 170 -24.28 32.02 -28.01
C ALA W 170 -23.25 33.15 -28.16
N TYR W 171 -21.95 32.90 -27.99
CA TYR W 171 -20.91 33.94 -28.16
C TYR W 171 -20.80 34.28 -29.64
N LYS W 172 -20.78 35.57 -29.95
CA LYS W 172 -20.34 36.09 -31.26
C LYS W 172 -19.33 37.20 -30.97
N ASP W 173 -18.51 37.55 -31.95
CA ASP W 173 -17.55 38.68 -31.86
C ASP W 173 -18.33 40.00 -31.89
N ASN W 174 -17.81 41.03 -31.22
CA ASN W 174 -18.33 42.43 -31.27
C ASN W 174 -19.77 42.43 -30.78
N MET W 175 -20.01 41.76 -29.65
CA MET W 175 -21.28 41.86 -28.90
C MET W 175 -21.35 43.27 -28.33
N THR W 176 -22.55 43.82 -28.20
CA THR W 176 -22.82 45.04 -27.40
C THR W 176 -22.56 44.70 -25.94
N CYS W 177 -22.44 45.71 -25.08
CA CYS W 177 -22.35 45.52 -23.61
C CYS W 177 -23.56 44.73 -23.11
N GLU W 178 -24.77 45.01 -23.64
CA GLU W 178 -26.03 44.37 -23.19
C GLU W 178 -26.04 42.89 -23.60
N GLU W 179 -25.80 42.61 -24.88
CA GLU W 179 -25.65 41.22 -25.40
C GLU W 179 -24.71 40.42 -24.49
N ALA W 180 -23.59 41.02 -24.10
CA ALA W 180 -22.47 40.36 -23.41
C ALA W 180 -22.84 40.08 -21.96
N LYS W 181 -23.38 41.08 -21.27
CA LYS W 181 -23.90 40.96 -19.88
C LYS W 181 -24.98 39.88 -19.84
N GLU W 182 -25.89 39.88 -20.80
CA GLU W 182 -27.01 38.90 -20.86
C GLU W 182 -26.43 37.50 -21.05
N LEU W 183 -25.47 37.36 -21.96
CA LEU W 183 -24.81 36.07 -22.26
C LEU W 183 -24.10 35.56 -21.01
N VAL W 184 -23.32 36.42 -20.36
CA VAL W 184 -22.56 36.07 -19.14
C VAL W 184 -23.54 35.62 -18.04
N ALA W 185 -24.61 36.38 -17.81
CA ALA W 185 -25.66 35.98 -16.85
C ALA W 185 -26.23 34.61 -17.25
N SER W 186 -26.56 34.39 -18.51
CA SER W 186 -27.08 33.10 -19.03
C SER W 186 -26.11 31.98 -18.71
N ALA W 187 -24.82 32.20 -18.98
CA ALA W 187 -23.72 31.24 -18.74
C ALA W 187 -23.66 30.90 -17.25
N ILE W 188 -23.70 31.92 -16.39
CA ILE W 188 -23.61 31.72 -14.92
C ILE W 188 -24.82 30.92 -14.49
N ARG W 189 -26.01 31.33 -14.91
CA ARG W 189 -27.26 30.60 -14.60
C ARG W 189 -27.06 29.12 -14.91
N LYS W 190 -26.43 28.75 -16.03
CA LYS W 190 -26.19 27.32 -16.34
C LYS W 190 -25.48 26.64 -15.16
N GLY W 191 -24.45 27.29 -14.64
CA GLY W 191 -23.73 26.79 -13.46
C GLY W 191 -24.66 26.75 -12.26
N ILE W 192 -25.31 27.86 -11.96
CA ILE W 192 -26.22 28.00 -10.79
C ILE W 192 -27.13 26.77 -10.71
N PHE W 193 -27.88 26.52 -11.79
CA PHE W 193 -29.00 25.55 -11.83
C PHE W 193 -28.51 24.11 -12.02
N ASN W 194 -27.38 23.88 -12.67
CA ASN W 194 -26.96 22.54 -13.13
C ASN W 194 -25.73 22.06 -12.35
N ASP W 195 -25.04 22.93 -11.63
CA ASP W 195 -23.92 22.59 -10.70
C ASP W 195 -24.40 22.83 -9.27
N PRO W 196 -24.14 21.86 -8.36
CA PRO W 196 -24.48 22.04 -6.95
C PRO W 196 -23.59 23.03 -6.17
N TYR W 197 -22.33 23.19 -6.54
CA TYR W 197 -21.39 24.11 -5.84
C TYR W 197 -21.62 25.58 -6.27
N SER W 198 -22.32 25.81 -7.39
CA SER W 198 -22.68 27.16 -7.87
C SER W 198 -24.13 27.43 -7.49
N GLY W 199 -24.47 28.68 -7.18
CA GLY W 199 -25.84 29.02 -6.80
C GLY W 199 -26.08 30.48 -6.54
N THR W 200 -27.37 30.80 -6.39
CA THR W 200 -27.96 32.01 -5.75
C THR W 200 -28.22 33.09 -6.80
N GLN W 201 -27.22 33.86 -7.17
CA GLN W 201 -27.41 35.04 -8.05
C GLN W 201 -26.19 35.19 -8.93
N VAL W 202 -26.36 35.98 -9.99
CA VAL W 202 -25.26 36.32 -10.93
C VAL W 202 -24.74 37.69 -10.53
N ASP W 203 -23.50 37.79 -10.06
CA ASP W 203 -22.75 39.06 -10.02
C ASP W 203 -22.08 39.20 -11.38
N VAL W 204 -22.24 40.36 -12.01
CA VAL W 204 -21.64 40.71 -13.32
C VAL W 204 -20.73 41.91 -13.10
N CYS W 205 -19.65 42.01 -13.85
CA CYS W 205 -18.72 43.17 -13.79
C CYS W 205 -18.41 43.57 -15.23
N VAL W 206 -18.53 44.85 -15.56
CA VAL W 206 -18.27 45.34 -16.93
C VAL W 206 -17.05 46.25 -16.88
N ILE W 207 -15.89 45.72 -17.25
CA ILE W 207 -14.66 46.52 -17.42
C ILE W 207 -14.67 47.10 -18.83
N THR W 208 -14.78 48.41 -18.94
CA THR W 208 -14.62 49.16 -20.21
C THR W 208 -13.32 49.97 -20.07
N LYS W 209 -12.86 50.54 -21.17
CA LYS W 209 -11.60 51.34 -21.29
C LYS W 209 -11.54 52.38 -20.15
N ASP W 210 -12.66 53.05 -19.87
CA ASP W 210 -12.77 54.24 -18.98
C ASP W 210 -13.09 53.83 -17.54
N LYS W 211 -13.99 52.87 -17.33
CA LYS W 211 -14.61 52.57 -16.00
C LYS W 211 -14.95 51.09 -15.84
N THR W 212 -15.21 50.69 -14.60
CA THR W 212 -15.48 49.30 -14.15
C THR W 212 -16.76 49.28 -13.30
N GLU W 213 -17.88 48.83 -13.87
CA GLU W 213 -19.21 48.77 -13.22
C GLU W 213 -19.44 47.34 -12.71
N LEU W 214 -19.37 47.15 -11.39
CA LEU W 214 -19.64 45.85 -10.71
C LEU W 214 -21.11 45.82 -10.26
N THR W 215 -21.98 45.14 -11.02
CA THR W 215 -23.40 44.91 -10.67
C THR W 215 -23.50 43.62 -9.86
N ILE W 216 -23.89 43.76 -8.59
CA ILE W 216 -24.17 42.62 -7.66
C ILE W 216 -25.65 42.28 -7.80
N GLY W 217 -25.95 40.99 -7.96
CA GLY W 217 -27.30 40.51 -8.26
C GLY W 217 -27.83 41.17 -9.51
N TYR W 218 -27.04 41.12 -10.59
CA TYR W 218 -27.48 41.49 -11.95
C TYR W 218 -28.73 40.67 -12.27
N ASP W 219 -28.69 39.37 -11.98
CA ASP W 219 -29.82 38.42 -12.07
C ASP W 219 -29.94 37.67 -10.75
N LYS W 220 -31.14 37.64 -10.16
CA LYS W 220 -31.49 36.90 -8.92
C LYS W 220 -32.60 35.89 -9.24
N PRO W 221 -32.29 34.74 -9.88
CA PRO W 221 -33.32 33.79 -10.29
C PRO W 221 -33.98 33.00 -9.14
N ASN W 222 -33.33 32.99 -7.98
CA ASN W 222 -33.64 32.14 -6.80
C ASN W 222 -34.03 33.02 -5.63
N GLU W 223 -35.15 33.74 -5.74
CA GLU W 223 -35.62 34.69 -4.69
C GLU W 223 -36.16 33.84 -3.53
N ARG W 224 -37.38 34.10 -3.04
CA ARG W 224 -37.92 33.36 -1.86
C ARG W 224 -39.17 32.57 -2.28
N MET W 225 -39.04 31.23 -2.28
CA MET W 225 -40.16 30.25 -2.30
C MET W 225 -40.58 29.99 -0.84
N TYR W 226 -41.81 30.34 -0.48
CA TYR W 226 -42.39 30.19 0.88
C TYR W 226 -41.80 31.25 1.82
N PRO W 227 -42.58 32.27 2.27
CA PRO W 227 -42.05 33.27 3.19
C PRO W 227 -41.75 32.65 4.57
N ARG W 228 -40.57 32.97 5.12
CA ARG W 228 -39.99 32.38 6.35
C ARG W 228 -41.02 32.45 7.49
N GLN W 229 -41.42 31.28 8.04
CA GLN W 229 -42.34 31.15 9.20
C GLN W 229 -41.59 31.53 10.48
N GLU W 230 -41.86 32.72 11.01
CA GLU W 230 -41.20 33.30 12.22
C GLU W 230 -41.63 32.49 13.45
N VAL W 231 -40.80 31.53 13.86
CA VAL W 231 -40.92 30.79 15.15
C VAL W 231 -40.59 31.76 16.29
N LEU W 232 -41.54 32.03 17.17
CA LEU W 232 -41.41 33.06 18.25
C LEU W 232 -41.02 32.38 19.56
N LEU W 233 -39.83 32.73 20.06
CA LEU W 233 -39.23 32.29 21.34
C LEU W 233 -39.12 33.53 22.23
N PRO W 234 -40.12 33.81 23.10
CA PRO W 234 -40.09 35.03 23.91
C PRO W 234 -38.98 35.01 24.95
N PRO W 235 -38.34 36.16 25.27
CA PRO W 235 -37.28 36.22 26.28
C PRO W 235 -37.59 35.45 27.58
N GLY W 236 -36.59 34.73 28.11
CA GLY W 236 -36.72 33.82 29.27
C GLY W 236 -37.15 32.42 28.86
N THR W 237 -37.23 32.14 27.55
CA THR W 237 -37.55 30.81 26.98
C THR W 237 -36.40 29.85 27.31
N THR W 238 -35.16 30.26 27.02
CA THR W 238 -33.93 29.49 27.28
C THR W 238 -33.53 29.68 28.74
N PRO W 239 -33.41 28.59 29.55
CA PRO W 239 -32.98 28.70 30.95
C PRO W 239 -31.49 29.07 31.09
N VAL W 240 -31.23 30.02 31.97
CA VAL W 240 -29.92 30.73 32.13
C VAL W 240 -29.46 30.57 33.58
N LEU W 241 -28.28 29.96 33.78
CA LEU W 241 -27.69 29.71 35.12
C LEU W 241 -27.12 31.01 35.67
N LYS W 242 -26.22 31.66 34.93
CA LYS W 242 -25.54 32.91 35.34
C LYS W 242 -25.64 33.95 34.22
N GLU W 243 -25.45 35.22 34.60
CA GLU W 243 -25.57 36.39 33.70
C GLU W 243 -24.67 37.49 34.25
N GLU W 244 -23.68 37.93 33.46
CA GLU W 244 -22.85 39.13 33.74
C GLU W 244 -23.18 40.18 32.69
N ILE W 245 -23.80 41.29 33.10
CA ILE W 245 -23.99 42.50 32.24
C ILE W 245 -22.81 43.46 32.50
N ARG W 246 -22.26 44.04 31.43
CA ARG W 246 -21.22 45.10 31.49
C ARG W 246 -21.67 46.26 30.61
N GLN W 247 -21.84 47.45 31.19
CA GLN W 247 -22.19 48.71 30.47
C GLN W 247 -20.91 49.36 29.94
N LEU W 248 -21.02 50.14 28.85
CA LEU W 248 -19.90 50.86 28.17
C LEU W 248 -20.23 52.35 28.09
N SER X 2 -10.48 12.53 12.71
CA SER X 2 -10.23 13.93 12.27
C SER X 2 -9.49 14.69 13.39
N ILE X 3 -8.51 15.51 13.01
CA ILE X 3 -7.73 16.36 13.96
C ILE X 3 -8.63 17.52 14.41
N MET X 4 -9.54 17.99 13.56
CA MET X 4 -10.44 19.12 13.88
C MET X 4 -11.51 18.70 14.90
N ALA X 5 -12.02 17.48 14.81
CA ALA X 5 -13.10 16.95 15.67
C ALA X 5 -12.56 16.37 17.00
N TYR X 6 -11.24 16.28 17.18
CA TYR X 6 -10.58 15.62 18.33
C TYR X 6 -11.03 16.28 19.64
N SER X 7 -10.83 17.59 19.76
CA SER X 7 -11.04 18.32 21.04
C SER X 7 -12.53 18.60 21.27
N GLY X 8 -13.34 18.50 20.20
CA GLY X 8 -14.76 18.87 20.26
C GLY X 8 -14.93 20.36 20.45
N GLY X 9 -16.18 20.78 20.64
CA GLY X 9 -16.55 22.19 20.73
C GLY X 9 -17.11 22.68 19.42
N SER X 10 -18.18 23.46 19.50
CA SER X 10 -18.76 24.23 18.38
C SER X 10 -18.93 25.68 18.84
N VAL X 11 -18.88 26.60 17.90
CA VAL X 11 -19.08 28.06 18.13
C VAL X 11 -19.99 28.57 17.03
N MET X 12 -20.82 29.53 17.35
CA MET X 12 -21.75 30.15 16.40
C MET X 12 -21.87 31.63 16.75
N ALA X 13 -21.99 32.46 15.72
CA ALA X 13 -22.26 33.92 15.87
C ALA X 13 -23.42 34.28 14.96
N MET X 14 -24.13 35.33 15.34
CA MET X 14 -25.45 35.69 14.77
C MET X 14 -25.62 37.18 14.80
N ALA X 15 -26.06 37.76 13.70
CA ALA X 15 -26.19 39.22 13.53
C ALA X 15 -27.64 39.62 13.80
N GLY X 16 -27.85 40.58 14.67
CA GLY X 16 -29.17 41.21 14.87
C GLY X 16 -29.12 42.66 14.43
N LYS X 17 -30.12 43.44 14.82
CA LYS X 17 -30.14 44.90 14.62
C LYS X 17 -29.20 45.51 15.66
N GLU X 18 -28.10 46.10 15.22
CA GLU X 18 -27.15 46.88 16.07
C GLU X 18 -26.72 46.02 17.26
N CYS X 19 -26.54 44.72 17.02
CA CYS X 19 -26.09 43.72 18.02
C CYS X 19 -25.74 42.40 17.34
N PHE X 20 -24.90 41.61 18.00
CA PHE X 20 -24.65 40.20 17.63
C PHE X 20 -24.58 39.36 18.90
N VAL X 21 -24.82 38.08 18.72
CA VAL X 21 -24.66 37.05 19.76
C VAL X 21 -23.60 36.08 19.26
N ILE X 22 -22.62 35.78 20.09
CA ILE X 22 -21.65 34.70 19.84
C ILE X 22 -21.77 33.72 20.98
N ILE X 23 -21.81 32.43 20.67
CA ILE X 23 -22.17 31.38 21.65
C ILE X 23 -21.30 30.17 21.36
N SER X 24 -20.58 29.70 22.37
CA SER X 24 -19.78 28.45 22.32
C SER X 24 -20.41 27.47 23.27
N ASP X 25 -20.30 26.18 22.94
CA ASP X 25 -20.53 25.09 23.90
C ASP X 25 -19.41 25.14 24.95
N ASN X 26 -19.39 24.18 25.87
CA ASN X 26 -18.52 24.21 27.07
C ASN X 26 -17.61 22.99 27.14
N ARG X 27 -17.74 22.04 26.22
CA ARG X 27 -17.05 20.73 26.35
C ARG X 27 -15.62 20.85 25.87
N LEU X 28 -14.70 20.19 26.55
CA LEU X 28 -13.36 19.89 26.02
C LEU X 28 -13.16 18.39 26.12
N GLY X 29 -12.68 17.78 25.05
CA GLY X 29 -12.57 16.31 24.96
C GLY X 29 -11.26 15.88 24.35
N GLU X 30 -11.06 14.57 24.32
CA GLU X 30 -10.11 13.84 23.46
C GLU X 30 -10.93 12.73 22.82
N GLN X 31 -11.39 12.95 21.59
CA GLN X 31 -12.38 12.10 20.92
C GLN X 31 -13.56 12.06 21.88
N LEU X 32 -13.90 10.89 22.41
CA LEU X 32 -15.16 10.66 23.15
C LEU X 32 -14.97 10.91 24.64
N LYS X 33 -13.74 10.82 25.17
CA LYS X 33 -13.54 11.10 26.61
C LYS X 33 -13.58 12.61 26.81
N THR X 34 -14.42 13.05 27.74
CA THR X 34 -14.67 14.44 28.12
C THR X 34 -13.73 14.80 29.26
N ILE X 35 -12.83 15.76 29.04
CA ILE X 35 -11.84 16.24 30.05
C ILE X 35 -12.49 17.26 30.96
N SER X 36 -13.17 18.23 30.38
CA SER X 36 -13.82 19.33 31.15
C SER X 36 -15.17 19.66 30.54
N THR X 37 -16.07 20.21 31.36
CA THR X 37 -17.41 20.66 30.96
C THR X 37 -17.50 22.18 31.17
N GLU X 38 -16.36 22.84 31.36
CA GLU X 38 -16.27 24.28 31.74
C GLU X 38 -15.12 24.91 30.96
N VAL X 39 -15.15 24.73 29.65
CA VAL X 39 -14.16 25.28 28.68
C VAL X 39 -14.95 25.95 27.57
N PRO X 40 -15.41 27.20 27.77
CA PRO X 40 -16.03 27.96 26.68
C PRO X 40 -14.90 28.34 25.73
N LYS X 41 -15.26 28.57 24.46
CA LYS X 41 -14.28 28.76 23.37
C LYS X 41 -14.22 30.22 22.93
N LEU X 42 -14.86 31.14 23.66
CA LEU X 42 -14.94 32.57 23.30
C LEU X 42 -13.78 33.34 23.90
N HIS X 43 -13.35 34.35 23.17
CA HIS X 43 -12.24 35.26 23.52
C HIS X 43 -12.72 36.68 23.20
N VAL X 44 -12.52 37.62 24.12
CA VAL X 44 -12.92 39.04 23.94
C VAL X 44 -11.68 39.85 23.54
N VAL X 45 -11.61 40.28 22.29
CA VAL X 45 -10.50 41.15 21.82
C VAL X 45 -10.66 42.53 22.47
N ASN X 46 -11.86 43.10 22.36
CA ASN X 46 -12.21 44.44 22.88
C ASN X 46 -13.73 44.54 23.01
N ASP X 47 -14.23 45.67 23.52
CA ASP X 47 -15.67 45.98 23.68
C ASP X 47 -16.48 45.42 22.51
N SER X 48 -15.98 45.65 21.30
CA SER X 48 -16.72 45.53 20.03
C SER X 48 -16.48 44.18 19.34
N ILE X 49 -15.40 43.46 19.65
CA ILE X 49 -15.03 42.18 18.95
C ILE X 49 -14.97 41.04 19.96
N VAL X 50 -15.59 39.93 19.61
CA VAL X 50 -15.50 38.65 20.35
C VAL X 50 -15.29 37.57 19.31
N TYR X 51 -14.39 36.63 19.53
CA TYR X 51 -14.19 35.52 18.57
C TYR X 51 -14.22 34.19 19.33
N GLY X 52 -14.58 33.15 18.61
CA GLY X 52 -14.46 31.77 19.10
C GLY X 52 -13.45 31.07 18.26
N LEU X 53 -12.75 30.10 18.82
CA LEU X 53 -11.90 29.19 18.04
C LEU X 53 -12.42 27.79 18.27
N THR X 54 -12.76 27.09 17.20
CA THR X 54 -13.00 25.63 17.23
C THR X 54 -11.72 24.95 16.75
N GLY X 55 -11.73 23.62 16.69
CA GLY X 55 -10.61 22.81 16.19
C GLY X 55 -9.77 22.28 17.34
N LEU X 56 -8.55 21.86 17.01
CA LEU X 56 -7.64 21.16 17.94
C LEU X 56 -7.28 22.09 19.10
N ARG X 57 -7.60 21.70 20.33
CA ARG X 57 -7.56 22.61 21.49
C ARG X 57 -6.17 23.24 21.61
N THR X 58 -5.12 22.45 21.48
CA THR X 58 -3.73 22.96 21.39
C THR X 58 -3.68 24.21 20.54
N ASP X 59 -4.24 24.16 19.35
CA ASP X 59 -4.13 25.24 18.34
C ASP X 59 -5.09 26.33 18.72
N GLN X 60 -6.29 26.01 19.21
CA GLN X 60 -7.17 27.06 19.76
C GLN X 60 -6.34 27.88 20.76
N GLN X 61 -5.54 27.23 21.60
CA GLN X 61 -4.86 27.91 22.73
C GLN X 61 -3.64 28.65 22.19
N THR X 62 -2.84 28.00 21.34
CA THR X 62 -1.66 28.62 20.69
C THR X 62 -2.14 29.77 19.83
N PHE X 63 -3.04 29.53 18.89
CA PHE X 63 -3.56 30.58 17.98
C PHE X 63 -4.14 31.73 18.81
N ALA X 64 -4.93 31.45 19.85
CA ALA X 64 -5.57 32.49 20.69
C ALA X 64 -4.51 33.37 21.35
N ASN X 65 -3.39 32.77 21.79
CA ASN X 65 -2.21 33.49 22.33
C ASN X 65 -1.58 34.37 21.24
N LYS X 66 -1.31 33.79 20.08
CA LYS X 66 -0.70 34.53 18.95
C LYS X 66 -1.55 35.76 18.61
N VAL X 67 -2.87 35.60 18.61
CA VAL X 67 -3.85 36.69 18.35
C VAL X 67 -3.77 37.70 19.48
N GLN X 68 -3.68 37.25 20.73
CA GLN X 68 -3.65 38.15 21.91
C GLN X 68 -2.39 39.00 21.86
N PHE X 69 -1.31 38.43 21.37
CA PHE X 69 -0.02 39.12 21.15
C PHE X 69 -0.26 40.20 20.12
N ARG X 70 -0.81 39.83 18.97
CA ARG X 70 -0.98 40.72 17.80
C ARG X 70 -1.94 41.85 18.16
N THR X 71 -3.06 41.56 18.79
CA THR X 71 -4.09 42.57 19.16
C THR X 71 -3.55 43.52 20.22
N GLU X 72 -2.72 43.07 21.16
CA GLU X 72 -2.16 43.95 22.22
C GLU X 72 -1.06 44.83 21.63
N MET X 73 -0.21 44.26 20.77
CA MET X 73 0.84 45.02 20.04
C MET X 73 0.15 46.11 19.23
N TYR X 74 -0.88 45.77 18.47
CA TYR X 74 -1.71 46.70 17.67
C TYR X 74 -2.15 47.86 18.55
N LYS X 75 -2.74 47.54 19.70
CA LYS X 75 -3.33 48.51 20.66
C LYS X 75 -2.25 49.52 21.11
N LEU X 76 -1.00 49.07 21.26
CA LEU X 76 0.14 49.92 21.72
C LEU X 76 0.64 50.75 20.55
N ARG X 77 0.98 50.09 19.44
CA ARG X 77 1.45 50.76 18.21
C ARG X 77 0.39 51.76 17.74
N GLU X 78 -0.82 51.28 17.45
CA GLU X 78 -1.87 52.05 16.72
C GLU X 78 -2.57 53.03 17.65
N GLU X 79 -2.49 52.81 18.96
CA GLU X 79 -3.11 53.69 19.98
C GLU X 79 -4.62 53.70 19.76
N ARG X 80 -5.20 52.55 19.41
CA ARG X 80 -6.67 52.37 19.27
C ARG X 80 -7.00 50.88 19.33
N ASP X 81 -8.29 50.58 19.56
CA ASP X 81 -8.83 49.20 19.51
C ASP X 81 -8.83 48.79 18.05
N ILE X 82 -8.44 47.57 17.75
CA ILE X 82 -8.59 46.99 16.40
C ILE X 82 -10.10 46.83 16.13
N THR X 83 -10.52 47.06 14.88
CA THR X 83 -11.91 46.93 14.39
C THR X 83 -12.16 45.50 13.93
N GLY X 84 -13.41 45.09 13.80
CA GLY X 84 -13.77 43.72 13.41
C GLY X 84 -13.19 43.35 12.06
N LYS X 85 -13.31 44.24 11.08
CA LYS X 85 -12.81 44.02 9.70
C LYS X 85 -11.30 43.78 9.74
N ALA X 86 -10.56 44.65 10.42
CA ALA X 86 -9.09 44.59 10.49
C ALA X 86 -8.65 43.34 11.24
N PHE X 87 -9.31 43.07 12.35
CA PHE X 87 -9.10 41.87 13.17
C PHE X 87 -9.31 40.63 12.32
N ALA X 88 -10.40 40.55 11.56
CA ALA X 88 -10.70 39.40 10.68
C ALA X 88 -9.60 39.25 9.64
N ALA X 89 -9.26 40.36 8.98
CA ALA X 89 -8.24 40.42 7.92
C ALA X 89 -6.90 39.95 8.49
N MET X 90 -6.59 40.40 9.70
CA MET X 90 -5.36 40.04 10.45
C MET X 90 -5.35 38.54 10.67
N ILE X 91 -6.48 37.99 11.10
CA ILE X 91 -6.63 36.54 11.38
C ILE X 91 -6.53 35.73 10.08
N THR X 92 -7.08 36.17 8.94
CA THR X 92 -6.87 35.41 7.67
C THR X 92 -5.37 35.42 7.35
N SER X 93 -4.70 36.55 7.54
CA SER X 93 -3.27 36.70 7.23
C SER X 93 -2.48 35.68 8.05
N MET X 94 -2.85 35.55 9.33
CA MET X 94 -2.18 34.65 10.31
C MET X 94 -2.41 33.20 9.94
N LEU X 95 -3.60 32.85 9.49
CA LEU X 95 -3.93 31.44 9.16
C LEU X 95 -3.29 31.06 7.84
N TYR X 96 -3.25 31.99 6.88
CA TYR X 96 -2.69 31.74 5.54
C TYR X 96 -1.16 31.76 5.60
N GLU X 97 -0.55 32.45 6.56
CA GLU X 97 0.91 32.32 6.82
C GLU X 97 1.29 30.85 6.98
N ALA X 98 0.34 30.00 7.37
CA ALA X 98 0.55 28.56 7.63
C ALA X 98 -0.19 27.70 6.61
N ARG X 99 -0.47 28.19 5.40
CA ARG X 99 -1.19 27.42 4.36
C ARG X 99 -0.74 25.97 4.30
N PHE X 100 0.58 25.76 4.26
CA PHE X 100 1.24 24.45 4.16
C PHE X 100 1.81 24.11 5.54
N GLY X 101 1.00 23.40 6.33
CA GLY X 101 1.19 23.18 7.78
C GLY X 101 0.28 24.08 8.60
N PRO X 102 -1.06 23.97 8.42
CA PRO X 102 -1.99 24.94 9.00
C PRO X 102 -2.28 24.77 10.48
N TRP X 103 -2.85 25.81 11.08
CA TRP X 103 -3.40 25.77 12.45
C TRP X 103 -4.73 25.07 12.37
N PHE X 104 -4.96 24.03 13.16
CA PHE X 104 -6.25 23.32 13.20
C PHE X 104 -7.16 24.13 14.09
N VAL X 105 -7.57 25.29 13.58
CA VAL X 105 -8.60 26.16 14.21
C VAL X 105 -9.55 26.64 13.13
N GLU X 106 -10.78 26.93 13.49
CA GLU X 106 -11.77 27.57 12.60
C GLU X 106 -12.33 28.73 13.39
N PRO X 107 -11.81 29.95 13.21
CA PRO X 107 -12.27 31.06 14.02
C PRO X 107 -13.64 31.52 13.54
N VAL X 108 -14.49 31.85 14.50
CA VAL X 108 -15.76 32.59 14.32
C VAL X 108 -15.57 33.94 14.97
N ILE X 109 -15.70 35.02 14.20
CA ILE X 109 -15.51 36.41 14.71
C ILE X 109 -16.85 37.12 14.61
N GLY X 110 -17.37 37.59 15.74
CA GLY X 110 -18.42 38.60 15.80
C GLY X 110 -17.79 39.95 16.12
N SER X 111 -18.23 40.99 15.45
CA SER X 111 -17.84 42.39 15.73
C SER X 111 -19.03 43.32 15.52
N ILE X 112 -18.91 44.53 16.05
CA ILE X 112 -19.90 45.62 15.88
C ILE X 112 -19.14 46.95 15.83
N ASP X 113 -19.41 47.78 14.82
CA ASP X 113 -18.91 49.17 14.75
C ASP X 113 -19.65 49.96 15.83
N LYS X 114 -18.90 50.57 16.75
CA LYS X 114 -19.46 51.25 17.96
C LYS X 114 -20.31 52.46 17.54
N SER X 115 -19.94 53.15 16.46
CA SER X 115 -20.66 54.33 15.89
C SER X 115 -21.84 53.88 15.04
N THR X 116 -21.56 53.31 13.86
CA THR X 116 -22.53 52.94 12.80
C THR X 116 -23.57 51.94 13.34
N GLY X 117 -23.14 51.04 14.22
CA GLY X 117 -23.94 49.92 14.74
C GLY X 117 -24.00 48.76 13.75
N GLU X 118 -23.21 48.79 12.67
CA GLU X 118 -23.27 47.74 11.62
C GLU X 118 -22.42 46.56 12.10
N VAL X 119 -23.00 45.37 12.01
CA VAL X 119 -22.46 44.09 12.56
C VAL X 119 -21.65 43.42 11.47
N TYR X 120 -20.48 42.91 11.82
CA TYR X 120 -19.61 42.11 10.93
C TYR X 120 -19.36 40.77 11.58
N LEU X 121 -19.85 39.70 10.96
CA LEU X 121 -19.46 38.31 11.27
C LEU X 121 -18.44 37.85 10.24
N CYS X 122 -17.53 37.00 10.66
CA CYS X 122 -16.56 36.33 9.76
C CYS X 122 -16.17 35.00 10.39
N ALA X 123 -16.70 33.91 9.87
CA ALA X 123 -16.09 32.57 10.04
C ALA X 123 -14.92 32.50 9.07
N THR X 124 -13.98 31.62 9.35
CA THR X 124 -12.78 31.38 8.52
C THR X 124 -12.56 29.87 8.54
N ASP X 125 -12.08 29.27 7.46
CA ASP X 125 -11.55 27.89 7.48
C ASP X 125 -10.13 27.95 8.04
N LEU X 126 -9.45 26.81 8.15
CA LEU X 126 -8.13 26.73 8.83
C LEU X 126 -7.03 27.43 8.04
N ILE X 127 -7.21 27.70 6.74
CA ILE X 127 -6.18 28.41 5.93
C ILE X 127 -6.64 29.82 5.58
N GLY X 128 -7.58 30.39 6.34
CA GLY X 128 -7.82 31.84 6.27
C GLY X 128 -8.97 32.26 5.37
N ALA X 129 -9.60 31.35 4.62
CA ALA X 129 -10.68 31.70 3.67
C ALA X 129 -11.83 32.34 4.42
N PRO X 130 -12.02 33.68 4.33
CA PRO X 130 -13.07 34.35 5.10
C PRO X 130 -14.45 34.09 4.48
N CYS X 131 -15.44 33.88 5.34
CA CYS X 131 -16.88 33.72 5.01
C CYS X 131 -17.62 34.79 5.82
N GLU X 132 -18.19 35.81 5.16
CA GLU X 132 -18.64 37.06 5.81
C GLU X 132 -20.11 37.31 5.51
N PRO X 133 -21.02 36.45 6.00
CA PRO X 133 -22.45 36.60 5.70
C PRO X 133 -23.19 37.59 6.59
N GLU X 134 -24.34 38.03 6.10
CA GLU X 134 -25.26 39.00 6.77
C GLU X 134 -25.85 38.39 8.04
N ASP X 135 -26.00 37.06 8.12
CA ASP X 135 -26.95 36.39 9.05
C ASP X 135 -26.23 35.78 10.25
N TYR X 136 -25.46 34.74 10.02
CA TYR X 136 -24.86 33.91 11.08
C TYR X 136 -23.69 33.12 10.52
N VAL X 137 -22.75 32.76 11.38
CA VAL X 137 -21.62 31.88 11.03
C VAL X 137 -21.53 30.87 12.13
N CYS X 138 -20.99 29.71 11.84
CA CYS X 138 -20.69 28.71 12.89
C CYS X 138 -19.48 27.90 12.49
N ALA X 139 -19.03 27.05 13.40
CA ALA X 139 -17.89 26.16 13.17
C ALA X 139 -17.92 25.09 14.24
N GLY X 140 -17.07 24.08 14.09
CA GLY X 140 -16.89 23.02 15.10
C GLY X 140 -17.73 21.81 14.76
N THR X 141 -17.81 20.89 15.71
CA THR X 141 -18.30 19.51 15.51
C THR X 141 -19.80 19.52 15.19
N ALA X 142 -20.54 20.52 15.68
CA ALA X 142 -22.00 20.59 15.55
C ALA X 142 -22.39 21.57 14.44
N ALA X 143 -21.46 21.91 13.54
CA ALA X 143 -21.64 22.97 12.52
C ALA X 143 -22.71 22.57 11.50
N GLU X 144 -22.71 21.31 11.04
CA GLU X 144 -23.76 20.80 10.12
C GLU X 144 -25.13 21.04 10.77
N SER X 145 -25.29 20.70 12.04
CA SER X 145 -26.58 20.80 12.79
C SER X 145 -26.90 22.25 13.15
N LEU X 146 -25.91 23.10 13.36
CA LEU X 146 -26.09 24.53 13.72
C LEU X 146 -26.65 25.30 12.52
N HIS X 147 -26.03 25.13 11.36
CA HIS X 147 -26.50 25.67 10.04
C HIS X 147 -28.00 25.41 9.89
N GLY X 148 -28.48 24.22 10.23
CA GLY X 148 -29.90 23.86 10.10
C GLY X 148 -30.76 24.68 11.05
N MET X 149 -30.32 24.80 12.30
CA MET X 149 -31.04 25.51 13.38
C MET X 149 -31.05 27.00 13.08
N CYS X 150 -29.91 27.55 12.70
CA CYS X 150 -29.73 29.00 12.47
C CYS X 150 -30.50 29.41 11.21
N GLU X 151 -30.49 28.60 10.16
CA GLU X 151 -31.24 28.84 8.90
C GLU X 151 -32.74 29.00 9.20
N ALA X 152 -33.24 28.13 10.07
CA ALA X 152 -34.66 28.00 10.44
C ALA X 152 -35.10 29.18 11.32
N LEU X 153 -34.37 29.44 12.40
CA LEU X 153 -34.81 30.33 13.51
C LEU X 153 -34.44 31.79 13.22
N TRP X 154 -33.37 32.03 12.47
CA TRP X 154 -32.80 33.38 12.30
C TRP X 154 -33.65 34.20 11.34
N ARG X 155 -33.96 35.44 11.72
CA ARG X 155 -34.58 36.50 10.86
C ARG X 155 -33.62 37.68 10.80
N PRO X 156 -33.77 38.60 9.82
CA PRO X 156 -32.93 39.79 9.74
C PRO X 156 -32.85 40.64 11.03
N GLY X 157 -33.85 41.45 11.34
CA GLY X 157 -33.67 42.65 12.19
C GLY X 157 -33.97 42.40 13.66
N MET X 158 -33.38 41.36 14.23
CA MET X 158 -33.76 40.88 15.59
C MET X 158 -33.10 41.77 16.66
N SER X 159 -33.85 42.07 17.72
CA SER X 159 -33.37 42.72 18.96
C SER X 159 -32.40 41.78 19.66
N PRO X 160 -31.51 42.28 20.55
CA PRO X 160 -30.55 41.42 21.26
C PRO X 160 -31.23 40.24 21.97
N GLU X 161 -32.32 40.49 22.71
CA GLU X 161 -33.00 39.48 23.56
C GLU X 161 -33.58 38.36 22.72
N GLU X 162 -34.32 38.70 21.66
CA GLU X 162 -34.83 37.73 20.66
C GLU X 162 -33.68 36.91 20.10
N LEU X 163 -32.58 37.58 19.72
CA LEU X 163 -31.42 36.98 19.01
C LEU X 163 -30.76 35.96 19.91
N PHE X 164 -30.62 36.29 21.19
CA PHE X 164 -30.02 35.40 22.20
C PHE X 164 -30.83 34.10 22.27
N GLU X 165 -32.15 34.21 22.34
CA GLU X 165 -33.04 33.05 22.48
C GLU X 165 -32.85 32.12 21.30
N ILE X 166 -32.80 32.63 20.08
CA ILE X 166 -32.75 31.73 18.90
C ILE X 166 -31.34 31.16 18.77
N ALA X 167 -30.31 31.90 19.19
CA ALA X 167 -28.89 31.44 19.20
C ALA X 167 -28.73 30.34 20.25
N ALA X 168 -29.29 30.54 21.45
CA ALA X 168 -29.25 29.55 22.54
C ALA X 168 -29.96 28.28 22.10
N GLN X 169 -31.21 28.39 21.64
CA GLN X 169 -32.01 27.24 21.13
C GLN X 169 -31.29 26.54 19.97
N ALA X 170 -30.60 27.30 19.11
CA ALA X 170 -29.81 26.71 18.01
C ALA X 170 -28.63 25.96 18.62
N MET X 171 -27.81 26.62 19.43
CA MET X 171 -26.57 26.00 19.94
C MET X 171 -26.94 24.75 20.73
N LEU X 172 -27.92 24.83 21.63
CA LEU X 172 -28.37 23.69 22.49
C LEU X 172 -28.90 22.52 21.64
N SER X 173 -29.80 22.80 20.70
CA SER X 173 -30.47 21.76 19.88
C SER X 173 -29.46 21.06 18.98
N ALA X 174 -28.52 21.82 18.43
CA ALA X 174 -27.44 21.31 17.55
C ALA X 174 -26.44 20.47 18.36
N CYS X 175 -26.11 20.92 19.56
CA CYS X 175 -25.19 20.23 20.50
C CYS X 175 -25.83 18.97 21.07
N ASP X 176 -27.17 18.87 21.07
CA ASP X 176 -27.88 17.66 21.58
C ASP X 176 -27.79 16.53 20.55
N ARG X 177 -27.45 16.86 19.31
CA ARG X 177 -27.27 15.89 18.21
C ARG X 177 -25.77 15.74 17.90
N ASP X 178 -24.87 16.21 18.78
CA ASP X 178 -23.41 16.09 18.60
C ASP X 178 -22.76 15.51 19.86
N SER X 179 -22.04 14.41 19.69
CA SER X 179 -21.32 13.69 20.77
C SER X 179 -20.23 14.59 21.36
N LEU X 180 -19.62 15.40 20.52
CA LEU X 180 -18.36 16.11 20.80
C LEU X 180 -18.61 17.56 21.24
N SER X 181 -19.85 18.02 21.39
CA SER X 181 -20.17 19.40 21.84
C SER X 181 -21.33 19.37 22.82
N GLY X 182 -21.30 20.27 23.80
CA GLY X 182 -22.41 20.49 24.74
C GLY X 182 -21.92 20.85 26.12
N TYR X 183 -22.61 20.35 27.14
CA TYR X 183 -22.48 20.80 28.55
C TYR X 183 -22.84 22.29 28.59
N GLY X 184 -23.98 22.58 27.97
CA GLY X 184 -24.57 23.92 27.94
C GLY X 184 -23.80 24.78 26.98
N ALA X 185 -23.71 26.07 27.29
CA ALA X 185 -23.13 27.07 26.38
C ALA X 185 -22.86 28.34 27.16
N VAL X 186 -21.76 29.01 26.88
CA VAL X 186 -21.60 30.44 27.20
C VAL X 186 -21.93 31.21 25.94
N ALA X 187 -22.94 32.08 26.02
CA ALA X 187 -23.30 33.07 24.97
C ALA X 187 -22.85 34.44 25.45
N MET X 188 -22.66 35.33 24.49
CA MET X 188 -22.18 36.70 24.74
C MET X 188 -22.91 37.63 23.78
N ILE X 189 -23.77 38.49 24.32
CA ILE X 189 -24.67 39.41 23.55
C ILE X 189 -23.99 40.76 23.50
N VAL X 190 -23.37 41.10 22.38
CA VAL X 190 -22.63 42.38 22.21
C VAL X 190 -23.54 43.39 21.52
N THR X 191 -23.69 44.57 22.10
CA THR X 191 -24.48 45.73 21.58
C THR X 191 -23.49 46.92 21.49
N LYS X 192 -23.93 48.11 21.04
CA LYS X 192 -23.09 49.33 21.12
C LYS X 192 -22.97 49.73 22.60
N ASP X 193 -24.10 49.65 23.32
CA ASP X 193 -24.26 50.16 24.71
C ASP X 193 -23.61 49.18 25.69
N LYS X 194 -23.93 47.87 25.62
CA LYS X 194 -23.53 46.90 26.67
C LYS X 194 -23.19 45.51 26.10
N VAL X 195 -22.44 44.74 26.89
CA VAL X 195 -22.06 43.32 26.63
C VAL X 195 -22.60 42.44 27.75
N THR X 196 -23.69 41.73 27.48
CA THR X 196 -24.24 40.67 28.37
C THR X 196 -23.46 39.39 28.09
N THR X 197 -23.14 38.61 29.12
CA THR X 197 -22.57 37.24 29.00
C THR X 197 -23.48 36.31 29.80
N ARG X 198 -23.87 35.18 29.23
CA ARG X 198 -24.87 34.26 29.84
C ARG X 198 -24.39 32.82 29.71
N LEU X 199 -24.21 32.16 30.85
CA LEU X 199 -24.03 30.69 30.92
C LEU X 199 -25.43 30.06 30.81
N ILE X 200 -25.61 29.15 29.87
CA ILE X 200 -26.92 28.57 29.46
C ILE X 200 -26.94 27.13 29.95
N LYS X 201 -28.00 26.75 30.66
CA LYS X 201 -28.20 25.38 31.18
C LYS X 201 -28.53 24.51 29.97
N GLY X 202 -27.73 23.46 29.75
CA GLY X 202 -28.01 22.40 28.76
C GLY X 202 -27.81 21.03 29.38
N ARG X 203 -27.78 20.00 28.56
CA ARG X 203 -27.67 18.58 29.01
C ARG X 203 -26.28 18.29 29.61
N LYS X 204 -26.13 17.10 30.21
CA LYS X 204 -24.91 16.64 30.91
C LYS X 204 -24.44 15.30 30.31
N ASP X 205 -24.28 15.25 28.99
CA ASP X 205 -24.53 14.06 28.13
C ASP X 205 -23.35 13.83 27.16
N MET Y 1 -0.03 5.75 28.21
CA MET Y 1 -1.33 5.02 28.39
C MET Y 1 -1.14 3.87 29.39
N ALA Y 2 -0.06 3.11 29.25
CA ALA Y 2 0.35 2.02 30.18
C ALA Y 2 0.41 2.55 31.61
N GLU Y 3 1.12 3.67 31.80
CA GLU Y 3 1.40 4.30 33.11
C GLU Y 3 0.29 5.32 33.39
N THR Y 4 -0.59 5.03 34.36
CA THR Y 4 -1.69 5.92 34.79
C THR Y 4 -1.15 6.95 35.79
N ALA Y 5 -1.45 8.23 35.56
CA ALA Y 5 -1.25 9.35 36.51
C ALA Y 5 -2.63 9.89 36.88
N ILE Y 6 -2.77 10.22 38.16
CA ILE Y 6 -4.03 10.68 38.82
C ILE Y 6 -3.67 11.90 39.63
N ALA Y 7 -4.49 12.93 39.57
CA ALA Y 7 -4.36 14.09 40.47
C ALA Y 7 -5.75 14.61 40.78
N PHE Y 8 -5.88 15.21 41.94
CA PHE Y 8 -7.07 15.98 42.32
C PHE Y 8 -6.65 17.01 43.33
N ARG Y 9 -7.47 18.05 43.40
CA ARG Y 9 -7.19 19.33 44.07
C ARG Y 9 -8.30 19.55 45.06
N CYS Y 10 -7.96 19.85 46.31
CA CYS Y 10 -8.95 20.17 47.37
C CYS Y 10 -8.65 21.55 47.93
N LYS Y 11 -9.31 21.95 49.01
CA LYS Y 11 -9.23 23.33 49.55
C LYS Y 11 -7.75 23.67 49.76
N ASP Y 12 -6.96 22.75 50.31
CA ASP Y 12 -5.63 23.07 50.93
C ASP Y 12 -4.56 22.04 50.58
N TYR Y 13 -4.71 21.34 49.46
CA TYR Y 13 -3.65 20.47 48.86
C TYR Y 13 -4.06 20.05 47.46
N VAL Y 14 -3.06 19.75 46.61
CA VAL Y 14 -3.23 18.92 45.39
C VAL Y 14 -2.51 17.61 45.68
N MET Y 15 -3.17 16.52 45.37
CA MET Y 15 -2.63 15.16 45.52
C MET Y 15 -2.34 14.62 44.13
N VAL Y 16 -1.15 14.09 43.89
CA VAL Y 16 -0.78 13.53 42.57
C VAL Y 16 -0.31 12.10 42.77
N ALA Y 17 -0.84 11.15 42.02
CA ALA Y 17 -0.33 9.77 41.99
C ALA Y 17 0.14 9.46 40.58
N ALA Y 18 1.10 8.55 40.44
CA ALA Y 18 1.59 8.13 39.12
C ALA Y 18 2.20 6.75 39.23
N ALA Y 19 1.83 5.86 38.32
CA ALA Y 19 2.27 4.45 38.33
C ALA Y 19 3.77 4.40 38.21
N GLY Y 20 4.40 3.54 39.00
CA GLY Y 20 5.84 3.28 38.94
C GLY Y 20 6.26 2.60 37.64
N LEU Y 21 5.39 1.83 37.01
CA LEU Y 21 5.76 0.98 35.86
C LEU Y 21 6.66 1.72 34.87
N ASN Y 22 7.86 1.22 34.65
CA ASN Y 22 8.65 1.39 33.41
C ASN Y 22 8.63 0.02 32.75
N ALA Y 23 8.47 -0.04 31.44
CA ALA Y 23 8.27 -1.30 30.69
C ALA Y 23 9.08 -1.26 29.41
N PHE Y 24 9.48 -2.41 28.93
CA PHE Y 24 10.10 -2.59 27.60
C PHE Y 24 9.33 -3.70 26.90
N TYR Y 25 8.54 -3.37 25.88
CA TYR Y 25 7.52 -4.27 25.29
C TYR Y 25 6.69 -4.78 26.47
N TYR Y 26 6.73 -6.07 26.77
CA TYR Y 26 5.87 -6.72 27.81
C TYR Y 26 6.66 -6.98 29.09
N ILE Y 27 7.92 -6.54 29.18
CA ILE Y 27 8.82 -6.81 30.33
C ILE Y 27 8.80 -5.61 31.26
N LYS Y 28 8.31 -5.75 32.50
CA LYS Y 28 8.46 -4.73 33.57
C LYS Y 28 9.95 -4.58 33.89
N ILE Y 29 10.54 -3.48 33.47
CA ILE Y 29 11.93 -3.12 33.82
C ILE Y 29 11.96 -2.83 35.31
N THR Y 30 10.93 -2.16 35.79
CA THR Y 30 10.75 -1.81 37.21
C THR Y 30 9.30 -1.46 37.46
N ASP Y 31 8.85 -1.68 38.69
CA ASP Y 31 7.49 -1.32 39.14
C ASP Y 31 7.56 -0.01 39.92
N ALA Y 32 8.75 0.59 40.07
CA ALA Y 32 9.03 1.71 41.00
C ALA Y 32 9.98 2.74 40.37
N GLU Y 33 9.52 3.35 39.27
CA GLU Y 33 10.10 4.56 38.63
C GLU Y 33 9.23 5.78 38.99
N ASP Y 34 9.82 6.79 39.63
CA ASP Y 34 9.10 8.01 40.10
C ASP Y 34 8.84 8.91 38.90
N LYS Y 35 7.57 9.06 38.52
CA LYS Y 35 7.14 9.84 37.34
C LYS Y 35 6.76 11.27 37.74
N ILE Y 36 6.65 11.51 39.05
CA ILE Y 36 6.27 12.83 39.62
C ILE Y 36 7.54 13.62 39.94
N THR Y 37 7.89 14.59 39.10
CA THR Y 37 9.12 15.41 39.25
C THR Y 37 8.71 16.73 39.88
N GLN Y 38 9.34 17.05 41.00
CA GLN Y 38 9.24 18.36 41.67
C GLN Y 38 9.98 19.39 40.80
N LEU Y 39 9.27 20.41 40.33
CA LEU Y 39 9.78 21.48 39.43
C LEU Y 39 10.31 22.66 40.25
N ASP Y 40 9.59 22.98 41.34
CA ASP Y 40 9.96 24.02 42.35
C ASP Y 40 9.47 23.51 43.70
N THR Y 41 9.69 24.27 44.77
CA THR Y 41 9.33 23.89 46.17
C THR Y 41 7.84 23.56 46.26
N HIS Y 42 7.00 24.26 45.50
CA HIS Y 42 5.52 24.17 45.58
C HIS Y 42 4.92 23.82 44.22
N GLN Y 43 5.61 23.02 43.42
CA GLN Y 43 5.15 22.67 42.06
C GLN Y 43 5.69 21.31 41.70
N LEU Y 44 4.86 20.46 41.12
CA LEU Y 44 5.34 19.17 40.58
C LEU Y 44 4.47 18.75 39.42
N VAL Y 45 4.95 17.77 38.66
CA VAL Y 45 4.32 17.31 37.42
C VAL Y 45 4.38 15.78 37.37
N ALA Y 46 3.26 15.09 37.56
CA ALA Y 46 3.09 13.67 37.16
C ALA Y 46 3.09 13.64 35.65
N CYS Y 47 4.20 13.24 35.06
CA CYS Y 47 4.40 13.21 33.60
C CYS Y 47 4.40 11.74 33.20
N THR Y 48 3.62 11.34 32.20
CA THR Y 48 3.52 9.92 31.79
C THR Y 48 3.71 9.78 30.29
N GLY Y 49 4.88 9.25 29.94
CA GLY Y 49 5.13 8.53 28.67
C GLY Y 49 6.37 7.68 28.84
N GLU Y 50 6.97 7.28 27.72
CA GLU Y 50 8.27 6.57 27.69
C GLU Y 50 9.24 7.42 28.53
N ASN Y 51 10.21 6.79 29.18
CA ASN Y 51 11.24 7.44 30.03
C ASN Y 51 11.98 8.54 29.26
N GLY Y 52 12.29 8.32 27.99
CA GLY Y 52 13.16 9.22 27.20
C GLY Y 52 12.59 10.62 27.09
N PRO Y 53 11.38 10.76 26.49
CA PRO Y 53 10.67 12.03 26.43
C PRO Y 53 10.26 12.58 27.79
N ARG Y 54 9.77 11.71 28.68
CA ARG Y 54 9.28 12.12 30.02
C ARG Y 54 10.38 12.87 30.78
N VAL Y 55 11.61 12.36 30.71
CA VAL Y 55 12.76 12.94 31.43
C VAL Y 55 13.22 14.17 30.65
N ASN Y 56 13.44 14.04 29.36
CA ASN Y 56 13.99 15.14 28.54
C ASN Y 56 13.06 16.35 28.60
N PHE Y 57 11.75 16.12 28.73
CA PHE Y 57 10.74 17.20 28.87
C PHE Y 57 10.82 17.76 30.28
N THR Y 58 10.74 16.91 31.30
CA THR Y 58 10.59 17.40 32.70
C THR Y 58 11.87 18.13 33.13
N GLU Y 59 13.03 17.62 32.74
CA GLU Y 59 14.34 18.22 33.09
C GLU Y 59 14.44 19.57 32.39
N TYR Y 60 14.10 19.65 31.11
CA TYR Y 60 14.10 20.93 30.35
C TYR Y 60 13.22 21.96 31.06
N ILE Y 61 12.02 21.58 31.51
CA ILE Y 61 11.12 22.53 32.24
C ILE Y 61 11.81 22.91 33.54
N LYS Y 62 12.27 21.92 34.30
CA LYS Y 62 12.86 22.08 35.65
C LYS Y 62 14.07 23.01 35.58
N CYS Y 63 14.90 22.86 34.55
CA CYS Y 63 16.15 23.65 34.35
C CYS Y 63 15.78 25.08 33.94
N ASN Y 64 14.88 25.26 32.98
CA ASN Y 64 14.41 26.60 32.57
C ASN Y 64 13.68 27.30 33.71
N LEU Y 65 12.97 26.59 34.58
CA LEU Y 65 12.33 27.24 35.76
C LEU Y 65 13.40 27.70 36.72
N ALA Y 66 14.44 26.88 36.93
CA ALA Y 66 15.56 27.19 37.84
C ALA Y 66 16.35 28.35 37.25
N LEU Y 67 16.57 28.33 35.94
CA LEU Y 67 17.26 29.42 35.22
C LEU Y 67 16.48 30.72 35.41
N ASN Y 68 15.16 30.66 35.25
CA ASN Y 68 14.27 31.83 35.39
C ASN Y 68 14.29 32.32 36.84
N ARG Y 69 14.51 31.47 37.84
CA ARG Y 69 14.66 31.94 39.24
C ARG Y 69 16.01 32.65 39.45
N MET Y 70 17.08 32.09 38.90
CA MET Y 70 18.47 32.62 38.97
C MET Y 70 18.49 34.05 38.41
N ARG Y 71 17.84 34.26 37.26
CA ARG Y 71 17.81 35.55 36.52
C ARG Y 71 16.80 36.50 37.16
N GLN Y 72 15.79 35.97 37.85
CA GLN Y 72 14.74 36.75 38.54
C GLN Y 72 15.04 36.77 40.05
N HIS Y 73 16.31 36.76 40.46
CA HIS Y 73 16.79 36.97 41.86
C HIS Y 73 15.90 36.22 42.87
N GLY Y 74 15.64 34.94 42.58
CA GLY Y 74 15.01 33.98 43.50
C GLY Y 74 13.50 34.15 43.59
N ARG Y 75 12.88 34.72 42.57
CA ARG Y 75 11.40 34.90 42.49
C ARG Y 75 10.76 33.59 41.99
N HIS Y 76 9.88 33.02 42.80
CA HIS Y 76 9.18 31.74 42.50
C HIS Y 76 7.98 32.06 41.62
N SER Y 77 8.02 31.62 40.36
CA SER Y 77 6.95 31.82 39.35
C SER Y 77 5.68 31.08 39.79
N SER Y 78 4.53 31.66 39.45
CA SER Y 78 3.17 31.11 39.69
C SER Y 78 2.98 29.82 38.91
N CYS Y 79 1.94 29.06 39.23
CA CYS Y 79 1.61 27.77 38.60
C CYS Y 79 1.02 28.02 37.21
N GLU Y 80 0.10 28.97 37.06
CA GLU Y 80 -0.40 29.40 35.72
C GLU Y 80 0.79 29.65 34.80
N SER Y 81 1.80 30.36 35.31
CA SER Y 81 3.01 30.73 34.54
C SER Y 81 3.75 29.48 34.05
N THR Y 82 4.01 28.49 34.92
CA THR Y 82 4.86 27.33 34.51
C THR Y 82 3.97 26.38 33.70
N ALA Y 83 2.70 26.26 34.05
CA ALA Y 83 1.72 25.48 33.25
C ALA Y 83 1.74 25.98 31.82
N ASN Y 84 1.72 27.30 31.62
CA ASN Y 84 1.67 27.92 30.28
C ASN Y 84 3.03 27.79 29.62
N PHE Y 85 4.10 27.99 30.37
CA PHE Y 85 5.47 27.73 29.88
C PHE Y 85 5.57 26.30 29.36
N MET Y 86 5.05 25.33 30.14
CA MET Y 86 5.07 23.88 29.81
C MET Y 86 4.21 23.64 28.57
N ARG Y 87 3.00 24.18 28.49
CA ARG Y 87 2.13 23.92 27.31
C ARG Y 87 2.76 24.54 26.07
N ASN Y 88 3.37 25.72 26.19
CA ASN Y 88 3.94 26.40 25.01
C ASN Y 88 5.09 25.53 24.51
N CYS Y 89 5.85 24.93 25.42
CA CYS Y 89 6.99 24.03 25.08
C CYS Y 89 6.48 22.76 24.38
N LEU Y 90 5.39 22.16 24.87
CA LEU Y 90 4.75 20.96 24.29
C LEU Y 90 4.15 21.26 22.92
N ALA Y 91 3.49 22.41 22.80
CA ALA Y 91 2.79 22.86 21.58
C ALA Y 91 3.81 23.24 20.52
N SER Y 92 4.88 23.93 20.90
CA SER Y 92 5.98 24.29 19.99
C SER Y 92 6.47 23.01 19.32
N ALA Y 93 6.57 21.94 20.10
CA ALA Y 93 7.23 20.67 19.73
C ALA Y 93 6.40 19.90 18.70
N ILE Y 94 5.09 20.07 18.62
CA ILE Y 94 4.26 19.24 17.69
C ILE Y 94 4.46 19.73 16.24
N ARG Y 95 4.94 20.98 16.06
CA ARG Y 95 5.26 21.56 14.73
C ARG Y 95 6.78 21.61 14.49
N SER Y 96 7.57 20.91 15.31
CA SER Y 96 9.05 20.84 15.17
C SER Y 96 9.44 19.57 14.41
N ARG Y 97 10.62 19.59 13.78
CA ARG Y 97 11.29 18.43 13.11
C ARG Y 97 11.36 17.24 14.08
N GLU Y 98 11.76 17.50 15.34
CA GLU Y 98 11.90 16.49 16.44
C GLU Y 98 10.63 15.64 16.53
N GLY Y 99 9.46 16.28 16.35
CA GLY Y 99 8.11 15.74 16.60
C GLY Y 99 7.65 16.15 17.99
N ALA Y 100 6.40 15.83 18.34
CA ALA Y 100 5.82 16.06 19.69
C ALA Y 100 6.68 15.38 20.75
N TYR Y 101 6.66 15.88 21.98
CA TYR Y 101 7.03 15.11 23.20
C TYR Y 101 5.85 14.20 23.51
N GLN Y 102 6.00 12.88 23.43
CA GLN Y 102 4.87 11.96 23.72
C GLN Y 102 4.79 11.79 25.24
N VAL Y 103 4.34 12.82 25.94
CA VAL Y 103 4.19 12.87 27.42
C VAL Y 103 2.87 13.54 27.77
N ASN Y 104 2.12 12.98 28.69
CA ASN Y 104 0.89 13.59 29.22
C ASN Y 104 1.17 13.97 30.67
N CYS Y 105 0.95 15.23 31.01
CA CYS Y 105 1.29 15.82 32.32
C CYS Y 105 0.02 16.16 33.09
N LEU Y 106 0.08 15.98 34.41
CA LEU Y 106 -0.79 16.67 35.39
C LEU Y 106 0.16 17.52 36.20
N PHE Y 107 0.05 18.83 36.03
CA PHE Y 107 0.93 19.82 36.67
C PHE Y 107 0.19 20.38 37.87
N ALA Y 108 0.64 20.05 39.07
CA ALA Y 108 0.02 20.46 40.34
C ALA Y 108 0.93 21.48 41.01
N GLY Y 109 0.34 22.33 41.84
CA GLY Y 109 1.09 23.41 42.49
C GLY Y 109 0.29 24.03 43.61
N TYR Y 110 0.98 24.65 44.56
CA TYR Y 110 0.37 25.55 45.55
C TYR Y 110 0.98 26.92 45.31
N ASP Y 111 0.13 27.88 44.92
CA ASP Y 111 0.52 29.31 44.81
C ASP Y 111 0.39 29.91 46.21
N THR Y 112 1.50 30.35 46.79
CA THR Y 112 1.57 31.17 48.03
C THR Y 112 1.75 32.62 47.65
N PRO Y 113 1.36 33.60 48.52
CA PRO Y 113 1.68 35.00 48.29
C PRO Y 113 3.21 35.18 48.31
N VAL Y 114 3.74 35.72 47.23
CA VAL Y 114 5.20 35.79 46.91
C VAL Y 114 5.77 37.09 47.50
N SER Y 115 4.90 37.95 48.06
CA SER Y 115 5.25 39.21 48.75
C SER Y 115 4.01 39.77 49.46
N GLU Y 116 4.14 40.97 50.05
CA GLU Y 116 3.01 41.74 50.65
C GLU Y 116 2.04 42.18 49.55
N ASP Y 117 2.56 42.47 48.36
CA ASP Y 117 1.85 43.12 47.22
C ASP Y 117 1.09 42.10 46.36
N ASP Y 118 1.33 40.80 46.54
CA ASP Y 118 0.74 39.72 45.69
C ASP Y 118 -0.77 39.68 45.91
N ASP Y 119 -1.51 39.98 44.83
CA ASP Y 119 -2.99 40.02 44.76
C ASP Y 119 -3.48 38.75 44.05
N GLY Y 120 -2.57 37.83 43.72
CA GLY Y 120 -2.81 36.69 42.81
C GLY Y 120 -3.50 35.53 43.50
N VAL Y 121 -3.71 34.43 42.77
CA VAL Y 121 -4.30 33.18 43.32
C VAL Y 121 -3.46 32.75 44.52
N VAL Y 122 -4.12 32.52 45.65
CA VAL Y 122 -3.57 31.71 46.77
C VAL Y 122 -4.25 30.35 46.69
N GLY Y 123 -3.46 29.29 46.85
CA GLY Y 123 -3.98 27.95 47.08
C GLY Y 123 -3.53 26.97 46.02
N PRO Y 124 -4.14 25.78 46.00
CA PRO Y 124 -3.69 24.70 45.13
C PRO Y 124 -4.27 24.88 43.72
N GLN Y 125 -3.47 24.47 42.76
CA GLN Y 125 -3.69 24.62 41.31
C GLN Y 125 -3.37 23.28 40.69
N LEU Y 126 -4.16 22.86 39.72
CA LEU Y 126 -3.96 21.59 39.00
C LEU Y 126 -4.32 21.85 37.53
N PHE Y 127 -3.47 21.39 36.64
CA PHE Y 127 -3.53 21.66 35.20
C PHE Y 127 -3.34 20.34 34.48
N TYR Y 128 -4.35 19.91 33.74
CA TYR Y 128 -4.29 18.74 32.84
C TYR Y 128 -3.59 19.20 31.58
N MET Y 129 -2.60 18.47 31.07
CA MET Y 129 -1.92 18.79 29.79
C MET Y 129 -1.79 17.54 28.95
N ASP Y 130 -2.32 17.58 27.74
CA ASP Y 130 -2.12 16.56 26.70
C ASP Y 130 -0.70 16.75 26.15
N TYR Y 131 -0.18 15.74 25.48
CA TYR Y 131 1.14 15.78 24.77
C TYR Y 131 1.15 16.87 23.70
N LEU Y 132 -0.03 17.17 23.16
CA LEU Y 132 -0.19 18.15 22.07
C LEU Y 132 0.04 19.57 22.58
N GLY Y 133 -0.24 19.82 23.85
CA GLY Y 133 -0.11 21.17 24.44
C GLY Y 133 -1.45 21.68 24.92
N THR Y 134 -2.48 20.84 24.95
CA THR Y 134 -3.79 21.16 25.53
C THR Y 134 -3.59 21.41 27.02
N LEU Y 135 -3.72 22.66 27.48
CA LEU Y 135 -3.69 23.04 28.92
C LEU Y 135 -5.13 23.29 29.36
N GLN Y 136 -5.52 22.74 30.51
CA GLN Y 136 -6.85 22.98 31.10
C GLN Y 136 -6.73 22.87 32.61
N ALA Y 137 -7.12 23.91 33.32
CA ALA Y 137 -7.30 23.84 34.79
C ALA Y 137 -8.43 22.86 35.06
N VAL Y 138 -8.25 21.98 36.03
CA VAL Y 138 -9.26 20.95 36.43
C VAL Y 138 -9.21 20.77 37.94
N PRO Y 139 -10.33 20.41 38.58
CA PRO Y 139 -10.32 20.00 39.98
C PRO Y 139 -9.66 18.63 40.18
N TYR Y 140 -9.64 17.81 39.13
CA TYR Y 140 -8.98 16.48 39.10
C TYR Y 140 -8.86 16.05 37.65
N GLY Y 141 -8.00 15.09 37.42
CA GLY Y 141 -7.72 14.62 36.07
C GLY Y 141 -6.72 13.51 36.08
N CYS Y 142 -6.68 12.76 35.01
CA CYS Y 142 -5.90 11.53 34.90
C CYS Y 142 -5.45 11.35 33.47
N HIS Y 143 -4.28 10.79 33.32
CA HIS Y 143 -3.79 10.24 32.05
C HIS Y 143 -3.63 8.76 32.23
N GLY Y 144 -3.61 8.02 31.13
CA GLY Y 144 -3.34 6.58 31.12
C GLY Y 144 -4.61 5.80 30.90
N TYR Y 145 -4.48 4.48 30.81
CA TYR Y 145 -5.60 3.55 30.55
C TYR Y 145 -6.59 3.65 31.72
N GLY Y 146 -6.07 3.89 32.91
CA GLY Y 146 -6.86 3.96 34.15
C GLY Y 146 -7.60 5.28 34.30
N ALA Y 147 -7.28 6.24 33.43
CA ALA Y 147 -7.73 7.64 33.53
C ALA Y 147 -9.24 7.69 33.69
N CYS Y 148 -9.94 7.08 32.74
CA CYS Y 148 -11.41 7.12 32.65
C CYS Y 148 -12.04 6.42 33.86
N PHE Y 149 -11.43 5.35 34.38
CA PHE Y 149 -11.93 4.63 35.59
C PHE Y 149 -11.90 5.57 36.78
N VAL Y 150 -10.76 6.21 36.97
CA VAL Y 150 -10.49 7.09 38.12
C VAL Y 150 -11.24 8.40 37.97
N THR Y 151 -11.33 8.94 36.77
CA THR Y 151 -12.07 10.19 36.47
C THR Y 151 -13.53 10.00 36.87
N ALA Y 152 -14.14 8.87 36.57
CA ALA Y 152 -15.54 8.56 36.93
C ALA Y 152 -15.65 8.42 38.44
N LEU Y 153 -14.75 7.65 39.05
CA LEU Y 153 -14.72 7.44 40.52
C LEU Y 153 -14.63 8.79 41.22
N LEU Y 154 -13.83 9.71 40.71
CA LEU Y 154 -13.59 11.05 41.32
C LEU Y 154 -14.81 11.96 41.11
N ASP Y 155 -15.44 11.92 39.93
CA ASP Y 155 -16.75 12.59 39.68
C ASP Y 155 -17.73 12.20 40.81
N ARG Y 156 -17.69 10.94 41.23
CA ARG Y 156 -18.61 10.34 42.23
C ARG Y 156 -18.22 10.78 43.63
N LEU Y 157 -16.95 10.72 44.00
CA LEU Y 157 -16.48 10.77 45.41
C LEU Y 157 -15.72 12.05 45.75
N TRP Y 158 -15.23 12.79 44.76
CA TRP Y 158 -14.42 13.99 45.05
C TRP Y 158 -15.36 15.10 45.48
N ARG Y 159 -15.05 15.75 46.59
CA ARG Y 159 -15.64 17.03 47.00
C ARG Y 159 -14.47 18.01 47.06
N PRO Y 160 -14.71 19.33 46.88
CA PRO Y 160 -13.62 20.31 46.96
C PRO Y 160 -13.02 20.49 48.37
N ASP Y 161 -13.65 19.94 49.41
CA ASP Y 161 -13.38 20.27 50.83
C ASP Y 161 -12.83 19.06 51.60
N LEU Y 162 -12.26 18.04 50.96
CA LEU Y 162 -11.81 16.82 51.69
C LEU Y 162 -10.58 17.19 52.54
N SER Y 163 -10.43 16.53 53.70
CA SER Y 163 -9.20 16.56 54.54
C SER Y 163 -8.05 15.94 53.74
N GLN Y 164 -6.82 16.18 54.19
CA GLN Y 164 -5.61 15.47 53.72
C GLN Y 164 -5.88 13.96 53.86
N GLN Y 165 -6.52 13.54 54.96
CA GLN Y 165 -6.80 12.12 55.31
C GLN Y 165 -7.85 11.52 54.35
N GLU Y 166 -8.99 12.20 54.15
CA GLU Y 166 -10.05 11.77 53.19
C GLU Y 166 -9.46 11.72 51.77
N GLY Y 167 -8.48 12.56 51.47
CA GLY Y 167 -7.70 12.56 50.22
C GLY Y 167 -6.86 11.30 50.06
N LEU Y 168 -6.11 10.89 51.09
CA LEU Y 168 -5.35 9.60 51.09
C LEU Y 168 -6.31 8.45 50.79
N GLU Y 169 -7.40 8.32 51.56
CA GLU Y 169 -8.42 7.26 51.36
C GLU Y 169 -8.89 7.29 49.92
N LEU Y 170 -9.19 8.47 49.38
CA LEU Y 170 -9.74 8.65 48.01
C LEU Y 170 -8.70 8.25 46.98
N MET Y 171 -7.45 8.69 47.15
CA MET Y 171 -6.33 8.37 46.23
C MET Y 171 -6.11 6.85 46.23
N GLN Y 172 -6.25 6.21 47.39
CA GLN Y 172 -6.06 4.75 47.50
C GLN Y 172 -7.16 4.04 46.70
N LYS Y 173 -8.42 4.50 46.78
CA LYS Y 173 -9.54 3.96 45.97
C LYS Y 173 -9.24 4.14 44.48
N CYS Y 174 -8.67 5.28 44.08
CA CYS Y 174 -8.34 5.60 42.67
C CYS Y 174 -7.26 4.62 42.19
N CYS Y 175 -6.15 4.52 42.93
CA CYS Y 175 -5.03 3.60 42.65
C CYS Y 175 -5.56 2.16 42.62
N ASP Y 176 -6.26 1.72 43.65
CA ASP Y 176 -6.90 0.38 43.72
C ASP Y 176 -7.80 0.10 42.50
N GLU Y 177 -8.53 1.10 42.02
CA GLU Y 177 -9.43 0.92 40.85
C GLU Y 177 -8.61 0.75 39.57
N VAL Y 178 -7.42 1.34 39.47
CA VAL Y 178 -6.54 1.15 38.29
C VAL Y 178 -6.04 -0.30 38.30
N LYS Y 179 -5.62 -0.79 39.48
CA LYS Y 179 -5.08 -2.16 39.67
C LYS Y 179 -6.14 -3.20 39.31
N ARG Y 180 -7.36 -3.02 39.80
CA ARG Y 180 -8.53 -3.93 39.63
C ARG Y 180 -8.91 -4.09 38.15
N ARG Y 181 -8.72 -3.05 37.32
CA ARG Y 181 -9.46 -2.91 36.04
C ARG Y 181 -8.55 -2.74 34.83
N VAL Y 182 -7.37 -2.14 34.94
CA VAL Y 182 -6.45 -2.02 33.79
C VAL Y 182 -5.55 -3.25 33.75
N ILE Y 183 -5.35 -3.84 32.56
CA ILE Y 183 -4.60 -5.11 32.40
C ILE Y 183 -3.13 -4.82 32.61
N ILE Y 184 -2.67 -3.63 32.21
CA ILE Y 184 -1.28 -3.19 32.46
C ILE Y 184 -1.10 -3.06 33.98
N SER Y 185 -0.16 -3.82 34.53
CA SER Y 185 0.14 -3.95 35.97
C SER Y 185 0.77 -2.64 36.44
N ASN Y 186 -0.08 -1.76 37.01
CA ASN Y 186 0.31 -0.52 37.74
C ASN Y 186 0.21 -0.87 39.22
N SER Y 187 1.12 -1.71 39.70
CA SER Y 187 1.06 -2.35 41.04
C SER Y 187 1.54 -1.37 42.12
N TYR Y 188 2.34 -0.37 41.75
CA TYR Y 188 2.88 0.64 42.68
C TYR Y 188 2.72 2.03 42.09
N PHE Y 189 2.05 2.90 42.85
CA PHE Y 189 1.87 4.34 42.59
C PHE Y 189 2.77 5.14 43.54
N PHE Y 190 3.58 6.02 42.99
CA PHE Y 190 4.16 7.14 43.76
C PHE Y 190 3.04 8.12 43.99
N VAL Y 191 2.85 8.55 45.23
CA VAL Y 191 1.86 9.59 45.55
C VAL Y 191 2.60 10.73 46.22
N LYS Y 192 2.42 11.94 45.72
CA LYS Y 192 2.95 13.19 46.31
C LYS Y 192 1.77 14.15 46.50
N ALA Y 193 1.92 15.11 47.38
CA ALA Y 193 0.94 16.19 47.58
C ALA Y 193 1.67 17.52 47.69
N VAL Y 194 1.02 18.58 47.25
CA VAL Y 194 1.53 19.96 47.38
C VAL Y 194 0.58 20.64 48.36
N THR Y 195 1.12 21.22 49.42
CA THR Y 195 0.38 21.97 50.46
C THR Y 195 0.97 23.37 50.50
N LYS Y 196 0.51 24.23 51.40
CA LYS Y 196 1.19 25.52 51.70
C LYS Y 196 2.67 25.24 52.02
N ASN Y 197 2.97 24.14 52.70
CA ASN Y 197 4.30 23.85 53.29
C ASN Y 197 5.27 23.37 52.20
N GLY Y 198 4.75 22.77 51.13
CA GLY Y 198 5.52 22.35 49.95
C GLY Y 198 5.11 20.97 49.47
N VAL Y 199 5.99 20.32 48.72
CA VAL Y 199 5.80 18.91 48.29
C VAL Y 199 6.09 18.02 49.50
N GLU Y 200 5.18 17.09 49.80
CA GLU Y 200 5.40 15.96 50.72
C GLU Y 200 5.14 14.68 49.95
N VAL Y 201 5.97 13.66 50.19
CA VAL Y 201 5.88 12.32 49.55
C VAL Y 201 5.02 11.44 50.46
N ILE Y 202 3.82 11.12 50.00
CA ILE Y 202 2.85 10.20 50.69
C ILE Y 202 3.29 8.76 50.40
N THR Y 203 3.59 8.01 51.45
CA THR Y 203 4.08 6.60 51.40
C THR Y 203 2.91 5.65 51.74
N ALA Y 204 1.98 6.08 52.61
CA ALA Y 204 0.78 5.33 53.03
C ALA Y 204 0.07 4.75 51.80
N VAL Y 205 -0.34 5.64 50.89
CA VAL Y 205 -1.04 5.29 49.61
C VAL Y 205 0.01 4.82 48.61
N HIS Y 206 -0.24 3.70 47.93
CA HIS Y 206 0.57 3.20 46.79
C HIS Y 206 -0.25 2.23 45.93
N THR Z 100 21.42 -11.84 21.97
CA THR Z 100 22.18 -11.21 23.08
C THR Z 100 21.44 -11.47 24.39
N THR Z 101 22.21 -11.76 25.42
CA THR Z 101 21.81 -11.63 26.83
C THR Z 101 22.94 -10.95 27.56
N THR Z 102 22.56 -10.15 28.53
CA THR Z 102 23.40 -9.11 29.15
C THR Z 102 22.65 -8.75 30.41
N LEU Z 103 23.22 -8.94 31.59
CA LEU Z 103 22.54 -8.53 32.84
C LEU Z 103 23.56 -7.87 33.74
N ALA Z 104 23.09 -6.93 34.55
CA ALA Z 104 23.88 -6.33 35.63
C ALA Z 104 22.99 -6.21 36.84
N PHE Z 105 23.57 -6.21 38.03
CA PHE Z 105 22.78 -5.95 39.24
C PHE Z 105 23.67 -5.47 40.37
N ARG Z 106 23.12 -4.52 41.12
CA ARG Z 106 23.72 -3.94 42.33
C ARG Z 106 23.44 -4.89 43.48
N PHE Z 107 24.41 -5.05 44.36
CA PHE Z 107 24.30 -5.82 45.61
C PHE Z 107 25.27 -5.21 46.62
N ASN Z 108 25.33 -5.72 47.86
CA ASN Z 108 26.09 -5.09 48.96
C ASN Z 108 27.58 -5.02 48.59
N GLY Z 109 28.07 -6.01 47.82
CA GLY Z 109 29.47 -6.10 47.36
C GLY Z 109 29.80 -5.22 46.16
N GLY Z 110 28.79 -4.62 45.52
CA GLY Z 110 28.96 -3.69 44.39
C GLY Z 110 28.05 -4.00 43.22
N ILE Z 111 28.60 -4.14 42.02
CA ILE Z 111 27.80 -4.47 40.81
C ILE Z 111 28.43 -5.68 40.14
N ILE Z 112 27.62 -6.69 39.83
CA ILE Z 112 27.97 -7.76 38.87
C ILE Z 112 27.41 -7.37 37.52
N VAL Z 113 28.20 -7.52 36.47
CA VAL Z 113 27.80 -7.40 35.05
C VAL Z 113 28.16 -8.71 34.39
N ALA Z 114 27.22 -9.36 33.71
CA ALA Z 114 27.45 -10.64 33.03
C ALA Z 114 26.85 -10.58 31.65
N VAL Z 115 27.50 -11.20 30.67
CA VAL Z 115 27.09 -11.15 29.25
C VAL Z 115 27.40 -12.48 28.60
N ASP Z 116 26.64 -12.78 27.55
CA ASP Z 116 26.95 -13.82 26.54
C ASP Z 116 27.93 -13.20 25.53
N SER Z 117 28.08 -13.83 24.37
CA SER Z 117 29.19 -13.60 23.43
C SER Z 117 28.73 -13.66 21.96
N ARG Z 118 27.46 -13.91 21.70
CA ARG Z 118 27.01 -14.25 20.34
C ARG Z 118 26.47 -13.01 19.68
N ALA Z 119 26.86 -12.79 18.43
CA ALA Z 119 26.19 -11.85 17.50
C ALA Z 119 25.43 -12.68 16.47
N SER Z 120 24.11 -12.58 16.46
CA SER Z 120 23.24 -13.40 15.58
C SER Z 120 22.30 -12.48 14.80
N THR Z 121 22.40 -12.50 13.47
CA THR Z 121 21.45 -11.85 12.53
C THR Z 121 20.22 -12.77 12.42
N GLY Z 122 19.55 -13.04 13.56
CA GLY Z 122 18.33 -13.86 13.69
C GLY Z 122 18.57 -15.35 13.47
N GLN Z 123 19.13 -15.71 12.29
CA GLN Z 123 19.34 -17.09 11.82
C GLN Z 123 20.83 -17.44 11.90
N TYR Z 124 21.69 -16.73 11.18
CA TYR Z 124 23.14 -17.09 11.02
C TYR Z 124 23.96 -16.44 12.14
N ILE Z 125 24.76 -17.25 12.86
CA ILE Z 125 25.61 -16.79 13.99
C ILE Z 125 26.88 -16.21 13.41
N ALA Z 126 26.90 -14.88 13.28
CA ALA Z 126 28.00 -14.04 12.78
C ALA Z 126 29.27 -14.28 13.58
N SER Z 127 29.15 -14.28 14.90
CA SER Z 127 30.28 -14.46 15.84
C SER Z 127 29.78 -15.15 17.10
N GLN Z 128 30.69 -15.85 17.78
CA GLN Z 128 30.41 -16.52 19.07
C GLN Z 128 31.35 -15.94 20.13
N THR Z 129 32.03 -14.83 19.80
CA THR Z 129 33.22 -14.31 20.52
C THR Z 129 33.20 -12.78 20.60
N VAL Z 130 32.01 -12.18 20.55
CA VAL Z 130 31.81 -10.70 20.65
C VAL Z 130 32.02 -10.31 22.11
N MET Z 131 32.89 -9.35 22.38
CA MET Z 131 33.02 -8.75 23.72
C MET Z 131 31.85 -7.78 23.89
N LYS Z 132 30.94 -8.06 24.82
CA LYS Z 132 29.67 -7.31 25.02
C LYS Z 132 29.75 -6.44 26.26
N VAL Z 133 30.91 -6.38 26.90
CA VAL Z 133 31.20 -5.45 28.01
C VAL Z 133 32.33 -4.57 27.55
N LEU Z 134 32.04 -3.31 27.26
CA LEU Z 134 33.06 -2.30 26.95
C LEU Z 134 33.56 -1.73 28.27
N GLU Z 135 34.86 -1.57 28.38
CA GLU Z 135 35.53 -1.08 29.62
C GLU Z 135 35.84 0.39 29.37
N ILE Z 136 34.83 1.22 29.64
CA ILE Z 136 34.79 2.66 29.28
C ILE Z 136 36.01 3.37 29.91
N ASN Z 137 36.14 3.32 31.24
CA ASN Z 137 37.36 3.71 31.96
C ASN Z 137 37.71 2.58 32.93
N ASP Z 138 38.49 2.82 33.98
CA ASP Z 138 38.88 1.79 34.99
C ASP Z 138 37.77 1.55 36.01
N TYR Z 139 36.77 2.43 36.10
CA TYR Z 139 35.69 2.41 37.13
C TYR Z 139 34.30 2.33 36.50
N LEU Z 140 34.20 2.26 35.16
CA LEU Z 140 32.93 2.33 34.38
C LEU Z 140 32.87 1.20 33.36
N LEU Z 141 31.74 0.50 33.29
CA LEU Z 141 31.50 -0.58 32.29
C LEU Z 141 30.21 -0.28 31.51
N GLY Z 142 30.29 -0.33 30.19
CA GLY Z 142 29.13 -0.42 29.30
C GLY Z 142 28.81 -1.87 29.02
N THR Z 143 27.56 -2.17 28.66
CA THR Z 143 27.18 -3.45 28.01
C THR Z 143 26.60 -3.12 26.66
N LEU Z 144 26.93 -3.90 25.63
CA LEU Z 144 26.33 -3.73 24.29
C LEU Z 144 25.22 -4.79 24.15
N ALA Z 145 24.04 -4.35 23.75
CA ALA Z 145 22.97 -5.20 23.19
C ALA Z 145 22.32 -4.45 22.04
N GLY Z 146 21.53 -5.13 21.23
CA GLY Z 146 21.03 -4.59 19.95
C GLY Z 146 22.16 -4.48 18.95
N GLY Z 147 22.03 -3.52 18.03
CA GLY Z 147 23.00 -3.24 16.96
C GLY Z 147 24.39 -3.15 17.55
N ALA Z 148 25.25 -4.12 17.22
CA ALA Z 148 26.59 -4.26 17.79
C ALA Z 148 27.43 -3.03 17.39
N ALA Z 149 27.27 -2.57 16.14
CA ALA Z 149 27.89 -1.34 15.56
C ALA Z 149 27.47 -0.11 16.34
N ASP Z 150 26.14 0.07 16.49
CA ASP Z 150 25.53 1.23 17.17
C ASP Z 150 26.11 1.33 18.57
N CYS Z 151 26.03 0.26 19.35
CA CYS Z 151 26.51 0.25 20.76
C CYS Z 151 28.02 0.46 20.79
N GLN Z 152 28.78 -0.27 19.97
CA GLN Z 152 30.26 -0.18 19.98
C GLN Z 152 30.65 1.26 19.68
N TYR Z 153 30.03 1.87 18.68
CA TYR Z 153 30.35 3.24 18.26
C TYR Z 153 30.01 4.21 19.39
N TRP Z 154 28.78 4.20 19.88
CA TRP Z 154 28.29 5.20 20.84
C TRP Z 154 28.87 4.97 22.23
N GLU Z 155 29.17 3.75 22.64
CA GLU Z 155 29.91 3.49 23.90
C GLU Z 155 31.36 3.92 23.75
N ARG Z 156 31.92 3.90 22.54
CA ARG Z 156 33.32 4.36 22.30
C ARG Z 156 33.37 5.89 22.40
N VAL Z 157 32.34 6.54 21.85
CA VAL Z 157 32.10 8.00 21.98
C VAL Z 157 31.96 8.32 23.46
N LEU Z 158 31.08 7.62 24.17
CA LEU Z 158 30.87 7.83 25.64
C LEU Z 158 32.22 7.79 26.35
N GLY Z 159 33.05 6.80 26.01
CA GLY Z 159 34.36 6.58 26.64
C GLY Z 159 35.33 7.72 26.36
N MET Z 160 35.18 8.37 25.20
CA MET Z 160 35.94 9.57 24.79
C MET Z 160 35.46 10.77 25.61
N GLU Z 161 34.16 10.94 25.77
CA GLU Z 161 33.57 12.07 26.53
C GLU Z 161 33.95 11.92 28.00
N CYS Z 162 34.04 10.69 28.49
CA CYS Z 162 34.36 10.36 29.90
C CYS Z 162 35.83 10.64 30.16
N ARG Z 163 36.67 10.36 29.16
CA ARG Z 163 38.11 10.65 29.22
C ARG Z 163 38.33 12.16 29.10
N LEU Z 164 37.63 12.84 28.20
CA LEU Z 164 37.78 14.30 28.05
C LEU Z 164 37.33 14.96 29.34
N TRP Z 165 36.27 14.48 29.97
CA TRP Z 165 35.80 15.00 31.26
C TRP Z 165 36.91 14.88 32.31
N GLU Z 166 37.64 13.77 32.31
CA GLU Z 166 38.71 13.50 33.30
C GLU Z 166 39.86 14.46 33.04
N LEU Z 167 40.12 14.79 31.78
CA LEU Z 167 41.24 15.68 31.42
C LEU Z 167 40.89 17.12 31.81
N ARG Z 168 39.69 17.56 31.46
CA ARG Z 168 39.20 18.94 31.67
C ARG Z 168 39.09 19.23 33.16
N ASN Z 169 38.37 18.36 33.87
CA ASN Z 169 37.88 18.58 35.24
C ASN Z 169 38.81 17.91 36.26
N GLY Z 170 39.84 17.19 35.79
CA GLY Z 170 40.86 16.57 36.65
C GLY Z 170 40.29 15.62 37.69
N SER Z 171 39.09 15.08 37.45
CA SER Z 171 38.37 14.14 38.34
C SER Z 171 37.57 13.19 37.44
N ARG Z 172 37.46 11.92 37.81
CA ARG Z 172 36.67 10.93 37.02
C ARG Z 172 35.23 11.42 36.93
N ILE Z 173 34.60 11.19 35.79
CA ILE Z 173 33.14 11.45 35.57
C ILE Z 173 32.36 10.56 36.53
N THR Z 174 31.14 10.99 36.88
CA THR Z 174 30.19 10.17 37.67
C THR Z 174 29.44 9.24 36.74
N VAL Z 175 28.93 8.13 37.28
CA VAL Z 175 28.10 7.19 36.47
C VAL Z 175 26.85 7.93 36.01
N ALA Z 176 26.26 8.77 36.87
CA ALA Z 176 25.06 9.54 36.51
C ALA Z 176 25.34 10.32 35.22
N ALA Z 177 26.42 11.09 35.20
CA ALA Z 177 26.82 11.95 34.07
C ALA Z 177 27.16 11.09 32.85
N ALA Z 178 27.92 10.02 33.02
CA ALA Z 178 28.26 9.07 31.94
C ALA Z 178 26.98 8.53 31.32
N SER Z 179 26.08 7.98 32.12
CA SER Z 179 24.78 7.43 31.66
C SER Z 179 23.98 8.52 30.95
N LYS Z 180 24.04 9.77 31.43
CA LYS Z 180 23.29 10.90 30.83
C LYS Z 180 23.85 11.23 29.45
N ILE Z 181 25.18 11.34 29.34
CA ILE Z 181 25.89 11.60 28.05
C ILE Z 181 25.40 10.60 27.02
N LEU Z 182 25.21 9.35 27.41
CA LEU Z 182 24.80 8.29 26.48
C LEU Z 182 23.32 8.42 26.17
N ALA Z 183 22.51 8.75 27.17
CA ALA Z 183 21.04 8.92 27.05
C ALA Z 183 20.72 10.16 26.20
N ASN Z 184 21.62 11.15 26.21
CA ASN Z 184 21.47 12.39 25.41
C ASN Z 184 21.73 12.06 23.94
N ILE Z 185 22.76 11.27 23.68
CA ILE Z 185 23.10 10.77 22.32
C ILE Z 185 21.89 10.00 21.78
N THR Z 186 21.45 8.97 22.48
CA THR Z 186 20.39 8.04 22.01
C THR Z 186 19.07 8.80 21.86
N TYR Z 187 18.82 9.85 22.67
CA TYR Z 187 17.61 10.71 22.55
C TYR Z 187 17.74 11.58 21.31
N ALA Z 188 18.90 12.19 21.06
CA ALA Z 188 19.14 13.01 19.86
C ALA Z 188 18.90 12.16 18.60
N TYR Z 189 19.27 10.89 18.64
CA TYR Z 189 19.14 9.95 17.50
C TYR Z 189 17.88 9.07 17.67
N ARG Z 190 16.83 9.58 18.32
CA ARG Z 190 15.74 8.71 18.82
C ARG Z 190 14.89 8.22 17.66
N ASN Z 191 14.79 9.02 16.59
CA ASN Z 191 14.06 8.68 15.34
C ASN Z 191 15.09 8.69 14.21
N HIS Z 192 16.22 8.01 14.42
CA HIS Z 192 17.28 7.70 13.42
C HIS Z 192 17.53 6.20 13.40
N GLY Z 193 16.57 5.41 13.92
CA GLY Z 193 16.58 3.93 13.97
C GLY Z 193 17.86 3.35 14.56
N LEU Z 194 18.41 3.94 15.63
CA LEU Z 194 19.43 3.26 16.46
C LEU Z 194 18.78 2.04 17.09
N SER Z 195 19.53 0.95 17.23
CA SER Z 195 19.13 -0.24 18.02
C SER Z 195 20.23 -0.46 19.05
N MET Z 196 20.00 -0.07 20.30
CA MET Z 196 21.03 -0.23 21.33
C MET Z 196 20.42 -0.14 22.71
N GLY Z 197 20.36 -1.27 23.39
CA GLY Z 197 20.09 -1.42 24.82
C GLY Z 197 21.39 -1.60 25.56
N THR Z 198 21.61 -0.78 26.57
CA THR Z 198 22.94 -0.56 27.17
C THR Z 198 22.80 -0.46 28.68
N MET Z 199 23.79 -0.89 29.43
CA MET Z 199 23.85 -0.62 30.88
C MET Z 199 25.18 0.03 31.15
N VAL Z 200 25.15 1.18 31.80
CA VAL Z 200 26.35 1.87 32.33
C VAL Z 200 26.40 1.52 33.80
N ALA Z 201 27.46 0.84 34.22
CA ALA Z 201 27.64 0.35 35.60
C ALA Z 201 29.00 0.83 36.08
N GLY Z 202 29.03 1.51 37.21
CA GLY Z 202 30.29 2.08 37.70
C GLY Z 202 30.26 2.23 39.20
N TRP Z 203 31.37 2.71 39.73
CA TRP Z 203 31.52 3.16 41.11
C TRP Z 203 32.19 4.54 41.05
N ASP Z 204 31.48 5.56 41.51
CA ASP Z 204 31.95 6.97 41.56
C ASP Z 204 32.08 7.36 43.04
N GLN Z 205 32.20 8.66 43.32
CA GLN Z 205 32.22 9.24 44.69
C GLN Z 205 31.00 8.75 45.50
N PHE Z 206 29.84 8.60 44.86
CA PHE Z 206 28.52 8.33 45.52
C PHE Z 206 28.19 6.84 45.48
N GLY Z 207 29.22 5.98 45.46
CA GLY Z 207 29.06 4.51 45.54
C GLY Z 207 28.69 3.90 44.20
N PRO Z 208 28.26 2.62 44.18
CA PRO Z 208 27.94 1.94 42.92
C PRO Z 208 26.67 2.53 42.33
N SER Z 209 26.59 2.63 41.02
CA SER Z 209 25.38 3.05 40.29
C SER Z 209 25.29 2.25 39.01
N LEU Z 210 24.08 1.89 38.64
CA LEU Z 210 23.77 1.07 37.45
C LEU Z 210 22.60 1.74 36.74
N TYR Z 211 22.79 2.08 35.47
CA TYR Z 211 21.74 2.69 34.63
C TYR Z 211 21.56 1.86 33.39
N TYR Z 212 20.31 1.64 32.98
CA TYR Z 212 19.93 1.12 31.64
C TYR Z 212 19.72 2.31 30.73
N VAL Z 213 20.23 2.28 29.51
CA VAL Z 213 20.06 3.36 28.50
C VAL Z 213 19.66 2.72 27.18
N ASP Z 214 18.55 3.19 26.63
CA ASP Z 214 17.83 2.61 25.47
C ASP Z 214 18.29 3.39 24.23
N ASP Z 215 17.85 2.96 23.06
CA ASP Z 215 18.03 3.65 21.76
C ASP Z 215 17.10 4.89 21.70
N LYS Z 216 16.08 4.95 22.56
CA LYS Z 216 15.02 5.99 22.56
C LYS Z 216 15.34 7.09 23.57
N GLY Z 217 16.50 7.03 24.22
CA GLY Z 217 16.96 8.04 25.19
C GLY Z 217 16.52 7.76 26.59
N SER Z 218 15.90 6.59 26.82
CA SER Z 218 15.49 6.10 28.17
C SER Z 218 16.76 5.97 29.00
N ARG Z 219 16.68 6.37 30.25
CA ARG Z 219 17.80 6.24 31.20
C ARG Z 219 17.18 5.94 32.54
N VAL Z 220 17.27 4.68 32.93
CA VAL Z 220 16.57 4.10 34.10
C VAL Z 220 17.64 3.67 35.09
N LYS Z 221 17.49 4.09 36.34
CA LYS Z 221 18.45 3.78 37.42
C LYS Z 221 17.74 2.84 38.39
N GLN Z 222 18.03 1.54 38.28
CA GLN Z 222 17.49 0.50 39.18
C GLN Z 222 18.65 -0.35 39.65
N ASP Z 223 18.36 -1.32 40.50
CA ASP Z 223 19.36 -2.16 41.20
C ASP Z 223 19.63 -3.40 40.35
N LEU Z 224 18.87 -3.64 39.28
CA LEU Z 224 18.93 -4.94 38.56
C LEU Z 224 18.33 -4.78 37.17
N PHE Z 225 19.05 -5.24 36.15
CA PHE Z 225 18.58 -5.27 34.76
C PHE Z 225 19.04 -6.54 34.08
N SER Z 226 18.34 -6.89 33.02
CA SER Z 226 18.83 -7.79 31.95
C SER Z 226 18.36 -7.19 30.63
N VAL Z 227 19.18 -7.26 29.61
CA VAL Z 227 18.94 -6.55 28.34
C VAL Z 227 19.30 -7.50 27.22
N GLY Z 228 18.51 -7.51 26.17
CA GLY Z 228 18.70 -8.38 25.00
C GLY Z 228 17.58 -9.38 24.88
N SER Z 229 17.61 -10.14 23.78
CA SER Z 229 16.64 -11.18 23.40
C SER Z 229 16.48 -12.19 24.53
N GLY Z 230 17.56 -12.51 25.23
CA GLY Z 230 17.54 -13.53 26.29
C GLY Z 230 17.37 -12.92 27.67
N SER Z 231 16.95 -11.66 27.76
CA SER Z 231 16.66 -11.01 29.05
C SER Z 231 15.51 -11.75 29.70
N ILE Z 232 14.44 -11.94 28.94
CA ILE Z 232 13.22 -12.70 29.33
C ILE Z 232 13.61 -14.01 30.02
N TYR Z 233 14.71 -14.65 29.64
CA TYR Z 233 15.20 -15.88 30.31
C TYR Z 233 16.02 -15.52 31.54
N ALA Z 234 17.09 -14.76 31.35
CA ALA Z 234 18.00 -14.32 32.43
C ALA Z 234 17.16 -13.89 33.62
N TYR Z 235 16.21 -12.98 33.42
CA TYR Z 235 15.34 -12.39 34.48
C TYR Z 235 14.72 -13.49 35.34
N GLY Z 236 14.25 -14.58 34.72
CA GLY Z 236 13.60 -15.68 35.45
C GLY Z 236 14.50 -16.26 36.53
N VAL Z 237 15.75 -16.53 36.21
CA VAL Z 237 16.73 -17.10 37.15
C VAL Z 237 17.20 -16.02 38.12
N LEU Z 238 17.44 -14.83 37.56
CA LEU Z 238 18.08 -13.68 38.23
C LEU Z 238 17.18 -13.17 39.35
N ASP Z 239 15.88 -13.03 39.09
CA ASP Z 239 14.90 -12.44 40.03
C ASP Z 239 14.61 -13.39 41.19
N THR Z 240 14.71 -14.69 40.93
CA THR Z 240 14.39 -15.76 41.90
C THR Z 240 15.56 -15.94 42.85
N GLY Z 241 16.79 -15.79 42.37
CA GLY Z 241 18.02 -15.97 43.18
C GLY Z 241 18.59 -14.67 43.70
N TYR Z 242 18.05 -13.52 43.30
CA TYR Z 242 18.64 -12.20 43.67
C TYR Z 242 18.24 -11.86 45.11
N ARG Z 243 19.25 -11.55 45.91
CA ARG Z 243 19.15 -10.83 47.20
C ARG Z 243 20.20 -9.73 47.16
N LYS Z 244 20.09 -8.73 48.04
CA LYS Z 244 21.12 -7.66 48.19
C LYS Z 244 22.35 -8.26 48.89
N ASP Z 245 22.12 -9.22 49.80
CA ASP Z 245 23.11 -9.68 50.82
C ASP Z 245 23.99 -10.81 50.27
N LEU Z 246 23.88 -11.14 48.98
CA LEU Z 246 24.76 -12.10 48.27
C LEU Z 246 26.23 -11.80 48.55
N SER Z 247 27.06 -12.84 48.72
CA SER Z 247 28.54 -12.72 48.66
C SER Z 247 28.94 -12.46 47.21
N VAL Z 248 30.16 -12.01 46.96
CA VAL Z 248 30.64 -11.72 45.58
C VAL Z 248 30.66 -13.04 44.79
N GLU Z 249 31.16 -14.11 45.41
CA GLU Z 249 31.14 -15.50 44.89
C GLU Z 249 29.72 -15.83 44.41
N ASP Z 250 28.73 -15.75 45.31
CA ASP Z 250 27.32 -16.16 45.08
C ASP Z 250 26.63 -15.23 44.08
N ALA Z 251 27.01 -13.95 44.05
CA ALA Z 251 26.45 -12.94 43.12
C ALA Z 251 26.93 -13.25 41.70
N CYS Z 252 28.21 -13.56 41.54
CA CYS Z 252 28.79 -14.01 40.26
C CYS Z 252 28.12 -15.30 39.81
N ASP Z 253 28.05 -16.29 40.70
CA ASP Z 253 27.33 -17.57 40.44
C ASP Z 253 25.97 -17.22 39.84
N LEU Z 254 25.15 -16.46 40.56
CA LEU Z 254 23.78 -16.10 40.14
C LEU Z 254 23.80 -15.53 38.73
N ALA Z 255 24.65 -14.52 38.52
CA ALA Z 255 24.81 -13.81 37.22
C ALA Z 255 25.18 -14.83 36.14
N ARG Z 256 26.23 -15.61 36.39
CA ARG Z 256 26.74 -16.63 35.45
C ARG Z 256 25.64 -17.65 35.13
N ARG Z 257 24.91 -18.14 36.13
CA ARG Z 257 23.77 -19.07 35.91
C ARG Z 257 22.69 -18.36 35.08
N SER Z 258 22.36 -17.11 35.43
CA SER Z 258 21.31 -16.33 34.72
C SER Z 258 21.69 -16.15 33.25
N ILE Z 259 22.93 -15.81 32.95
CA ILE Z 259 23.35 -15.74 31.53
C ILE Z 259 23.26 -17.13 30.95
N PHE Z 260 23.85 -18.12 31.60
CA PHE Z 260 23.86 -19.52 31.10
C PHE Z 260 22.43 -19.92 30.67
N HIS Z 261 21.42 -19.71 31.53
CA HIS Z 261 20.03 -20.17 31.28
C HIS Z 261 19.40 -19.45 30.09
N ALA Z 262 19.85 -18.23 29.80
CA ALA Z 262 19.43 -17.49 28.60
C ALA Z 262 20.13 -18.05 27.38
N THR Z 263 21.42 -18.37 27.48
CA THR Z 263 22.18 -18.97 26.35
C THR Z 263 21.55 -20.31 26.01
N TYR Z 264 21.06 -21.06 26.99
CA TYR Z 264 20.52 -22.42 26.77
C TYR Z 264 19.19 -22.36 26.01
N ARG Z 265 18.45 -21.25 26.10
CA ARG Z 265 17.05 -21.18 25.62
C ARG Z 265 16.89 -20.15 24.50
N ASP Z 266 17.51 -18.98 24.60
CA ASP Z 266 17.52 -17.96 23.51
C ASP Z 266 18.42 -18.46 22.38
N GLY Z 267 17.91 -18.40 21.14
CA GLY Z 267 18.67 -18.78 19.94
C GLY Z 267 19.70 -17.72 19.61
N ALA Z 268 19.42 -16.47 19.93
CA ALA Z 268 20.26 -15.31 19.56
C ALA Z 268 21.34 -15.10 20.61
N SER Z 269 21.34 -15.93 21.66
CA SER Z 269 22.22 -15.77 22.84
C SER Z 269 23.06 -17.03 22.99
N GLY Z 270 24.34 -16.87 23.28
CA GLY Z 270 25.23 -18.03 23.42
C GLY Z 270 26.68 -17.68 23.54
N GLY Z 271 27.51 -18.71 23.57
CA GLY Z 271 28.97 -18.62 23.49
C GLY Z 271 29.58 -18.62 24.88
N ILE Z 272 30.29 -17.55 25.18
CA ILE Z 272 31.11 -17.42 26.42
C ILE Z 272 30.39 -16.46 27.38
N VAL Z 273 30.17 -16.95 28.60
CA VAL Z 273 29.52 -16.20 29.71
C VAL Z 273 30.63 -15.50 30.50
N THR Z 274 30.85 -14.25 30.17
CA THR Z 274 31.80 -13.34 30.84
C THR Z 274 31.11 -12.65 32.01
N VAL Z 275 31.83 -12.51 33.13
CA VAL Z 275 31.30 -11.91 34.40
C VAL Z 275 32.33 -10.92 34.94
N TYR Z 276 31.85 -9.73 35.28
CA TYR Z 276 32.65 -8.61 35.81
C TYR Z 276 32.08 -8.21 37.16
N HIS Z 277 32.95 -7.71 38.03
CA HIS Z 277 32.59 -7.17 39.35
C HIS Z 277 33.03 -5.71 39.40
N VAL Z 278 32.10 -4.78 39.60
CA VAL Z 278 32.42 -3.35 39.88
C VAL Z 278 32.40 -3.17 41.39
N HIS Z 279 33.51 -2.70 41.97
CA HIS Z 279 33.72 -2.46 43.43
C HIS Z 279 34.41 -1.10 43.59
N GLU Z 280 34.71 -0.67 44.82
CA GLU Z 280 35.23 0.71 45.07
C GLU Z 280 36.56 0.89 44.32
N LYS Z 281 37.35 -0.16 44.13
CA LYS Z 281 38.71 -0.09 43.52
C LYS Z 281 38.64 -0.16 41.99
N GLY Z 282 37.44 -0.31 41.40
CA GLY Z 282 37.23 -0.31 39.94
C GLY Z 282 36.36 -1.47 39.51
N TRP Z 283 36.77 -2.17 38.45
CA TRP Z 283 36.14 -3.46 38.06
C TRP Z 283 37.23 -4.50 37.85
N THR Z 284 36.90 -5.76 38.11
CA THR Z 284 37.73 -6.93 37.75
C THR Z 284 36.87 -7.84 36.89
N LYS Z 285 37.46 -8.40 35.83
CA LYS Z 285 36.86 -9.49 35.04
C LYS Z 285 37.01 -10.78 35.85
N ILE Z 286 35.91 -11.23 36.45
CA ILE Z 286 35.85 -12.35 37.43
C ILE Z 286 36.17 -13.66 36.72
N SER Z 287 35.48 -13.92 35.61
CA SER Z 287 35.43 -15.25 34.96
C SER Z 287 35.03 -15.08 33.50
N ARG Z 288 35.45 -16.04 32.69
CA ARG Z 288 35.15 -16.12 31.24
C ARG Z 288 35.00 -17.60 30.91
N ASP Z 289 33.77 -18.10 30.92
CA ASP Z 289 33.44 -19.54 30.86
C ASP Z 289 32.57 -19.79 29.64
N ASP Z 290 32.90 -20.81 28.86
CA ASP Z 290 32.07 -21.29 27.72
C ASP Z 290 30.78 -21.92 28.24
N GLN Z 291 29.64 -21.60 27.61
CA GLN Z 291 28.31 -21.90 28.18
C GLN Z 291 27.98 -23.39 28.01
N THR Z 292 28.69 -24.11 27.14
CA THR Z 292 28.55 -25.58 27.04
C THR Z 292 29.33 -26.25 28.18
N LYS Z 293 30.46 -25.69 28.62
CA LYS Z 293 31.21 -26.18 29.81
C LYS Z 293 30.34 -25.96 31.05
N LEU Z 294 29.69 -24.80 31.13
CA LEU Z 294 28.78 -24.42 32.24
C LEU Z 294 27.61 -25.40 32.31
N TYR Z 295 27.06 -25.84 31.18
CA TYR Z 295 25.98 -26.86 31.19
C TYR Z 295 26.47 -28.09 31.97
N HIS Z 296 27.68 -28.57 31.69
CA HIS Z 296 28.24 -29.81 32.28
C HIS Z 296 28.67 -29.58 33.73
N ARG Z 297 28.87 -28.32 34.14
CA ARG Z 297 29.17 -27.93 35.54
C ARG Z 297 27.87 -27.97 36.35
N TYR Z 298 26.81 -27.37 35.81
CA TYR Z 298 25.53 -27.10 36.50
C TYR Z 298 24.61 -28.32 36.43
N PHE Z 299 24.74 -29.15 35.39
CA PHE Z 299 23.93 -30.38 35.17
C PHE Z 299 24.88 -31.54 34.90
N PRO Z 300 25.58 -32.06 35.96
CA PRO Z 300 26.69 -33.01 35.75
C PRO Z 300 26.35 -34.35 35.10
N SER Z 301 25.13 -34.86 35.25
CA SER Z 301 24.70 -36.21 34.78
C SER Z 301 24.98 -36.36 33.27
N TRP AA 126 14.85 1.97 -9.75
CA TRP AA 126 16.33 2.07 -9.72
C TRP AA 126 16.84 2.01 -8.28
N SER AA 127 17.55 0.94 -7.93
CA SER AA 127 18.27 0.80 -6.64
C SER AA 127 19.67 1.37 -6.80
N PRO AA 128 20.16 2.18 -5.83
CA PRO AA 128 21.55 2.60 -5.82
C PRO AA 128 22.51 1.44 -5.49
N TYR AA 129 21.96 0.32 -5.01
CA TYR AA 129 22.72 -0.90 -4.61
C TYR AA 129 22.58 -1.99 -5.67
N GLN AA 130 23.63 -2.81 -5.78
CA GLN AA 130 23.76 -3.98 -6.68
C GLN AA 130 24.73 -4.93 -5.97
N ASP AA 131 24.39 -6.20 -5.77
CA ASP AA 131 25.35 -7.20 -5.22
C ASP AA 131 26.09 -7.79 -6.41
N ASN AA 132 27.42 -7.63 -6.41
CA ASN AA 132 28.32 -8.05 -7.51
C ASN AA 132 28.97 -9.38 -7.12
N GLY AA 133 28.45 -10.04 -6.08
CA GLY AA 133 28.82 -11.40 -5.67
C GLY AA 133 30.27 -11.52 -5.22
N GLY AA 134 30.74 -12.76 -5.19
CA GLY AA 134 32.12 -13.14 -4.84
C GLY AA 134 32.29 -13.35 -3.36
N THR AA 135 33.33 -14.09 -2.98
CA THR AA 135 33.69 -14.47 -1.60
C THR AA 135 35.13 -14.03 -1.33
N THR AA 136 35.40 -13.53 -0.13
CA THR AA 136 36.77 -13.34 0.39
C THR AA 136 36.91 -14.18 1.65
N ALA AA 137 38.12 -14.65 1.91
CA ALA AA 137 38.45 -15.40 3.13
C ALA AA 137 39.88 -15.07 3.53
N ALA AA 138 40.15 -15.00 4.82
CA ALA AA 138 41.52 -14.86 5.32
C ALA AA 138 41.75 -15.90 6.41
N ILE AA 139 42.99 -16.34 6.54
CA ILE AA 139 43.44 -17.18 7.67
C ILE AA 139 44.76 -16.62 8.16
N ALA AA 140 44.77 -16.23 9.43
CA ALA AA 140 45.98 -15.80 10.16
C ALA AA 140 46.70 -17.05 10.67
N GLY AA 141 48.02 -17.09 10.52
CA GLY AA 141 48.92 -17.90 11.35
C GLY AA 141 49.77 -17.00 12.23
N LYS AA 142 50.85 -17.55 12.79
CA LYS AA 142 51.64 -16.89 13.88
C LYS AA 142 52.55 -15.80 13.30
N ASP AA 143 52.85 -15.83 11.99
CA ASP AA 143 53.89 -14.99 11.35
C ASP AA 143 53.32 -14.33 10.08
N PHE AA 144 52.05 -14.57 9.74
CA PHE AA 144 51.47 -14.29 8.40
C PHE AA 144 49.94 -14.29 8.41
N VAL AA 145 49.35 -13.76 7.34
CA VAL AA 145 47.93 -13.97 6.97
C VAL AA 145 47.90 -14.38 5.51
N ILE AA 146 47.12 -15.41 5.17
CA ILE AA 146 46.73 -15.64 3.76
C ILE AA 146 45.38 -14.99 3.58
N LEU AA 147 45.29 -14.06 2.64
CA LEU AA 147 44.04 -13.36 2.25
C LEU AA 147 43.68 -13.79 0.83
N ALA AA 148 42.46 -14.24 0.62
CA ALA AA 148 42.00 -14.82 -0.66
C ALA AA 148 40.70 -14.13 -1.06
N GLY AA 149 40.52 -13.87 -2.34
CA GLY AA 149 39.23 -13.39 -2.87
C GLY AA 149 39.06 -13.81 -4.30
N ASP AA 150 37.92 -14.40 -4.61
CA ASP AA 150 37.61 -14.84 -5.99
C ASP AA 150 37.55 -13.58 -6.87
N THR AA 151 37.62 -13.80 -8.19
CA THR AA 151 37.87 -12.73 -9.18
C THR AA 151 36.64 -12.51 -10.05
N ARG AA 152 35.55 -13.24 -9.84
CA ARG AA 152 34.37 -13.08 -10.70
C ARG AA 152 33.57 -11.90 -10.15
N LEU AA 153 33.21 -10.99 -11.05
CA LEU AA 153 32.37 -9.80 -10.82
C LEU AA 153 31.10 -10.05 -11.60
N ASN AA 154 30.01 -10.34 -10.93
CA ASN AA 154 28.77 -10.73 -11.64
C ASN AA 154 27.81 -9.55 -11.53
N GLY AA 155 27.13 -9.23 -12.65
CA GLY AA 155 26.10 -8.20 -12.74
C GLY AA 155 24.75 -8.82 -12.48
N ASP AA 156 23.69 -8.26 -13.05
CA ASP AA 156 22.30 -8.74 -12.88
C ASP AA 156 22.05 -9.87 -13.89
N PHE AA 157 22.05 -11.12 -13.41
CA PHE AA 157 21.71 -12.35 -14.16
C PHE AA 157 22.78 -12.71 -15.20
N CYS AA 158 23.78 -11.86 -15.44
CA CYS AA 158 24.97 -12.16 -16.28
C CYS AA 158 26.24 -12.07 -15.44
N LEU AA 159 27.41 -12.19 -16.07
CA LEU AA 159 28.71 -11.91 -15.41
C LEU AA 159 29.53 -10.94 -16.27
N HIS AA 160 30.11 -9.94 -15.62
CA HIS AA 160 30.82 -8.79 -16.22
C HIS AA 160 32.25 -9.19 -16.57
N SER AA 161 32.95 -9.76 -15.59
CA SER AA 161 34.37 -10.12 -15.70
C SER AA 161 34.65 -11.38 -14.89
N ARG AA 162 35.64 -12.14 -15.31
CA ARG AA 162 36.24 -13.26 -14.53
C ARG AA 162 37.56 -12.81 -13.90
N HIS AA 163 38.04 -11.60 -14.21
CA HIS AA 163 39.41 -11.13 -13.89
C HIS AA 163 39.35 -9.87 -13.01
N ASP AA 164 38.26 -9.67 -12.27
CA ASP AA 164 38.09 -8.50 -11.37
C ASP AA 164 39.00 -8.72 -10.14
N GLN AA 165 40.02 -7.87 -9.99
CA GLN AA 165 40.98 -7.89 -8.85
C GLN AA 165 40.57 -6.89 -7.77
N SER AA 166 39.41 -6.22 -7.90
CA SER AA 166 38.97 -5.09 -7.05
C SER AA 166 38.65 -5.54 -5.62
N LYS AA 167 38.57 -6.84 -5.39
CA LYS AA 167 38.00 -7.41 -4.14
C LYS AA 167 39.01 -7.20 -3.01
N ILE AA 168 40.29 -7.44 -3.26
CA ILE AA 168 41.41 -7.22 -2.30
C ILE AA 168 42.16 -5.97 -2.70
N PHE AA 169 42.54 -5.15 -1.71
CA PHE AA 169 43.17 -3.82 -1.92
C PHE AA 169 44.22 -3.60 -0.83
N GLN AA 170 45.47 -3.36 -1.22
CA GLN AA 170 46.60 -3.07 -0.31
C GLN AA 170 46.40 -1.66 0.23
N LEU AA 171 46.38 -1.52 1.56
CA LEU AA 171 46.37 -0.22 2.28
C LEU AA 171 47.79 0.15 2.71
N THR AA 172 48.51 -0.82 3.29
CA THR AA 172 49.94 -0.71 3.71
C THR AA 172 50.64 -2.01 3.36
N PRO AA 173 51.98 -2.05 3.35
CA PRO AA 173 52.67 -3.33 3.13
C PRO AA 173 52.09 -4.48 3.98
N TYR AA 174 51.71 -4.18 5.22
CA TYR AA 174 51.38 -5.19 6.25
C TYR AA 174 49.87 -5.36 6.37
N THR AA 175 49.07 -4.49 5.77
CA THR AA 175 47.60 -4.44 5.94
C THR AA 175 46.90 -4.37 4.59
N TYR AA 176 45.95 -5.26 4.37
CA TYR AA 176 45.11 -5.36 3.16
C TYR AA 176 43.67 -5.20 3.57
N MET AA 177 42.80 -4.67 2.71
CA MET AA 177 41.35 -4.83 2.94
C MET AA 177 40.79 -5.72 1.83
N ALA AA 178 39.97 -6.68 2.20
CA ALA AA 178 39.12 -7.47 1.30
C ALA AA 178 37.71 -6.93 1.48
N SER AA 179 36.87 -7.03 0.46
CA SER AA 179 35.58 -6.29 0.43
C SER AA 179 34.64 -6.97 -0.56
N ASN AA 180 33.46 -7.37 -0.11
CA ASN AA 180 32.44 -8.06 -0.95
C ASN AA 180 31.24 -7.13 -1.09
N GLY AA 181 30.08 -7.68 -1.44
CA GLY AA 181 28.90 -6.88 -1.79
C GLY AA 181 29.10 -6.14 -3.09
N MET AA 182 28.75 -4.86 -3.09
CA MET AA 182 28.68 -3.99 -4.28
C MET AA 182 30.08 -3.54 -4.64
N GLN AA 183 30.46 -3.70 -5.91
CA GLN AA 183 31.82 -3.36 -6.38
C GLN AA 183 32.02 -1.86 -6.24
N ALA AA 184 31.13 -1.08 -6.81
CA ALA AA 184 31.20 0.41 -6.90
C ALA AA 184 31.53 1.01 -5.53
N ASP AA 185 30.96 0.45 -4.47
CA ASP AA 185 31.14 0.93 -3.08
C ASP AA 185 32.49 0.45 -2.55
N ARG AA 186 32.82 -0.79 -2.81
CA ARG AA 186 34.16 -1.35 -2.45
C ARG AA 186 35.20 -0.40 -3.03
N LEU AA 187 35.03 0.02 -4.30
CA LEU AA 187 35.99 0.92 -4.99
C LEU AA 187 36.01 2.30 -4.33
N GLN AA 188 34.88 2.83 -3.92
CA GLN AA 188 34.84 4.15 -3.24
C GLN AA 188 35.53 4.02 -1.89
N LEU AA 189 35.07 3.07 -1.07
CA LEU AA 189 35.61 2.85 0.29
C LEU AA 189 37.11 2.62 0.22
N GLN AA 190 37.56 1.85 -0.77
CA GLN AA 190 39.00 1.57 -0.98
C GLN AA 190 39.73 2.91 -1.08
N GLN AA 191 39.25 3.80 -1.93
CA GLN AA 191 39.88 5.13 -2.16
C GLN AA 191 39.78 5.97 -0.90
N MET AA 192 38.63 5.95 -0.25
CA MET AA 192 38.36 6.72 0.99
C MET AA 192 39.35 6.30 2.07
N LEU AA 193 39.70 5.03 2.15
CA LEU AA 193 40.70 4.54 3.12
C LEU AA 193 42.08 4.86 2.64
N LYS AA 194 42.34 4.72 1.34
CA LYS AA 194 43.67 5.01 0.76
C LYS AA 194 44.11 6.42 1.16
N TYR AA 195 43.18 7.37 1.15
CA TYR AA 195 43.44 8.81 1.38
C TYR AA 195 43.48 9.08 2.88
N ARG AA 196 42.68 8.41 3.70
CA ARG AA 196 42.79 8.52 5.17
C ARG AA 196 44.15 7.99 5.62
N VAL AA 197 44.65 6.95 4.96
CA VAL AA 197 45.95 6.29 5.29
C VAL AA 197 47.07 7.20 4.81
N LYS AA 198 46.87 7.90 3.70
CA LYS AA 198 47.87 8.82 3.13
C LYS AA 198 48.01 10.03 4.07
N TRP AA 199 46.90 10.55 4.57
CA TRP AA 199 46.89 11.67 5.55
C TRP AA 199 47.59 11.25 6.82
N TYR AA 200 47.27 10.06 7.31
CA TYR AA 200 47.93 9.52 8.51
C TYR AA 200 49.45 9.54 8.27
N LYS AA 201 49.94 9.10 7.10
CA LYS AA 201 51.41 9.08 6.81
C LYS AA 201 51.99 10.49 6.96
N TYR AA 202 51.27 11.51 6.50
CA TYR AA 202 51.72 12.93 6.52
C TYR AA 202 51.68 13.49 7.95
N ASN AA 203 50.57 13.33 8.65
CA ASN AA 203 50.34 13.89 10.01
C ASN AA 203 51.16 13.10 11.05
N ASN AA 204 51.54 11.85 10.80
CA ASN AA 204 52.31 11.02 11.76
C ASN AA 204 53.72 10.77 11.21
N GLY AA 205 54.32 11.78 10.57
CA GLY AA 205 55.73 11.82 10.13
C GLY AA 205 56.21 10.53 9.50
N GLY AA 206 55.60 10.13 8.38
CA GLY AA 206 56.05 9.00 7.53
C GLY AA 206 55.49 7.67 7.98
N LYS AA 207 55.21 7.53 9.28
CA LYS AA 207 54.77 6.26 9.94
C LYS AA 207 53.46 5.79 9.32
N VAL AA 208 53.44 4.54 8.86
CA VAL AA 208 52.25 3.89 8.26
C VAL AA 208 51.38 3.35 9.40
N PRO AA 209 50.04 3.45 9.33
CA PRO AA 209 49.20 3.03 10.44
C PRO AA 209 49.19 1.51 10.53
N SER AA 210 49.19 1.00 11.76
CA SER AA 210 49.11 -0.44 12.09
C SER AA 210 47.87 -1.05 11.46
N THR AA 211 47.81 -2.37 11.43
CA THR AA 211 46.61 -3.10 11.00
C THR AA 211 45.48 -2.77 11.95
N LYS AA 212 45.77 -2.69 13.25
CA LYS AA 212 44.78 -2.41 14.31
C LYS AA 212 44.18 -1.02 14.09
N ALA AA 213 45.01 -0.03 13.77
CA ALA AA 213 44.58 1.37 13.54
C ALA AA 213 43.64 1.45 12.35
N ILE AA 214 43.97 0.71 11.30
CA ILE AA 214 43.17 0.68 10.04
C ILE AA 214 41.87 -0.05 10.30
N ALA AA 215 41.88 -1.05 11.17
CA ALA AA 215 40.65 -1.77 11.53
C ALA AA 215 39.68 -0.83 12.23
N GLN AA 216 40.17 0.02 13.15
CA GLN AA 216 39.28 0.97 13.88
C GLN AA 216 38.86 2.06 12.90
N LEU AA 217 39.75 2.47 12.00
CA LEU AA 217 39.43 3.48 10.96
C LEU AA 217 38.29 2.95 10.09
N MET AA 218 38.38 1.70 9.70
CA MET AA 218 37.38 1.04 8.84
C MET AA 218 36.04 1.02 9.60
N SER AA 219 36.02 0.61 10.87
CA SER AA 219 34.80 0.59 11.73
C SER AA 219 34.14 1.97 11.70
N THR AA 220 34.96 3.00 11.88
CA THR AA 220 34.55 4.40 12.08
C THR AA 220 33.98 4.93 10.77
N MET AA 221 34.64 4.66 9.64
CA MET AA 221 34.26 5.18 8.31
C MET AA 221 33.00 4.47 7.82
N LEU AA 222 32.86 3.19 8.10
CA LEU AA 222 31.62 2.42 7.80
C LEU AA 222 30.46 2.98 8.62
N TYR AA 223 30.69 3.33 9.88
CA TYR AA 223 29.61 3.83 10.78
C TYR AA 223 29.23 5.25 10.38
N HIS AA 224 30.18 6.06 9.94
CA HIS AA 224 29.89 7.46 9.55
C HIS AA 224 28.98 7.49 8.34
N ARG AA 225 28.81 6.36 7.65
CA ARG AA 225 27.91 6.24 6.48
C ARG AA 225 26.68 5.43 6.84
N ARG AA 226 26.32 5.27 8.12
CA ARG AA 226 25.25 4.30 8.50
C ARG AA 226 23.84 4.76 8.10
N PHE AA 227 23.66 5.94 7.49
CA PHE AA 227 22.35 6.47 7.03
C PHE AA 227 22.23 6.39 5.51
N PHE AA 228 23.32 6.07 4.80
CA PHE AA 228 23.34 5.53 3.40
C PHE AA 228 24.55 4.60 3.28
N PRO AA 229 24.53 3.41 3.93
CA PRO AA 229 25.73 2.61 4.10
C PRO AA 229 26.37 2.13 2.80
N TYR AA 230 27.69 1.96 2.82
CA TYR AA 230 28.43 1.22 1.76
C TYR AA 230 27.93 -0.22 1.77
N TYR AA 231 27.41 -0.72 0.67
CA TYR AA 231 26.95 -2.13 0.56
C TYR AA 231 28.19 -2.97 0.29
N THR AA 232 28.96 -3.22 1.35
CA THR AA 232 30.34 -3.72 1.24
C THR AA 232 30.65 -4.41 2.57
N PHE AA 233 30.84 -5.73 2.52
CA PHE AA 233 31.17 -6.59 3.68
C PHE AA 233 32.67 -6.76 3.72
N ASN AA 234 33.33 -5.95 4.55
CA ASN AA 234 34.81 -5.81 4.50
C ASN AA 234 35.47 -6.78 5.47
N MET AA 235 36.68 -7.16 5.14
CA MET AA 235 37.70 -7.61 6.11
C MET AA 235 38.86 -6.65 6.01
N VAL AA 236 39.47 -6.33 7.14
CA VAL AA 236 40.85 -5.79 7.18
C VAL AA 236 41.69 -6.93 7.70
N VAL AA 237 42.81 -7.17 7.05
CA VAL AA 237 43.66 -8.36 7.29
C VAL AA 237 45.08 -7.85 7.26
N GLY AA 238 45.86 -8.17 8.28
CA GLY AA 238 47.30 -7.89 8.27
C GLY AA 238 48.00 -8.44 9.48
N LEU AA 239 49.27 -8.06 9.62
CA LEU AA 239 50.08 -8.38 10.82
C LEU AA 239 49.72 -7.37 11.90
N ASP AA 240 49.77 -7.79 13.17
CA ASP AA 240 49.55 -6.90 14.34
C ASP AA 240 50.91 -6.38 14.82
N GLU AA 241 50.93 -5.73 15.99
CA GLU AA 241 52.14 -5.16 16.66
C GLU AA 241 53.24 -6.23 16.79
N GLU AA 242 52.86 -7.44 17.22
CA GLU AA 242 53.77 -8.55 17.60
C GLU AA 242 54.12 -9.45 16.39
N GLY AA 243 53.69 -9.07 15.17
CA GLY AA 243 53.97 -9.80 13.92
C GLY AA 243 52.93 -10.89 13.63
N HIS AA 244 52.12 -11.26 14.61
CA HIS AA 244 51.05 -12.29 14.50
C HIS AA 244 50.00 -11.77 13.52
N GLY AA 245 49.48 -12.63 12.64
CA GLY AA 245 48.46 -12.25 11.66
C GLY AA 245 47.14 -11.98 12.34
N VAL AA 246 46.21 -11.30 11.68
CA VAL AA 246 44.88 -11.02 12.26
C VAL AA 246 43.91 -10.63 11.15
N CYS AA 247 42.63 -10.97 11.34
CA CYS AA 247 41.52 -10.63 10.41
C CYS AA 247 40.41 -9.95 11.19
N TYR AA 248 40.09 -8.73 10.81
CA TYR AA 248 38.90 -7.98 11.28
C TYR AA 248 37.86 -8.16 10.20
N SER AA 249 36.82 -8.95 10.43
CA SER AA 249 35.64 -9.03 9.54
C SER AA 249 34.64 -7.99 10.03
N TYR AA 250 33.93 -7.34 9.13
CA TYR AA 250 32.98 -6.25 9.45
C TYR AA 250 31.60 -6.63 8.96
N ASP AA 251 30.59 -6.05 9.59
CA ASP AA 251 29.22 -5.97 9.05
C ASP AA 251 29.15 -4.71 8.17
N ALA AA 252 27.95 -4.34 7.73
CA ALA AA 252 27.69 -3.22 6.80
C ALA AA 252 28.16 -1.90 7.41
N VAL AA 253 28.10 -1.78 8.75
CA VAL AA 253 28.20 -0.51 9.52
C VAL AA 253 29.32 -0.58 10.56
N GLY AA 254 30.22 -1.55 10.47
CA GLY AA 254 31.55 -1.41 11.08
C GLY AA 254 31.72 -2.18 12.37
N SER AA 255 30.74 -2.95 12.80
CA SER AA 255 30.94 -3.88 13.94
C SER AA 255 31.99 -4.90 13.52
N THR AA 256 33.04 -5.04 14.30
CA THR AA 256 34.16 -5.98 14.02
C THR AA 256 34.69 -6.57 15.32
N GLU AA 257 35.58 -7.53 15.17
CA GLU AA 257 36.44 -8.04 16.26
C GLU AA 257 37.67 -8.64 15.59
N PRO AA 258 38.83 -8.64 16.27
CA PRO AA 258 39.99 -9.35 15.77
C PRO AA 258 39.72 -10.85 15.87
N PHE AA 259 40.07 -11.60 14.83
CA PHE AA 259 39.92 -13.07 14.80
C PHE AA 259 41.07 -13.65 13.99
N LEU AA 260 41.21 -14.97 14.00
CA LEU AA 260 42.35 -15.68 13.37
C LEU AA 260 41.94 -16.22 12.00
N TYR AA 261 40.71 -16.00 11.62
CA TYR AA 261 40.21 -16.24 10.25
C TYR AA 261 38.95 -15.41 10.04
N GLY AA 262 38.44 -15.46 8.84
CA GLY AA 262 37.31 -14.62 8.46
C GLY AA 262 36.90 -14.92 7.05
N THR AA 263 35.63 -14.70 6.80
CA THR AA 263 35.02 -14.89 5.48
C THR AA 263 33.92 -13.86 5.33
N ARG AA 264 33.84 -13.23 4.18
CA ARG AA 264 32.71 -12.37 3.83
C ARG AA 264 32.36 -12.72 2.40
N GLY AA 265 31.10 -12.52 2.03
CA GLY AA 265 30.63 -12.67 0.64
C GLY AA 265 29.68 -13.83 0.49
N SER AA 266 29.32 -14.11 -0.76
CA SER AA 266 28.22 -15.01 -1.17
C SER AA 266 28.39 -16.39 -0.56
N ALA AA 267 29.62 -16.90 -0.50
CA ALA AA 267 29.95 -18.25 0.00
C ALA AA 267 30.50 -18.21 1.43
N ALA AA 268 30.31 -17.11 2.16
CA ALA AA 268 30.85 -16.96 3.52
C ALA AA 268 30.21 -18.04 4.40
N SER AA 269 28.90 -18.24 4.22
CA SER AA 269 28.06 -19.18 5.01
C SER AA 269 28.54 -20.62 4.81
N PHE AA 270 29.22 -20.94 3.70
CA PHE AA 270 29.82 -22.28 3.41
C PHE AA 270 31.19 -22.40 4.03
N VAL AA 271 31.99 -21.35 3.87
CA VAL AA 271 33.44 -21.36 4.16
C VAL AA 271 33.64 -21.21 5.67
N GLU AA 272 32.82 -20.39 6.34
CA GLU AA 272 33.02 -20.02 7.77
C GLU AA 272 32.85 -21.25 8.66
N PRO AA 273 31.81 -22.08 8.48
CA PRO AA 273 31.70 -23.34 9.22
C PRO AA 273 32.89 -24.28 8.99
N LEU AA 274 33.35 -24.37 7.75
CA LEU AA 274 34.47 -25.24 7.39
C LEU AA 274 35.72 -24.78 8.12
N LEU AA 275 35.97 -23.47 8.17
CA LEU AA 275 37.18 -22.91 8.82
C LEU AA 275 37.05 -23.16 10.33
N ASP AA 276 35.89 -22.86 10.93
CA ASP AA 276 35.58 -23.22 12.34
C ASP AA 276 35.96 -24.68 12.58
N CYS AA 277 35.50 -25.60 11.74
CA CYS AA 277 35.71 -27.08 11.90
C CYS AA 277 37.20 -27.39 11.86
N LEU AA 278 37.94 -26.87 10.87
CA LEU AA 278 39.31 -27.35 10.55
C LEU AA 278 40.36 -26.60 11.36
N ILE AA 279 40.03 -25.44 11.94
CA ILE AA 279 40.98 -24.61 12.73
C ILE AA 279 40.70 -24.79 14.23
N ASN AA 280 39.44 -24.58 14.66
CA ASN AA 280 39.04 -24.60 16.10
C ASN AA 280 38.78 -26.04 16.58
N ARG AA 281 38.38 -26.95 15.70
CA ARG AA 281 38.27 -28.41 15.94
C ARG AA 281 37.42 -28.72 17.19
N GLN AA 282 36.43 -27.87 17.52
CA GLN AA 282 35.81 -27.86 18.89
C GLN AA 282 34.98 -29.14 19.11
N HIS AA 283 34.55 -29.82 18.05
CA HIS AA 283 33.81 -31.11 18.12
C HIS AA 283 34.71 -32.28 17.74
N MET AA 284 35.99 -32.25 18.13
CA MET AA 284 36.96 -33.31 17.80
C MET AA 284 37.73 -33.70 19.05
N THR AA 285 37.75 -35.01 19.34
CA THR AA 285 38.40 -35.67 20.49
C THR AA 285 39.91 -35.81 20.21
N SER AA 286 40.28 -35.96 18.92
CA SER AA 286 41.68 -35.99 18.41
C SER AA 286 42.50 -34.82 18.96
N GLN AA 287 43.81 -35.03 19.16
CA GLN AA 287 44.78 -33.98 19.57
C GLN AA 287 44.96 -32.99 18.41
N ALA AA 288 44.87 -31.69 18.69
CA ALA AA 288 44.97 -30.58 17.72
C ALA AA 288 46.27 -30.70 16.91
N PRO AA 289 46.23 -30.71 15.55
CA PRO AA 289 47.45 -30.73 14.74
C PRO AA 289 48.38 -29.54 15.04
N PRO AA 290 49.69 -29.63 14.69
CA PRO AA 290 50.72 -28.82 15.34
C PRO AA 290 50.46 -27.31 15.46
N GLU AA 291 50.12 -26.62 14.35
CA GLU AA 291 50.13 -25.12 14.26
C GLU AA 291 49.45 -24.65 12.96
N MET AA 292 49.79 -25.29 11.84
CA MET AA 292 49.36 -25.01 10.44
C MET AA 292 50.31 -23.95 9.88
N THR AA 293 51.23 -24.39 9.01
CA THR AA 293 52.23 -23.55 8.31
C THR AA 293 51.51 -22.71 7.25
N LYS AA 294 52.27 -21.84 6.60
CA LYS AA 294 51.84 -20.96 5.47
C LYS AA 294 51.27 -21.79 4.31
N GLU AA 295 51.86 -22.95 4.01
CA GLU AA 295 51.54 -23.79 2.83
C GLU AA 295 50.30 -24.64 3.13
N GLU AA 296 50.20 -25.17 4.35
CA GLU AA 296 49.01 -25.90 4.85
C GLU AA 296 47.80 -24.96 4.89
N THR AA 297 48.02 -23.70 5.26
CA THR AA 297 46.95 -22.66 5.44
C THR AA 297 46.46 -22.27 4.06
N LEU AA 298 47.38 -22.00 3.15
CA LEU AA 298 47.11 -21.70 1.72
C LEU AA 298 46.32 -22.86 1.12
N ALA AA 299 46.78 -24.09 1.32
CA ALA AA 299 46.13 -25.34 0.85
C ALA AA 299 44.70 -25.41 1.38
N MET AA 300 44.49 -25.12 2.66
CA MET AA 300 43.16 -25.18 3.34
C MET AA 300 42.20 -24.20 2.67
N LEU AA 301 42.68 -23.03 2.27
CA LEU AA 301 41.88 -22.00 1.57
C LEU AA 301 41.64 -22.38 0.12
N LYS AA 302 42.64 -22.93 -0.57
CA LYS AA 302 42.51 -23.44 -1.95
C LYS AA 302 41.38 -24.48 -1.97
N ASN AA 303 41.34 -25.34 -0.96
CA ASN AA 303 40.28 -26.37 -0.81
C ASN AA 303 38.94 -25.68 -0.55
N ALA AA 304 38.89 -24.75 0.41
CA ALA AA 304 37.67 -24.05 0.86
C ALA AA 304 37.01 -23.33 -0.32
N PHE AA 305 37.82 -22.67 -1.14
CA PHE AA 305 37.37 -21.90 -2.34
C PHE AA 305 36.91 -22.86 -3.44
N THR AA 306 37.67 -23.90 -3.72
CA THR AA 306 37.27 -24.96 -4.68
C THR AA 306 35.87 -25.48 -4.32
N GLY AA 307 35.59 -25.70 -3.05
CA GLY AA 307 34.27 -26.13 -2.56
C GLY AA 307 33.21 -25.06 -2.78
N ALA AA 308 33.49 -23.81 -2.39
CA ALA AA 308 32.62 -22.63 -2.57
C ALA AA 308 32.26 -22.47 -4.05
N ALA AA 309 33.25 -22.55 -4.93
CA ALA AA 309 33.12 -22.38 -6.39
C ALA AA 309 32.16 -23.42 -6.96
N GLU AA 310 32.23 -24.64 -6.40
CA GLU AA 310 31.42 -25.80 -6.82
C GLU AA 310 29.94 -25.58 -6.51
N ARG AA 311 29.61 -24.95 -5.38
CA ARG AA 311 28.25 -24.93 -4.79
C ARG AA 311 27.64 -23.53 -4.81
N ASP AA 312 28.43 -22.47 -4.64
CA ASP AA 312 27.93 -21.08 -4.74
C ASP AA 312 27.98 -20.67 -6.20
N ILE AA 313 26.85 -20.19 -6.72
CA ILE AA 313 26.70 -19.86 -8.15
C ILE AA 313 27.42 -18.53 -8.45
N TYR AA 314 27.75 -17.72 -7.45
CA TYR AA 314 28.29 -16.34 -7.61
C TYR AA 314 29.79 -16.29 -7.31
N THR AA 315 30.38 -17.38 -6.82
CA THR AA 315 31.85 -17.52 -6.60
C THR AA 315 32.39 -18.41 -7.72
N GLY AA 316 33.56 -18.06 -8.25
CA GLY AA 316 34.18 -18.85 -9.32
C GLY AA 316 35.34 -18.13 -9.97
N ASP AA 317 35.89 -18.79 -11.00
CA ASP AA 317 36.80 -18.25 -12.05
C ASP AA 317 38.24 -18.39 -11.56
N SER AA 318 38.71 -17.50 -10.71
CA SER AA 318 40.01 -17.67 -10.01
C SER AA 318 39.91 -17.13 -8.60
N VAL AA 319 40.84 -17.53 -7.75
CA VAL AA 319 41.11 -16.90 -6.43
C VAL AA 319 42.48 -16.25 -6.51
N SER AA 320 42.55 -14.99 -6.16
CA SER AA 320 43.81 -14.27 -5.89
C SER AA 320 44.14 -14.53 -4.42
N PHE AA 321 45.27 -15.20 -4.14
CA PHE AA 321 45.83 -15.35 -2.77
C PHE AA 321 46.89 -14.30 -2.57
N PHE AA 322 46.85 -13.63 -1.43
CA PHE AA 322 47.91 -12.73 -0.92
C PHE AA 322 48.41 -13.33 0.39
N ILE AA 323 49.71 -13.53 0.51
CA ILE AA 323 50.35 -14.19 1.68
C ILE AA 323 51.21 -13.13 2.35
N ILE AA 324 50.57 -12.30 3.17
CA ILE AA 324 51.21 -11.16 3.89
C ILE AA 324 52.11 -11.77 4.95
N THR AA 325 53.37 -11.34 4.97
CA THR AA 325 54.40 -11.72 5.96
C THR AA 325 55.21 -10.47 6.31
N LYS AA 326 56.00 -10.55 7.37
CA LYS AA 326 56.99 -9.51 7.77
C LYS AA 326 57.82 -9.11 6.54
N ASP AA 327 58.30 -10.11 5.78
CA ASP AA 327 59.23 -9.98 4.62
C ASP AA 327 58.56 -9.15 3.52
N GLY AA 328 57.34 -9.51 3.16
CA GLY AA 328 56.53 -8.83 2.14
C GLY AA 328 55.40 -9.71 1.65
N VAL AA 329 54.48 -9.15 0.88
CA VAL AA 329 53.30 -9.87 0.34
C VAL AA 329 53.74 -10.66 -0.89
N GLN AA 330 53.50 -11.96 -0.86
CA GLN AA 330 53.73 -12.92 -1.96
C GLN AA 330 52.35 -13.32 -2.46
N GLN AA 331 52.04 -13.08 -3.74
CA GLN AA 331 50.66 -13.28 -4.25
C GLN AA 331 50.71 -14.29 -5.39
N GLU AA 332 49.75 -15.22 -5.39
CA GLU AA 332 49.60 -16.25 -6.45
C GLU AA 332 48.12 -16.49 -6.75
N SER AA 333 47.78 -16.50 -8.03
CA SER AA 333 46.45 -16.86 -8.58
C SER AA 333 46.25 -18.38 -8.48
N PHE AA 334 45.01 -18.82 -8.58
CA PHE AA 334 44.60 -20.24 -8.48
C PHE AA 334 43.23 -20.42 -9.14
N GLU AA 335 43.12 -21.37 -10.07
CA GLU AA 335 41.95 -21.51 -10.97
C GLU AA 335 40.83 -22.27 -10.25
N LEU AA 336 39.60 -21.81 -10.44
CA LEU AA 336 38.35 -22.47 -9.97
C LEU AA 336 37.55 -22.92 -11.18
N ARG AA 337 36.44 -23.62 -10.94
CA ARG AA 337 35.41 -23.92 -11.97
C ARG AA 337 35.02 -22.62 -12.68
N LYS AA 338 35.17 -22.60 -14.01
CA LYS AA 338 34.99 -21.39 -14.85
C LYS AA 338 33.49 -21.10 -14.96
N ASP AA 339 32.64 -22.12 -14.78
CA ASP AA 339 31.16 -22.02 -14.90
C ASP AA 339 30.54 -21.40 -13.64
N ALA BA 2 14.13 8.80 -24.19
CA ALA BA 2 14.94 8.35 -25.42
C ALA BA 2 16.15 7.53 -24.98
N SER BA 3 16.22 6.29 -25.46
CA SER BA 3 17.07 5.20 -24.95
C SER BA 3 17.95 4.65 -26.05
N GLY BA 4 19.23 4.50 -25.77
CA GLY BA 4 20.13 3.65 -26.56
C GLY BA 4 19.90 2.19 -26.27
N GLY BA 5 20.01 1.36 -27.31
CA GLY BA 5 20.04 -0.10 -27.18
C GLY BA 5 21.41 -0.58 -26.76
N SER BA 6 21.79 -1.75 -27.23
CA SER BA 6 22.99 -2.50 -26.79
C SER BA 6 24.21 -1.90 -27.47
N VAL BA 7 25.34 -2.05 -26.80
CA VAL BA 7 26.70 -1.70 -27.27
C VAL BA 7 27.55 -2.93 -27.02
N ILE BA 8 28.38 -3.31 -27.97
CA ILE BA 8 29.33 -4.45 -27.82
C ILE BA 8 30.69 -3.94 -28.24
N ALA BA 9 31.73 -4.44 -27.60
CA ALA BA 9 33.11 -4.08 -27.93
C ALA BA 9 33.99 -5.29 -27.71
N ILE BA 10 35.06 -5.39 -28.48
CA ILE BA 10 36.05 -6.48 -28.33
C ILE BA 10 37.42 -5.94 -28.70
N LYS BA 11 38.43 -6.29 -27.91
CA LYS BA 11 39.85 -6.05 -28.25
C LYS BA 11 40.26 -7.01 -29.35
N TYR BA 12 41.09 -6.51 -30.27
CA TYR BA 12 41.79 -7.30 -31.30
C TYR BA 12 43.27 -6.99 -31.18
N LYS BA 13 44.12 -7.70 -31.91
CA LYS BA 13 45.59 -7.44 -31.96
C LYS BA 13 45.80 -6.03 -32.53
N GLY BA 14 46.03 -5.07 -31.64
CA GLY BA 14 46.33 -3.68 -32.02
C GLY BA 14 45.09 -2.82 -32.11
N GLY BA 15 44.15 -3.01 -31.18
CA GLY BA 15 43.02 -2.10 -31.02
C GLY BA 15 41.77 -2.70 -30.39
N VAL BA 16 40.71 -1.93 -30.45
CA VAL BA 16 39.37 -2.24 -29.88
C VAL BA 16 38.34 -1.81 -30.91
N LEU BA 17 37.41 -2.70 -31.22
CA LEU BA 17 36.18 -2.36 -31.96
C LEU BA 17 35.07 -2.19 -30.94
N MET BA 18 34.24 -1.18 -31.12
CA MET BA 18 32.96 -1.00 -30.41
C MET BA 18 31.89 -0.84 -31.49
N ALA BA 19 30.72 -1.44 -31.31
CA ALA BA 19 29.60 -1.35 -32.27
C ALA BA 19 28.32 -1.02 -31.54
N ALA BA 20 27.44 -0.30 -32.22
CA ALA BA 20 26.13 0.10 -31.69
C ALA BA 20 25.17 0.32 -32.84
N ASP BA 21 23.91 -0.08 -32.70
CA ASP BA 21 22.81 0.37 -33.58
C ASP BA 21 22.79 1.89 -33.55
N THR BA 22 22.29 2.50 -34.62
CA THR BA 22 22.16 3.97 -34.74
C THR BA 22 20.71 4.30 -34.46
N LEU BA 23 20.17 3.83 -33.35
CA LEU BA 23 18.75 4.03 -33.02
C LEU BA 23 18.62 4.48 -31.59
N LEU BA 24 17.89 5.57 -31.39
CA LEU BA 24 17.28 5.94 -30.09
C LEU BA 24 15.80 5.55 -30.13
N SER BA 25 15.36 4.73 -29.19
CA SER BA 25 13.95 4.36 -29.00
C SER BA 25 13.36 5.25 -27.91
N TYR BA 26 12.05 5.46 -27.92
CA TYR BA 26 11.30 6.21 -26.89
C TYR BA 26 10.23 5.26 -26.38
N GLY BA 27 10.63 4.38 -25.47
CA GLY BA 27 9.86 3.19 -25.08
C GLY BA 27 9.94 2.15 -26.18
N SER BA 28 8.78 1.64 -26.60
CA SER BA 28 8.63 0.64 -27.69
C SER BA 28 8.96 1.31 -29.03
N LEU BA 29 8.55 2.58 -29.17
CA LEU BA 29 8.70 3.38 -30.41
C LEU BA 29 10.17 3.50 -30.80
N ALA BA 30 10.49 3.24 -32.07
CA ALA BA 30 11.79 3.50 -32.69
C ALA BA 30 11.74 4.91 -33.25
N LYS BA 31 12.18 5.90 -32.48
CA LYS BA 31 11.96 7.32 -32.78
C LYS BA 31 12.92 7.74 -33.88
N TRP BA 32 14.22 7.50 -33.65
CA TRP BA 32 15.32 8.05 -34.51
C TRP BA 32 16.27 6.94 -34.89
N PRO BA 33 16.27 6.54 -36.18
CA PRO BA 33 17.15 5.49 -36.65
C PRO BA 33 18.44 6.02 -37.28
N ASN BA 34 18.81 7.26 -36.97
CA ASN BA 34 19.95 7.94 -37.62
C ASN BA 34 20.72 8.72 -36.55
N ILE BA 35 20.93 8.12 -35.38
CA ILE BA 35 21.62 8.78 -34.26
C ILE BA 35 23.01 8.20 -34.15
N PRO BA 36 24.06 9.04 -34.16
CA PRO BA 36 25.43 8.56 -33.98
C PRO BA 36 25.67 8.38 -32.48
N ARG BA 37 25.52 7.15 -32.02
CA ARG BA 37 25.46 6.84 -30.58
C ARG BA 37 26.88 6.77 -30.02
N ILE BA 38 27.83 6.30 -30.83
CA ILE BA 38 29.28 6.29 -30.46
C ILE BA 38 29.77 7.73 -30.53
N ARG BA 39 30.43 8.18 -29.47
CA ARG BA 39 31.01 9.52 -29.40
C ARG BA 39 32.50 9.40 -29.08
N LEU BA 40 33.32 10.17 -29.79
CA LEU BA 40 34.77 10.28 -29.56
C LEU BA 40 35.00 11.22 -28.39
N LEU BA 41 35.91 10.84 -27.49
CA LEU BA 41 36.32 11.61 -26.29
C LEU BA 41 37.81 11.93 -26.42
N GLY BA 42 38.12 13.19 -26.72
CA GLY BA 42 39.50 13.57 -27.04
C GLY BA 42 40.07 12.69 -28.13
N SER BA 43 41.37 12.42 -28.07
CA SER BA 43 42.18 11.99 -29.25
C SER BA 43 42.28 10.47 -29.32
N HIS BA 44 41.97 9.77 -28.22
CA HIS BA 44 42.38 8.36 -28.02
C HIS BA 44 41.16 7.46 -27.79
N SER BA 45 40.06 8.04 -27.36
CA SER BA 45 38.98 7.31 -26.66
C SER BA 45 37.66 7.55 -27.39
N ALA BA 46 36.79 6.55 -27.35
CA ALA BA 46 35.37 6.65 -27.75
C ALA BA 46 34.55 6.09 -26.60
N VAL BA 47 33.28 6.43 -26.55
CA VAL BA 47 32.31 5.95 -25.53
C VAL BA 47 30.97 5.77 -26.22
N CYS BA 48 30.22 4.78 -25.79
CA CYS BA 48 28.85 4.55 -26.24
C CYS BA 48 28.07 4.03 -25.06
N ALA BA 49 26.79 4.38 -25.00
CA ALA BA 49 25.94 4.12 -23.83
C ALA BA 49 24.65 3.45 -24.26
N THR BA 50 24.27 2.46 -23.48
CA THR BA 50 22.91 1.91 -23.37
C THR BA 50 22.17 2.67 -22.28
N GLY BA 51 20.90 3.05 -22.48
CA GLY BA 51 20.09 3.71 -21.44
C GLY BA 51 19.79 5.12 -21.85
N SER BA 52 19.50 6.02 -20.90
CA SER BA 52 19.07 7.41 -21.23
C SER BA 52 20.15 8.04 -22.08
N TYR BA 53 19.77 8.41 -23.29
CA TYR BA 53 20.55 9.27 -24.19
C TYR BA 53 20.78 10.61 -23.51
N ALA BA 54 19.81 11.16 -22.80
CA ALA BA 54 19.93 12.47 -22.14
C ALA BA 54 21.04 12.40 -21.10
N ASP BA 55 21.08 11.33 -20.32
CA ASP BA 55 22.08 11.20 -19.25
C ASP BA 55 23.43 11.02 -19.93
N PHE BA 56 23.46 10.27 -21.02
CA PHE BA 56 24.69 10.07 -21.82
C PHE BA 56 25.12 11.39 -22.42
N GLN BA 57 24.17 12.19 -22.91
CA GLN BA 57 24.48 13.43 -23.65
C GLN BA 57 25.16 14.41 -22.70
N MET BA 58 24.65 14.47 -21.46
CA MET BA 58 25.17 15.34 -20.38
C MET BA 58 26.51 14.81 -19.91
N MET BA 59 26.61 13.53 -19.59
CA MET BA 59 27.88 12.94 -19.10
C MET BA 59 28.95 13.10 -20.17
N ALA BA 60 28.66 12.71 -21.40
CA ALA BA 60 29.64 12.70 -22.52
C ALA BA 60 30.13 14.12 -22.78
N LYS BA 61 29.26 15.11 -22.56
CA LYS BA 61 29.55 16.57 -22.64
C LYS BA 61 30.56 16.93 -21.54
N GLN BA 62 30.22 16.63 -20.29
CA GLN BA 62 30.99 16.90 -19.05
C GLN BA 62 32.41 16.34 -19.18
N VAL BA 63 32.51 15.12 -19.67
CA VAL BA 63 33.80 14.37 -19.85
C VAL BA 63 34.60 15.06 -20.95
N GLU BA 64 34.00 15.24 -22.12
CA GLU BA 64 34.70 15.71 -23.34
C GLU BA 64 35.22 17.12 -23.10
N ASP BA 65 34.51 17.92 -22.30
CA ASP BA 65 34.93 19.27 -21.84
C ASP BA 65 36.16 19.13 -20.96
N ASN BA 66 36.03 18.37 -19.88
CA ASN BA 66 37.12 18.08 -18.91
C ASN BA 66 38.43 17.76 -19.65
N ILE BA 67 38.37 16.87 -20.64
CA ILE BA 67 39.54 16.43 -21.45
C ILE BA 67 40.13 17.62 -22.19
N GLU BA 68 39.30 18.38 -22.92
CA GLU BA 68 39.78 19.47 -23.83
C GLU BA 68 40.29 20.63 -22.99
N ARG BA 69 39.54 21.01 -21.97
CA ARG BA 69 39.92 22.08 -21.01
C ARG BA 69 41.31 21.81 -20.43
N GLN BA 70 41.51 20.66 -19.80
CA GLN BA 70 42.79 20.32 -19.12
C GLN BA 70 43.95 20.45 -20.12
N LYS BA 71 43.77 19.97 -21.34
CA LYS BA 71 44.81 19.93 -22.40
C LYS BA 71 45.14 21.35 -22.83
N MET BA 72 44.11 22.20 -22.88
CA MET BA 72 44.15 23.54 -23.50
C MET BA 72 44.66 24.56 -22.49
N TYR BA 73 44.21 24.44 -21.25
CA TYR BA 73 44.51 25.41 -20.16
C TYR BA 73 45.95 25.23 -19.74
N HIS BA 74 46.33 24.03 -19.31
CA HIS BA 74 47.70 23.71 -18.84
C HIS BA 74 48.43 22.97 -19.96
N ASN BA 75 49.70 23.30 -20.23
CA ASN BA 75 50.45 22.65 -21.34
C ASN BA 75 50.90 21.28 -20.85
N VAL BA 76 49.92 20.37 -20.73
CA VAL BA 76 50.06 18.95 -20.26
C VAL BA 76 49.61 18.03 -21.38
N ASP BA 77 50.09 16.78 -21.32
CA ASP BA 77 49.64 15.68 -22.20
C ASP BA 77 48.18 15.40 -21.90
N GLU BA 78 47.40 15.19 -22.95
CA GLU BA 78 45.97 14.82 -22.90
C GLU BA 78 45.79 13.59 -22.00
N LEU BA 79 44.66 13.49 -21.30
CA LEU BA 79 44.30 12.34 -20.44
C LEU BA 79 44.34 11.05 -21.26
N SER BA 80 44.94 9.99 -20.71
CA SER BA 80 44.86 8.58 -21.20
C SER BA 80 43.42 8.11 -21.22
N PRO BA 81 43.08 7.16 -22.10
CA PRO BA 81 41.85 6.39 -21.96
C PRO BA 81 41.53 5.99 -20.52
N SER BA 82 42.45 5.33 -19.82
CA SER BA 82 42.31 4.92 -18.39
C SER BA 82 41.88 6.11 -17.55
N GLU BA 83 42.53 7.26 -17.73
CA GLU BA 83 42.27 8.46 -16.90
C GLU BA 83 40.91 9.07 -17.26
N VAL BA 84 40.58 9.14 -18.54
CA VAL BA 84 39.26 9.61 -19.02
C VAL BA 84 38.17 8.71 -18.45
N PHE BA 85 38.41 7.40 -18.48
CA PHE BA 85 37.47 6.39 -17.96
C PHE BA 85 37.37 6.48 -16.44
N SER BA 86 38.48 6.70 -15.76
CA SER BA 86 38.46 6.90 -14.29
C SER BA 86 37.57 8.09 -13.98
N TYR BA 87 37.73 9.20 -14.69
CA TYR BA 87 36.92 10.43 -14.51
C TYR BA 87 35.44 10.14 -14.75
N LEU BA 88 35.16 9.36 -15.78
CA LEU BA 88 33.79 8.99 -16.18
C LEU BA 88 33.17 8.15 -15.06
N HIS BA 89 33.92 7.17 -14.58
CA HIS BA 89 33.49 6.24 -13.52
C HIS BA 89 33.19 7.03 -12.24
N ARG BA 90 34.10 7.88 -11.80
CA ARG BA 90 33.89 8.66 -10.56
C ARG BA 90 32.70 9.59 -10.74
N SER BA 91 32.59 10.19 -11.91
CA SER BA 91 31.48 11.12 -12.26
C SER BA 91 30.17 10.37 -12.07
N ILE BA 92 30.07 9.18 -12.64
CA ILE BA 92 28.81 8.38 -12.66
C ILE BA 92 28.50 7.94 -11.23
N TYR BA 93 29.51 7.53 -10.47
CA TYR BA 93 29.35 7.07 -9.07
C TYR BA 93 28.93 8.24 -8.20
N GLN BA 94 29.45 9.44 -8.43
CA GLN BA 94 29.06 10.63 -7.63
C GLN BA 94 27.58 10.86 -7.85
N LYS BA 95 27.11 10.70 -9.09
CA LYS BA 95 25.70 10.93 -9.47
C LYS BA 95 24.82 9.89 -8.78
N ARG BA 96 25.27 8.67 -8.53
CA ARG BA 96 24.42 7.65 -7.87
C ARG BA 96 24.40 7.90 -6.37
N CYS BA 97 25.43 8.56 -5.85
CA CYS BA 97 25.53 8.96 -4.43
C CYS BA 97 24.65 10.18 -4.16
N ASP BA 98 24.34 10.99 -5.18
CA ASP BA 98 23.41 12.14 -5.08
C ASP BA 98 21.96 11.70 -5.36
N PHE BA 99 21.73 10.40 -5.66
CA PHE BA 99 20.42 9.81 -6.05
C PHE BA 99 19.88 10.52 -7.30
N ASP BA 100 20.79 11.06 -8.13
CA ASP BA 100 20.52 11.65 -9.46
C ASP BA 100 21.33 10.86 -10.49
N PRO BA 101 21.11 9.54 -10.63
CA PRO BA 101 22.01 8.69 -11.43
C PRO BA 101 22.09 9.02 -12.92
N CYS BA 102 23.27 8.81 -13.51
CA CYS BA 102 23.49 8.76 -14.97
C CYS BA 102 22.98 7.39 -15.41
N LEU BA 103 21.69 7.32 -15.76
CA LEU BA 103 20.90 6.07 -15.87
C LEU BA 103 21.24 5.35 -17.17
N CYS BA 104 22.53 5.09 -17.38
CA CYS BA 104 23.02 4.40 -18.59
C CYS BA 104 24.29 3.60 -18.28
N GLN BA 105 24.45 2.48 -18.98
CA GLN BA 105 25.65 1.61 -18.97
C GLN BA 105 26.53 2.02 -20.15
N MET BA 106 27.66 2.66 -19.88
CA MET BA 106 28.65 3.06 -20.90
C MET BA 106 29.58 1.89 -21.19
N VAL BA 107 30.01 1.79 -22.44
CA VAL BA 107 31.22 1.02 -22.88
C VAL BA 107 32.22 2.03 -23.36
N PHE BA 108 33.47 1.86 -23.02
CA PHE BA 108 34.49 2.90 -23.25
C PHE BA 108 35.72 2.23 -23.85
N ILE BA 109 36.15 2.69 -25.02
CA ILE BA 109 37.37 2.13 -25.66
C ILE BA 109 38.39 3.25 -25.74
N GLY BA 110 39.66 2.87 -25.84
CA GLY BA 110 40.72 3.83 -26.12
C GLY BA 110 42.02 3.16 -26.45
N VAL BA 111 42.89 3.89 -27.13
CA VAL BA 111 44.27 3.44 -27.40
C VAL BA 111 45.18 4.66 -27.35
N ARG BA 112 46.13 4.66 -26.42
CA ARG BA 112 47.18 5.71 -26.32
C ARG BA 112 48.33 5.34 -27.24
N ASP BA 113 49.09 4.28 -26.92
CA ASP BA 113 50.28 3.84 -27.71
C ASP BA 113 50.01 2.43 -28.23
N GLY BA 114 50.69 1.43 -27.68
CA GLY BA 114 50.23 0.04 -27.73
C GLY BA 114 49.03 -0.12 -26.81
N GLU BA 115 49.13 0.44 -25.59
CA GLU BA 115 48.12 0.31 -24.51
C GLU BA 115 46.72 0.49 -25.10
N THR BA 116 45.97 -0.59 -25.08
CA THR BA 116 44.59 -0.75 -25.62
C THR BA 116 43.70 -0.86 -24.39
N PHE BA 117 42.72 0.01 -24.27
CA PHE BA 117 41.82 0.10 -23.08
C PHE BA 117 40.41 -0.17 -23.54
N LEU BA 118 39.71 -1.02 -22.80
CA LEU BA 118 38.28 -1.32 -23.02
C LEU BA 118 37.65 -1.59 -21.67
N ALA BA 119 36.54 -0.96 -21.37
CA ALA BA 119 35.93 -0.99 -20.04
C ALA BA 119 34.45 -0.64 -20.16
N GLY BA 120 33.66 -1.13 -19.20
CA GLY BA 120 32.25 -0.76 -19.05
C GLY BA 120 32.04 -0.12 -17.71
N VAL BA 121 30.96 0.62 -17.57
CA VAL BA 121 30.58 1.29 -16.30
C VAL BA 121 29.06 1.36 -16.24
N ASP BA 122 28.47 0.94 -15.13
CA ASP BA 122 27.00 0.89 -14.87
C ASP BA 122 26.55 2.21 -14.26
N ASP BA 123 25.24 2.45 -14.32
CA ASP BA 123 24.49 3.51 -13.59
C ASP BA 123 25.03 3.72 -12.17
N VAL BA 124 25.35 2.64 -11.44
CA VAL BA 124 25.71 2.67 -9.99
C VAL BA 124 27.21 2.81 -9.78
N GLY BA 125 28.02 2.82 -10.84
CA GLY BA 125 29.47 3.04 -10.75
C GLY BA 125 30.24 1.74 -10.69
N THR BA 126 29.59 0.63 -11.02
CA THR BA 126 30.29 -0.65 -11.27
C THR BA 126 31.18 -0.42 -12.47
N ARG BA 127 32.44 -0.85 -12.44
CA ARG BA 127 33.35 -0.71 -13.60
C ARG BA 127 34.13 -1.99 -13.76
N TRP BA 128 34.44 -2.35 -14.99
CA TRP BA 128 35.16 -3.60 -15.30
C TRP BA 128 35.88 -3.44 -16.64
N GLU BA 129 37.16 -3.76 -16.67
CA GLU BA 129 37.96 -3.88 -17.89
C GLU BA 129 37.88 -5.34 -18.32
N ASP BA 130 37.89 -5.60 -19.62
CA ASP BA 130 37.88 -6.98 -20.14
C ASP BA 130 38.26 -6.93 -21.62
N ASP BA 131 38.54 -8.10 -22.21
CA ASP BA 131 38.88 -8.21 -23.65
C ASP BA 131 37.62 -8.07 -24.51
N CYS BA 132 36.44 -8.22 -23.91
CA CYS BA 132 35.15 -7.91 -24.56
C CYS BA 132 34.13 -7.43 -23.54
N ILE BA 133 33.38 -6.41 -23.91
CA ILE BA 133 32.39 -5.72 -23.04
C ILE BA 133 31.12 -5.62 -23.85
N ALA BA 134 29.98 -5.74 -23.20
CA ALA BA 134 28.71 -5.35 -23.81
C ALA BA 134 27.77 -4.80 -22.76
N THR BA 135 26.86 -3.93 -23.19
CA THR BA 135 25.80 -3.36 -22.33
C THR BA 135 24.46 -3.58 -23.02
N GLY BA 136 23.38 -3.51 -22.24
CA GLY BA 136 22.02 -3.83 -22.68
C GLY BA 136 21.92 -5.31 -22.96
N TYR BA 137 21.16 -5.68 -23.99
CA TYR BA 137 21.00 -7.08 -24.43
C TYR BA 137 22.31 -7.62 -25.02
N GLY BA 138 23.28 -6.76 -25.33
CA GLY BA 138 24.62 -7.21 -25.76
C GLY BA 138 25.22 -8.11 -24.71
N ALA BA 139 24.99 -7.80 -23.43
CA ALA BA 139 25.52 -8.54 -22.27
C ALA BA 139 24.95 -9.96 -22.24
N TYR BA 140 23.70 -10.13 -22.65
CA TYR BA 140 22.97 -11.42 -22.55
C TYR BA 140 23.14 -12.24 -23.82
N ILE BA 141 23.32 -11.57 -24.95
CA ILE BA 141 23.26 -12.17 -26.30
C ILE BA 141 24.67 -12.23 -26.87
N ALA BA 142 25.27 -11.06 -27.03
CA ALA BA 142 26.54 -10.90 -27.74
C ALA BA 142 27.65 -11.46 -26.88
N LEU BA 143 27.70 -11.17 -25.59
CA LEU BA 143 28.89 -11.48 -24.75
C LEU BA 143 29.26 -12.94 -24.86
N PRO BA 144 28.34 -13.88 -24.56
CA PRO BA 144 28.58 -15.30 -24.80
C PRO BA 144 29.38 -15.63 -26.07
N LEU BA 145 29.03 -15.00 -27.19
CA LEU BA 145 29.64 -15.24 -28.51
C LEU BA 145 31.04 -14.63 -28.57
N LEU BA 146 31.18 -13.39 -28.08
CA LEU BA 146 32.47 -12.66 -28.11
C LEU BA 146 33.46 -13.40 -27.24
N ARG BA 147 33.04 -13.78 -26.04
CA ARG BA 147 33.88 -14.54 -25.07
C ARG BA 147 34.34 -15.85 -25.68
N GLN BA 148 33.44 -16.56 -26.37
CA GLN BA 148 33.75 -17.82 -27.09
C GLN BA 148 34.82 -17.56 -28.16
N ALA BA 149 34.76 -16.42 -28.84
CA ALA BA 149 35.70 -16.06 -29.92
C ALA BA 149 37.08 -15.74 -29.33
N LEU BA 150 37.15 -15.19 -28.12
CA LEU BA 150 38.43 -14.90 -27.41
C LEU BA 150 39.03 -16.20 -26.82
N GLU BA 151 38.18 -17.10 -26.31
CA GLU BA 151 38.56 -18.42 -25.73
C GLU BA 151 39.18 -19.28 -26.85
N LYS BA 152 38.65 -19.19 -28.07
CA LYS BA 152 39.10 -19.97 -29.25
C LYS BA 152 40.41 -19.40 -29.80
N ASN BA 153 40.60 -18.08 -29.71
CA ASN BA 153 41.78 -17.35 -30.25
C ASN BA 153 42.51 -16.69 -29.08
N PRO BA 154 43.16 -17.47 -28.19
CA PRO BA 154 43.65 -16.95 -26.91
C PRO BA 154 44.86 -16.01 -27.05
N ASP BA 155 45.66 -16.23 -28.10
CA ASP BA 155 46.78 -15.36 -28.55
C ASP BA 155 46.25 -13.94 -28.82
N GLY BA 156 45.03 -13.83 -29.37
CA GLY BA 156 44.34 -12.57 -29.72
C GLY BA 156 43.66 -12.66 -31.07
N LEU BA 157 42.58 -11.92 -31.29
CA LEU BA 157 41.87 -11.83 -32.59
C LEU BA 157 42.61 -10.87 -33.52
N SER BA 158 42.58 -11.14 -34.82
CA SER BA 158 42.94 -10.17 -35.89
C SER BA 158 41.78 -9.18 -36.01
N ARG BA 159 42.00 -8.04 -36.66
CA ARG BA 159 40.90 -7.06 -36.88
C ARG BA 159 39.78 -7.73 -37.67
N GLY BA 160 40.12 -8.57 -38.65
CA GLY BA 160 39.14 -9.27 -39.51
C GLY BA 160 38.27 -10.21 -38.71
N GLU BA 161 38.88 -11.08 -37.89
CA GLU BA 161 38.21 -12.06 -37.02
C GLU BA 161 37.34 -11.32 -35.99
N ALA BA 162 37.83 -10.20 -35.47
CA ALA BA 162 37.18 -9.37 -34.44
C ALA BA 162 35.96 -8.72 -35.05
N MET BA 163 36.07 -8.30 -36.31
CA MET BA 163 34.98 -7.65 -37.06
C MET BA 163 33.94 -8.73 -37.43
N ARG BA 164 34.38 -9.90 -37.90
CA ARG BA 164 33.48 -11.02 -38.27
C ARG BA 164 32.63 -11.41 -37.06
N ILE BA 165 33.21 -11.44 -35.86
CA ILE BA 165 32.48 -11.88 -34.63
C ILE BA 165 31.58 -10.73 -34.15
N LEU BA 166 32.01 -9.47 -34.24
CA LEU BA 166 31.14 -8.30 -33.92
C LEU BA 166 29.90 -8.37 -34.80
N THR BA 167 30.11 -8.40 -36.11
CA THR BA 167 29.07 -8.48 -37.16
C THR BA 167 28.10 -9.62 -36.84
N ASP BA 168 28.58 -10.79 -36.39
CA ASP BA 168 27.72 -11.97 -36.08
C ASP BA 168 26.90 -11.69 -34.82
N CYS BA 169 27.46 -10.94 -33.88
CA CYS BA 169 26.75 -10.50 -32.64
C CYS BA 169 25.69 -9.46 -32.99
N LEU BA 170 26.00 -8.53 -33.89
CA LEU BA 170 25.07 -7.47 -34.34
C LEU BA 170 23.88 -8.13 -35.03
N ARG BA 171 24.13 -9.13 -35.87
CA ARG BA 171 23.08 -9.90 -36.57
C ARG BA 171 22.13 -10.47 -35.52
N VAL BA 172 22.67 -11.12 -34.49
CA VAL BA 172 21.86 -11.79 -33.45
C VAL BA 172 21.11 -10.73 -32.64
N LEU BA 173 21.76 -9.63 -32.33
CA LEU BA 173 21.12 -8.53 -31.58
C LEU BA 173 19.93 -8.05 -32.39
N PHE BA 174 20.09 -7.96 -33.69
CA PHE BA 174 19.02 -7.48 -34.58
C PHE BA 174 17.85 -8.46 -34.52
N TYR BA 175 18.13 -9.76 -34.53
CA TYR BA 175 17.10 -10.83 -34.49
C TYR BA 175 16.34 -10.80 -33.17
N ARG BA 176 17.01 -10.51 -32.05
CA ARG BA 176 16.55 -10.92 -30.70
C ARG BA 176 16.31 -9.73 -29.76
N GLU BA 177 17.08 -8.65 -29.86
CA GLU BA 177 16.74 -7.38 -29.18
C GLU BA 177 15.55 -6.79 -29.94
N CYS BA 178 14.45 -6.48 -29.26
CA CYS BA 178 13.26 -5.84 -29.86
C CYS BA 178 13.61 -4.45 -30.37
N ARG BA 179 14.12 -3.60 -29.49
CA ARG BA 179 14.39 -2.17 -29.75
C ARG BA 179 15.75 -2.05 -30.44
N ALA BA 180 15.83 -2.55 -31.66
CA ALA BA 180 17.06 -2.54 -32.49
C ALA BA 180 16.68 -2.22 -33.93
N ILE BA 181 17.64 -1.73 -34.69
CA ILE BA 181 17.57 -1.62 -36.16
C ILE BA 181 18.79 -2.34 -36.74
N ASN BA 182 18.71 -2.69 -38.01
CA ASN BA 182 19.82 -3.29 -38.77
C ASN BA 182 20.57 -2.10 -39.41
N LYS BA 183 21.11 -1.24 -38.57
CA LYS BA 183 22.03 -0.17 -39.00
C LYS BA 183 22.91 0.13 -37.81
N PHE BA 184 24.21 -0.08 -37.99
CA PHE BA 184 25.25 -0.10 -36.93
C PHE BA 184 26.35 0.87 -37.32
N GLN BA 185 27.15 1.25 -36.35
CA GLN BA 185 28.45 1.92 -36.58
C GLN BA 185 29.46 1.16 -35.75
N VAL BA 186 30.70 1.11 -36.19
CA VAL BA 186 31.81 0.46 -35.46
C VAL BA 186 32.90 1.49 -35.25
N ALA BA 187 33.14 1.87 -33.99
CA ALA BA 187 34.33 2.61 -33.56
C ALA BA 187 35.50 1.64 -33.61
N ASP BA 188 36.62 2.05 -34.19
CA ASP BA 188 37.86 1.25 -34.22
C ASP BA 188 38.97 2.11 -33.64
N ALA BA 189 39.31 1.86 -32.38
CA ALA BA 189 40.46 2.45 -31.67
C ALA BA 189 41.70 1.63 -32.03
N ALA BA 190 42.60 2.18 -32.83
CA ALA BA 190 43.96 1.66 -33.11
C ALA BA 190 44.97 2.75 -32.70
N SER BA 191 46.24 2.61 -33.07
CA SER BA 191 47.35 3.51 -32.64
C SER BA 191 47.06 4.96 -33.01
N ASP BA 192 46.85 5.21 -34.32
CA ASP BA 192 46.49 6.51 -34.95
C ASP BA 192 45.40 7.25 -34.14
N GLY BA 193 44.42 6.51 -33.60
CA GLY BA 193 43.27 7.02 -32.83
C GLY BA 193 42.00 6.29 -33.23
N VAL BA 194 40.85 6.81 -32.85
CA VAL BA 194 39.54 6.15 -33.08
C VAL BA 194 38.97 6.64 -34.41
N ARG BA 195 38.55 5.72 -35.28
CA ARG BA 195 37.67 5.98 -36.44
C ARG BA 195 36.29 5.44 -36.11
N ILE BA 196 35.25 6.10 -36.59
CA ILE BA 196 33.86 5.57 -36.58
C ILE BA 196 33.49 5.27 -38.02
N SER BA 197 33.03 4.05 -38.28
CA SER BA 197 32.59 3.57 -39.61
C SER BA 197 31.40 4.38 -40.07
N GLU BA 198 31.23 4.53 -41.38
CA GLU BA 198 29.92 4.90 -41.96
C GLU BA 198 28.93 3.83 -41.54
N PRO BA 199 27.64 4.17 -41.30
CA PRO BA 199 26.69 3.17 -40.83
C PRO BA 199 26.55 2.03 -41.84
N PHE BA 200 26.44 0.80 -41.36
CA PHE BA 200 26.25 -0.40 -42.22
C PHE BA 200 25.13 -1.25 -41.66
N ASP BA 201 24.60 -2.14 -42.51
CA ASP BA 201 23.64 -3.21 -42.15
C ASP BA 201 24.38 -4.53 -42.20
N VAL BA 202 23.75 -5.60 -41.74
CA VAL BA 202 24.27 -6.99 -41.74
C VAL BA 202 23.25 -7.86 -42.48
N GLU BA 203 23.72 -8.79 -43.30
CA GLU BA 203 22.85 -9.77 -44.01
C GLU BA 203 22.09 -10.57 -42.94
N THR BA 204 20.80 -10.80 -43.15
CA THR BA 204 19.92 -11.49 -42.18
C THR BA 204 19.23 -12.65 -42.88
N HIS BA 205 19.26 -13.84 -42.28
CA HIS BA 205 18.57 -15.05 -42.80
C HIS BA 205 17.20 -15.17 -42.12
N TRP BA 206 16.15 -15.28 -42.94
CA TRP BA 206 14.72 -15.35 -42.53
C TRP BA 206 13.98 -16.51 -43.19
N GLU BA 207 14.63 -17.27 -44.07
CA GLU BA 207 13.95 -18.23 -44.98
C GLU BA 207 14.40 -19.65 -44.61
N TYR BA 208 14.47 -19.93 -43.30
CA TYR BA 208 14.58 -21.32 -42.79
C TYR BA 208 13.29 -22.03 -43.16
N GLU BA 209 13.34 -23.31 -43.53
CA GLU BA 209 12.15 -24.10 -43.93
C GLU BA 209 11.18 -24.20 -42.74
N GLY BA 210 11.68 -24.04 -41.51
CA GLY BA 210 10.92 -24.11 -40.25
C GLY BA 210 10.18 -22.83 -39.90
N TYR BA 211 10.42 -21.75 -40.62
CA TYR BA 211 9.75 -20.42 -40.44
C TYR BA 211 8.58 -20.29 -41.41
N CYS BA 212 8.39 -21.28 -42.28
CA CYS BA 212 7.34 -21.25 -43.32
C CYS BA 212 5.98 -21.15 -42.63
N PHE BA 213 4.97 -20.65 -43.35
CA PHE BA 213 3.59 -20.44 -42.86
C PHE BA 213 2.99 -21.75 -42.33
N GLU BA 214 3.21 -22.86 -43.05
CA GLU BA 214 2.54 -24.15 -42.78
C GLU BA 214 3.03 -24.72 -41.44
N LYS BA 215 4.34 -24.68 -41.17
CA LYS BA 215 4.94 -25.29 -39.96
C LYS BA 215 4.54 -24.48 -38.73
N THR BA 216 4.74 -23.16 -38.79
CA THR BA 216 4.55 -22.23 -37.64
C THR BA 216 3.06 -22.02 -37.32
N ALA BA 217 2.15 -22.46 -38.17
CA ALA BA 217 0.70 -22.44 -37.95
C ALA BA 217 0.38 -23.14 -36.64
N ILE BA 218 -0.52 -22.53 -35.85
CA ILE BA 218 -1.07 -23.08 -34.59
C ILE BA 218 -2.08 -24.19 -34.94
N ILE BA 219 -2.82 -24.06 -36.04
CA ILE BA 219 -3.95 -24.96 -36.44
C ILE BA 219 -3.81 -25.32 -37.93
N1 J6E CA . -16.50 -4.46 27.00
N3 J6E CA . -19.92 1.39 22.59
C4 J6E CA . -16.97 -3.96 25.85
C5 J6E CA . -15.84 -3.58 27.95
C6 J6E CA . -15.27 -4.52 28.98
C7 J6E CA . -16.19 -5.66 28.94
C8 J6E CA . -16.48 -5.82 27.49
C10 J6E CA . -18.32 -3.01 21.85
C13 J6E CA . -18.45 0.05 19.69
C15 J6E CA . -19.96 2.50 21.78
C17 J6E CA . -17.46 3.37 19.83
C20 J6E CA . -19.72 4.25 19.36
O J6E CA . -17.09 -2.74 25.70
N J6E CA . -17.39 -4.87 24.93
C3 J6E CA . -17.86 -4.58 23.63
C2 J6E CA . -17.86 -5.63 22.71
C1 J6E CA . -18.14 -5.38 21.38
C9 J6E CA . -18.19 -3.30 23.20
C J6E CA . -18.36 -4.08 20.98
F J6E CA . -18.74 -3.89 19.70
C11 J6E CA . -18.44 -1.62 21.42
N4 J6E CA . -19.01 -0.79 22.29
C16 J6E CA . -19.34 0.44 21.88
N2 J6E CA . -19.01 0.90 20.60
C12 J6E CA . -18.20 -1.20 20.08
C14 J6E CA . -19.37 2.22 20.59
N5 J6E CA . -18.89 3.06 19.59
C19 J6E CA . -19.08 5.13 18.32
O1 J6E CA . -17.72 5.47 18.66
C18 J6E CA . -16.94 4.29 18.75
N1 J6E DA . 15.54 -4.92 27.53
N3 J6E DA . 19.29 -8.81 21.48
C4 J6E DA . 15.98 -4.98 26.26
C5 J6E DA . 14.88 -6.05 28.19
C6 J6E DA . 14.12 -5.41 29.32
C7 J6E DA . 15.04 -4.31 29.73
C8 J6E DA . 15.58 -3.76 28.42
C10 J6E DA . 17.45 -4.53 22.28
C13 J6E DA . 17.64 -6.67 19.22
C15 J6E DA . 19.40 -9.55 20.33
C17 J6E DA . 16.81 -9.75 18.22
C20 J6E DA . 19.04 -10.55 17.58
O J6E DA . 15.90 -6.01 25.61
N J6E DA . 16.51 -3.83 25.76
C3 J6E DA . 17.04 -3.62 24.46
C2 J6E DA . 17.06 -2.34 23.95
C1 J6E DA . 17.34 -2.13 22.61
C9 J6E DA . 17.34 -4.69 23.64
C J6E DA . 17.53 -3.22 21.80
F J6E DA . 18.01 -3.02 20.56
C11 J6E DA . 17.57 -5.71 21.41
N4 J6E DA . 18.19 -6.74 21.94
C16 J6E DA . 18.58 -7.73 21.14
N2 J6E DA . 18.27 -7.74 19.79
C12 J6E DA . 17.31 -5.63 20.00
C14 J6E DA . 18.74 -8.94 19.32
N5 J6E DA . 18.25 -9.44 18.10
C19 J6E DA . 18.41 -11.11 16.33
O1 J6E DA . 17.05 -11.49 16.54
C18 J6E DA . 16.29 -10.34 16.93
#